data_9BKX
#
_entry.id   9BKX
#
_cell.length_a   313.451
_cell.length_b   313.451
_cell.length_c   313.451
_cell.angle_alpha   90.000
_cell.angle_beta   90.000
_cell.angle_gamma   90.000
#
_symmetry.space_group_name_H-M   'P 21 3'
#
loop_
_entity.id
_entity.type
_entity.pdbx_description
1 polymer 'Type 1 encapsulin shell protein'
2 polymer 'Dye-decolorizing peroxidase'
3 non-polymer 'PENTAETHYLENE GLYCOL'
4 non-polymer 'NONAETHYLENE GLYCOL'
5 non-polymer GLYCEROL
6 non-polymer 'NICKEL (II) ION'
7 non-polymer 'DODECAETHYLENE GLYCOL'
8 water water
#
loop_
_entity_poly.entity_id
_entity_poly.type
_entity_poly.pdbx_seq_one_letter_code
_entity_poly.pdbx_strand_id
1 'polypeptide(L)'
;MNNLYRDLAPVTEAAWAEIELEAARTFKRHIAGRRVVDVSDPGGPVTAAVSTGRLIDVKAPTNGVIAHLRASKPLVRLRV
PFTLSRNEIDDVERGSKDSDWEPVKEAAKKLAFVEDRTIFEGYSAASIEGIRSASSNPALTLPEDPREIPDVISQALSEL
RLAGVDGPYSVLLSADVYTKVSETSDHGYPIREHLNRLVDGDIIWAPAIDGAFVLTTRGGDFDLQLGTDVAIGYASHDTD
TVRLYLQETLTFLCYTAEASVALSHKLAAAALEHHHHHH
;
A,B,C,D,E,F,G,H,I,J,K,L,M,N,O,P,Q,R,S,T
2 'polypeptide(L)'
;MAVPAVSPQPILAPLTPAAIFLVATIGADGEATVHDALSKISGLVRAIGFRDPTKHLSVVVSIGSDAWDRLFAGPRPTEL
HPFVELTGPRHTAPATPGDLLFHIRAETMDVCFELAGRILKSMGDAVTVVDEVHGFRFFDNRDLLGFVDGTENPSGPIAI
KATTIGDEDRNFAGSCYVHVQKYVHDMASWESLSVTEQERVIGRTKLDDIELDDNAKPANSHVALNVITDDDGTERKIVR
HNMPFGEVGKGEYGTYFIGYSRTPTVTEQMLRNMFLGDPAGNTDRVLDFSTAVTGGLFFSPTIDFLDHPPPLPQAATPTL
AAGSLSIGSLKGSPR
;
d,g,h,i,p,q,r,s,t
#
# COMPACT_ATOMS: atom_id res chain seq x y z
N MET A 1 -0.80 -1.53 31.02
CA MET A 1 -0.22 -2.86 31.13
C MET A 1 -1.13 -3.90 30.51
N ASN A 2 -0.72 -5.17 30.62
CA ASN A 2 -1.53 -6.30 30.21
C ASN A 2 -1.82 -7.17 31.43
N ASN A 3 -2.38 -8.35 31.18
CA ASN A 3 -2.73 -9.26 32.27
C ASN A 3 -1.51 -9.75 33.04
N LEU A 4 -0.30 -9.59 32.49
CA LEU A 4 0.90 -10.00 33.20
C LEU A 4 1.28 -9.06 34.32
N TYR A 5 0.96 -7.77 34.18
CA TYR A 5 1.27 -6.75 35.19
C TYR A 5 2.75 -6.75 35.54
N ARG A 6 3.59 -6.87 34.51
CA ARG A 6 5.04 -6.92 34.71
C ARG A 6 5.58 -5.61 35.27
N ASP A 7 4.94 -4.48 34.93
CA ASP A 7 5.43 -3.19 35.39
C ASP A 7 5.30 -3.02 36.90
N LEU A 8 4.46 -3.81 37.55
CA LEU A 8 4.25 -3.74 38.99
C LEU A 8 5.23 -4.60 39.77
N ALA A 9 6.01 -5.43 39.10
CA ALA A 9 6.93 -6.33 39.79
C ALA A 9 8.21 -5.60 40.18
N PRO A 10 8.67 -5.76 41.43
CA PRO A 10 9.98 -5.16 41.81
C PRO A 10 11.15 -5.96 41.26
N VAL A 11 11.30 -5.90 39.94
CA VAL A 11 12.36 -6.60 39.23
C VAL A 11 13.07 -5.60 38.32
N THR A 12 14.39 -5.50 38.46
CA THR A 12 15.17 -4.58 37.66
C THR A 12 15.20 -5.01 36.20
N GLU A 13 15.46 -4.03 35.33
CA GLU A 13 15.63 -4.32 33.90
C GLU A 13 16.71 -5.38 33.68
N ALA A 14 17.81 -5.30 34.44
CA ALA A 14 18.86 -6.30 34.32
C ALA A 14 18.37 -7.67 34.77
N ALA A 15 17.64 -7.72 35.89
CA ALA A 15 17.13 -9.00 36.37
C ALA A 15 16.09 -9.59 35.41
N TRP A 16 15.23 -8.75 34.83
CA TRP A 16 14.26 -9.24 33.86
C TRP A 16 14.96 -9.92 32.68
N ALA A 17 16.08 -9.35 32.23
CA ALA A 17 16.80 -9.93 31.10
C ALA A 17 17.35 -11.31 31.44
N GLU A 18 17.94 -11.46 32.63
CA GLU A 18 18.50 -12.75 33.02
C GLU A 18 17.40 -13.77 33.24
N ILE A 19 16.28 -13.37 33.84
CA ILE A 19 15.18 -14.29 34.07
C ILE A 19 14.59 -14.76 32.75
N GLU A 20 14.40 -13.83 31.81
CA GLU A 20 13.83 -14.20 30.51
C GLU A 20 14.78 -15.08 29.72
N LEU A 21 16.07 -14.78 29.76
CA LEU A 21 17.05 -15.61 29.06
C LEU A 21 17.07 -17.01 29.62
N GLU A 22 17.06 -17.15 30.95
CA GLU A 22 17.12 -18.46 31.56
C GLU A 22 15.86 -19.27 31.27
N ALA A 23 14.69 -18.65 31.43
CA ALA A 23 13.43 -19.34 31.18
C ALA A 23 13.33 -19.78 29.72
N ALA A 24 13.81 -18.95 28.80
CA ALA A 24 13.69 -19.26 27.38
C ALA A 24 14.54 -20.49 27.00
N ARG A 25 15.82 -20.48 27.37
CA ARG A 25 16.69 -21.57 26.95
C ARG A 25 16.39 -22.86 27.70
N THR A 26 15.91 -22.76 28.94
CA THR A 26 15.55 -23.96 29.68
C THR A 26 14.32 -24.63 29.06
N PHE A 27 13.32 -23.82 28.71
CA PHE A 27 12.14 -24.36 28.03
C PHE A 27 12.50 -25.02 26.71
N LYS A 28 13.44 -24.42 25.97
CA LYS A 28 13.83 -24.97 24.67
C LYS A 28 14.55 -26.30 24.81
N ARG A 29 15.25 -26.52 25.92
CA ARG A 29 15.99 -27.77 26.10
C ARG A 29 15.05 -28.93 26.37
N HIS A 30 14.00 -28.71 27.16
CA HIS A 30 13.07 -29.78 27.53
C HIS A 30 11.97 -29.98 26.50
N ILE A 31 11.75 -29.02 25.61
CA ILE A 31 10.66 -29.12 24.65
C ILE A 31 11.12 -29.97 23.47
N ALA A 32 10.19 -30.74 22.93
CA ALA A 32 10.48 -31.62 21.80
C ALA A 32 9.36 -31.69 20.78
N GLY A 33 8.14 -31.30 21.12
CA GLY A 33 7.03 -31.40 20.19
C GLY A 33 7.05 -30.27 19.18
N ARG A 34 7.46 -29.07 19.61
CA ARG A 34 7.54 -27.93 18.70
C ARG A 34 8.57 -28.11 17.59
N ARG A 35 9.32 -29.21 17.60
CA ARG A 35 10.26 -29.51 16.54
C ARG A 35 9.70 -30.48 15.51
N VAL A 36 8.54 -31.06 15.79
CA VAL A 36 7.90 -31.99 14.86
C VAL A 36 6.46 -31.63 14.53
N VAL A 37 5.77 -30.87 15.37
CA VAL A 37 4.38 -30.52 15.13
C VAL A 37 4.32 -29.12 14.51
N ASP A 38 3.16 -28.78 13.96
CA ASP A 38 2.94 -27.47 13.36
C ASP A 38 2.49 -26.50 14.45
N VAL A 39 3.37 -25.59 14.83
CA VAL A 39 3.05 -24.60 15.85
C VAL A 39 2.56 -23.33 15.15
N SER A 40 1.36 -22.91 15.49
CA SER A 40 0.74 -21.75 14.85
C SER A 40 1.25 -20.45 15.46
N ASP A 41 0.91 -19.35 14.82
CA ASP A 41 1.20 -18.04 15.38
C ASP A 41 0.26 -17.75 16.54
N PRO A 42 0.73 -17.06 17.59
CA PRO A 42 -0.15 -16.76 18.72
C PRO A 42 -1.36 -15.95 18.28
N GLY A 43 -2.54 -16.50 18.51
CA GLY A 43 -3.77 -15.85 18.08
C GLY A 43 -4.22 -14.68 18.93
N GLY A 44 -3.59 -14.47 20.09
CA GLY A 44 -3.95 -13.37 20.96
C GLY A 44 -4.68 -13.83 22.20
N PRO A 45 -4.78 -12.95 23.20
CA PRO A 45 -5.48 -13.33 24.44
C PRO A 45 -6.98 -13.54 24.25
N VAL A 46 -7.56 -13.07 23.15
CA VAL A 46 -8.98 -13.28 22.92
C VAL A 46 -9.27 -14.70 22.45
N THR A 47 -8.28 -15.40 21.91
CA THR A 47 -8.50 -16.76 21.43
C THR A 47 -8.95 -17.68 22.55
N ALA A 48 -10.06 -18.38 22.33
CA ALA A 48 -10.63 -19.26 23.34
C ALA A 48 -10.99 -20.64 22.82
N ALA A 49 -11.06 -20.85 21.50
CA ALA A 49 -11.41 -22.14 20.95
C ALA A 49 -10.85 -22.24 19.54
N VAL A 50 -10.72 -23.48 19.06
CA VAL A 50 -10.26 -23.77 17.70
C VAL A 50 -11.35 -24.57 17.03
N SER A 51 -11.84 -24.06 15.89
CA SER A 51 -12.94 -24.70 15.19
C SER A 51 -12.49 -26.03 14.59
N THR A 52 -13.19 -27.10 14.96
CA THR A 52 -12.98 -28.40 14.35
C THR A 52 -13.87 -28.63 13.13
N GLY A 53 -14.70 -27.65 12.76
CA GLY A 53 -15.50 -27.71 11.57
C GLY A 53 -16.64 -28.70 11.61
N ARG A 54 -16.79 -29.48 12.68
CA ARG A 54 -17.79 -30.52 12.73
C ARG A 54 -19.05 -30.00 13.40
N LEU A 55 -20.17 -30.68 13.13
CA LEU A 55 -21.48 -30.31 13.64
C LEU A 55 -21.90 -31.26 14.75
N ILE A 56 -22.74 -30.76 15.66
CA ILE A 56 -23.22 -31.53 16.80
C ILE A 56 -24.74 -31.46 16.79
N ASP A 57 -25.39 -32.62 16.71
CA ASP A 57 -26.85 -32.66 16.76
C ASP A 57 -27.36 -32.13 18.09
N VAL A 58 -28.38 -31.29 18.04
CA VAL A 58 -28.96 -30.69 19.23
C VAL A 58 -30.46 -30.54 18.99
N LYS A 59 -31.21 -30.45 20.09
CA LYS A 59 -32.67 -30.37 20.00
C LYS A 59 -33.10 -29.12 19.25
N ALA A 60 -34.00 -29.30 18.28
CA ALA A 60 -34.45 -28.19 17.47
C ALA A 60 -35.30 -27.22 18.29
N PRO A 61 -35.28 -25.93 17.93
CA PRO A 61 -36.13 -24.97 18.66
C PRO A 61 -37.62 -25.18 18.41
N THR A 62 -38.01 -25.42 17.16
CA THR A 62 -39.40 -25.72 16.80
C THR A 62 -39.39 -26.73 15.67
N ASN A 63 -40.58 -27.18 15.29
CA ASN A 63 -40.70 -28.13 14.19
C ASN A 63 -40.39 -27.47 12.86
N GLY A 64 -39.72 -28.21 11.98
CA GLY A 64 -39.32 -27.70 10.68
C GLY A 64 -37.95 -27.06 10.65
N VAL A 65 -37.23 -27.02 11.77
CA VAL A 65 -35.91 -26.44 11.87
C VAL A 65 -34.91 -27.53 12.21
N ILE A 66 -33.78 -27.54 11.52
CA ILE A 66 -32.70 -28.49 11.77
C ILE A 66 -31.56 -27.73 12.41
N ALA A 67 -31.31 -27.99 13.69
CA ALA A 67 -30.34 -27.25 14.47
C ALA A 67 -29.09 -28.08 14.73
N HIS A 68 -27.93 -27.44 14.63
CA HIS A 68 -26.65 -28.08 14.89
C HIS A 68 -25.74 -27.09 15.63
N LEU A 69 -25.02 -27.61 16.63
CA LEU A 69 -24.02 -26.81 17.33
C LEU A 69 -22.67 -26.94 16.63
N ARG A 70 -21.94 -25.84 16.58
CA ARG A 70 -20.61 -25.83 15.96
CA ARG A 70 -20.61 -25.83 15.97
C ARG A 70 -19.58 -26.34 16.95
N ALA A 71 -18.95 -27.46 16.62
CA ALA A 71 -17.95 -28.06 17.49
C ALA A 71 -16.64 -27.29 17.43
N SER A 72 -15.97 -27.18 18.58
CA SER A 72 -14.71 -26.46 18.67
C SER A 72 -13.94 -26.99 19.87
N LYS A 73 -12.62 -27.14 19.70
CA LYS A 73 -11.76 -27.57 20.79
C LYS A 73 -11.34 -26.37 21.63
N PRO A 74 -11.56 -26.38 22.94
CA PRO A 74 -11.22 -25.21 23.76
C PRO A 74 -9.73 -25.12 24.05
N LEU A 75 -9.27 -23.90 24.26
CA LEU A 75 -7.91 -23.65 24.67
C LEU A 75 -7.80 -23.69 26.19
N VAL A 76 -6.67 -24.18 26.67
CA VAL A 76 -6.38 -24.26 28.10
C VAL A 76 -5.23 -23.33 28.43
N ARG A 77 -5.34 -22.61 29.52
CA ARG A 77 -4.30 -21.71 29.99
C ARG A 77 -3.51 -22.40 31.09
N LEU A 78 -2.23 -22.63 30.83
CA LEU A 78 -1.33 -23.26 31.79
C LEU A 78 -0.48 -22.19 32.46
N ARG A 79 -0.43 -22.22 33.78
CA ARG A 79 0.22 -21.18 34.57
C ARG A 79 1.05 -21.86 35.66
N VAL A 80 2.36 -21.75 35.56
CA VAL A 80 3.27 -22.40 36.51
C VAL A 80 3.91 -21.34 37.39
N PRO A 81 3.43 -21.14 38.61
CA PRO A 81 4.00 -20.10 39.47
C PRO A 81 5.35 -20.51 40.03
N PHE A 82 6.16 -19.50 40.33
CA PHE A 82 7.44 -19.70 41.01
C PHE A 82 7.76 -18.45 41.81
N THR A 83 8.63 -18.62 42.80
CA THR A 83 8.99 -17.56 43.73
C THR A 83 10.49 -17.31 43.69
N LEU A 84 10.88 -16.05 43.59
CA LEU A 84 12.27 -15.65 43.53
C LEU A 84 12.64 -14.82 44.75
N SER A 85 13.91 -14.92 45.15
CA SER A 85 14.43 -14.13 46.27
C SER A 85 14.77 -12.73 45.79
N ARG A 86 14.27 -11.71 46.51
CA ARG A 86 14.56 -10.33 46.14
C ARG A 86 16.03 -9.99 46.33
N ASN A 87 16.74 -10.68 47.21
CA ASN A 87 18.18 -10.47 47.31
C ASN A 87 18.88 -10.91 46.04
N GLU A 88 18.48 -12.06 45.49
CA GLU A 88 19.04 -12.52 44.22
C GLU A 88 18.68 -11.59 43.07
N ILE A 89 17.50 -10.96 43.13
CA ILE A 89 17.09 -10.04 42.08
C ILE A 89 17.94 -8.77 42.13
N ASP A 90 18.09 -8.18 43.32
CA ASP A 90 18.89 -6.96 43.45
C ASP A 90 20.37 -7.21 43.25
N ASP A 91 20.84 -8.45 43.38
CA ASP A 91 22.25 -8.75 43.15
C ASP A 91 22.64 -8.60 41.69
N VAL A 92 21.69 -8.76 40.77
CA VAL A 92 22.00 -8.74 39.35
C VAL A 92 22.58 -7.39 38.94
N GLU A 93 21.92 -6.31 39.35
CA GLU A 93 22.39 -4.98 39.00
C GLU A 93 23.74 -4.68 39.64
N ARG A 94 24.03 -5.30 40.78
CA ARG A 94 25.31 -5.10 41.46
C ARG A 94 26.45 -5.89 40.83
N GLY A 95 26.19 -6.66 39.78
CA GLY A 95 27.21 -7.39 39.08
C GLY A 95 27.26 -8.89 39.33
N SER A 96 26.18 -9.49 39.86
CA SER A 96 26.17 -10.90 40.18
C SER A 96 25.72 -11.70 38.96
N LYS A 97 26.50 -12.74 38.63
CA LYS A 97 26.15 -13.65 37.55
C LYS A 97 25.73 -15.03 38.06
N ASP A 98 25.73 -15.24 39.36
CA ASP A 98 25.36 -16.52 39.97
C ASP A 98 24.04 -16.41 40.75
N SER A 99 23.14 -15.55 40.32
CA SER A 99 21.86 -15.40 41.00
C SER A 99 21.04 -16.68 40.86
N ASP A 100 20.28 -17.01 41.91
CA ASP A 100 19.56 -18.27 42.00
C ASP A 100 18.31 -18.18 41.13
N TRP A 101 18.38 -18.71 39.91
CA TRP A 101 17.23 -18.80 39.03
C TRP A 101 16.66 -20.22 38.97
N GLU A 102 16.95 -21.04 39.98
CA GLU A 102 16.41 -22.40 39.99
C GLU A 102 14.88 -22.44 39.98
N PRO A 103 14.16 -21.59 40.72
CA PRO A 103 12.70 -21.55 40.54
C PRO A 103 12.28 -21.24 39.11
N VAL A 104 13.04 -20.40 38.41
CA VAL A 104 12.74 -20.13 37.00
C VAL A 104 12.94 -21.38 36.17
N LYS A 105 14.05 -22.09 36.39
CA LYS A 105 14.33 -23.28 35.60
C LYS A 105 13.36 -24.40 35.92
N GLU A 106 12.98 -24.54 37.19
CA GLU A 106 12.04 -25.60 37.55
C GLU A 106 10.66 -25.33 36.97
N ALA A 107 10.23 -24.06 36.94
CA ALA A 107 8.96 -23.72 36.32
C ALA A 107 9.01 -23.94 34.82
N ALA A 108 10.16 -23.65 34.20
CA ALA A 108 10.32 -23.90 32.76
C ALA A 108 10.28 -25.39 32.46
N LYS A 109 10.94 -26.20 33.27
CA LYS A 109 10.91 -27.64 33.09
C LYS A 109 9.49 -28.18 33.29
N LYS A 110 8.77 -27.62 34.26
CA LYS A 110 7.41 -28.07 34.54
C LYS A 110 6.47 -27.71 33.41
N LEU A 111 6.55 -26.46 32.93
CA LEU A 111 5.68 -26.03 31.83
C LEU A 111 6.00 -26.77 30.55
N ALA A 112 7.28 -27.01 30.27
CA ALA A 112 7.66 -27.74 29.07
C ALA A 112 7.16 -29.18 29.12
N PHE A 113 7.27 -29.81 30.29
CA PHE A 113 6.82 -31.20 30.42
C PHE A 113 5.31 -31.31 30.27
N VAL A 114 4.56 -30.34 30.82
CA VAL A 114 3.11 -30.36 30.69
C VAL A 114 2.70 -30.25 29.22
N GLU A 115 3.40 -29.40 28.45
CA GLU A 115 3.04 -29.22 27.06
C GLU A 115 3.30 -30.46 26.22
N ASP A 116 4.48 -31.05 26.36
CA ASP A 116 4.81 -32.22 25.56
C ASP A 116 3.95 -33.43 25.95
N ARG A 117 3.67 -33.58 27.25
CA ARG A 117 2.79 -34.68 27.67
C ARG A 117 1.36 -34.43 27.24
N THR A 118 0.94 -33.17 27.12
CA THR A 118 -0.37 -32.88 26.57
C THR A 118 -0.43 -33.23 25.09
N ILE A 119 0.66 -32.96 24.35
CA ILE A 119 0.68 -33.24 22.92
C ILE A 119 0.72 -34.73 22.66
N PHE A 120 1.55 -35.46 23.40
CA PHE A 120 1.82 -36.87 23.12
C PHE A 120 0.99 -37.84 23.95
N GLU A 121 0.75 -37.53 25.23
CA GLU A 121 0.01 -38.44 26.09
C GLU A 121 -1.44 -38.03 26.31
N GLY A 122 -1.75 -36.75 26.23
CA GLY A 122 -3.12 -36.27 26.30
C GLY A 122 -3.38 -35.43 27.53
N TYR A 123 -4.56 -34.81 27.53
CA TYR A 123 -5.02 -33.96 28.63
C TYR A 123 -6.54 -34.00 28.61
N SER A 124 -7.12 -34.99 29.30
CA SER A 124 -8.55 -35.24 29.21
C SER A 124 -9.37 -34.05 29.72
N ALA A 125 -8.85 -33.30 30.69
CA ALA A 125 -9.60 -32.17 31.23
C ALA A 125 -9.78 -31.07 30.19
N ALA A 126 -8.89 -30.99 29.21
CA ALA A 126 -8.97 -29.97 28.16
C ALA A 126 -9.43 -30.54 26.83
N SER A 127 -10.00 -31.75 26.83
CA SER A 127 -10.50 -32.40 25.60
C SER A 127 -9.37 -32.59 24.58
N ILE A 128 -8.17 -32.88 25.08
CA ILE A 128 -6.99 -33.08 24.26
C ILE A 128 -6.64 -34.56 24.34
N GLU A 129 -6.83 -35.28 23.23
CA GLU A 129 -6.62 -36.73 23.23
C GLU A 129 -5.13 -37.09 23.25
N GLY A 130 -4.34 -36.49 22.37
CA GLY A 130 -2.93 -36.78 22.31
C GLY A 130 -2.59 -37.63 21.10
N ILE A 131 -1.29 -37.61 20.75
CA ILE A 131 -0.81 -38.39 19.62
C ILE A 131 -0.88 -39.89 19.91
N ARG A 132 -0.53 -40.30 21.12
CA ARG A 132 -0.49 -41.73 21.43
C ARG A 132 -1.87 -42.37 21.38
N SER A 133 -2.89 -41.69 21.90
CA SER A 133 -4.22 -42.27 21.93
C SER A 133 -4.87 -42.29 20.55
N ALA A 134 -4.58 -41.30 19.71
CA ALA A 134 -5.20 -41.19 18.40
C ALA A 134 -4.48 -41.99 17.32
N SER A 135 -3.31 -42.54 17.61
CA SER A 135 -2.51 -43.23 16.60
C SER A 135 -3.22 -44.51 16.17
N SER A 136 -3.73 -44.52 14.93
CA SER A 136 -4.37 -45.72 14.41
C SER A 136 -3.39 -46.83 14.06
N ASN A 137 -2.10 -46.54 14.00
CA ASN A 137 -1.11 -47.54 13.68
C ASN A 137 -0.85 -48.45 14.88
N PRO A 138 -0.50 -49.71 14.63
CA PRO A 138 -0.26 -50.65 15.75
C PRO A 138 0.93 -50.21 16.60
N ALA A 139 0.66 -50.03 17.89
CA ALA A 139 1.71 -49.65 18.83
C ALA A 139 2.71 -50.79 19.02
N LEU A 140 3.94 -50.43 19.37
CA LEU A 140 5.01 -51.40 19.53
C LEU A 140 5.59 -51.32 20.94
N THR A 141 6.27 -52.39 21.33
CA THR A 141 6.91 -52.50 22.64
C THR A 141 8.42 -52.44 22.45
N LEU A 142 9.07 -51.59 23.23
CA LEU A 142 10.53 -51.49 23.17
C LEU A 142 11.17 -52.78 23.65
N PRO A 143 12.16 -53.31 22.95
CA PRO A 143 12.75 -54.58 23.35
C PRO A 143 13.59 -54.43 24.61
N GLU A 144 13.81 -55.57 25.28
CA GLU A 144 14.66 -55.56 26.47
C GLU A 144 16.12 -55.36 26.09
N ASP A 145 16.54 -55.94 24.97
CA ASP A 145 17.88 -55.73 24.45
C ASP A 145 17.91 -54.43 23.64
N PRO A 146 18.63 -53.42 24.12
CA PRO A 146 18.67 -52.14 23.37
C PRO A 146 19.29 -52.28 21.99
N ARG A 147 20.07 -53.35 21.75
CA ARG A 147 20.63 -53.60 20.43
C ARG A 147 19.58 -54.03 19.42
N GLU A 148 18.34 -54.30 19.87
CA GLU A 148 17.23 -54.62 18.99
C GLU A 148 16.32 -53.42 18.76
N ILE A 149 16.70 -52.24 19.26
CA ILE A 149 15.91 -51.04 19.00
C ILE A 149 15.80 -50.74 17.51
N PRO A 150 16.87 -50.84 16.70
CA PRO A 150 16.69 -50.63 15.25
C PRO A 150 15.66 -51.55 14.62
N ASP A 151 15.45 -52.75 15.19
CA ASP A 151 14.44 -53.64 14.64
C ASP A 151 13.04 -53.06 14.85
N VAL A 152 12.76 -52.57 16.05
CA VAL A 152 11.42 -52.08 16.34
C VAL A 152 11.19 -50.74 15.64
N ILE A 153 12.25 -49.94 15.49
CA ILE A 153 12.13 -48.68 14.75
C ILE A 153 11.86 -48.94 13.28
N SER A 154 12.50 -49.96 12.71
CA SER A 154 12.27 -50.30 11.31
C SER A 154 10.82 -50.70 11.07
N GLN A 155 10.22 -51.42 12.03
CA GLN A 155 8.83 -51.82 11.89
C GLN A 155 7.91 -50.62 12.01
N ALA A 156 8.24 -49.67 12.89
CA ALA A 156 7.45 -48.45 13.02
C ALA A 156 7.49 -47.64 11.73
N LEU A 157 8.68 -47.51 11.13
CA LEU A 157 8.80 -46.80 9.85
C LEU A 157 7.97 -47.47 8.77
N SER A 158 8.02 -48.80 8.68
CA SER A 158 7.23 -49.51 7.68
C SER A 158 5.74 -49.34 7.91
N GLU A 159 5.30 -49.25 9.17
CA GLU A 159 3.89 -49.01 9.45
C GLU A 159 3.44 -47.67 8.88
N LEU A 160 4.28 -46.63 9.01
CA LEU A 160 3.95 -45.34 8.43
C LEU A 160 3.91 -45.42 6.91
N ARG A 161 4.89 -46.09 6.31
CA ARG A 161 4.93 -46.21 4.85
C ARG A 161 3.74 -47.03 4.34
N LEU A 162 3.35 -48.07 5.08
CA LEU A 162 2.23 -48.91 4.67
C LEU A 162 0.89 -48.21 4.86
N ALA A 163 0.85 -47.09 5.56
CA ALA A 163 -0.38 -46.33 5.77
C ALA A 163 -0.51 -45.16 4.80
N GLY A 164 0.33 -45.12 3.77
CA GLY A 164 0.31 -44.03 2.82
C GLY A 164 0.87 -42.72 3.33
N VAL A 165 1.53 -42.74 4.48
CA VAL A 165 2.09 -41.54 5.08
C VAL A 165 3.48 -41.31 4.52
N ASP A 166 3.77 -40.08 4.09
CA ASP A 166 5.01 -39.70 3.46
C ASP A 166 5.78 -38.74 4.39
N GLY A 167 6.62 -37.90 3.79
CA GLY A 167 7.29 -36.87 4.54
C GLY A 167 8.49 -37.38 5.30
N PRO A 168 9.39 -36.48 5.68
CA PRO A 168 10.52 -36.86 6.53
C PRO A 168 10.05 -37.46 7.85
N TYR A 169 10.47 -38.68 8.12
CA TYR A 169 10.10 -39.37 9.35
C TYR A 169 11.08 -39.00 10.46
N SER A 170 10.55 -38.73 11.64
CA SER A 170 11.36 -38.37 12.79
C SER A 170 11.03 -39.30 13.95
N VAL A 171 11.98 -39.45 14.86
CA VAL A 171 11.86 -40.36 16.00
C VAL A 171 12.10 -39.56 17.27
N LEU A 172 11.10 -39.56 18.16
CA LEU A 172 11.22 -38.91 19.46
C LEU A 172 11.44 -39.99 20.52
N LEU A 173 12.52 -39.85 21.27
CA LEU A 173 12.89 -40.82 22.30
C LEU A 173 12.76 -40.18 23.68
N SER A 174 12.29 -40.95 24.64
CA SER A 174 12.24 -40.48 26.02
C SER A 174 13.66 -40.33 26.57
N ALA A 175 13.75 -39.73 27.76
CA ALA A 175 15.06 -39.47 28.36
C ALA A 175 15.82 -40.78 28.57
N ASP A 176 15.13 -41.83 29.01
CA ASP A 176 15.79 -43.11 29.25
C ASP A 176 16.17 -43.79 27.93
N VAL A 177 15.26 -43.77 26.95
CA VAL A 177 15.54 -44.42 25.68
C VAL A 177 16.62 -43.67 24.91
N TYR A 178 16.61 -42.34 24.97
CA TYR A 178 17.63 -41.56 24.28
C TYR A 178 19.02 -41.86 24.84
N THR A 179 19.14 -41.92 26.17
CA THR A 179 20.42 -42.24 26.78
C THR A 179 20.84 -43.67 26.44
N LYS A 180 19.87 -44.59 26.37
CA LYS A 180 20.18 -45.97 26.02
C LYS A 180 20.69 -46.08 24.59
N VAL A 181 20.02 -45.40 23.65
CA VAL A 181 20.44 -45.43 22.25
C VAL A 181 21.82 -44.79 22.08
N SER A 182 22.13 -43.78 22.89
CA SER A 182 23.40 -43.09 22.75
C SER A 182 24.58 -43.94 23.23
N GLU A 183 24.34 -44.80 24.23
CA GLU A 183 25.41 -45.58 24.83
C GLU A 183 25.51 -47.00 24.27
N THR A 184 24.41 -47.55 23.76
CA THR A 184 24.40 -48.93 23.33
C THR A 184 25.21 -49.12 22.06
N SER A 185 26.01 -50.19 22.04
CA SER A 185 26.80 -50.55 20.87
C SER A 185 26.67 -52.05 20.63
N ASP A 186 26.17 -52.41 19.45
CA ASP A 186 26.04 -53.81 19.06
C ASP A 186 27.35 -54.26 18.43
N HIS A 187 28.09 -55.11 19.15
CA HIS A 187 29.42 -55.56 18.72
C HIS A 187 30.32 -54.37 18.41
N GLY A 188 30.26 -53.36 19.27
CA GLY A 188 31.05 -52.16 19.12
C GLY A 188 30.47 -51.11 18.20
N TYR A 189 29.62 -51.49 17.27
CA TYR A 189 29.00 -50.52 16.37
C TYR A 189 27.89 -49.78 17.10
N PRO A 190 27.97 -48.46 17.25
CA PRO A 190 26.92 -47.74 17.98
C PRO A 190 25.58 -47.83 17.27
N ILE A 191 24.54 -48.16 18.04
CA ILE A 191 23.21 -48.33 17.44
C ILE A 191 22.62 -47.00 17.02
N ARG A 192 23.12 -45.88 17.55
CA ARG A 192 22.60 -44.58 17.13
C ARG A 192 23.03 -44.27 15.70
N GLU A 193 24.23 -44.71 15.31
CA GLU A 193 24.65 -44.58 13.91
C GLU A 193 23.76 -45.42 13.00
N HIS A 194 23.34 -46.59 13.47
CA HIS A 194 22.39 -47.40 12.72
C HIS A 194 21.07 -46.66 12.50
N LEU A 195 20.59 -45.98 13.55
CA LEU A 195 19.32 -45.26 13.43
C LEU A 195 19.44 -44.05 12.50
N ASN A 196 20.58 -43.36 12.52
CA ASN A 196 20.74 -42.18 11.68
C ASN A 196 20.65 -42.52 10.19
N ARG A 197 21.06 -43.72 9.78
CA ARG A 197 20.87 -44.14 8.41
C ARG A 197 19.45 -44.62 8.12
N LEU A 198 18.62 -44.80 9.14
CA LEU A 198 17.24 -45.20 8.95
C LEU A 198 16.27 -44.04 8.97
N VAL A 199 16.63 -42.94 9.64
CA VAL A 199 15.74 -41.79 9.81
C VAL A 199 16.23 -40.68 8.88
N ASP A 200 15.37 -40.28 7.94
CA ASP A 200 15.67 -39.11 7.12
C ASP A 200 15.45 -37.80 7.86
N GLY A 201 14.68 -37.83 8.95
CA GLY A 201 14.46 -36.65 9.76
C GLY A 201 15.47 -36.52 10.89
N ASP A 202 14.98 -36.33 12.12
CA ASP A 202 15.85 -36.13 13.27
C ASP A 202 15.48 -37.10 14.38
N ILE A 203 16.46 -37.36 15.25
CA ILE A 203 16.25 -38.12 16.48
C ILE A 203 16.22 -37.11 17.63
N ILE A 204 15.04 -36.87 18.17
CA ILE A 204 14.80 -35.76 19.08
C ILE A 204 14.85 -36.23 20.52
N TRP A 205 15.54 -35.47 21.36
CA TRP A 205 15.57 -35.71 22.81
C TRP A 205 14.27 -35.18 23.42
N ALA A 206 13.41 -36.10 23.87
CA ALA A 206 12.09 -35.77 24.39
C ALA A 206 11.99 -36.27 25.83
N PRO A 207 12.50 -35.50 26.80
CA PRO A 207 12.53 -35.99 28.19
C PRO A 207 11.17 -36.03 28.84
N ALA A 208 10.19 -35.26 28.36
CA ALA A 208 8.89 -35.20 29.00
C ALA A 208 8.05 -36.45 28.74
N ILE A 209 8.23 -37.09 27.60
CA ILE A 209 7.44 -38.26 27.24
C ILE A 209 8.09 -39.51 27.81
N ASP A 210 7.36 -40.62 27.78
CA ASP A 210 7.89 -41.93 28.10
C ASP A 210 7.70 -42.84 26.90
N GLY A 211 8.65 -43.75 26.71
CA GLY A 211 8.63 -44.62 25.54
C GLY A 211 9.27 -43.93 24.34
N ALA A 212 8.59 -43.99 23.20
CA ALA A 212 9.11 -43.38 21.98
C ALA A 212 7.97 -43.15 21.01
N PHE A 213 8.21 -42.27 20.04
CA PHE A 213 7.25 -41.98 18.98
C PHE A 213 7.97 -41.90 17.65
N VAL A 214 7.34 -42.45 16.62
CA VAL A 214 7.83 -42.37 15.24
C VAL A 214 6.71 -41.74 14.42
N LEU A 215 6.94 -40.51 13.94
CA LEU A 215 5.92 -39.76 13.23
C LEU A 215 6.54 -39.10 12.00
N THR A 216 5.69 -38.47 11.21
CA THR A 216 6.12 -37.73 10.02
C THR A 216 6.13 -36.24 10.30
N THR A 217 7.04 -35.53 9.63
CA THR A 217 7.12 -34.08 9.74
C THR A 217 6.74 -33.42 8.42
N ARG A 218 5.88 -34.07 7.64
CA ARG A 218 5.42 -33.49 6.38
C ARG A 218 4.53 -32.28 6.62
N GLY A 219 3.86 -32.22 7.76
CA GLY A 219 3.00 -31.08 8.04
C GLY A 219 1.54 -31.39 7.83
N GLY A 220 0.69 -30.72 8.60
CA GLY A 220 -0.74 -30.89 8.48
C GLY A 220 -1.33 -32.01 9.29
N ASP A 221 -0.53 -32.66 10.13
CA ASP A 221 -1.00 -33.77 10.95
C ASP A 221 -1.11 -33.44 12.42
N PHE A 222 -0.17 -32.66 12.95
CA PHE A 222 -0.16 -32.28 14.36
C PHE A 222 -0.11 -30.77 14.46
N ASP A 223 -1.12 -30.19 15.10
CA ASP A 223 -1.32 -28.74 15.11
C ASP A 223 -1.33 -28.26 16.56
N LEU A 224 -0.31 -27.51 16.95
CA LEU A 224 -0.25 -26.88 18.26
C LEU A 224 -0.73 -25.44 18.10
N GLN A 225 -2.01 -25.21 18.38
CA GLN A 225 -2.63 -23.91 18.22
C GLN A 225 -2.29 -23.04 19.42
N LEU A 226 -1.47 -22.02 19.20
CA LEU A 226 -1.07 -21.09 20.25
C LEU A 226 -1.98 -19.88 20.26
N GLY A 227 -2.54 -19.57 21.43
CA GLY A 227 -3.22 -18.31 21.62
C GLY A 227 -2.28 -17.32 22.28
N THR A 228 -1.59 -17.78 23.31
CA THR A 228 -0.55 -16.99 23.99
C THR A 228 0.64 -17.89 24.24
N ASP A 229 1.78 -17.53 23.67
CA ASP A 229 3.02 -18.28 23.86
C ASP A 229 3.54 -18.08 25.28
N VAL A 230 4.64 -18.76 25.59
CA VAL A 230 5.19 -18.74 26.95
C VAL A 230 5.57 -17.32 27.32
N ALA A 231 5.12 -16.89 28.50
CA ALA A 231 5.41 -15.55 28.99
C ALA A 231 5.60 -15.58 30.50
N ILE A 232 6.25 -14.54 31.01
CA ILE A 232 6.51 -14.37 32.44
C ILE A 232 5.63 -13.25 32.95
N GLY A 233 4.81 -13.54 33.97
CA GLY A 233 3.93 -12.57 34.57
C GLY A 233 4.22 -12.38 36.05
N TYR A 234 3.61 -11.34 36.61
CA TYR A 234 3.79 -10.97 38.01
C TYR A 234 2.49 -11.21 38.78
N ALA A 235 2.61 -11.83 39.95
CA ALA A 235 1.46 -12.13 40.80
C ALA A 235 1.47 -11.27 42.06
N SER A 236 2.44 -11.48 42.96
CA SER A 236 2.51 -10.73 44.19
C SER A 236 3.96 -10.68 44.65
N HIS A 237 4.20 -9.88 45.69
CA HIS A 237 5.55 -9.75 46.23
C HIS A 237 5.47 -9.14 47.62
N ASP A 238 6.47 -9.45 48.44
CA ASP A 238 6.63 -8.80 49.74
C ASP A 238 8.02 -8.16 49.84
N THR A 239 8.51 -7.97 51.05
CA THR A 239 9.83 -7.37 51.24
C THR A 239 10.97 -8.36 51.05
N ASP A 240 10.68 -9.64 50.86
CA ASP A 240 11.71 -10.66 50.74
C ASP A 240 11.63 -11.47 49.46
N THR A 241 10.45 -11.67 48.89
CA THR A 241 10.30 -12.53 47.72
C THR A 241 9.36 -11.86 46.71
N VAL A 242 9.48 -12.31 45.47
CA VAL A 242 8.59 -11.92 44.39
C VAL A 242 8.04 -13.20 43.77
N ARG A 243 6.73 -13.27 43.62
CA ARG A 243 6.07 -14.46 43.06
C ARG A 243 5.70 -14.17 41.61
N LEU A 244 6.42 -14.80 40.68
CA LEU A 244 6.16 -14.71 39.26
C LEU A 244 5.55 -16.02 38.77
N TYR A 245 5.34 -16.12 37.46
CA TYR A 245 4.72 -17.31 36.91
C TYR A 245 5.01 -17.40 35.42
N LEU A 246 5.05 -18.63 34.92
CA LEU A 246 5.10 -18.90 33.49
C LEU A 246 3.70 -19.24 33.00
N GLN A 247 3.24 -18.50 31.99
CA GLN A 247 1.88 -18.65 31.50
C GLN A 247 1.89 -18.97 30.01
N GLU A 248 0.89 -19.73 29.58
CA GLU A 248 0.77 -20.17 28.20
C GLU A 248 -0.68 -20.57 27.94
N THR A 249 -1.21 -20.17 26.79
CA THR A 249 -2.58 -20.50 26.42
C THR A 249 -2.55 -21.18 25.06
N LEU A 250 -2.95 -22.45 25.01
CA LEU A 250 -2.81 -23.24 23.79
C LEU A 250 -3.81 -24.38 23.80
N THR A 251 -3.83 -25.13 22.70
CA THR A 251 -4.51 -26.40 22.59
C THR A 251 -3.79 -27.21 21.53
N PHE A 252 -4.02 -28.53 21.53
CA PHE A 252 -3.42 -29.41 20.56
C PHE A 252 -4.49 -30.18 19.80
N LEU A 253 -4.24 -30.42 18.52
CA LEU A 253 -5.15 -31.17 17.66
C LEU A 253 -4.37 -32.14 16.81
N CYS A 254 -4.86 -33.36 16.69
CA CYS A 254 -4.25 -34.41 15.88
C CYS A 254 -5.19 -34.73 14.72
N TYR A 255 -4.77 -34.38 13.51
CA TYR A 255 -5.64 -34.50 12.34
C TYR A 255 -5.49 -35.82 11.59
N THR A 256 -4.34 -36.48 11.71
CA THR A 256 -4.06 -37.71 10.98
C THR A 256 -3.71 -38.80 11.98
N ALA A 257 -4.56 -39.83 12.05
CA ALA A 257 -4.35 -40.90 13.02
C ALA A 257 -3.17 -41.78 12.63
N GLU A 258 -3.03 -42.09 11.34
CA GLU A 258 -1.98 -42.98 10.87
C GLU A 258 -0.63 -42.30 10.73
N ALA A 259 -0.51 -41.03 11.11
CA ALA A 259 0.74 -40.30 10.93
C ALA A 259 1.74 -40.53 12.05
N SER A 260 1.44 -41.42 13.00
CA SER A 260 2.32 -41.64 14.14
C SER A 260 2.28 -43.11 14.53
N VAL A 261 3.36 -43.54 15.17
CA VAL A 261 3.48 -44.89 15.73
C VAL A 261 4.00 -44.74 17.15
N ALA A 262 3.23 -45.23 18.11
CA ALA A 262 3.59 -45.10 19.51
C ALA A 262 4.39 -46.31 19.99
N LEU A 263 5.32 -46.05 20.90
CA LEU A 263 6.18 -47.07 21.48
C LEU A 263 6.22 -46.91 22.99
N SER A 264 6.25 -48.03 23.71
CA SER A 264 6.26 -48.02 25.16
C SER A 264 7.15 -49.16 25.65
N HIS A 265 7.45 -49.12 26.95
CA HIS A 265 8.19 -50.21 27.56
C HIS A 265 7.24 -51.34 27.95
N LYS A 266 7.82 -52.49 28.29
CA LYS A 266 7.05 -53.62 28.78
C LYS A 266 6.76 -53.41 30.27
N LEU A 267 5.48 -53.48 30.64
CA LEU A 267 5.06 -53.23 32.01
C LEU A 267 5.63 -54.27 32.97
N MET B 1 -17.93 -30.51 -19.60
CA MET B 1 -17.18 -31.43 -18.77
C MET B 1 -16.49 -32.51 -19.59
N ASN B 2 -15.83 -33.43 -18.89
CA ASN B 2 -15.19 -34.60 -19.50
C ASN B 2 -15.85 -35.87 -18.94
N ASN B 3 -15.26 -37.02 -19.26
CA ASN B 3 -15.81 -38.29 -18.80
C ASN B 3 -15.77 -38.43 -17.29
N LEU B 4 -15.02 -37.60 -16.58
CA LEU B 4 -14.98 -37.68 -15.12
C LEU B 4 -16.23 -37.08 -14.49
N TYR B 5 -16.85 -36.09 -15.15
CA TYR B 5 -18.05 -35.43 -14.65
C TYR B 5 -17.85 -34.88 -13.24
N ARG B 6 -16.67 -34.28 -13.03
CA ARG B 6 -16.32 -33.77 -11.70
C ARG B 6 -17.23 -32.62 -11.28
N ASP B 7 -17.73 -31.84 -12.25
CA ASP B 7 -18.58 -30.70 -11.92
C ASP B 7 -19.92 -31.13 -11.35
N LEU B 8 -20.33 -32.37 -11.57
CA LEU B 8 -21.60 -32.87 -11.08
C LEU B 8 -21.52 -33.41 -9.66
N ALA B 9 -20.31 -33.54 -9.10
CA ALA B 9 -20.15 -34.11 -7.77
C ALA B 9 -20.42 -33.05 -6.71
N PRO B 10 -21.21 -33.36 -5.68
CA PRO B 10 -21.42 -32.41 -4.56
C PRO B 10 -20.21 -32.36 -3.64
N VAL B 11 -19.12 -31.81 -4.14
CA VAL B 11 -17.86 -31.69 -3.42
C VAL B 11 -17.38 -30.26 -3.49
N THR B 12 -17.10 -29.66 -2.34
CA THR B 12 -16.63 -28.28 -2.28
C THR B 12 -15.24 -28.17 -2.91
N GLU B 13 -14.91 -26.97 -3.40
CA GLU B 13 -13.57 -26.72 -3.90
C GLU B 13 -12.53 -26.99 -2.83
N ALA B 14 -12.83 -26.61 -1.57
CA ALA B 14 -11.91 -26.90 -0.48
C ALA B 14 -11.76 -28.41 -0.27
N ALA B 15 -12.88 -29.15 -0.33
CA ALA B 15 -12.82 -30.59 -0.19
C ALA B 15 -12.09 -31.23 -1.36
N TRP B 16 -12.32 -30.73 -2.57
CA TRP B 16 -11.62 -31.25 -3.74
C TRP B 16 -10.11 -31.14 -3.58
N ALA B 17 -9.64 -30.04 -2.99
CA ALA B 17 -8.21 -29.84 -2.81
C ALA B 17 -7.62 -30.88 -1.87
N GLU B 18 -8.29 -31.13 -0.74
CA GLU B 18 -7.79 -32.09 0.22
C GLU B 18 -7.86 -33.51 -0.32
N ILE B 19 -8.92 -33.84 -1.05
CA ILE B 19 -9.07 -35.18 -1.62
C ILE B 19 -7.96 -35.45 -2.63
N GLU B 20 -7.67 -34.48 -3.50
CA GLU B 20 -6.64 -34.68 -4.51
C GLU B 20 -5.25 -34.73 -3.88
N LEU B 21 -4.98 -33.88 -2.88
CA LEU B 21 -3.69 -33.93 -2.21
C LEU B 21 -3.46 -35.28 -1.54
N GLU B 22 -4.48 -35.79 -0.84
CA GLU B 22 -4.34 -37.06 -0.15
C GLU B 22 -4.15 -38.21 -1.14
N ALA B 23 -4.95 -38.24 -2.20
CA ALA B 23 -4.80 -39.29 -3.20
C ALA B 23 -3.44 -39.23 -3.88
N ALA B 24 -2.93 -38.02 -4.13
CA ALA B 24 -1.66 -37.88 -4.84
C ALA B 24 -0.50 -38.39 -4.00
N ARG B 25 -0.39 -37.91 -2.76
CA ARG B 25 0.76 -38.27 -1.94
C ARG B 25 0.69 -39.72 -1.46
N THR B 26 -0.52 -40.25 -1.28
CA THR B 26 -0.65 -41.65 -0.90
C THR B 26 -0.23 -42.56 -2.05
N PHE B 27 -0.64 -42.23 -3.27
CA PHE B 27 -0.21 -43.00 -4.43
C PHE B 27 1.30 -42.98 -4.57
N LYS B 28 1.93 -41.81 -4.36
CA LYS B 28 3.38 -41.73 -4.51
C LYS B 28 4.11 -42.52 -3.45
N ARG B 29 3.53 -42.65 -2.26
CA ARG B 29 4.19 -43.39 -1.18
C ARG B 29 4.14 -44.89 -1.45
N HIS B 30 3.01 -45.39 -1.97
CA HIS B 30 2.87 -46.82 -2.22
C HIS B 30 3.44 -47.25 -3.56
N ILE B 31 3.61 -46.33 -4.51
CA ILE B 31 4.06 -46.75 -5.84
C ILE B 31 5.57 -46.87 -5.85
N ALA B 32 6.05 -47.93 -6.50
CA ALA B 32 7.49 -48.17 -6.66
C ALA B 32 7.68 -48.89 -7.99
N GLY B 33 8.13 -48.15 -8.99
CA GLY B 33 8.30 -48.67 -10.32
C GLY B 33 8.36 -47.47 -11.23
N ARG B 34 7.52 -46.47 -10.93
CA ARG B 34 7.57 -45.20 -11.62
C ARG B 34 8.87 -44.45 -11.32
N ARG B 35 9.69 -45.01 -10.43
CA ARG B 35 11.03 -44.53 -10.13
C ARG B 35 12.12 -45.33 -10.82
N VAL B 36 11.77 -46.42 -11.50
CA VAL B 36 12.75 -47.21 -12.24
C VAL B 36 12.37 -47.43 -13.69
N VAL B 37 11.10 -47.35 -14.05
CA VAL B 37 10.68 -47.58 -15.42
C VAL B 37 10.52 -46.23 -16.12
N ASP B 38 10.43 -46.25 -17.44
CA ASP B 38 10.23 -45.05 -18.23
C ASP B 38 8.73 -44.80 -18.35
N VAL B 39 8.25 -43.77 -17.65
CA VAL B 39 6.84 -43.42 -17.68
C VAL B 39 6.62 -42.38 -18.77
N SER B 40 5.74 -42.69 -19.72
CA SER B 40 5.53 -41.82 -20.86
C SER B 40 4.59 -40.68 -20.49
N ASP B 41 4.50 -39.70 -21.40
CA ASP B 41 3.53 -38.64 -21.23
C ASP B 41 2.14 -39.15 -21.56
N PRO B 42 1.11 -38.67 -20.85
CA PRO B 42 -0.26 -39.13 -21.12
C PRO B 42 -0.66 -38.82 -22.56
N GLY B 43 -0.97 -39.87 -23.31
CA GLY B 43 -1.33 -39.71 -24.71
C GLY B 43 -2.74 -39.21 -24.96
N GLY B 44 -3.56 -39.16 -23.92
CA GLY B 44 -4.93 -38.69 -24.07
C GLY B 44 -5.94 -39.80 -23.96
N PRO B 45 -7.21 -39.44 -23.76
CA PRO B 45 -8.25 -40.47 -23.65
C PRO B 45 -8.48 -41.24 -24.94
N VAL B 46 -8.01 -40.74 -26.08
CA VAL B 46 -8.17 -41.46 -27.33
C VAL B 46 -7.18 -42.62 -27.45
N THR B 47 -6.09 -42.58 -26.70
CA THR B 47 -5.09 -43.65 -26.78
C THR B 47 -5.70 -44.98 -26.38
N ALA B 48 -5.55 -45.98 -27.25
CA ALA B 48 -6.11 -47.30 -27.01
C ALA B 48 -5.14 -48.45 -27.22
N ALA B 49 -3.99 -48.21 -27.86
CA ALA B 49 -3.03 -49.28 -28.11
C ALA B 49 -1.65 -48.67 -28.28
N VAL B 50 -0.63 -49.51 -28.09
CA VAL B 50 0.77 -49.13 -28.27
C VAL B 50 1.36 -50.05 -29.32
N SER B 51 1.91 -49.46 -30.38
CA SER B 51 2.44 -50.23 -31.49
C SER B 51 3.69 -50.99 -31.05
N THR B 52 3.67 -52.30 -31.24
CA THR B 52 4.85 -53.14 -30.99
C THR B 52 5.71 -53.30 -32.23
N GLY B 53 5.31 -52.71 -33.37
CA GLY B 53 6.11 -52.72 -34.58
C GLY B 53 6.22 -54.05 -35.28
N ARG B 54 5.65 -55.10 -34.72
CA ARG B 54 5.80 -56.45 -35.27
C ARG B 54 4.61 -56.79 -36.16
N LEU B 55 4.80 -57.76 -37.05
CA LEU B 55 3.80 -58.18 -38.00
C LEU B 55 3.20 -59.52 -37.61
N ILE B 56 1.95 -59.73 -38.02
CA ILE B 56 1.20 -60.95 -37.72
C ILE B 56 0.66 -61.51 -39.03
N ASP B 57 0.99 -62.76 -39.33
CA ASP B 57 0.49 -63.40 -40.53
C ASP B 57 -1.03 -63.50 -40.49
N VAL B 58 -1.67 -63.17 -41.61
CA VAL B 58 -3.12 -63.18 -41.72
C VAL B 58 -3.49 -63.62 -43.13
N LYS B 59 -4.72 -64.12 -43.27
CA LYS B 59 -5.18 -64.64 -44.56
C LYS B 59 -5.18 -63.53 -45.62
N ALA B 60 -4.59 -63.84 -46.76
CA ALA B 60 -4.51 -62.87 -47.85
C ALA B 60 -5.87 -62.64 -48.47
N PRO B 61 -6.13 -61.43 -49.00
CA PRO B 61 -7.41 -61.20 -49.68
C PRO B 61 -7.54 -61.97 -50.97
N THR B 62 -6.49 -62.00 -51.79
CA THR B 62 -6.47 -62.79 -53.01
C THR B 62 -5.04 -63.30 -53.22
N ASN B 63 -4.88 -64.11 -54.26
CA ASN B 63 -3.55 -64.63 -54.58
C ASN B 63 -2.69 -63.50 -55.15
N GLY B 64 -1.40 -63.52 -54.79
CA GLY B 64 -0.48 -62.49 -55.21
C GLY B 64 -0.36 -61.33 -54.24
N VAL B 65 -1.08 -61.35 -53.13
CA VAL B 65 -1.03 -60.30 -52.12
C VAL B 65 -0.48 -60.92 -50.83
N ILE B 66 0.44 -60.21 -50.19
CA ILE B 66 1.04 -60.63 -48.93
C ILE B 66 0.51 -59.71 -47.85
N ALA B 67 -0.34 -60.25 -46.97
CA ALA B 67 -1.02 -59.47 -45.95
C ALA B 67 -0.45 -59.78 -44.58
N HIS B 68 -0.30 -58.73 -43.76
CA HIS B 68 0.17 -58.84 -42.39
C HIS B 68 -0.60 -57.86 -41.53
N LEU B 69 -0.97 -58.30 -40.33
CA LEU B 69 -1.63 -57.43 -39.36
C LEU B 69 -0.60 -56.74 -38.49
N ARG B 70 -0.87 -55.47 -38.18
CA ARG B 70 0.02 -54.69 -37.33
C ARG B 70 -0.26 -55.02 -35.87
N ALA B 71 0.73 -55.60 -35.20
CA ALA B 71 0.59 -55.95 -33.79
C ALA B 71 0.67 -54.71 -32.91
N SER B 72 -0.11 -54.71 -31.83
CA SER B 72 -0.13 -53.59 -30.90
C SER B 72 -0.58 -54.09 -29.54
N LYS B 73 0.03 -53.56 -28.49
CA LYS B 73 -0.32 -53.91 -27.12
C LYS B 73 -1.45 -53.01 -26.65
N PRO B 74 -2.58 -53.56 -26.20
CA PRO B 74 -3.72 -52.72 -25.83
C PRO B 74 -3.54 -52.09 -24.46
N LEU B 75 -4.19 -50.93 -24.29
CA LEU B 75 -4.21 -50.26 -23.00
C LEU B 75 -5.38 -50.77 -22.18
N VAL B 76 -5.18 -50.85 -20.87
CA VAL B 76 -6.20 -51.28 -19.93
C VAL B 76 -6.54 -50.10 -19.03
N ARG B 77 -7.84 -49.91 -18.78
CA ARG B 77 -8.31 -48.85 -17.91
C ARG B 77 -8.59 -49.43 -16.52
N LEU B 78 -7.88 -48.94 -15.52
CA LEU B 78 -8.05 -49.36 -14.15
C LEU B 78 -8.89 -48.32 -13.41
N ARG B 79 -9.94 -48.77 -12.73
CA ARG B 79 -10.89 -47.88 -12.09
C ARG B 79 -11.19 -48.41 -10.70
N VAL B 80 -10.76 -47.69 -9.68
CA VAL B 80 -10.93 -48.13 -8.29
C VAL B 80 -11.95 -47.22 -7.61
N PRO B 81 -13.20 -47.65 -7.47
CA PRO B 81 -14.22 -46.79 -6.85
C PRO B 81 -14.04 -46.69 -5.34
N PHE B 82 -14.51 -45.59 -4.78
CA PHE B 82 -14.57 -45.40 -3.34
C PHE B 82 -15.73 -44.47 -3.02
N THR B 83 -16.19 -44.53 -1.78
CA THR B 83 -17.35 -43.77 -1.33
C THR B 83 -16.96 -42.89 -0.16
N LEU B 84 -17.36 -41.62 -0.21
CA LEU B 84 -17.05 -40.65 0.83
C LEU B 84 -18.34 -40.17 1.50
N SER B 85 -18.22 -39.82 2.78
CA SER B 85 -19.34 -39.27 3.53
C SER B 85 -19.49 -37.79 3.23
N ARG B 86 -20.72 -37.37 2.88
CA ARG B 86 -20.95 -35.97 2.58
C ARG B 86 -20.79 -35.09 3.81
N ASN B 87 -20.96 -35.63 5.02
CA ASN B 87 -20.66 -34.86 6.22
C ASN B 87 -19.18 -34.54 6.31
N GLU B 88 -18.33 -35.52 6.02
CA GLU B 88 -16.89 -35.28 6.00
C GLU B 88 -16.50 -34.30 4.90
N ILE B 89 -17.22 -34.32 3.78
CA ILE B 89 -16.94 -33.39 2.69
C ILE B 89 -17.33 -31.97 3.08
N ASP B 90 -18.53 -31.81 3.64
CA ASP B 90 -19.00 -30.49 4.04
C ASP B 90 -18.24 -29.94 5.23
N ASP B 91 -17.57 -30.80 6.02
CA ASP B 91 -16.82 -30.31 7.16
C ASP B 91 -15.59 -29.51 6.75
N VAL B 92 -15.06 -29.76 5.56
CA VAL B 92 -13.83 -29.10 5.12
C VAL B 92 -14.02 -27.59 5.07
N GLU B 93 -15.11 -27.15 4.45
CA GLU B 93 -15.37 -25.71 4.33
C GLU B 93 -15.60 -25.07 5.70
N ARG B 94 -16.11 -25.84 6.66
CA ARG B 94 -16.33 -25.30 8.00
C ARG B 94 -15.06 -25.26 8.84
N GLY B 95 -13.93 -25.68 8.29
CA GLY B 95 -12.66 -25.60 8.99
C GLY B 95 -12.13 -26.91 9.54
N SER B 96 -12.63 -28.05 9.07
CA SER B 96 -12.19 -29.34 9.57
C SER B 96 -10.98 -29.83 8.79
N LYS B 97 -9.94 -30.23 9.52
CA LYS B 97 -8.75 -30.81 8.92
C LYS B 97 -8.61 -32.30 9.21
N ASP B 98 -9.55 -32.89 9.94
CA ASP B 98 -9.54 -34.31 10.27
C ASP B 98 -10.64 -35.07 9.55
N SER B 99 -11.03 -34.61 8.36
CA SER B 99 -12.06 -35.28 7.59
C SER B 99 -11.59 -36.67 7.16
N ASP B 100 -12.52 -37.62 7.12
CA ASP B 100 -12.19 -39.02 6.87
C ASP B 100 -11.94 -39.22 5.38
N TRP B 101 -10.67 -39.20 4.99
CA TRP B 101 -10.27 -39.51 3.62
C TRP B 101 -9.70 -40.92 3.50
N GLU B 102 -9.99 -41.81 4.45
CA GLU B 102 -9.50 -43.18 4.36
C GLU B 102 -9.98 -43.89 3.10
N PRO B 103 -11.23 -43.75 2.64
CA PRO B 103 -11.59 -44.33 1.33
C PRO B 103 -10.71 -43.83 0.19
N VAL B 104 -10.27 -42.57 0.26
CA VAL B 104 -9.37 -42.05 -0.76
C VAL B 104 -8.03 -42.76 -0.70
N LYS B 105 -7.49 -42.94 0.51
CA LYS B 105 -6.18 -43.56 0.66
C LYS B 105 -6.22 -45.03 0.30
N GLU B 106 -7.31 -45.72 0.64
CA GLU B 106 -7.41 -47.14 0.30
C GLU B 106 -7.50 -47.35 -1.21
N ALA B 107 -8.21 -46.46 -1.91
CA ALA B 107 -8.26 -46.53 -3.36
C ALA B 107 -6.90 -46.24 -3.97
N ALA B 108 -6.16 -45.30 -3.38
CA ALA B 108 -4.82 -45.00 -3.86
C ALA B 108 -3.89 -46.18 -3.65
N LYS B 109 -3.97 -46.82 -2.47
CA LYS B 109 -3.15 -47.99 -2.21
C LYS B 109 -3.52 -49.15 -3.14
N LYS B 110 -4.81 -49.29 -3.45
CA LYS B 110 -5.24 -50.37 -4.33
C LYS B 110 -4.78 -50.14 -5.76
N LEU B 111 -4.96 -48.92 -6.28
CA LEU B 111 -4.54 -48.63 -7.64
C LEU B 111 -3.01 -48.72 -7.78
N ALA B 112 -2.28 -48.25 -6.77
CA ALA B 112 -0.82 -48.33 -6.81
C ALA B 112 -0.34 -49.77 -6.85
N PHE B 113 -0.96 -50.65 -6.06
CA PHE B 113 -0.55 -52.04 -6.02
C PHE B 113 -0.86 -52.74 -7.34
N VAL B 114 -2.02 -52.44 -7.93
CA VAL B 114 -2.39 -53.07 -9.21
C VAL B 114 -1.40 -52.68 -10.29
N GLU B 115 -0.96 -51.42 -10.30
CA GLU B 115 -0.02 -50.97 -11.32
C GLU B 115 1.34 -51.62 -11.14
N ASP B 116 1.87 -51.61 -9.91
CA ASP B 116 3.19 -52.16 -9.66
C ASP B 116 3.21 -53.68 -9.85
N ARG B 117 2.14 -54.37 -9.42
CA ARG B 117 2.08 -55.81 -9.66
C ARG B 117 1.81 -56.14 -11.11
N THR B 118 1.25 -55.20 -11.88
CA THR B 118 1.16 -55.39 -13.32
C THR B 118 2.53 -55.24 -13.97
N ILE B 119 3.33 -54.30 -13.49
CA ILE B 119 4.65 -54.07 -14.05
C ILE B 119 5.58 -55.22 -13.72
N PHE B 120 5.57 -55.67 -12.46
CA PHE B 120 6.56 -56.62 -11.97
C PHE B 120 6.07 -58.06 -11.98
N GLU B 121 4.80 -58.30 -11.68
CA GLU B 121 4.27 -59.67 -11.66
C GLU B 121 3.43 -60.01 -12.89
N GLY B 122 2.79 -59.03 -13.50
CA GLY B 122 2.08 -59.23 -14.75
C GLY B 122 0.58 -59.04 -14.61
N TYR B 123 -0.08 -59.04 -15.77
CA TYR B 123 -1.53 -58.91 -15.87
C TYR B 123 -1.94 -59.61 -17.17
N SER B 124 -2.16 -60.92 -17.07
CA SER B 124 -2.40 -61.73 -18.27
C SER B 124 -3.67 -61.32 -18.99
N ALA B 125 -4.68 -60.84 -18.25
CA ALA B 125 -5.93 -60.45 -18.88
C ALA B 125 -5.75 -59.25 -19.82
N ALA B 126 -4.73 -58.43 -19.58
CA ALA B 126 -4.44 -57.27 -20.43
C ALA B 126 -3.23 -57.51 -21.32
N SER B 127 -2.81 -58.77 -21.48
CA SER B 127 -1.66 -59.14 -22.31
C SER B 127 -0.38 -58.44 -21.85
N ILE B 128 -0.23 -58.23 -20.55
CA ILE B 128 0.93 -57.54 -19.99
C ILE B 128 1.75 -58.56 -19.22
N GLU B 129 2.89 -58.95 -19.78
CA GLU B 129 3.78 -59.87 -19.11
C GLU B 129 4.61 -59.11 -18.07
N GLY B 130 4.73 -59.71 -16.89
CA GLY B 130 5.48 -59.08 -15.83
C GLY B 130 6.98 -59.08 -16.11
N ILE B 131 7.68 -58.21 -15.37
CA ILE B 131 9.14 -58.17 -15.49
C ILE B 131 9.74 -59.48 -15.02
N ARG B 132 9.17 -60.07 -13.97
CA ARG B 132 9.69 -61.32 -13.42
C ARG B 132 9.63 -62.45 -14.44
N SER B 133 8.53 -62.52 -15.21
CA SER B 133 8.38 -63.60 -16.18
C SER B 133 9.30 -63.42 -17.37
N ALA B 134 9.58 -62.18 -17.77
CA ALA B 134 10.40 -61.91 -18.94
C ALA B 134 11.89 -61.86 -18.65
N SER B 135 12.30 -61.91 -17.38
CA SER B 135 13.71 -61.79 -17.02
C SER B 135 14.47 -63.01 -17.52
N SER B 136 15.32 -62.81 -18.53
CA SER B 136 16.15 -63.88 -19.04
C SER B 136 17.29 -64.25 -18.10
N ASN B 137 17.58 -63.42 -17.11
CA ASN B 137 18.64 -63.72 -16.16
C ASN B 137 18.17 -64.75 -15.13
N PRO B 138 19.08 -65.57 -14.62
CA PRO B 138 18.68 -66.60 -13.63
C PRO B 138 18.13 -65.96 -12.36
N ALA B 139 16.90 -66.34 -12.02
CA ALA B 139 16.29 -65.84 -10.80
C ALA B 139 17.01 -66.40 -9.58
N LEU B 140 16.96 -65.65 -8.48
CA LEU B 140 17.66 -66.02 -7.26
C LEU B 140 16.68 -66.15 -6.10
N THR B 141 17.12 -66.84 -5.05
CA THR B 141 16.34 -67.06 -3.86
C THR B 141 16.89 -66.22 -2.71
N LEU B 142 16.01 -65.50 -2.03
CA LEU B 142 16.43 -64.71 -0.88
C LEU B 142 16.90 -65.64 0.24
N PRO B 143 18.01 -65.33 0.88
CA PRO B 143 18.53 -66.25 1.91
C PRO B 143 17.67 -66.24 3.16
N GLU B 144 17.81 -67.32 3.93
CA GLU B 144 17.09 -67.41 5.19
C GLU B 144 17.72 -66.49 6.23
N ASP B 145 19.05 -66.38 6.22
CA ASP B 145 19.78 -65.45 7.07
C ASP B 145 19.80 -64.08 6.41
N PRO B 146 19.14 -63.08 6.99
CA PRO B 146 19.13 -61.75 6.35
C PRO B 146 20.51 -61.14 6.22
N ARG B 147 21.49 -61.60 6.99
CA ARG B 147 22.86 -61.12 6.85
C ARG B 147 23.53 -61.60 5.58
N GLU B 148 22.90 -62.51 4.83
CA GLU B 148 23.40 -62.96 3.55
C GLU B 148 22.70 -62.28 2.37
N ILE B 149 21.86 -61.29 2.65
CA ILE B 149 21.22 -60.54 1.56
C ILE B 149 22.25 -59.84 0.67
N PRO B 150 23.31 -59.20 1.21
CA PRO B 150 24.33 -58.64 0.31
C PRO B 150 24.96 -59.67 -0.61
N ASP B 151 25.00 -60.95 -0.21
CA ASP B 151 25.56 -61.98 -1.07
C ASP B 151 24.71 -62.18 -2.32
N VAL B 152 23.39 -62.27 -2.14
CA VAL B 152 22.51 -62.53 -3.29
C VAL B 152 22.39 -61.29 -4.18
N ILE B 153 22.43 -60.10 -3.59
CA ILE B 153 22.39 -58.89 -4.40
C ILE B 153 23.68 -58.74 -5.21
N SER B 154 24.83 -59.09 -4.61
CA SER B 154 26.09 -59.02 -5.35
C SER B 154 26.06 -59.95 -6.56
N GLN B 155 25.38 -61.09 -6.46
CA GLN B 155 25.22 -61.99 -7.59
C GLN B 155 24.22 -61.45 -8.60
N ALA B 156 23.20 -60.71 -8.16
CA ALA B 156 22.25 -60.11 -9.08
C ALA B 156 22.92 -59.04 -9.94
N LEU B 157 23.74 -58.18 -9.32
CA LEU B 157 24.48 -57.18 -10.10
C LEU B 157 25.43 -57.85 -11.08
N SER B 158 26.11 -58.91 -10.66
CA SER B 158 27.03 -59.59 -11.56
C SER B 158 26.31 -60.22 -12.73
N GLU B 159 25.09 -60.72 -12.52
CA GLU B 159 24.30 -61.23 -13.64
C GLU B 159 23.97 -60.13 -14.64
N LEU B 160 23.62 -58.94 -14.14
CA LEU B 160 23.35 -57.82 -15.02
C LEU B 160 24.62 -57.37 -15.75
N ARG B 161 25.74 -57.28 -15.01
CA ARG B 161 26.99 -56.84 -15.63
C ARG B 161 27.47 -57.85 -16.67
N LEU B 162 27.29 -59.15 -16.42
CA LEU B 162 27.71 -60.17 -17.36
C LEU B 162 26.80 -60.26 -18.57
N ALA B 163 25.64 -59.61 -18.54
CA ALA B 163 24.71 -59.61 -19.66
C ALA B 163 24.84 -58.37 -20.53
N GLY B 164 25.91 -57.58 -20.34
CA GLY B 164 26.10 -56.37 -21.11
C GLY B 164 25.20 -55.23 -20.72
N VAL B 165 24.51 -55.33 -19.60
CA VAL B 165 23.58 -54.30 -19.13
C VAL B 165 24.36 -53.28 -18.31
N ASP B 166 24.16 -52.00 -18.61
CA ASP B 166 24.86 -50.90 -17.99
C ASP B 166 23.88 -50.08 -17.15
N GLY B 167 24.16 -48.80 -16.97
CA GLY B 167 23.24 -47.89 -16.33
C GLY B 167 23.26 -48.01 -14.83
N PRO B 168 22.77 -46.99 -14.13
CA PRO B 168 22.64 -47.07 -12.67
C PRO B 168 21.74 -48.23 -12.28
N TYR B 169 22.27 -49.14 -11.48
CA TYR B 169 21.50 -50.30 -11.02
C TYR B 169 20.75 -49.91 -9.76
N SER B 170 19.49 -50.34 -9.68
CA SER B 170 18.65 -50.07 -8.52
C SER B 170 18.07 -51.38 -8.01
N VAL B 171 17.70 -51.38 -6.74
CA VAL B 171 17.21 -52.57 -6.05
C VAL B 171 15.84 -52.25 -5.48
N LEU B 172 14.82 -52.99 -5.90
CA LEU B 172 13.47 -52.84 -5.36
C LEU B 172 13.19 -53.99 -4.40
N LEU B 173 12.86 -53.65 -3.16
CA LEU B 173 12.60 -54.63 -2.12
C LEU B 173 11.14 -54.62 -1.73
N SER B 174 10.59 -55.80 -1.46
CA SER B 174 9.22 -55.88 -0.96
C SER B 174 9.15 -55.30 0.46
N ALA B 175 7.92 -55.14 0.95
CA ALA B 175 7.74 -54.53 2.26
C ALA B 175 8.41 -55.34 3.36
N ASP B 176 8.32 -56.67 3.28
CA ASP B 176 8.94 -57.51 4.30
C ASP B 176 10.46 -57.51 4.17
N VAL B 177 10.96 -57.61 2.94
CA VAL B 177 12.41 -57.64 2.72
C VAL B 177 13.03 -56.28 3.03
N TYR B 178 12.33 -55.20 2.72
CA TYR B 178 12.84 -53.86 3.01
C TYR B 178 13.02 -53.67 4.52
N THR B 179 12.03 -54.09 5.30
CA THR B 179 12.13 -53.95 6.75
C THR B 179 13.28 -54.79 7.30
N LYS B 180 13.51 -55.98 6.73
CA LYS B 180 14.61 -56.81 7.18
C LYS B 180 15.96 -56.16 6.90
N VAL B 181 16.13 -55.60 5.70
CA VAL B 181 17.39 -54.96 5.35
C VAL B 181 17.64 -53.76 6.26
N SER B 182 16.57 -53.06 6.65
CA SER B 182 16.72 -51.87 7.50
C SER B 182 17.10 -52.23 8.92
N GLU B 183 16.65 -53.38 9.42
CA GLU B 183 16.88 -53.77 10.81
C GLU B 183 18.05 -54.70 11.01
N THR B 184 18.41 -55.50 9.98
CA THR B 184 19.44 -56.50 10.14
C THR B 184 20.83 -55.87 10.27
N SER B 185 21.62 -56.38 11.21
CA SER B 185 22.99 -55.91 11.40
C SER B 185 23.88 -57.14 11.59
N ASP B 186 24.87 -57.28 10.72
CA ASP B 186 25.85 -58.37 10.81
C ASP B 186 26.97 -57.92 11.74
N HIS B 187 27.03 -58.51 12.94
CA HIS B 187 27.98 -58.13 13.97
C HIS B 187 27.89 -56.62 14.26
N GLY B 188 26.66 -56.12 14.33
CA GLY B 188 26.42 -54.71 14.57
C GLY B 188 26.46 -53.83 13.35
N TYR B 189 27.15 -54.24 12.30
CA TYR B 189 27.22 -53.45 11.08
C TYR B 189 25.92 -53.59 10.30
N PRO B 190 25.17 -52.50 10.08
CA PRO B 190 23.90 -52.62 9.36
C PRO B 190 24.11 -53.08 7.93
N ILE B 191 23.34 -54.09 7.52
CA ILE B 191 23.51 -54.63 6.17
C ILE B 191 23.01 -53.66 5.11
N ARG B 192 22.19 -52.67 5.49
CA ARG B 192 21.73 -51.69 4.50
C ARG B 192 22.86 -50.78 4.07
N GLU B 193 23.80 -50.48 4.97
CA GLU B 193 24.98 -49.72 4.59
C GLU B 193 25.83 -50.51 3.60
N HIS B 194 25.93 -51.84 3.79
CA HIS B 194 26.63 -52.67 2.82
C HIS B 194 25.97 -52.59 1.46
N LEU B 195 24.63 -52.63 1.42
CA LEU B 195 23.95 -52.60 0.14
C LEU B 195 24.10 -51.26 -0.55
N ASN B 196 24.04 -50.17 0.22
CA ASN B 196 24.18 -48.84 -0.38
C ASN B 196 25.56 -48.65 -1.01
N ARG B 197 26.58 -49.33 -0.49
CA ARG B 197 27.90 -49.27 -1.09
C ARG B 197 28.03 -50.16 -2.32
N LEU B 198 27.07 -51.06 -2.56
CA LEU B 198 27.08 -51.91 -3.75
C LEU B 198 26.18 -51.38 -4.86
N VAL B 199 25.15 -50.60 -4.52
CA VAL B 199 24.18 -50.10 -5.47
C VAL B 199 24.48 -48.65 -5.76
N ASP B 200 24.79 -48.34 -7.03
CA ASP B 200 24.97 -46.96 -7.44
C ASP B 200 23.65 -46.21 -7.60
N GLY B 201 22.54 -46.93 -7.73
CA GLY B 201 21.24 -46.30 -7.79
C GLY B 201 20.59 -46.17 -6.43
N ASP B 202 19.35 -46.62 -6.30
CA ASP B 202 18.60 -46.49 -5.07
C ASP B 202 18.05 -47.84 -4.65
N ILE B 203 17.78 -47.97 -3.35
CA ILE B 203 17.07 -49.12 -2.79
C ILE B 203 15.65 -48.66 -2.50
N ILE B 204 14.71 -49.13 -3.30
CA ILE B 204 13.37 -48.56 -3.35
C ILE B 204 12.41 -49.41 -2.53
N TRP B 205 11.57 -48.72 -1.74
CA TRP B 205 10.50 -49.37 -0.96
C TRP B 205 9.36 -49.73 -1.91
N ALA B 206 9.19 -51.03 -2.15
CA ALA B 206 8.20 -51.55 -3.10
C ALA B 206 7.25 -52.50 -2.37
N PRO B 207 6.23 -51.96 -1.69
CA PRO B 207 5.36 -52.82 -0.88
C PRO B 207 4.43 -53.70 -1.68
N ALA B 208 4.15 -53.35 -2.95
CA ALA B 208 3.21 -54.13 -3.74
C ALA B 208 3.80 -55.43 -4.24
N ILE B 209 5.11 -55.48 -4.46
CA ILE B 209 5.76 -56.66 -5.02
C ILE B 209 6.10 -57.65 -3.91
N ASP B 210 6.50 -58.86 -4.32
CA ASP B 210 6.96 -59.89 -3.41
C ASP B 210 8.41 -60.23 -3.76
N GLY B 211 9.22 -60.50 -2.75
CA GLY B 211 10.61 -60.79 -2.99
C GLY B 211 11.40 -59.53 -3.22
N ALA B 212 12.19 -59.51 -4.30
CA ALA B 212 13.01 -58.35 -4.62
C ALA B 212 13.35 -58.38 -6.10
N PHE B 213 13.75 -57.21 -6.61
CA PHE B 213 14.16 -57.06 -8.00
C PHE B 213 15.42 -56.22 -8.07
N VAL B 214 16.34 -56.61 -8.95
CA VAL B 214 17.54 -55.83 -9.24
C VAL B 214 17.55 -55.56 -10.74
N LEU B 215 17.37 -54.30 -11.12
CA LEU B 215 17.26 -53.93 -12.52
C LEU B 215 18.10 -52.68 -12.75
N THR B 216 18.17 -52.26 -14.01
CA THR B 216 18.90 -51.06 -14.41
C THR B 216 17.92 -49.92 -14.66
N THR B 217 18.39 -48.70 -14.38
CA THR B 217 17.63 -47.49 -14.65
C THR B 217 18.27 -46.67 -15.77
N ARG B 218 18.95 -47.33 -16.69
CA ARG B 218 19.58 -46.65 -17.82
C ARG B 218 18.55 -46.08 -18.77
N GLY B 219 17.37 -46.67 -18.83
CA GLY B 219 16.31 -46.20 -19.71
C GLY B 219 16.20 -47.05 -20.97
N GLY B 220 14.98 -47.14 -21.49
CA GLY B 220 14.72 -47.88 -22.71
C GLY B 220 14.45 -49.36 -22.54
N ASP B 221 14.36 -49.85 -21.31
CA ASP B 221 14.11 -51.26 -21.04
C ASP B 221 12.71 -51.53 -20.51
N PHE B 222 12.18 -50.65 -19.65
CA PHE B 222 10.86 -50.81 -19.06
C PHE B 222 10.03 -49.58 -19.37
N ASP B 223 8.92 -49.77 -20.07
CA ASP B 223 8.11 -48.68 -20.61
C ASP B 223 6.70 -48.77 -20.04
N LEU B 224 6.34 -47.80 -19.20
CA LEU B 224 4.98 -47.67 -18.68
C LEU B 224 4.26 -46.63 -19.54
N GLN B 225 3.52 -47.10 -20.54
CA GLN B 225 2.85 -46.21 -21.48
C GLN B 225 1.55 -45.72 -20.87
N LEU B 226 1.49 -44.43 -20.55
CA LEU B 226 0.31 -43.82 -19.97
C LEU B 226 -0.58 -43.22 -21.06
N GLY B 227 -1.86 -43.58 -21.04
CA GLY B 227 -2.83 -42.89 -21.86
C GLY B 227 -3.52 -41.82 -21.05
N THR B 228 -3.93 -42.17 -19.84
CA THR B 228 -4.51 -41.23 -18.88
C THR B 228 -3.92 -41.52 -17.51
N ASP B 229 -3.24 -40.54 -16.93
CA ASP B 229 -2.67 -40.69 -15.60
C ASP B 229 -3.78 -40.73 -14.55
N VAL B 230 -3.38 -40.92 -13.30
CA VAL B 230 -4.34 -41.08 -12.21
C VAL B 230 -5.18 -39.83 -12.06
N ALA B 231 -6.50 -40.01 -12.01
CA ALA B 231 -7.43 -38.90 -11.86
C ALA B 231 -8.60 -39.34 -10.99
N ILE B 232 -9.32 -38.36 -10.45
CA ILE B 232 -10.48 -38.58 -9.60
C ILE B 232 -11.73 -38.19 -10.38
N GLY B 233 -12.66 -39.14 -10.53
CA GLY B 233 -13.90 -38.90 -11.23
C GLY B 233 -15.11 -39.11 -10.32
N TYR B 234 -16.27 -38.70 -10.83
CA TYR B 234 -17.52 -38.79 -10.09
C TYR B 234 -18.44 -39.81 -10.74
N ALA B 235 -19.06 -40.65 -9.91
CA ALA B 235 -19.97 -41.69 -10.38
C ALA B 235 -21.41 -41.36 -9.98
N SER B 236 -21.73 -41.39 -8.69
CA SER B 236 -23.07 -41.13 -8.23
C SER B 236 -23.02 -40.57 -6.82
N HIS B 237 -24.19 -40.15 -6.32
CA HIS B 237 -24.28 -39.61 -4.98
C HIS B 237 -25.73 -39.63 -4.52
N ASP B 238 -25.91 -39.67 -3.20
CA ASP B 238 -27.22 -39.50 -2.59
C ASP B 238 -27.17 -38.34 -1.60
N THR B 239 -28.08 -38.33 -0.63
CA THR B 239 -28.07 -37.25 0.36
C THR B 239 -27.06 -37.48 1.47
N ASP B 240 -26.39 -38.62 1.51
CA ASP B 240 -25.44 -38.95 2.56
C ASP B 240 -24.05 -39.33 2.07
N THR B 241 -23.92 -39.86 0.86
CA THR B 241 -22.63 -40.34 0.38
C THR B 241 -22.41 -39.89 -1.05
N VAL B 242 -21.13 -39.87 -1.45
CA VAL B 242 -20.71 -39.57 -2.81
C VAL B 242 -19.81 -40.71 -3.27
N ARG B 243 -20.06 -41.22 -4.47
CA ARG B 243 -19.27 -42.30 -5.05
C ARG B 243 -18.28 -41.72 -6.05
N LEU B 244 -17.01 -41.71 -5.69
CA LEU B 244 -15.92 -41.29 -6.57
C LEU B 244 -15.10 -42.50 -6.98
N TYR B 245 -14.05 -42.26 -7.74
CA TYR B 245 -13.22 -43.36 -8.22
C TYR B 245 -11.86 -42.82 -8.64
N LEU B 246 -10.84 -43.68 -8.54
CA LEU B 246 -9.54 -43.41 -9.09
C LEU B 246 -9.41 -44.14 -10.42
N GLN B 247 -9.08 -43.40 -11.48
CA GLN B 247 -9.05 -43.95 -12.82
C GLN B 247 -7.68 -43.77 -13.44
N GLU B 248 -7.30 -44.73 -14.29
CA GLU B 248 -6.00 -44.72 -14.95
C GLU B 248 -6.08 -45.64 -16.17
N THR B 249 -5.50 -45.19 -17.28
CA THR B 249 -5.48 -45.96 -18.51
C THR B 249 -4.03 -46.09 -18.96
N LEU B 250 -3.51 -47.32 -18.95
CA LEU B 250 -2.08 -47.51 -19.19
C LEU B 250 -1.85 -48.94 -19.68
N THR B 251 -0.59 -49.20 -20.03
CA THR B 251 -0.10 -50.54 -20.29
C THR B 251 1.39 -50.54 -20.00
N PHE B 252 1.96 -51.74 -19.86
CA PHE B 252 3.38 -51.88 -19.60
C PHE B 252 4.01 -52.74 -20.68
N LEU B 253 5.26 -52.41 -21.04
CA LEU B 253 6.01 -53.15 -22.03
C LEU B 253 7.44 -53.32 -21.55
N CYS B 254 7.96 -54.54 -21.68
CA CYS B 254 9.33 -54.87 -21.27
C CYS B 254 10.13 -55.20 -22.53
N TYR B 255 11.08 -54.34 -22.87
CA TYR B 255 11.84 -54.47 -24.10
C TYR B 255 13.13 -55.24 -23.96
N THR B 256 13.72 -55.29 -22.76
CA THR B 256 15.00 -55.94 -22.55
C THR B 256 14.84 -56.99 -21.45
N ALA B 257 15.02 -58.27 -21.84
CA ALA B 257 14.82 -59.36 -20.90
C ALA B 257 15.96 -59.43 -19.87
N GLU B 258 17.20 -59.21 -20.31
CA GLU B 258 18.36 -59.32 -19.45
C GLU B 258 18.59 -58.10 -18.57
N ALA B 259 17.69 -57.12 -18.60
CA ALA B 259 17.87 -55.89 -17.84
C ALA B 259 17.39 -56.00 -16.39
N SER B 260 16.94 -57.18 -15.96
CA SER B 260 16.40 -57.35 -14.62
C SER B 260 16.77 -58.71 -14.07
N VAL B 261 16.80 -58.80 -12.74
CA VAL B 261 17.03 -60.04 -12.02
C VAL B 261 15.98 -60.15 -10.93
N ALA B 262 15.17 -61.20 -10.97
CA ALA B 262 14.10 -61.39 -10.01
C ALA B 262 14.58 -62.22 -8.83
N LEU B 263 14.02 -61.94 -7.66
CA LEU B 263 14.35 -62.64 -6.43
C LEU B 263 13.06 -63.02 -5.71
N SER B 264 13.05 -64.21 -5.11
CA SER B 264 11.87 -64.73 -4.43
C SER B 264 12.30 -65.50 -3.19
N HIS B 265 11.32 -66.06 -2.49
CA HIS B 265 11.59 -66.88 -1.31
C HIS B 265 11.58 -68.36 -1.66
N MET C 1 -17.68 -25.15 -5.92
CA MET C 1 -18.87 -24.75 -5.19
C MET C 1 -18.57 -24.60 -3.71
N ASN C 2 -19.61 -24.31 -2.94
CA ASN C 2 -19.53 -24.24 -1.49
C ASN C 2 -20.48 -25.29 -0.90
N ASN C 3 -20.65 -25.26 0.42
CA ASN C 3 -21.52 -26.22 1.09
C ASN C 3 -22.98 -26.08 0.69
N LEU C 4 -23.36 -24.97 0.04
CA LEU C 4 -24.74 -24.79 -0.40
C LEU C 4 -25.04 -25.62 -1.64
N TYR C 5 -24.03 -25.85 -2.49
CA TYR C 5 -24.19 -26.64 -3.71
C TYR C 5 -25.32 -26.10 -4.57
N ARG C 6 -25.36 -24.76 -4.68
CA ARG C 6 -26.42 -24.10 -5.44
C ARG C 6 -26.36 -24.44 -6.93
N ASP C 7 -25.16 -24.71 -7.45
CA ASP C 7 -25.00 -24.97 -8.87
C ASP C 7 -25.65 -26.27 -9.31
N LEU C 8 -25.92 -27.19 -8.39
CA LEU C 8 -26.55 -28.46 -8.72
C LEU C 8 -28.07 -28.39 -8.70
N ALA C 9 -28.65 -27.29 -8.25
CA ALA C 9 -30.10 -27.20 -8.16
C ALA C 9 -30.69 -26.87 -9.53
N PRO C 10 -31.73 -27.58 -9.97
CA PRO C 10 -32.40 -27.25 -11.24
C PRO C 10 -33.28 -26.01 -11.10
N VAL C 11 -32.63 -24.86 -10.94
CA VAL C 11 -33.29 -23.59 -10.75
C VAL C 11 -32.71 -22.59 -11.74
N THR C 12 -33.57 -21.95 -12.52
CA THR C 12 -33.14 -20.98 -13.51
C THR C 12 -32.54 -19.76 -12.81
N GLU C 13 -31.67 -19.04 -13.53
CA GLU C 13 -31.14 -17.79 -13.02
C GLU C 13 -32.27 -16.82 -12.69
N ALA C 14 -33.29 -16.77 -13.55
CA ALA C 14 -34.44 -15.92 -13.29
C ALA C 14 -35.20 -16.39 -12.05
N ALA C 15 -35.37 -17.70 -11.90
CA ALA C 15 -36.06 -18.22 -10.73
C ALA C 15 -35.26 -17.95 -9.46
N TRP C 16 -33.94 -18.08 -9.53
CA TRP C 16 -33.09 -17.78 -8.38
C TRP C 16 -33.29 -16.34 -7.90
N ALA C 17 -33.46 -15.41 -8.85
CA ALA C 17 -33.63 -14.00 -8.48
C ALA C 17 -34.91 -13.78 -7.69
N GLU C 18 -36.03 -14.37 -8.14
CA GLU C 18 -37.29 -14.19 -7.43
C GLU C 18 -37.27 -14.89 -6.09
N ILE C 19 -36.67 -16.08 -6.02
CA ILE C 19 -36.59 -16.81 -4.76
C ILE C 19 -35.78 -16.04 -3.74
N GLU C 20 -34.63 -15.51 -4.15
CA GLU C 20 -33.78 -14.76 -3.23
C GLU C 20 -34.43 -13.45 -2.81
N LEU C 21 -35.06 -12.75 -3.75
CA LEU C 21 -35.75 -11.50 -3.41
C LEU C 21 -36.88 -11.75 -2.43
N GLU C 22 -37.69 -12.79 -2.67
CA GLU C 22 -38.82 -13.07 -1.80
C GLU C 22 -38.36 -13.49 -0.41
N ALA C 23 -37.35 -14.37 -0.33
CA ALA C 23 -36.84 -14.79 0.96
C ALA C 23 -36.23 -13.62 1.73
N ALA C 24 -35.56 -12.71 1.03
CA ALA C 24 -34.90 -11.60 1.69
C ALA C 24 -35.91 -10.64 2.33
N ARG C 25 -36.91 -10.19 1.56
CA ARG C 25 -37.83 -9.19 2.07
C ARG C 25 -38.81 -9.79 3.09
N THR C 26 -39.12 -11.08 2.96
CA THR C 26 -39.99 -11.72 3.94
C THR C 26 -39.28 -11.86 5.28
N PHE C 27 -38.02 -12.27 5.26
CA PHE C 27 -37.24 -12.35 6.49
C PHE C 27 -37.12 -10.98 7.13
N LYS C 28 -36.90 -9.94 6.32
CA LYS C 28 -36.73 -8.59 6.86
C LYS C 28 -38.02 -8.08 7.49
N ARG C 29 -39.17 -8.52 6.99
CA ARG C 29 -40.45 -8.04 7.52
C ARG C 29 -40.74 -8.61 8.89
N HIS C 30 -40.44 -9.89 9.11
CA HIS C 30 -40.74 -10.54 10.38
C HIS C 30 -39.65 -10.36 11.42
N ILE C 31 -38.44 -9.97 11.02
CA ILE C 31 -37.32 -9.85 11.94
C ILE C 31 -37.39 -8.52 12.68
N ALA C 32 -36.95 -8.53 13.95
CA ALA C 32 -36.97 -7.31 14.75
C ALA C 32 -35.73 -7.11 15.63
N GLY C 33 -35.03 -8.17 16.04
CA GLY C 33 -33.87 -7.97 16.90
C GLY C 33 -32.71 -7.32 16.19
N ARG C 34 -32.53 -7.63 14.90
CA ARG C 34 -31.47 -7.07 14.08
C ARG C 34 -31.64 -5.56 13.91
N ARG C 35 -32.73 -5.01 14.45
CA ARG C 35 -33.00 -3.59 14.40
C ARG C 35 -32.67 -2.90 15.71
N VAL C 36 -32.37 -3.66 16.76
CA VAL C 36 -32.02 -3.10 18.05
C VAL C 36 -30.72 -3.66 18.62
N VAL C 37 -30.29 -4.84 18.21
CA VAL C 37 -29.08 -5.44 18.74
C VAL C 37 -27.93 -5.17 17.78
N ASP C 38 -26.69 -5.39 18.24
CA ASP C 38 -25.51 -5.22 17.41
C ASP C 38 -25.23 -6.53 16.69
N VAL C 39 -25.51 -6.57 15.39
CA VAL C 39 -25.27 -7.74 14.57
C VAL C 39 -23.91 -7.57 13.90
N SER C 40 -23.02 -8.54 14.11
CA SER C 40 -21.67 -8.44 13.60
C SER C 40 -21.61 -8.83 12.13
N ASP C 41 -20.45 -8.59 11.51
CA ASP C 41 -20.23 -9.04 10.16
C ASP C 41 -19.98 -10.56 10.15
N PRO C 42 -20.42 -11.25 9.10
CA PRO C 42 -20.23 -12.70 9.04
C PRO C 42 -18.76 -13.08 9.10
N GLY C 43 -18.40 -13.85 10.12
CA GLY C 43 -17.02 -14.24 10.32
C GLY C 43 -16.52 -15.32 9.38
N GLY C 44 -17.41 -15.94 8.60
CA GLY C 44 -17.02 -16.97 7.69
C GLY C 44 -17.53 -18.33 8.14
N PRO C 45 -17.51 -19.31 7.22
CA PRO C 45 -17.98 -20.65 7.58
C PRO C 45 -17.12 -21.36 8.61
N VAL C 46 -15.89 -20.89 8.84
CA VAL C 46 -15.02 -21.53 9.83
C VAL C 46 -15.40 -21.14 11.25
N THR C 47 -16.13 -20.04 11.44
CA THR C 47 -16.48 -19.59 12.78
C THR C 47 -17.31 -20.64 13.52
N ALA C 48 -16.85 -20.98 14.73
CA ALA C 48 -17.52 -22.01 15.53
C ALA C 48 -17.76 -21.60 16.97
N ALA C 49 -17.14 -20.54 17.46
CA ALA C 49 -17.35 -20.13 18.84
C ALA C 49 -17.04 -18.64 18.98
N VAL C 50 -17.58 -18.04 20.03
CA VAL C 50 -17.34 -16.65 20.37
C VAL C 50 -16.76 -16.60 21.76
N SER C 51 -15.57 -16.01 21.90
CA SER C 51 -14.86 -15.98 23.17
C SER C 51 -15.57 -15.06 24.15
N THR C 52 -15.93 -15.61 25.32
CA THR C 52 -16.48 -14.83 26.41
C THR C 52 -15.41 -14.29 27.34
N GLY C 53 -14.13 -14.58 27.08
CA GLY C 53 -13.04 -14.05 27.85
C GLY C 53 -12.90 -14.60 29.26
N ARG C 54 -13.81 -15.48 29.69
CA ARG C 54 -13.82 -15.96 31.06
C ARG C 54 -13.07 -17.29 31.15
N LEU C 55 -12.65 -17.61 32.38
CA LEU C 55 -11.88 -18.81 32.65
C LEU C 55 -12.75 -19.85 33.35
N ILE C 56 -12.41 -21.13 33.15
CA ILE C 56 -13.14 -22.25 33.73
C ILE C 56 -12.15 -23.15 34.45
N ASP C 57 -12.37 -23.36 35.75
CA ASP C 57 -11.51 -24.24 36.53
C ASP C 57 -11.58 -25.67 36.01
N VAL C 58 -10.40 -26.29 35.91
CA VAL C 58 -10.27 -27.67 35.44
C VAL C 58 -9.15 -28.33 36.23
N LYS C 59 -9.19 -29.65 36.29
CA LYS C 59 -8.18 -30.38 37.05
C LYS C 59 -6.80 -30.15 36.47
N ALA C 60 -5.84 -29.83 37.33
CA ALA C 60 -4.50 -29.52 36.88
C ALA C 60 -3.82 -30.78 36.32
N PRO C 61 -2.93 -30.63 35.34
CA PRO C 61 -2.22 -31.81 34.81
C PRO C 61 -1.23 -32.39 35.81
N THR C 62 -0.47 -31.56 36.50
CA THR C 62 0.47 -32.00 37.53
C THR C 62 0.48 -30.95 38.64
N ASN C 63 1.17 -31.25 39.74
CA ASN C 63 1.28 -30.30 40.84
C ASN C 63 2.15 -29.13 40.44
N GLY C 64 1.77 -27.93 40.89
CA GLY C 64 2.48 -26.73 40.55
C GLY C 64 1.98 -26.02 39.31
N VAL C 65 0.95 -26.56 38.65
CA VAL C 65 0.37 -25.96 37.45
C VAL C 65 -1.06 -25.56 37.76
N ILE C 66 -1.44 -24.35 37.35
CA ILE C 66 -2.80 -23.84 37.51
C ILE C 66 -3.43 -23.78 36.13
N ALA C 67 -4.39 -24.67 35.88
CA ALA C 67 -4.99 -24.82 34.56
C ALA C 67 -6.41 -24.25 34.54
N HIS C 68 -6.75 -23.57 33.44
CA HIS C 68 -8.07 -23.01 33.24
C HIS C 68 -8.47 -23.18 31.78
N LEU C 69 -9.72 -23.53 31.55
CA LEU C 69 -10.26 -23.60 30.20
C LEU C 69 -10.85 -22.26 29.79
N ARG C 70 -10.59 -21.88 28.55
CA ARG C 70 -11.08 -20.60 28.01
C ARG C 70 -12.54 -20.76 27.60
N ALA C 71 -13.43 -20.01 28.25
CA ALA C 71 -14.85 -20.11 27.98
C ALA C 71 -15.19 -19.46 26.65
N SER C 72 -16.16 -20.05 25.94
CA SER C 72 -16.57 -19.54 24.65
C SER C 72 -18.00 -19.98 24.37
N LYS C 73 -18.81 -19.08 23.80
CA LYS C 73 -20.18 -19.42 23.42
C LYS C 73 -20.19 -20.06 22.04
N PRO C 74 -20.77 -21.25 21.89
CA PRO C 74 -20.78 -21.91 20.59
C PRO C 74 -21.85 -21.31 19.68
N LEU C 75 -21.59 -21.44 18.37
CA LEU C 75 -22.54 -21.02 17.37
C LEU C 75 -23.47 -22.18 17.03
N VAL C 76 -24.72 -21.85 16.72
CA VAL C 76 -25.73 -22.83 16.33
C VAL C 76 -26.11 -22.57 14.89
N ARG C 77 -26.24 -23.64 14.10
CA ARG C 77 -26.64 -23.55 12.71
C ARG C 77 -28.12 -23.86 12.58
N LEU C 78 -28.89 -22.87 12.11
CA LEU C 78 -30.32 -23.03 11.90
C LEU C 78 -30.57 -23.26 10.41
N ARG C 79 -31.33 -24.30 10.09
CA ARG C 79 -31.54 -24.74 8.71
C ARG C 79 -33.02 -25.06 8.53
N VAL C 80 -33.71 -24.27 7.73
CA VAL C 80 -35.15 -24.45 7.51
C VAL C 80 -35.40 -24.94 6.10
N PRO C 81 -35.63 -26.25 5.91
CA PRO C 81 -35.85 -26.76 4.55
C PRO C 81 -37.23 -26.41 4.02
N PHE C 82 -37.34 -26.34 2.70
CA PHE C 82 -38.62 -26.15 2.03
C PHE C 82 -38.55 -26.80 0.65
N THR C 83 -39.72 -27.07 0.09
CA THR C 83 -39.85 -27.77 -1.18
C THR C 83 -40.59 -26.88 -2.18
N LEU C 84 -40.03 -26.78 -3.39
CA LEU C 84 -40.59 -25.96 -4.45
C LEU C 84 -41.02 -26.84 -5.62
N SER C 85 -42.05 -26.39 -6.33
CA SER C 85 -42.52 -27.09 -7.52
C SER C 85 -41.65 -26.71 -8.71
N ARG C 86 -41.13 -27.71 -9.43
CA ARG C 86 -40.30 -27.43 -10.59
C ARG C 86 -41.10 -26.77 -11.70
N ASN C 87 -42.41 -26.99 -11.76
CA ASN C 87 -43.24 -26.28 -12.72
C ASN C 87 -43.28 -24.79 -12.40
N GLU C 88 -43.43 -24.43 -11.13
CA GLU C 88 -43.39 -23.03 -10.75
C GLU C 88 -42.01 -22.42 -10.99
N ILE C 89 -40.95 -23.21 -10.84
CA ILE C 89 -39.61 -22.72 -11.10
C ILE C 89 -39.41 -22.48 -12.60
N ASP C 90 -39.81 -23.45 -13.42
CA ASP C 90 -39.67 -23.31 -14.87
C ASP C 90 -40.61 -22.25 -15.44
N ASP C 91 -41.67 -21.90 -14.73
CA ASP C 91 -42.59 -20.87 -15.21
C ASP C 91 -41.95 -19.50 -15.21
N VAL C 92 -40.95 -19.28 -14.35
CA VAL C 92 -40.34 -17.96 -14.21
C VAL C 92 -39.71 -17.52 -15.53
N GLU C 93 -38.94 -18.41 -16.16
CA GLU C 93 -38.29 -18.08 -17.42
C GLU C 93 -39.29 -17.79 -18.52
N ARG C 94 -40.47 -18.42 -18.47
CA ARG C 94 -41.51 -18.21 -19.46
C ARG C 94 -42.32 -16.94 -19.25
N GLY C 95 -42.02 -16.18 -18.21
CA GLY C 95 -42.68 -14.92 -17.96
C GLY C 95 -43.70 -14.90 -16.83
N SER C 96 -43.67 -15.88 -15.93
CA SER C 96 -44.64 -15.96 -14.84
C SER C 96 -44.16 -15.14 -13.65
N LYS C 97 -45.03 -14.28 -13.15
CA LYS C 97 -44.76 -13.49 -11.96
C LYS C 97 -45.59 -13.94 -10.76
N ASP C 98 -46.44 -14.96 -10.93
CA ASP C 98 -47.28 -15.47 -9.85
C ASP C 98 -46.86 -16.86 -9.41
N SER C 99 -45.57 -17.17 -9.53
CA SER C 99 -45.08 -18.48 -9.10
C SER C 99 -45.19 -18.63 -7.59
N ASP C 100 -45.47 -19.85 -7.15
CA ASP C 100 -45.76 -20.12 -5.75
C ASP C 100 -44.46 -20.15 -4.97
N TRP C 101 -44.13 -19.04 -4.31
CA TRP C 101 -42.99 -18.98 -3.41
C TRP C 101 -43.40 -19.04 -1.94
N GLU C 102 -44.60 -19.55 -1.67
CA GLU C 102 -45.04 -19.66 -0.28
C GLU C 102 -44.12 -20.55 0.57
N PRO C 103 -43.64 -21.70 0.10
CA PRO C 103 -42.62 -22.41 0.88
C PRO C 103 -41.38 -21.56 1.16
N VAL C 104 -41.00 -20.68 0.22
CA VAL C 104 -39.89 -19.77 0.47
C VAL C 104 -40.25 -18.80 1.58
N LYS C 105 -41.46 -18.23 1.50
CA LYS C 105 -41.90 -17.27 2.51
C LYS C 105 -42.13 -17.95 3.86
N GLU C 106 -42.64 -19.18 3.84
CA GLU C 106 -42.89 -19.89 5.08
C GLU C 106 -41.59 -20.23 5.79
N ALA C 107 -40.56 -20.61 5.04
CA ALA C 107 -39.26 -20.87 5.63
C ALA C 107 -38.63 -19.59 6.18
N ALA C 108 -38.81 -18.48 5.47
CA ALA C 108 -38.28 -17.21 5.95
C ALA C 108 -38.97 -16.77 7.24
N LYS C 109 -40.29 -16.93 7.31
CA LYS C 109 -41.00 -16.57 8.54
C LYS C 109 -40.57 -17.47 9.70
N LYS C 110 -40.32 -18.75 9.43
CA LYS C 110 -39.92 -19.65 10.51
C LYS C 110 -38.52 -19.32 11.00
N LEU C 111 -37.58 -19.10 10.08
CA LEU C 111 -36.21 -18.77 10.48
C LEU C 111 -36.15 -17.43 11.21
N ALA C 112 -36.94 -16.45 10.75
CA ALA C 112 -36.96 -15.16 11.43
C ALA C 112 -37.53 -15.28 12.84
N PHE C 113 -38.59 -16.07 13.00
CA PHE C 113 -39.18 -16.25 14.32
C PHE C 113 -38.24 -17.02 15.25
N VAL C 114 -37.55 -18.02 14.72
CA VAL C 114 -36.59 -18.77 15.54
C VAL C 114 -35.48 -17.85 16.03
N GLU C 115 -35.02 -16.94 15.17
CA GLU C 115 -33.93 -16.05 15.54
C GLU C 115 -34.37 -15.06 16.61
N ASP C 116 -35.52 -14.41 16.43
CA ASP C 116 -35.96 -13.40 17.38
C ASP C 116 -36.32 -14.04 18.72
N ARG C 117 -36.97 -15.20 18.71
CA ARG C 117 -37.27 -15.87 19.97
C ARG C 117 -36.02 -16.40 20.65
N THR C 118 -34.96 -16.68 19.86
CA THR C 118 -33.69 -17.03 20.46
C THR C 118 -33.05 -15.82 21.14
N ILE C 119 -33.16 -14.65 20.52
CA ILE C 119 -32.56 -13.45 21.08
C ILE C 119 -33.29 -13.01 22.34
N PHE C 120 -34.62 -13.02 22.30
CA PHE C 120 -35.43 -12.43 23.36
C PHE C 120 -35.92 -13.45 24.39
N GLU C 121 -36.27 -14.66 23.96
CA GLU C 121 -36.78 -15.67 24.89
C GLU C 121 -35.76 -16.72 25.28
N GLY C 122 -34.78 -17.00 24.42
CA GLY C 122 -33.68 -17.88 24.75
C GLY C 122 -33.70 -19.15 23.91
N TYR C 123 -32.60 -19.89 24.04
CA TYR C 123 -32.41 -21.16 23.34
C TYR C 123 -31.46 -21.99 24.22
N SER C 124 -32.04 -22.71 25.18
CA SER C 124 -31.23 -23.40 26.18
C SER C 124 -30.34 -24.46 25.55
N ALA C 125 -30.77 -25.06 24.45
CA ALA C 125 -29.96 -26.08 23.79
C ALA C 125 -28.66 -25.51 23.24
N ALA C 126 -28.63 -24.22 22.92
CA ALA C 126 -27.45 -23.54 22.40
C ALA C 126 -26.80 -22.62 23.44
N SER C 127 -27.13 -22.80 24.71
CA SER C 127 -26.57 -21.98 25.80
C SER C 127 -26.86 -20.50 25.60
N ILE C 128 -28.04 -20.20 25.06
CA ILE C 128 -28.48 -18.84 24.79
C ILE C 128 -29.59 -18.52 25.78
N GLU C 129 -29.29 -17.64 26.73
CA GLU C 129 -30.24 -17.30 27.80
C GLU C 129 -31.38 -16.41 27.31
N GLY C 130 -31.07 -15.43 26.47
CA GLY C 130 -32.08 -14.52 25.97
C GLY C 130 -32.13 -13.22 26.76
N ILE C 131 -32.71 -12.20 26.13
CA ILE C 131 -32.83 -10.89 26.78
C ILE C 131 -33.78 -10.94 27.97
N ARG C 132 -34.91 -11.66 27.83
CA ARG C 132 -35.90 -11.68 28.91
C ARG C 132 -35.35 -12.34 30.17
N SER C 133 -34.62 -13.45 30.03
CA SER C 133 -34.11 -14.15 31.20
C SER C 133 -32.97 -13.40 31.86
N ALA C 134 -32.16 -12.70 31.06
CA ALA C 134 -31.00 -11.99 31.59
C ALA C 134 -31.33 -10.59 32.11
N SER C 135 -32.54 -10.09 31.87
CA SER C 135 -32.89 -8.73 32.26
C SER C 135 -32.97 -8.64 33.78
N SER C 136 -32.00 -7.95 34.39
CA SER C 136 -31.99 -7.76 35.84
C SER C 136 -33.03 -6.73 36.30
N ASN C 137 -33.60 -5.95 35.39
CA ASN C 137 -34.58 -4.96 35.78
C ASN C 137 -35.92 -5.62 36.09
N PRO C 138 -36.70 -5.03 37.00
CA PRO C 138 -37.99 -5.63 37.36
C PRO C 138 -38.93 -5.67 36.17
N ALA C 139 -39.39 -6.88 35.84
CA ALA C 139 -40.33 -7.00 34.75
C ALA C 139 -41.66 -6.36 35.13
N LEU C 140 -42.38 -5.89 34.11
CA LEU C 140 -43.63 -5.21 34.30
C LEU C 140 -44.71 -6.00 33.59
N THR C 141 -45.95 -5.75 33.99
CA THR C 141 -47.11 -6.41 33.43
C THR C 141 -47.84 -5.42 32.53
N LEU C 142 -48.14 -5.86 31.31
CA LEU C 142 -48.90 -5.04 30.38
C LEU C 142 -50.28 -4.77 30.94
N PRO C 143 -50.81 -3.58 30.75
CA PRO C 143 -52.09 -3.23 31.39
C PRO C 143 -53.24 -4.01 30.81
N GLU C 144 -54.45 -3.79 31.36
CA GLU C 144 -55.65 -4.38 30.76
C GLU C 144 -56.40 -3.39 29.88
N ASP C 145 -56.42 -2.13 30.28
CA ASP C 145 -56.95 -1.06 29.45
C ASP C 145 -55.84 -0.63 28.49
N PRO C 146 -55.99 -0.81 27.17
CA PRO C 146 -54.88 -0.47 26.26
C PRO C 146 -54.51 1.00 26.32
N ARG C 147 -55.40 1.83 26.87
CA ARG C 147 -55.12 3.24 27.08
C ARG C 147 -54.12 3.50 28.20
N GLU C 148 -53.73 2.48 28.97
CA GLU C 148 -52.73 2.62 30.01
C GLU C 148 -51.34 2.14 29.58
N ILE C 149 -51.14 1.84 28.30
CA ILE C 149 -49.81 1.43 27.83
C ILE C 149 -48.75 2.49 28.07
N PRO C 150 -48.98 3.79 27.82
CA PRO C 150 -47.94 4.78 28.15
C PRO C 150 -47.50 4.76 29.60
N ASP C 151 -48.38 4.38 30.52
CA ASP C 151 -47.99 4.32 31.92
C ASP C 151 -46.94 3.25 32.17
N VAL C 152 -47.16 2.04 31.64
CA VAL C 152 -46.25 0.95 31.91
C VAL C 152 -44.95 1.13 31.12
N ILE C 153 -45.04 1.73 29.93
CA ILE C 153 -43.82 2.03 29.17
C ILE C 153 -43.01 3.12 29.86
N SER C 154 -43.68 4.12 30.44
CA SER C 154 -42.98 5.16 31.17
C SER C 154 -42.24 4.58 32.38
N GLN C 155 -42.87 3.61 33.06
CA GLN C 155 -42.21 2.93 34.16
C GLN C 155 -40.99 2.15 33.66
N ALA C 156 -41.12 1.50 32.50
CA ALA C 156 -39.99 0.75 31.94
C ALA C 156 -38.85 1.68 31.56
N LEU C 157 -39.15 2.81 30.93
CA LEU C 157 -38.12 3.78 30.59
C LEU C 157 -37.42 4.31 31.84
N SER C 158 -38.19 4.62 32.89
CA SER C 158 -37.61 5.11 34.12
C SER C 158 -36.73 4.07 34.80
N GLU C 159 -37.07 2.79 34.67
CA GLU C 159 -36.23 1.73 35.20
C GLU C 159 -34.87 1.72 34.53
N LEU C 160 -34.84 1.93 33.21
CA LEU C 160 -33.57 2.01 32.50
C LEU C 160 -32.77 3.24 32.94
N ARG C 161 -33.46 4.38 33.07
CA ARG C 161 -32.78 5.60 33.49
C ARG C 161 -32.22 5.48 34.91
N LEU C 162 -32.94 4.79 35.79
CA LEU C 162 -32.48 4.62 37.16
C LEU C 162 -31.34 3.62 37.27
N ALA C 163 -31.06 2.86 36.21
CA ALA C 163 -29.96 1.90 36.20
C ALA C 163 -28.71 2.45 35.53
N GLY C 164 -28.67 3.75 35.27
CA GLY C 164 -27.52 4.35 34.60
C GLY C 164 -27.41 4.04 33.13
N VAL C 165 -28.44 3.47 32.53
CA VAL C 165 -28.42 3.11 31.12
C VAL C 165 -28.89 4.30 30.30
N ASP C 166 -28.13 4.62 29.25
CA ASP C 166 -28.34 5.77 28.40
C ASP C 166 -28.74 5.29 27.00
N GLY C 167 -28.45 6.09 25.98
CA GLY C 167 -28.65 5.68 24.61
C GLY C 167 -30.09 5.82 24.17
N PRO C 168 -30.32 5.84 22.86
CA PRO C 168 -31.70 5.86 22.35
C PRO C 168 -32.46 4.64 22.82
N TYR C 169 -33.58 4.89 23.51
CA TYR C 169 -34.43 3.82 24.00
C TYR C 169 -35.43 3.43 22.93
N SER C 170 -35.61 2.12 22.74
CA SER C 170 -36.54 1.59 21.78
C SER C 170 -37.48 0.60 22.45
N VAL C 171 -38.66 0.43 21.85
CA VAL C 171 -39.69 -0.42 22.39
C VAL C 171 -40.08 -1.42 21.32
N LEU C 172 -39.92 -2.71 21.61
CA LEU C 172 -40.33 -3.78 20.70
C LEU C 172 -41.63 -4.39 21.20
N LEU C 173 -42.64 -4.38 20.33
CA LEU C 173 -43.98 -4.86 20.66
C LEU C 173 -44.31 -6.11 19.85
N SER C 174 -45.00 -7.04 20.48
CA SER C 174 -45.49 -8.22 19.78
C SER C 174 -46.57 -7.82 18.77
N ALA C 175 -46.94 -8.78 17.93
CA ALA C 175 -47.91 -8.51 16.87
C ALA C 175 -49.24 -8.03 17.44
N ASP C 176 -49.69 -8.65 18.52
CA ASP C 176 -50.97 -8.26 19.12
C ASP C 176 -50.86 -6.92 19.84
N VAL C 177 -49.78 -6.72 20.60
CA VAL C 177 -49.62 -5.47 21.34
C VAL C 177 -49.38 -4.31 20.38
N TYR C 178 -48.63 -4.56 19.30
CA TYR C 178 -48.40 -3.50 18.30
C TYR C 178 -49.71 -3.08 17.65
N THR C 179 -50.55 -4.05 17.28
CA THR C 179 -51.83 -3.73 16.67
C THR C 179 -52.72 -2.95 17.64
N LYS C 180 -52.67 -3.32 18.93
CA LYS C 180 -53.47 -2.60 19.92
C LYS C 180 -53.02 -1.16 20.07
N VAL C 181 -51.70 -0.93 20.12
CA VAL C 181 -51.19 0.44 20.23
C VAL C 181 -51.57 1.25 19.00
N SER C 182 -51.63 0.61 17.83
CA SER C 182 -51.95 1.33 16.60
C SER C 182 -53.42 1.74 16.55
N GLU C 183 -54.31 0.95 17.16
CA GLU C 183 -55.73 1.22 17.09
C GLU C 183 -56.27 1.95 18.31
N THR C 184 -55.64 1.79 19.47
CA THR C 184 -56.18 2.35 20.71
C THR C 184 -56.05 3.87 20.72
N SER C 185 -57.11 4.54 21.15
CA SER C 185 -57.12 6.00 21.30
C SER C 185 -57.79 6.33 22.62
N ASP C 186 -57.08 7.04 23.49
CA ASP C 186 -57.62 7.49 24.76
C ASP C 186 -58.32 8.82 24.54
N HIS C 187 -59.65 8.81 24.62
CA HIS C 187 -60.48 9.98 24.34
C HIS C 187 -60.16 10.55 22.96
N GLY C 188 -60.02 9.66 21.98
CA GLY C 188 -59.73 10.04 20.61
C GLY C 188 -58.27 10.26 20.30
N TYR C 189 -57.45 10.58 21.29
CA TYR C 189 -56.01 10.79 21.05
C TYR C 189 -55.33 9.44 20.90
N PRO C 190 -54.72 9.15 19.75
CA PRO C 190 -54.08 7.84 19.56
C PRO C 190 -52.92 7.66 20.52
N ILE C 191 -52.89 6.51 21.20
CA ILE C 191 -51.85 6.27 22.19
C ILE C 191 -50.49 6.04 21.54
N ARG C 192 -50.44 5.72 20.25
CA ARG C 192 -49.14 5.55 19.61
C ARG C 192 -48.42 6.88 19.47
N GLU C 193 -49.17 7.96 19.26
CA GLU C 193 -48.56 9.30 19.26
C GLU C 193 -47.98 9.63 20.63
N HIS C 194 -48.65 9.21 21.70
CA HIS C 194 -48.10 9.38 23.05
C HIS C 194 -46.80 8.60 23.20
N LEU C 195 -46.75 7.37 22.69
CA LEU C 195 -45.54 6.57 22.83
C LEU C 195 -44.40 7.13 21.99
N ASN C 196 -44.70 7.62 20.77
CA ASN C 196 -43.65 8.19 19.93
C ASN C 196 -43.02 9.41 20.59
N ARG C 197 -43.80 10.14 21.39
CA ARG C 197 -43.29 11.27 22.14
C ARG C 197 -42.54 10.85 23.39
N LEU C 198 -42.64 9.58 23.78
CA LEU C 198 -41.94 9.05 24.93
C LEU C 198 -40.65 8.33 24.57
N VAL C 199 -40.58 7.79 23.36
CA VAL C 199 -39.45 7.00 22.89
C VAL C 199 -38.64 7.84 21.91
N ASP C 200 -37.37 8.09 22.25
CA ASP C 200 -36.48 8.77 21.31
C ASP C 200 -36.01 7.87 20.18
N GLY C 201 -36.11 6.55 20.36
CA GLY C 201 -35.76 5.61 19.32
C GLY C 201 -36.95 5.26 18.44
N ASP C 202 -37.19 3.97 18.25
CA ASP C 202 -38.25 3.48 17.38
C ASP C 202 -39.15 2.50 18.12
N ILE C 203 -40.37 2.36 17.63
CA ILE C 203 -41.31 1.35 18.09
C ILE C 203 -41.35 0.25 17.02
N ILE C 204 -40.76 -0.89 17.34
CA ILE C 204 -40.47 -1.93 16.34
C ILE C 204 -41.56 -2.99 16.37
N TRP C 205 -42.02 -3.38 15.18
CA TRP C 205 -42.98 -4.48 15.01
C TRP C 205 -42.23 -5.80 15.16
N ALA C 206 -42.48 -6.51 16.25
CA ALA C 206 -41.78 -7.76 16.58
C ALA C 206 -42.80 -8.89 16.70
N PRO C 207 -43.20 -9.48 15.57
CA PRO C 207 -44.25 -10.50 15.61
C PRO C 207 -43.80 -11.82 16.22
N ALA C 208 -42.50 -12.09 16.25
CA ALA C 208 -42.02 -13.38 16.75
C ALA C 208 -42.08 -13.46 18.28
N ILE C 209 -41.93 -12.34 18.96
CA ILE C 209 -41.93 -12.32 20.42
C ILE C 209 -43.36 -12.21 20.93
N ASP C 210 -43.53 -12.37 22.24
CA ASP C 210 -44.81 -12.13 22.89
C ASP C 210 -44.58 -11.16 24.04
N GLY C 211 -45.54 -10.27 24.26
CA GLY C 211 -45.40 -9.24 25.27
C GLY C 211 -44.75 -8.00 24.71
N ALA C 212 -43.75 -7.48 25.41
CA ALA C 212 -43.07 -6.27 24.98
C ALA C 212 -41.71 -6.20 25.64
N PHE C 213 -40.82 -5.39 25.04
CA PHE C 213 -39.50 -5.14 25.56
C PHE C 213 -39.18 -3.66 25.42
N VAL C 214 -38.55 -3.09 26.43
CA VAL C 214 -38.03 -1.73 26.40
C VAL C 214 -36.55 -1.81 26.71
N LEU C 215 -35.72 -1.51 25.72
CA LEU C 215 -34.27 -1.66 25.84
C LEU C 215 -33.59 -0.44 25.25
N THR C 216 -32.27 -0.39 25.38
CA THR C 216 -31.46 0.68 24.83
C THR C 216 -30.78 0.22 23.55
N THR C 217 -30.58 1.17 22.63
CA THR C 217 -29.85 0.93 21.39
C THR C 217 -28.53 1.70 21.36
N ARG C 218 -27.94 1.93 22.53
CA ARG C 218 -26.66 2.64 22.58
C ARG C 218 -25.53 1.81 21.99
N GLY C 219 -25.66 0.50 22.02
CA GLY C 219 -24.64 -0.39 21.49
C GLY C 219 -23.79 -0.99 22.58
N GLY C 220 -23.29 -2.20 22.33
CA GLY C 220 -22.43 -2.89 23.27
C GLY C 220 -23.13 -3.70 24.33
N ASP C 221 -24.45 -3.82 24.27
CA ASP C 221 -25.22 -4.58 25.25
C ASP C 221 -25.76 -5.89 24.70
N PHE C 222 -26.21 -5.90 23.44
CA PHE C 222 -26.77 -7.09 22.81
C PHE C 222 -25.98 -7.38 21.55
N ASP C 223 -25.38 -8.57 21.47
CA ASP C 223 -24.44 -8.92 20.42
C ASP C 223 -24.96 -10.14 19.68
N LEU C 224 -25.35 -9.95 18.41
CA LEU C 224 -25.73 -11.04 17.52
C LEU C 224 -24.53 -11.39 16.65
N GLN C 225 -23.77 -12.39 17.07
CA GLN C 225 -22.55 -12.80 16.36
C GLN C 225 -22.92 -13.70 15.19
N LEU C 226 -22.74 -13.19 13.98
CA LEU C 226 -23.01 -13.96 12.77
C LEU C 226 -21.76 -14.66 12.27
N GLY C 227 -21.87 -15.97 12.04
CA GLY C 227 -20.83 -16.69 11.33
C GLY C 227 -21.17 -16.80 9.86
N THR C 228 -22.42 -17.15 9.57
CA THR C 228 -22.95 -17.18 8.22
C THR C 228 -24.35 -16.57 8.23
N ASP C 229 -24.53 -15.49 7.48
CA ASP C 229 -25.83 -14.84 7.38
C ASP C 229 -26.81 -15.72 6.60
N VAL C 230 -28.05 -15.26 6.50
CA VAL C 230 -29.09 -16.04 5.85
C VAL C 230 -28.72 -16.29 4.40
N ALA C 231 -28.80 -17.55 3.98
CA ALA C 231 -28.48 -17.95 2.63
C ALA C 231 -29.41 -19.07 2.20
N ILE C 232 -29.51 -19.27 0.88
CA ILE C 232 -30.35 -20.31 0.30
C ILE C 232 -29.45 -21.40 -0.25
N GLY C 233 -29.66 -22.63 0.21
CA GLY C 233 -28.89 -23.77 -0.24
C GLY C 233 -29.77 -24.84 -0.88
N TYR C 234 -29.11 -25.79 -1.52
CA TYR C 234 -29.77 -26.88 -2.24
C TYR C 234 -29.48 -28.21 -1.55
N ALA C 235 -30.52 -29.04 -1.41
CA ALA C 235 -30.40 -30.34 -0.77
C ALA C 235 -30.56 -31.46 -1.79
N SER C 236 -31.75 -31.63 -2.36
CA SER C 236 -32.01 -32.70 -3.31
C SER C 236 -33.14 -32.27 -4.23
N HIS C 237 -33.40 -33.08 -5.25
CA HIS C 237 -34.47 -32.79 -6.19
C HIS C 237 -34.84 -34.06 -6.94
N ASP C 238 -36.08 -34.11 -7.42
CA ASP C 238 -36.54 -35.17 -8.30
C ASP C 238 -37.07 -34.56 -9.60
N THR C 239 -37.93 -35.29 -10.31
CA THR C 239 -38.49 -34.78 -11.55
C THR C 239 -39.65 -33.82 -11.34
N ASP C 240 -40.10 -33.64 -10.09
CA ASP C 240 -41.25 -32.79 -9.82
C ASP C 240 -40.98 -31.69 -8.81
N THR C 241 -40.04 -31.88 -7.88
CA THR C 241 -39.82 -30.92 -6.81
C THR C 241 -38.32 -30.70 -6.61
N VAL C 242 -38.01 -29.57 -5.97
CA VAL C 242 -36.66 -29.24 -5.55
C VAL C 242 -36.70 -28.90 -4.07
N ARG C 243 -35.78 -29.49 -3.30
CA ARG C 243 -35.71 -29.25 -1.86
C ARG C 243 -34.57 -28.27 -1.58
N LEU C 244 -34.94 -27.05 -1.22
CA LEU C 244 -33.98 -26.01 -0.83
C LEU C 244 -34.10 -25.75 0.67
N TYR C 245 -33.32 -24.79 1.17
CA TYR C 245 -33.32 -24.50 2.59
C TYR C 245 -32.73 -23.12 2.84
N LEU C 246 -33.17 -22.49 3.91
CA LEU C 246 -32.54 -21.28 4.44
C LEU C 246 -31.64 -21.68 5.61
N GLN C 247 -30.38 -21.27 5.55
CA GLN C 247 -29.39 -21.66 6.54
C GLN C 247 -28.76 -20.42 7.17
N GLU C 248 -28.39 -20.55 8.44
CA GLU C 248 -27.84 -19.45 9.20
C GLU C 248 -27.06 -20.02 10.39
N THR C 249 -25.89 -19.46 10.65
CA THR C 249 -25.05 -19.89 11.76
C THR C 249 -24.73 -18.66 12.60
N LEU C 250 -25.20 -18.66 13.86
CA LEU C 250 -25.09 -17.47 14.69
C LEU C 250 -25.14 -17.88 16.15
N THR C 251 -24.95 -16.90 17.03
CA THR C 251 -25.21 -17.02 18.45
C THR C 251 -25.54 -15.64 18.97
N PHE C 252 -26.14 -15.58 20.16
CA PHE C 252 -26.49 -14.33 20.78
C PHE C 252 -25.83 -14.23 22.15
N LEU C 253 -25.41 -13.03 22.52
CA LEU C 253 -24.79 -12.77 23.81
C LEU C 253 -25.36 -11.48 24.40
N CYS C 254 -25.68 -11.53 25.69
CA CYS C 254 -26.23 -10.39 26.41
C CYS C 254 -25.20 -9.95 27.45
N TYR C 255 -24.61 -8.77 27.24
CA TYR C 255 -23.53 -8.29 28.10
C TYR C 255 -24.01 -7.41 29.24
N THR C 256 -25.17 -6.77 29.11
CA THR C 256 -25.67 -5.83 30.10
C THR C 256 -27.05 -6.29 30.54
N ALA C 257 -27.17 -6.68 31.82
CA ALA C 257 -28.45 -7.18 32.33
C ALA C 257 -29.47 -6.06 32.49
N GLU C 258 -29.02 -4.90 32.96
CA GLU C 258 -29.92 -3.78 33.23
C GLU C 258 -30.30 -2.98 31.98
N ALA C 259 -29.88 -3.42 30.79
CA ALA C 259 -30.13 -2.67 29.57
C ALA C 259 -31.50 -2.96 28.96
N SER C 260 -32.34 -3.76 29.60
CA SER C 260 -33.64 -4.12 29.04
C SER C 260 -34.68 -4.23 30.15
N VAL C 261 -35.94 -4.04 29.77
CA VAL C 261 -37.08 -4.21 30.66
C VAL C 261 -38.11 -5.07 29.94
N ALA C 262 -38.46 -6.20 30.54
CA ALA C 262 -39.39 -7.15 29.94
C ALA C 262 -40.81 -6.85 30.38
N LEU C 263 -41.75 -7.14 29.49
CA LEU C 263 -43.18 -6.92 29.73
C LEU C 263 -43.92 -8.19 29.35
N SER C 264 -44.95 -8.53 30.12
CA SER C 264 -45.66 -9.78 29.90
C SER C 264 -47.16 -9.54 30.09
N HIS C 265 -47.93 -10.63 30.11
CA HIS C 265 -49.39 -10.60 30.15
CA HIS C 265 -49.39 -10.63 30.13
C HIS C 265 -49.92 -9.68 29.04
N LYS C 266 -49.82 -10.22 27.82
CA LYS C 266 -50.16 -9.47 26.63
C LYS C 266 -51.53 -8.80 26.74
N LEU C 267 -51.61 -7.61 26.16
CA LEU C 267 -52.88 -6.92 26.02
C LEU C 267 -53.79 -7.57 24.99
N ALA C 268 -53.23 -8.29 24.03
CA ALA C 268 -54.02 -9.02 23.05
C ALA C 268 -53.30 -10.30 22.62
N MET D 1 -54.33 64.95 -18.81
CA MET D 1 -54.87 64.10 -17.76
C MET D 1 -55.68 62.96 -18.36
N ASN D 2 -56.30 62.17 -17.49
CA ASN D 2 -57.21 61.11 -17.88
C ASN D 2 -58.59 61.42 -17.29
N ASN D 3 -59.51 60.45 -17.40
CA ASN D 3 -60.86 60.65 -16.89
C ASN D 3 -60.91 60.79 -15.37
N LEU D 4 -59.83 60.43 -14.67
CA LEU D 4 -59.81 60.59 -13.22
C LEU D 4 -59.61 62.05 -12.80
N TYR D 5 -58.91 62.83 -13.63
CA TYR D 5 -58.66 64.26 -13.37
C TYR D 5 -58.03 64.46 -11.99
N ARG D 6 -57.07 63.58 -11.66
CA ARG D 6 -56.41 63.65 -10.36
C ARG D 6 -55.61 64.93 -10.21
N ASP D 7 -55.09 65.48 -11.31
CA ASP D 7 -54.26 66.67 -11.22
C ASP D 7 -55.04 67.90 -10.80
N LEU D 8 -56.37 67.89 -10.94
CA LEU D 8 -57.19 69.04 -10.58
C LEU D 8 -57.62 69.03 -9.12
N ALA D 9 -57.35 67.96 -8.39
CA ALA D 9 -57.78 67.85 -7.00
C ALA D 9 -56.80 68.58 -6.09
N PRO D 10 -57.29 69.38 -5.14
CA PRO D 10 -56.40 70.03 -4.15
C PRO D 10 -55.91 69.05 -3.10
N VAL D 11 -55.05 68.12 -3.51
CA VAL D 11 -54.51 67.09 -2.65
C VAL D 11 -52.99 67.08 -2.81
N THR D 12 -52.28 67.22 -1.69
CA THR D 12 -50.82 67.23 -1.71
C THR D 12 -50.26 65.87 -2.11
N GLU D 13 -49.03 65.88 -2.61
CA GLU D 13 -48.34 64.65 -2.94
C GLU D 13 -48.26 63.72 -1.73
N ALA D 14 -48.01 64.28 -0.55
CA ALA D 14 -47.97 63.46 0.66
C ALA D 14 -49.33 62.84 0.97
N ALA D 15 -50.40 63.64 0.84
CA ALA D 15 -51.74 63.11 1.10
C ALA D 15 -52.12 62.05 0.07
N TRP D 16 -51.77 62.26 -1.20
CA TRP D 16 -52.05 61.27 -2.23
C TRP D 16 -51.44 59.91 -1.88
N ALA D 17 -50.22 59.92 -1.34
CA ALA D 17 -49.57 58.68 -0.97
C ALA D 17 -50.32 57.95 0.13
N GLU D 18 -50.74 58.67 1.17
CA GLU D 18 -51.46 58.05 2.27
C GLU D 18 -52.85 57.58 1.84
N ILE D 19 -53.53 58.36 1.00
CA ILE D 19 -54.86 57.97 0.54
C ILE D 19 -54.80 56.67 -0.26
N GLU D 20 -53.83 56.58 -1.17
CA GLU D 20 -53.71 55.37 -1.99
C GLU D 20 -53.29 54.16 -1.16
N LEU D 21 -52.36 54.36 -0.21
CA LEU D 21 -51.95 53.26 0.65
C LEU D 21 -53.12 52.73 1.46
N GLU D 22 -53.92 53.63 2.03
CA GLU D 22 -55.05 53.21 2.86
C GLU D 22 -56.13 52.51 2.02
N ALA D 23 -56.46 53.08 0.85
CA ALA D 23 -57.47 52.46 0.00
C ALA D 23 -57.03 51.08 -0.47
N ALA D 24 -55.75 50.91 -0.77
CA ALA D 24 -55.25 49.64 -1.29
C ALA D 24 -55.36 48.54 -0.25
N ARG D 25 -54.82 48.78 0.95
CA ARG D 25 -54.79 47.72 1.95
C ARG D 25 -56.16 47.44 2.54
N THR D 26 -57.03 48.45 2.59
CA THR D 26 -58.39 48.21 3.09
C THR D 26 -59.18 47.35 2.10
N PHE D 27 -59.06 47.64 0.81
CA PHE D 27 -59.71 46.81 -0.21
C PHE D 27 -59.18 45.38 -0.16
N LYS D 28 -57.87 45.22 0.02
CA LYS D 28 -57.30 43.87 0.04
C LYS D 28 -57.75 43.09 1.26
N ARG D 29 -58.02 43.78 2.37
CA ARG D 29 -58.44 43.09 3.58
C ARG D 29 -59.87 42.59 3.44
N HIS D 30 -60.74 43.38 2.82
CA HIS D 30 -62.14 43.00 2.66
C HIS D 30 -62.40 42.14 1.44
N ILE D 31 -61.48 42.10 0.47
CA ILE D 31 -61.74 41.35 -0.75
C ILE D 31 -61.44 39.88 -0.52
N ALA D 32 -62.33 39.02 -1.03
CA ALA D 32 -62.17 37.57 -0.96
C ALA D 32 -62.84 36.99 -2.20
N GLY D 33 -62.07 36.84 -3.26
CA GLY D 33 -62.57 36.32 -4.52
C GLY D 33 -61.44 36.38 -5.50
N ARG D 34 -60.68 37.48 -5.43
CA ARG D 34 -59.45 37.60 -6.21
C ARG D 34 -58.38 36.62 -5.74
N ARG D 35 -58.64 35.86 -4.66
CA ARG D 35 -57.73 34.82 -4.22
C ARG D 35 -58.18 33.44 -4.67
N VAL D 36 -59.37 33.34 -5.27
CA VAL D 36 -59.85 32.07 -5.80
C VAL D 36 -60.27 32.15 -7.26
N VAL D 37 -60.63 33.32 -7.80
CA VAL D 37 -61.05 33.43 -9.18
C VAL D 37 -59.87 33.93 -10.01
N ASP D 38 -59.98 33.78 -11.32
CA ASP D 38 -58.95 34.25 -12.25
C ASP D 38 -59.27 35.69 -12.65
N VAL D 39 -58.52 36.64 -12.12
CA VAL D 39 -58.70 38.05 -12.45
C VAL D 39 -57.69 38.42 -13.54
N SER D 40 -58.20 38.95 -14.65
CA SER D 40 -57.37 39.25 -15.81
C SER D 40 -56.64 40.58 -15.64
N ASP D 41 -55.72 40.85 -16.56
CA ASP D 41 -55.04 42.13 -16.59
C ASP D 41 -56.00 43.21 -17.09
N PRO D 42 -55.87 44.43 -16.57
CA PRO D 42 -56.77 45.52 -17.01
C PRO D 42 -56.66 45.75 -18.50
N GLY D 43 -57.78 45.60 -19.20
CA GLY D 43 -57.80 45.76 -20.64
C GLY D 43 -57.78 47.20 -21.12
N GLY D 44 -57.96 48.16 -20.22
CA GLY D 44 -57.94 49.56 -20.60
C GLY D 44 -59.32 50.19 -20.53
N PRO D 45 -59.37 51.52 -20.54
CA PRO D 45 -60.67 52.20 -20.48
C PRO D 45 -61.52 51.98 -21.72
N VAL D 46 -60.94 51.51 -22.82
CA VAL D 46 -61.73 51.24 -24.02
C VAL D 46 -62.51 49.94 -23.91
N THR D 47 -62.12 49.03 -23.02
CA THR D 47 -62.80 47.75 -22.89
C THR D 47 -64.26 47.96 -22.50
N ALA D 48 -65.17 47.35 -23.26
CA ALA D 48 -66.60 47.51 -23.02
C ALA D 48 -67.38 46.19 -22.99
N ALA D 49 -66.80 45.09 -23.45
CA ALA D 49 -67.51 43.82 -23.46
C ALA D 49 -66.52 42.68 -23.45
N VAL D 50 -66.98 41.51 -23.03
CA VAL D 50 -66.20 40.28 -23.02
C VAL D 50 -66.90 39.26 -23.89
N SER D 51 -66.20 38.76 -24.91
CA SER D 51 -66.79 37.82 -25.85
C SER D 51 -67.07 36.49 -25.18
N THR D 52 -68.33 36.05 -25.23
CA THR D 52 -68.72 34.73 -24.76
C THR D 52 -68.67 33.68 -25.86
N GLY D 53 -68.31 34.07 -27.09
CA GLY D 53 -68.14 33.14 -28.18
C GLY D 53 -69.40 32.52 -28.75
N ARG D 54 -70.56 32.80 -28.16
CA ARG D 54 -71.80 32.17 -28.57
C ARG D 54 -72.53 33.03 -29.59
N LEU D 55 -73.41 32.39 -30.36
CA LEU D 55 -74.17 33.04 -31.40
C LEU D 55 -75.63 33.22 -30.98
N ILE D 56 -76.25 34.26 -31.54
CA ILE D 56 -77.64 34.61 -31.23
C ILE D 56 -78.40 34.72 -32.54
N ASP D 57 -79.46 33.93 -32.70
CA ASP D 57 -80.28 33.99 -33.89
C ASP D 57 -80.94 35.35 -34.04
N VAL D 58 -80.91 35.89 -35.27
CA VAL D 58 -81.48 37.19 -35.57
C VAL D 58 -82.09 37.13 -36.97
N LYS D 59 -83.02 38.05 -37.23
CA LYS D 59 -83.72 38.08 -38.51
C LYS D 59 -82.73 38.34 -39.63
N ALA D 60 -82.82 37.53 -40.69
CA ALA D 60 -81.90 37.63 -41.80
C ALA D 60 -82.14 38.93 -42.58
N PRO D 61 -81.08 39.50 -43.17
CA PRO D 61 -81.29 40.72 -43.98
C PRO D 61 -82.04 40.45 -45.27
N THR D 62 -81.71 39.36 -45.96
CA THR D 62 -82.40 38.95 -47.18
C THR D 62 -82.44 37.43 -47.21
N ASN D 63 -83.13 36.88 -48.20
CA ASN D 63 -83.19 35.44 -48.35
C ASN D 63 -81.85 34.90 -48.83
N GLY D 64 -81.46 33.74 -48.30
CA GLY D 64 -80.18 33.15 -48.61
C GLY D 64 -79.05 33.55 -47.70
N VAL D 65 -79.30 34.39 -46.69
CA VAL D 65 -78.29 34.84 -45.75
C VAL D 65 -78.64 34.32 -44.37
N ILE D 66 -77.65 33.79 -43.66
CA ILE D 66 -77.82 33.29 -42.30
C ILE D 66 -77.10 34.25 -41.37
N ALA D 67 -77.86 34.99 -40.57
CA ALA D 67 -77.33 36.04 -39.71
C ALA D 67 -77.36 35.60 -38.26
N HIS D 68 -76.29 35.92 -37.54
CA HIS D 68 -76.15 35.63 -36.12
C HIS D 68 -75.46 36.80 -35.44
N LEU D 69 -75.93 37.16 -34.25
CA LEU D 69 -75.26 38.17 -33.43
C LEU D 69 -74.24 37.52 -32.52
N ARG D 70 -73.09 38.17 -32.38
CA ARG D 70 -72.00 37.66 -31.53
C ARG D 70 -72.31 38.04 -30.09
N ALA D 71 -72.56 37.03 -29.25
CA ALA D 71 -72.89 37.28 -27.86
C ALA D 71 -71.66 37.76 -27.09
N SER D 72 -71.88 38.69 -26.16
CA SER D 72 -70.80 39.26 -25.37
C SER D 72 -71.36 39.78 -24.06
N LYS D 73 -70.60 39.60 -22.99
CA LYS D 73 -71.00 40.07 -21.67
C LYS D 73 -70.50 41.50 -21.46
N PRO D 74 -71.36 42.44 -21.10
CA PRO D 74 -70.92 43.83 -20.93
C PRO D 74 -70.22 44.06 -19.60
N LEU D 75 -69.33 45.05 -19.61
CA LEU D 75 -68.64 45.48 -18.40
C LEU D 75 -69.45 46.55 -17.69
N VAL D 76 -69.39 46.54 -16.36
CA VAL D 76 -70.09 47.51 -15.53
C VAL D 76 -69.04 48.36 -14.81
N ARG D 77 -69.29 49.67 -14.76
CA ARG D 77 -68.42 50.61 -14.06
C ARG D 77 -69.00 50.92 -12.70
N LEU D 78 -68.24 50.58 -11.66
CA LEU D 78 -68.63 50.85 -10.28
C LEU D 78 -67.89 52.08 -9.78
N ARG D 79 -68.63 53.01 -9.16
CA ARG D 79 -68.09 54.28 -8.71
C ARG D 79 -68.59 54.54 -7.29
N VAL D 80 -67.68 54.52 -6.32
CA VAL D 80 -68.04 54.73 -4.92
C VAL D 80 -67.50 56.08 -4.47
N PRO D 81 -68.31 57.13 -4.43
CA PRO D 81 -67.81 58.45 -4.03
C PRO D 81 -67.59 58.54 -2.53
N PHE D 82 -66.66 59.43 -2.16
CA PHE D 82 -66.42 59.75 -0.77
C PHE D 82 -65.89 61.17 -0.68
N THR D 83 -66.02 61.76 0.50
CA THR D 83 -65.65 63.15 0.73
C THR D 83 -64.60 63.23 1.83
N LEU D 84 -63.55 64.00 1.59
CA LEU D 84 -62.46 64.16 2.54
C LEU D 84 -62.40 65.60 3.02
N SER D 85 -61.94 65.77 4.26
CA SER D 85 -61.77 67.10 4.82
C SER D 85 -60.46 67.69 4.34
N ARG D 86 -60.51 68.92 3.81
CA ARG D 86 -59.29 69.57 3.36
C ARG D 86 -58.36 69.89 4.51
N ASN D 87 -58.89 70.03 5.72
CA ASN D 87 -58.03 70.17 6.89
C ASN D 87 -57.22 68.91 7.11
N GLU D 88 -57.86 67.74 7.01
CA GLU D 88 -57.15 66.47 7.15
C GLU D 88 -56.15 66.27 6.02
N ILE D 89 -56.46 66.76 4.82
CA ILE D 89 -55.54 66.60 3.70
C ILE D 89 -54.31 67.48 3.89
N ASP D 90 -54.53 68.75 4.26
CA ASP D 90 -53.41 69.67 4.47
C ASP D 90 -52.60 69.34 5.71
N ASP D 91 -53.17 68.57 6.65
CA ASP D 91 -52.43 68.19 7.85
C ASP D 91 -51.30 67.22 7.54
N VAL D 92 -51.43 66.45 6.45
CA VAL D 92 -50.43 65.42 6.14
C VAL D 92 -49.07 66.05 5.90
N GLU D 93 -49.04 67.10 5.07
CA GLU D 93 -47.77 67.76 4.77
C GLU D 93 -47.17 68.41 6.01
N ARG D 94 -48.01 68.83 6.96
CA ARG D 94 -47.53 69.43 8.19
C ARG D 94 -47.05 68.40 9.21
N GLY D 95 -47.12 67.11 8.90
CA GLY D 95 -46.63 66.08 9.78
C GLY D 95 -47.69 65.26 10.51
N SER D 96 -48.93 65.26 10.05
CA SER D 96 -50.00 64.52 10.71
C SER D 96 -50.03 63.09 10.20
N LYS D 97 -50.02 62.14 11.13
CA LYS D 97 -50.13 60.72 10.81
C LYS D 97 -51.48 60.15 11.22
N ASP D 98 -52.34 60.96 11.83
CA ASP D 98 -53.67 60.55 12.28
C ASP D 98 -54.76 61.22 11.45
N SER D 99 -54.48 61.47 10.18
CA SER D 99 -55.46 62.11 9.31
C SER D 99 -56.67 61.20 9.11
N ASP D 100 -57.84 61.80 9.01
CA ASP D 100 -59.11 61.06 8.96
C ASP D 100 -59.29 60.51 7.55
N TRP D 101 -58.92 59.24 7.37
CA TRP D 101 -59.17 58.53 6.12
C TRP D 101 -60.34 57.56 6.21
N GLU D 102 -61.22 57.75 7.19
CA GLU D 102 -62.37 56.85 7.31
C GLU D 102 -63.28 56.87 6.09
N PRO D 103 -63.60 58.01 5.47
CA PRO D 103 -64.37 57.95 4.21
C PRO D 103 -63.71 57.15 3.09
N VAL D 104 -62.38 57.19 2.96
CA VAL D 104 -61.74 56.36 1.94
C VAL D 104 -61.86 54.88 2.31
N LYS D 105 -61.71 54.55 3.60
CA LYS D 105 -61.80 53.16 4.02
C LYS D 105 -63.21 52.63 3.84
N GLU D 106 -64.22 53.47 4.09
CA GLU D 106 -65.61 53.05 3.90
C GLU D 106 -65.90 52.83 2.42
N ALA D 107 -65.35 53.67 1.55
CA ALA D 107 -65.54 53.47 0.11
C ALA D 107 -64.84 52.21 -0.36
N ALA D 108 -63.67 51.91 0.20
CA ALA D 108 -62.98 50.67 -0.16
C ALA D 108 -63.75 49.45 0.32
N LYS D 109 -64.31 49.50 1.53
CA LYS D 109 -65.11 48.39 2.03
C LYS D 109 -66.36 48.20 1.19
N LYS D 110 -66.97 49.29 0.74
CA LYS D 110 -68.18 49.19 -0.07
C LYS D 110 -67.87 48.63 -1.45
N LEU D 111 -66.83 49.13 -2.11
CA LEU D 111 -66.48 48.64 -3.42
C LEU D 111 -66.04 47.18 -3.37
N ALA D 112 -65.28 46.80 -2.34
CA ALA D 112 -64.88 45.41 -2.20
C ALA D 112 -66.08 44.52 -1.95
N PHE D 113 -67.03 44.97 -1.12
CA PHE D 113 -68.21 44.18 -0.84
C PHE D 113 -69.11 44.06 -2.07
N VAL D 114 -69.22 45.13 -2.85
CA VAL D 114 -70.00 45.07 -4.09
C VAL D 114 -69.39 44.06 -5.05
N GLU D 115 -68.05 44.04 -5.13
CA GLU D 115 -67.39 43.14 -6.07
C GLU D 115 -67.56 41.68 -5.67
N ASP D 116 -67.34 41.36 -4.39
CA ASP D 116 -67.43 39.97 -3.95
C ASP D 116 -68.86 39.45 -4.04
N ARG D 117 -69.85 40.27 -3.66
CA ARG D 117 -71.23 39.85 -3.80
C ARG D 117 -71.65 39.74 -5.26
N THR D 118 -71.02 40.53 -6.13
CA THR D 118 -71.26 40.39 -7.57
C THR D 118 -70.70 39.05 -8.07
N ILE D 119 -69.54 38.64 -7.57
CA ILE D 119 -68.93 37.40 -8.00
C ILE D 119 -69.72 36.20 -7.48
N PHE D 120 -70.09 36.23 -6.20
CA PHE D 120 -70.66 35.06 -5.53
C PHE D 120 -72.18 35.06 -5.48
N GLU D 121 -72.81 36.21 -5.29
CA GLU D 121 -74.27 36.26 -5.18
C GLU D 121 -74.94 36.75 -6.45
N GLY D 122 -74.26 37.56 -7.24
CA GLY D 122 -74.76 37.97 -8.54
C GLY D 122 -75.05 39.46 -8.61
N TYR D 123 -75.31 39.91 -9.83
CA TYR D 123 -75.65 41.29 -10.14
C TYR D 123 -76.49 41.25 -11.41
N SER D 124 -77.80 41.05 -11.22
CA SER D 124 -78.69 40.82 -12.37
C SER D 124 -78.73 42.02 -13.30
N ALA D 125 -78.57 43.23 -12.76
CA ALA D 125 -78.61 44.42 -13.59
C ALA D 125 -77.45 44.47 -14.58
N ALA D 126 -76.34 43.79 -14.28
CA ALA D 126 -75.17 43.75 -15.16
C ALA D 126 -75.02 42.41 -15.88
N SER D 127 -76.09 41.60 -15.92
CA SER D 127 -76.07 40.29 -16.58
C SER D 127 -75.02 39.37 -15.97
N ILE D 128 -74.83 39.48 -14.66
CA ILE D 128 -73.87 38.70 -13.91
C ILE D 128 -74.66 37.74 -13.02
N GLU D 129 -74.57 36.44 -13.33
CA GLU D 129 -75.35 35.45 -12.60
C GLU D 129 -74.77 35.20 -11.21
N GLY D 130 -73.52 34.80 -11.13
CA GLY D 130 -72.88 34.55 -9.86
C GLY D 130 -72.55 33.07 -9.68
N ILE D 131 -71.63 32.82 -8.75
CA ILE D 131 -71.21 31.46 -8.45
C ILE D 131 -72.32 30.67 -7.79
N ARG D 132 -73.06 31.29 -6.85
CA ARG D 132 -74.10 30.56 -6.14
C ARG D 132 -75.24 30.16 -7.07
N SER D 133 -75.64 31.06 -7.97
CA SER D 133 -76.76 30.76 -8.86
C SER D 133 -76.36 29.74 -9.93
N ALA D 134 -75.11 29.77 -10.38
CA ALA D 134 -74.64 28.89 -11.43
C ALA D 134 -74.15 27.54 -10.92
N SER D 135 -74.02 27.36 -9.60
CA SER D 135 -73.48 26.14 -9.03
C SER D 135 -74.43 24.98 -9.28
N SER D 136 -74.05 24.07 -10.18
CA SER D 136 -74.84 22.89 -10.47
C SER D 136 -74.77 21.84 -9.36
N ASN D 137 -73.81 21.95 -8.44
CA ASN D 137 -73.68 20.99 -7.37
C ASN D 137 -74.75 21.22 -6.30
N PRO D 138 -75.18 20.17 -5.61
CA PRO D 138 -76.22 20.32 -4.57
C PRO D 138 -75.75 21.20 -3.43
N ALA D 139 -76.50 22.28 -3.18
CA ALA D 139 -76.18 23.18 -2.08
C ALA D 139 -76.43 22.49 -0.75
N LEU D 140 -75.69 22.94 0.26
CA LEU D 140 -75.75 22.36 1.60
C LEU D 140 -76.11 23.44 2.62
N THR D 141 -76.58 22.99 3.79
CA THR D 141 -76.97 23.86 4.87
C THR D 141 -75.96 23.76 6.01
N LEU D 142 -75.51 24.91 6.49
CA LEU D 142 -74.60 24.94 7.62
C LEU D 142 -75.32 24.44 8.87
N PRO D 143 -74.70 23.57 9.67
CA PRO D 143 -75.38 23.01 10.84
C PRO D 143 -75.53 24.04 11.95
N GLU D 144 -76.47 23.76 12.86
CA GLU D 144 -76.63 24.62 14.03
C GLU D 144 -75.48 24.42 15.00
N ASP D 145 -74.99 23.19 15.12
CA ASP D 145 -73.82 22.88 15.93
C ASP D 145 -72.56 23.18 15.12
N PRO D 146 -71.77 24.18 15.51
CA PRO D 146 -70.55 24.50 14.74
C PRO D 146 -69.54 23.37 14.74
N ARG D 147 -69.62 22.44 15.69
CA ARG D 147 -68.74 21.29 15.72
C ARG D 147 -69.04 20.29 14.60
N GLU D 148 -70.13 20.47 13.87
CA GLU D 148 -70.48 19.64 12.72
C GLU D 148 -70.12 20.30 11.40
N ILE D 149 -69.44 21.45 11.44
CA ILE D 149 -69.02 22.10 10.20
C ILE D 149 -68.09 21.23 9.38
N PRO D 150 -67.11 20.51 9.97
CA PRO D 150 -66.29 19.60 9.14
C PRO D 150 -67.11 18.58 8.36
N ASP D 151 -68.30 18.21 8.83
CA ASP D 151 -69.12 17.26 8.10
C ASP D 151 -69.58 17.86 6.77
N VAL D 152 -70.06 19.10 6.80
CA VAL D 152 -70.61 19.71 5.59
C VAL D 152 -69.51 20.07 4.59
N ILE D 153 -68.34 20.45 5.08
CA ILE D 153 -67.22 20.74 4.19
C ILE D 153 -66.73 19.45 3.52
N SER D 154 -66.69 18.35 4.28
CA SER D 154 -66.29 17.07 3.72
C SER D 154 -67.25 16.63 2.62
N GLN D 155 -68.55 16.85 2.83
CA GLN D 155 -69.53 16.46 1.82
CA GLN D 155 -69.53 16.47 1.82
C GLN D 155 -69.36 17.29 0.56
N ALA D 156 -69.19 18.61 0.71
CA ALA D 156 -69.00 19.48 -0.45
C ALA D 156 -67.75 19.10 -1.24
N LEU D 157 -66.66 18.80 -0.54
CA LEU D 157 -65.44 18.37 -1.22
C LEU D 157 -65.69 17.10 -2.03
N SER D 158 -66.43 16.15 -1.46
CA SER D 158 -66.76 14.94 -2.19
C SER D 158 -67.65 15.24 -3.38
N GLU D 159 -68.52 16.25 -3.25
CA GLU D 159 -69.36 16.66 -4.38
C GLU D 159 -68.50 17.17 -5.53
N LEU D 160 -67.45 17.96 -5.22
CA LEU D 160 -66.53 18.40 -6.24
C LEU D 160 -65.75 17.24 -6.82
N ARG D 161 -65.28 16.32 -5.96
CA ARG D 161 -64.50 15.19 -6.43
C ARG D 161 -65.34 14.26 -7.30
N LEU D 162 -66.61 14.08 -6.96
CA LEU D 162 -67.51 13.22 -7.74
C LEU D 162 -67.96 13.86 -9.05
N ALA D 163 -67.70 15.15 -9.23
CA ALA D 163 -68.05 15.84 -10.47
C ALA D 163 -66.87 15.95 -11.42
N GLY D 164 -65.79 15.23 -11.15
CA GLY D 164 -64.62 15.29 -12.00
C GLY D 164 -63.81 16.57 -11.86
N VAL D 165 -64.10 17.39 -10.86
CA VAL D 165 -63.40 18.64 -10.65
C VAL D 165 -62.17 18.37 -9.79
N ASP D 166 -61.02 18.89 -10.22
CA ASP D 166 -59.74 18.67 -9.57
C ASP D 166 -59.23 19.99 -8.99
N GLY D 167 -57.92 20.12 -8.84
CA GLY D 167 -57.31 21.36 -8.42
C GLY D 167 -57.35 21.56 -6.93
N PRO D 168 -56.50 22.45 -6.42
CA PRO D 168 -56.54 22.79 -4.99
C PRO D 168 -57.89 23.37 -4.60
N TYR D 169 -58.54 22.73 -3.63
CA TYR D 169 -59.84 23.17 -3.15
C TYR D 169 -59.67 24.20 -2.05
N SER D 170 -60.46 25.27 -2.14
CA SER D 170 -60.43 26.34 -1.16
C SER D 170 -61.82 26.55 -0.60
N VAL D 171 -61.88 27.09 0.61
CA VAL D 171 -63.14 27.30 1.33
C VAL D 171 -63.23 28.77 1.70
N LEU D 172 -64.28 29.44 1.23
CA LEU D 172 -64.53 30.84 1.58
C LEU D 172 -65.64 30.89 2.62
N LEU D 173 -65.36 31.52 3.76
CA LEU D 173 -66.30 31.60 4.86
C LEU D 173 -66.75 33.04 5.07
N SER D 174 -68.03 33.23 5.39
CA SER D 174 -68.53 34.54 5.73
C SER D 174 -67.93 35.01 7.06
N ALA D 175 -68.17 36.28 7.39
CA ALA D 175 -67.60 36.84 8.60
C ALA D 175 -68.06 36.08 9.84
N ASP D 176 -69.34 35.70 9.89
CA ASP D 176 -69.84 34.97 11.05
C ASP D 176 -69.32 33.53 11.07
N VAL D 177 -69.33 32.86 9.92
CA VAL D 177 -68.89 31.47 9.88
C VAL D 177 -67.39 31.36 10.12
N TYR D 178 -66.61 32.31 9.59
CA TYR D 178 -65.17 32.30 9.83
C TYR D 178 -64.85 32.46 11.31
N THR D 179 -65.53 33.40 11.98
CA THR D 179 -65.32 33.58 13.40
C THR D 179 -65.73 32.34 14.18
N LYS D 180 -66.80 31.68 13.74
CA LYS D 180 -67.24 30.44 14.40
C LYS D 180 -66.19 29.35 14.25
N VAL D 181 -65.66 29.18 13.04
CA VAL D 181 -64.65 28.14 12.80
C VAL D 181 -63.39 28.42 13.61
N SER D 182 -63.05 29.69 13.78
CA SER D 182 -61.82 30.03 14.50
C SER D 182 -61.95 29.76 16.00
N GLU D 183 -63.16 29.93 16.56
CA GLU D 183 -63.35 29.80 17.99
C GLU D 183 -63.87 28.43 18.42
N THR D 184 -64.59 27.73 17.55
CA THR D 184 -65.23 26.47 17.96
C THR D 184 -64.19 25.38 18.16
N SER D 185 -64.36 24.62 19.24
CA SER D 185 -63.49 23.49 19.55
C SER D 185 -64.37 22.32 19.98
N ASP D 186 -64.25 21.21 19.27
CA ASP D 186 -64.99 19.99 19.60
C ASP D 186 -64.17 19.19 20.61
N HIS D 187 -64.65 19.14 21.85
CA HIS D 187 -63.92 18.47 22.94
C HIS D 187 -62.50 19.01 23.06
N GLY D 188 -62.36 20.33 22.95
CA GLY D 188 -61.08 20.98 23.04
C GLY D 188 -60.28 21.04 21.75
N TYR D 189 -60.53 20.12 20.82
CA TYR D 189 -59.81 20.14 19.55
C TYR D 189 -60.39 21.23 18.66
N PRO D 190 -59.61 22.23 18.27
CA PRO D 190 -60.16 23.31 17.42
C PRO D 190 -60.60 22.77 16.07
N ILE D 191 -61.81 23.13 15.66
CA ILE D 191 -62.35 22.62 14.41
C ILE D 191 -61.62 23.20 13.21
N ARG D 192 -60.90 24.30 13.39
CA ARG D 192 -60.15 24.86 12.26
C ARG D 192 -58.97 23.96 11.90
N GLU D 193 -58.37 23.30 12.90
CA GLU D 193 -57.33 22.32 12.61
C GLU D 193 -57.87 21.16 11.80
N HIS D 194 -59.10 20.72 12.10
CA HIS D 194 -59.74 19.68 11.32
C HIS D 194 -59.96 20.14 9.88
N LEU D 195 -60.41 21.38 9.69
CA LEU D 195 -60.69 21.87 8.34
C LEU D 195 -59.41 22.07 7.54
N ASN D 196 -58.35 22.58 8.17
CA ASN D 196 -57.10 22.79 7.45
C ASN D 196 -56.52 21.48 6.93
N ARG D 197 -56.79 20.38 7.62
CA ARG D 197 -56.33 19.07 7.19
C ARG D 197 -57.18 18.48 6.07
N LEU D 198 -58.33 19.06 5.77
CA LEU D 198 -59.19 18.61 4.68
C LEU D 198 -59.02 19.41 3.40
N VAL D 199 -58.59 20.67 3.50
CA VAL D 199 -58.47 21.54 2.33
C VAL D 199 -57.00 21.66 1.98
N ASP D 200 -56.64 21.26 0.75
CA ASP D 200 -55.30 21.46 0.27
C ASP D 200 -55.03 22.92 -0.10
N GLY D 201 -56.09 23.71 -0.29
CA GLY D 201 -55.94 25.11 -0.57
C GLY D 201 -55.95 25.96 0.69
N ASP D 202 -56.77 27.01 0.72
CA ASP D 202 -56.82 27.94 1.83
C ASP D 202 -58.24 28.12 2.34
N ILE D 203 -58.35 28.57 3.58
CA ILE D 203 -59.61 28.96 4.19
C ILE D 203 -59.65 30.49 4.20
N ILE D 204 -60.48 31.07 3.34
CA ILE D 204 -60.43 32.49 3.02
C ILE D 204 -61.46 33.25 3.84
N TRP D 205 -61.04 34.38 4.40
CA TRP D 205 -61.93 35.31 5.11
C TRP D 205 -62.72 36.13 4.09
N ALA D 206 -64.02 35.86 3.98
CA ALA D 206 -64.90 36.48 2.98
C ALA D 206 -66.03 37.22 3.70
N PRO D 207 -65.79 38.44 4.17
CA PRO D 207 -66.83 39.15 4.94
C PRO D 207 -67.99 39.65 4.10
N ALA D 208 -67.81 39.82 2.79
CA ALA D 208 -68.87 40.38 1.97
C ALA D 208 -69.98 39.38 1.68
N ILE D 209 -69.65 38.09 1.61
CA ILE D 209 -70.63 37.06 1.30
C ILE D 209 -71.32 36.62 2.58
N ASP D 210 -72.39 35.84 2.44
CA ASP D 210 -73.04 35.18 3.56
C ASP D 210 -73.07 33.69 3.29
N GLY D 211 -72.90 32.90 4.34
CA GLY D 211 -72.82 31.45 4.20
C GLY D 211 -71.39 31.01 3.96
N ALA D 212 -71.20 30.15 2.97
CA ALA D 212 -69.87 29.64 2.66
C ALA D 212 -69.85 29.10 1.23
N PHE D 213 -68.65 28.97 0.69
CA PHE D 213 -68.44 28.42 -0.64
C PHE D 213 -67.26 27.46 -0.61
N VAL D 214 -67.38 26.34 -1.31
CA VAL D 214 -66.30 25.39 -1.50
C VAL D 214 -66.10 25.23 -3.00
N LEU D 215 -64.96 25.71 -3.49
CA LEU D 215 -64.68 25.70 -4.92
C LEU D 215 -63.25 25.25 -5.16
N THR D 216 -62.88 25.12 -6.43
CA THR D 216 -61.54 24.75 -6.85
C THR D 216 -60.78 25.99 -7.33
N THR D 217 -59.46 25.96 -7.13
CA THR D 217 -58.58 27.01 -7.61
C THR D 217 -57.66 26.52 -8.72
N ARG D 218 -58.09 25.50 -9.46
CA ARG D 218 -57.29 24.99 -10.57
C ARG D 218 -57.19 25.99 -11.71
N GLY D 219 -58.16 26.88 -11.86
CA GLY D 219 -58.10 27.85 -12.92
C GLY D 219 -59.01 27.50 -14.08
N GLY D 220 -59.49 28.53 -14.77
CA GLY D 220 -60.34 28.35 -15.92
C GLY D 220 -61.81 28.20 -15.61
N ASP D 221 -62.20 28.37 -14.36
CA ASP D 221 -63.60 28.23 -13.94
C ASP D 221 -64.27 29.56 -13.59
N PHE D 222 -63.55 30.46 -12.92
CA PHE D 222 -64.11 31.74 -12.50
C PHE D 222 -63.23 32.86 -13.02
N ASP D 223 -63.81 33.76 -13.81
CA ASP D 223 -63.08 34.79 -14.55
C ASP D 223 -63.56 36.17 -14.15
N LEU D 224 -62.71 36.93 -13.47
CA LEU D 224 -62.98 38.34 -13.14
C LEU D 224 -62.27 39.19 -14.19
N GLN D 225 -63.01 39.60 -15.22
CA GLN D 225 -62.44 40.37 -16.33
C GLN D 225 -62.34 41.84 -15.93
N LEU D 226 -61.12 42.34 -15.78
CA LEU D 226 -60.90 43.73 -15.44
C LEU D 226 -60.68 44.56 -16.70
N GLY D 227 -61.44 45.64 -16.82
CA GLY D 227 -61.17 46.65 -17.83
C GLY D 227 -60.37 47.78 -17.21
N THR D 228 -60.79 48.21 -16.02
CA THR D 228 -60.07 49.19 -15.23
C THR D 228 -60.06 48.73 -13.79
N ASP D 229 -58.87 48.52 -13.23
CA ASP D 229 -58.72 48.11 -11.84
C ASP D 229 -59.09 49.27 -10.92
N VAL D 230 -59.07 48.99 -9.61
CA VAL D 230 -59.49 49.99 -8.63
C VAL D 230 -58.57 51.20 -8.72
N ALA D 231 -59.18 52.39 -8.80
CA ALA D 231 -58.44 53.63 -8.91
C ALA D 231 -59.18 54.73 -8.14
N ILE D 232 -58.44 55.79 -7.82
CA ILE D 232 -58.97 56.94 -7.11
C ILE D 232 -59.06 58.10 -8.09
N GLY D 233 -60.26 58.66 -8.26
CA GLY D 233 -60.50 59.77 -9.13
C GLY D 233 -61.02 60.98 -8.38
N TYR D 234 -61.04 62.11 -9.07
CA TYR D 234 -61.47 63.39 -8.52
C TYR D 234 -62.75 63.85 -9.19
N ALA D 235 -63.70 64.32 -8.39
CA ALA D 235 -64.99 64.81 -8.87
C ALA D 235 -65.10 66.31 -8.72
N SER D 236 -65.16 66.82 -7.48
CA SER D 236 -65.30 68.24 -7.24
C SER D 236 -64.70 68.57 -5.89
N HIS D 237 -64.62 69.86 -5.59
CA HIS D 237 -64.08 70.33 -4.32
C HIS D 237 -64.52 71.76 -4.06
N ASP D 238 -64.57 72.12 -2.78
CA ASP D 238 -64.78 73.51 -2.39
C ASP D 238 -63.62 73.96 -1.51
N THR D 239 -63.85 74.99 -0.69
CA THR D 239 -62.80 75.47 0.20
C THR D 239 -62.67 74.63 1.47
N ASP D 240 -63.56 73.67 1.69
CA ASP D 240 -63.55 72.88 2.91
C ASP D 240 -63.48 71.39 2.68
N THR D 241 -64.00 70.88 1.57
CA THR D 241 -64.04 69.44 1.33
C THR D 241 -63.63 69.13 -0.10
N VAL D 242 -63.21 67.89 -0.32
CA VAL D 242 -62.88 67.38 -1.64
C VAL D 242 -63.68 66.10 -1.86
N ARG D 243 -64.35 65.99 -3.01
CA ARG D 243 -65.15 64.83 -3.35
C ARG D 243 -64.35 63.95 -4.30
N LEU D 244 -63.88 62.81 -3.80
CA LEU D 244 -63.18 61.82 -4.60
C LEU D 244 -64.07 60.59 -4.78
N TYR D 245 -63.54 59.57 -5.43
CA TYR D 245 -64.33 58.38 -5.69
C TYR D 245 -63.42 57.20 -5.97
N LEU D 246 -63.89 56.01 -5.64
CA LEU D 246 -63.24 54.77 -6.01
C LEU D 246 -63.95 54.20 -7.23
N GLN D 247 -63.20 53.94 -8.29
CA GLN D 247 -63.77 53.50 -9.56
C GLN D 247 -63.17 52.18 -9.99
N GLU D 248 -63.99 51.38 -10.68
CA GLU D 248 -63.59 50.06 -11.16
C GLU D 248 -64.56 49.66 -12.27
N THR D 249 -64.01 49.10 -13.34
CA THR D 249 -64.81 48.63 -14.47
C THR D 249 -64.47 47.18 -14.74
N LEU D 250 -65.45 46.29 -14.57
CA LEU D 250 -65.19 44.86 -14.63
C LEU D 250 -66.48 44.12 -14.96
N THR D 251 -66.34 42.80 -15.14
CA THR D 251 -67.47 41.88 -15.20
C THR D 251 -66.97 40.53 -14.72
N PHE D 252 -67.91 39.66 -14.36
CA PHE D 252 -67.57 38.33 -13.89
C PHE D 252 -68.24 37.28 -14.77
N LEU D 253 -67.54 36.16 -14.97
CA LEU D 253 -68.02 35.06 -15.78
C LEU D 253 -67.70 33.74 -15.07
N CYS D 254 -68.68 32.84 -15.04
CA CYS D 254 -68.52 31.52 -14.45
C CYS D 254 -68.62 30.49 -15.56
N TYR D 255 -67.50 29.82 -15.85
CA TYR D 255 -67.44 28.90 -16.99
C TYR D 255 -67.75 27.45 -16.61
N THR D 256 -67.57 27.06 -15.36
CA THR D 256 -67.77 25.69 -14.92
C THR D 256 -68.78 25.69 -13.79
N ALA D 257 -69.94 25.08 -14.02
CA ALA D 257 -71.00 25.06 -13.01
C ALA D 257 -70.66 24.11 -11.87
N GLU D 258 -70.09 22.95 -12.18
CA GLU D 258 -69.81 21.94 -11.16
C GLU D 258 -68.54 22.23 -10.36
N ALA D 259 -67.88 23.36 -10.60
CA ALA D 259 -66.63 23.67 -9.92
C ALA D 259 -66.83 24.33 -8.56
N SER D 260 -68.07 24.47 -8.09
CA SER D 260 -68.34 25.15 -6.84
C SER D 260 -69.51 24.49 -6.12
N VAL D 261 -69.51 24.63 -4.80
CA VAL D 261 -70.60 24.15 -3.94
C VAL D 261 -70.96 25.28 -2.98
N ALA D 262 -72.21 25.73 -3.03
CA ALA D 262 -72.66 26.82 -2.20
C ALA D 262 -73.25 26.30 -0.89
N LEU D 263 -73.07 27.07 0.17
CA LEU D 263 -73.59 26.72 1.49
C LEU D 263 -74.26 27.93 2.11
N SER D 264 -75.37 27.69 2.81
CA SER D 264 -76.14 28.75 3.45
C SER D 264 -76.68 28.24 4.77
N HIS D 265 -77.50 29.06 5.43
CA HIS D 265 -78.15 28.70 6.68
C HIS D 265 -79.57 28.21 6.40
N LYS D 266 -80.25 27.81 7.47
CA LYS D 266 -81.63 27.33 7.36
C LYS D 266 -82.61 28.43 7.75
N MET E 1 -18.71 65.82 30.70
CA MET E 1 -19.81 64.91 31.02
C MET E 1 -21.11 65.36 30.37
N ASN E 2 -22.17 64.63 30.65
CA ASN E 2 -23.52 64.99 30.24
C ASN E 2 -24.37 65.19 31.49
N ASN E 3 -25.69 65.34 31.29
CA ASN E 3 -26.58 65.55 32.42
C ASN E 3 -26.65 64.36 33.37
N LEU E 4 -26.15 63.19 32.96
CA LEU E 4 -26.15 62.03 33.84
C LEU E 4 -25.07 62.12 34.91
N TYR E 5 -23.96 62.79 34.61
CA TYR E 5 -22.84 62.96 35.54
C TYR E 5 -22.36 61.61 36.09
N ARG E 6 -22.28 60.62 35.18
CA ARG E 6 -21.86 59.28 35.57
C ARG E 6 -20.43 59.25 36.08
N ASP E 7 -19.56 60.12 35.56
CA ASP E 7 -18.17 60.13 35.96
C ASP E 7 -17.97 60.54 37.41
N LEU E 8 -18.95 61.20 38.01
CA LEU E 8 -18.86 61.65 39.39
C LEU E 8 -19.32 60.58 40.39
N ALA E 9 -19.87 59.48 39.91
CA ALA E 9 -20.39 58.45 40.78
C ALA E 9 -19.27 57.53 41.26
N PRO E 10 -19.20 57.23 42.56
CA PRO E 10 -18.21 56.24 43.06
C PRO E 10 -18.64 54.82 42.75
N VAL E 11 -18.58 54.47 41.47
CA VAL E 11 -18.97 53.16 40.98
C VAL E 11 -17.85 52.60 40.12
N THR E 12 -17.41 51.39 40.43
CA THR E 12 -16.33 50.76 39.67
C THR E 12 -16.77 50.47 38.24
N GLU E 13 -15.79 50.41 37.33
CA GLU E 13 -16.07 50.01 35.96
C GLU E 13 -16.72 48.63 35.91
N ALA E 14 -16.23 47.70 36.74
CA ALA E 14 -16.84 46.38 36.81
C ALA E 14 -18.26 46.45 37.33
N ALA E 15 -18.50 47.28 38.35
CA ALA E 15 -19.84 47.43 38.87
C ALA E 15 -20.77 48.07 37.84
N TRP E 16 -20.27 49.05 37.10
CA TRP E 16 -21.07 49.67 36.04
C TRP E 16 -21.55 48.62 35.04
N ALA E 17 -20.70 47.66 34.71
CA ALA E 17 -21.09 46.63 33.74
C ALA E 17 -22.22 45.78 34.27
N GLU E 18 -22.13 45.34 35.53
CA GLU E 18 -23.18 44.52 36.10
C GLU E 18 -24.46 45.30 36.31
N ILE E 19 -24.35 46.57 36.74
CA ILE E 19 -25.55 47.39 36.93
C ILE E 19 -26.27 47.60 35.61
N GLU E 20 -25.51 47.90 34.54
CA GLU E 20 -26.12 48.11 33.24
C GLU E 20 -26.67 46.81 32.67
N LEU E 21 -25.96 45.70 32.86
CA LEU E 21 -26.44 44.41 32.39
C LEU E 21 -27.74 44.03 33.07
N GLU E 22 -27.81 44.21 34.40
CA GLU E 22 -29.00 43.84 35.14
C GLU E 22 -30.19 44.72 34.75
N ALA E 23 -29.96 46.04 34.67
CA ALA E 23 -31.04 46.95 34.30
C ALA E 23 -31.56 46.69 32.90
N ALA E 24 -30.65 46.35 31.98
CA ALA E 24 -31.07 46.16 30.58
C ALA E 24 -31.97 44.94 30.44
N ARG E 25 -31.55 43.80 30.96
CA ARG E 25 -32.33 42.58 30.75
C ARG E 25 -33.61 42.59 31.58
N THR E 26 -33.61 43.27 32.73
CA THR E 26 -34.81 43.35 33.55
C THR E 26 -35.89 44.21 32.90
N PHE E 27 -35.49 45.36 32.34
CA PHE E 27 -36.46 46.20 31.65
C PHE E 27 -37.09 45.46 30.48
N LYS E 28 -36.30 44.67 29.74
CA LYS E 28 -36.85 43.97 28.57
C LYS E 28 -37.87 42.91 28.94
N ARG E 29 -37.74 42.31 30.13
CA ARG E 29 -38.64 41.23 30.52
C ARG E 29 -40.03 41.79 30.80
N HIS E 30 -40.07 42.97 31.42
CA HIS E 30 -41.31 43.60 31.80
C HIS E 30 -41.93 44.42 30.68
N ILE E 31 -41.14 44.79 29.67
CA ILE E 31 -41.62 45.66 28.62
C ILE E 31 -42.33 44.81 27.58
N ALA E 32 -43.41 45.35 27.02
CA ALA E 32 -44.13 44.60 26.02
C ALA E 32 -44.73 45.43 24.90
N GLY E 33 -44.44 46.71 24.83
CA GLY E 33 -45.09 47.55 23.86
C GLY E 33 -44.09 47.76 22.76
N ARG E 34 -42.81 47.79 23.16
CA ARG E 34 -41.69 47.92 22.25
C ARG E 34 -41.59 46.73 21.31
N ARG E 35 -42.44 45.71 21.50
CA ARG E 35 -42.49 44.55 20.62
C ARG E 35 -43.65 44.61 19.65
N VAL E 36 -44.56 45.57 19.82
CA VAL E 36 -45.70 45.74 18.92
C VAL E 36 -45.81 47.15 18.37
N VAL E 37 -45.24 48.16 19.02
CA VAL E 37 -45.35 49.53 18.55
C VAL E 37 -44.09 49.87 17.75
N ASP E 38 -44.15 50.98 17.02
CA ASP E 38 -43.01 51.47 16.27
C ASP E 38 -42.18 52.36 17.19
N VAL E 39 -41.03 51.87 17.61
CA VAL E 39 -40.15 52.61 18.52
C VAL E 39 -39.15 53.38 17.68
N SER E 40 -39.12 54.70 17.86
CA SER E 40 -38.28 55.56 17.04
C SER E 40 -36.84 55.54 17.53
N ASP E 41 -35.95 56.10 16.73
CA ASP E 41 -34.57 56.29 17.11
C ASP E 41 -34.47 57.45 18.09
N PRO E 42 -33.56 57.39 19.08
CA PRO E 42 -33.45 58.50 20.04
C PRO E 42 -33.13 59.81 19.35
N GLY E 43 -34.04 60.78 19.51
CA GLY E 43 -33.92 62.07 18.88
C GLY E 43 -32.93 63.02 19.51
N GLY E 44 -32.44 62.72 20.71
CA GLY E 44 -31.50 63.57 21.39
C GLY E 44 -32.12 64.29 22.57
N PRO E 45 -31.28 64.83 23.46
CA PRO E 45 -31.80 65.53 24.64
C PRO E 45 -32.53 66.82 24.31
N VAL E 46 -32.34 67.37 23.12
CA VAL E 46 -33.03 68.59 22.73
C VAL E 46 -34.48 68.32 22.34
N THR E 47 -34.81 67.07 22.00
CA THR E 47 -36.17 66.75 21.58
C THR E 47 -37.17 67.05 22.70
N ALA E 48 -38.19 67.85 22.38
CA ALA E 48 -39.19 68.25 23.37
C ALA E 48 -40.64 68.10 22.91
N ALA E 49 -40.90 67.90 21.61
CA ALA E 49 -42.26 67.78 21.15
C ALA E 49 -42.28 66.99 19.85
N VAL E 50 -43.46 66.44 19.54
CA VAL E 50 -43.70 65.70 18.31
C VAL E 50 -44.80 66.40 17.56
N SER E 51 -44.52 66.79 16.32
CA SER E 51 -45.49 67.53 15.52
C SER E 51 -46.65 66.62 15.15
N THR E 52 -47.86 67.02 15.53
CA THR E 52 -49.07 66.34 15.12
C THR E 52 -49.65 66.89 13.81
N GLY E 53 -49.00 67.90 13.22
CA GLY E 53 -49.40 68.44 11.95
C GLY E 53 -50.68 69.24 11.95
N ARG E 54 -51.38 69.30 13.07
CA ARG E 54 -52.68 69.94 13.14
C ARG E 54 -52.54 71.39 13.60
N LEU E 55 -53.55 72.19 13.30
CA LEU E 55 -53.57 73.60 13.65
C LEU E 55 -54.54 73.85 14.79
N ILE E 56 -54.26 74.89 15.56
CA ILE E 56 -55.07 75.28 16.70
C ILE E 56 -55.46 76.74 16.53
N ASP E 57 -56.77 77.01 16.50
CA ASP E 57 -57.25 78.37 16.36
C ASP E 57 -56.77 79.25 17.51
N VAL E 58 -56.32 80.45 17.17
CA VAL E 58 -55.80 81.40 18.14
C VAL E 58 -56.20 82.80 17.70
N LYS E 59 -56.23 83.73 18.65
CA LYS E 59 -56.64 85.10 18.35
C LYS E 59 -55.69 85.73 17.34
N ALA E 60 -56.27 86.35 16.31
CA ALA E 60 -55.47 86.95 15.25
C ALA E 60 -54.71 88.17 15.80
N PRO E 61 -53.53 88.45 15.23
CA PRO E 61 -52.79 89.65 15.68
C PRO E 61 -53.47 90.95 15.31
N THR E 62 -53.95 91.07 14.07
CA THR E 62 -54.69 92.23 13.60
C THR E 62 -55.72 91.76 12.59
N ASN E 63 -56.52 92.70 12.10
CA ASN E 63 -57.52 92.38 11.09
C ASN E 63 -56.83 92.06 9.76
N GLY E 64 -57.35 91.07 9.05
CA GLY E 64 -56.78 90.64 7.80
C GLY E 64 -55.75 89.54 7.93
N VAL E 65 -55.45 89.09 9.15
CA VAL E 65 -54.49 88.02 9.39
C VAL E 65 -55.23 86.84 10.00
N ILE E 66 -54.96 85.64 9.50
CA ILE E 66 -55.56 84.41 10.01
C ILE E 66 -54.45 83.64 10.71
N ALA E 67 -54.53 83.57 12.04
CA ALA E 67 -53.48 82.97 12.85
C ALA E 67 -53.92 81.61 13.38
N HIS E 68 -52.99 80.65 13.35
CA HIS E 68 -53.20 79.31 13.88
C HIS E 68 -51.93 78.87 14.57
N LEU E 69 -52.08 78.20 15.72
CA LEU E 69 -50.95 77.64 16.43
C LEU E 69 -50.69 76.21 15.97
N ARG E 70 -49.42 75.87 15.79
CA ARG E 70 -49.04 74.52 15.38
C ARG E 70 -49.15 73.57 16.57
N ALA E 71 -49.89 72.49 16.38
CA ALA E 71 -50.13 71.53 17.45
C ALA E 71 -48.96 70.56 17.58
N SER E 72 -48.67 70.17 18.82
CA SER E 72 -47.58 69.26 19.10
C SER E 72 -47.88 68.53 20.40
N LYS E 73 -47.25 67.35 20.55
CA LYS E 73 -47.39 66.53 21.74
C LYS E 73 -46.11 66.61 22.55
N PRO E 74 -46.16 67.00 23.82
CA PRO E 74 -44.93 67.16 24.59
C PRO E 74 -44.33 65.82 25.01
N LEU E 75 -43.02 65.82 25.17
CA LEU E 75 -42.30 64.66 25.68
C LEU E 75 -42.23 64.75 27.20
N VAL E 76 -42.29 63.60 27.85
CA VAL E 76 -42.21 63.50 29.30
C VAL E 76 -40.93 62.76 29.67
N ARG E 77 -40.24 63.26 30.69
CA ARG E 77 -39.03 62.63 31.20
C ARG E 77 -39.39 61.82 32.44
N LEU E 78 -39.21 60.51 32.37
CA LEU E 78 -39.48 59.61 33.48
C LEU E 78 -38.17 59.27 34.17
N ARG E 79 -38.16 59.42 35.49
CA ARG E 79 -36.93 59.28 36.27
C ARG E 79 -37.25 58.46 37.51
N VAL E 80 -36.69 57.25 37.58
CA VAL E 80 -36.95 56.34 38.70
C VAL E 80 -35.69 56.23 39.53
N PRO E 81 -35.59 56.93 40.66
CA PRO E 81 -34.37 56.87 41.46
C PRO E 81 -34.27 55.55 42.22
N PHE E 82 -33.03 55.16 42.50
CA PHE E 82 -32.76 54.00 43.34
C PHE E 82 -31.43 54.20 44.04
N THR E 83 -31.26 53.49 45.15
CA THR E 83 -30.07 53.63 45.99
C THR E 83 -29.36 52.29 46.11
N LEU E 84 -28.05 52.30 45.90
CA LEU E 84 -27.23 51.10 45.99
C LEU E 84 -26.22 51.26 47.12
N SER E 85 -25.86 50.13 47.72
CA SER E 85 -24.85 50.10 48.77
C SER E 85 -23.46 50.15 48.16
N ARG E 86 -22.62 51.07 48.66
CA ARG E 86 -21.26 51.17 48.17
C ARG E 86 -20.45 49.92 48.50
N ASN E 87 -20.84 49.18 49.55
CA ASN E 87 -20.20 47.91 49.84
C ASN E 87 -20.48 46.89 48.75
N GLU E 88 -21.73 46.81 48.29
CA GLU E 88 -22.08 45.91 47.20
C GLU E 88 -21.41 46.33 45.89
N ILE E 89 -21.22 47.63 45.69
CA ILE E 89 -20.55 48.12 44.49
C ILE E 89 -19.07 47.77 44.52
N ASP E 90 -18.41 48.01 45.66
CA ASP E 90 -16.99 47.71 45.77
C ASP E 90 -16.72 46.20 45.79
N ASP E 91 -17.72 45.39 46.12
CA ASP E 91 -17.54 43.94 46.12
C ASP E 91 -17.34 43.37 44.72
N VAL E 92 -17.86 44.06 43.69
CA VAL E 92 -17.80 43.53 42.33
C VAL E 92 -16.35 43.35 41.89
N GLU E 93 -15.52 44.37 42.11
CA GLU E 93 -14.12 44.29 41.71
C GLU E 93 -13.39 43.17 42.46
N ARG E 94 -13.82 42.86 43.68
CA ARG E 94 -13.20 41.79 44.45
C ARG E 94 -13.68 40.41 44.03
N GLY E 95 -14.58 40.32 43.06
CA GLY E 95 -15.02 39.04 42.55
C GLY E 95 -16.40 38.60 43.00
N SER E 96 -17.24 39.51 43.50
CA SER E 96 -18.55 39.15 43.99
C SER E 96 -19.56 39.18 42.85
N LYS E 97 -20.30 38.08 42.69
CA LYS E 97 -21.39 37.99 41.72
C LYS E 97 -22.75 37.97 42.38
N ASP E 98 -22.82 38.09 43.70
CA ASP E 98 -24.06 38.08 44.46
C ASP E 98 -24.39 39.46 45.00
N SER E 99 -23.95 40.50 44.31
CA SER E 99 -24.25 41.86 44.72
C SER E 99 -25.74 42.16 44.56
N ASP E 100 -26.27 42.94 45.49
CA ASP E 100 -27.70 43.21 45.54
C ASP E 100 -28.04 44.27 44.50
N TRP E 101 -28.52 43.84 43.33
CA TRP E 101 -28.98 44.78 42.31
C TRP E 101 -30.50 44.88 42.29
N GLU E 102 -31.16 44.47 43.38
CA GLU E 102 -32.62 44.60 43.45
C GLU E 102 -33.10 46.04 43.34
N PRO E 103 -32.45 47.04 43.97
CA PRO E 103 -32.88 48.43 43.70
C PRO E 103 -32.84 48.78 42.23
N VAL E 104 -31.85 48.27 41.50
CA VAL E 104 -31.81 48.47 40.06
C VAL E 104 -32.95 47.75 39.38
N LYS E 105 -33.21 46.50 39.79
CA LYS E 105 -34.27 45.71 39.18
C LYS E 105 -35.64 46.29 39.49
N GLU E 106 -35.83 46.79 40.71
CA GLU E 106 -37.12 47.38 41.06
C GLU E 106 -37.37 48.65 40.27
N ALA E 107 -36.33 49.45 40.05
CA ALA E 107 -36.47 50.65 39.24
C ALA E 107 -36.76 50.31 37.78
N ALA E 108 -36.14 49.24 37.27
CA ALA E 108 -36.42 48.82 35.89
C ALA E 108 -37.85 48.35 35.74
N LYS E 109 -38.36 47.59 36.72
CA LYS E 109 -39.75 47.15 36.67
C LYS E 109 -40.70 48.34 36.73
N LYS E 110 -40.35 49.35 37.52
CA LYS E 110 -41.21 50.53 37.63
C LYS E 110 -41.21 51.33 36.34
N LEU E 111 -40.03 51.57 35.76
CA LEU E 111 -39.95 52.33 34.51
C LEU E 111 -40.62 51.59 33.36
N ALA E 112 -40.44 50.27 33.30
CA ALA E 112 -41.10 49.48 32.26
C ALA E 112 -42.61 49.50 32.42
N PHE E 113 -43.10 49.39 33.66
CA PHE E 113 -44.54 49.40 33.89
C PHE E 113 -45.14 50.76 33.57
N VAL E 114 -44.44 51.84 33.94
CA VAL E 114 -44.93 53.19 33.63
C VAL E 114 -45.02 53.38 32.12
N GLU E 115 -44.03 52.86 31.38
CA GLU E 115 -44.04 53.03 29.93
C GLU E 115 -45.18 52.23 29.30
N ASP E 116 -45.34 50.97 29.70
CA ASP E 116 -46.39 50.14 29.12
C ASP E 116 -47.77 50.66 29.48
N ARG E 117 -47.97 51.06 30.74
CA ARG E 117 -49.25 51.65 31.13
C ARG E 117 -49.49 52.95 30.37
N THR E 118 -48.45 53.75 30.15
CA THR E 118 -48.59 54.97 29.37
C THR E 118 -48.99 54.66 27.94
N ILE E 119 -48.40 53.61 27.36
CA ILE E 119 -48.70 53.25 25.97
C ILE E 119 -50.13 52.71 25.85
N PHE E 120 -50.52 51.82 26.76
CA PHE E 120 -51.78 51.10 26.63
C PHE E 120 -52.93 51.71 27.43
N GLU E 121 -52.66 52.22 28.63
CA GLU E 121 -53.72 52.78 29.46
C GLU E 121 -53.76 54.30 29.45
N GLY E 122 -52.63 54.95 29.22
CA GLY E 122 -52.60 56.40 29.07
C GLY E 122 -51.84 57.08 30.19
N TYR E 123 -51.63 58.38 29.98
CA TYR E 123 -50.94 59.25 30.93
C TYR E 123 -51.49 60.66 30.71
N SER E 124 -52.61 60.95 31.39
CA SER E 124 -53.33 62.19 31.13
C SER E 124 -52.48 63.42 31.47
N ALA E 125 -51.58 63.29 32.44
CA ALA E 125 -50.74 64.42 32.82
C ALA E 125 -49.78 64.82 31.70
N ALA E 126 -49.45 63.88 30.81
CA ALA E 126 -48.56 64.14 29.70
C ALA E 126 -49.29 64.21 28.36
N SER E 127 -50.61 64.37 28.39
CA SER E 127 -51.45 64.45 27.18
C SER E 127 -51.31 63.18 26.32
N ILE E 128 -51.16 62.04 26.99
CA ILE E 128 -51.02 60.75 26.34
C ILE E 128 -52.30 59.97 26.61
N GLU E 129 -53.09 59.74 25.56
CA GLU E 129 -54.38 59.09 25.72
C GLU E 129 -54.25 57.59 25.95
N GLY E 130 -53.49 56.90 25.12
CA GLY E 130 -53.30 55.47 25.27
C GLY E 130 -54.06 54.69 24.21
N ILE E 131 -53.63 53.44 24.03
CA ILE E 131 -54.27 52.57 23.04
C ILE E 131 -55.69 52.20 23.46
N ARG E 132 -55.91 51.93 24.75
CA ARG E 132 -57.24 51.50 25.18
C ARG E 132 -58.29 52.60 25.01
N SER E 133 -57.94 53.84 25.34
CA SER E 133 -58.92 54.92 25.25
C SER E 133 -59.21 55.31 23.81
N ALA E 134 -58.22 55.22 22.93
CA ALA E 134 -58.37 55.62 21.54
C ALA E 134 -58.94 54.51 20.66
N SER E 135 -59.08 53.30 21.18
CA SER E 135 -59.54 52.16 20.38
C SER E 135 -61.00 52.36 20.00
N SER E 136 -61.25 52.63 18.71
CA SER E 136 -62.61 52.78 18.21
C SER E 136 -63.34 51.45 18.08
N ASN E 137 -62.64 50.32 18.15
CA ASN E 137 -63.29 49.03 18.03
C ASN E 137 -64.01 48.67 19.33
N PRO E 138 -65.10 47.90 19.22
CA PRO E 138 -65.86 47.51 20.42
C PRO E 138 -65.03 46.68 21.37
N ALA E 139 -64.88 47.17 22.60
CA ALA E 139 -64.14 46.44 23.62
C ALA E 139 -64.89 45.17 24.00
N LEU E 140 -64.14 44.18 24.47
CA LEU E 140 -64.69 42.88 24.82
C LEU E 140 -64.37 42.57 26.29
N THR E 141 -65.14 41.63 26.84
CA THR E 141 -64.98 41.20 28.22
C THR E 141 -64.35 39.81 28.24
N LEU E 142 -63.31 39.66 29.04
CA LEU E 142 -62.68 38.36 29.19
C LEU E 142 -63.65 37.40 29.87
N PRO E 143 -63.81 36.18 29.37
CA PRO E 143 -64.79 35.27 29.97
C PRO E 143 -64.33 34.78 31.32
N GLU E 144 -65.32 34.33 32.11
CA GLU E 144 -64.99 33.75 33.41
C GLU E 144 -64.37 32.37 33.24
N ASP E 145 -64.85 31.60 32.26
CA ASP E 145 -64.26 30.33 31.91
C ASP E 145 -63.08 30.58 30.98
N PRO E 146 -61.85 30.32 31.41
CA PRO E 146 -60.69 30.56 30.52
C PRO E 146 -60.71 29.73 29.27
N ARG E 147 -61.50 28.65 29.25
CA ARG E 147 -61.63 27.80 28.09
C ARG E 147 -62.39 28.46 26.94
N GLU E 148 -62.98 29.63 27.18
CA GLU E 148 -63.63 30.42 26.15
C GLU E 148 -62.78 31.60 25.68
N ILE E 149 -61.52 31.68 26.11
CA ILE E 149 -60.65 32.75 25.63
C ILE E 149 -60.48 32.73 24.12
N PRO E 150 -60.29 31.58 23.46
CA PRO E 150 -60.24 31.60 21.99
C PRO E 150 -61.48 32.21 21.35
N ASP E 151 -62.65 32.09 21.99
CA ASP E 151 -63.86 32.69 21.44
C ASP E 151 -63.78 34.20 21.44
N VAL E 152 -63.34 34.79 22.57
CA VAL E 152 -63.31 36.23 22.68
C VAL E 152 -62.20 36.83 21.83
N ILE E 153 -61.08 36.11 21.68
CA ILE E 153 -59.99 36.58 20.83
C ILE E 153 -60.42 36.55 19.36
N SER E 154 -61.17 35.52 18.95
CA SER E 154 -61.64 35.44 17.57
C SER E 154 -62.54 36.63 17.23
N GLN E 155 -63.39 37.04 18.17
CA GLN E 155 -64.23 38.22 17.93
C GLN E 155 -63.38 39.48 17.82
N ALA E 156 -62.30 39.57 18.61
CA ALA E 156 -61.40 40.71 18.52
C ALA E 156 -60.70 40.73 17.17
N LEU E 157 -60.22 39.58 16.70
CA LEU E 157 -59.58 39.51 15.39
C LEU E 157 -60.53 39.92 14.28
N SER E 158 -61.78 39.45 14.34
CA SER E 158 -62.76 39.79 13.32
C SER E 158 -63.07 41.28 13.32
N GLU E 159 -63.06 41.92 14.50
CA GLU E 159 -63.26 43.36 14.55
C GLU E 159 -62.17 44.10 13.80
N LEU E 160 -60.91 43.66 13.94
CA LEU E 160 -59.82 44.25 13.19
C LEU E 160 -59.97 43.99 11.70
N ARG E 161 -60.33 42.76 11.33
CA ARG E 161 -60.49 42.43 9.92
C ARG E 161 -61.66 43.20 9.30
N LEU E 162 -62.74 43.39 10.06
CA LEU E 162 -63.90 44.12 9.57
C LEU E 162 -63.68 45.62 9.52
N ALA E 163 -62.61 46.12 10.11
CA ALA E 163 -62.28 47.54 10.07
C ALA E 163 -61.24 47.86 9.01
N GLY E 164 -60.95 46.92 8.12
CA GLY E 164 -59.95 47.13 7.09
C GLY E 164 -58.52 47.10 7.58
N VAL E 165 -58.30 46.67 8.81
CA VAL E 165 -56.97 46.63 9.39
C VAL E 165 -56.32 45.30 9.03
N ASP E 166 -55.09 45.36 8.52
CA ASP E 166 -54.37 44.21 8.03
C ASP E 166 -53.15 43.97 8.92
N GLY E 167 -52.11 43.37 8.36
CA GLY E 167 -50.86 43.20 9.06
C GLY E 167 -50.90 42.03 10.02
N PRO E 168 -49.72 41.53 10.41
CA PRO E 168 -49.68 40.47 11.42
C PRO E 168 -50.32 40.94 12.71
N TYR E 169 -51.34 40.20 13.15
CA TYR E 169 -52.05 40.53 14.37
C TYR E 169 -51.33 39.89 15.55
N SER E 170 -51.20 40.65 16.64
CA SER E 170 -50.56 40.17 17.85
C SER E 170 -51.52 40.36 19.02
N VAL E 171 -51.32 39.55 20.05
CA VAL E 171 -52.19 39.54 21.23
C VAL E 171 -51.31 39.76 22.45
N LEU E 172 -51.58 40.83 23.19
CA LEU E 172 -50.87 41.12 24.43
C LEU E 172 -51.76 40.76 25.61
N LEU E 173 -51.25 39.90 26.49
CA LEU E 173 -52.00 39.40 27.63
C LEU E 173 -51.38 39.94 28.92
N SER E 174 -52.24 40.28 29.88
CA SER E 174 -51.75 40.70 31.18
C SER E 174 -51.11 39.51 31.91
N ALA E 175 -50.46 39.83 33.03
CA ALA E 175 -49.75 38.79 33.78
C ALA E 175 -50.71 37.69 34.24
N ASP E 176 -51.90 38.08 34.70
CA ASP E 176 -52.87 37.08 35.17
C ASP E 176 -53.45 36.30 33.99
N VAL E 177 -53.81 36.98 32.90
CA VAL E 177 -54.43 36.31 31.77
C VAL E 177 -53.41 35.43 31.06
N TYR E 178 -52.15 35.88 30.97
CA TYR E 178 -51.12 35.07 30.31
C TYR E 178 -50.89 33.77 31.06
N THR E 179 -50.79 33.84 32.39
CA THR E 179 -50.62 32.62 33.18
C THR E 179 -51.83 31.71 33.04
N LYS E 180 -53.03 32.31 32.96
CA LYS E 180 -54.24 31.52 32.79
C LYS E 180 -54.26 30.80 31.44
N VAL E 181 -53.88 31.50 30.38
CA VAL E 181 -53.83 30.89 29.05
C VAL E 181 -52.80 29.79 28.99
N SER E 182 -51.69 29.94 29.72
CA SER E 182 -50.63 28.94 29.67
C SER E 182 -51.02 27.65 30.37
N GLU E 183 -51.86 27.72 31.40
CA GLU E 183 -52.24 26.55 32.17
C GLU E 183 -53.56 25.93 31.75
N THR E 184 -54.46 26.71 31.19
CA THR E 184 -55.81 26.22 30.89
C THR E 184 -55.78 25.24 29.72
N SER E 185 -56.52 24.13 29.87
CA SER E 185 -56.66 23.13 28.82
C SER E 185 -58.12 22.74 28.73
N ASP E 186 -58.71 22.90 27.55
CA ASP E 186 -60.09 22.51 27.29
C ASP E 186 -60.10 21.04 26.88
N HIS E 187 -60.61 20.18 27.76
CA HIS E 187 -60.60 18.73 27.54
C HIS E 187 -59.20 18.22 27.24
N GLY E 188 -58.21 18.72 27.99
CA GLY E 188 -56.84 18.33 27.82
C GLY E 188 -56.08 19.07 26.74
N TYR E 189 -56.76 19.60 25.74
CA TYR E 189 -56.10 20.37 24.69
C TYR E 189 -55.74 21.75 25.21
N PRO E 190 -54.46 22.12 25.27
CA PRO E 190 -54.09 23.43 25.79
C PRO E 190 -54.64 24.54 24.92
N ILE E 191 -55.29 25.52 25.57
CA ILE E 191 -55.91 26.61 24.83
C ILE E 191 -54.87 27.52 24.20
N ARG E 192 -53.62 27.46 24.65
CA ARG E 192 -52.58 28.27 24.04
C ARG E 192 -52.25 27.78 22.63
N GLU E 193 -52.35 26.46 22.40
CA GLU E 193 -52.20 25.94 21.05
C GLU E 193 -53.30 26.47 20.14
N HIS E 194 -54.53 26.56 20.65
CA HIS E 194 -55.62 27.13 19.88
C HIS E 194 -55.35 28.60 19.54
N LEU E 195 -54.85 29.37 20.51
CA LEU E 195 -54.59 30.78 20.27
C LEU E 195 -53.41 30.99 19.30
N ASN E 196 -52.37 30.16 19.42
CA ASN E 196 -51.23 30.30 18.53
C ASN E 196 -51.62 30.05 17.08
N ARG E 197 -52.64 29.22 16.85
CA ARG E 197 -53.12 28.97 15.50
C ARG E 197 -54.04 30.07 14.98
N LEU E 198 -54.49 30.98 15.85
CA LEU E 198 -55.31 32.12 15.44
C LEU E 198 -54.50 33.39 15.24
N VAL E 199 -53.34 33.48 15.88
CA VAL E 199 -52.48 34.65 15.82
C VAL E 199 -51.32 34.36 14.88
N ASP E 200 -51.24 35.13 13.79
CA ASP E 200 -50.09 35.05 12.90
C ASP E 200 -48.88 35.78 13.47
N GLY E 201 -49.09 36.68 14.43
CA GLY E 201 -47.99 37.36 15.09
C GLY E 201 -47.54 36.62 16.33
N ASP E 202 -47.45 37.31 17.45
CA ASP E 202 -46.97 36.72 18.69
C ASP E 202 -47.97 36.97 19.81
N ILE E 203 -47.90 36.12 20.84
CA ILE E 203 -48.65 36.30 22.08
C ILE E 203 -47.65 36.81 23.12
N ILE E 204 -47.78 38.08 23.48
CA ILE E 204 -46.77 38.79 24.25
C ILE E 204 -47.15 38.80 25.73
N TRP E 205 -46.16 38.52 26.58
CA TRP E 205 -46.31 38.62 28.03
C TRP E 205 -46.22 40.09 28.43
N ALA E 206 -47.36 40.66 28.85
CA ALA E 206 -47.46 42.07 29.18
C ALA E 206 -47.91 42.20 30.64
N PRO E 207 -46.97 42.10 31.58
CA PRO E 207 -47.36 42.10 33.00
C PRO E 207 -47.81 43.46 33.52
N ALA E 208 -47.43 44.55 32.86
CA ALA E 208 -47.78 45.89 33.34
C ALA E 208 -49.23 46.24 33.11
N ILE E 209 -49.85 45.72 32.05
CA ILE E 209 -51.22 46.07 31.70
C ILE E 209 -52.20 45.18 32.43
N ASP E 210 -53.48 45.56 32.40
CA ASP E 210 -54.58 44.74 32.89
C ASP E 210 -55.45 44.34 31.71
N GLY E 211 -55.98 43.13 31.75
CA GLY E 211 -56.84 42.66 30.68
C GLY E 211 -56.03 42.12 29.52
N ALA E 212 -56.38 42.55 28.31
CA ALA E 212 -55.70 42.07 27.12
C ALA E 212 -55.91 43.06 25.99
N PHE E 213 -55.05 42.96 24.98
CA PHE E 213 -55.14 43.78 23.78
C PHE E 213 -54.90 42.92 22.55
N VAL E 214 -55.68 43.17 21.50
CA VAL E 214 -55.48 42.54 20.20
C VAL E 214 -55.30 43.66 19.20
N LEU E 215 -54.09 43.79 18.66
CA LEU E 215 -53.77 44.90 17.76
C LEU E 215 -52.96 44.35 16.59
N THR E 216 -52.67 45.23 15.63
CA THR E 216 -51.88 44.88 14.47
C THR E 216 -50.45 45.39 14.61
N THR E 217 -49.52 44.64 14.02
CA THR E 217 -48.11 45.02 13.98
C THR E 217 -47.67 45.36 12.56
N ARG E 218 -48.61 45.85 11.74
CA ARG E 218 -48.28 46.22 10.37
C ARG E 218 -47.35 47.43 10.32
N GLY E 219 -47.40 48.27 11.33
CA GLY E 219 -46.58 49.46 11.40
C GLY E 219 -47.35 50.71 11.02
N GLY E 220 -46.97 51.84 11.62
CA GLY E 220 -47.60 53.11 11.32
C GLY E 220 -48.83 53.43 12.12
N ASP E 221 -49.18 52.62 13.11
CA ASP E 221 -50.36 52.84 13.94
C ASP E 221 -50.02 53.27 15.36
N PHE E 222 -48.97 52.72 15.95
CA PHE E 222 -48.56 53.05 17.31
C PHE E 222 -47.11 53.51 17.28
N ASP E 223 -46.87 54.73 17.74
CA ASP E 223 -45.58 55.39 17.61
C ASP E 223 -45.06 55.75 19.00
N LEU E 224 -43.98 55.09 19.41
CA LEU E 224 -43.28 55.42 20.65
C LEU E 224 -42.11 56.32 20.30
N GLN E 225 -42.32 57.63 20.42
CA GLN E 225 -41.29 58.62 20.05
C GLN E 225 -40.31 58.77 21.20
N LEU E 226 -39.08 58.30 20.99
CA LEU E 226 -38.02 58.38 21.99
C LEU E 226 -37.19 59.64 21.77
N GLY E 227 -37.04 60.43 22.83
CA GLY E 227 -36.08 61.51 22.82
C GLY E 227 -34.78 61.08 23.47
N THR E 228 -34.89 60.41 24.61
CA THR E 228 -33.75 59.82 25.30
C THR E 228 -34.15 58.44 25.77
N ASP E 229 -33.44 57.42 25.29
CA ASP E 229 -33.71 56.05 25.68
C ASP E 229 -33.28 55.81 27.13
N VAL E 230 -33.56 54.61 27.63
CA VAL E 230 -33.28 54.30 29.03
C VAL E 230 -31.78 54.40 29.30
N ALA E 231 -31.42 55.13 30.36
CA ALA E 231 -30.03 55.33 30.73
C ALA E 231 -29.93 55.39 32.25
N ILE E 232 -28.72 55.17 32.76
CA ILE E 232 -28.43 55.21 34.18
C ILE E 232 -27.63 56.47 34.48
N GLY E 233 -28.15 57.30 35.39
CA GLY E 233 -27.49 58.53 35.77
C GLY E 233 -27.17 58.54 37.26
N TYR E 234 -26.37 59.53 37.65
CA TYR E 234 -25.90 59.68 39.02
C TYR E 234 -26.51 60.94 39.63
N ALA E 235 -26.98 60.82 40.87
CA ALA E 235 -27.60 61.94 41.58
C ALA E 235 -26.70 62.39 42.73
N SER E 236 -26.53 61.57 43.77
CA SER E 236 -25.71 61.93 44.91
C SER E 236 -25.17 60.66 45.55
N HIS E 237 -24.29 60.83 46.52
CA HIS E 237 -23.71 59.70 47.23
C HIS E 237 -23.10 60.18 48.53
N ASP E 238 -23.02 59.26 49.50
CA ASP E 238 -22.30 59.51 50.75
C ASP E 238 -21.24 58.44 50.94
N THR E 239 -20.82 58.21 52.19
CA THR E 239 -19.81 57.20 52.46
C THR E 239 -20.38 55.79 52.49
N ASP E 240 -21.70 55.63 52.41
CA ASP E 240 -22.32 54.32 52.52
C ASP E 240 -23.22 53.95 51.35
N THR E 241 -23.83 54.92 50.68
CA THR E 241 -24.79 54.64 49.62
C THR E 241 -24.54 55.56 48.44
N VAL E 242 -25.04 55.14 47.27
CA VAL E 242 -25.02 55.91 46.04
C VAL E 242 -26.45 55.98 45.51
N ARG E 243 -26.89 57.19 45.15
CA ARG E 243 -28.23 57.40 44.59
C ARG E 243 -28.10 57.54 43.08
N LEU E 244 -28.54 56.51 42.36
CA LEU E 244 -28.60 56.51 40.90
C LEU E 244 -30.07 56.57 40.47
N TYR E 245 -30.28 56.52 39.16
CA TYR E 245 -31.65 56.62 38.66
C TYR E 245 -31.71 56.08 37.25
N LEU E 246 -32.88 55.57 36.88
CA LEU E 246 -33.19 55.21 35.50
C LEU E 246 -34.00 56.34 34.88
N GLN E 247 -33.51 56.87 33.76
CA GLN E 247 -34.13 58.03 33.13
C GLN E 247 -34.51 57.71 31.70
N GLU E 248 -35.59 58.33 31.24
CA GLU E 248 -36.12 58.11 29.90
C GLU E 248 -37.01 59.28 29.54
N THR E 249 -36.88 59.77 28.31
CA THR E 249 -37.69 60.89 27.82
C THR E 249 -38.38 60.47 26.54
N LEU E 250 -39.70 60.42 26.57
CA LEU E 250 -40.45 59.86 25.44
C LEU E 250 -41.87 60.41 25.45
N THR E 251 -42.63 60.05 24.43
CA THR E 251 -44.06 60.26 24.37
C THR E 251 -44.64 59.18 23.46
N PHE E 252 -45.95 58.98 23.55
CA PHE E 252 -46.64 58.00 22.73
C PHE E 252 -47.74 58.66 21.91
N LEU E 253 -47.94 58.16 20.69
CA LEU E 253 -48.96 58.66 19.79
C LEU E 253 -49.66 57.49 19.13
N CYS E 254 -50.99 57.55 19.06
CA CYS E 254 -51.81 56.51 18.45
C CYS E 254 -52.48 57.11 17.22
N TYR E 255 -52.06 56.64 16.03
CA TYR E 255 -52.52 57.22 14.78
C TYR E 255 -53.74 56.53 14.19
N THR E 256 -53.98 55.26 14.53
CA THR E 256 -55.08 54.49 13.98
C THR E 256 -55.95 53.99 15.11
N ALA E 257 -57.20 54.47 15.18
CA ALA E 257 -58.09 54.08 16.26
C ALA E 257 -58.57 52.65 16.11
N GLU E 258 -58.88 52.24 14.89
CA GLU E 258 -59.42 50.90 14.61
C GLU E 258 -58.36 49.82 14.56
N ALA E 259 -57.09 50.15 14.83
CA ALA E 259 -56.01 49.17 14.74
C ALA E 259 -55.85 48.33 15.99
N SER E 260 -56.73 48.49 16.98
CA SER E 260 -56.59 47.77 18.25
C SER E 260 -57.96 47.42 18.79
N VAL E 261 -57.99 46.37 19.61
CA VAL E 261 -59.19 45.94 20.31
C VAL E 261 -58.81 45.70 21.76
N ALA E 262 -59.44 46.43 22.68
CA ALA E 262 -59.12 46.33 24.09
C ALA E 262 -60.01 45.30 24.77
N LEU E 263 -59.45 44.63 25.78
CA LEU E 263 -60.16 43.62 26.54
C LEU E 263 -59.92 43.87 28.02
N SER E 264 -60.96 43.73 28.83
CA SER E 264 -60.88 43.98 30.26
C SER E 264 -61.79 43.00 30.99
N HIS E 265 -61.97 43.23 32.29
CA HIS E 265 -62.98 42.54 33.08
C HIS E 265 -64.28 43.32 33.19
N LYS E 266 -64.30 44.56 32.72
CA LYS E 266 -65.54 45.34 32.72
C LYS E 266 -66.56 44.69 31.81
N LEU E 267 -67.75 44.42 32.37
CA LEU E 267 -68.74 43.63 31.65
C LEU E 267 -69.37 44.39 30.49
N ALA E 268 -69.52 45.70 30.62
CA ALA E 268 -70.09 46.51 29.55
C ALA E 268 -69.72 47.96 29.81
N ALA E 269 -69.93 48.79 28.79
CA ALA E 269 -69.73 50.22 28.95
C ALA E 269 -70.71 50.77 29.99
N ALA E 270 -70.22 51.72 30.81
CA ALA E 270 -70.97 52.27 31.94
C ALA E 270 -71.27 51.19 32.98
N ALA E 271 -70.34 50.25 33.16
CA ALA E 271 -70.46 49.19 34.17
C ALA E 271 -69.05 48.91 34.69
N LEU E 272 -68.67 49.65 35.73
CA LEU E 272 -67.35 49.50 36.36
C LEU E 272 -67.21 48.13 37.02
N MET F 1 3.78 10.18 38.79
CA MET F 1 2.33 10.05 38.90
C MET F 1 1.72 11.25 39.61
N ASN F 2 0.41 11.19 39.83
CA ASN F 2 -0.30 12.20 40.59
C ASN F 2 -0.93 11.55 41.83
N ASN F 3 -1.77 12.31 42.53
CA ASN F 3 -2.41 11.80 43.74
C ASN F 3 -3.35 10.63 43.47
N LEU F 4 -3.71 10.39 42.21
CA LEU F 4 -4.58 9.25 41.89
C LEU F 4 -3.82 7.94 41.93
N TYR F 5 -2.51 7.97 41.63
CA TYR F 5 -1.66 6.78 41.66
C TYR F 5 -2.24 5.67 40.79
N ARG F 6 -2.74 6.05 39.61
CA ARG F 6 -3.35 5.09 38.70
C ARG F 6 -2.35 4.08 38.17
N ASP F 7 -1.07 4.48 38.03
CA ASP F 7 -0.06 3.59 37.48
C ASP F 7 0.24 2.41 38.39
N LEU F 8 -0.10 2.50 39.67
CA LEU F 8 0.14 1.43 40.61
C LEU F 8 -0.98 0.41 40.66
N ALA F 9 -2.10 0.68 39.99
CA ALA F 9 -3.24 -0.22 40.03
C ALA F 9 -3.04 -1.37 39.06
N PRO F 10 -3.29 -2.61 39.48
CA PRO F 10 -3.23 -3.75 38.54
C PRO F 10 -4.45 -3.80 37.64
N VAL F 11 -4.54 -2.82 36.73
CA VAL F 11 -5.65 -2.69 35.80
C VAL F 11 -5.09 -2.53 34.40
N THR F 12 -5.50 -3.40 33.48
CA THR F 12 -5.04 -3.34 32.10
C THR F 12 -5.55 -2.08 31.40
N GLU F 13 -4.84 -1.70 30.34
CA GLU F 13 -5.29 -0.59 29.51
C GLU F 13 -6.70 -0.83 28.98
N ALA F 14 -7.00 -2.06 28.59
CA ALA F 14 -8.34 -2.38 28.11
C ALA F 14 -9.38 -2.23 29.21
N ALA F 15 -9.07 -2.71 30.41
CA ALA F 15 -10.00 -2.57 31.52
C ALA F 15 -10.20 -1.11 31.91
N TRP F 16 -9.12 -0.31 31.90
CA TRP F 16 -9.25 1.11 32.20
C TRP F 16 -10.23 1.79 31.25
N ALA F 17 -10.20 1.41 29.97
CA ALA F 17 -11.11 2.01 29.01
C ALA F 17 -12.56 1.67 29.32
N GLU F 18 -12.83 0.41 29.64
CA GLU F 18 -14.20 0.00 29.95
C GLU F 18 -14.67 0.61 31.26
N ILE F 19 -13.78 0.66 32.26
CA ILE F 19 -14.15 1.26 33.55
C ILE F 19 -14.45 2.74 33.39
N GLU F 20 -13.61 3.46 32.64
CA GLU F 20 -13.83 4.89 32.46
C GLU F 20 -15.06 5.16 31.61
N LEU F 21 -15.29 4.36 30.57
CA LEU F 21 -16.47 4.54 29.74
C LEU F 21 -17.74 4.33 30.56
N GLU F 22 -17.78 3.28 31.38
CA GLU F 22 -18.98 3.00 32.16
C GLU F 22 -19.23 4.09 33.19
N ALA F 23 -18.18 4.52 33.90
CA ALA F 23 -18.35 5.58 34.88
C ALA F 23 -18.81 6.87 34.24
N ALA F 24 -18.31 7.17 33.04
CA ALA F 24 -18.64 8.43 32.37
C ALA F 24 -20.12 8.48 31.99
N ARG F 25 -20.61 7.45 31.30
CA ARG F 25 -21.99 7.48 30.82
C ARG F 25 -22.98 7.29 31.95
N THR F 26 -22.61 6.55 33.00
CA THR F 26 -23.52 6.38 34.14
C THR F 26 -23.66 7.68 34.90
N PHE F 27 -22.56 8.38 35.16
CA PHE F 27 -22.63 9.68 35.81
C PHE F 27 -23.45 10.66 34.98
N LYS F 28 -23.29 10.63 33.66
CA LYS F 28 -23.99 11.55 32.79
C LYS F 28 -25.49 11.32 32.79
N ARG F 29 -25.93 10.07 33.01
CA ARG F 29 -27.36 9.78 32.96
C ARG F 29 -28.08 10.30 34.19
N HIS F 30 -27.46 10.15 35.37
CA HIS F 30 -28.09 10.53 36.63
C HIS F 30 -27.92 12.02 36.96
N ILE F 31 -26.97 12.69 36.33
CA ILE F 31 -26.68 14.08 36.65
C ILE F 31 -27.67 14.98 35.93
N ALA F 32 -28.06 16.06 36.59
CA ALA F 32 -29.00 17.00 35.97
C ALA F 32 -28.74 18.46 36.29
N GLY F 33 -27.63 18.78 36.94
CA GLY F 33 -27.41 20.16 37.33
C GLY F 33 -26.41 20.77 36.40
N ARG F 34 -25.43 19.97 35.98
CA ARG F 34 -24.47 20.42 34.99
C ARG F 34 -25.14 20.66 33.65
N ARG F 35 -26.44 20.39 33.57
CA ARG F 35 -27.19 20.63 32.34
C ARG F 35 -27.97 21.93 32.42
N VAL F 36 -28.02 22.56 33.59
CA VAL F 36 -28.68 23.85 33.75
C VAL F 36 -27.80 24.88 34.44
N VAL F 37 -26.80 24.48 35.21
CA VAL F 37 -25.95 25.41 35.94
C VAL F 37 -24.70 25.68 35.13
N ASP F 38 -23.97 26.73 35.52
CA ASP F 38 -22.71 27.09 34.89
C ASP F 38 -21.59 26.35 35.60
N VAL F 39 -21.05 25.32 34.96
CA VAL F 39 -19.96 24.54 35.51
C VAL F 39 -18.64 25.10 34.97
N SER F 40 -17.74 25.47 35.87
CA SER F 40 -16.51 26.12 35.47
C SER F 40 -15.48 25.11 34.98
N ASP F 41 -14.41 25.64 34.39
CA ASP F 41 -13.29 24.79 34.01
C ASP F 41 -12.51 24.37 35.24
N PRO F 42 -11.97 23.15 35.27
CA PRO F 42 -11.22 22.69 36.44
C PRO F 42 -10.04 23.60 36.73
N GLY F 43 -10.04 24.20 37.91
CA GLY F 43 -8.97 25.10 38.31
C GLY F 43 -7.67 24.42 38.70
N GLY F 44 -7.69 23.11 38.87
CA GLY F 44 -6.50 22.38 39.25
C GLY F 44 -6.58 21.86 40.68
N PRO F 45 -5.70 20.92 41.02
CA PRO F 45 -5.72 20.37 42.39
C PRO F 45 -5.32 21.38 43.45
N VAL F 46 -4.71 22.50 43.07
CA VAL F 46 -4.33 23.51 44.05
C VAL F 46 -5.53 24.34 44.50
N THR F 47 -6.60 24.36 43.71
CA THR F 47 -7.78 25.15 44.06
C THR F 47 -8.37 24.68 45.38
N ALA F 48 -8.55 25.64 46.30
CA ALA F 48 -9.07 25.33 47.63
C ALA F 48 -10.21 26.24 48.06
N ALA F 49 -10.45 27.36 47.39
CA ALA F 49 -11.53 28.27 47.78
C ALA F 49 -11.94 29.09 46.57
N VAL F 50 -13.16 29.63 46.64
CA VAL F 50 -13.70 30.50 45.61
C VAL F 50 -14.04 31.83 46.27
N SER F 51 -13.45 32.90 45.77
CA SER F 51 -13.64 34.22 46.36
C SER F 51 -15.07 34.70 46.12
N THR F 52 -15.76 35.02 47.21
CA THR F 52 -17.08 35.64 47.12
C THR F 52 -16.98 37.17 47.10
N GLY F 53 -15.78 37.72 47.15
CA GLY F 53 -15.58 39.15 47.04
C GLY F 53 -15.99 39.96 48.24
N ARG F 54 -16.56 39.34 49.27
CA ARG F 54 -17.11 40.06 50.40
C ARG F 54 -16.09 40.16 51.52
N LEU F 55 -16.30 41.14 52.40
CA LEU F 55 -15.41 41.42 53.52
C LEU F 55 -16.04 40.98 54.84
N ILE F 56 -15.18 40.66 55.80
CA ILE F 56 -15.60 40.20 57.12
C ILE F 56 -14.90 41.07 58.16
N ASP F 57 -15.69 41.73 59.01
CA ASP F 57 -15.12 42.54 60.08
C ASP F 57 -14.32 41.66 61.03
N VAL F 58 -13.13 42.13 61.40
CA VAL F 58 -12.23 41.37 62.27
C VAL F 58 -11.50 42.37 63.17
N LYS F 59 -10.99 41.87 64.30
CA LYS F 59 -10.33 42.73 65.27
C LYS F 59 -9.10 43.39 64.66
N ALA F 60 -8.99 44.71 64.84
CA ALA F 60 -7.89 45.47 64.28
C ALA F 60 -6.58 45.13 64.99
N PRO F 61 -5.44 45.22 64.30
CA PRO F 61 -4.16 44.97 64.97
C PRO F 61 -3.79 46.06 65.97
N THR F 62 -3.96 47.32 65.59
CA THR F 62 -3.72 48.46 66.47
C THR F 62 -4.73 49.54 66.14
N ASN F 63 -4.69 50.62 66.90
CA ASN F 63 -5.58 51.74 66.64
C ASN F 63 -5.19 52.43 65.34
N GLY F 64 -6.20 52.86 64.58
CA GLY F 64 -5.97 53.50 63.31
C GLY F 64 -5.91 52.59 62.11
N VAL F 65 -6.09 51.28 62.30
CA VAL F 65 -6.06 50.31 61.23
C VAL F 65 -7.44 49.68 61.11
N ILE F 66 -7.93 49.56 59.88
CA ILE F 66 -9.22 48.95 59.59
C ILE F 66 -8.95 47.62 58.89
N ALA F 67 -9.21 46.52 59.59
CA ALA F 67 -8.90 45.19 59.10
C ALA F 67 -10.17 44.46 58.71
N HIS F 68 -10.10 43.74 57.58
CA HIS F 68 -11.20 42.93 57.09
C HIS F 68 -10.63 41.64 56.51
N LEU F 69 -11.32 40.54 56.76
CA LEU F 69 -10.95 39.25 56.17
C LEU F 69 -11.64 39.08 54.82
N ARG F 70 -10.89 38.55 53.86
CA ARG F 70 -11.44 38.29 52.53
C ARG F 70 -12.21 36.98 52.56
N ALA F 71 -13.53 37.07 52.43
CA ALA F 71 -14.38 35.89 52.51
C ALA F 71 -14.26 35.05 51.24
N SER F 72 -14.34 33.73 51.42
CA SER F 72 -14.22 32.80 50.30
C SER F 72 -14.95 31.51 50.65
N LYS F 73 -15.52 30.88 49.62
CA LYS F 73 -16.24 29.63 49.79
C LYS F 73 -15.29 28.46 49.60
N PRO F 74 -15.14 27.57 50.59
CA PRO F 74 -14.16 26.49 50.46
C PRO F 74 -14.64 25.39 49.53
N LEU F 75 -13.67 24.69 48.94
CA LEU F 75 -13.95 23.53 48.12
C LEU F 75 -13.97 22.27 48.97
N VAL F 76 -14.86 21.35 48.60
CA VAL F 76 -14.99 20.06 49.26
C VAL F 76 -14.59 18.96 48.29
N ARG F 77 -13.84 17.98 48.78
CA ARG F 77 -13.43 16.84 47.98
C ARG F 77 -14.32 15.66 48.30
N LEU F 78 -15.05 15.19 47.30
CA LEU F 78 -15.93 14.03 47.43
C LEU F 78 -15.23 12.82 46.84
N ARG F 79 -15.20 11.73 47.60
CA ARG F 79 -14.44 10.54 47.21
C ARG F 79 -15.31 9.32 47.50
N VAL F 80 -15.72 8.62 46.44
CA VAL F 80 -16.62 7.47 46.54
C VAL F 80 -15.84 6.19 46.22
N PRO F 81 -15.42 5.43 47.23
CA PRO F 81 -14.65 4.21 46.96
C PRO F 81 -15.53 3.09 46.41
N PHE F 82 -14.89 2.21 45.64
CA PHE F 82 -15.55 1.00 45.16
C PHE F 82 -14.49 -0.07 44.94
N THR F 83 -14.93 -1.33 44.93
CA THR F 83 -14.04 -2.48 44.82
C THR F 83 -14.42 -3.33 43.61
N LEU F 84 -13.43 -3.70 42.82
CA LEU F 84 -13.61 -4.51 41.63
C LEU F 84 -12.91 -5.86 41.79
N SER F 85 -13.47 -6.89 41.17
CA SER F 85 -12.86 -8.21 41.17
C SER F 85 -11.77 -8.27 40.12
N ARG F 86 -10.58 -8.73 40.53
CA ARG F 86 -9.46 -8.81 39.59
C ARG F 86 -9.71 -9.83 38.48
N ASN F 87 -10.56 -10.84 38.72
CA ASN F 87 -10.94 -11.74 37.65
C ASN F 87 -11.73 -11.02 36.57
N GLU F 88 -12.67 -10.15 36.97
CA GLU F 88 -13.43 -9.36 36.01
C GLU F 88 -12.53 -8.38 35.27
N ILE F 89 -11.49 -7.86 35.93
CA ILE F 89 -10.58 -6.93 35.28
C ILE F 89 -9.75 -7.66 34.23
N ASP F 90 -9.19 -8.82 34.60
CA ASP F 90 -8.37 -9.58 33.66
C ASP F 90 -9.19 -10.20 32.54
N ASP F 91 -10.51 -10.33 32.72
CA ASP F 91 -11.35 -10.89 31.67
C ASP F 91 -11.44 -9.97 30.46
N VAL F 92 -11.24 -8.66 30.66
CA VAL F 92 -11.40 -7.71 29.57
C VAL F 92 -10.39 -8.00 28.46
N GLU F 93 -9.13 -8.23 28.85
CA GLU F 93 -8.08 -8.51 27.86
C GLU F 93 -8.35 -9.81 27.12
N ARG F 94 -9.01 -10.77 27.76
CA ARG F 94 -9.31 -12.04 27.12
C ARG F 94 -10.53 -11.98 26.21
N GLY F 95 -11.17 -10.83 26.09
CA GLY F 95 -12.29 -10.67 25.19
C GLY F 95 -13.65 -10.63 25.85
N SER F 96 -13.73 -10.38 27.15
CA SER F 96 -15.00 -10.38 27.87
C SER F 96 -15.64 -9.00 27.79
N LYS F 97 -16.91 -8.98 27.40
CA LYS F 97 -17.69 -7.75 27.35
C LYS F 97 -18.74 -7.68 28.45
N ASP F 98 -18.83 -8.71 29.29
CA ASP F 98 -19.81 -8.76 30.38
C ASP F 98 -19.14 -8.69 31.75
N SER F 99 -18.02 -7.98 31.85
CA SER F 99 -17.32 -7.83 33.13
C SER F 99 -18.19 -7.02 34.09
N ASP F 100 -18.11 -7.37 35.36
CA ASP F 100 -19.00 -6.79 36.38
C ASP F 100 -18.49 -5.39 36.73
N TRP F 101 -19.10 -4.37 36.13
CA TRP F 101 -18.81 -2.99 36.46
C TRP F 101 -19.91 -2.36 37.33
N GLU F 102 -20.71 -3.19 38.00
CA GLU F 102 -21.75 -2.64 38.87
C GLU F 102 -21.19 -1.78 40.00
N PRO F 103 -20.11 -2.17 40.71
CA PRO F 103 -19.51 -1.24 41.67
C PRO F 103 -19.08 0.08 41.05
N VAL F 104 -18.65 0.06 39.79
CA VAL F 104 -18.33 1.31 39.10
C VAL F 104 -19.60 2.13 38.90
N LYS F 105 -20.68 1.47 38.47
CA LYS F 105 -21.94 2.17 38.23
C LYS F 105 -22.55 2.67 39.53
N GLU F 106 -22.43 1.90 40.61
CA GLU F 106 -22.98 2.32 41.88
C GLU F 106 -22.23 3.53 42.44
N ALA F 107 -20.91 3.56 42.26
CA ALA F 107 -20.14 4.72 42.71
C ALA F 107 -20.49 5.95 41.88
N ALA F 108 -20.72 5.77 40.59
CA ALA F 108 -21.12 6.90 39.75
C ALA F 108 -22.50 7.43 40.14
N LYS F 109 -23.44 6.54 40.42
CA LYS F 109 -24.77 6.96 40.86
C LYS F 109 -24.70 7.69 42.19
N LYS F 110 -23.84 7.23 43.11
CA LYS F 110 -23.75 7.86 44.42
C LYS F 110 -23.13 9.25 44.32
N LEU F 111 -22.03 9.37 43.57
CA LEU F 111 -21.38 10.67 43.42
C LEU F 111 -22.26 11.65 42.67
N ALA F 112 -22.99 11.17 41.66
CA ALA F 112 -23.89 12.05 40.93
C ALA F 112 -25.01 12.56 41.83
N PHE F 113 -25.54 11.69 42.68
CA PHE F 113 -26.61 12.11 43.59
C PHE F 113 -26.08 13.10 44.62
N VAL F 114 -24.87 12.88 45.12
CA VAL F 114 -24.29 13.80 46.10
C VAL F 114 -24.09 15.17 45.48
N GLU F 115 -23.66 15.22 44.21
CA GLU F 115 -23.42 16.50 43.56
C GLU F 115 -24.72 17.26 43.32
N ASP F 116 -25.74 16.57 42.77
CA ASP F 116 -27.01 17.23 42.48
C ASP F 116 -27.73 17.64 43.76
N ARG F 117 -27.72 16.78 44.78
CA ARG F 117 -28.34 17.15 46.05
C ARG F 117 -27.61 18.33 46.68
N THR F 118 -26.29 18.41 46.52
CA THR F 118 -25.55 19.55 47.03
C THR F 118 -25.94 20.84 46.31
N ILE F 119 -26.16 20.76 44.99
CA ILE F 119 -26.51 21.94 44.22
C ILE F 119 -27.92 22.41 44.57
N PHE F 120 -28.87 21.48 44.65
CA PHE F 120 -30.28 21.81 44.78
C PHE F 120 -30.79 21.79 46.22
N GLU F 121 -30.34 20.83 47.03
CA GLU F 121 -30.83 20.73 48.39
C GLU F 121 -29.86 21.30 49.43
N GLY F 122 -28.57 21.29 49.14
CA GLY F 122 -27.58 21.92 49.99
C GLY F 122 -26.64 20.91 50.61
N TYR F 123 -25.60 21.47 51.24
CA TYR F 123 -24.58 20.68 51.94
C TYR F 123 -24.02 21.59 53.04
N SER F 124 -24.70 21.60 54.18
CA SER F 124 -24.35 22.54 55.24
C SER F 124 -22.96 22.29 55.79
N ALA F 125 -22.51 21.04 55.79
CA ALA F 125 -21.17 20.74 56.31
C ALA F 125 -20.08 21.38 55.46
N ALA F 126 -20.34 21.64 54.19
CA ALA F 126 -19.39 22.28 53.30
C ALA F 126 -19.75 23.72 53.00
N SER F 127 -20.62 24.32 53.82
CA SER F 127 -21.06 25.71 53.66
C SER F 127 -21.68 25.97 52.29
N ILE F 128 -22.37 24.98 51.74
CA ILE F 128 -23.00 25.10 50.43
C ILE F 128 -24.51 25.14 50.62
N GLU F 129 -25.10 26.31 50.43
CA GLU F 129 -26.54 26.44 50.52
C GLU F 129 -27.17 25.97 49.21
N GLY F 130 -28.27 25.22 49.32
CA GLY F 130 -28.92 24.70 48.15
C GLY F 130 -29.70 25.77 47.40
N ILE F 131 -30.04 25.45 46.15
CA ILE F 131 -30.85 26.34 45.34
C ILE F 131 -32.24 26.49 45.97
N ARG F 132 -32.77 25.40 46.53
CA ARG F 132 -34.09 25.44 47.14
C ARG F 132 -34.12 26.40 48.32
N SER F 133 -33.05 26.40 49.14
CA SER F 133 -33.02 27.29 50.29
C SER F 133 -32.81 28.74 49.90
N ALA F 134 -32.05 28.99 48.83
CA ALA F 134 -31.75 30.36 48.41
C ALA F 134 -32.81 30.94 47.48
N SER F 135 -33.77 30.15 47.03
CA SER F 135 -34.79 30.63 46.10
C SER F 135 -35.70 31.61 46.82
N SER F 136 -35.59 32.90 46.46
CA SER F 136 -36.45 33.93 47.05
C SER F 136 -37.87 33.88 46.51
N ASN F 137 -38.13 33.17 45.43
CA ASN F 137 -39.47 33.09 44.87
C ASN F 137 -40.36 32.18 45.72
N PRO F 138 -41.67 32.45 45.75
CA PRO F 138 -42.57 31.62 46.55
C PRO F 138 -42.58 30.18 46.08
N ALA F 139 -42.26 29.26 46.98
CA ALA F 139 -42.27 27.85 46.65
C ALA F 139 -43.69 27.36 46.43
N LEU F 140 -43.81 26.30 45.63
CA LEU F 140 -45.10 25.75 45.25
C LEU F 140 -45.18 24.28 45.65
N THR F 141 -46.41 23.78 45.74
CA THR F 141 -46.69 22.39 46.08
C THR F 141 -47.20 21.65 44.85
N LEU F 142 -46.63 20.48 44.59
CA LEU F 142 -47.07 19.67 43.47
C LEU F 142 -48.50 19.19 43.71
N PRO F 143 -49.38 19.26 42.72
CA PRO F 143 -50.77 18.87 42.94
C PRO F 143 -50.93 17.36 43.06
N GLU F 144 -52.04 16.96 43.68
CA GLU F 144 -52.35 15.54 43.78
C GLU F 144 -52.79 14.98 42.43
N ASP F 145 -53.53 15.77 41.65
CA ASP F 145 -53.90 15.40 40.29
C ASP F 145 -52.75 15.74 39.35
N PRO F 146 -52.09 14.74 38.75
CA PRO F 146 -50.97 15.05 37.85
C PRO F 146 -51.38 15.84 36.62
N ARG F 147 -52.66 15.84 36.26
CA ARG F 147 -53.13 16.63 35.13
C ARG F 147 -53.12 18.12 35.42
N GLU F 148 -52.89 18.53 36.68
CA GLU F 148 -52.78 19.93 37.05
C GLU F 148 -51.34 20.38 37.19
N ILE F 149 -50.38 19.52 36.82
CA ILE F 149 -48.97 19.92 36.85
C ILE F 149 -48.69 21.11 35.94
N PRO F 150 -49.23 21.19 34.71
CA PRO F 150 -49.00 22.41 33.92
C PRO F 150 -49.45 23.68 34.60
N ASP F 151 -50.44 23.61 35.50
CA ASP F 151 -50.87 24.81 36.20
C ASP F 151 -49.77 25.33 37.12
N VAL F 152 -49.13 24.43 37.87
CA VAL F 152 -48.11 24.85 38.82
C VAL F 152 -46.85 25.30 38.10
N ILE F 153 -46.54 24.68 36.95
CA ILE F 153 -45.40 25.12 36.16
C ILE F 153 -45.65 26.52 35.60
N SER F 154 -46.88 26.79 35.16
CA SER F 154 -47.21 28.12 34.68
C SER F 154 -47.07 29.16 35.78
N GLN F 155 -47.47 28.80 37.01
CA GLN F 155 -47.29 29.72 38.13
C GLN F 155 -45.80 29.93 38.41
N ALA F 156 -45.00 28.88 38.29
CA ALA F 156 -43.56 29.00 38.51
C ALA F 156 -42.92 29.88 37.44
N LEU F 157 -43.30 29.69 36.17
CA LEU F 157 -42.76 30.51 35.10
C LEU F 157 -43.11 31.99 35.30
N SER F 158 -44.36 32.27 35.69
CA SER F 158 -44.76 33.66 35.91
C SER F 158 -44.02 34.28 37.09
N GLU F 159 -43.70 33.48 38.11
CA GLU F 159 -42.91 34.01 39.22
C GLU F 159 -41.53 34.45 38.75
N LEU F 160 -40.91 33.67 37.86
CA LEU F 160 -39.63 34.07 37.30
C LEU F 160 -39.77 35.32 36.43
N ARG F 161 -40.82 35.37 35.60
CA ARG F 161 -41.02 36.54 34.75
C ARG F 161 -41.33 37.79 35.58
N LEU F 162 -42.07 37.63 36.67
CA LEU F 162 -42.39 38.79 37.50
C LEU F 162 -41.20 39.25 38.33
N ALA F 163 -40.13 38.46 38.40
CA ALA F 163 -38.93 38.82 39.13
C ALA F 163 -37.84 39.39 38.23
N GLY F 164 -38.18 39.72 36.99
CA GLY F 164 -37.20 40.26 36.06
C GLY F 164 -36.22 39.26 35.52
N VAL F 165 -36.44 37.97 35.74
CA VAL F 165 -35.54 36.92 35.29
C VAL F 165 -35.92 36.53 33.87
N ASP F 166 -34.92 36.47 32.99
CA ASP F 166 -35.09 36.19 31.58
C ASP F 166 -34.44 34.85 31.24
N GLY F 167 -34.01 34.68 30.00
CA GLY F 167 -33.25 33.51 29.62
C GLY F 167 -34.14 32.32 29.36
N PRO F 168 -33.62 31.33 28.63
CA PRO F 168 -34.37 30.08 28.44
C PRO F 168 -34.68 29.43 29.79
N TYR F 169 -35.95 29.22 30.04
CA TYR F 169 -36.41 28.59 31.28
C TYR F 169 -36.40 27.08 31.09
N SER F 170 -35.91 26.37 32.10
CA SER F 170 -35.88 24.91 32.09
C SER F 170 -36.55 24.38 33.33
N VAL F 171 -37.03 23.14 33.24
CA VAL F 171 -37.78 22.51 34.31
C VAL F 171 -37.08 21.20 34.66
N LEU F 172 -36.66 21.06 35.91
CA LEU F 172 -36.04 19.83 36.40
C LEU F 172 -37.06 19.08 37.25
N LEU F 173 -37.34 17.84 36.88
CA LEU F 173 -38.33 17.01 37.55
C LEU F 173 -37.64 15.82 38.23
N SER F 174 -38.14 15.47 39.42
CA SER F 174 -37.66 14.28 40.09
C SER F 174 -38.08 13.03 39.32
N ALA F 175 -37.55 11.88 39.76
CA ALA F 175 -37.84 10.63 39.07
C ALA F 175 -39.34 10.31 39.07
N ASP F 176 -40.01 10.54 40.19
CA ASP F 176 -41.44 10.24 40.27
C ASP F 176 -42.25 11.23 39.45
N VAL F 177 -41.92 12.52 39.54
CA VAL F 177 -42.68 13.53 38.80
C VAL F 177 -42.43 13.39 37.30
N TYR F 178 -41.20 13.06 36.92
CA TYR F 178 -40.90 12.86 35.50
C TYR F 178 -41.69 11.68 34.94
N THR F 179 -41.72 10.57 35.67
CA THR F 179 -42.49 9.42 35.22
C THR F 179 -43.98 9.73 35.16
N LYS F 180 -44.48 10.52 36.13
CA LYS F 180 -45.89 10.90 36.11
C LYS F 180 -46.20 11.78 34.90
N VAL F 181 -45.34 12.76 34.61
CA VAL F 181 -45.55 13.63 33.46
C VAL F 181 -45.52 12.82 32.17
N SER F 182 -44.70 11.77 32.13
CA SER F 182 -44.59 10.96 30.91
C SER F 182 -45.83 10.13 30.67
N GLU F 183 -46.50 9.69 31.74
CA GLU F 183 -47.65 8.80 31.62
C GLU F 183 -48.99 9.52 31.69
N THR F 184 -49.07 10.66 32.37
CA THR F 184 -50.34 11.32 32.59
C THR F 184 -50.87 11.93 31.30
N SER F 185 -52.15 11.74 31.05
CA SER F 185 -52.83 12.32 29.89
C SER F 185 -54.16 12.90 30.34
N ASP F 186 -54.36 14.19 30.10
CA ASP F 186 -55.60 14.86 30.42
C ASP F 186 -56.55 14.68 29.25
N HIS F 187 -57.58 13.85 29.43
CA HIS F 187 -58.52 13.52 28.36
C HIS F 187 -57.79 13.03 27.12
N GLY F 188 -56.79 12.19 27.32
CA GLY F 188 -56.00 11.63 26.24
C GLY F 188 -54.83 12.50 25.79
N TYR F 189 -54.88 13.81 26.01
CA TYR F 189 -53.77 14.68 25.62
C TYR F 189 -52.62 14.52 26.61
N PRO F 190 -51.45 14.08 26.17
CA PRO F 190 -50.33 13.91 27.10
C PRO F 190 -49.90 15.26 27.68
N ILE F 191 -49.76 15.30 29.01
CA ILE F 191 -49.44 16.55 29.68
C ILE F 191 -48.00 16.98 29.42
N ARG F 192 -47.12 16.07 28.98
CA ARG F 192 -45.75 16.48 28.68
C ARG F 192 -45.71 17.32 27.42
N GLU F 193 -46.60 17.05 26.45
CA GLU F 193 -46.71 17.91 25.28
C GLU F 193 -47.18 19.31 25.69
N HIS F 194 -48.07 19.39 26.67
CA HIS F 194 -48.46 20.69 27.21
C HIS F 194 -47.26 21.39 27.84
N LEU F 195 -46.46 20.65 28.60
CA LEU F 195 -45.30 21.24 29.26
C LEU F 195 -44.23 21.63 28.25
N ASN F 196 -44.02 20.80 27.22
CA ASN F 196 -43.02 21.11 26.21
C ASN F 196 -43.35 22.40 25.48
N ARG F 197 -44.62 22.71 25.34
CA ARG F 197 -45.07 23.95 24.72
C ARG F 197 -45.01 25.13 25.67
N LEU F 198 -44.79 24.88 26.97
CA LEU F 198 -44.68 25.94 27.96
C LEU F 198 -43.23 26.30 28.27
N VAL F 199 -42.30 25.38 28.06
CA VAL F 199 -40.89 25.54 28.37
C VAL F 199 -40.11 25.81 27.09
N ASP F 200 -39.46 26.97 27.02
CA ASP F 200 -38.56 27.25 25.90
C ASP F 200 -37.24 26.52 26.04
N GLY F 201 -36.89 26.06 27.25
CA GLY F 201 -35.68 25.28 27.46
C GLY F 201 -35.95 23.79 27.37
N ASP F 202 -35.50 23.04 28.37
CA ASP F 202 -35.63 21.59 28.39
C ASP F 202 -36.28 21.13 29.68
N ILE F 203 -36.88 19.93 29.62
CA ILE F 203 -37.43 19.25 30.79
C ILE F 203 -36.45 18.13 31.15
N ILE F 204 -35.73 18.30 32.24
CA ILE F 204 -34.58 17.46 32.57
C ILE F 204 -34.98 16.39 33.58
N TRP F 205 -34.52 15.16 33.33
CA TRP F 205 -34.68 14.04 34.25
C TRP F 205 -33.67 14.19 35.38
N ALA F 206 -34.16 14.49 36.59
CA ALA F 206 -33.33 14.76 37.76
C ALA F 206 -33.68 13.77 38.86
N PRO F 207 -33.13 12.55 38.81
CA PRO F 207 -33.52 11.53 39.79
C PRO F 207 -32.98 11.78 41.19
N ALA F 208 -31.91 12.57 41.34
CA ALA F 208 -31.31 12.77 42.65
C ALA F 208 -32.15 13.70 43.53
N ILE F 209 -32.84 14.65 42.94
CA ILE F 209 -33.62 15.62 43.70
C ILE F 209 -35.01 15.06 43.99
N ASP F 210 -35.72 15.67 44.92
CA ASP F 210 -37.12 15.38 45.18
C ASP F 210 -37.95 16.63 44.94
N GLY F 211 -39.13 16.45 44.38
CA GLY F 211 -39.96 17.59 43.99
C GLY F 211 -39.66 18.02 42.58
N ALA F 212 -39.51 19.33 42.38
CA ALA F 212 -39.23 19.87 41.05
C ALA F 212 -38.62 21.26 41.20
N PHE F 213 -37.97 21.70 40.12
CA PHE F 213 -37.38 23.03 40.06
C PHE F 213 -37.66 23.64 38.70
N VAL F 214 -37.97 24.94 38.70
CA VAL F 214 -38.13 25.73 37.49
C VAL F 214 -37.17 26.90 37.60
N LEU F 215 -36.14 26.91 36.76
CA LEU F 215 -35.10 27.93 36.83
C LEU F 215 -34.76 28.40 35.43
N THR F 216 -33.89 29.40 35.35
CA THR F 216 -33.43 29.94 34.09
C THR F 216 -32.03 29.43 33.77
N THR F 217 -31.76 29.30 32.47
CA THR F 217 -30.44 28.91 31.98
C THR F 217 -29.76 30.06 31.24
N ARG F 218 -30.07 31.30 31.63
CA ARG F 218 -29.45 32.45 30.98
C ARG F 218 -27.96 32.53 31.28
N GLY F 219 -27.54 31.99 32.42
CA GLY F 219 -26.15 32.03 32.82
C GLY F 219 -25.88 33.09 33.85
N GLY F 220 -24.89 32.82 34.71
CA GLY F 220 -24.48 33.77 35.72
C GLY F 220 -25.25 33.72 37.02
N ASP F 221 -26.14 32.75 37.18
CA ASP F 221 -26.94 32.62 38.40
C ASP F 221 -26.52 31.43 39.26
N PHE F 222 -26.19 30.31 38.64
CA PHE F 222 -25.81 29.09 39.35
C PHE F 222 -24.43 28.67 38.87
N ASP F 223 -23.48 28.61 39.80
CA ASP F 223 -22.07 28.43 39.46
C ASP F 223 -21.54 27.17 40.14
N LEU F 224 -21.23 26.15 39.34
CA LEU F 224 -20.58 24.93 39.82
C LEU F 224 -19.08 25.07 39.57
N GLN F 225 -18.36 25.51 40.60
CA GLN F 225 -16.93 25.75 40.50
C GLN F 225 -16.18 24.43 40.65
N LEU F 226 -15.56 23.96 39.56
CA LEU F 226 -14.79 22.73 39.58
C LEU F 226 -13.33 23.03 39.84
N GLY F 227 -12.76 22.36 40.85
CA GLY F 227 -11.32 22.36 41.03
C GLY F 227 -10.73 21.12 40.41
N THR F 228 -11.37 19.98 40.66
CA THR F 228 -11.00 18.71 40.05
C THR F 228 -12.28 18.00 39.64
N ASP F 229 -12.43 17.73 38.35
CA ASP F 229 -13.60 17.03 37.87
C ASP F 229 -13.56 15.56 38.30
N VAL F 230 -14.65 14.84 38.02
CA VAL F 230 -14.76 13.46 38.45
C VAL F 230 -13.70 12.61 37.76
N ALA F 231 -12.96 11.83 38.54
CA ALA F 231 -11.89 11.00 38.03
C ALA F 231 -11.84 9.68 38.81
N ILE F 232 -11.16 8.71 38.23
CA ILE F 232 -11.01 7.38 38.83
C ILE F 232 -9.58 7.27 39.35
N GLY F 233 -9.45 7.00 40.65
CA GLY F 233 -8.15 6.84 41.29
C GLY F 233 -7.99 5.45 41.89
N TYR F 234 -6.77 5.16 42.31
CA TYR F 234 -6.41 3.88 42.89
C TYR F 234 -6.06 4.03 44.36
N ALA F 235 -6.57 3.13 45.18
CA ALA F 235 -6.33 3.13 46.63
C ALA F 235 -5.45 1.96 47.04
N SER F 236 -5.94 0.73 46.92
CA SER F 236 -5.19 -0.44 47.33
C SER F 236 -5.66 -1.64 46.51
N HIS F 237 -4.96 -2.76 46.69
CA HIS F 237 -5.32 -3.97 45.96
C HIS F 237 -4.70 -5.17 46.67
N ASP F 238 -5.34 -6.33 46.49
CA ASP F 238 -4.76 -7.60 46.91
C ASP F 238 -4.70 -8.54 45.71
N THR F 239 -4.64 -9.85 45.96
CA THR F 239 -4.60 -10.80 44.86
C THR F 239 -5.98 -11.11 44.28
N ASP F 240 -7.05 -10.58 44.87
CA ASP F 240 -8.41 -10.87 44.45
C ASP F 240 -9.23 -9.64 44.10
N THR F 241 -8.97 -8.50 44.72
CA THR F 241 -9.78 -7.30 44.52
C THR F 241 -8.87 -6.09 44.37
N VAL F 242 -9.43 -5.03 43.77
CA VAL F 242 -8.78 -3.73 43.65
C VAL F 242 -9.74 -2.69 44.21
N ARG F 243 -9.23 -1.81 45.07
CA ARG F 243 -10.03 -0.74 45.66
C ARG F 243 -9.74 0.54 44.90
N LEU F 244 -10.71 0.99 44.12
CA LEU F 244 -10.65 2.25 43.39
C LEU F 244 -11.62 3.24 44.02
N TYR F 245 -11.72 4.43 43.41
CA TYR F 245 -12.58 5.46 43.97
C TYR F 245 -12.90 6.49 42.90
N LEU F 246 -14.08 7.12 43.03
CA LEU F 246 -14.44 8.27 42.23
C LEU F 246 -14.21 9.52 43.06
N GLN F 247 -13.42 10.45 42.55
CA GLN F 247 -13.03 11.63 43.29
C GLN F 247 -13.41 12.89 42.52
N GLU F 248 -13.73 13.95 43.27
CA GLU F 248 -14.16 15.21 42.68
C GLU F 248 -13.98 16.29 43.74
N THR F 249 -13.48 17.46 43.31
CA THR F 249 -13.29 18.60 44.19
C THR F 249 -14.02 19.78 43.57
N LEU F 250 -15.05 20.28 44.25
CA LEU F 250 -15.90 21.29 43.66
C LEU F 250 -16.59 22.08 44.76
N THR F 251 -17.34 23.10 44.35
CA THR F 251 -18.26 23.82 45.22
C THR F 251 -19.37 24.38 44.33
N PHE F 252 -20.47 24.75 44.96
CA PHE F 252 -21.59 25.37 44.26
C PHE F 252 -21.88 26.73 44.89
N LEU F 253 -22.27 27.69 44.05
CA LEU F 253 -22.63 29.02 44.50
C LEU F 253 -23.87 29.49 43.77
N CYS F 254 -24.80 30.07 44.50
CA CYS F 254 -26.04 30.59 43.96
C CYS F 254 -26.02 32.11 44.09
N TYR F 255 -25.91 32.81 42.95
CA TYR F 255 -25.74 34.25 42.94
C TYR F 255 -27.05 35.01 42.82
N THR F 256 -28.08 34.40 42.26
CA THR F 256 -29.36 35.06 42.02
C THR F 256 -30.45 34.27 42.73
N ALA F 257 -31.06 34.89 43.75
CA ALA F 257 -32.09 34.19 44.53
C ALA F 257 -33.38 34.04 43.74
N GLU F 258 -33.76 35.06 42.98
CA GLU F 258 -35.02 35.07 42.24
C GLU F 258 -34.95 34.28 40.95
N ALA F 259 -33.84 33.62 40.65
CA ALA F 259 -33.66 32.91 39.40
C ALA F 259 -34.21 31.48 39.44
N SER F 260 -34.86 31.08 40.51
CA SER F 260 -35.35 29.71 40.64
C SER F 260 -36.68 29.68 41.39
N VAL F 261 -37.45 28.63 41.14
CA VAL F 261 -38.70 28.36 41.83
C VAL F 261 -38.69 26.90 42.26
N ALA F 262 -38.80 26.66 43.56
CA ALA F 262 -38.75 25.30 44.09
C ALA F 262 -40.16 24.72 44.23
N LEU F 263 -40.26 23.40 44.03
CA LEU F 263 -41.53 22.69 44.13
C LEU F 263 -41.31 21.40 44.93
N SER F 264 -42.29 21.06 45.76
CA SER F 264 -42.21 19.87 46.61
C SER F 264 -43.59 19.24 46.72
N HIS F 265 -43.62 18.03 47.27
CA HIS F 265 -44.87 17.34 47.56
C HIS F 265 -45.38 17.75 48.94
N LYS F 266 -46.69 17.69 49.11
CA LYS F 266 -47.33 18.08 50.35
C LYS F 266 -46.91 17.17 51.51
N MET G 1 -53.08 8.61 -40.87
CA MET G 1 -53.68 8.60 -39.55
C MET G 1 -53.76 7.18 -38.99
N ASN G 2 -54.37 7.04 -37.81
CA ASN G 2 -54.53 5.75 -37.14
C ASN G 2 -56.02 5.41 -37.00
N ASN G 3 -56.29 4.36 -36.22
CA ASN G 3 -57.65 3.87 -36.01
C ASN G 3 -58.55 4.90 -35.34
N LEU G 4 -57.98 5.95 -34.75
CA LEU G 4 -58.82 6.96 -34.12
C LEU G 4 -59.49 7.87 -35.15
N TYR G 5 -58.85 8.07 -36.31
CA TYR G 5 -59.39 8.89 -37.39
C TYR G 5 -59.73 10.29 -36.88
N ARG G 6 -58.84 10.83 -36.04
CA ARG G 6 -59.07 12.14 -35.44
C ARG G 6 -59.07 13.25 -36.48
N ASP G 7 -58.28 13.09 -37.55
CA ASP G 7 -58.20 14.12 -38.58
C ASP G 7 -59.50 14.29 -39.35
N LEU G 8 -60.37 13.28 -39.33
CA LEU G 8 -61.64 13.35 -40.04
C LEU G 8 -62.75 13.99 -39.21
N ALA G 9 -62.51 14.25 -37.93
CA ALA G 9 -63.52 14.82 -37.06
C ALA G 9 -63.58 16.34 -37.25
N PRO G 10 -64.78 16.92 -37.40
CA PRO G 10 -64.89 18.39 -37.48
C PRO G 10 -64.73 19.05 -36.12
N VAL G 11 -63.50 19.01 -35.59
CA VAL G 11 -63.18 19.58 -34.29
C VAL G 11 -61.96 20.47 -34.44
N THR G 12 -62.07 21.72 -34.01
CA THR G 12 -60.97 22.67 -34.09
C THR G 12 -59.84 22.26 -33.14
N GLU G 13 -58.62 22.67 -33.47
CA GLU G 13 -57.50 22.47 -32.56
C GLU G 13 -57.77 23.14 -31.21
N ALA G 14 -58.40 24.31 -31.22
CA ALA G 14 -58.76 24.95 -29.95
C ALA G 14 -59.75 24.08 -29.19
N ALA G 15 -60.75 23.53 -29.90
CA ALA G 15 -61.69 22.62 -29.25
C ALA G 15 -61.01 21.31 -28.85
N TRP G 16 -60.13 20.79 -29.70
CA TRP G 16 -59.39 19.57 -29.37
C TRP G 16 -58.60 19.74 -28.09
N ALA G 17 -58.00 20.92 -27.89
CA ALA G 17 -57.20 21.14 -26.69
C ALA G 17 -58.06 21.09 -25.42
N GLU G 18 -59.22 21.74 -25.45
CA GLU G 18 -60.10 21.75 -24.29
C GLU G 18 -60.69 20.37 -24.03
N ILE G 19 -61.05 19.64 -25.09
CA ILE G 19 -61.64 18.31 -24.92
C ILE G 19 -60.63 17.36 -24.28
N GLU G 20 -59.38 17.39 -24.74
CA GLU G 20 -58.37 16.51 -24.18
C GLU G 20 -58.02 16.92 -22.75
N LEU G 21 -57.94 18.22 -22.49
CA LEU G 21 -57.67 18.70 -21.13
C LEU G 21 -58.77 18.26 -20.18
N GLU G 22 -60.03 18.42 -20.60
CA GLU G 22 -61.15 18.06 -19.74
C GLU G 22 -61.20 16.55 -19.51
N ALA G 23 -61.02 15.77 -20.59
CA ALA G 23 -61.03 14.31 -20.45
C ALA G 23 -59.89 13.82 -19.58
N ALA G 24 -58.72 14.46 -19.69
CA ALA G 24 -57.56 14.00 -18.95
C ALA G 24 -57.74 14.21 -17.44
N ARG G 25 -58.11 15.43 -17.04
CA ARG G 25 -58.20 15.74 -15.61
C ARG G 25 -59.41 15.08 -14.96
N THR G 26 -60.49 14.88 -15.71
CA THR G 26 -61.65 14.19 -15.15
C THR G 26 -61.36 12.72 -14.92
N PHE G 27 -60.73 12.06 -15.90
CA PHE G 27 -60.33 10.67 -15.72
C PHE G 27 -59.33 10.53 -14.56
N LYS G 28 -58.39 11.47 -14.46
CA LYS G 28 -57.39 11.38 -13.41
C LYS G 28 -58.00 11.60 -12.03
N ARG G 29 -59.08 12.37 -11.95
CA ARG G 29 -59.68 12.63 -10.64
C ARG G 29 -60.40 11.41 -10.09
N HIS G 30 -61.10 10.68 -10.96
CA HIS G 30 -61.87 9.51 -10.56
C HIS G 30 -61.03 8.24 -10.49
N ILE G 31 -59.87 8.22 -11.12
CA ILE G 31 -59.05 7.01 -11.14
C ILE G 31 -58.29 6.92 -9.83
N ALA G 32 -58.14 5.69 -9.31
CA ALA G 32 -57.47 5.48 -8.04
C ALA G 32 -56.63 4.20 -7.98
N GLY G 33 -56.45 3.50 -9.10
CA GLY G 33 -55.72 2.25 -9.09
C GLY G 33 -54.34 2.46 -9.65
N ARG G 34 -54.27 3.33 -10.63
CA ARG G 34 -52.99 3.72 -11.24
C ARG G 34 -52.13 4.42 -10.20
N ARG G 35 -52.64 4.62 -8.98
CA ARG G 35 -51.88 5.23 -7.90
C ARG G 35 -51.33 4.23 -6.91
N VAL G 36 -51.73 2.96 -7.03
CA VAL G 36 -51.21 1.90 -6.16
C VAL G 36 -50.71 0.71 -6.96
N VAL G 37 -51.14 0.52 -8.20
CA VAL G 37 -50.73 -0.62 -9.01
C VAL G 37 -49.57 -0.22 -9.90
N ASP G 38 -48.91 -1.23 -10.49
CA ASP G 38 -47.81 -1.01 -11.42
C ASP G 38 -48.39 -0.87 -12.83
N VAL G 39 -48.38 0.36 -13.34
CA VAL G 39 -48.90 0.63 -14.68
C VAL G 39 -47.75 0.55 -15.66
N SER G 40 -47.87 -0.34 -16.65
CA SER G 40 -46.80 -0.58 -17.60
C SER G 40 -46.82 0.48 -18.69
N ASP G 41 -45.75 0.47 -19.50
CA ASP G 41 -45.72 1.33 -20.68
C ASP G 41 -46.62 0.76 -21.76
N PRO G 42 -47.29 1.61 -22.54
CA PRO G 42 -48.16 1.10 -23.61
C PRO G 42 -47.39 0.25 -24.60
N GLY G 43 -47.82 -1.01 -24.73
CA GLY G 43 -47.15 -1.94 -25.62
C GLY G 43 -47.43 -1.75 -27.08
N GLY G 44 -48.40 -0.90 -27.42
CA GLY G 44 -48.75 -0.65 -28.79
C GLY G 44 -50.06 -1.27 -29.17
N PRO G 45 -50.63 -0.84 -30.30
CA PRO G 45 -51.92 -1.41 -30.74
C PRO G 45 -51.81 -2.87 -31.14
N VAL G 46 -50.61 -3.39 -31.36
CA VAL G 46 -50.45 -4.80 -31.70
C VAL G 46 -50.58 -5.70 -30.48
N THR G 47 -50.39 -5.16 -29.27
CA THR G 47 -50.47 -5.96 -28.06
C THR G 47 -51.85 -6.59 -27.93
N ALA G 48 -51.87 -7.91 -27.76
CA ALA G 48 -53.13 -8.64 -27.66
C ALA G 48 -53.19 -9.62 -26.49
N ALA G 49 -52.08 -9.93 -25.85
CA ALA G 49 -52.08 -10.87 -24.74
C ALA G 49 -50.88 -10.60 -23.85
N VAL G 50 -50.98 -11.07 -22.61
CA VAL G 50 -49.91 -10.97 -21.63
C VAL G 50 -49.54 -12.38 -21.20
N SER G 51 -48.27 -12.73 -21.38
CA SER G 51 -47.82 -14.09 -21.08
C SER G 51 -47.83 -14.34 -19.58
N THR G 52 -48.56 -15.36 -19.15
CA THR G 52 -48.55 -15.81 -17.77
C THR G 52 -47.50 -16.89 -17.51
N GLY G 53 -46.76 -17.30 -18.53
CA GLY G 53 -45.66 -18.22 -18.36
C GLY G 53 -46.04 -19.66 -18.04
N ARG G 54 -47.33 -19.94 -17.87
CA ARG G 54 -47.78 -21.26 -17.45
C ARG G 54 -48.14 -22.12 -18.65
N LEU G 55 -48.14 -23.43 -18.44
CA LEU G 55 -48.43 -24.40 -19.48
C LEU G 55 -49.80 -25.03 -19.29
N ILE G 56 -50.40 -25.45 -20.41
CA ILE G 56 -51.72 -26.07 -20.42
C ILE G 56 -51.62 -27.41 -21.13
N ASP G 57 -52.02 -28.48 -20.45
CA ASP G 57 -52.02 -29.80 -21.08
C ASP G 57 -52.96 -29.83 -22.28
N VAL G 58 -52.48 -30.41 -23.38
CA VAL G 58 -53.25 -30.50 -24.61
C VAL G 58 -52.90 -31.82 -25.29
N LYS G 59 -53.82 -32.30 -26.13
CA LYS G 59 -53.64 -33.58 -26.79
C LYS G 59 -52.40 -33.57 -27.69
N ALA G 60 -51.58 -34.61 -27.57
CA ALA G 60 -50.35 -34.69 -28.34
C ALA G 60 -50.67 -34.92 -29.82
N PRO G 61 -49.80 -34.43 -30.72
CA PRO G 61 -50.04 -34.67 -32.15
C PRO G 61 -49.87 -36.13 -32.54
N THR G 62 -48.83 -36.78 -32.04
CA THR G 62 -48.59 -38.21 -32.27
C THR G 62 -48.00 -38.79 -30.99
N ASN G 63 -47.79 -40.10 -30.99
CA ASN G 63 -47.20 -40.76 -29.84
C ASN G 63 -45.73 -40.37 -29.70
N GLY G 64 -45.28 -40.18 -28.47
CA GLY G 64 -43.92 -39.77 -28.20
C GLY G 64 -43.69 -38.27 -28.14
N VAL G 65 -44.74 -37.47 -28.30
CA VAL G 65 -44.64 -36.01 -28.25
C VAL G 65 -45.41 -35.50 -27.05
N ILE G 66 -44.82 -34.57 -26.32
CA ILE G 66 -45.45 -33.93 -25.17
C ILE G 66 -45.76 -32.49 -25.55
N ALA G 67 -47.05 -32.19 -25.71
CA ALA G 67 -47.50 -30.89 -26.18
C ALA G 67 -48.14 -30.09 -25.05
N HIS G 68 -47.85 -28.80 -25.01
CA HIS G 68 -48.43 -27.88 -24.04
C HIS G 68 -48.72 -26.54 -24.71
N LEU G 69 -49.86 -25.96 -24.37
CA LEU G 69 -50.22 -24.63 -24.85
C LEU G 69 -49.71 -23.57 -23.88
N ARG G 70 -49.20 -22.47 -24.43
CA ARG G 70 -48.67 -21.38 -23.62
C ARG G 70 -49.80 -20.48 -23.15
N ALA G 71 -50.03 -20.44 -21.84
CA ALA G 71 -51.12 -19.64 -21.29
C ALA G 71 -50.80 -18.15 -21.36
N SER G 72 -51.83 -17.35 -21.61
CA SER G 72 -51.67 -15.91 -21.70
C SER G 72 -53.00 -15.24 -21.38
N LYS G 73 -52.93 -14.11 -20.69
CA LYS G 73 -54.11 -13.33 -20.32
C LYS G 73 -54.44 -12.36 -21.45
N PRO G 74 -55.66 -12.38 -21.97
CA PRO G 74 -55.99 -11.50 -23.11
C PRO G 74 -56.28 -10.08 -22.68
N LEU G 75 -56.03 -9.15 -23.60
CA LEU G 75 -56.36 -7.75 -23.39
C LEU G 75 -57.79 -7.47 -23.86
N VAL G 76 -58.46 -6.56 -23.16
CA VAL G 76 -59.81 -6.15 -23.50
C VAL G 76 -59.77 -4.68 -23.91
N ARG G 77 -60.50 -4.34 -24.96
CA ARG G 77 -60.58 -2.97 -25.45
C ARG G 77 -61.88 -2.35 -24.94
N LEU G 78 -61.76 -1.30 -24.13
CA LEU G 78 -62.90 -0.57 -23.60
C LEU G 78 -63.09 0.70 -24.41
N ARG G 79 -64.31 0.94 -24.87
CA ARG G 79 -64.62 2.04 -25.77
C ARG G 79 -65.90 2.71 -25.28
N VAL G 80 -65.80 3.93 -24.79
CA VAL G 80 -66.95 4.65 -24.24
C VAL G 80 -67.33 5.80 -25.17
N PRO G 81 -68.36 5.64 -26.00
CA PRO G 81 -68.72 6.71 -26.93
C PRO G 81 -69.42 7.86 -26.20
N PHE G 82 -69.30 9.05 -26.80
CA PHE G 82 -70.01 10.22 -26.32
C PHE G 82 -70.27 11.15 -27.49
N THR G 83 -71.25 12.04 -27.32
CA THR G 83 -71.69 12.93 -28.38
C THR G 83 -71.55 14.38 -27.92
N LEU G 84 -70.95 15.20 -28.77
CA LEU G 84 -70.74 16.62 -28.49
C LEU G 84 -71.51 17.47 -29.49
N SER G 85 -71.95 18.63 -29.05
CA SER G 85 -72.65 19.57 -29.92
C SER G 85 -71.65 20.37 -30.75
N ARG G 86 -71.86 20.39 -32.07
CA ARG G 86 -70.98 21.15 -32.94
C ARG G 86 -71.07 22.65 -32.70
N ASN G 87 -72.21 23.12 -32.17
CA ASN G 87 -72.29 24.53 -31.78
C ASN G 87 -71.36 24.84 -30.63
N GLU G 88 -71.32 23.95 -29.62
CA GLU G 88 -70.39 24.13 -28.51
C GLU G 88 -68.95 24.01 -28.97
N ILE G 89 -68.68 23.15 -29.96
CA ILE G 89 -67.32 23.00 -30.47
C ILE G 89 -66.88 24.24 -31.22
N ASP G 90 -67.74 24.76 -32.10
CA ASP G 90 -67.40 25.95 -32.87
C ASP G 90 -67.35 27.21 -32.00
N ASP G 91 -67.98 27.17 -30.82
CA ASP G 91 -67.92 28.33 -29.92
C ASP G 91 -66.52 28.53 -29.35
N VAL G 92 -65.72 27.47 -29.27
CA VAL G 92 -64.41 27.56 -28.65
C VAL G 92 -63.52 28.54 -29.42
N GLU G 93 -63.49 28.41 -30.74
CA GLU G 93 -62.66 29.29 -31.56
C GLU G 93 -63.12 30.73 -31.47
N ARG G 94 -64.41 30.96 -31.24
CA ARG G 94 -64.94 32.31 -31.11
C ARG G 94 -64.70 32.92 -29.74
N GLY G 95 -64.06 32.20 -28.83
CA GLY G 95 -63.72 32.72 -27.52
C GLY G 95 -64.57 32.21 -26.36
N SER G 96 -65.29 31.12 -26.53
CA SER G 96 -66.14 30.60 -25.48
C SER G 96 -65.34 29.69 -24.55
N LYS G 97 -65.44 29.93 -23.25
CA LYS G 97 -64.82 29.10 -22.24
C LYS G 97 -65.83 28.28 -21.46
N ASP G 98 -67.11 28.40 -21.77
CA ASP G 98 -68.17 27.67 -21.08
C ASP G 98 -68.83 26.63 -21.98
N SER G 99 -68.07 26.08 -22.92
CA SER G 99 -68.60 25.05 -23.81
C SER G 99 -68.91 23.79 -23.02
N ASP G 100 -69.97 23.09 -23.43
CA ASP G 100 -70.48 21.94 -22.70
C ASP G 100 -69.59 20.73 -23.01
N TRP G 101 -68.65 20.44 -22.10
CA TRP G 101 -67.83 19.24 -22.20
C TRP G 101 -68.28 18.16 -21.22
N GLU G 102 -69.52 18.25 -20.74
CA GLU G 102 -70.04 17.21 -19.85
C GLU G 102 -70.10 15.84 -20.49
N PRO G 103 -70.51 15.65 -21.75
CA PRO G 103 -70.41 14.32 -22.35
C PRO G 103 -69.00 13.76 -22.31
N VAL G 104 -67.99 14.62 -22.43
CA VAL G 104 -66.62 14.16 -22.30
C VAL G 104 -66.35 13.70 -20.87
N LYS G 105 -66.83 14.47 -19.89
CA LYS G 105 -66.59 14.13 -18.49
C LYS G 105 -67.34 12.86 -18.10
N GLU G 106 -68.55 12.66 -18.64
CA GLU G 106 -69.29 11.45 -18.33
C GLU G 106 -68.58 10.22 -18.87
N ALA G 107 -67.99 10.33 -20.06
CA ALA G 107 -67.22 9.23 -20.62
C ALA G 107 -65.97 8.97 -19.80
N ALA G 108 -65.32 10.04 -19.32
CA ALA G 108 -64.14 9.86 -18.48
C ALA G 108 -64.50 9.18 -17.16
N LYS G 109 -65.60 9.61 -16.54
CA LYS G 109 -66.03 8.98 -15.30
C LYS G 109 -66.43 7.52 -15.54
N LYS G 110 -67.06 7.24 -16.68
CA LYS G 110 -67.48 5.88 -16.98
C LYS G 110 -66.29 4.98 -17.24
N LEU G 111 -65.33 5.43 -18.06
CA LEU G 111 -64.15 4.62 -18.35
C LEU G 111 -63.28 4.43 -17.12
N ALA G 112 -63.15 5.48 -16.30
CA ALA G 112 -62.35 5.35 -15.07
C ALA G 112 -62.99 4.37 -14.10
N PHE G 113 -64.31 4.40 -13.97
CA PHE G 113 -64.99 3.49 -13.04
C PHE G 113 -64.90 2.06 -13.53
N VAL G 114 -65.02 1.84 -14.83
CA VAL G 114 -64.91 0.47 -15.37
C VAL G 114 -63.51 -0.10 -15.10
N GLU G 115 -62.48 0.74 -15.24
CA GLU G 115 -61.12 0.27 -15.04
C GLU G 115 -60.85 -0.08 -13.58
N ASP G 116 -61.24 0.81 -12.66
CA ASP G 116 -60.98 0.57 -11.25
C ASP G 116 -61.78 -0.62 -10.73
N ARG G 117 -63.04 -0.74 -11.15
CA ARG G 117 -63.84 -1.90 -10.74
C ARG G 117 -63.31 -3.19 -11.38
N THR G 118 -62.69 -3.07 -12.56
CA THR G 118 -62.02 -4.23 -13.15
C THR G 118 -60.81 -4.63 -12.33
N ILE G 119 -60.07 -3.65 -11.83
CA ILE G 119 -58.86 -3.94 -11.06
C ILE G 119 -59.22 -4.55 -9.70
N PHE G 120 -60.20 -3.96 -9.01
CA PHE G 120 -60.49 -4.33 -7.63
C PHE G 120 -61.63 -5.32 -7.49
N GLU G 121 -62.67 -5.22 -8.31
CA GLU G 121 -63.80 -6.14 -8.19
C GLU G 121 -63.79 -7.25 -9.23
N GLY G 122 -63.19 -7.01 -10.39
CA GLY G 122 -63.00 -8.05 -11.38
C GLY G 122 -63.80 -7.79 -12.65
N TYR G 123 -63.49 -8.62 -13.66
CA TYR G 123 -64.15 -8.58 -14.96
C TYR G 123 -64.05 -9.99 -15.53
N SER G 124 -65.01 -10.84 -15.14
CA SER G 124 -64.94 -12.26 -15.48
C SER G 124 -65.01 -12.49 -17.00
N ALA G 125 -65.71 -11.62 -17.72
CA ALA G 125 -65.83 -11.77 -19.16
C ALA G 125 -64.49 -11.63 -19.87
N ALA G 126 -63.53 -10.92 -19.27
CA ALA G 126 -62.20 -10.75 -19.83
C ALA G 126 -61.16 -11.59 -19.09
N SER G 127 -61.60 -12.57 -18.31
CA SER G 127 -60.72 -13.45 -17.54
C SER G 127 -59.85 -12.67 -16.56
N ILE G 128 -60.39 -11.59 -16.01
CA ILE G 128 -59.66 -10.73 -15.08
C ILE G 128 -60.26 -10.90 -13.70
N GLU G 129 -59.55 -11.59 -12.82
CA GLU G 129 -59.99 -11.75 -11.44
C GLU G 129 -59.67 -10.48 -10.65
N GLY G 130 -60.62 -10.05 -9.83
CA GLY G 130 -60.40 -8.84 -9.05
C GLY G 130 -59.43 -9.06 -7.90
N ILE G 131 -58.92 -7.94 -7.38
CA ILE G 131 -58.04 -8.01 -6.23
C ILE G 131 -58.79 -8.56 -5.02
N ARG G 132 -60.06 -8.16 -4.88
CA ARG G 132 -60.87 -8.61 -3.75
C ARG G 132 -61.05 -10.13 -3.77
N SER G 133 -61.29 -10.70 -4.96
CA SER G 133 -61.50 -12.13 -5.07
C SER G 133 -60.22 -12.92 -4.86
N ALA G 134 -59.08 -12.36 -5.29
CA ALA G 134 -57.80 -13.06 -5.19
C ALA G 134 -57.12 -12.84 -3.84
N SER G 135 -57.63 -11.94 -3.00
CA SER G 135 -56.99 -11.64 -1.73
C SER G 135 -57.11 -12.83 -0.80
N SER G 136 -55.99 -13.51 -0.55
CA SER G 136 -55.97 -14.64 0.37
C SER G 136 -56.07 -14.21 1.83
N ASN G 137 -55.88 -12.93 2.13
CA ASN G 137 -55.95 -12.46 3.50
C ASN G 137 -57.40 -12.37 3.98
N PRO G 138 -57.64 -12.57 5.27
CA PRO G 138 -59.01 -12.52 5.80
C PRO G 138 -59.64 -11.15 5.60
N ALA G 139 -60.79 -11.13 4.90
CA ALA G 139 -61.51 -9.89 4.68
C ALA G 139 -62.11 -9.38 5.99
N LEU G 140 -62.30 -8.06 6.06
CA LEU G 140 -62.79 -7.41 7.26
C LEU G 140 -64.07 -6.64 6.97
N THR G 141 -64.80 -6.34 8.03
CA THR G 141 -66.05 -5.59 7.94
C THR G 141 -65.85 -4.19 8.49
N LEU G 142 -66.27 -3.19 7.73
CA LEU G 142 -66.21 -1.82 8.21
C LEU G 142 -67.17 -1.64 9.37
N PRO G 143 -66.74 -1.00 10.47
CA PRO G 143 -67.63 -0.88 11.63
C PRO G 143 -68.76 0.10 11.38
N GLU G 144 -69.81 -0.03 12.19
CA GLU G 144 -70.91 0.92 12.11
C GLU G 144 -70.51 2.27 12.67
N ASP G 145 -69.70 2.27 13.73
CA ASP G 145 -69.15 3.47 14.30
C ASP G 145 -67.90 3.86 13.52
N PRO G 146 -67.92 4.99 12.79
CA PRO G 146 -66.74 5.39 12.04
C PRO G 146 -65.54 5.69 12.91
N ARG G 147 -65.74 5.93 14.21
CA ARG G 147 -64.63 6.12 15.13
C ARG G 147 -63.87 4.84 15.41
N GLU G 148 -64.38 3.69 14.94
CA GLU G 148 -63.68 2.42 15.06
C GLU G 148 -62.99 2.03 13.75
N ILE G 149 -62.97 2.93 12.77
CA ILE G 149 -62.24 2.66 11.53
C ILE G 149 -60.75 2.46 11.78
N PRO G 150 -60.07 3.24 12.63
CA PRO G 150 -58.67 2.93 12.92
C PRO G 150 -58.43 1.51 13.41
N ASP G 151 -59.42 0.91 14.07
CA ASP G 151 -59.27 -0.47 14.55
C ASP G 151 -59.20 -1.45 13.39
N VAL G 152 -60.10 -1.31 12.41
CA VAL G 152 -60.13 -2.26 11.31
C VAL G 152 -58.96 -2.05 10.37
N ILE G 153 -58.51 -0.81 10.21
CA ILE G 153 -57.33 -0.54 9.39
C ILE G 153 -56.08 -1.14 10.02
N SER G 154 -55.98 -1.06 11.35
CA SER G 154 -54.83 -1.64 12.04
C SER G 154 -54.79 -3.15 11.85
N GLN G 155 -55.94 -3.81 11.92
CA GLN G 155 -55.98 -5.26 11.72
C GLN G 155 -55.61 -5.62 10.30
N ALA G 156 -56.04 -4.82 9.32
CA ALA G 156 -55.67 -5.07 7.94
C ALA G 156 -54.16 -4.91 7.73
N LEU G 157 -53.58 -3.86 8.32
CA LEU G 157 -52.13 -3.68 8.23
C LEU G 157 -51.38 -4.84 8.87
N SER G 158 -51.86 -5.30 10.02
CA SER G 158 -51.21 -6.42 10.71
C SER G 158 -51.30 -7.70 9.89
N GLU G 159 -52.41 -7.89 9.15
CA GLU G 159 -52.52 -9.06 8.27
C GLU G 159 -51.45 -9.04 7.19
N LEU G 160 -51.18 -7.86 6.61
CA LEU G 160 -50.12 -7.75 5.61
C LEU G 160 -48.74 -8.01 6.22
N ARG G 161 -48.47 -7.44 7.40
CA ARG G 161 -47.16 -7.62 8.03
C ARG G 161 -46.95 -9.08 8.44
N LEU G 162 -47.99 -9.76 8.88
CA LEU G 162 -47.85 -11.16 9.29
C LEU G 162 -47.71 -12.10 8.10
N ALA G 163 -47.95 -11.61 6.89
CA ALA G 163 -47.79 -12.41 5.68
C ALA G 163 -46.47 -12.14 4.98
N GLY G 164 -45.55 -11.45 5.63
CA GLY G 164 -44.28 -11.14 5.01
C GLY G 164 -44.33 -10.05 3.96
N VAL G 165 -45.43 -9.31 3.87
CA VAL G 165 -45.59 -8.26 2.87
C VAL G 165 -45.03 -6.96 3.43
N ASP G 166 -44.19 -6.29 2.64
CA ASP G 166 -43.48 -5.08 3.03
C ASP G 166 -43.99 -3.90 2.19
N GLY G 167 -43.15 -2.90 2.01
CA GLY G 167 -43.46 -1.79 1.13
C GLY G 167 -44.36 -0.78 1.79
N PRO G 168 -44.41 0.44 1.24
CA PRO G 168 -45.35 1.44 1.76
C PRO G 168 -46.78 0.94 1.63
N TYR G 169 -47.48 0.88 2.75
CA TYR G 169 -48.86 0.42 2.76
C TYR G 169 -49.78 1.60 2.49
N SER G 170 -50.76 1.41 1.61
CA SER G 170 -51.71 2.43 1.24
C SER G 170 -53.12 1.91 1.47
N VAL G 171 -54.05 2.85 1.67
CA VAL G 171 -55.43 2.54 1.99
C VAL G 171 -56.32 3.20 0.96
N LEU G 172 -57.12 2.41 0.24
CA LEU G 172 -58.07 2.93 -0.73
C LEU G 172 -59.47 2.88 -0.12
N LEU G 173 -60.14 4.03 -0.08
CA LEU G 173 -61.47 4.15 0.52
C LEU G 173 -62.49 4.45 -0.56
N SER G 174 -63.68 3.87 -0.42
CA SER G 174 -64.77 4.20 -1.32
C SER G 174 -65.21 5.65 -1.09
N ALA G 175 -66.09 6.13 -1.97
CA ALA G 175 -66.54 7.52 -1.88
C ALA G 175 -67.23 7.79 -0.55
N ASP G 176 -68.05 6.86 -0.09
CA ASP G 176 -68.75 7.06 1.18
C ASP G 176 -67.79 6.93 2.37
N VAL G 177 -66.91 5.93 2.34
CA VAL G 177 -66.00 5.72 3.46
C VAL G 177 -64.98 6.85 3.54
N TYR G 178 -64.51 7.35 2.38
CA TYR G 178 -63.59 8.47 2.40
C TYR G 178 -64.23 9.71 3.00
N THR G 179 -65.48 9.99 2.61
CA THR G 179 -66.19 11.13 3.18
C THR G 179 -66.42 10.94 4.67
N LYS G 180 -66.71 9.70 5.09
CA LYS G 180 -66.91 9.42 6.50
C LYS G 180 -65.62 9.62 7.29
N VAL G 181 -64.50 9.11 6.77
CA VAL G 181 -63.22 9.28 7.45
C VAL G 181 -62.83 10.75 7.51
N SER G 182 -63.19 11.52 6.48
CA SER G 182 -62.80 12.92 6.44
C SER G 182 -63.57 13.75 7.45
N GLU G 183 -64.82 13.39 7.75
CA GLU G 183 -65.67 14.17 8.64
C GLU G 183 -65.70 13.65 10.07
N THR G 184 -65.44 12.36 10.28
CA THR G 184 -65.57 11.78 11.61
C THR G 184 -64.45 12.25 12.53
N SER G 185 -64.82 12.60 13.76
CA SER G 185 -63.86 13.00 14.78
C SER G 185 -64.22 12.29 16.08
N ASP G 186 -63.29 11.51 16.62
CA ASP G 186 -63.48 10.81 17.88
C ASP G 186 -63.07 11.74 19.02
N HIS G 187 -64.06 12.21 19.78
CA HIS G 187 -63.83 13.18 20.86
C HIS G 187 -63.10 14.41 20.33
N GLY G 188 -63.50 14.87 19.15
CA GLY G 188 -62.89 16.03 18.52
C GLY G 188 -61.64 15.73 17.71
N TYR G 189 -60.93 14.66 18.02
CA TYR G 189 -59.73 14.30 17.27
C TYR G 189 -60.12 13.69 15.94
N PRO G 190 -59.75 14.29 14.81
CA PRO G 190 -60.13 13.74 13.51
C PRO G 190 -59.51 12.37 13.30
N ILE G 191 -60.34 11.41 12.88
CA ILE G 191 -59.84 10.05 12.71
C ILE G 191 -58.91 9.95 11.52
N ARG G 192 -58.94 10.92 10.61
CA ARG G 192 -58.04 10.86 9.46
C ARG G 192 -56.60 11.08 9.91
N GLU G 193 -56.39 11.88 10.96
CA GLU G 193 -55.06 12.03 11.55
C GLU G 193 -54.55 10.71 12.10
N HIS G 194 -55.42 9.93 12.73
CA HIS G 194 -55.03 8.62 13.22
C HIS G 194 -54.60 7.70 12.09
N LEU G 195 -55.36 7.69 10.99
CA LEU G 195 -54.98 6.83 9.86
C LEU G 195 -53.74 7.35 9.16
N ASN G 196 -53.61 8.67 9.01
CA ASN G 196 -52.42 9.22 8.36
C ASN G 196 -51.16 8.90 9.16
N ARG G 197 -51.29 8.78 10.48
CA ARG G 197 -50.18 8.35 11.32
C ARG G 197 -49.99 6.84 11.30
N LEU G 198 -50.93 6.10 10.73
CA LEU G 198 -50.81 4.65 10.63
C LEU G 198 -50.33 4.17 9.27
N VAL G 199 -50.57 4.93 8.20
CA VAL G 199 -50.20 4.53 6.86
C VAL G 199 -48.97 5.32 6.42
N ASP G 200 -47.89 4.61 6.10
CA ASP G 200 -46.72 5.25 5.53
C ASP G 200 -46.93 5.61 4.06
N GLY G 201 -47.92 5.01 3.41
CA GLY G 201 -48.26 5.34 2.04
C GLY G 201 -49.29 6.45 1.95
N ASP G 202 -50.35 6.23 1.18
CA ASP G 202 -51.36 7.26 0.94
C ASP G 202 -52.76 6.71 1.25
N ILE G 203 -53.66 7.64 1.55
CA ILE G 203 -55.08 7.36 1.67
C ILE G 203 -55.75 7.88 0.41
N ILE G 204 -56.17 6.97 -0.47
CA ILE G 204 -56.56 7.32 -1.83
C ILE G 204 -58.07 7.43 -1.92
N TRP G 205 -58.55 8.49 -2.59
CA TRP G 205 -59.97 8.66 -2.90
C TRP G 205 -60.31 7.75 -4.07
N ALA G 206 -61.08 6.69 -3.80
CA ALA G 206 -61.43 5.68 -4.79
C ALA G 206 -62.95 5.60 -4.91
N PRO G 207 -63.56 6.50 -5.68
CA PRO G 207 -65.04 6.53 -5.73
C PRO G 207 -65.65 5.37 -6.51
N ALA G 208 -64.88 4.72 -7.38
CA ALA G 208 -65.45 3.66 -8.20
C ALA G 208 -65.68 2.37 -7.42
N ILE G 209 -64.85 2.10 -6.40
CA ILE G 209 -64.96 0.88 -5.63
C ILE G 209 -65.95 1.10 -4.50
N ASP G 210 -66.36 0.03 -3.84
CA ASP G 210 -67.17 0.09 -2.63
C ASP G 210 -66.45 -0.65 -1.51
N GLY G 211 -66.57 -0.13 -0.30
CA GLY G 211 -65.84 -0.68 0.83
C GLY G 211 -64.47 -0.03 0.95
N ALA G 212 -63.44 -0.85 1.12
CA ALA G 212 -62.09 -0.33 1.27
C ALA G 212 -61.09 -1.42 0.96
N PHE G 213 -59.86 -1.00 0.68
CA PHE G 213 -58.75 -1.91 0.42
C PHE G 213 -57.51 -1.40 1.12
N VAL G 214 -56.75 -2.31 1.71
CA VAL G 214 -55.45 -2.02 2.31
C VAL G 214 -54.43 -2.90 1.63
N LEU G 215 -53.54 -2.30 0.85
CA LEU G 215 -52.57 -3.05 0.06
C LEU G 215 -51.20 -2.39 0.15
N THR G 216 -50.21 -3.04 -0.45
CA THR G 216 -48.85 -2.54 -0.48
C THR G 216 -48.54 -1.94 -1.85
N THR G 217 -47.66 -0.93 -1.85
CA THR G 217 -47.19 -0.31 -3.08
C THR G 217 -45.71 -0.58 -3.31
N ARG G 218 -45.22 -1.72 -2.83
CA ARG G 218 -43.81 -2.07 -3.01
C ARG G 218 -43.48 -2.34 -4.48
N GLY G 219 -44.45 -2.76 -5.26
CA GLY G 219 -44.25 -3.05 -6.67
C GLY G 219 -44.15 -4.54 -6.93
N GLY G 220 -44.58 -4.95 -8.13
CA GLY G 220 -44.52 -6.33 -8.53
C GLY G 220 -45.68 -7.19 -8.10
N ASP G 221 -46.72 -6.61 -7.51
CA ASP G 221 -47.89 -7.35 -7.06
C ASP G 221 -49.13 -7.13 -7.91
N PHE G 222 -49.36 -5.90 -8.38
CA PHE G 222 -50.52 -5.57 -9.19
C PHE G 222 -50.03 -4.97 -10.50
N ASP G 223 -50.40 -5.58 -11.61
CA ASP G 223 -49.86 -5.24 -12.92
C ASP G 223 -50.99 -4.85 -13.85
N LEU G 224 -51.05 -3.56 -14.19
CA LEU G 224 -52.00 -3.04 -15.18
C LEU G 224 -51.26 -2.95 -16.52
N GLN G 225 -51.42 -3.97 -17.35
CA GLN G 225 -50.72 -4.04 -18.63
C GLN G 225 -51.45 -3.19 -19.66
N LEU G 226 -50.85 -2.08 -20.06
CA LEU G 226 -51.42 -1.19 -21.05
C LEU G 226 -50.91 -1.54 -22.44
N GLY G 227 -51.83 -1.75 -23.37
CA GLY G 227 -51.48 -1.85 -24.78
C GLY G 227 -51.68 -0.50 -25.45
N THR G 228 -52.81 0.12 -25.17
CA THR G 228 -53.12 1.46 -25.63
C THR G 228 -53.75 2.23 -24.47
N ASP G 229 -53.11 3.31 -24.06
CA ASP G 229 -53.64 4.13 -22.98
C ASP G 229 -54.90 4.87 -23.46
N VAL G 230 -55.54 5.56 -22.51
CA VAL G 230 -56.81 6.23 -22.83
C VAL G 230 -56.56 7.30 -23.90
N ALA G 231 -57.39 7.28 -24.93
CA ALA G 231 -57.28 8.21 -26.05
C ALA G 231 -58.68 8.58 -26.54
N ILE G 232 -58.74 9.67 -27.30
CA ILE G 232 -59.99 10.17 -27.86
C ILE G 232 -59.97 9.88 -29.36
N GLY G 233 -61.00 9.15 -29.84
CA GLY G 233 -61.13 8.83 -31.24
C GLY G 233 -62.43 9.38 -31.80
N TYR G 234 -62.52 9.33 -33.13
CA TYR G 234 -63.68 9.84 -33.86
C TYR G 234 -64.43 8.69 -34.52
N ALA G 235 -65.75 8.72 -34.41
CA ALA G 235 -66.61 7.69 -34.99
C ALA G 235 -67.39 8.23 -36.18
N SER G 236 -68.32 9.16 -35.96
CA SER G 236 -69.13 9.71 -37.03
C SER G 236 -69.56 11.11 -36.64
N HIS G 237 -70.19 11.81 -37.58
CA HIS G 237 -70.66 13.17 -37.34
C HIS G 237 -71.70 13.53 -38.39
N ASP G 238 -72.58 14.46 -38.02
CA ASP G 238 -73.51 15.05 -38.97
C ASP G 238 -73.32 16.56 -38.98
N THR G 239 -74.35 17.30 -39.38
CA THR G 239 -74.26 18.75 -39.41
C THR G 239 -74.50 19.39 -38.05
N ASP G 240 -74.87 18.62 -37.03
CA ASP G 240 -75.19 19.20 -35.73
C ASP G 240 -74.38 18.60 -34.58
N THR G 241 -73.99 17.32 -34.70
CA THR G 241 -73.32 16.64 -33.61
C THR G 241 -72.12 15.86 -34.14
N VAL G 242 -71.19 15.55 -33.24
CA VAL G 242 -70.04 14.70 -33.52
C VAL G 242 -70.01 13.58 -32.49
N ARG G 243 -69.83 12.36 -32.96
CA ARG G 243 -69.77 11.18 -32.11
C ARG G 243 -68.30 10.80 -31.92
N LEU G 244 -67.78 11.06 -30.72
CA LEU G 244 -66.43 10.69 -30.34
C LEU G 244 -66.51 9.56 -29.32
N TYR G 245 -65.34 9.13 -28.83
CA TYR G 245 -65.30 8.01 -27.90
C TYR G 245 -63.98 8.02 -27.15
N LEU G 246 -64.03 7.48 -25.93
CA LEU G 246 -62.82 7.21 -25.15
C LEU G 246 -62.48 5.74 -25.31
N GLN G 247 -61.25 5.46 -25.73
CA GLN G 247 -60.83 4.08 -26.01
C GLN G 247 -59.60 3.74 -25.19
N GLU G 248 -59.51 2.46 -24.82
CA GLU G 248 -58.42 1.97 -23.98
C GLU G 248 -58.33 0.46 -24.15
N THR G 249 -57.10 -0.05 -24.26
CA THR G 249 -56.86 -1.48 -24.40
C THR G 249 -55.90 -1.91 -23.32
N LEU G 250 -56.37 -2.77 -22.40
CA LEU G 250 -55.57 -3.13 -21.24
C LEU G 250 -56.04 -4.47 -20.68
N THR G 251 -55.31 -4.95 -19.67
CA THR G 251 -55.72 -6.06 -18.85
C THR G 251 -55.05 -5.90 -17.49
N PHE G 252 -55.57 -6.61 -16.49
CA PHE G 252 -55.04 -6.56 -15.14
C PHE G 252 -54.64 -7.95 -14.67
N LEU G 253 -53.57 -8.03 -13.89
CA LEU G 253 -53.08 -9.28 -13.33
C LEU G 253 -52.68 -9.07 -11.89
N CYS G 254 -53.07 -10.01 -11.02
CA CYS G 254 -52.73 -9.98 -9.60
C CYS G 254 -51.81 -11.14 -9.30
N TYR G 255 -50.55 -10.84 -8.99
CA TYR G 255 -49.52 -11.86 -8.82
C TYR G 255 -49.33 -12.30 -7.37
N THR G 256 -49.70 -11.47 -6.40
CA THR G 256 -49.49 -11.74 -4.99
C THR G 256 -50.82 -11.69 -4.26
N ALA G 257 -51.25 -12.84 -3.73
CA ALA G 257 -52.54 -12.90 -3.05
C ALA G 257 -52.49 -12.20 -1.69
N GLU G 258 -51.40 -12.36 -0.96
CA GLU G 258 -51.28 -11.81 0.39
C GLU G 258 -50.95 -10.32 0.40
N ALA G 259 -50.89 -9.67 -0.76
CA ALA G 259 -50.51 -8.26 -0.84
C ALA G 259 -51.68 -7.31 -0.63
N SER G 260 -52.87 -7.82 -0.33
CA SER G 260 -54.04 -6.96 -0.18
C SER G 260 -54.96 -7.50 0.89
N VAL G 261 -55.75 -6.61 1.48
CA VAL G 261 -56.78 -6.95 2.46
C VAL G 261 -58.04 -6.21 2.06
N ALA G 262 -59.12 -6.94 1.80
CA ALA G 262 -60.37 -6.35 1.36
C ALA G 262 -61.28 -6.05 2.55
N LEU G 263 -62.05 -4.96 2.43
CA LEU G 263 -62.98 -4.53 3.45
C LEU G 263 -64.32 -4.19 2.81
N SER G 264 -65.40 -4.53 3.51
CA SER G 264 -66.75 -4.30 3.01
C SER G 264 -67.64 -3.90 4.18
N HIS G 265 -68.90 -3.61 3.87
CA HIS G 265 -69.90 -3.29 4.88
C HIS G 265 -70.61 -4.57 5.32
N LYS G 266 -71.51 -4.43 6.28
CA LYS G 266 -72.25 -5.58 6.81
C LYS G 266 -73.60 -5.76 6.12
N MET H 1 82.21 66.91 23.02
CA MET H 1 81.78 66.52 24.36
C MET H 1 81.07 67.67 25.04
N ASN H 2 80.72 67.46 26.30
CA ASN H 2 80.12 68.49 27.11
C ASN H 2 81.06 68.78 28.29
N ASN H 3 80.57 69.61 29.22
CA ASN H 3 81.37 69.98 30.37
C ASN H 3 81.66 68.81 31.29
N LEU H 4 80.94 67.69 31.13
CA LEU H 4 81.18 66.50 31.93
C LEU H 4 82.44 65.76 31.47
N TYR H 5 82.78 65.88 30.19
CA TYR H 5 83.97 65.25 29.62
C TYR H 5 84.00 63.75 29.90
N ARG H 6 82.84 63.11 29.77
CA ARG H 6 82.71 61.69 30.07
C ARG H 6 83.56 60.83 29.14
N ASP H 7 83.76 61.26 27.89
CA ASP H 7 84.51 60.47 26.93
C ASP H 7 85.99 60.35 27.28
N LEU H 8 86.51 61.24 28.13
CA LEU H 8 87.91 61.20 28.52
C LEU H 8 88.17 60.30 29.71
N ALA H 9 87.14 59.78 30.35
CA ALA H 9 87.31 58.95 31.54
C ALA H 9 87.67 57.53 31.14
N PRO H 10 88.68 56.91 31.77
CA PRO H 10 88.99 55.49 31.50
C PRO H 10 87.99 54.57 32.18
N VAL H 11 86.76 54.58 31.68
CA VAL H 11 85.66 53.78 32.20
C VAL H 11 85.01 53.03 31.05
N THR H 12 84.90 51.72 31.19
CA THR H 12 84.31 50.88 30.16
C THR H 12 82.81 51.20 30.01
N GLU H 13 82.28 50.94 28.81
CA GLU H 13 80.85 51.08 28.60
C GLU H 13 80.06 50.22 29.57
N ALA H 14 80.53 49.01 29.83
CA ALA H 14 79.87 48.15 30.81
C ALA H 14 79.93 48.75 32.21
N ALA H 15 81.09 49.31 32.58
CA ALA H 15 81.22 49.95 33.88
C ALA H 15 80.34 51.18 33.98
N TRP H 16 80.24 51.96 32.90
CA TRP H 16 79.36 53.12 32.91
C TRP H 16 77.93 52.73 33.22
N ALA H 17 77.47 51.60 32.68
CA ALA H 17 76.11 51.15 32.93
C ALA H 17 75.90 50.81 34.40
N GLU H 18 76.86 50.11 35.00
CA GLU H 18 76.73 49.74 36.41
C GLU H 18 76.79 50.98 37.31
N ILE H 19 77.67 51.92 36.99
CA ILE H 19 77.80 53.14 37.76
C ILE H 19 76.53 53.97 37.67
N GLU H 20 75.98 54.12 36.45
CA GLU H 20 74.79 54.94 36.26
C GLU H 20 73.56 54.30 36.91
N LEU H 21 73.42 52.98 36.79
CA LEU H 21 72.29 52.30 37.43
C LEU H 21 72.34 52.46 38.94
N GLU H 22 73.52 52.27 39.53
CA GLU H 22 73.64 52.34 40.99
C GLU H 22 73.35 53.75 41.49
N ALA H 23 73.90 54.76 40.83
CA ALA H 23 73.66 56.14 41.24
C ALA H 23 72.17 56.49 41.13
N ALA H 24 71.50 55.97 40.09
CA ALA H 24 70.11 56.32 39.87
C ALA H 24 69.21 55.78 40.97
N ARG H 25 69.32 54.49 41.27
CA ARG H 25 68.42 53.89 42.27
C ARG H 25 68.79 54.33 43.68
N THR H 26 70.07 54.61 43.94
CA THR H 26 70.47 55.08 45.25
C THR H 26 69.95 56.49 45.51
N PHE H 27 70.06 57.38 44.53
CA PHE H 27 69.52 58.73 44.68
C PHE H 27 68.01 58.69 44.90
N LYS H 28 67.31 57.82 44.17
CA LYS H 28 65.86 57.76 44.29
C LYS H 28 65.43 57.24 45.66
N ARG H 29 66.26 56.42 46.30
CA ARG H 29 65.88 55.85 47.59
C ARG H 29 65.94 56.90 48.69
N HIS H 30 66.94 57.77 48.67
CA HIS H 30 67.10 58.78 49.70
C HIS H 30 66.28 60.03 49.44
N ILE H 31 65.85 60.25 48.22
CA ILE H 31 65.16 61.48 47.85
C ILE H 31 63.67 61.37 48.22
N ALA H 32 63.09 62.50 48.62
CA ALA H 32 61.68 62.56 48.99
C ALA H 32 60.96 63.81 48.54
N GLY H 33 61.66 64.91 48.26
CA GLY H 33 61.00 66.14 47.87
C GLY H 33 60.49 66.07 46.44
N ARG H 34 61.26 65.40 45.57
CA ARG H 34 60.90 65.22 44.18
C ARG H 34 59.62 64.40 44.03
N ARG H 35 59.09 63.91 45.14
CA ARG H 35 57.84 63.14 45.16
C ARG H 35 56.66 63.98 45.60
N VAL H 36 56.88 65.19 46.09
CA VAL H 36 55.79 66.07 46.51
C VAL H 36 55.86 67.46 45.90
N VAL H 37 57.02 67.91 45.44
CA VAL H 37 57.15 69.24 44.87
C VAL H 37 57.06 69.13 43.35
N ASP H 38 56.89 70.28 42.70
CA ASP H 38 56.80 70.34 41.24
C ASP H 38 58.21 70.47 40.68
N VAL H 39 58.71 69.39 40.08
CA VAL H 39 60.04 69.38 39.48
C VAL H 39 59.90 69.72 37.99
N SER H 40 60.60 70.77 37.57
CA SER H 40 60.49 71.24 36.20
C SER H 40 61.38 70.42 35.27
N ASP H 41 61.20 70.63 33.97
CA ASP H 41 62.09 70.03 32.99
C ASP H 41 63.42 70.77 32.99
N PRO H 42 64.53 70.06 32.77
CA PRO H 42 65.85 70.71 32.77
C PRO H 42 65.93 71.81 31.72
N GLY H 43 66.20 73.02 32.18
CA GLY H 43 66.27 74.17 31.29
C GLY H 43 67.54 74.26 30.47
N GLY H 44 68.54 73.44 30.77
CA GLY H 44 69.79 73.46 30.05
C GLY H 44 70.92 74.04 30.87
N PRO H 45 72.17 73.81 30.43
CA PRO H 45 73.32 74.34 31.18
C PRO H 45 73.40 75.85 31.17
N VAL H 46 72.69 76.53 30.27
CA VAL H 46 72.72 77.99 30.25
C VAL H 46 71.86 78.60 31.35
N THR H 47 70.91 77.84 31.89
CA THR H 47 70.02 78.37 32.93
C THR H 47 70.83 78.81 34.15
N ALA H 48 70.62 80.06 34.56
CA ALA H 48 71.35 80.62 35.69
C ALA H 48 70.46 81.32 36.72
N ALA H 49 69.20 81.61 36.39
CA ALA H 49 68.33 82.29 37.34
C ALA H 49 66.89 81.97 37.00
N VAL H 50 66.02 82.16 37.99
CA VAL H 50 64.58 81.97 37.83
C VAL H 50 63.91 83.28 38.17
N SER H 51 63.15 83.83 37.22
CA SER H 51 62.52 85.13 37.42
C SER H 51 61.42 85.01 38.47
N THR H 52 61.52 85.81 39.52
CA THR H 52 60.47 85.90 40.53
C THR H 52 59.43 86.96 40.19
N GLY H 53 59.59 87.66 39.07
CA GLY H 53 58.61 88.62 38.62
C GLY H 53 58.53 89.90 39.43
N ARG H 54 59.30 90.01 40.51
CA ARG H 54 59.22 91.15 41.40
C ARG H 54 60.25 92.21 41.01
N LEU H 55 59.99 93.44 41.42
CA LEU H 55 60.85 94.57 41.12
C LEU H 55 61.62 94.98 42.36
N ILE H 56 62.81 95.54 42.14
CA ILE H 56 63.68 95.99 43.22
C ILE H 56 64.07 97.44 42.95
N ASP H 57 63.80 98.32 43.91
CA ASP H 57 64.15 99.72 43.77
C ASP H 57 65.65 99.88 43.62
N VAL H 58 66.05 100.75 42.69
CA VAL H 58 67.45 101.01 42.40
C VAL H 58 67.59 102.49 42.05
N LYS H 59 68.80 103.01 42.23
CA LYS H 59 69.05 104.43 41.98
C LYS H 59 68.78 104.76 40.52
N ALA H 60 68.01 105.82 40.29
CA ALA H 60 67.65 106.22 38.94
C ALA H 60 68.88 106.74 38.19
N PRO H 61 68.91 106.57 36.87
CA PRO H 61 70.05 107.11 36.11
C PRO H 61 70.06 108.63 36.08
N THR H 62 68.90 109.25 35.86
CA THR H 62 68.77 110.70 35.91
C THR H 62 67.39 111.04 36.47
N ASN H 63 67.15 112.33 36.64
CA ASN H 63 65.85 112.78 37.12
C ASN H 63 64.80 112.57 36.04
N GLY H 64 63.59 112.18 36.45
CA GLY H 64 62.52 111.90 35.53
C GLY H 64 62.44 110.47 35.07
N VAL H 65 63.35 109.60 35.50
CA VAL H 65 63.38 108.20 35.14
C VAL H 65 63.17 107.37 36.40
N ILE H 66 62.32 106.36 36.31
CA ILE H 66 62.05 105.44 37.41
C ILE H 66 62.65 104.09 37.05
N ALA H 67 63.71 103.72 37.76
CA ALA H 67 64.47 102.51 37.45
C ALA H 67 64.20 101.43 38.51
N HIS H 68 64.06 100.20 38.04
CA HIS H 68 63.87 99.04 38.92
C HIS H 68 64.66 97.86 38.36
N LEU H 69 65.27 97.10 39.27
CA LEU H 69 65.97 95.88 38.89
C LEU H 69 65.00 94.70 38.92
N ARG H 70 65.15 93.79 37.96
CA ARG H 70 64.29 92.62 37.88
C ARG H 70 64.81 91.54 38.82
N ALA H 71 64.02 91.21 39.83
CA ALA H 71 64.40 90.20 40.80
C ALA H 71 64.36 88.81 40.18
N SER H 72 65.30 87.95 40.60
CA SER H 72 65.39 86.60 40.07
C SER H 72 66.07 85.71 41.11
N LYS H 73 65.73 84.42 41.06
CA LYS H 73 66.25 83.44 42.00
C LYS H 73 67.44 82.72 41.37
N PRO H 74 68.64 82.83 41.91
CA PRO H 74 69.80 82.24 41.25
C PRO H 74 69.83 80.72 41.41
N LEU H 75 70.42 80.07 40.42
CA LEU H 75 70.63 78.63 40.48
C LEU H 75 71.98 78.32 41.12
N VAL H 76 72.03 77.23 41.87
CA VAL H 76 73.25 76.76 42.52
C VAL H 76 73.64 75.43 41.92
N ARG H 77 74.93 75.25 41.68
CA ARG H 77 75.47 74.00 41.15
C ARG H 77 76.04 73.17 42.29
N LEU H 78 75.47 71.99 42.50
CA LEU H 78 75.96 71.05 43.51
C LEU H 78 76.77 69.98 42.82
N ARG H 79 77.97 69.73 43.32
CA ARG H 79 78.93 68.81 42.68
C ARG H 79 79.54 67.95 43.77
N VAL H 80 79.23 66.66 43.76
CA VAL H 80 79.70 65.74 44.79
C VAL H 80 80.74 64.79 44.21
N PRO H 81 82.02 65.04 44.42
CA PRO H 81 83.06 64.16 43.85
C PRO H 81 83.16 62.84 44.59
N PHE H 82 83.62 61.82 43.87
CA PHE H 82 83.93 60.52 44.44
C PHE H 82 85.04 59.88 43.62
N THR H 83 85.74 58.93 44.22
CA THR H 83 86.88 58.28 43.61
C THR H 83 86.62 56.78 43.51
N LEU H 84 86.89 56.21 42.33
CA LEU H 84 86.67 54.81 42.06
C LEU H 84 87.99 54.12 41.78
N SER H 85 88.06 52.83 42.13
CA SER H 85 89.24 52.03 41.84
C SER H 85 89.17 51.54 40.40
N ARG H 86 90.25 51.75 39.65
CA ARG H 86 90.28 51.30 38.26
C ARG H 86 90.26 49.78 38.16
N ASN H 87 90.71 49.07 39.20
CA ASN H 87 90.56 47.62 39.22
C ASN H 87 89.09 47.22 39.28
N GLU H 88 88.31 47.90 40.11
CA GLU H 88 86.87 47.62 40.16
C GLU H 88 86.19 47.98 38.86
N ILE H 89 86.67 49.02 38.18
CA ILE H 89 86.08 49.40 36.90
C ILE H 89 86.41 48.36 35.83
N ASP H 90 87.68 47.95 35.75
CA ASP H 90 88.07 46.97 34.75
C ASP H 90 87.51 45.59 35.05
N ASP H 91 87.12 45.32 36.29
CA ASP H 91 86.55 44.02 36.62
C ASP H 91 85.17 43.84 35.99
N VAL H 92 84.47 44.94 35.72
CA VAL H 92 83.10 44.85 35.21
C VAL H 92 83.06 44.11 33.88
N GLU H 93 83.95 44.50 32.95
CA GLU H 93 83.99 43.86 31.65
C GLU H 93 84.39 42.40 31.75
N ARG H 94 85.16 42.03 32.77
CA ARG H 94 85.58 40.66 32.97
C ARG H 94 84.51 39.78 33.62
N GLY H 95 83.35 40.33 33.94
CA GLY H 95 82.26 39.55 34.49
C GLY H 95 82.02 39.71 35.98
N SER H 96 82.52 40.77 36.61
CA SER H 96 82.36 40.98 38.03
C SER H 96 81.05 41.71 38.30
N LYS H 97 80.25 41.19 39.23
CA LYS H 97 79.01 41.82 39.64
C LYS H 97 79.06 42.42 41.03
N ASP H 98 80.19 42.29 41.73
CA ASP H 98 80.34 42.85 43.08
C ASP H 98 81.38 43.97 43.12
N SER H 99 81.50 44.74 42.05
CA SER H 99 82.45 45.84 42.02
C SER H 99 82.05 46.90 43.05
N ASP H 100 83.04 47.53 43.66
CA ASP H 100 82.82 48.44 44.78
C ASP H 100 82.31 49.78 44.25
N TRP H 101 80.99 49.96 44.28
CA TRP H 101 80.37 51.24 43.94
C TRP H 101 79.95 52.02 45.17
N GLU H 102 80.52 51.72 46.33
CA GLU H 102 80.16 52.46 47.53
C GLU H 102 80.45 53.96 47.44
N PRO H 103 81.59 54.41 46.90
CA PRO H 103 81.74 55.86 46.67
C PRO H 103 80.64 56.43 45.78
N VAL H 104 80.13 55.65 44.82
CA VAL H 104 79.01 56.11 44.01
C VAL H 104 77.76 56.25 44.87
N LYS H 105 77.50 55.25 45.71
CA LYS H 105 76.30 55.29 46.55
C LYS H 105 76.41 56.39 47.60
N GLU H 106 77.60 56.61 48.15
CA GLU H 106 77.77 57.66 49.14
C GLU H 106 77.59 59.03 48.52
N ALA H 107 78.07 59.22 47.29
CA ALA H 107 77.86 60.49 46.60
C ALA H 107 76.39 60.70 46.28
N ALA H 108 75.68 59.63 45.90
CA ALA H 108 74.25 59.74 45.65
C ALA H 108 73.49 60.07 46.94
N LYS H 109 73.86 59.42 48.04
CA LYS H 109 73.22 59.71 49.32
C LYS H 109 73.50 61.14 49.76
N LYS H 110 74.72 61.63 49.51
CA LYS H 110 75.08 62.98 49.90
C LYS H 110 74.34 64.02 49.06
N LEU H 111 74.31 63.82 47.74
CA LEU H 111 73.63 64.77 46.86
C LEU H 111 72.13 64.77 47.14
N ALA H 112 71.55 63.60 47.39
CA ALA H 112 70.13 63.53 47.72
C ALA H 112 69.84 64.24 49.04
N PHE H 113 70.72 64.07 50.04
CA PHE H 113 70.51 64.72 51.32
C PHE H 113 70.66 66.23 51.21
N VAL H 114 71.63 66.70 50.42
CA VAL H 114 71.80 68.13 50.23
C VAL H 114 70.57 68.74 49.56
N GLU H 115 70.00 68.02 48.60
CA GLU H 115 68.84 68.56 47.88
C GLU H 115 67.61 68.63 48.77
N ASP H 116 67.31 67.54 49.50
CA ASP H 116 66.13 67.55 50.36
C ASP H 116 66.29 68.53 51.52
N ARG H 117 67.50 68.61 52.09
CA ARG H 117 67.75 69.61 53.11
C ARG H 117 67.60 71.02 52.57
N THR H 118 67.95 71.23 51.30
CA THR H 118 67.79 72.55 50.69
C THR H 118 66.31 72.88 50.49
N ILE H 119 65.51 71.89 50.10
CA ILE H 119 64.09 72.13 49.86
C ILE H 119 63.35 72.40 51.17
N PHE H 120 63.62 71.58 52.19
CA PHE H 120 62.84 71.60 53.42
C PHE H 120 63.46 72.43 54.53
N GLU H 121 64.78 72.42 54.67
CA GLU H 121 65.43 73.17 55.73
C GLU H 121 66.08 74.47 55.24
N GLY H 122 66.48 74.53 53.99
CA GLY H 122 66.97 75.75 53.39
C GLY H 122 68.45 75.67 53.03
N TYR H 123 68.88 76.70 52.31
CA TYR H 123 70.29 76.83 51.90
C TYR H 123 70.55 78.33 51.74
N SER H 124 70.91 78.97 52.85
CA SER H 124 71.03 80.42 52.87
C SER H 124 72.12 80.90 51.92
N ALA H 125 73.16 80.08 51.71
CA ALA H 125 74.26 80.47 50.83
C ALA H 125 73.79 80.64 49.39
N ALA H 126 72.71 79.95 49.01
CA ALA H 126 72.14 80.07 47.66
C ALA H 126 70.82 80.84 47.66
N SER H 127 70.54 81.59 48.72
CA SER H 127 69.29 82.36 48.84
C SER H 127 68.06 81.49 48.73
N ILE H 128 68.13 80.26 49.24
CA ILE H 128 67.02 79.32 49.15
C ILE H 128 66.46 79.13 50.56
N GLU H 129 65.29 79.73 50.81
CA GLU H 129 64.63 79.58 52.09
C GLU H 129 63.91 78.24 52.14
N GLY H 130 64.11 77.50 53.23
CA GLY H 130 63.48 76.21 53.35
C GLY H 130 61.98 76.30 53.51
N ILE H 131 61.32 75.16 53.28
CA ILE H 131 59.87 75.08 53.48
C ILE H 131 59.54 75.31 54.95
N ARG H 132 60.37 74.79 55.84
CA ARG H 132 60.13 74.95 57.28
C ARG H 132 60.18 76.42 57.68
N SER H 133 61.13 77.18 57.12
CA SER H 133 61.26 78.58 57.47
C SER H 133 60.12 79.42 56.88
N ALA H 134 59.63 79.04 55.70
CA ALA H 134 58.58 79.78 55.03
C ALA H 134 57.18 79.36 55.46
N SER H 135 57.04 78.29 56.24
CA SER H 135 55.73 77.80 56.62
C SER H 135 55.05 78.80 57.55
N SER H 136 54.02 79.48 57.05
CA SER H 136 53.26 80.42 57.86
C SER H 136 52.34 79.73 58.86
N ASN H 137 52.10 78.43 58.70
CA ASN H 137 51.23 77.70 59.61
C ASN H 137 51.96 77.41 60.93
N PRO H 138 51.23 77.34 62.03
CA PRO H 138 51.87 77.07 63.34
C PRO H 138 52.54 75.70 63.36
N ALA H 139 53.84 75.70 63.63
CA ALA H 139 54.59 74.46 63.73
C ALA H 139 54.15 73.66 64.97
N LEU H 140 54.31 72.35 64.90
CA LEU H 140 53.90 71.45 65.96
C LEU H 140 55.09 70.64 66.45
N THR H 141 54.94 70.10 67.66
CA THR H 141 55.98 69.28 68.28
C THR H 141 55.55 67.83 68.29
N LEU H 142 56.44 66.95 67.86
CA LEU H 142 56.17 65.52 67.88
C LEU H 142 56.07 65.05 69.32
N PRO H 143 55.07 64.24 69.67
CA PRO H 143 54.90 63.83 71.07
C PRO H 143 55.97 62.84 71.50
N GLU H 144 56.16 62.74 72.81
CA GLU H 144 57.10 61.75 73.34
C GLU H 144 56.54 60.35 73.20
N ASP H 145 55.22 60.19 73.37
CA ASP H 145 54.55 58.93 73.15
C ASP H 145 54.23 58.80 71.67
N PRO H 146 54.86 57.85 70.95
CA PRO H 146 54.59 57.73 69.52
C PRO H 146 53.15 57.35 69.21
N ARG H 147 52.41 56.82 70.18
CA ARG H 147 51.00 56.51 69.97
C ARG H 147 50.13 57.75 69.86
N GLU H 148 50.69 58.93 70.14
CA GLU H 148 49.97 60.19 69.98
C GLU H 148 50.33 60.90 68.69
N ILE H 149 51.11 60.27 67.81
CA ILE H 149 51.42 60.88 66.52
C ILE H 149 50.17 61.16 65.69
N PRO H 150 49.18 60.27 65.61
CA PRO H 150 47.94 60.62 64.88
C PRO H 150 47.30 61.91 65.36
N ASP H 151 47.48 62.28 66.63
CA ASP H 151 46.92 63.53 67.12
C ASP H 151 47.58 64.73 66.46
N VAL H 152 48.91 64.72 66.37
CA VAL H 152 49.63 65.87 65.81
C VAL H 152 49.44 65.95 64.30
N ILE H 153 49.33 64.80 63.63
CA ILE H 153 49.06 64.81 62.20
C ILE H 153 47.66 65.34 61.91
N SER H 154 46.69 64.97 62.75
CA SER H 154 45.33 65.46 62.57
C SER H 154 45.26 66.98 62.73
N GLN H 155 45.95 67.51 63.73
CA GLN H 155 45.98 68.96 63.92
C GLN H 155 46.71 69.65 62.77
N ALA H 156 47.80 69.05 62.28
CA ALA H 156 48.51 69.60 61.14
C ALA H 156 47.62 69.65 59.90
N LEU H 157 46.86 68.57 59.66
CA LEU H 157 45.94 68.54 58.53
C LEU H 157 44.87 69.63 58.65
N SER H 158 44.33 69.82 59.86
CA SER H 158 43.32 70.85 60.06
C SER H 158 43.88 72.24 59.82
N GLU H 159 45.15 72.47 60.16
CA GLU H 159 45.77 73.76 59.87
C GLU H 159 45.80 74.04 58.37
N LEU H 160 46.10 73.02 57.57
CA LEU H 160 46.09 73.21 56.12
C LEU H 160 44.67 73.49 55.62
N ARG H 161 43.69 72.73 56.12
CA ARG H 161 42.31 72.93 55.67
C ARG H 161 41.78 74.29 56.11
N LEU H 162 42.16 74.75 57.30
CA LEU H 162 41.69 76.05 57.78
C LEU H 162 42.37 77.21 57.07
N ALA H 163 43.43 76.96 56.30
CA ALA H 163 44.13 77.99 55.54
C ALA H 163 43.68 78.04 54.09
N GLY H 164 42.58 77.37 53.74
CA GLY H 164 42.12 77.34 52.38
C GLY H 164 42.93 76.47 51.44
N VAL H 165 43.82 75.65 51.97
CA VAL H 165 44.68 74.80 51.17
C VAL H 165 43.95 73.49 50.90
N ASP H 166 43.94 73.07 49.63
CA ASP H 166 43.23 71.90 49.16
C ASP H 166 44.25 70.84 48.70
N GLY H 167 43.83 69.97 47.79
CA GLY H 167 44.71 69.02 47.17
C GLY H 167 44.98 67.82 48.05
N PRO H 168 45.45 66.73 47.44
CA PRO H 168 45.86 65.56 48.23
C PRO H 168 46.99 65.92 49.18
N TYR H 169 46.76 65.69 50.46
CA TYR H 169 47.73 65.98 51.50
C TYR H 169 48.67 64.81 51.69
N SER H 170 49.96 65.10 51.82
CA SER H 170 50.98 64.08 52.04
C SER H 170 51.77 64.42 53.29
N VAL H 171 52.38 63.39 53.87
CA VAL H 171 53.12 63.50 55.11
C VAL H 171 54.53 62.95 54.87
N LEU H 172 55.54 63.77 55.08
CA LEU H 172 56.93 63.35 54.96
C LEU H 172 57.52 63.16 56.35
N LEU H 173 58.04 61.96 56.62
CA LEU H 173 58.58 61.60 57.92
C LEU H 173 60.09 61.40 57.81
N SER H 174 60.81 61.84 58.83
CA SER H 174 62.25 61.60 58.88
C SER H 174 62.52 60.11 59.10
N ALA H 175 63.80 59.73 58.99
CA ALA H 175 64.17 58.33 59.12
C ALA H 175 63.78 57.78 60.49
N ASP H 176 63.99 58.57 61.54
CA ASP H 176 63.65 58.10 62.88
C ASP H 176 62.14 58.08 63.08
N VAL H 177 61.44 59.12 62.64
CA VAL H 177 59.99 59.17 62.82
C VAL H 177 59.28 58.12 61.97
N TYR H 178 59.79 57.88 60.76
CA TYR H 178 59.21 56.84 59.92
C TYR H 178 59.34 55.47 60.56
N THR H 179 60.52 55.16 61.10
CA THR H 179 60.71 53.89 61.79
C THR H 179 59.80 53.77 63.01
N LYS H 180 59.61 54.88 63.72
CA LYS H 180 58.73 54.86 64.89
C LYS H 180 57.29 54.58 64.49
N VAL H 181 56.80 55.25 63.44
CA VAL H 181 55.43 55.04 62.99
C VAL H 181 55.23 53.61 62.49
N SER H 182 56.26 53.02 61.90
CA SER H 182 56.11 51.67 61.36
C SER H 182 56.03 50.63 62.48
N GLU H 183 56.69 50.87 63.61
CA GLU H 183 56.74 49.90 64.68
C GLU H 183 55.72 50.15 65.78
N THR H 184 55.29 51.39 65.97
CA THR H 184 54.41 51.73 67.08
C THR H 184 53.01 51.16 66.86
N SER H 185 52.46 50.57 67.91
CA SER H 185 51.10 50.03 67.88
C SER H 185 50.39 50.44 69.17
N ASP H 186 49.27 51.14 69.03
CA ASP H 186 48.47 51.56 70.17
C ASP H 186 47.50 50.42 70.50
N HIS H 187 47.76 49.73 71.62
CA HIS H 187 46.97 48.56 72.00
C HIS H 187 46.91 47.54 70.88
N GLY H 188 48.06 47.31 70.23
CA GLY H 188 48.18 46.37 69.15
C GLY H 188 47.81 46.90 67.78
N TYR H 189 46.98 47.93 67.70
CA TYR H 189 46.61 48.51 66.41
C TYR H 189 47.76 49.37 65.91
N PRO H 190 48.36 49.04 64.75
CA PRO H 190 49.49 49.84 64.26
C PRO H 190 49.07 51.27 63.95
N ILE H 191 49.85 52.23 64.44
CA ILE H 191 49.49 53.62 64.24
C ILE H 191 49.68 54.06 62.79
N ARG H 192 50.47 53.33 62.00
CA ARG H 192 50.60 53.68 60.60
C ARG H 192 49.30 53.39 59.84
N GLU H 193 48.59 52.33 60.24
CA GLU H 193 47.28 52.08 59.66
C GLU H 193 46.31 53.20 60.01
N HIS H 194 46.42 53.75 61.23
CA HIS H 194 45.63 54.91 61.60
C HIS H 194 45.98 56.10 60.71
N LEU H 195 47.27 56.32 60.46
CA LEU H 195 47.69 57.45 59.65
C LEU H 195 47.27 57.29 58.20
N ASN H 196 47.33 56.05 57.68
CA ASN H 196 46.97 55.82 56.28
C ASN H 196 45.51 56.18 56.00
N ARG H 197 44.63 56.03 57.00
CA ARG H 197 43.24 56.44 56.84
C ARG H 197 43.03 57.94 57.02
N LEU H 198 44.03 58.67 57.50
CA LEU H 198 43.94 60.11 57.64
C LEU H 198 44.57 60.87 56.47
N VAL H 199 45.52 60.26 55.77
CA VAL H 199 46.23 60.90 54.67
C VAL H 199 45.68 60.37 53.35
N ASP H 200 45.11 61.27 52.55
CA ASP H 200 44.67 60.89 51.21
C ASP H 200 45.83 60.75 50.24
N GLY H 201 46.99 61.33 50.56
CA GLY H 201 48.18 61.18 49.74
C GLY H 201 49.02 59.99 50.17
N ASP H 202 50.31 60.23 50.38
CA ASP H 202 51.25 59.18 50.75
C ASP H 202 52.04 59.59 51.99
N ILE H 203 52.56 58.58 52.67
CA ILE H 203 53.49 58.77 53.78
C ILE H 203 54.89 58.47 53.25
N ILE H 204 55.69 59.50 53.07
CA ILE H 204 56.94 59.41 52.32
C ILE H 204 58.11 59.26 53.29
N TRP H 205 59.02 58.34 52.96
CA TRP H 205 60.27 58.15 53.68
C TRP H 205 61.25 59.25 53.28
N ALA H 206 61.53 60.17 54.20
CA ALA H 206 62.38 61.33 53.96
C ALA H 206 63.56 61.29 54.92
N PRO H 207 64.61 60.52 54.61
CA PRO H 207 65.71 60.36 55.58
C PRO H 207 66.59 61.60 55.71
N ALA H 208 66.59 62.49 54.71
CA ALA H 208 67.47 63.66 54.76
C ALA H 208 66.97 64.72 55.73
N ILE H 209 65.65 64.82 55.91
CA ILE H 209 65.08 65.84 56.78
C ILE H 209 65.06 65.32 58.21
N ASP H 210 64.77 66.21 59.15
CA ASP H 210 64.54 65.85 60.54
C ASP H 210 63.16 66.35 60.95
N GLY H 211 62.49 65.58 61.79
CA GLY H 211 61.13 65.92 62.18
C GLY H 211 60.13 65.35 61.20
N ALA H 212 59.17 66.19 60.79
CA ALA H 212 58.14 65.75 59.86
C ALA H 212 57.52 66.97 59.18
N PHE H 213 56.86 66.72 58.05
CA PHE H 213 56.18 67.76 57.30
C PHE H 213 54.84 67.23 56.83
N VAL H 214 53.82 68.09 56.89
CA VAL H 214 52.50 67.81 56.36
C VAL H 214 52.20 68.91 55.35
N LEU H 215 52.13 68.54 54.07
CA LEU H 215 51.95 69.51 53.01
C LEU H 215 50.93 69.00 52.01
N THR H 216 50.60 69.84 51.04
CA THR H 216 49.68 69.50 49.97
C THR H 216 50.45 69.18 48.69
N THR H 217 49.89 68.28 47.89
CA THR H 217 50.45 67.92 46.60
C THR H 217 49.52 68.37 45.46
N ARG H 218 48.76 69.44 45.68
CA ARG H 218 47.87 69.95 44.65
C ARG H 218 48.65 70.52 43.46
N GLY H 219 49.86 70.99 43.70
CA GLY H 219 50.69 71.55 42.65
C GLY H 219 50.68 73.07 42.68
N GLY H 220 51.80 73.66 42.26
CA GLY H 220 51.92 75.09 42.19
C GLY H 220 52.37 75.78 43.47
N ASP H 221 52.74 75.02 44.50
CA ASP H 221 53.18 75.59 45.77
C ASP H 221 54.68 75.45 46.00
N PHE H 222 55.26 74.32 45.59
CA PHE H 222 56.69 74.05 45.79
C PHE H 222 57.30 73.74 44.42
N ASP H 223 58.28 74.54 44.02
CA ASP H 223 58.83 74.49 42.67
C ASP H 223 60.32 74.20 42.74
N LEU H 224 60.72 73.02 42.27
CA LEU H 224 62.13 72.64 42.14
C LEU H 224 62.55 72.90 40.70
N GLN H 225 63.16 74.06 40.47
CA GLN H 225 63.56 74.48 39.14
C GLN H 225 64.88 73.81 38.77
N LEU H 226 64.83 72.89 37.80
CA LEU H 226 66.03 72.19 37.35
C LEU H 226 66.64 72.91 36.16
N GLY H 227 67.93 73.22 36.27
CA GLY H 227 68.69 73.67 35.12
C GLY H 227 69.42 72.51 34.50
N THR H 228 70.06 71.70 35.34
CA THR H 228 70.72 70.48 34.93
C THR H 228 70.41 69.39 35.96
N ASP H 229 69.77 68.32 35.51
CA ASP H 229 69.44 67.21 36.39
C ASP H 229 70.71 66.46 36.78
N VAL H 230 70.54 65.46 37.65
CA VAL H 230 71.68 64.72 38.15
C VAL H 230 72.41 64.05 37.00
N ALA H 231 73.74 64.20 36.97
CA ALA H 231 74.58 63.61 35.93
C ALA H 231 75.90 63.19 36.54
N ILE H 232 76.59 62.28 35.85
CA ILE H 232 77.90 61.79 36.26
C ILE H 232 78.93 62.36 35.31
N GLY H 233 79.92 63.08 35.86
CA GLY H 233 80.97 63.67 35.07
C GLY H 233 82.35 63.13 35.47
N TYR H 234 83.34 63.47 34.64
CA TYR H 234 84.70 63.03 34.83
C TYR H 234 85.59 64.22 35.20
N ALA H 235 86.45 64.02 36.19
CA ALA H 235 87.38 65.06 36.65
C ALA H 235 88.81 64.72 36.28
N SER H 236 89.38 63.68 36.88
CA SER H 236 90.77 63.31 36.60
C SER H 236 90.95 61.82 36.87
N HIS H 237 92.13 61.31 36.50
CA HIS H 237 92.44 59.90 36.71
C HIS H 237 93.94 59.69 36.62
N ASP H 238 94.40 58.63 37.28
CA ASP H 238 95.76 58.16 37.16
C ASP H 238 95.75 56.69 36.73
N THR H 239 96.82 55.95 37.02
CA THR H 239 96.85 54.54 36.66
C THR H 239 96.11 53.65 37.65
N ASP H 240 95.62 54.21 38.76
CA ASP H 240 94.99 53.41 39.80
C ASP H 240 93.57 53.85 40.15
N THR H 241 93.24 55.12 40.01
CA THR H 241 91.94 55.63 40.43
C THR H 241 91.38 56.56 39.37
N VAL H 242 90.06 56.73 39.41
CA VAL H 242 89.34 57.68 38.56
C VAL H 242 88.51 58.58 39.46
N ARG H 243 88.59 59.89 39.24
CA ARG H 243 87.83 60.86 40.01
C ARG H 243 86.63 61.30 39.19
N LEU H 244 85.44 60.85 39.59
CA LEU H 244 84.19 61.25 38.99
C LEU H 244 83.42 62.13 39.97
N TYR H 245 82.21 62.53 39.58
CA TYR H 245 81.43 63.40 40.44
C TYR H 245 79.97 63.32 40.02
N LEU H 246 79.09 63.56 40.99
CA LEU H 246 77.66 63.75 40.74
C LEU H 246 77.39 65.24 40.73
N GLN H 247 76.80 65.73 39.64
CA GLN H 247 76.59 67.16 39.45
C GLN H 247 75.11 67.44 39.21
N GLU H 248 74.67 68.60 39.66
CA GLU H 248 73.28 69.01 39.56
C GLU H 248 73.21 70.52 39.70
N THR H 249 72.39 71.15 38.86
CA THR H 249 72.20 72.60 38.91
C THR H 249 70.72 72.89 39.04
N LEU H 250 70.33 73.49 40.16
CA LEU H 250 68.92 73.68 40.46
C LEU H 250 68.78 74.84 41.43
N THR H 251 67.51 75.17 41.73
CA THR H 251 67.15 76.07 42.82
C THR H 251 65.75 75.67 43.27
N PHE H 252 65.37 76.13 44.46
CA PHE H 252 64.06 75.83 45.00
C PHE H 252 63.31 77.13 45.31
N LEU H 253 62.00 77.10 45.09
CA LEU H 253 61.14 78.25 45.35
C LEU H 253 59.86 77.77 46.01
N CYS H 254 59.44 78.48 47.06
CA CYS H 254 58.21 78.17 47.79
C CYS H 254 57.25 79.33 47.56
N TYR H 255 56.15 79.06 46.83
CA TYR H 255 55.23 80.11 46.44
C TYR H 255 54.07 80.29 47.41
N THR H 256 53.73 79.26 48.19
CA THR H 256 52.59 79.30 49.10
C THR H 256 53.09 78.99 50.50
N ALA H 257 53.01 79.98 51.39
CA ALA H 257 53.52 79.79 52.74
C ALA H 257 52.61 78.88 53.55
N GLU H 258 51.30 79.02 53.39
CA GLU H 258 50.33 78.25 54.16
C GLU H 258 50.12 76.84 53.64
N ALA H 259 50.87 76.42 52.62
CA ALA H 259 50.68 75.11 52.02
C ALA H 259 51.41 74.00 52.74
N SER H 260 52.05 74.27 53.87
CA SER H 260 52.83 73.26 54.57
C SER H 260 52.71 73.47 56.08
N VAL H 261 52.92 72.39 56.82
CA VAL H 261 52.94 72.41 58.27
C VAL H 261 54.19 71.66 58.72
N ALA H 262 55.08 72.34 59.44
CA ALA H 262 56.32 71.73 59.88
C ALA H 262 56.17 71.14 61.28
N LEU H 263 56.89 70.03 61.50
CA LEU H 263 56.88 69.34 62.78
C LEU H 263 58.31 69.03 63.18
N SER H 264 58.60 69.13 64.48
CA SER H 264 59.94 68.89 64.98
C SER H 264 59.87 68.19 66.33
N HIS H 265 61.02 67.71 66.78
CA HIS H 265 61.14 67.13 68.11
C HIS H 265 61.30 68.25 69.14
N LYS H 266 61.64 67.87 70.37
CA LYS H 266 61.94 68.82 71.43
C LYS H 266 63.36 68.58 71.92
N LEU H 267 63.97 69.65 72.44
CA LEU H 267 65.35 69.56 72.94
C LEU H 267 65.36 69.38 74.46
N MET I 1 72.05 7.47 27.21
CA MET I 1 71.66 8.06 28.48
C MET I 1 72.71 9.05 28.98
N ASN I 2 72.50 9.59 30.17
CA ASN I 2 73.43 10.54 30.79
C ASN I 2 74.00 9.96 32.09
N ASN I 3 74.68 10.82 32.85
CA ASN I 3 75.34 10.39 34.08
C ASN I 3 74.38 9.89 35.14
N LEU I 4 73.09 10.18 35.00
CA LEU I 4 72.13 9.69 35.98
C LEU I 4 71.82 8.20 35.78
N TYR I 5 71.91 7.71 34.54
CA TYR I 5 71.68 6.30 34.22
C TYR I 5 70.30 5.85 34.71
N ARG I 6 69.31 6.71 34.50
CA ARG I 6 67.95 6.42 34.95
C ARG I 6 67.37 5.20 34.24
N ASP I 7 67.77 4.97 32.99
CA ASP I 7 67.25 3.86 32.22
C ASP I 7 67.65 2.50 32.78
N LEU I 8 68.70 2.45 33.59
CA LEU I 8 69.16 1.20 34.17
C LEU I 8 68.46 0.86 35.48
N ALA I 9 67.67 1.77 36.02
CA ALA I 9 67.00 1.55 37.29
C ALA I 9 65.73 0.74 37.09
N PRO I 10 65.49 -0.29 37.90
CA PRO I 10 64.22 -1.04 37.81
C PRO I 10 63.07 -0.25 38.43
N VAL I 11 62.67 0.83 37.75
CA VAL I 11 61.63 1.72 38.22
C VAL I 11 60.63 1.90 37.08
N THR I 12 59.35 1.66 37.37
CA THR I 12 58.30 1.78 36.38
C THR I 12 58.11 3.23 35.97
N GLU I 13 57.58 3.43 34.76
CA GLU I 13 57.21 4.77 34.31
C GLU I 13 56.24 5.41 35.27
N ALA I 14 55.28 4.64 35.79
CA ALA I 14 54.34 5.15 36.76
C ALA I 14 55.03 5.53 38.06
N ALA I 15 55.96 4.69 38.54
CA ALA I 15 56.68 5.01 39.77
C ALA I 15 57.57 6.23 39.58
N TRP I 16 58.22 6.36 38.43
CA TRP I 16 59.05 7.53 38.16
C TRP I 16 58.25 8.81 38.28
N ALA I 17 57.00 8.80 37.80
CA ALA I 17 56.17 10.00 37.86
C ALA I 17 55.87 10.39 39.30
N GLU I 18 55.48 9.42 40.13
CA GLU I 18 55.17 9.72 41.52
C GLU I 18 56.41 10.11 42.31
N ILE I 19 57.54 9.44 42.05
CA ILE I 19 58.78 9.76 42.76
C ILE I 19 59.22 11.18 42.42
N GLU I 20 59.15 11.56 41.14
CA GLU I 20 59.56 12.90 40.74
C GLU I 20 58.60 13.96 41.28
N LEU I 21 57.30 13.67 41.26
CA LEU I 21 56.32 14.62 41.80
C LEU I 21 56.55 14.86 43.29
N GLU I 22 56.77 13.79 44.05
CA GLU I 22 56.94 13.93 45.49
C GLU I 22 58.21 14.72 45.81
N ALA I 23 59.32 14.41 45.13
CA ALA I 23 60.56 15.14 45.37
C ALA I 23 60.40 16.61 45.02
N ALA I 24 59.65 16.89 43.95
CA ALA I 24 59.49 18.27 43.50
C ALA I 24 58.71 19.11 44.52
N ARG I 25 57.54 18.62 44.93
CA ARG I 25 56.72 19.41 45.84
C ARG I 25 57.29 19.44 47.25
N THR I 26 58.00 18.38 47.65
CA THR I 26 58.64 18.39 48.96
C THR I 26 59.79 19.39 48.99
N PHE I 27 60.60 19.39 47.92
CA PHE I 27 61.68 20.37 47.83
C PHE I 27 61.14 21.80 47.81
N LYS I 28 60.02 22.01 47.11
CA LYS I 28 59.46 23.37 47.02
C LYS I 28 58.94 23.86 48.36
N ARG I 29 58.46 22.95 49.22
CA ARG I 29 57.91 23.38 50.49
C ARG I 29 59.01 23.80 51.47
N HIS I 30 60.12 23.06 51.49
CA HIS I 30 61.18 23.38 52.44
C HIS I 30 62.12 24.46 51.94
N ILE I 31 62.17 24.72 50.63
CA ILE I 31 63.10 25.69 50.10
C ILE I 31 62.51 27.08 50.23
N ALA I 32 63.37 28.05 50.54
CA ALA I 32 62.90 29.42 50.70
C ALA I 32 63.86 30.48 50.20
N GLY I 33 64.93 30.11 49.52
CA GLY I 33 65.90 31.10 49.07
C GLY I 33 65.68 31.38 47.60
N ARG I 34 65.25 30.35 46.88
CA ARG I 34 64.90 30.40 45.47
C ARG I 34 63.71 31.31 45.20
N ARG I 35 63.12 31.83 46.29
CA ARG I 35 62.03 32.77 46.23
C ARG I 35 62.49 34.21 46.44
N VAL I 36 63.74 34.43 46.82
CA VAL I 36 64.26 35.78 46.99
C VAL I 36 65.53 36.04 46.22
N VAL I 37 66.30 35.02 45.86
CA VAL I 37 67.54 35.20 45.15
C VAL I 37 67.30 35.02 43.66
N ASP I 38 68.29 35.40 42.86
CA ASP I 38 68.21 35.25 41.41
C ASP I 38 68.72 33.86 41.04
N VAL I 39 67.82 32.98 40.61
CA VAL I 39 68.18 31.64 40.21
C VAL I 39 68.43 31.64 38.71
N SER I 40 69.64 31.24 38.31
CA SER I 40 70.06 31.31 36.92
C SER I 40 69.51 30.13 36.12
N ASP I 41 69.68 30.21 34.81
CA ASP I 41 69.33 29.10 33.95
C ASP I 41 70.38 28.00 34.08
N PRO I 42 69.98 26.74 34.03
CA PRO I 42 70.96 25.64 34.14
C PRO I 42 71.99 25.72 33.03
N GLY I 43 73.25 25.87 33.41
CA GLY I 43 74.32 25.99 32.43
C GLY I 43 74.74 24.69 31.78
N GLY I 44 74.29 23.55 32.29
CA GLY I 44 74.64 22.27 31.72
C GLY I 44 75.63 21.53 32.60
N PRO I 45 75.79 20.23 32.34
CA PRO I 45 76.74 19.44 33.15
C PRO I 45 78.19 19.85 32.93
N VAL I 46 78.50 20.60 31.88
CA VAL I 46 79.87 21.04 31.65
C VAL I 46 80.24 22.23 32.54
N THR I 47 79.27 22.98 33.05
CA THR I 47 79.54 24.14 33.88
C THR I 47 80.28 23.75 35.15
N ALA I 48 81.40 24.42 35.41
CA ALA I 48 82.23 24.10 36.58
C ALA I 48 82.65 25.31 37.40
N ALA I 49 82.53 26.54 36.89
CA ALA I 49 82.95 27.70 37.65
C ALA I 49 82.20 28.93 37.16
N VAL I 50 82.17 29.95 38.01
CA VAL I 50 81.53 31.22 37.71
C VAL I 50 82.58 32.32 37.82
N SER I 51 82.75 33.09 36.75
CA SER I 51 83.77 34.13 36.73
C SER I 51 83.37 35.26 37.69
N THR I 52 84.25 35.56 38.63
CA THR I 52 84.08 36.70 39.52
C THR I 52 84.74 37.97 38.98
N GLY I 53 85.34 37.89 37.79
CA GLY I 53 85.90 39.05 37.09
C GLY I 53 87.15 39.64 37.68
N ARG I 54 87.62 39.15 38.83
CA ARG I 54 88.79 39.74 39.46
C ARG I 54 90.06 39.00 39.07
N LEU I 55 91.18 39.68 39.26
CA LEU I 55 92.50 39.17 38.94
C LEU I 55 93.22 38.82 40.23
N ILE I 56 94.13 37.85 40.12
CA ILE I 56 94.93 37.40 41.25
C ILE I 56 96.39 37.50 40.84
N ASP I 57 97.17 38.27 41.60
CA ASP I 57 98.59 38.42 41.30
C ASP I 57 99.29 37.07 41.37
N VAL I 58 100.14 36.80 40.39
CA VAL I 58 100.86 35.55 40.30
C VAL I 58 102.25 35.84 39.76
N LYS I 59 103.19 34.94 40.05
CA LYS I 59 104.59 35.13 39.67
C LYS I 59 104.73 35.25 38.16
N ALA I 60 105.46 36.26 37.72
CA ALA I 60 105.62 36.50 36.29
C ALA I 60 106.45 35.37 35.66
N PRO I 61 106.17 35.05 34.39
CA PRO I 61 106.98 34.02 33.72
C PRO I 61 108.41 34.47 33.46
N THR I 62 108.58 35.70 33.01
CA THR I 62 109.91 36.28 32.82
C THR I 62 109.81 37.76 33.12
N ASN I 63 110.95 38.45 33.04
CA ASN I 63 110.96 39.89 33.29
C ASN I 63 110.25 40.61 32.14
N GLY I 64 109.51 41.65 32.50
CA GLY I 64 108.76 42.42 31.52
C GLY I 64 107.34 41.94 31.30
N VAL I 65 106.91 40.90 32.00
CA VAL I 65 105.57 40.36 31.87
C VAL I 65 104.85 40.54 33.19
N ILE I 66 103.62 41.02 33.14
CA ILE I 66 102.77 41.19 34.32
C ILE I 66 101.70 40.12 34.25
N ALA I 67 101.78 39.14 35.15
CA ALA I 67 100.90 37.99 35.10
C ALA I 67 99.86 38.06 36.22
N HIS I 68 98.62 37.73 35.87
CA HIS I 68 97.51 37.70 36.80
C HIS I 68 96.65 36.49 36.47
N LEU I 69 96.16 35.82 37.50
CA LEU I 69 95.21 34.73 37.32
C LEU I 69 93.78 35.26 37.37
N ARG I 70 92.95 34.78 36.45
CA ARG I 70 91.54 35.10 36.44
C ARG I 70 90.82 34.34 37.56
N ALA I 71 90.15 35.08 38.44
CA ALA I 71 89.45 34.51 39.57
C ALA I 71 88.12 33.90 39.15
N SER I 72 87.74 32.82 39.83
CA SER I 72 86.50 32.12 39.51
C SER I 72 85.98 31.41 40.75
N LYS I 73 84.66 31.38 40.89
CA LYS I 73 84.00 30.71 42.00
C LYS I 73 83.59 29.32 41.56
N PRO I 74 84.03 28.26 42.25
CA PRO I 74 83.76 26.90 41.77
C PRO I 74 82.36 26.42 42.12
N LEU I 75 81.86 25.52 41.29
CA LEU I 75 80.58 24.87 41.53
C LEU I 75 80.78 23.60 42.36
N VAL I 76 79.82 23.33 43.23
CA VAL I 76 79.82 22.15 44.09
C VAL I 76 78.66 21.26 43.68
N ARG I 77 78.92 19.95 43.63
CA ARG I 77 77.89 18.97 43.31
C ARG I 77 77.39 18.33 44.60
N LEU I 78 76.11 18.55 44.88
CA LEU I 78 75.46 17.99 46.06
C LEU I 78 74.62 16.78 45.65
N ARG I 79 74.81 15.67 46.36
CA ARG I 79 74.20 14.40 46.00
C ARG I 79 73.66 13.76 47.28
N VAL I 80 72.34 13.65 47.39
CA VAL I 80 71.72 13.08 48.58
C VAL I 80 71.13 11.72 48.22
N PRO I 81 71.81 10.63 48.54
CA PRO I 81 71.29 9.31 48.17
C PRO I 81 70.14 8.89 49.08
N PHE I 82 69.28 8.03 48.53
CA PHE I 82 68.19 7.43 49.29
C PHE I 82 67.89 6.07 48.69
N THR I 83 67.24 5.23 49.49
CA THR I 83 66.95 3.85 49.10
C THR I 83 65.45 3.61 49.15
N LEU I 84 64.91 3.01 48.10
CA LEU I 84 63.49 2.72 47.99
C LEU I 84 63.27 1.21 47.94
N SER I 85 62.13 0.77 48.45
CA SER I 85 61.76 -0.64 48.41
C SER I 85 61.16 -0.97 47.03
N ARG I 86 61.68 -2.02 46.40
CA ARG I 86 61.17 -2.42 45.10
C ARG I 86 59.73 -2.89 45.16
N ASN I 87 59.27 -3.37 46.33
CA ASN I 87 57.86 -3.69 46.49
C ASN I 87 56.99 -2.43 46.39
N GLU I 88 57.43 -1.35 47.03
CA GLU I 88 56.69 -0.09 46.93
C GLU I 88 56.71 0.47 45.51
N ILE I 89 57.80 0.24 44.77
CA ILE I 89 57.88 0.72 43.40
C ILE I 89 56.94 -0.08 42.50
N ASP I 90 56.97 -1.41 42.63
CA ASP I 90 56.11 -2.25 41.80
C ASP I 90 54.63 -2.11 42.13
N ASP I 91 54.31 -1.62 43.33
CA ASP I 91 52.91 -1.43 43.70
C ASP I 91 52.26 -0.30 42.91
N VAL I 92 53.05 0.66 42.43
CA VAL I 92 52.50 1.83 41.76
C VAL I 92 51.74 1.41 40.50
N GLU I 93 52.36 0.56 39.68
CA GLU I 93 51.70 0.11 38.45
C GLU I 93 50.45 -0.70 38.76
N ARG I 94 50.41 -1.39 39.89
CA ARG I 94 49.25 -2.16 40.28
C ARG I 94 48.13 -1.31 40.88
N GLY I 95 48.34 -0.01 41.00
CA GLY I 95 47.32 0.90 41.48
C GLY I 95 47.49 1.41 42.90
N SER I 96 48.68 1.33 43.48
CA SER I 96 48.89 1.77 44.85
C SER I 96 49.23 3.25 44.87
N LYS I 97 48.51 4.00 45.70
CA LYS I 97 48.79 5.41 45.91
C LYS I 97 49.36 5.70 47.29
N ASP I 98 49.59 4.66 48.11
CA ASP I 98 50.15 4.82 49.44
C ASP I 98 51.57 4.25 49.51
N SER I 99 52.30 4.28 48.39
CA SER I 99 53.66 3.78 48.37
C SER I 99 54.56 4.65 49.24
N ASP I 100 55.53 4.02 49.90
CA ASP I 100 56.38 4.70 50.86
C ASP I 100 57.45 5.50 50.11
N TRP I 101 57.19 6.79 49.92
CA TRP I 101 58.16 7.70 49.34
C TRP I 101 58.84 8.56 50.39
N GLU I 102 58.82 8.13 51.64
CA GLU I 102 59.50 8.89 52.70
C GLU I 102 61.00 9.06 52.46
N PRO I 103 61.74 8.06 51.96
CA PRO I 103 63.15 8.33 51.59
C PRO I 103 63.28 9.45 50.57
N VAL I 104 62.32 9.57 49.65
CA VAL I 104 62.35 10.66 48.69
C VAL I 104 62.15 12.00 49.40
N LYS I 105 61.17 12.05 50.31
CA LYS I 105 60.88 13.31 51.00
C LYS I 105 62.01 13.72 51.93
N GLU I 106 62.66 12.74 52.58
CA GLU I 106 63.78 13.07 53.46
C GLU I 106 64.98 13.56 52.65
N ALA I 107 65.23 12.95 51.49
CA ALA I 107 66.32 13.42 50.65
C ALA I 107 66.02 14.81 50.10
N ALA I 108 64.76 15.08 49.76
CA ALA I 108 64.38 16.42 49.30
C ALA I 108 64.51 17.43 50.43
N LYS I 109 64.09 17.06 51.63
CA LYS I 109 64.23 17.95 52.79
C LYS I 109 65.69 18.20 53.10
N LYS I 110 66.53 17.18 52.97
CA LYS I 110 67.95 17.34 53.28
C LYS I 110 68.63 18.23 52.24
N LEU I 111 68.36 17.99 50.96
CA LEU I 111 68.98 18.80 49.91
C LEU I 111 68.48 20.24 49.96
N ALA I 112 67.20 20.44 50.26
CA ALA I 112 66.67 21.80 50.36
C ALA I 112 67.31 22.54 51.53
N PHE I 113 67.48 21.87 52.67
CA PHE I 113 68.09 22.52 53.83
C PHE I 113 69.56 22.83 53.58
N VAL I 114 70.27 21.93 52.91
CA VAL I 114 71.68 22.18 52.59
C VAL I 114 71.82 23.39 51.68
N GLU I 115 70.89 23.54 50.72
CA GLU I 115 70.98 24.65 49.78
C GLU I 115 70.70 25.98 50.47
N ASP I 116 69.64 26.05 51.27
CA ASP I 116 69.32 27.31 51.95
C ASP I 116 70.37 27.65 53.00
N ARG I 117 70.87 26.64 53.73
CA ARG I 117 71.96 26.87 54.66
C ARG I 117 73.20 27.39 53.94
N THR I 118 73.46 26.88 52.73
CA THR I 118 74.58 27.37 51.96
C THR I 118 74.37 28.81 51.51
N ILE I 119 73.14 29.15 51.14
CA ILE I 119 72.86 30.50 50.66
C ILE I 119 72.94 31.51 51.81
N PHE I 120 72.34 31.18 52.95
CA PHE I 120 72.19 32.13 54.04
C PHE I 120 73.26 32.01 55.12
N GLU I 121 73.69 30.79 55.44
CA GLU I 121 74.69 30.60 56.50
C GLU I 121 76.09 30.35 55.96
N GLY I 122 76.21 29.78 54.77
CA GLY I 122 77.50 29.62 54.13
C GLY I 122 77.90 28.15 53.99
N TYR I 123 78.98 27.96 53.23
CA TYR I 123 79.57 26.65 52.99
C TYR I 123 81.06 26.89 52.72
N SER I 124 81.83 26.97 53.81
CA SER I 124 83.23 27.37 53.69
C SER I 124 84.05 26.37 52.87
N ALA I 125 83.68 25.09 52.93
CA ALA I 125 84.42 24.09 52.17
C ALA I 125 84.30 24.31 50.66
N ALA I 126 83.21 24.96 50.22
CA ALA I 126 83.01 25.27 48.81
C ALA I 126 83.25 26.74 48.51
N SER I 127 83.90 27.47 49.43
CA SER I 127 84.20 28.88 49.25
C SER I 127 82.94 29.72 49.03
N ILE I 128 81.85 29.34 49.69
CA ILE I 128 80.58 30.03 49.56
C ILE I 128 80.28 30.75 50.86
N GLU I 129 80.43 32.07 50.85
CA GLU I 129 80.11 32.88 52.02
C GLU I 129 78.61 33.08 52.12
N GLY I 130 78.07 32.93 53.32
CA GLY I 130 76.65 33.09 53.53
C GLY I 130 76.21 34.54 53.46
N ILE I 131 74.90 34.72 53.29
CA ILE I 131 74.32 36.06 53.30
C ILE I 131 74.51 36.70 54.67
N ARG I 132 74.36 35.90 55.73
CA ARG I 132 74.51 36.42 57.08
C ARG I 132 75.92 36.93 57.33
N SER I 133 76.93 36.20 56.84
CA SER I 133 78.32 36.59 57.06
C SER I 133 78.70 37.80 56.21
N ALA I 134 78.14 37.92 55.01
CA ALA I 134 78.48 39.00 54.10
C ALA I 134 77.66 40.27 54.33
N SER I 135 76.63 40.21 55.16
CA SER I 135 75.76 41.36 55.38
C SER I 135 76.52 42.46 56.11
N SER I 136 76.81 43.56 55.40
CA SER I 136 77.49 44.70 56.00
C SER I 136 76.58 45.52 56.91
N ASN I 137 75.26 45.31 56.86
CA ASN I 137 74.34 46.04 57.71
C ASN I 137 74.37 45.51 59.14
N PRO I 138 74.11 46.36 60.13
CA PRO I 138 74.14 45.92 61.53
C PRO I 138 73.12 44.84 61.81
N ALA I 139 73.60 43.70 62.30
CA ALA I 139 72.71 42.60 62.66
C ALA I 139 71.88 42.96 63.88
N LEU I 140 70.69 42.37 63.97
CA LEU I 140 69.75 42.66 65.03
C LEU I 140 69.39 41.40 65.80
N THR I 141 68.87 41.58 67.00
CA THR I 141 68.46 40.49 67.87
C THR I 141 66.94 40.43 67.94
N LEU I 142 66.39 39.23 67.75
CA LEU I 142 64.96 39.06 67.88
C LEU I 142 64.56 39.30 69.34
N PRO I 143 63.48 40.04 69.58
CA PRO I 143 63.11 40.36 70.95
C PRO I 143 62.60 39.14 71.69
N GLU I 144 62.64 39.21 73.02
CA GLU I 144 62.11 38.13 73.83
C GLU I 144 60.59 38.13 73.79
N ASP I 145 59.98 39.31 73.75
CA ASP I 145 58.54 39.46 73.58
C ASP I 145 58.21 39.39 72.09
N PRO I 146 57.48 38.36 71.63
CA PRO I 146 57.18 38.27 70.19
C PRO I 146 56.34 39.44 69.68
N ARG I 147 55.64 40.16 70.57
CA ARG I 147 54.89 41.33 70.17
C ARG I 147 55.78 42.50 69.79
N GLU I 148 57.09 42.41 70.01
CA GLU I 148 58.04 43.42 69.60
C GLU I 148 58.76 43.06 68.31
N ILE I 149 58.34 41.98 67.64
CA ILE I 149 58.95 41.63 66.36
C ILE I 149 58.74 42.72 65.32
N PRO I 150 57.57 43.36 65.20
CA PRO I 150 57.46 44.49 64.26
C PRO I 150 58.47 45.59 64.51
N ASP I 151 58.91 45.77 65.75
CA ASP I 151 59.91 46.79 66.04
C ASP I 151 61.25 46.45 65.40
N VAL I 152 61.70 45.20 65.52
CA VAL I 152 63.00 44.84 64.97
C VAL I 152 62.93 44.76 63.45
N ILE I 153 61.79 44.39 62.88
CA ILE I 153 61.64 44.36 61.43
C ILE I 153 61.67 45.77 60.86
N SER I 154 61.03 46.72 61.56
CA SER I 154 61.02 48.11 61.09
C SER I 154 62.43 48.69 61.06
N GLN I 155 63.24 48.40 62.08
CA GLN I 155 64.61 48.90 62.10
C GLN I 155 65.47 48.22 61.05
N ALA I 156 65.19 46.94 60.76
CA ALA I 156 65.90 46.26 59.68
C ALA I 156 65.57 46.88 58.33
N LEU I 157 64.29 47.20 58.10
CA LEU I 157 63.89 47.86 56.87
C LEU I 157 64.57 49.21 56.72
N SER I 158 64.64 49.98 57.81
CA SER I 158 65.30 51.29 57.74
C SER I 158 66.78 51.15 57.45
N GLU I 159 67.41 50.07 57.92
CA GLU I 159 68.81 49.83 57.59
C GLU I 159 69.00 49.64 56.09
N LEU I 160 68.09 48.90 55.45
CA LEU I 160 68.16 48.74 54.00
C LEU I 160 67.93 50.06 53.28
N ARG I 161 66.92 50.83 53.70
CA ARG I 161 66.62 52.09 53.05
C ARG I 161 67.76 53.10 53.23
N LEU I 162 68.39 53.10 54.42
CA LEU I 162 69.47 54.02 54.67
C LEU I 162 70.75 53.63 53.95
N ALA I 163 70.81 52.43 53.38
CA ALA I 163 71.97 51.96 52.64
C ALA I 163 71.79 52.12 51.14
N GLY I 164 70.77 52.86 50.71
CA GLY I 164 70.51 53.05 49.29
C GLY I 164 69.92 51.85 48.60
N VAL I 165 69.50 50.84 49.34
CA VAL I 165 68.93 49.62 48.77
C VAL I 165 67.44 49.82 48.57
N ASP I 166 66.95 49.49 47.37
CA ASP I 166 65.57 49.69 46.97
C ASP I 166 64.91 48.32 46.77
N GLY I 167 63.89 48.26 45.91
CA GLY I 167 63.28 47.01 45.53
C GLY I 167 62.29 46.52 46.57
N PRO I 168 61.42 45.60 46.15
CA PRO I 168 60.50 44.96 47.11
C PRO I 168 61.27 44.25 48.20
N TYR I 169 61.00 44.63 49.45
CA TYR I 169 61.66 44.01 50.59
C TYR I 169 60.88 42.77 51.01
N SER I 170 61.60 41.70 51.32
CA SER I 170 61.01 40.45 51.78
C SER I 170 61.64 40.04 53.09
N VAL I 171 60.91 39.25 53.87
CA VAL I 171 61.33 38.81 55.18
C VAL I 171 61.27 37.29 55.22
N LEU I 172 62.39 36.65 55.50
CA LEU I 172 62.45 35.20 55.64
C LEU I 172 62.54 34.86 57.12
N LEU I 173 61.61 34.05 57.60
CA LEU I 173 61.53 33.66 59.00
C LEU I 173 61.84 32.18 59.15
N SER I 174 62.55 31.83 60.22
CA SER I 174 62.78 30.43 60.53
C SER I 174 61.46 29.76 60.93
N ALA I 175 61.51 28.44 61.08
CA ALA I 175 60.30 27.70 61.41
C ALA I 175 59.70 28.16 62.73
N ASP I 176 60.55 28.39 63.73
CA ASP I 176 60.04 28.83 65.03
C ASP I 176 59.55 30.26 64.99
N VAL I 177 60.30 31.15 64.34
CA VAL I 177 59.90 32.55 64.30
C VAL I 177 58.65 32.74 63.45
N TYR I 178 58.54 31.97 62.36
CA TYR I 178 57.35 32.06 61.52
C TYR I 178 56.11 31.63 62.29
N THR I 179 56.21 30.53 63.04
CA THR I 179 55.06 30.07 63.83
C THR I 179 54.68 31.08 64.91
N LYS I 180 55.69 31.72 65.52
CA LYS I 180 55.39 32.73 66.54
C LYS I 180 54.67 33.93 65.94
N VAL I 181 55.14 34.41 64.78
CA VAL I 181 54.50 35.56 64.14
C VAL I 181 53.06 35.23 63.76
N SER I 182 52.81 33.98 63.37
CA SER I 182 51.47 33.60 62.95
C SER I 182 50.51 33.51 64.12
N GLU I 183 51.00 33.17 65.30
CA GLU I 183 50.13 32.97 66.46
C GLU I 183 50.08 34.19 67.39
N THR I 184 51.12 35.01 67.41
CA THR I 184 51.19 36.11 68.37
C THR I 184 50.19 37.21 68.01
N SER I 185 49.50 37.71 69.03
CA SER I 185 48.56 38.81 68.86
C SER I 185 48.77 39.81 69.98
N ASP I 186 49.08 41.04 69.62
CA ASP I 186 49.26 42.14 70.58
C ASP I 186 47.90 42.76 70.85
N HIS I 187 47.37 42.52 72.05
CA HIS I 187 46.03 42.98 72.43
C HIS I 187 44.99 42.52 71.40
N GLY I 188 45.12 41.26 70.96
CA GLY I 188 44.23 40.68 69.99
C GLY I 188 44.58 40.97 68.55
N TYR I 189 45.30 42.05 68.27
CA TYR I 189 45.67 42.37 66.89
C TYR I 189 46.82 41.46 66.46
N PRO I 190 46.63 40.63 65.42
CA PRO I 190 47.72 39.73 65.02
C PRO I 190 48.92 40.50 64.52
N ILE I 191 50.11 40.15 65.04
CA ILE I 191 51.32 40.86 64.65
C ILE I 191 51.71 40.54 63.21
N ARG I 192 51.20 39.44 62.66
CA ARG I 192 51.52 39.14 61.27
C ARG I 192 50.81 40.11 60.33
N GLU I 193 49.60 40.56 60.71
CA GLU I 193 48.93 41.60 59.95
C GLU I 193 49.72 42.91 59.98
N HIS I 194 50.34 43.21 61.12
CA HIS I 194 51.22 44.37 61.21
C HIS I 194 52.40 44.21 60.26
N LEU I 195 52.98 43.01 60.21
CA LEU I 195 54.14 42.79 59.34
C LEU I 195 53.75 42.84 57.87
N ASN I 196 52.58 42.28 57.51
CA ASN I 196 52.17 42.31 56.12
C ASN I 196 51.97 43.74 55.61
N ARG I 197 51.58 44.66 56.50
CA ARG I 197 51.51 46.07 56.15
C ARG I 197 52.87 46.75 56.15
N LEU I 198 53.89 46.09 56.68
CA LEU I 198 55.24 46.63 56.68
C LEU I 198 56.09 46.11 55.53
N VAL I 199 55.77 44.93 55.01
CA VAL I 199 56.51 44.28 53.95
C VAL I 199 55.73 44.42 52.65
N ASP I 200 56.31 45.10 51.66
CA ASP I 200 55.70 45.16 50.34
C ASP I 200 55.92 43.87 49.56
N GLY I 201 56.90 43.06 49.96
CA GLY I 201 57.14 41.77 49.34
C GLY I 201 56.38 40.66 50.02
N ASP I 202 57.08 39.58 50.40
CA ASP I 202 56.46 38.42 51.00
C ASP I 202 57.15 38.07 52.31
N ILE I 203 56.42 37.37 53.17
CA ILE I 203 56.96 36.79 54.39
C ILE I 203 57.11 35.30 54.14
N ILE I 204 58.35 34.85 53.98
CA ILE I 204 58.64 33.51 53.46
C ILE I 204 58.91 32.56 54.61
N TRP I 205 58.32 31.37 54.53
CA TRP I 205 58.57 30.28 55.47
C TRP I 205 59.91 29.63 55.12
N ALA I 206 60.92 29.84 55.97
CA ALA I 206 62.28 29.38 55.73
C ALA I 206 62.71 28.45 56.87
N PRO I 207 62.32 27.17 56.80
CA PRO I 207 62.62 26.26 57.92
C PRO I 207 64.09 25.88 58.03
N ALA I 208 64.87 26.00 56.94
CA ALA I 208 66.26 25.59 56.97
C ALA I 208 67.15 26.56 57.73
N ILE I 209 66.81 27.85 57.73
CA ILE I 209 67.61 28.86 58.39
C ILE I 209 67.19 28.98 59.84
N ASP I 210 67.96 29.73 60.63
CA ASP I 210 67.60 30.06 62.00
C ASP I 210 67.65 31.57 62.17
N GLY I 211 66.72 32.11 62.95
CA GLY I 211 66.61 33.55 63.11
C GLY I 211 65.69 34.13 62.04
N ALA I 212 66.14 35.20 61.40
CA ALA I 212 65.35 35.86 60.37
C ALA I 212 66.26 36.68 59.47
N PHE I 213 65.76 37.00 58.29
CA PHE I 213 66.47 37.85 57.34
C PHE I 213 65.50 38.84 56.73
N VAL I 214 65.98 40.08 56.55
CA VAL I 214 65.25 41.12 55.85
C VAL I 214 66.13 41.59 54.70
N LEU I 215 65.72 41.29 53.47
CA LEU I 215 66.54 41.59 52.30
C LEU I 215 65.65 42.15 51.20
N THR I 216 66.28 42.55 50.11
CA THR I 216 65.59 43.08 48.94
C THR I 216 65.49 42.02 47.85
N THR I 217 64.42 42.08 47.08
CA THR I 217 64.21 41.22 45.93
C THR I 217 64.25 42.01 44.62
N ARG I 218 65.00 43.11 44.60
CA ARG I 218 65.11 43.91 43.40
C ARG I 218 65.85 43.18 42.29
N GLY I 219 66.72 42.26 42.64
CA GLY I 219 67.49 41.51 41.67
C GLY I 219 68.91 42.02 41.55
N GLY I 220 69.82 41.12 41.22
CA GLY I 220 71.21 41.47 41.01
C GLY I 220 72.07 41.49 42.26
N ASP I 221 71.54 41.09 43.41
CA ASP I 221 72.28 41.08 44.67
C ASP I 221 72.63 39.68 45.14
N PHE I 222 71.74 38.71 44.97
CA PHE I 222 71.96 37.34 45.40
C PHE I 222 71.79 36.43 44.19
N ASP I 223 72.85 35.70 43.85
CA ASP I 223 72.92 34.94 42.60
C ASP I 223 73.13 33.46 42.91
N LEU I 224 72.12 32.64 42.64
CA LEU I 224 72.22 31.19 42.74
C LEU I 224 72.50 30.65 41.34
N GLN I 225 73.77 30.42 41.04
CA GLN I 225 74.19 29.96 39.72
C GLN I 225 74.00 28.46 39.62
N LEU I 226 73.04 28.03 38.80
CA LEU I 226 72.75 26.62 38.61
C LEU I 226 73.53 26.08 37.42
N GLY I 227 74.25 24.98 37.63
CA GLY I 227 74.83 24.26 36.52
C GLY I 227 73.92 23.12 36.12
N THR I 228 73.45 22.37 37.11
CA THR I 228 72.46 21.32 36.92
C THR I 228 71.45 21.43 38.06
N ASP I 229 70.19 21.64 37.72
CA ASP I 229 69.16 21.73 38.75
C ASP I 229 68.92 20.34 39.36
N VAL I 230 68.10 20.31 40.41
CA VAL I 230 67.87 19.07 41.14
C VAL I 230 67.24 18.03 40.23
N ALA I 231 67.83 16.84 40.23
CA ALA I 231 67.36 15.73 39.40
C ALA I 231 67.54 14.44 40.18
N ILE I 232 66.85 13.39 39.73
CA ILE I 232 66.90 12.09 40.37
C ILE I 232 67.72 11.15 39.49
N GLY I 233 68.77 10.56 40.07
CA GLY I 233 69.62 9.63 39.37
C GLY I 233 69.63 8.26 40.02
N TYR I 234 70.21 7.30 39.31
CA TYR I 234 70.27 5.91 39.74
C TYR I 234 71.70 5.51 40.07
N ALA I 235 71.87 4.78 41.18
CA ALA I 235 73.18 4.31 41.61
C ALA I 235 73.28 2.79 41.46
N SER I 236 72.53 2.03 42.25
CA SER I 236 72.59 0.57 42.20
C SER I 236 71.25 0.00 42.66
N HIS I 237 71.11 -1.31 42.54
CA HIS I 237 69.90 -1.99 42.96
C HIS I 237 70.16 -3.47 43.13
N ASP I 238 69.35 -4.10 43.99
CA ASP I 238 69.33 -5.55 44.13
C ASP I 238 67.92 -6.07 43.88
N THR I 239 67.60 -7.25 44.42
CA THR I 239 66.25 -7.79 44.26
C THR I 239 65.25 -7.20 45.23
N ASP I 240 65.67 -6.37 46.17
CA ASP I 240 64.78 -5.83 47.19
C ASP I 240 64.75 -4.31 47.26
N THR I 241 65.84 -3.63 46.93
CA THR I 241 65.90 -2.19 47.08
C THR I 241 66.58 -1.56 45.86
N VAL I 242 66.32 -0.26 45.67
CA VAL I 242 66.96 0.54 44.66
C VAL I 242 67.56 1.77 45.33
N ARG I 243 68.82 2.07 45.03
CA ARG I 243 69.51 3.23 45.57
C ARG I 243 69.49 4.35 44.53
N LEU I 244 68.68 5.38 44.78
CA LEU I 244 68.61 6.56 43.96
C LEU I 244 69.20 7.75 44.70
N TYR I 245 69.16 8.92 44.08
CA TYR I 245 69.76 10.10 44.71
C TYR I 245 69.22 11.36 44.04
N LEU I 246 69.19 12.44 44.82
CA LEU I 246 68.94 13.78 44.29
C LEU I 246 70.27 14.49 44.13
N GLN I 247 70.53 14.99 42.93
CA GLN I 247 71.80 15.60 42.58
C GLN I 247 71.57 17.03 42.11
N GLU I 248 72.55 17.89 42.38
CA GLU I 248 72.45 19.30 42.05
C GLU I 248 73.86 19.89 42.03
N THR I 249 74.13 20.72 41.04
CA THR I 249 75.43 21.38 40.91
C THR I 249 75.20 22.88 40.82
N LEU I 250 75.69 23.62 41.80
CA LEU I 250 75.38 25.04 41.90
C LEU I 250 76.46 25.76 42.70
N THR I 251 76.32 27.08 42.78
CA THR I 251 77.08 27.93 43.68
C THR I 251 76.23 29.14 44.00
N PHE I 252 76.60 29.84 45.06
CA PHE I 252 75.92 31.06 45.46
C PHE I 252 76.92 32.20 45.50
N LEU I 253 76.48 33.39 45.11
CA LEU I 253 77.31 34.58 45.13
C LEU I 253 76.50 35.74 45.66
N CYS I 254 77.11 36.51 46.56
CA CYS I 254 76.48 37.69 47.15
C CYS I 254 77.23 38.92 46.67
N TYR I 255 76.57 39.73 45.84
CA TYR I 255 77.21 40.86 45.19
C TYR I 255 77.03 42.17 45.97
N THR I 256 75.99 42.28 46.79
CA THR I 256 75.69 43.50 47.52
C THR I 256 75.62 43.18 49.00
N ALA I 257 76.56 43.71 49.78
CA ALA I 257 76.62 43.42 51.21
C ALA I 257 75.49 44.11 51.96
N GLU I 258 75.18 45.34 51.60
CA GLU I 258 74.17 46.13 52.30
C GLU I 258 72.74 45.76 51.91
N ALA I 259 72.56 44.75 51.06
CA ALA I 259 71.22 44.39 50.59
C ALA I 259 70.47 43.46 51.54
N SER I 260 71.04 43.15 52.71
CA SER I 260 70.39 42.22 53.62
C SER I 260 70.67 42.65 55.05
N VAL I 261 69.77 42.24 55.95
CA VAL I 261 69.92 42.46 57.39
C VAL I 261 69.63 41.14 58.09
N ALA I 262 70.60 40.64 58.83
CA ALA I 262 70.46 39.37 59.51
C ALA I 262 69.93 39.56 60.93
N LEU I 263 69.13 38.59 61.39
CA LEU I 263 68.56 38.60 62.72
C LEU I 263 68.74 37.23 63.36
N SER I 264 68.99 37.23 64.67
CA SER I 264 69.22 36.00 65.41
C SER I 264 68.60 36.14 66.80
N HIS I 265 68.47 35.00 67.48
CA HIS I 265 67.98 35.00 68.84
C HIS I 265 69.06 35.47 69.80
N LYS I 266 68.64 35.82 71.01
CA LYS I 266 69.56 36.25 72.06
C LYS I 266 70.25 35.03 72.65
N LEU I 267 71.58 34.97 72.51
CA LEU I 267 72.35 33.86 73.04
C LEU I 267 72.71 34.09 74.51
N MET J 1 13.23 -0.74 35.83
CA MET J 1 13.68 0.02 37.00
C MET J 1 15.07 -0.42 37.42
N ASN J 2 15.54 0.17 38.52
CA ASN J 2 16.80 -0.20 39.15
C ASN J 2 16.51 -0.71 40.56
N ASN J 3 17.57 -0.93 41.34
CA ASN J 3 17.42 -1.44 42.70
C ASN J 3 16.67 -0.48 43.61
N LEU J 4 16.49 0.78 43.21
CA LEU J 4 15.75 1.73 44.03
C LEU J 4 14.25 1.50 43.97
N TYR J 5 13.74 1.00 42.84
CA TYR J 5 12.31 0.72 42.66
C TYR J 5 11.47 1.96 42.94
N ARG J 6 11.96 3.11 42.48
CA ARG J 6 11.27 4.38 42.71
C ARG J 6 9.91 4.44 42.02
N ASP J 7 9.76 3.77 40.88
CA ASP J 7 8.51 3.81 40.13
C ASP J 7 7.35 3.14 40.88
N LEU J 8 7.66 2.27 41.83
CA LEU J 8 6.63 1.56 42.58
C LEU J 8 6.14 2.33 43.80
N ALA J 9 6.78 3.43 44.15
CA ALA J 9 6.42 4.17 45.35
C ALA J 9 5.23 5.07 45.07
N PRO J 10 4.21 5.08 45.94
CA PRO J 10 3.10 6.02 45.78
C PRO J 10 3.49 7.44 46.16
N VAL J 11 4.34 8.06 45.33
CA VAL J 11 4.85 9.40 45.57
C VAL J 11 4.63 10.23 44.31
N THR J 12 3.99 11.38 44.46
CA THR J 12 3.71 12.26 43.34
C THR J 12 5.02 12.84 42.77
N GLU J 13 4.96 13.21 41.49
CA GLU J 13 6.10 13.88 40.86
C GLU J 13 6.49 15.13 41.63
N ALA J 14 5.50 15.90 42.07
CA ALA J 14 5.77 17.09 42.87
C ALA J 14 6.41 16.73 44.21
N ALA J 15 5.89 15.67 44.85
CA ALA J 15 6.46 15.25 46.13
C ALA J 15 7.89 14.77 45.97
N TRP J 16 8.17 14.03 44.89
CA TRP J 16 9.55 13.59 44.63
C TRP J 16 10.50 14.77 44.56
N ALA J 17 10.06 15.86 43.94
CA ALA J 17 10.92 17.03 43.81
C ALA J 17 11.25 17.64 45.16
N GLU J 18 10.24 17.79 46.03
CA GLU J 18 10.48 18.38 47.34
C GLU J 18 11.30 17.44 48.21
N ILE J 19 11.03 16.13 48.14
CA ILE J 19 11.79 15.18 48.93
C ILE J 19 13.25 15.17 48.50
N GLU J 20 13.50 15.18 47.18
CA GLU J 20 14.88 15.17 46.69
C GLU J 20 15.59 16.47 47.00
N LEU J 21 14.91 17.60 46.85
CA LEU J 21 15.52 18.89 47.15
C LEU J 21 15.89 18.99 48.62
N GLU J 22 14.98 18.58 49.50
CA GLU J 22 15.24 18.69 50.94
C GLU J 22 16.37 17.78 51.36
N ALA J 23 16.38 16.53 50.87
CA ALA J 23 17.45 15.60 51.22
C ALA J 23 18.80 16.10 50.70
N ALA J 24 18.81 16.72 49.53
CA ALA J 24 20.06 17.17 48.94
C ALA J 24 20.69 18.31 49.73
N ARG J 25 19.91 19.35 50.02
CA ARG J 25 20.49 20.53 50.68
C ARG J 25 20.78 20.26 52.16
N THR J 26 20.01 19.38 52.80
CA THR J 26 20.30 19.03 54.19
C THR J 26 21.59 18.23 54.31
N PHE J 27 21.80 17.27 53.41
CA PHE J 27 23.05 16.52 53.40
C PHE J 27 24.24 17.44 53.17
N LYS J 28 24.10 18.40 52.26
CA LYS J 28 25.22 19.29 51.96
C LYS J 28 25.53 20.21 53.14
N ARG J 29 24.54 20.54 53.95
CA ARG J 29 24.79 21.47 55.06
C ARG J 29 25.59 20.79 56.16
N HIS J 30 25.29 19.53 56.44
CA HIS J 30 25.96 18.78 57.50
C HIS J 30 27.25 18.11 57.05
N ILE J 31 27.46 17.94 55.75
CA ILE J 31 28.63 17.21 55.29
C ILE J 31 29.84 18.12 55.29
N ALA J 32 30.97 17.57 55.74
CA ALA J 32 32.24 18.28 55.77
C ALA J 32 33.34 17.25 55.54
N GLY J 33 33.94 17.28 54.36
CA GLY J 33 34.95 16.31 54.01
C GLY J 33 34.91 16.17 52.51
N ARG J 34 33.69 16.18 51.97
CA ARG J 34 33.54 16.23 50.52
C ARG J 34 34.02 17.57 49.97
N ARG J 35 34.39 18.48 50.86
CA ARG J 35 34.97 19.78 50.52
C ARG J 35 36.48 19.81 50.70
N VAL J 36 37.07 18.76 51.28
CA VAL J 36 38.52 18.70 51.44
C VAL J 36 39.13 17.42 50.90
N VAL J 37 38.38 16.34 50.75
CA VAL J 37 38.92 15.10 50.22
C VAL J 37 38.60 15.02 48.73
N ASP J 38 39.23 14.09 48.04
CA ASP J 38 39.01 13.88 46.62
C ASP J 38 37.82 12.94 46.45
N VAL J 39 36.70 13.47 45.99
CA VAL J 39 35.50 12.67 45.76
C VAL J 39 35.49 12.24 44.30
N SER J 40 35.47 10.93 44.07
CA SER J 40 35.55 10.39 42.72
C SER J 40 34.18 10.40 42.06
N ASP J 41 34.18 10.11 40.75
CA ASP J 41 32.90 9.93 40.07
C ASP J 41 32.30 8.58 40.45
N PRO J 42 30.98 8.49 40.57
CA PRO J 42 30.36 7.21 40.92
C PRO J 42 30.66 6.15 39.88
N GLY J 43 31.31 5.08 40.33
CA GLY J 43 31.71 4.02 39.42
C GLY J 43 30.59 3.10 38.98
N GLY J 44 29.42 3.22 39.59
CA GLY J 44 28.29 2.39 39.24
C GLY J 44 27.98 1.37 40.30
N PRO J 45 26.78 0.76 40.23
CA PRO J 45 26.40 -0.24 41.23
C PRO J 45 27.25 -1.49 41.18
N VAL J 46 28.00 -1.72 40.10
CA VAL J 46 28.84 -2.91 40.02
C VAL J 46 30.11 -2.76 40.86
N THR J 47 30.51 -1.53 41.19
CA THR J 47 31.72 -1.31 41.96
C THR J 47 31.63 -1.98 43.32
N ALA J 48 32.64 -2.80 43.64
CA ALA J 48 32.64 -3.53 44.90
C ALA J 48 33.95 -3.44 45.66
N ALA J 49 35.04 -2.98 45.04
CA ALA J 49 36.33 -2.90 45.72
C ALA J 49 37.19 -1.85 45.03
N VAL J 50 38.17 -1.37 45.78
CA VAL J 50 39.15 -0.40 45.28
C VAL J 50 40.53 -1.03 45.41
N SER J 51 41.24 -1.14 44.30
CA SER J 51 42.55 -1.78 44.30
C SER J 51 43.56 -0.93 45.05
N THR J 52 44.17 -1.51 46.08
CA THR J 52 45.28 -0.88 46.79
C THR J 52 46.63 -1.21 46.19
N GLY J 53 46.67 -2.02 45.13
CA GLY J 53 47.88 -2.32 44.41
C GLY J 53 48.89 -3.18 45.13
N ARG J 54 48.63 -3.55 46.38
CA ARG J 54 49.61 -4.27 47.18
C ARG J 54 49.34 -5.78 47.08
N LEU J 55 50.39 -6.55 47.38
CA LEU J 55 50.32 -8.01 47.30
C LEU J 55 50.24 -8.62 48.69
N ILE J 56 49.62 -9.81 48.75
CA ILE J 56 49.44 -10.53 50.00
C ILE J 56 49.98 -11.94 49.83
N ASP J 57 50.94 -12.31 50.68
CA ASP J 57 51.49 -13.66 50.61
C ASP J 57 50.40 -14.68 50.88
N VAL J 58 50.38 -15.75 50.07
CA VAL J 58 49.38 -16.79 50.19
C VAL J 58 50.04 -18.12 49.83
N LYS J 59 49.44 -19.21 50.30
CA LYS J 59 50.00 -20.54 50.07
C LYS J 59 50.07 -20.84 48.58
N ALA J 60 51.24 -21.30 48.13
CA ALA J 60 51.45 -21.60 46.73
C ALA J 60 50.63 -22.82 46.31
N PRO J 61 50.20 -22.88 45.03
CA PRO J 61 49.48 -24.07 44.57
C PRO J 61 50.35 -25.31 44.52
N THR J 62 51.57 -25.19 43.99
CA THR J 62 52.54 -26.27 43.95
C THR J 62 53.93 -25.66 44.15
N ASN J 63 54.94 -26.52 44.20
CA ASN J 63 56.31 -26.05 44.33
C ASN J 63 56.77 -25.40 43.03
N GLY J 64 57.54 -24.32 43.16
CA GLY J 64 58.00 -23.57 42.01
C GLY J 64 57.11 -22.43 41.58
N VAL J 65 56.00 -22.20 42.29
CA VAL J 65 55.06 -21.13 41.98
C VAL J 65 55.05 -20.15 43.14
N ILE J 66 55.10 -18.86 42.82
CA ILE J 66 55.05 -17.79 43.81
C ILE J 66 53.69 -17.12 43.68
N ALA J 67 52.83 -17.33 44.68
CA ALA J 67 51.45 -16.87 44.63
C ALA J 67 51.25 -15.69 45.57
N HIS J 68 50.48 -14.70 45.10
CA HIS J 68 50.12 -13.53 45.90
C HIS J 68 48.69 -13.15 45.60
N LEU J 69 47.96 -12.77 46.64
CA LEU J 69 46.61 -12.26 46.48
C LEU J 69 46.65 -10.75 46.29
N ARG J 70 45.82 -10.26 45.36
CA ARG J 70 45.74 -8.83 45.07
C ARG J 70 44.89 -8.16 46.15
N ALA J 71 45.51 -7.30 46.95
CA ALA J 71 44.79 -6.60 48.01
C ALA J 71 43.86 -5.55 47.42
N SER J 72 42.70 -5.39 48.05
CA SER J 72 41.72 -4.41 47.59
C SER J 72 40.84 -4.01 48.76
N LYS J 73 40.46 -2.74 48.79
CA LYS J 73 39.63 -2.20 49.87
C LYS J 73 38.16 -2.34 49.48
N PRO J 74 37.33 -2.99 50.30
CA PRO J 74 35.93 -3.18 49.92
C PRO J 74 35.10 -1.93 50.15
N LEU J 75 34.04 -1.80 49.36
CA LEU J 75 33.07 -0.73 49.52
C LEU J 75 31.96 -1.14 50.49
N VAL J 76 31.47 -0.16 51.23
CA VAL J 76 30.38 -0.38 52.19
C VAL J 76 29.16 0.38 51.70
N ARG J 77 27.99 -0.25 51.80
CA ARG J 77 26.73 0.37 51.43
C ARG J 77 26.01 0.83 52.70
N LEU J 78 25.79 2.15 52.80
CA LEU J 78 25.07 2.73 53.92
C LEU J 78 23.65 3.03 53.47
N ARG J 79 22.68 2.58 54.27
CA ARG J 79 21.26 2.67 53.89
C ARG J 79 20.49 3.16 55.11
N VAL J 80 19.96 4.38 55.02
CA VAL J 80 19.25 5.00 56.14
C VAL J 80 17.77 5.08 55.84
N PRO J 81 16.95 4.17 56.37
CA PRO J 81 15.52 4.20 56.07
C PRO J 81 14.81 5.33 56.80
N PHE J 82 13.71 5.78 56.21
CA PHE J 82 12.85 6.76 56.86
C PHE J 82 11.42 6.56 56.35
N THR J 83 10.46 7.06 57.14
CA THR J 83 9.04 6.87 56.87
C THR J 83 8.37 8.22 56.72
N LEU J 84 7.56 8.35 55.66
CA LEU J 84 6.83 9.58 55.37
C LEU J 84 5.34 9.33 55.45
N SER J 85 4.59 10.36 55.83
CA SER J 85 3.14 10.28 55.87
C SER J 85 2.58 10.48 54.47
N ARG J 86 1.71 9.56 54.04
CA ARG J 86 1.11 9.68 52.72
C ARG J 86 0.19 10.90 52.60
N ASN J 87 -0.36 11.38 53.71
CA ASN J 87 -1.11 12.62 53.68
C ASN J 87 -0.20 13.79 53.34
N GLU J 88 0.99 13.83 53.95
CA GLU J 88 1.95 14.88 53.64
C GLU J 88 2.42 14.79 52.19
N ILE J 89 2.49 13.58 51.65
CA ILE J 89 2.89 13.39 50.26
C ILE J 89 1.80 13.91 49.32
N ASP J 90 0.54 13.52 49.59
CA ASP J 90 -0.57 13.96 48.76
C ASP J 90 -0.88 15.44 48.92
N ASP J 91 -0.43 16.06 50.03
CA ASP J 91 -0.66 17.47 50.22
C ASP J 91 0.14 18.32 49.24
N VAL J 92 1.27 17.79 48.75
CA VAL J 92 2.15 18.56 47.88
C VAL J 92 1.43 18.95 46.59
N GLU J 93 0.78 17.97 45.95
CA GLU J 93 0.07 18.26 44.70
C GLU J 93 -1.08 19.24 44.91
N ARG J 94 -1.68 19.24 46.10
CA ARG J 94 -2.78 20.14 46.39
C ARG J 94 -2.33 21.55 46.72
N GLY J 95 -1.03 21.81 46.72
CA GLY J 95 -0.50 23.13 46.96
C GLY J 95 0.13 23.36 48.32
N SER J 96 0.49 22.31 49.05
CA SER J 96 1.08 22.44 50.37
C SER J 96 2.58 22.62 50.25
N LYS J 97 3.11 23.65 50.93
CA LYS J 97 4.53 23.90 50.98
C LYS J 97 5.14 23.61 52.34
N ASP J 98 4.32 23.19 53.31
CA ASP J 98 4.77 22.88 54.66
C ASP J 98 4.67 21.38 54.98
N SER J 99 4.83 20.54 53.98
CA SER J 99 4.76 19.10 54.20
C SER J 99 5.91 18.64 55.10
N ASP J 100 5.64 17.65 55.93
CA ASP J 100 6.58 17.19 56.94
C ASP J 100 7.66 16.35 56.28
N TRP J 101 8.80 16.97 55.97
CA TRP J 101 9.96 16.26 55.45
C TRP J 101 11.03 16.08 56.52
N GLU J 102 10.67 16.18 57.80
CA GLU J 102 11.63 15.97 58.87
C GLU J 102 12.24 14.57 58.87
N PRO J 103 11.48 13.48 58.62
CA PRO J 103 12.15 12.18 58.46
C PRO J 103 13.18 12.17 57.34
N VAL J 104 12.94 12.94 56.28
CA VAL J 104 13.93 13.05 55.21
C VAL J 104 15.17 13.77 55.72
N LYS J 105 14.97 14.87 56.45
CA LYS J 105 16.11 15.67 56.93
C LYS J 105 16.90 14.90 57.99
N GLU J 106 16.21 14.16 58.86
CA GLU J 106 16.92 13.39 59.87
C GLU J 106 17.73 12.27 59.25
N ALA J 107 17.20 11.63 58.21
CA ALA J 107 17.97 10.61 57.50
C ALA J 107 19.16 11.22 56.78
N ALA J 108 18.99 12.43 56.24
CA ALA J 108 20.11 13.12 55.60
C ALA J 108 21.18 13.49 56.62
N LYS J 109 20.77 13.94 57.80
CA LYS J 109 21.73 14.27 58.85
C LYS J 109 22.48 13.04 59.31
N LYS J 110 21.79 11.89 59.41
CA LYS J 110 22.43 10.67 59.87
C LYS J 110 23.43 10.13 58.86
N LEU J 111 23.04 10.08 57.59
CA LEU J 111 23.95 9.58 56.56
C LEU J 111 25.16 10.49 56.40
N ALA J 112 24.94 11.81 56.49
CA ALA J 112 26.07 12.73 56.41
C ALA J 112 27.02 12.56 57.59
N PHE J 113 26.46 12.37 58.79
CA PHE J 113 27.30 12.19 59.97
C PHE J 113 28.07 10.87 59.91
N VAL J 114 27.41 9.81 59.45
CA VAL J 114 28.08 8.51 59.35
C VAL J 114 29.23 8.59 58.35
N GLU J 115 29.03 9.32 57.25
CA GLU J 115 30.07 9.43 56.24
C GLU J 115 31.25 10.23 56.76
N ASP J 116 30.97 11.38 57.39
CA ASP J 116 32.05 12.24 57.88
C ASP J 116 32.82 11.57 59.01
N ARG J 117 32.14 10.86 59.89
CA ARG J 117 32.84 10.15 60.96
C ARG J 117 33.57 8.90 60.43
N THR J 118 33.12 8.35 59.31
CA THR J 118 33.88 7.27 58.67
C THR J 118 35.19 7.79 58.11
N ILE J 119 35.17 8.98 57.52
CA ILE J 119 36.36 9.55 56.90
C ILE J 119 37.38 9.94 57.96
N PHE J 120 36.93 10.61 59.02
CA PHE J 120 37.83 11.22 60.00
C PHE J 120 38.09 10.36 61.22
N GLU J 121 37.08 9.65 61.72
CA GLU J 121 37.26 8.82 62.91
C GLU J 121 37.42 7.34 62.60
N GLY J 122 36.85 6.87 61.51
CA GLY J 122 37.06 5.51 61.05
C GLY J 122 35.78 4.69 61.09
N TYR J 123 35.89 3.50 60.50
CA TYR J 123 34.81 2.51 60.46
C TYR J 123 35.49 1.14 60.36
N SER J 124 35.85 0.59 61.51
CA SER J 124 36.66 -0.62 61.54
C SER J 124 35.94 -1.80 60.88
N ALA J 125 34.61 -1.82 60.97
CA ALA J 125 33.84 -2.90 60.37
C ALA J 125 33.98 -2.93 58.85
N ALA J 126 34.29 -1.79 58.23
CA ALA J 126 34.49 -1.70 56.79
C ALA J 126 35.96 -1.55 56.43
N SER J 127 36.86 -1.83 57.37
CA SER J 127 38.31 -1.74 57.14
C SER J 127 38.73 -0.34 56.70
N ILE J 128 38.06 0.67 57.24
CA ILE J 128 38.33 2.07 56.89
C ILE J 128 38.97 2.74 58.09
N GLU J 129 40.27 3.01 58.01
CA GLU J 129 40.98 3.72 59.06
C GLU J 129 40.69 5.21 58.93
N GLY J 130 40.35 5.84 60.04
CA GLY J 130 40.05 7.26 60.01
C GLY J 130 41.29 8.11 59.74
N ILE J 131 41.04 9.36 59.36
CA ILE J 131 42.13 10.31 59.16
C ILE J 131 42.86 10.55 60.48
N ARG J 132 42.11 10.61 61.57
CA ARG J 132 42.73 10.84 62.88
C ARG J 132 43.66 9.70 63.25
N SER J 133 43.26 8.45 62.99
CA SER J 133 44.09 7.31 63.33
C SER J 133 45.31 7.19 62.44
N ALA J 134 45.18 7.59 61.17
CA ALA J 134 46.28 7.47 60.21
C ALA J 134 47.22 8.67 60.23
N SER J 135 46.87 9.73 60.95
CA SER J 135 47.68 10.95 60.97
C SER J 135 48.99 10.68 61.68
N SER J 136 50.09 10.64 60.93
CA SER J 136 51.41 10.46 61.52
C SER J 136 51.93 11.70 62.23
N ASN J 137 51.32 12.87 62.01
CA ASN J 137 51.77 14.08 62.65
C ASN J 137 51.33 14.11 64.11
N PRO J 138 52.10 14.78 64.98
CA PRO J 138 51.74 14.83 66.40
C PRO J 138 50.41 15.54 66.62
N ALA J 139 49.47 14.83 67.24
CA ALA J 139 48.17 15.40 67.53
C ALA J 139 48.30 16.49 68.59
N LEU J 140 47.37 17.44 68.54
CA LEU J 140 47.38 18.60 69.44
C LEU J 140 46.09 18.64 70.23
N THR J 141 46.14 19.39 71.34
CA THR J 141 44.99 19.56 72.23
C THR J 141 44.45 20.98 72.09
N LEU J 142 43.16 21.09 71.91
CA LEU J 142 42.53 22.42 71.84
C LEU J 142 42.67 23.11 73.19
N PRO J 143 43.04 24.39 73.24
CA PRO J 143 43.25 25.05 74.52
C PRO J 143 41.93 25.30 75.24
N GLU J 144 42.04 25.49 76.56
CA GLU J 144 40.87 25.83 77.35
C GLU J 144 40.43 27.27 77.07
N ASP J 145 41.39 28.17 76.88
CA ASP J 145 41.11 29.54 76.50
C ASP J 145 40.92 29.60 74.98
N PRO J 146 39.72 29.89 74.49
CA PRO J 146 39.51 29.92 73.03
C PRO J 146 40.32 31.00 72.33
N ARG J 147 40.80 32.00 73.05
CA ARG J 147 41.66 33.03 72.46
C ARG J 147 43.04 32.50 72.12
N GLU J 148 43.37 31.27 72.53
CA GLU J 148 44.63 30.63 72.18
C GLU J 148 44.47 29.63 71.03
N ILE J 149 43.29 29.58 70.40
CA ILE J 149 43.11 28.69 69.26
C ILE J 149 44.07 29.01 68.11
N PRO J 150 44.31 30.28 67.76
CA PRO J 150 45.33 30.54 66.73
C PRO J 150 46.70 29.97 67.05
N ASP J 151 47.04 29.82 68.33
CA ASP J 151 48.33 29.24 68.69
C ASP J 151 48.41 27.77 68.27
N VAL J 152 47.37 27.00 68.57
CA VAL J 152 47.39 25.58 68.25
C VAL J 152 47.23 25.36 66.76
N ILE J 153 46.47 26.22 66.09
CA ILE J 153 46.34 26.10 64.64
C ILE J 153 47.65 26.43 63.95
N SER J 154 48.36 27.46 64.44
CA SER J 154 49.64 27.82 63.83
C SER J 154 50.65 26.68 63.97
N GLN J 155 50.61 25.96 65.08
CA GLN J 155 51.49 24.81 65.25
C GLN J 155 51.06 23.65 64.36
N ALA J 156 49.77 23.54 64.08
CA ALA J 156 49.31 22.50 63.16
C ALA J 156 49.78 22.75 61.74
N LEU J 157 49.70 24.01 61.28
CA LEU J 157 50.22 24.35 59.96
C LEU J 157 51.72 24.09 59.87
N SER J 158 52.47 24.44 60.92
CA SER J 158 53.92 24.22 60.91
C SER J 158 54.25 22.73 60.84
N GLU J 159 53.44 21.88 61.48
CA GLU J 159 53.65 20.45 61.37
C GLU J 159 53.48 19.98 59.93
N LEU J 160 52.47 20.51 59.23
CA LEU J 160 52.27 20.16 57.83
C LEU J 160 53.43 20.68 56.97
N ARG J 161 53.84 21.93 57.19
CA ARG J 161 54.92 22.50 56.39
C ARG J 161 56.24 21.78 56.63
N LEU J 162 56.51 21.36 57.86
CA LEU J 162 57.76 20.68 58.16
C LEU J 162 57.78 19.24 57.65
N ALA J 163 56.64 18.71 57.22
CA ALA J 163 56.56 17.36 56.67
C ALA J 163 56.58 17.35 55.15
N GLY J 164 56.93 18.47 54.52
CA GLY J 164 56.94 18.54 53.08
C GLY J 164 55.58 18.60 52.43
N VAL J 165 54.52 18.81 53.20
CA VAL J 165 53.16 18.85 52.68
C VAL J 165 52.85 20.28 52.24
N ASP J 166 52.31 20.43 51.03
CA ASP J 166 52.01 21.71 50.40
C ASP J 166 50.49 21.84 50.25
N GLY J 167 50.07 22.62 49.26
CA GLY J 167 48.67 22.73 48.91
C GLY J 167 47.93 23.67 49.82
N PRO J 168 46.77 24.14 49.38
CA PRO J 168 45.92 24.97 50.24
C PRO J 168 45.55 24.21 51.51
N TYR J 169 45.89 24.79 52.65
CA TYR J 169 45.58 24.17 53.93
C TYR J 169 44.19 24.59 54.39
N SER J 170 43.42 23.62 54.88
CA SER J 170 42.07 23.88 55.35
C SER J 170 41.94 23.37 56.77
N VAL J 171 40.99 23.96 57.50
CA VAL J 171 40.76 23.65 58.91
C VAL J 171 39.29 23.27 59.06
N LEU J 172 39.04 22.05 59.55
CA LEU J 172 37.68 21.59 59.84
C LEU J 172 37.44 21.65 61.33
N LEU J 173 36.38 22.36 61.73
CA LEU J 173 36.05 22.55 63.13
C LEU J 173 34.75 21.84 63.47
N SER J 174 34.69 21.25 64.67
CA SER J 174 33.46 20.66 65.14
C SER J 174 32.42 21.75 65.40
N ALA J 175 31.19 21.31 65.67
CA ALA J 175 30.11 22.27 65.88
C ALA J 175 30.40 23.17 67.08
N ASP J 176 30.94 22.60 68.15
CA ASP J 176 31.24 23.39 69.35
C ASP J 176 32.42 24.31 69.11
N VAL J 177 33.49 23.81 68.48
CA VAL J 177 34.68 24.63 68.27
C VAL J 177 34.39 25.72 67.24
N TYR J 178 33.60 25.41 66.21
CA TYR J 178 33.26 26.41 65.20
C TYR J 178 32.48 27.56 65.82
N THR J 179 31.50 27.24 66.68
CA THR J 179 30.74 28.29 67.34
C THR J 179 31.63 29.11 68.26
N LYS J 180 32.59 28.47 68.93
CA LYS J 180 33.51 29.20 69.78
C LYS J 180 34.39 30.15 68.97
N VAL J 181 34.92 29.68 67.84
CA VAL J 181 35.76 30.53 67.01
C VAL J 181 34.97 31.72 66.46
N SER J 182 33.67 31.52 66.18
CA SER J 182 32.87 32.60 65.63
C SER J 182 32.57 33.67 66.66
N GLU J 183 32.44 33.29 67.93
CA GLU J 183 32.06 34.23 68.98
C GLU J 183 33.25 34.77 69.77
N THR J 184 34.35 34.03 69.86
CA THR J 184 35.46 34.43 70.71
C THR J 184 36.19 35.62 70.08
N SER J 185 36.50 36.62 70.91
CA SER J 185 37.24 37.80 70.49
C SER J 185 38.31 38.11 71.53
N ASP J 186 39.56 38.15 71.09
CA ASP J 186 40.68 38.50 71.96
C ASP J 186 40.81 40.01 71.98
N HIS J 187 40.48 40.62 73.12
CA HIS J 187 40.47 42.08 73.27
C HIS J 187 39.63 42.74 72.19
N GLY J 188 38.46 42.16 71.91
CA GLY J 188 37.56 42.68 70.90
C GLY J 188 37.85 42.24 69.49
N TYR J 189 39.09 41.87 69.18
CA TYR J 189 39.44 41.42 67.84
C TYR J 189 38.95 40.00 67.64
N PRO J 190 38.07 39.75 66.68
CA PRO J 190 37.55 38.38 66.50
C PRO J 190 38.66 37.43 66.09
N ILE J 191 38.74 36.30 66.79
CA ILE J 191 39.81 35.34 66.52
C ILE J 191 39.59 34.62 65.20
N ARG J 192 38.36 34.64 64.66
CA ARG J 192 38.13 34.00 63.38
C ARG J 192 38.80 34.78 62.25
N GLU J 193 38.87 36.10 62.38
CA GLU J 193 39.62 36.91 61.42
C GLU J 193 41.11 36.56 61.47
N HIS J 194 41.62 36.29 62.66
CA HIS J 194 43.01 35.84 62.78
C HIS J 194 43.21 34.51 62.06
N LEU J 195 42.26 33.58 62.21
CA LEU J 195 42.40 32.28 61.57
C LEU J 195 42.28 32.38 60.06
N ASN J 196 41.38 33.23 59.57
CA ASN J 196 41.22 33.41 58.13
C ASN J 196 42.49 33.96 57.49
N ARG J 197 43.27 34.74 58.25
CA ARG J 197 44.53 35.27 57.74
C ARG J 197 45.66 34.26 57.77
N LEU J 198 45.48 33.14 58.47
CA LEU J 198 46.46 32.06 58.51
C LEU J 198 46.15 30.92 57.56
N VAL J 199 44.89 30.76 57.18
CA VAL J 199 44.46 29.65 56.34
C VAL J 199 44.25 30.16 54.92
N ASP J 200 45.03 29.63 53.99
CA ASP J 200 44.83 29.92 52.57
C ASP J 200 43.65 29.16 51.98
N GLY J 201 43.21 28.09 52.65
CA GLY J 201 42.05 27.34 52.22
C GLY J 201 40.78 27.85 52.86
N ASP J 202 40.01 26.96 53.46
CA ASP J 202 38.72 27.30 54.06
C ASP J 202 38.66 26.83 55.51
N ILE J 203 37.79 27.48 56.27
CA ILE J 203 37.45 27.04 57.62
C ILE J 203 36.07 26.41 57.53
N ILE J 204 36.03 25.08 57.61
CA ILE J 204 34.84 24.31 57.26
C ILE J 204 34.04 23.97 58.51
N TRP J 205 32.72 24.14 58.43
CA TRP J 205 31.80 23.73 59.47
C TRP J 205 31.62 22.22 59.40
N ALA J 206 32.15 21.50 60.39
CA ALA J 206 32.14 20.03 60.43
C ALA J 206 31.41 19.57 61.68
N PRO J 207 30.08 19.53 61.64
CA PRO J 207 29.33 19.18 62.85
C PRO J 207 29.42 17.71 63.23
N ALA J 208 29.74 16.83 62.28
CA ALA J 208 29.77 15.40 62.58
C ALA J 208 31.01 14.99 63.37
N ILE J 209 32.13 15.69 63.17
CA ILE J 209 33.36 15.34 63.85
C ILE J 209 33.41 16.01 65.20
N ASP J 210 34.35 15.61 66.05
CA ASP J 210 34.64 16.28 67.30
C ASP J 210 36.10 16.74 67.30
N GLY J 211 36.36 17.81 68.02
CA GLY J 211 37.69 18.40 68.00
C GLY J 211 37.89 19.23 66.75
N ALA J 212 39.02 19.03 66.07
CA ALA J 212 39.34 19.79 64.87
C ALA J 212 40.37 19.03 64.06
N PHE J 213 40.48 19.39 62.78
CA PHE J 213 41.46 18.81 61.88
C PHE J 213 42.07 19.92 61.04
N VAL J 214 43.38 19.82 60.82
CA VAL J 214 44.11 20.72 59.93
C VAL J 214 44.80 19.85 58.89
N LEU J 215 44.36 19.95 57.63
CA LEU J 215 44.84 19.11 56.56
C LEU J 215 45.09 19.95 55.32
N THR J 216 45.63 19.31 54.30
CA THR J 216 45.89 19.92 53.00
C THR J 216 44.82 19.50 52.00
N THR J 217 44.51 20.40 51.07
CA THR J 217 43.58 20.14 49.99
C THR J 217 44.26 20.14 48.64
N ARG J 218 45.55 19.78 48.60
CA ARG J 218 46.28 19.73 47.34
C ARG J 218 45.77 18.63 46.42
N GLY J 219 45.21 17.58 46.99
CA GLY J 219 44.69 16.47 46.21
C GLY J 219 45.64 15.28 46.22
N GLY J 220 45.07 14.09 46.13
CA GLY J 220 45.85 12.87 46.10
C GLY J 220 46.20 12.28 47.44
N ASP J 221 45.68 12.85 48.54
CA ASP J 221 45.94 12.36 49.88
C ASP J 221 44.75 11.66 50.51
N PHE J 222 43.55 12.17 50.29
CA PHE J 222 42.33 11.60 50.86
C PHE J 222 41.38 11.28 49.71
N ASP J 223 41.00 10.01 49.59
CA ASP J 223 40.24 9.52 48.44
C ASP J 223 38.93 8.92 48.92
N LEU J 224 37.82 9.58 48.59
CA LEU J 224 36.47 9.07 48.86
C LEU J 224 35.97 8.40 47.59
N GLN J 225 36.13 7.09 47.51
CA GLN J 225 35.76 6.33 46.31
C GLN J 225 34.27 6.06 46.33
N LEU J 226 33.53 6.69 45.42
CA LEU J 226 32.09 6.52 45.31
C LEU J 226 31.77 5.43 44.30
N GLY J 227 30.97 4.45 44.71
CA GLY J 227 30.39 3.50 43.78
C GLY J 227 29.00 3.92 43.39
N THR J 228 28.21 4.31 44.40
CA THR J 228 26.87 4.86 44.20
C THR J 228 26.71 6.05 45.13
N ASP J 229 26.46 7.23 44.55
CA ASP J 229 26.26 8.42 45.35
C ASP J 229 24.92 8.35 46.09
N VAL J 230 24.69 9.35 46.94
CA VAL J 230 23.49 9.35 47.77
C VAL J 230 22.25 9.44 46.88
N ALA J 231 21.30 8.54 47.13
CA ALA J 231 20.07 8.48 46.35
C ALA J 231 18.91 8.08 47.26
N ILE J 232 17.69 8.33 46.77
CA ILE J 232 16.47 8.03 47.51
C ILE J 232 15.81 6.83 46.83
N GLY J 233 15.59 5.77 47.61
CA GLY J 233 14.96 4.56 47.12
C GLY J 233 13.68 4.25 47.87
N TYR J 234 12.93 3.28 47.34
CA TYR J 234 11.65 2.85 47.89
C TYR J 234 11.75 1.44 48.44
N ALA J 235 11.19 1.24 49.63
CA ALA J 235 11.21 -0.05 50.31
C ALA J 235 9.82 -0.67 50.34
N SER J 236 8.87 -0.09 51.06
CA SER J 236 7.52 -0.62 51.17
C SER J 236 6.57 0.52 51.47
N HIS J 237 5.27 0.21 51.45
CA HIS J 237 4.26 1.22 51.74
C HIS J 237 2.94 0.55 52.10
N ASP J 238 2.13 1.26 52.88
CA ASP J 238 0.75 0.85 53.15
C ASP J 238 -0.21 1.96 52.74
N THR J 239 -1.40 1.98 53.32
CA THR J 239 -2.37 3.01 52.98
C THR J 239 -2.13 4.33 53.72
N ASP J 240 -1.18 4.38 54.65
CA ASP J 240 -0.94 5.56 55.44
C ASP J 240 0.49 6.08 55.38
N THR J 241 1.48 5.23 55.17
CA THR J 241 2.87 5.64 55.21
C THR J 241 3.63 5.02 54.03
N VAL J 242 4.76 5.64 53.71
CA VAL J 242 5.69 5.13 52.70
C VAL J 242 7.06 5.02 53.35
N ARG J 243 7.72 3.88 53.17
CA ARG J 243 9.04 3.64 53.72
C ARG J 243 10.07 3.86 52.60
N LEU J 244 10.80 4.95 52.68
CA LEU J 244 11.88 5.26 51.77
C LEU J 244 13.21 5.14 52.50
N TYR J 245 14.30 5.44 51.79
CA TYR J 245 15.62 5.31 52.39
C TYR J 245 16.62 6.13 51.60
N LEU J 246 17.67 6.56 52.30
CA LEU J 246 18.84 7.17 51.67
C LEU J 246 19.91 6.11 51.56
N GLN J 247 20.41 5.88 50.34
CA GLN J 247 21.37 4.82 50.09
C GLN J 247 22.64 5.39 49.48
N GLU J 248 23.77 4.76 49.79
CA GLU J 248 25.06 5.22 49.32
C GLU J 248 26.05 4.06 49.43
N THR J 249 26.88 3.89 48.40
CA THR J 249 27.89 2.85 48.38
C THR J 249 29.23 3.50 48.13
N LEU J 250 30.13 3.40 49.10
CA LEU J 250 31.39 4.12 49.05
C LEU J 250 32.43 3.43 49.92
N THR J 251 33.66 3.95 49.86
CA THR J 251 34.72 3.60 50.79
C THR J 251 35.67 4.80 50.85
N PHE J 252 36.50 4.84 51.88
CA PHE J 252 37.47 5.91 52.05
C PHE J 252 38.87 5.32 52.17
N LEU J 253 39.85 6.02 51.60
CA LEU J 253 41.24 5.62 51.64
C LEU J 253 42.11 6.82 51.93
N CYS J 254 43.08 6.64 52.83
CA CYS J 254 44.02 7.69 53.22
C CYS J 254 45.41 7.28 52.75
N TYR J 255 45.95 8.01 51.77
CA TYR J 255 47.22 7.66 51.15
C TYR J 255 48.43 8.34 51.78
N THR J 256 48.25 9.49 52.43
CA THR J 256 49.34 10.25 53.01
C THR J 256 49.09 10.46 54.49
N ALA J 257 49.95 9.88 55.33
CA ALA J 257 49.76 9.98 56.77
C ALA J 257 50.09 11.39 57.28
N GLU J 258 51.14 12.00 56.74
CA GLU J 258 51.59 13.31 57.19
C GLU J 258 50.78 14.46 56.63
N ALA J 259 49.71 14.19 55.88
CA ALA J 259 48.93 15.24 55.25
C ALA J 259 47.86 15.83 56.17
N SER J 260 47.79 15.42 57.42
CA SER J 260 46.74 15.89 58.32
C SER J 260 47.29 16.03 59.74
N VAL J 261 46.63 16.88 60.51
CA VAL J 261 46.94 17.09 61.92
C VAL J 261 45.62 17.05 62.69
N ALA J 262 45.50 16.11 63.62
CA ALA J 262 44.28 15.94 64.40
C ALA J 262 44.34 16.74 65.69
N LEU J 263 43.18 17.23 66.13
CA LEU J 263 43.06 18.01 67.34
C LEU J 263 41.88 17.51 68.15
N SER J 264 42.03 17.51 69.47
CA SER J 264 41.00 17.02 70.39
C SER J 264 40.99 17.88 71.63
N HIS J 265 39.91 17.75 72.40
CA HIS J 265 39.79 18.49 73.66
C HIS J 265 40.55 17.79 74.77
N LYS J 266 40.80 18.53 75.84
CA LYS J 266 41.53 17.99 76.99
C LYS J 266 40.69 16.96 77.72
N LEU J 267 41.32 15.86 78.12
CA LEU J 267 40.65 14.79 78.83
C LEU J 267 41.66 13.89 79.53
N MET K 1 -13.29 53.76 37.09
CA MET K 1 -12.37 53.73 38.23
C MET K 1 -12.31 52.34 38.86
N ASN K 2 -11.56 52.24 39.94
CA ASN K 2 -11.47 51.03 40.74
C ASN K 2 -11.99 51.32 42.14
N ASN K 3 -11.79 50.35 43.05
CA ASN K 3 -12.26 50.52 44.42
C ASN K 3 -11.56 51.65 45.16
N LEU K 4 -10.45 52.15 44.62
CA LEU K 4 -9.75 53.26 45.27
C LEU K 4 -10.46 54.59 45.05
N TYR K 5 -11.14 54.75 43.92
CA TYR K 5 -11.87 55.98 43.59
C TYR K 5 -10.96 57.20 43.68
N ARG K 6 -9.72 57.04 43.17
CA ARG K 6 -8.74 58.11 43.23
C ARG K 6 -9.15 59.32 42.40
N ASP K 7 -9.89 59.09 41.31
CA ASP K 7 -10.28 60.18 40.42
C ASP K 7 -11.24 61.16 41.07
N LEU K 8 -11.92 60.75 42.14
CA LEU K 8 -12.88 61.60 42.82
C LEU K 8 -12.25 62.48 43.89
N ALA K 9 -10.97 62.30 44.18
CA ALA K 9 -10.33 63.06 45.24
C ALA K 9 -9.91 64.44 44.72
N PRO K 10 -10.19 65.51 45.44
CA PRO K 10 -9.69 66.85 45.03
C PRO K 10 -8.20 67.00 45.34
N VAL K 11 -7.40 66.26 44.58
CA VAL K 11 -5.94 66.23 44.75
C VAL K 11 -5.31 66.47 43.39
N THR K 12 -4.40 67.44 43.32
CA THR K 12 -3.73 67.78 42.07
C THR K 12 -2.84 66.63 41.61
N GLU K 13 -2.61 66.57 40.30
CA GLU K 13 -1.66 65.60 39.76
C GLU K 13 -0.28 65.77 40.38
N ALA K 14 0.14 67.02 40.58
CA ALA K 14 1.43 67.28 41.23
C ALA K 14 1.41 66.81 42.68
N ALA K 15 0.31 67.08 43.39
CA ALA K 15 0.21 66.62 44.78
C ALA K 15 0.19 65.11 44.86
N TRP K 16 -0.51 64.45 43.93
CA TRP K 16 -0.52 62.99 43.90
C TRP K 16 0.88 62.42 43.80
N ALA K 17 1.74 63.07 43.01
CA ALA K 17 3.10 62.58 42.84
C ALA K 17 3.89 62.67 44.14
N GLU K 18 3.79 63.80 44.84
CA GLU K 18 4.53 63.96 46.09
C GLU K 18 3.97 63.07 47.19
N ILE K 19 2.64 62.92 47.25
CA ILE K 19 2.04 62.07 48.26
C ILE K 19 2.47 60.61 48.05
N GLU K 20 2.46 60.15 46.80
CA GLU K 20 2.86 58.77 46.53
C GLU K 20 4.35 58.57 46.77
N LEU K 21 5.17 59.55 46.38
CA LEU K 21 6.61 59.43 46.62
C LEU K 21 6.91 59.36 48.12
N GLU K 22 6.26 60.22 48.91
CA GLU K 22 6.51 60.22 50.35
C GLU K 22 6.04 58.92 50.99
N ALA K 23 4.85 58.45 50.62
CA ALA K 23 4.34 57.20 51.17
C ALA K 23 5.23 56.03 50.78
N ALA K 24 5.76 56.04 49.55
CA ALA K 24 6.56 54.92 49.08
C ALA K 24 7.87 54.80 49.85
N ARG K 25 8.62 55.90 49.95
CA ARG K 25 9.92 55.83 50.59
C ARG K 25 9.81 55.69 52.10
N THR K 26 8.73 56.24 52.70
CA THR K 26 8.53 56.07 54.13
C THR K 26 8.19 54.62 54.48
N PHE K 27 7.31 53.99 53.70
CA PHE K 27 7.00 52.60 53.92
C PHE K 27 8.23 51.72 53.75
N LYS K 28 9.05 52.01 52.75
CA LYS K 28 10.24 51.18 52.51
C LYS K 28 11.25 51.32 53.64
N ARG K 29 11.28 52.48 54.31
CA ARG K 29 12.26 52.69 55.38
C ARG K 29 11.90 51.88 56.62
N HIS K 30 10.62 51.80 56.96
CA HIS K 30 10.20 51.09 58.16
C HIS K 30 10.03 49.59 57.95
N ILE K 31 9.90 49.16 56.70
CA ILE K 31 9.64 47.75 56.41
C ILE K 31 10.95 46.98 56.44
N ALA K 32 10.89 45.73 56.92
CA ALA K 32 12.07 44.88 56.99
C ALA K 32 11.82 43.43 56.63
N GLY K 33 10.58 42.93 56.67
CA GLY K 33 10.34 41.53 56.38
C GLY K 33 10.47 41.20 54.91
N ARG K 34 10.05 42.13 54.05
CA ARG K 34 10.14 41.95 52.59
C ARG K 34 11.59 41.86 52.10
N ARG K 35 12.53 42.01 53.01
CA ARG K 35 13.95 41.88 52.70
C ARG K 35 14.50 40.52 53.10
N VAL K 36 13.72 39.70 53.78
CA VAL K 36 14.13 38.34 54.13
C VAL K 36 13.11 37.29 53.73
N VAL K 37 11.84 37.64 53.53
CA VAL K 37 10.82 36.69 53.17
C VAL K 37 10.59 36.74 51.67
N ASP K 38 9.90 35.73 51.14
CA ASP K 38 9.54 35.69 49.72
C ASP K 38 8.20 36.39 49.53
N VAL K 39 8.23 37.57 48.93
CA VAL K 39 7.01 38.32 48.66
C VAL K 39 6.55 38.00 47.24
N SER K 40 5.32 37.52 47.12
CA SER K 40 4.80 37.08 45.83
C SER K 40 4.31 38.28 45.01
N ASP K 41 4.00 38.00 43.74
CA ASP K 41 3.40 39.02 42.89
C ASP K 41 1.94 39.22 43.27
N PRO K 42 1.43 40.44 43.18
CA PRO K 42 0.02 40.69 43.56
C PRO K 42 -0.94 39.86 42.71
N GLY K 43 -1.74 39.03 43.39
CA GLY K 43 -2.68 38.17 42.72
C GLY K 43 -3.93 38.84 42.20
N GLY K 44 -4.16 40.10 42.57
CA GLY K 44 -5.32 40.82 42.12
C GLY K 44 -6.34 41.04 43.23
N PRO K 45 -7.28 41.96 43.01
CA PRO K 45 -8.30 42.22 44.04
C PRO K 45 -9.24 41.04 44.26
N VAL K 46 -9.27 40.08 43.34
CA VAL K 46 -10.13 38.91 43.53
C VAL K 46 -9.53 37.92 44.52
N THR K 47 -8.21 37.99 44.76
CA THR K 47 -7.57 37.05 45.66
C THR K 47 -8.15 37.16 47.07
N ALA K 48 -8.60 36.02 47.59
CA ALA K 48 -9.22 35.97 48.91
C ALA K 48 -8.68 34.87 49.82
N ALA K 49 -7.94 33.90 49.30
CA ALA K 49 -7.41 32.83 50.12
C ALA K 49 -6.17 32.25 49.43
N VAL K 50 -5.35 31.60 50.23
CA VAL K 50 -4.15 30.91 49.77
C VAL K 50 -4.27 29.45 50.14
N SER K 51 -4.18 28.57 49.16
CA SER K 51 -4.35 27.15 49.40
C SER K 51 -3.19 26.60 50.21
N THR K 52 -3.51 26.00 51.35
CA THR K 52 -2.52 25.30 52.16
C THR K 52 -2.40 23.82 51.80
N GLY K 53 -3.19 23.35 50.84
CA GLY K 53 -3.09 21.99 50.35
C GLY K 53 -3.58 20.92 51.28
N ARG K 54 -4.00 21.25 52.49
CA ARG K 54 -4.38 20.25 53.48
C ARG K 54 -5.88 19.97 53.42
N LEU K 55 -6.26 18.81 53.93
CA LEU K 55 -7.64 18.36 53.94
C LEU K 55 -8.20 18.44 55.36
N ILE K 56 -9.50 18.63 55.46
CA ILE K 56 -10.20 18.75 56.75
C ILE K 56 -11.36 17.77 56.75
N ASP K 57 -11.38 16.87 57.74
CA ASP K 57 -12.50 15.93 57.86
C ASP K 57 -13.80 16.70 58.09
N VAL K 58 -14.84 16.28 57.38
CA VAL K 58 -16.14 16.94 57.45
C VAL K 58 -17.22 15.87 57.32
N LYS K 59 -18.42 16.19 57.81
CA LYS K 59 -19.52 15.24 57.79
C LYS K 59 -19.89 14.85 56.36
N ALA K 60 -20.01 13.55 56.13
CA ALA K 60 -20.32 13.05 54.80
C ALA K 60 -21.75 13.41 54.39
N PRO K 61 -22.00 13.60 53.09
CA PRO K 61 -23.38 13.85 52.66
C PRO K 61 -24.27 12.63 52.81
N THR K 62 -23.77 11.45 52.42
CA THR K 62 -24.48 10.19 52.60
C THR K 62 -23.46 9.11 52.89
N ASN K 63 -23.95 7.90 53.13
CA ASN K 63 -23.08 6.77 53.41
C ASN K 63 -22.34 6.34 52.14
N GLY K 64 -21.08 5.95 52.30
CA GLY K 64 -20.25 5.55 51.18
C GLY K 64 -19.45 6.66 50.54
N VAL K 65 -19.55 7.89 51.03
CA VAL K 65 -18.82 9.03 50.50
C VAL K 65 -17.86 9.54 51.55
N ILE K 66 -16.62 9.82 51.14
CA ILE K 66 -15.59 10.36 52.03
C ILE K 66 -15.36 11.80 51.62
N ALA K 67 -15.78 12.74 52.46
CA ALA K 67 -15.73 14.16 52.15
C ALA K 67 -14.65 14.86 52.96
N HIS K 68 -13.95 15.79 52.31
CA HIS K 68 -12.91 16.58 52.96
C HIS K 68 -12.99 18.01 52.47
N LEU K 69 -12.80 18.96 53.38
CA LEU K 69 -12.76 20.37 53.03
C LEU K 69 -11.33 20.80 52.72
N ARG K 70 -11.19 21.63 51.68
CA ARG K 70 -9.89 22.09 51.25
C ARG K 70 -9.47 23.27 52.12
N ALA K 71 -8.40 23.09 52.90
CA ALA K 71 -7.95 24.13 53.80
C ALA K 71 -7.26 25.24 53.03
N SER K 72 -7.46 26.48 53.47
CA SER K 72 -6.87 27.64 52.83
C SER K 72 -6.75 28.77 53.84
N LYS K 73 -5.65 29.52 53.76
CA LYS K 73 -5.41 30.64 54.66
C LYS K 73 -6.01 31.92 54.06
N PRO K 74 -6.88 32.62 54.77
CA PRO K 74 -7.53 33.80 54.18
C PRO K 74 -6.63 35.02 54.17
N LEU K 75 -6.90 35.91 53.23
CA LEU K 75 -6.21 37.18 53.15
C LEU K 75 -6.94 38.23 53.98
N VAL K 76 -6.17 39.14 54.57
CA VAL K 76 -6.71 40.23 55.38
C VAL K 76 -6.42 41.54 54.67
N ARG K 77 -7.40 42.43 54.66
CA ARG K 77 -7.26 43.75 54.05
C ARG K 77 -6.98 44.77 55.15
N LEU K 78 -5.81 45.38 55.11
CA LEU K 78 -5.40 46.40 56.07
C LEU K 78 -5.58 47.78 55.45
N ARG K 79 -6.24 48.68 56.17
CA ARG K 79 -6.59 49.99 55.65
C ARG K 79 -6.30 51.03 56.72
N VAL K 80 -5.32 51.90 56.46
CA VAL K 80 -4.89 52.91 57.43
C VAL K 80 -5.31 54.30 56.95
N PRO K 81 -6.41 54.85 57.46
CA PRO K 81 -6.86 56.16 56.98
C PRO K 81 -6.00 57.30 57.53
N PHE K 82 -5.97 58.39 56.77
CA PHE K 82 -5.31 59.62 57.19
C PHE K 82 -5.99 60.79 56.52
N THR K 83 -5.80 61.97 57.10
CA THR K 83 -6.46 63.19 56.64
C THR K 83 -5.41 64.24 56.27
N LEU K 84 -5.57 64.84 55.10
CA LEU K 84 -4.66 65.88 54.62
C LEU K 84 -5.40 67.19 54.47
N SER K 85 -4.67 68.29 54.66
CA SER K 85 -5.23 69.62 54.49
C SER K 85 -5.27 70.00 53.02
N ARG K 86 -6.43 70.47 52.55
CA ARG K 86 -6.55 70.87 51.15
C ARG K 86 -5.69 72.10 50.83
N ASN K 87 -5.37 72.93 51.81
CA ASN K 87 -4.43 74.02 51.58
C ASN K 87 -3.04 73.48 51.26
N GLU K 88 -2.60 72.47 52.01
CA GLU K 88 -1.30 71.84 51.72
C GLU K 88 -1.30 71.15 50.36
N ILE K 89 -2.45 70.61 49.95
CA ILE K 89 -2.53 69.96 48.64
C ILE K 89 -2.45 70.99 47.52
N ASP K 90 -3.22 72.07 47.63
CA ASP K 90 -3.21 73.09 46.60
C ASP K 90 -1.92 73.89 46.57
N ASP K 91 -1.14 73.88 47.65
CA ASP K 91 0.13 74.60 47.66
C ASP K 91 1.14 73.96 46.72
N VAL K 92 1.02 72.66 46.47
CA VAL K 92 2.01 71.95 45.65
C VAL K 92 2.07 72.55 44.25
N GLU K 93 0.91 72.73 43.63
CA GLU K 93 0.86 73.28 42.27
C GLU K 93 1.38 74.70 42.23
N ARG K 94 1.24 75.46 43.32
CA ARG K 94 1.74 76.82 43.38
C ARG K 94 3.24 76.86 43.64
N GLY K 95 3.87 75.71 43.79
CA GLY K 95 5.31 75.64 43.97
C GLY K 95 5.77 75.34 45.39
N SER K 96 4.90 74.83 46.25
CA SER K 96 5.30 74.57 47.63
C SER K 96 5.90 73.17 47.75
N LYS K 97 7.08 73.10 48.35
CA LYS K 97 7.74 71.83 48.62
C LYS K 97 7.76 71.47 50.10
N ASP K 98 7.17 72.30 50.96
CA ASP K 98 7.12 72.05 52.38
C ASP K 98 5.71 71.67 52.83
N SER K 99 4.94 71.06 51.94
CA SER K 99 3.58 70.65 52.27
C SER K 99 3.60 69.57 53.34
N ASP K 100 2.61 69.62 54.22
CA ASP K 100 2.57 68.73 55.38
C ASP K 100 2.08 67.36 54.92
N TRP K 101 3.04 66.45 54.68
CA TRP K 101 2.71 65.07 54.38
C TRP K 101 2.93 64.16 55.59
N GLU K 102 2.96 64.72 56.80
CA GLU K 102 3.11 63.91 57.98
C GLU K 102 1.99 62.88 58.14
N PRO K 103 0.71 63.19 57.89
CA PRO K 103 -0.30 62.12 57.91
C PRO K 103 0.02 61.00 56.93
N VAL K 104 0.62 61.32 55.79
CA VAL K 104 1.02 60.29 54.85
C VAL K 104 2.11 59.42 55.46
N LYS K 105 3.11 60.05 56.07
CA LYS K 105 4.21 59.29 56.67
C LYS K 105 3.75 58.50 57.89
N GLU K 106 2.82 59.07 58.67
CA GLU K 106 2.32 58.36 59.85
C GLU K 106 1.52 57.13 59.44
N ALA K 107 0.74 57.23 58.37
CA ALA K 107 0.01 56.07 57.88
C ALA K 107 0.96 55.01 57.33
N ALA K 108 2.03 55.45 56.66
CA ALA K 108 3.02 54.50 56.15
C ALA K 108 3.75 53.78 57.28
N LYS K 109 4.12 54.52 58.32
CA LYS K 109 4.79 53.89 59.46
C LYS K 109 3.87 52.90 60.16
N LYS K 110 2.58 53.21 60.25
CA LYS K 110 1.65 52.31 60.91
C LYS K 110 1.43 51.05 60.10
N LEU K 111 1.21 51.20 58.79
CA LEU K 111 0.99 50.03 57.94
C LEU K 111 2.23 49.16 57.87
N ALA K 112 3.42 49.77 57.82
CA ALA K 112 4.65 48.99 57.79
C ALA K 112 4.83 48.22 59.08
N PHE K 113 4.52 48.84 60.23
CA PHE K 113 4.67 48.16 61.51
C PHE K 113 3.66 47.03 61.64
N VAL K 114 2.42 47.23 61.16
CA VAL K 114 1.42 46.17 61.22
C VAL K 114 1.85 44.97 60.40
N GLU K 115 2.45 45.22 59.23
CA GLU K 115 2.85 44.12 58.35
C GLU K 115 4.01 43.33 58.96
N ASP K 116 5.05 44.02 59.42
CA ASP K 116 6.21 43.32 59.97
C ASP K 116 5.87 42.62 61.28
N ARG K 117 5.05 43.25 62.13
CA ARG K 117 4.63 42.57 63.36
C ARG K 117 3.74 41.38 63.06
N THR K 118 2.92 41.45 62.01
CA THR K 118 2.13 40.30 61.60
C THR K 118 3.02 39.16 61.14
N ILE K 119 4.10 39.48 60.42
CA ILE K 119 5.00 38.45 59.89
C ILE K 119 5.78 37.78 61.02
N PHE K 120 6.30 38.57 61.97
CA PHE K 120 7.21 38.06 62.98
C PHE K 120 6.51 37.73 64.30
N GLU K 121 5.53 38.53 64.72
CA GLU K 121 4.89 38.30 66.00
C GLU K 121 3.53 37.63 65.88
N GLY K 122 2.83 37.83 64.77
CA GLY K 122 1.59 37.13 64.49
C GLY K 122 0.40 38.06 64.45
N TYR K 123 -0.72 37.49 64.01
CA TYR K 123 -2.01 38.18 63.91
C TYR K 123 -3.08 37.09 64.03
N SER K 124 -3.44 36.78 65.27
CA SER K 124 -4.32 35.64 65.53
C SER K 124 -5.69 35.82 64.86
N ALA K 125 -6.15 37.05 64.74
CA ALA K 125 -7.45 37.30 64.11
C ALA K 125 -7.44 36.91 62.63
N ALA K 126 -6.28 36.92 61.99
CA ALA K 126 -6.15 36.56 60.58
C ALA K 126 -5.52 35.20 60.37
N SER K 127 -5.47 34.36 61.41
CA SER K 127 -4.90 33.01 61.34
C SER K 127 -3.43 33.04 60.93
N ILE K 128 -2.70 34.07 61.37
CA ILE K 128 -1.28 34.23 61.07
C ILE K 128 -0.53 34.04 62.38
N GLU K 129 0.20 32.93 62.49
CA GLU K 129 0.90 32.61 63.73
C GLU K 129 2.13 33.47 63.94
N GLY K 130 2.91 33.68 62.89
CA GLY K 130 4.12 34.48 62.98
C GLY K 130 5.37 33.60 63.03
N ILE K 131 6.50 34.23 62.71
CA ILE K 131 7.78 33.53 62.71
C ILE K 131 8.20 33.16 64.13
N ARG K 132 8.01 34.07 65.09
CA ARG K 132 8.46 33.81 66.45
C ARG K 132 7.72 32.63 67.09
N SER K 133 6.40 32.57 66.90
CA SER K 133 5.62 31.51 67.53
C SER K 133 5.85 30.17 66.86
N ALA K 134 6.08 30.15 65.55
CA ALA K 134 6.26 28.91 64.81
C ALA K 134 7.70 28.40 64.81
N SER K 135 8.65 29.19 65.30
CA SER K 135 10.05 28.81 65.28
C SER K 135 10.29 27.63 66.21
N SER K 136 10.56 26.46 65.63
CA SER K 136 10.85 25.26 66.41
C SER K 136 12.24 25.28 67.04
N ASN K 137 13.13 26.19 66.60
CA ASN K 137 14.47 26.25 67.16
C ASN K 137 14.44 26.92 68.54
N PRO K 138 15.36 26.55 69.43
CA PRO K 138 15.38 27.13 70.77
C PRO K 138 15.62 28.63 70.72
N ALA K 139 14.69 29.39 71.27
CA ALA K 139 14.83 30.83 71.33
C ALA K 139 15.95 31.22 72.29
N LEU K 140 16.55 32.38 72.04
CA LEU K 140 17.68 32.85 72.82
C LEU K 140 17.35 34.20 73.44
N THR K 141 18.10 34.55 74.48
CA THR K 141 17.93 35.81 75.19
C THR K 141 19.11 36.73 74.88
N LEU K 142 18.81 37.97 74.53
CA LEU K 142 19.87 38.94 74.26
C LEU K 142 20.63 39.23 75.56
N PRO K 143 21.96 39.26 75.51
CA PRO K 143 22.73 39.46 76.75
C PRO K 143 22.61 40.89 77.24
N GLU K 144 22.91 41.06 78.54
CA GLU K 144 22.89 42.40 79.12
C GLU K 144 24.08 43.22 78.61
N ASP K 145 25.24 42.57 78.46
CA ASP K 145 26.41 43.20 77.89
C ASP K 145 26.33 43.14 76.37
N PRO K 146 26.19 44.29 75.70
CA PRO K 146 26.09 44.26 74.23
C PRO K 146 27.33 43.71 73.55
N ARG K 147 28.47 43.68 74.23
CA ARG K 147 29.68 43.09 73.67
C ARG K 147 29.58 41.58 73.57
N GLU K 148 28.55 40.96 74.15
CA GLU K 148 28.30 39.54 74.05
C GLU K 148 27.24 39.21 72.99
N ILE K 149 26.80 40.22 72.23
CA ILE K 149 25.84 39.95 71.14
C ILE K 149 26.42 39.00 70.11
N PRO K 150 27.68 39.12 69.67
CA PRO K 150 28.23 38.11 68.74
C PRO K 150 28.14 36.69 69.26
N ASP K 151 28.16 36.50 70.58
CA ASP K 151 28.06 35.15 71.14
C ASP K 151 26.68 34.55 70.84
N VAL K 152 25.62 35.32 71.09
CA VAL K 152 24.28 34.79 70.90
C VAL K 152 23.95 34.64 69.41
N ILE K 153 24.49 35.51 68.57
CA ILE K 153 24.27 35.38 67.14
C ILE K 153 24.96 34.12 66.60
N SER K 154 26.17 33.84 67.09
CA SER K 154 26.87 32.63 66.67
C SER K 154 26.10 31.37 67.08
N GLN K 155 25.51 31.39 68.28
CA GLN K 155 24.70 30.25 68.73
C GLN K 155 23.44 30.11 67.88
N ALA K 156 22.83 31.24 67.51
CA ALA K 156 21.65 31.20 66.65
C ALA K 156 22.00 30.63 65.28
N LEU K 157 23.13 31.05 64.72
CA LEU K 157 23.56 30.51 63.43
C LEU K 157 23.80 29.01 63.51
N SER K 158 24.43 28.54 64.58
CA SER K 158 24.67 27.11 64.73
C SER K 158 23.38 26.34 64.86
N GLU K 159 22.36 26.93 65.48
CA GLU K 159 21.05 26.28 65.56
C GLU K 159 20.46 26.07 64.17
N LEU K 160 20.59 27.07 63.30
CA LEU K 160 20.13 26.92 61.92
C LEU K 160 20.94 25.87 61.18
N ARG K 161 22.26 25.89 61.35
CA ARG K 161 23.12 24.91 60.65
C ARG K 161 22.85 23.50 61.14
N LEU K 162 22.60 23.32 62.44
CA LEU K 162 22.35 21.99 62.97
C LEU K 162 20.97 21.46 62.61
N ALA K 163 20.08 22.29 62.08
CA ALA K 163 18.75 21.87 61.68
C ALA K 163 18.65 21.58 60.19
N GLY K 164 19.79 21.49 59.49
CA GLY K 164 19.77 21.27 58.06
C GLY K 164 19.35 22.46 57.24
N VAL K 165 19.28 23.64 57.84
CA VAL K 165 18.89 24.86 57.15
C VAL K 165 20.12 25.50 56.53
N ASP K 166 20.01 25.84 55.24
CA ASP K 166 21.14 26.40 54.50
C ASP K 166 20.84 27.83 54.09
N GLY K 167 21.45 28.29 53.00
CA GLY K 167 21.13 29.58 52.42
C GLY K 167 21.81 30.71 53.15
N PRO K 168 21.89 31.87 52.49
CA PRO K 168 22.44 33.06 53.16
C PRO K 168 21.61 33.40 54.39
N TYR K 169 22.28 33.46 55.53
CA TYR K 169 21.62 33.77 56.79
C TYR K 169 21.61 35.28 56.99
N SER K 170 20.49 35.81 57.45
CA SER K 170 20.34 37.23 57.72
C SER K 170 19.88 37.43 59.15
N VAL K 171 20.16 38.61 59.69
CA VAL K 171 19.87 38.95 61.07
C VAL K 171 19.03 40.22 61.06
N LEU K 172 17.83 40.15 61.63
CA LEU K 172 16.96 41.31 61.76
C LEU K 172 17.00 41.79 63.20
N LEU K 173 17.35 43.06 63.40
CA LEU K 173 17.48 43.65 64.72
C LEU K 173 16.39 44.69 64.94
N SER K 174 15.87 44.75 66.17
CA SER K 174 14.91 45.79 66.50
C SER K 174 15.61 47.15 66.52
N ALA K 175 14.80 48.20 66.64
CA ALA K 175 15.36 49.55 66.61
C ALA K 175 16.35 49.77 67.74
N ASP K 176 16.03 49.28 68.94
CA ASP K 176 16.93 49.46 70.07
C ASP K 176 18.17 48.60 69.94
N VAL K 177 18.01 47.34 69.54
CA VAL K 177 19.16 46.45 69.43
C VAL K 177 20.06 46.86 68.27
N TYR K 178 19.47 47.35 67.18
CA TYR K 178 20.27 47.79 66.05
C TYR K 178 21.17 48.97 66.44
N THR K 179 20.61 49.94 67.17
CA THR K 179 21.40 51.09 67.61
C THR K 179 22.50 50.65 68.57
N LYS K 180 22.22 49.66 69.43
CA LYS K 180 23.25 49.16 70.33
C LYS K 180 24.39 48.51 69.57
N VAL K 181 24.07 47.69 68.56
CA VAL K 181 25.11 47.03 67.77
C VAL K 181 25.94 48.06 67.01
N SER K 182 25.32 49.16 66.57
CA SER K 182 26.05 50.16 65.79
C SER K 182 27.02 50.96 66.65
N GLU K 183 26.70 51.17 67.93
CA GLU K 183 27.52 52.00 68.81
C GLU K 183 28.47 51.19 69.68
N THR K 184 28.15 49.94 69.99
CA THR K 184 28.95 49.16 70.92
C THR K 184 30.29 48.80 70.31
N SER K 185 31.35 48.95 71.10
CA SER K 185 32.70 48.58 70.68
C SER K 185 33.37 47.81 71.80
N ASP K 186 33.79 46.59 71.50
CA ASP K 186 34.52 45.76 72.45
C ASP K 186 36.01 46.09 72.33
N HIS K 187 36.54 46.78 73.33
CA HIS K 187 37.93 47.25 73.32
C HIS K 187 38.23 48.05 72.06
N GLY K 188 37.29 48.91 71.68
CA GLY K 188 37.42 49.74 70.51
C GLY K 188 37.00 49.08 69.21
N TYR K 189 37.03 47.76 69.13
CA TYR K 189 36.62 47.07 67.92
C TYR K 189 35.10 47.06 67.82
N PRO K 190 34.51 47.66 66.80
CA PRO K 190 33.04 47.70 66.71
C PRO K 190 32.45 46.30 66.55
N ILE K 191 31.43 46.01 67.35
CA ILE K 191 30.83 44.68 67.30
C ILE K 191 30.04 44.47 66.02
N ARG K 192 29.68 45.55 65.31
CA ARG K 192 29.02 45.38 64.02
C ARG K 192 29.97 44.82 62.98
N GLU K 193 31.25 45.21 63.04
CA GLU K 193 32.24 44.62 62.16
C GLU K 193 32.41 43.14 62.47
N HIS K 194 32.35 42.75 63.75
CA HIS K 194 32.37 41.34 64.11
C HIS K 194 31.16 40.61 63.53
N LEU K 195 29.98 41.23 63.61
CA LEU K 195 28.77 40.59 63.11
C LEU K 195 28.79 40.46 61.58
N ASN K 196 29.31 41.48 60.89
CA ASN K 196 29.35 41.42 59.43
C ASN K 196 30.22 40.26 58.93
N ARG K 197 31.23 39.86 59.71
CA ARG K 197 32.03 38.70 59.34
C ARG K 197 31.36 37.38 59.70
N LEU K 198 30.28 37.40 60.48
CA LEU K 198 29.53 36.19 60.81
C LEU K 198 28.31 35.97 59.92
N VAL K 199 27.77 37.04 59.35
CA VAL K 199 26.57 36.98 58.53
C VAL K 199 26.95 37.10 57.06
N ASP K 200 26.65 36.05 56.30
CA ASP K 200 26.82 36.09 54.85
C ASP K 200 25.70 36.88 54.17
N GLY K 201 24.57 37.08 54.86
CA GLY K 201 23.48 37.88 54.35
C GLY K 201 23.59 39.34 54.77
N ASP K 202 22.50 39.88 55.32
CA ASP K 202 22.46 41.28 55.70
C ASP K 202 22.00 41.41 57.15
N ILE K 203 22.36 42.53 57.76
CA ILE K 203 21.86 42.92 59.08
C ILE K 203 20.82 44.00 58.84
N ILE K 204 19.55 43.65 59.03
CA ILE K 204 18.43 44.49 58.59
C ILE K 204 17.90 45.31 59.75
N TRP K 205 17.65 46.59 59.49
CA TRP K 205 17.02 47.49 60.46
C TRP K 205 15.52 47.19 60.49
N ALA K 206 15.04 46.60 61.59
CA ALA K 206 13.65 46.18 61.73
C ALA K 206 13.04 46.89 62.94
N PRO K 207 12.59 48.14 62.76
CA PRO K 207 12.09 48.91 63.90
C PRO K 207 10.74 48.43 64.42
N ALA K 208 9.97 47.71 63.60
CA ALA K 208 8.64 47.30 64.01
C ALA K 208 8.68 46.14 65.01
N ILE K 209 9.68 45.29 64.94
CA ILE K 209 9.79 44.13 65.82
C ILE K 209 10.49 44.54 67.11
N ASP K 210 10.52 43.63 68.08
CA ASP K 210 11.30 43.79 69.29
C ASP K 210 12.18 42.56 69.47
N GLY K 211 13.37 42.78 70.00
CA GLY K 211 14.34 41.70 70.12
C GLY K 211 15.15 41.55 68.84
N ALA K 212 15.27 40.32 68.36
CA ALA K 212 16.04 40.05 67.15
C ALA K 212 15.61 38.72 66.56
N PHE K 213 15.93 38.53 65.28
CA PHE K 213 15.65 37.29 64.57
C PHE K 213 16.85 36.91 63.72
N VAL K 214 17.16 35.62 63.69
CA VAL K 214 18.20 35.07 62.83
C VAL K 214 17.53 33.99 61.96
N LEU K 215 17.43 34.25 60.66
CA LEU K 215 16.74 33.35 59.76
C LEU K 215 17.56 33.19 58.47
N THR K 216 17.08 32.32 57.59
CA THR K 216 17.71 32.07 56.30
C THR K 216 16.94 32.77 55.19
N THR K 217 17.67 33.16 54.15
CA THR K 217 17.10 33.75 52.96
C THR K 217 17.26 32.84 51.74
N ARG K 218 17.28 31.52 51.97
CA ARG K 218 17.41 30.58 50.87
C ARG K 218 16.16 30.58 50.00
N GLY K 219 15.02 30.93 50.55
CA GLY K 219 13.77 30.97 49.81
C GLY K 219 12.92 29.74 50.08
N GLY K 220 11.60 29.94 50.00
CA GLY K 220 10.66 28.85 50.19
C GLY K 220 10.26 28.59 51.62
N ASP K 221 10.68 29.42 52.56
CA ASP K 221 10.36 29.24 53.98
C ASP K 221 9.36 30.24 54.51
N PHE K 222 9.44 31.50 54.09
CA PHE K 222 8.54 32.55 54.57
C PHE K 222 7.87 33.18 53.36
N ASP K 223 6.54 33.13 53.32
CA ASP K 223 5.76 33.50 52.14
C ASP K 223 4.80 34.62 52.49
N LEU K 224 5.05 35.82 51.93
CA LEU K 224 4.14 36.95 52.05
C LEU K 224 3.30 37.00 50.78
N GLN K 225 2.09 36.42 50.85
CA GLN K 225 1.21 36.33 49.70
C GLN K 225 0.46 37.65 49.53
N LEU K 226 0.77 38.39 48.46
CA LEU K 226 0.14 39.66 48.18
C LEU K 226 -1.07 39.48 47.26
N GLY K 227 -2.21 39.99 47.67
CA GLY K 227 -3.34 40.12 46.78
C GLY K 227 -3.40 41.51 46.19
N THR K 228 -3.22 42.51 47.06
CA THR K 228 -3.12 43.91 46.64
C THR K 228 -1.99 44.56 47.43
N ASP K 229 -0.99 45.06 46.72
CA ASP K 229 0.13 45.74 47.35
C ASP K 229 -0.33 47.10 47.88
N VAL K 230 0.60 47.79 48.56
CA VAL K 230 0.26 49.05 49.20
C VAL K 230 -0.19 50.06 48.15
N ALA K 231 -1.34 50.69 48.39
CA ALA K 231 -1.90 51.67 47.46
C ALA K 231 -2.59 52.77 48.26
N ILE K 232 -2.79 53.91 47.60
CA ILE K 232 -3.45 55.06 48.21
C ILE K 232 -4.83 55.20 47.58
N GLY K 233 -5.87 55.19 48.41
CA GLY K 233 -7.23 55.35 47.96
C GLY K 233 -7.89 56.58 48.57
N TYR K 234 -9.06 56.91 48.02
CA TYR K 234 -9.82 58.08 48.43
C TYR K 234 -11.12 57.66 49.11
N ALA K 235 -11.43 58.31 50.22
CA ALA K 235 -12.63 58.03 51.00
C ALA K 235 -13.63 59.17 50.90
N SER K 236 -13.32 60.34 51.45
CA SER K 236 -14.24 61.48 51.45
C SER K 236 -13.43 62.76 51.52
N HIS K 237 -14.12 63.88 51.39
CA HIS K 237 -13.48 65.19 51.46
C HIS K 237 -14.53 66.26 51.75
N ASP K 238 -14.07 67.35 52.35
CA ASP K 238 -14.90 68.55 52.51
C ASP K 238 -14.20 69.72 51.85
N THR K 239 -14.54 70.94 52.28
CA THR K 239 -13.89 72.13 51.72
C THR K 239 -12.53 72.42 52.33
N ASP K 240 -12.12 71.68 53.36
CA ASP K 240 -10.86 71.97 54.03
C ASP K 240 -9.94 70.76 54.11
N THR K 241 -10.48 69.55 54.11
CA THR K 241 -9.68 68.35 54.30
C THR K 241 -10.07 67.26 53.31
N VAL K 242 -9.14 66.34 53.10
CA VAL K 242 -9.35 65.16 52.26
C VAL K 242 -8.97 63.93 53.08
N ARG K 243 -9.84 62.92 53.07
CA ARG K 243 -9.60 61.67 53.78
C ARG K 243 -9.12 60.61 52.79
N LEU K 244 -7.83 60.27 52.86
CA LEU K 244 -7.23 59.20 52.06
C LEU K 244 -6.87 58.04 52.98
N TYR K 245 -6.27 57.01 52.38
CA TYR K 245 -5.90 55.82 53.16
C TYR K 245 -4.87 55.01 52.39
N LEU K 246 -4.04 54.29 53.14
CA LEU K 246 -3.16 53.27 52.59
C LEU K 246 -3.82 51.91 52.79
N GLN K 247 -3.96 51.15 51.70
CA GLN K 247 -4.66 49.88 51.73
C GLN K 247 -3.75 48.77 51.22
N GLU K 248 -3.97 47.57 51.75
CA GLU K 248 -3.14 46.43 51.41
C GLU K 248 -3.90 45.16 51.75
N THR K 249 -3.82 44.17 50.87
CA THR K 249 -4.49 42.88 51.06
C THR K 249 -3.44 41.78 50.94
N LEU K 250 -3.20 41.06 52.04
CA LEU K 250 -2.13 40.09 52.08
C LEU K 250 -2.39 39.06 53.15
N THR K 251 -1.53 38.06 53.21
CA THR K 251 -1.45 37.10 54.31
C THR K 251 -0.01 36.59 54.36
N PHE K 252 0.35 35.99 55.50
CA PHE K 252 1.68 35.44 55.69
C PHE K 252 1.60 33.96 56.03
N LEU K 253 2.56 33.19 55.53
CA LEU K 253 2.64 31.76 55.78
C LEU K 253 4.08 31.39 56.09
N CYS K 254 4.26 30.55 57.11
CA CYS K 254 5.58 30.07 57.53
C CYS K 254 5.64 28.58 57.26
N TYR K 255 6.47 28.18 56.30
CA TYR K 255 6.53 26.79 55.86
C TYR K 255 7.58 25.96 56.58
N THR K 256 8.63 26.59 57.10
CA THR K 256 9.73 25.87 57.74
C THR K 256 9.91 26.40 59.16
N ALA K 257 9.67 25.55 60.15
CA ALA K 257 9.77 25.98 61.54
C ALA K 257 11.23 26.17 61.95
N GLU K 258 12.12 25.29 61.51
CA GLU K 258 13.52 25.35 61.90
C GLU K 258 14.32 26.38 61.12
N ALA K 259 13.69 27.15 60.23
CA ALA K 259 14.42 28.10 59.40
C ALA K 259 14.66 29.44 60.09
N SER K 260 14.28 29.58 61.36
CA SER K 260 14.41 30.84 62.06
C SER K 260 14.78 30.60 63.52
N VAL K 261 15.41 31.60 64.12
CA VAL K 261 15.76 31.59 65.54
C VAL K 261 15.33 32.93 66.12
N ALA K 262 14.46 32.90 67.11
CA ALA K 262 13.95 34.12 67.72
C ALA K 262 14.79 34.53 68.91
N LEU K 263 14.91 35.84 69.12
CA LEU K 263 15.67 36.39 70.22
C LEU K 263 14.86 37.48 70.89
N SER K 264 14.93 37.54 72.23
CA SER K 264 14.18 38.51 73.01
C SER K 264 15.04 38.94 74.19
N HIS K 265 14.48 39.81 75.02
CA HIS K 265 15.16 40.29 76.22
C HIS K 265 14.72 39.48 77.44
N LYS K 266 15.38 39.74 78.56
CA LYS K 266 15.08 39.05 79.81
C LYS K 266 14.05 39.83 80.64
N MET L 1 29.77 95.81 29.46
CA MET L 1 30.07 95.13 30.71
C MET L 1 28.80 94.74 31.43
N ASN L 2 28.96 94.15 32.61
CA ASN L 2 27.87 93.82 33.52
C ASN L 2 28.07 94.58 34.83
N ASN L 3 27.25 94.24 35.83
CA ASN L 3 27.36 94.93 37.11
C ASN L 3 28.70 94.69 37.81
N LEU L 4 29.47 93.70 37.35
CA LEU L 4 30.77 93.46 37.95
C LEU L 4 31.82 94.48 37.48
N TYR L 5 31.68 94.99 36.26
CA TYR L 5 32.60 95.99 35.70
C TYR L 5 34.04 95.50 35.76
N ARG L 6 34.22 94.21 35.45
CA ARG L 6 35.55 93.61 35.52
C ARG L 6 36.50 94.23 34.49
N ASP L 7 35.98 94.70 33.36
CA ASP L 7 36.82 95.27 32.33
C ASP L 7 37.46 96.59 32.76
N LEU L 8 36.92 97.25 33.78
CA LEU L 8 37.46 98.51 34.26
C LEU L 8 38.55 98.34 35.30
N ALA L 9 38.77 97.13 35.79
CA ALA L 9 39.75 96.91 36.83
C ALA L 9 41.15 96.82 36.23
N PRO L 10 42.13 97.53 36.79
CA PRO L 10 43.52 97.39 36.30
C PRO L 10 44.16 96.09 36.75
N VAL L 11 43.65 94.99 36.20
CA VAL L 11 44.12 93.64 36.52
C VAL L 11 44.41 92.93 35.20
N THR L 12 45.63 92.43 35.05
CA THR L 12 46.01 91.73 33.83
C THR L 12 45.25 90.42 33.69
N GLU L 13 45.15 89.95 32.45
CA GLU L 13 44.53 88.66 32.18
C GLU L 13 45.20 87.55 32.98
N ALA L 14 46.53 87.60 33.08
CA ALA L 14 47.25 86.58 33.86
C ALA L 14 46.89 86.67 35.34
N ALA L 15 46.80 87.89 35.89
CA ALA L 15 46.44 88.04 37.28
C ALA L 15 45.00 87.61 37.53
N TRP L 16 44.09 87.93 36.60
CA TRP L 16 42.70 87.49 36.73
C TRP L 16 42.61 85.97 36.85
N ALA L 17 43.43 85.25 36.09
CA ALA L 17 43.38 83.79 36.12
C ALA L 17 43.79 83.25 37.48
N GLU L 18 44.88 83.77 38.04
CA GLU L 18 45.34 83.29 39.35
C GLU L 18 44.39 83.72 40.45
N ILE L 19 43.84 84.93 40.36
CA ILE L 19 42.90 85.41 41.38
C ILE L 19 41.65 84.53 41.39
N GLU L 20 41.13 84.20 40.20
CA GLU L 20 39.94 83.37 40.13
C GLU L 20 40.22 81.95 40.61
N LEU L 21 41.39 81.40 40.25
CA LEU L 21 41.74 80.06 40.71
C LEU L 21 41.84 80.00 42.23
N GLU L 22 42.50 81.00 42.83
CA GLU L 22 42.67 80.99 44.28
C GLU L 22 41.34 81.12 45.00
N ALA L 23 40.50 82.06 44.54
CA ALA L 23 39.18 82.23 45.17
C ALA L 23 38.33 80.98 45.03
N ALA L 24 38.43 80.30 43.88
CA ALA L 24 37.59 79.13 43.64
C ALA L 24 37.96 77.98 44.58
N ARG L 25 39.24 77.62 44.63
CA ARG L 25 39.63 76.47 45.44
C ARG L 25 39.57 76.77 46.93
N THR L 26 39.80 78.02 47.33
CA THR L 26 39.69 78.37 48.75
C THR L 26 38.23 78.30 49.21
N PHE L 27 37.31 78.83 48.39
CA PHE L 27 35.88 78.72 48.71
C PHE L 27 35.45 77.26 48.81
N LYS L 28 35.94 76.43 47.89
CA LYS L 28 35.54 75.02 47.89
C LYS L 28 36.09 74.28 49.11
N ARG L 29 37.24 74.72 49.63
CA ARG L 29 37.82 74.04 50.78
C ARG L 29 37.04 74.33 52.06
N HIS L 30 36.59 75.57 52.24
CA HIS L 30 35.86 75.94 53.44
C HIS L 30 34.38 75.60 53.36
N ILE L 31 33.84 75.40 52.16
CA ILE L 31 32.42 75.17 52.01
C ILE L 31 32.10 73.72 52.34
N ALA L 32 30.95 73.49 52.98
CA ALA L 32 30.55 72.13 53.34
C ALA L 32 29.06 71.86 53.26
N GLY L 33 28.24 72.78 52.75
CA GLY L 33 26.82 72.58 52.77
C GLY L 33 26.37 72.16 51.39
N ARG L 34 27.06 72.72 50.40
CA ARG L 34 26.78 72.39 49.01
C ARG L 34 27.09 70.93 48.70
N ARG L 35 27.65 70.20 49.67
CA ARG L 35 27.92 68.78 49.51
C ARG L 35 26.83 67.92 50.13
N VAL L 36 25.87 68.54 50.82
CA VAL L 36 24.72 67.82 51.37
C VAL L 36 23.40 68.44 50.97
N VAL L 37 23.37 69.72 50.59
CA VAL L 37 22.14 70.38 50.20
C VAL L 37 22.01 70.36 48.68
N ASP L 38 20.82 70.66 48.17
CA ASP L 38 20.57 70.72 46.74
C ASP L 38 20.87 72.13 46.24
N VAL L 39 21.96 72.27 45.48
CA VAL L 39 22.33 73.57 44.94
C VAL L 39 21.75 73.69 43.54
N SER L 40 20.91 74.71 43.33
CA SER L 40 20.22 74.88 42.07
C SER L 40 21.13 75.56 41.04
N ASP L 41 20.66 75.58 39.80
CA ASP L 41 21.36 76.33 38.77
C ASP L 41 21.12 77.82 38.96
N PRO L 42 22.10 78.67 38.68
CA PRO L 42 21.92 80.11 38.85
C PRO L 42 20.78 80.63 37.98
N GLY L 43 19.78 81.23 38.62
CA GLY L 43 18.62 81.73 37.92
C GLY L 43 18.82 83.03 37.18
N GLY L 44 19.96 83.70 37.37
CA GLY L 44 20.23 84.94 36.70
C GLY L 44 20.17 86.13 37.63
N PRO L 45 20.71 87.27 37.20
CA PRO L 45 20.67 88.47 38.04
C PRO L 45 19.27 89.01 38.26
N VAL L 46 18.30 88.60 37.45
CA VAL L 46 16.93 89.05 37.65
C VAL L 46 16.25 88.34 38.80
N THR L 47 16.75 87.16 39.20
CA THR L 47 16.14 86.40 40.28
C THR L 47 16.15 87.19 41.58
N ALA L 48 14.97 87.33 42.19
CA ALA L 48 14.83 88.09 43.42
C ALA L 48 14.03 87.39 44.51
N ALA L 49 13.30 86.33 44.19
CA ALA L 49 12.50 85.64 45.19
C ALA L 49 12.28 84.20 44.75
N VAL L 50 11.94 83.36 45.72
CA VAL L 50 11.63 81.95 45.48
C VAL L 50 10.22 81.70 45.97
N SER L 51 9.35 81.21 45.08
CA SER L 51 7.95 81.01 45.44
C SER L 51 7.83 79.90 46.46
N THR L 52 7.21 80.20 47.60
CA THR L 52 6.92 79.18 48.59
C THR L 52 5.57 78.53 48.38
N GLY L 53 4.82 78.94 47.36
CA GLY L 53 3.56 78.29 47.02
C GLY L 53 2.43 78.51 47.99
N ARG L 54 2.68 79.18 49.11
CA ARG L 54 1.67 79.35 50.13
C ARG L 54 0.94 80.68 49.96
N LEU L 55 -0.26 80.75 50.53
CA LEU L 55 -1.11 81.93 50.42
C LEU L 55 -1.11 82.69 51.73
N ILE L 56 -1.33 84.01 51.64
CA ILE L 56 -1.34 84.89 52.80
C ILE L 56 -2.65 85.67 52.79
N ASP L 57 -3.42 85.54 53.87
CA ASP L 57 -4.67 86.29 53.97
C ASP L 57 -4.36 87.78 53.97
N VAL L 58 -5.14 88.54 53.17
CA VAL L 58 -4.94 89.97 53.03
C VAL L 58 -6.30 90.62 52.85
N LYS L 59 -6.39 91.92 53.14
CA LYS L 59 -7.65 92.63 53.05
C LYS L 59 -8.20 92.60 51.63
N ALA L 60 -9.48 92.25 51.51
CA ALA L 60 -10.12 92.14 50.21
C ALA L 60 -10.28 93.53 49.57
N PRO L 61 -10.26 93.60 48.23
CA PRO L 61 -10.48 94.91 47.59
C PRO L 61 -11.89 95.41 47.77
N THR L 62 -12.88 94.54 47.59
CA THR L 62 -14.27 94.86 47.82
C THR L 62 -14.97 93.61 48.34
N ASN L 63 -16.24 93.75 48.70
CA ASN L 63 -17.00 92.60 49.16
C ASN L 63 -17.26 91.64 48.01
N GLY L 64 -17.20 90.34 48.31
CA GLY L 64 -17.37 89.31 47.30
C GLY L 64 -16.09 88.85 46.63
N VAL L 65 -14.94 89.42 47.00
CA VAL L 65 -13.65 89.05 46.45
C VAL L 65 -12.79 88.47 47.57
N ILE L 66 -12.13 87.35 47.28
CA ILE L 66 -11.23 86.69 48.22
C ILE L 66 -9.81 86.90 47.73
N ALA L 67 -9.04 87.72 48.46
CA ALA L 67 -7.70 88.11 48.05
C ALA L 67 -6.64 87.41 48.90
N HIS L 68 -5.57 86.98 48.25
CA HIS L 68 -4.45 86.34 48.92
C HIS L 68 -3.14 86.81 48.29
N LEU L 69 -2.15 87.06 49.14
CA LEU L 69 -0.81 87.40 48.66
C LEU L 69 0.02 86.13 48.50
N ARG L 70 0.82 86.08 47.43
CA ARG L 70 1.65 84.93 47.15
C ARG L 70 2.93 85.02 47.97
N ALA L 71 3.08 84.10 48.93
CA ALA L 71 4.27 84.09 49.77
C ALA L 71 5.49 83.66 48.97
N SER L 72 6.63 84.28 49.26
CA SER L 72 7.86 83.96 48.56
C SER L 72 9.05 84.32 49.45
N LYS L 73 10.09 83.50 49.40
CA LYS L 73 11.31 83.76 50.15
C LYS L 73 12.23 84.68 49.35
N PRO L 74 12.66 85.81 49.90
CA PRO L 74 13.51 86.72 49.14
C PRO L 74 14.96 86.27 49.10
N LEU L 75 15.65 86.69 48.05
CA LEU L 75 17.07 86.42 47.90
C LEU L 75 17.89 87.53 48.54
N VAL L 76 19.02 87.15 49.13
CA VAL L 76 19.94 88.08 49.76
C VAL L 76 21.25 88.05 48.99
N ARG L 77 21.83 89.24 48.78
CA ARG L 77 23.10 89.38 48.08
C ARG L 77 24.22 89.56 49.10
N LEU L 78 25.16 88.63 49.11
CA LEU L 78 26.33 88.70 49.99
C LEU L 78 27.53 89.21 49.20
N ARG L 79 28.21 90.22 49.75
CA ARG L 79 29.29 90.91 49.04
C ARG L 79 30.44 91.11 50.03
N VAL L 80 31.56 90.42 49.78
CA VAL L 80 32.72 90.48 50.67
C VAL L 80 33.84 91.24 49.99
N PRO L 81 34.05 92.51 50.30
CA PRO L 81 35.10 93.29 49.64
C PRO L 81 36.48 92.89 50.12
N PHE L 82 37.46 93.09 49.24
CA PHE L 82 38.87 92.89 49.58
C PHE L 82 39.71 93.80 48.70
N THR L 83 40.93 94.07 49.16
CA THR L 83 41.84 94.98 48.50
C THR L 83 43.13 94.26 48.14
N LEU L 84 43.58 94.42 46.90
CA LEU L 84 44.81 93.80 46.42
C LEU L 84 45.83 94.87 46.08
N SER L 85 47.10 94.51 46.25
CA SER L 85 48.20 95.41 45.91
C SER L 85 48.46 95.35 44.41
N ARG L 86 48.50 96.51 43.75
CA ARG L 86 48.76 96.53 42.32
C ARG L 86 50.17 96.05 41.99
N ASN L 87 51.11 96.16 42.92
CA ASN L 87 52.43 95.57 42.69
C ASN L 87 52.33 94.06 42.60
N GLU L 88 51.56 93.43 43.51
CA GLU L 88 51.37 91.99 43.45
C GLU L 88 50.60 91.58 42.20
N ILE L 89 49.69 92.43 41.73
CA ILE L 89 48.93 92.13 40.52
C ILE L 89 49.84 92.21 39.29
N ASP L 90 50.62 93.29 39.19
CA ASP L 90 51.51 93.46 38.05
C ASP L 90 52.67 92.48 38.06
N ASP L 91 52.99 91.89 39.23
CA ASP L 91 54.08 90.92 39.29
C ASP L 91 53.75 89.64 38.54
N VAL L 92 52.46 89.30 38.41
CA VAL L 92 52.07 88.04 37.81
C VAL L 92 52.55 87.95 36.36
N GLU L 93 52.33 89.02 35.58
CA GLU L 93 52.72 89.01 34.19
C GLU L 93 54.24 88.91 34.04
N ARG L 94 54.99 89.42 35.01
CA ARG L 94 56.44 89.35 34.99
C ARG L 94 56.98 87.99 35.42
N GLY L 95 56.11 87.05 35.75
CA GLY L 95 56.50 85.70 36.11
C GLY L 95 56.43 85.35 37.59
N SER L 96 55.69 86.12 38.39
CA SER L 96 55.61 85.86 39.82
C SER L 96 54.51 84.85 40.12
N LYS L 97 54.86 83.82 40.89
CA LYS L 97 53.91 82.82 41.34
C LYS L 97 53.61 82.93 42.83
N ASP L 98 54.24 83.87 43.54
CA ASP L 98 54.03 84.05 44.97
C ASP L 98 53.32 85.37 45.28
N SER L 99 52.46 85.83 44.37
CA SER L 99 51.75 87.07 44.61
C SER L 99 50.80 86.92 45.80
N ASP L 100 50.65 88.00 46.55
CA ASP L 100 49.89 87.96 47.80
C ASP L 100 48.40 87.96 47.47
N TRP L 101 47.80 86.77 47.46
CA TRP L 101 46.36 86.63 47.28
C TRP L 101 45.65 86.35 48.59
N GLU L 102 46.27 86.67 49.72
CA GLU L 102 45.62 86.47 51.01
C GLU L 102 44.30 87.24 51.15
N PRO L 103 44.18 88.49 50.71
CA PRO L 103 42.85 89.13 50.72
C PRO L 103 41.82 88.35 49.92
N VAL L 104 42.23 87.69 48.84
CA VAL L 104 41.30 86.86 48.08
C VAL L 104 40.87 85.66 48.93
N LYS L 105 41.83 85.01 49.58
CA LYS L 105 41.50 83.82 50.37
C LYS L 105 40.68 84.18 51.61
N GLU L 106 40.98 85.33 52.22
CA GLU L 106 40.23 85.74 53.40
C GLU L 106 38.78 86.08 53.03
N ALA L 107 38.59 86.72 51.88
CA ALA L 107 37.23 87.00 51.41
C ALA L 107 36.50 85.71 51.07
N ALA L 108 37.21 84.73 50.49
CA ALA L 108 36.60 83.45 50.19
C ALA L 108 36.20 82.70 51.46
N LYS L 109 37.07 82.72 52.47
CA LYS L 109 36.74 82.07 53.74
C LYS L 109 35.55 82.74 54.41
N LYS L 110 35.47 84.07 54.34
CA LYS L 110 34.37 84.78 54.97
C LYS L 110 33.05 84.52 54.25
N LEU L 111 33.07 84.59 52.91
CA LEU L 111 31.84 84.33 52.17
C LEU L 111 31.38 82.88 52.33
N ALA L 112 32.33 81.94 52.35
CA ALA L 112 31.97 80.54 52.54
C ALA L 112 31.39 80.31 53.92
N PHE L 113 31.96 80.94 54.95
CA PHE L 113 31.45 80.75 56.31
C PHE L 113 30.06 81.37 56.47
N VAL L 114 29.83 82.52 55.85
CA VAL L 114 28.52 83.16 55.92
C VAL L 114 27.47 82.26 55.30
N GLU L 115 27.80 81.60 54.18
CA GLU L 115 26.84 80.73 53.51
C GLU L 115 26.51 79.51 54.35
N ASP L 116 27.53 78.85 54.90
CA ASP L 116 27.29 77.64 55.67
C ASP L 116 26.53 77.95 56.95
N ARG L 117 26.90 79.01 57.66
CA ARG L 117 26.16 79.38 58.86
CA ARG L 117 26.17 79.40 58.86
C ARG L 117 24.74 79.83 58.52
N THR L 118 24.53 80.39 57.34
CA THR L 118 23.18 80.74 56.92
C THR L 118 22.35 79.48 56.68
N ILE L 119 22.96 78.45 56.10
CA ILE L 119 22.24 77.22 55.80
C ILE L 119 21.94 76.47 57.10
N PHE L 120 22.91 76.37 58.00
CA PHE L 120 22.81 75.51 59.17
C PHE L 120 22.36 76.26 60.42
N GLU L 121 22.81 77.49 60.63
CA GLU L 121 22.44 78.23 61.83
C GLU L 121 21.36 79.27 61.60
N GLY L 122 21.25 79.81 60.39
CA GLY L 122 20.17 80.69 60.03
C GLY L 122 20.65 82.11 59.75
N TYR L 123 19.71 82.91 59.23
CA TYR L 123 19.96 84.32 58.92
C TYR L 123 18.60 85.01 59.01
N SER L 124 18.24 85.43 60.23
CA SER L 124 16.90 85.95 60.46
C SER L 124 16.63 87.21 59.66
N ALA L 125 17.66 88.01 59.39
CA ALA L 125 17.48 89.24 58.64
C ALA L 125 17.02 88.96 57.21
N ALA L 126 17.34 87.78 56.69
CA ALA L 126 16.94 87.37 55.34
C ALA L 126 15.82 86.34 55.35
N SER L 127 15.12 86.19 56.47
CA SER L 127 14.02 85.22 56.62
C SER L 127 14.50 83.79 56.38
N ILE L 128 15.73 83.51 56.80
CA ILE L 128 16.36 82.19 56.63
C ILE L 128 16.48 81.58 58.02
N GLU L 129 15.70 80.53 58.27
CA GLU L 129 15.66 79.91 59.59
C GLU L 129 16.90 79.04 59.86
N GLY L 130 17.23 78.15 58.94
CA GLY L 130 18.38 77.28 59.10
C GLY L 130 17.97 75.85 59.39
N ILE L 131 18.93 74.95 59.14
CA ILE L 131 18.68 73.53 59.38
C ILE L 131 18.54 73.22 60.87
N ARG L 132 19.38 73.82 61.71
CA ARG L 132 19.33 73.51 63.14
C ARG L 132 18.02 73.96 63.77
N SER L 133 17.52 75.14 63.40
CA SER L 133 16.30 75.65 64.01
C SER L 133 15.07 74.89 63.53
N ALA L 134 15.07 74.45 62.28
CA ALA L 134 13.92 73.77 61.70
C ALA L 134 13.91 72.26 61.96
N SER L 135 15.00 71.71 62.50
CA SER L 135 15.10 70.26 62.69
C SER L 135 14.13 69.83 63.78
N SER L 136 13.07 69.12 63.38
CA SER L 136 12.09 68.60 64.33
C SER L 136 12.61 67.40 65.13
N ASN L 137 13.71 66.79 64.72
CA ASN L 137 14.22 65.65 65.46
C ASN L 137 14.92 66.09 66.74
N PRO L 138 14.89 65.26 67.78
CA PRO L 138 15.51 65.64 69.07
C PRO L 138 17.02 65.86 68.92
N ALA L 139 17.45 67.05 69.30
CA ALA L 139 18.88 67.37 69.26
C ALA L 139 19.64 66.57 70.30
N LEU L 140 20.91 66.34 70.02
CA LEU L 140 21.78 65.53 70.87
C LEU L 140 22.99 66.35 71.31
N THR L 141 23.65 65.86 72.37
CA THR L 141 24.84 66.51 72.90
C THR L 141 26.06 65.66 72.59
N LEU L 142 27.09 66.30 72.05
CA LEU L 142 28.34 65.59 71.78
C LEU L 142 28.96 65.19 73.12
N PRO L 143 29.45 63.96 73.25
CA PRO L 143 29.97 63.51 74.55
C PRO L 143 31.28 64.19 74.88
N GLU L 144 31.60 64.19 76.18
CA GLU L 144 32.87 64.73 76.63
C GLU L 144 34.02 63.78 76.27
N ASP L 145 33.78 62.48 76.35
CA ASP L 145 34.73 61.48 75.92
C ASP L 145 34.58 61.28 74.42
N PRO L 146 35.58 61.66 73.61
CA PRO L 146 35.43 61.51 72.16
C PRO L 146 35.24 60.07 71.70
N ARG L 147 35.60 59.09 72.54
CA ARG L 147 35.38 57.70 72.22
C ARG L 147 33.91 57.31 72.29
N GLU L 148 33.04 58.21 72.78
CA GLU L 148 31.61 57.98 72.80
C GLU L 148 30.89 58.66 71.65
N ILE L 149 31.64 59.25 70.70
CA ILE L 149 31.01 59.86 69.53
C ILE L 149 30.22 58.85 68.70
N PRO L 150 30.71 57.63 68.46
CA PRO L 150 29.86 56.65 67.74
C PRO L 150 28.52 56.40 68.40
N ASP L 151 28.42 56.58 69.72
CA ASP L 151 27.13 56.41 70.39
C ASP L 151 26.14 57.49 69.95
N VAL L 152 26.57 58.74 69.92
CA VAL L 152 25.66 59.83 69.59
C VAL L 152 25.32 59.82 68.10
N ILE L 153 26.25 59.39 67.24
CA ILE L 153 25.95 59.28 65.82
C ILE L 153 24.96 58.16 65.57
N SER L 154 25.10 57.03 66.28
CA SER L 154 24.18 55.92 66.11
C SER L 154 22.77 56.31 66.51
N GLN L 155 22.63 57.16 67.54
CA GLN L 155 21.31 57.60 67.96
C GLN L 155 20.74 58.64 66.98
N ALA L 156 21.60 59.51 66.47
CA ALA L 156 21.16 60.46 65.44
C ALA L 156 20.69 59.72 64.19
N LEU L 157 21.45 58.70 63.76
CA LEU L 157 21.03 57.91 62.62
C LEU L 157 19.72 57.20 62.88
N SER L 158 19.55 56.65 64.10
CA SER L 158 18.31 55.98 64.43
C SER L 158 17.12 56.95 64.45
N GLU L 159 17.35 58.19 64.85
CA GLU L 159 16.29 59.19 64.80
C GLU L 159 15.81 59.43 63.38
N LEU L 160 16.75 59.53 62.42
CA LEU L 160 16.37 59.71 61.03
C LEU L 160 15.62 58.50 60.49
N ARG L 161 16.10 57.29 60.78
CA ARG L 161 15.43 56.09 60.30
C ARG L 161 14.04 55.96 60.91
N LEU L 162 13.90 56.33 62.18
CA LEU L 162 12.61 56.24 62.84
C LEU L 162 11.63 57.31 62.37
N ALA L 163 12.11 58.31 61.63
CA ALA L 163 11.27 59.38 61.11
C ALA L 163 10.88 59.14 59.66
N GLY L 164 11.10 57.93 59.14
CA GLY L 164 10.77 57.66 57.76
C GLY L 164 11.73 58.27 56.76
N VAL L 165 12.85 58.79 57.23
CA VAL L 165 13.83 59.43 56.35
C VAL L 165 14.78 58.37 55.81
N ASP L 166 15.00 58.39 54.51
CA ASP L 166 15.80 57.43 53.78
C ASP L 166 17.04 58.13 53.23
N GLY L 167 17.60 57.59 52.16
CA GLY L 167 18.68 58.25 51.46
C GLY L 167 20.01 58.04 52.14
N PRO L 168 21.10 58.26 51.41
CA PRO L 168 22.44 58.20 52.03
C PRO L 168 22.56 59.23 53.13
N TYR L 169 22.87 58.75 54.33
CA TYR L 169 23.05 59.62 55.49
C TYR L 169 24.48 60.14 55.52
N SER L 170 24.62 61.43 55.80
CA SER L 170 25.94 62.06 55.88
C SER L 170 26.07 62.77 57.22
N VAL L 171 27.32 62.96 57.65
CA VAL L 171 27.63 63.57 58.93
C VAL L 171 28.56 64.75 58.66
N LEU L 172 28.12 65.95 59.08
CA LEU L 172 28.93 67.15 58.96
C LEU L 172 29.48 67.51 60.33
N LEU L 173 30.80 67.60 60.44
CA LEU L 173 31.47 67.88 61.69
C LEU L 173 32.14 69.25 61.65
N SER L 174 32.09 69.96 62.78
CA SER L 174 32.83 71.22 62.89
C SER L 174 34.33 70.95 62.89
N ALA L 175 35.10 72.03 62.82
CA ALA L 175 36.55 71.91 62.75
C ALA L 175 37.12 71.19 63.98
N ASP L 176 36.58 71.51 65.16
CA ASP L 176 37.08 70.87 66.39
C ASP L 176 36.66 69.41 66.46
N VAL L 177 35.40 69.12 66.14
CA VAL L 177 34.91 67.75 66.23
C VAL L 177 35.56 66.87 65.16
N TYR L 178 35.77 67.42 63.97
CA TYR L 178 36.42 66.65 62.91
C TYR L 178 37.84 66.28 63.29
N THR L 179 38.59 67.21 63.85
CA THR L 179 39.96 66.91 64.28
C THR L 179 39.96 65.87 65.40
N LYS L 180 38.97 65.94 66.30
CA LYS L 180 38.89 64.95 67.38
C LYS L 180 38.61 63.56 66.83
N VAL L 181 37.68 63.46 65.87
CA VAL L 181 37.36 62.16 65.29
C VAL L 181 38.56 61.59 64.55
N SER L 182 39.37 62.46 63.93
CA SER L 182 40.52 61.97 63.19
C SER L 182 41.62 61.46 64.10
N GLU L 183 41.76 62.03 65.30
CA GLU L 183 42.84 61.68 66.21
C GLU L 183 42.44 60.66 67.27
N THR L 184 41.17 60.63 67.66
CA THR L 184 40.75 59.77 68.77
C THR L 184 40.79 58.30 68.35
N SER L 185 41.32 57.47 69.24
CA SER L 185 41.36 56.03 69.03
C SER L 185 40.97 55.34 70.33
N ASP L 186 39.92 54.53 70.28
CA ASP L 186 39.46 53.77 71.44
C ASP L 186 40.25 52.46 71.48
N HIS L 187 41.15 52.35 72.46
CA HIS L 187 42.04 51.20 72.56
C HIS L 187 42.81 50.97 71.27
N GLY L 188 43.28 52.06 70.67
CA GLY L 188 44.02 52.01 69.43
C GLY L 188 43.18 51.99 68.16
N TYR L 189 41.94 51.55 68.25
CA TYR L 189 41.07 51.50 67.08
C TYR L 189 40.58 52.91 66.76
N PRO L 190 40.88 53.45 65.58
CA PRO L 190 40.45 54.82 65.26
C PRO L 190 38.93 54.91 65.18
N ILE L 191 38.38 55.92 65.87
CA ILE L 191 36.93 56.08 65.91
C ILE L 191 36.38 56.52 64.57
N ARG L 192 37.22 57.09 63.68
CA ARG L 192 36.74 57.43 62.35
C ARG L 192 36.44 56.20 61.52
N GLU L 193 37.21 55.13 61.69
CA GLU L 193 36.89 53.89 61.00
C GLU L 193 35.55 53.33 61.48
N HIS L 194 35.27 53.46 62.78
CA HIS L 194 33.96 53.08 63.30
C HIS L 194 32.86 53.94 62.68
N LEU L 195 33.08 55.25 62.58
CA LEU L 195 32.07 56.13 62.03
C LEU L 195 31.87 55.91 60.54
N ASN L 196 32.96 55.65 59.80
CA ASN L 196 32.84 55.42 58.36
C ASN L 196 32.00 54.17 58.07
N ARG L 197 32.02 53.19 58.96
CA ARG L 197 31.22 51.99 58.79
C ARG L 197 29.76 52.19 59.19
N LEU L 198 29.43 53.31 59.84
CA LEU L 198 28.05 53.63 60.18
C LEU L 198 27.40 54.59 59.18
N VAL L 199 28.21 55.36 58.47
CA VAL L 199 27.73 56.36 57.51
C VAL L 199 27.89 55.80 56.10
N ASP L 200 26.76 55.63 55.41
CA ASP L 200 26.79 55.25 54.01
C ASP L 200 27.16 56.41 53.11
N GLY L 201 27.02 57.64 53.58
CA GLY L 201 27.43 58.80 52.83
C GLY L 201 28.86 59.18 53.14
N ASP L 202 29.10 60.45 53.47
CA ASP L 202 30.43 60.96 53.75
C ASP L 202 30.45 61.70 55.07
N ILE L 203 31.65 61.82 55.65
CA ILE L 203 31.89 62.64 56.82
C ILE L 203 32.59 63.92 56.36
N ILE L 204 31.85 65.03 56.39
CA ILE L 204 32.26 66.26 55.73
C ILE L 204 32.93 67.21 56.73
N TRP L 205 34.04 67.81 56.32
CA TRP L 205 34.73 68.84 57.07
C TRP L 205 33.97 70.16 56.94
N ALA L 206 33.32 70.60 58.03
CA ALA L 206 32.47 71.78 58.04
C ALA L 206 33.01 72.78 59.06
N PRO L 207 34.01 73.57 58.70
CA PRO L 207 34.63 74.47 59.70
C PRO L 207 33.78 75.64 60.10
N ALA L 208 32.81 76.06 59.26
CA ALA L 208 32.01 77.23 59.58
C ALA L 208 30.95 76.94 60.64
N ILE L 209 30.46 75.71 60.70
CA ILE L 209 29.39 75.39 61.65
C ILE L 209 29.99 75.05 63.01
N ASP L 210 29.14 75.10 64.03
CA ASP L 210 29.51 74.73 65.39
CA ASP L 210 29.51 74.73 65.39
C ASP L 210 28.71 73.51 65.80
N GLY L 211 29.40 72.51 66.33
CA GLY L 211 28.75 71.26 66.72
C GLY L 211 28.83 70.24 65.60
N ALA L 212 27.70 69.62 65.29
CA ALA L 212 27.67 68.61 64.25
C ALA L 212 26.24 68.45 63.75
N PHE L 213 26.11 67.88 62.54
CA PHE L 213 24.83 67.61 61.94
C PHE L 213 24.85 66.23 61.29
N VAL L 214 23.74 65.50 61.44
CA VAL L 214 23.54 64.22 60.77
C VAL L 214 22.26 64.36 59.96
N LEU L 215 22.39 64.34 58.64
CA LEU L 215 21.25 64.57 57.75
C LEU L 215 21.27 63.55 56.62
N THR L 216 20.23 63.60 55.80
CA THR L 216 20.12 62.73 54.64
C THR L 216 20.48 63.50 53.37
N THR L 217 21.03 62.78 52.39
CA THR L 217 21.34 63.35 51.09
C THR L 217 20.48 62.76 49.99
N ARG L 218 19.25 62.34 50.34
CA ARG L 218 18.36 61.76 49.34
C ARG L 218 17.92 62.81 48.32
N GLY L 219 17.90 64.08 48.70
CA GLY L 219 17.49 65.14 47.82
C GLY L 219 16.08 65.61 48.09
N GLY L 220 15.83 66.89 47.83
CA GLY L 220 14.51 67.47 48.00
C GLY L 220 14.21 67.98 49.39
N ASP L 221 15.18 67.97 50.30
CA ASP L 221 14.99 68.42 51.67
C ASP L 221 15.64 69.76 51.98
N PHE L 222 16.85 70.00 51.45
CA PHE L 222 17.59 71.24 51.69
C PHE L 222 17.91 71.86 50.35
N ASP L 223 17.44 73.09 50.13
CA ASP L 223 17.50 73.74 48.82
C ASP L 223 18.26 75.05 48.95
N LEU L 224 19.45 75.11 48.34
CA LEU L 224 20.22 76.34 48.23
C LEU L 224 19.93 76.95 46.86
N GLN L 225 18.98 77.90 46.83
CA GLN L 225 18.55 78.52 45.58
C GLN L 225 19.54 79.60 45.19
N LEU L 226 20.29 79.38 44.11
CA LEU L 226 21.27 80.34 43.63
C LEU L 226 20.64 81.24 42.57
N GLY L 227 20.77 82.56 42.78
CA GLY L 227 20.45 83.51 41.74
C GLY L 227 21.70 83.89 40.98
N THR L 228 22.78 84.17 41.72
CA THR L 228 24.09 84.44 41.14
C THR L 228 25.14 83.72 41.98
N ASP L 229 25.88 82.81 41.38
CA ASP L 229 26.92 82.09 42.09
C ASP L 229 28.10 83.03 42.38
N VAL L 230 29.10 82.52 43.10
CA VAL L 230 30.22 83.33 43.54
C VAL L 230 30.96 83.90 42.34
N ALA L 231 31.21 85.22 42.37
CA ALA L 231 31.91 85.91 41.30
C ALA L 231 32.78 87.01 41.90
N ILE L 232 33.75 87.46 41.10
CA ILE L 232 34.68 88.52 41.49
C ILE L 232 34.32 89.77 40.69
N GLY L 233 34.05 90.87 41.40
CA GLY L 233 33.71 92.12 40.77
C GLY L 233 34.70 93.22 41.14
N TYR L 234 34.59 94.34 40.42
CA TYR L 234 35.48 95.48 40.60
C TYR L 234 34.70 96.65 41.17
N ALA L 235 35.29 97.32 42.17
CA ALA L 235 34.67 98.47 42.83
C ALA L 235 35.40 99.75 42.48
N SER L 236 36.64 99.92 42.94
CA SER L 236 37.40 101.12 42.68
C SER L 236 38.89 100.78 42.73
N HIS L 237 39.72 101.75 42.37
CA HIS L 237 41.17 101.54 42.37
C HIS L 237 41.88 102.89 42.35
N ASP L 238 43.10 102.88 42.87
CA ASP L 238 44.00 104.03 42.76
C ASP L 238 45.29 103.61 42.10
N THR L 239 46.38 104.34 42.33
CA THR L 239 47.66 104.00 41.74
C THR L 239 48.39 102.90 42.50
N ASP L 240 47.86 102.45 43.64
CA ASP L 240 48.53 101.47 44.47
C ASP L 240 47.69 100.23 44.77
N THR L 241 46.37 100.36 44.83
CA THR L 241 45.53 99.24 45.23
C THR L 241 44.30 99.14 44.33
N VAL L 242 43.71 97.94 44.31
CA VAL L 242 42.44 97.69 43.64
C VAL L 242 41.51 97.06 44.65
N ARG L 243 40.30 97.58 44.77
CA ARG L 243 39.32 97.05 45.72
C ARG L 243 38.33 96.19 44.92
N LEU L 244 38.42 94.88 45.10
CA LEU L 244 37.53 93.92 44.48
C LEU L 244 36.59 93.34 45.54
N TYR L 245 35.76 92.39 45.13
CA TYR L 245 34.79 91.82 46.05
C TYR L 245 34.33 90.47 45.53
N LEU L 246 33.95 89.60 46.47
CA LEU L 246 33.27 88.35 46.16
C LEU L 246 31.78 88.55 46.37
N GLN L 247 30.99 88.26 45.35
CA GLN L 247 29.56 88.52 45.40
C GLN L 247 28.78 87.23 45.12
N GLU L 248 27.60 87.14 45.74
CA GLU L 248 26.75 85.97 45.63
C GLU L 248 25.34 86.36 46.02
N THR L 249 24.36 85.89 45.25
CA THR L 249 22.95 86.17 45.51
C THR L 249 22.22 84.84 45.61
N LEU L 250 21.68 84.55 46.79
CA LEU L 250 21.09 83.24 47.05
C LEU L 250 20.08 83.34 48.19
N THR L 251 19.42 82.22 48.45
CA THR L 251 18.61 82.02 49.64
C THR L 251 18.60 80.53 49.94
N PHE L 252 18.22 80.17 51.16
CA PHE L 252 18.15 78.78 51.58
C PHE L 252 16.75 78.44 52.07
N LEU L 253 16.33 77.21 51.78
CA LEU L 253 15.02 76.73 52.19
C LEU L 253 15.14 75.29 52.70
N CYS L 254 14.48 75.02 53.82
CA CYS L 254 14.46 73.70 54.44
C CYS L 254 13.03 73.16 54.35
N TYR L 255 12.84 72.12 53.54
CA TYR L 255 11.51 71.60 53.25
C TYR L 255 11.08 70.47 54.19
N THR L 256 12.03 69.74 54.75
CA THR L 256 11.74 68.58 55.58
C THR L 256 12.38 68.78 56.94
N ALA L 257 11.56 68.88 57.98
CA ALA L 257 12.07 69.12 59.33
C ALA L 257 12.77 67.90 59.88
N GLU L 258 12.21 66.71 59.66
CA GLU L 258 12.75 65.48 60.21
C GLU L 258 13.94 64.94 59.43
N ALA L 259 14.40 65.65 58.40
CA ALA L 259 15.49 65.16 57.57
C ALA L 259 16.87 65.45 58.15
N SER L 260 16.95 66.02 59.34
CA SER L 260 18.23 66.39 59.92
C SER L 260 18.19 66.21 61.43
N VAL L 261 19.36 65.99 62.02
CA VAL L 261 19.52 65.88 63.46
C VAL L 261 20.71 66.74 63.87
N ALA L 262 20.46 67.73 64.72
CA ALA L 262 21.51 68.65 65.14
C ALA L 262 22.18 68.14 66.41
N LEU L 263 23.48 68.42 66.52
CA LEU L 263 24.28 68.03 67.68
C LEU L 263 25.11 69.22 68.13
N SER L 264 25.24 69.37 69.46
CA SER L 264 25.96 70.48 70.04
C SER L 264 26.68 70.00 71.28
N HIS L 265 27.43 70.91 71.91
CA HIS L 265 28.13 70.59 73.16
C HIS L 265 27.24 70.92 74.35
N MET M 1 -25.87 18.81 -104.29
CA MET M 1 -26.49 17.51 -104.05
C MET M 1 -25.81 16.43 -104.89
N ASN M 2 -26.33 15.21 -104.81
CA ASN M 2 -25.82 14.09 -105.58
C ASN M 2 -26.90 13.56 -106.52
N ASN M 3 -26.61 12.40 -107.14
CA ASN M 3 -27.54 11.79 -108.08
C ASN M 3 -28.86 11.40 -107.46
N LEU M 4 -28.93 11.34 -106.12
CA LEU M 4 -30.19 10.99 -105.46
C LEU M 4 -31.17 12.16 -105.47
N TYR M 5 -30.67 13.39 -105.47
CA TYR M 5 -31.50 14.59 -105.49
C TYR M 5 -32.52 14.57 -104.34
N ARG M 6 -32.06 14.15 -103.16
CA ARG M 6 -32.94 14.04 -102.01
C ARG M 6 -33.46 15.40 -101.56
N ASP M 7 -32.68 16.46 -101.76
CA ASP M 7 -33.09 17.79 -101.34
C ASP M 7 -34.27 18.32 -102.14
N LEU M 8 -34.53 17.77 -103.33
CA LEU M 8 -35.61 18.22 -104.18
C LEU M 8 -36.94 17.53 -103.85
N ALA M 9 -36.93 16.52 -103.01
CA ALA M 9 -38.15 15.78 -102.69
C ALA M 9 -38.97 16.52 -101.64
N PRO M 10 -40.28 16.67 -101.84
CA PRO M 10 -41.12 17.27 -100.78
C PRO M 10 -41.37 16.30 -99.64
N VAL M 11 -40.31 16.02 -98.88
CA VAL M 11 -40.35 15.09 -97.77
C VAL M 11 -39.75 15.77 -96.54
N THR M 12 -40.50 15.78 -95.45
CA THR M 12 -40.05 16.41 -94.22
C THR M 12 -38.87 15.66 -93.61
N GLU M 13 -38.11 16.38 -92.79
CA GLU M 13 -37.01 15.76 -92.05
C GLU M 13 -37.50 14.59 -91.21
N ALA M 14 -38.66 14.74 -90.57
CA ALA M 14 -39.22 13.66 -89.76
C ALA M 14 -39.61 12.48 -90.63
N ALA M 15 -40.24 12.74 -91.78
CA ALA M 15 -40.65 11.64 -92.66
C ALA M 15 -39.43 10.91 -93.22
N TRP M 16 -38.38 11.66 -93.57
CA TRP M 16 -37.15 11.02 -94.06
C TRP M 16 -36.60 10.04 -93.04
N ALA M 17 -36.66 10.38 -91.76
CA ALA M 17 -36.11 9.50 -90.73
C ALA M 17 -36.89 8.19 -90.66
N GLU M 18 -38.23 8.26 -90.66
CA GLU M 18 -39.02 7.04 -90.57
C GLU M 18 -38.93 6.23 -91.86
N ILE M 19 -38.89 6.89 -93.01
CA ILE M 19 -38.76 6.17 -94.27
C ILE M 19 -37.43 5.44 -94.32
N GLU M 20 -36.36 6.09 -93.87
CA GLU M 20 -35.04 5.45 -93.87
C GLU M 20 -34.99 4.30 -92.86
N LEU M 21 -35.60 4.49 -91.69
CA LEU M 21 -35.63 3.42 -90.69
C LEU M 21 -36.39 2.21 -91.20
N GLU M 22 -37.55 2.44 -91.83
CA GLU M 22 -38.36 1.32 -92.30
C GLU M 22 -37.66 0.55 -93.41
N ALA M 23 -37.08 1.26 -94.38
CA ALA M 23 -36.39 0.60 -95.47
C ALA M 23 -35.20 -0.22 -94.96
N ALA M 24 -34.49 0.30 -93.95
CA ALA M 24 -33.31 -0.37 -93.45
C ALA M 24 -33.67 -1.69 -92.78
N ARG M 25 -34.61 -1.66 -91.83
CA ARG M 25 -34.93 -2.86 -91.07
C ARG M 25 -35.71 -3.88 -91.91
N THR M 26 -36.49 -3.42 -92.88
CA THR M 26 -37.18 -4.35 -93.76
C THR M 26 -36.19 -5.06 -94.68
N PHE M 27 -35.24 -4.32 -95.25
CA PHE M 27 -34.19 -4.94 -96.05
C PHE M 27 -33.36 -5.89 -95.21
N LYS M 28 -33.05 -5.50 -93.97
CA LYS M 28 -32.22 -6.34 -93.12
C LYS M 28 -32.92 -7.63 -92.73
N ARG M 29 -34.25 -7.62 -92.65
CA ARG M 29 -34.96 -8.82 -92.26
C ARG M 29 -35.00 -9.84 -93.38
N HIS M 30 -35.20 -9.39 -94.63
CA HIS M 30 -35.30 -10.30 -95.76
C HIS M 30 -33.96 -10.70 -96.33
N ILE M 31 -32.90 -9.95 -96.04
CA ILE M 31 -31.60 -10.24 -96.64
C ILE M 31 -30.93 -11.36 -95.85
N ALA M 32 -30.19 -12.21 -96.56
CA ALA M 32 -29.51 -13.32 -95.91
C ALA M 32 -28.11 -13.60 -96.42
N GLY M 33 -27.78 -13.28 -97.67
CA GLY M 33 -26.44 -13.54 -98.16
C GLY M 33 -25.39 -12.69 -97.46
N ARG M 34 -25.75 -11.46 -97.10
CA ARG M 34 -24.87 -10.52 -96.43
C ARG M 34 -24.46 -10.99 -95.04
N ARG M 35 -25.03 -12.12 -94.60
CA ARG M 35 -24.69 -12.72 -93.33
C ARG M 35 -23.74 -13.91 -93.50
N VAL M 36 -23.51 -14.33 -94.75
CA VAL M 36 -22.59 -15.43 -95.03
C VAL M 36 -21.52 -15.06 -96.03
N VAL M 37 -21.72 -14.04 -96.85
CA VAL M 37 -20.75 -13.63 -97.84
C VAL M 37 -19.93 -12.48 -97.27
N ASP M 38 -18.82 -12.18 -97.93
CA ASP M 38 -17.95 -11.07 -97.53
C ASP M 38 -18.43 -9.81 -98.23
N VAL M 39 -19.04 -8.91 -97.48
CA VAL M 39 -19.54 -7.65 -98.03
C VAL M 39 -18.48 -6.58 -97.86
N SER M 40 -18.05 -6.00 -98.98
CA SER M 40 -16.97 -5.01 -98.97
C SER M 40 -17.52 -3.63 -98.59
N ASP M 41 -16.60 -2.70 -98.36
CA ASP M 41 -16.99 -1.32 -98.14
C ASP M 41 -17.40 -0.68 -99.46
N PRO M 42 -18.39 0.22 -99.45
CA PRO M 42 -18.82 0.87 -100.70
C PRO M 42 -17.67 1.64 -101.34
N GLY M 43 -17.35 1.25 -102.59
CA GLY M 43 -16.26 1.89 -103.30
C GLY M 43 -16.56 3.26 -103.86
N GLY M 44 -17.81 3.69 -103.83
CA GLY M 44 -18.18 5.00 -104.33
C GLY M 44 -18.97 4.91 -105.62
N PRO M 45 -19.61 6.02 -106.00
CA PRO M 45 -20.40 6.02 -107.24
C PRO M 45 -19.56 5.89 -108.50
N VAL M 46 -18.24 6.11 -108.41
CA VAL M 46 -17.39 5.97 -109.59
C VAL M 46 -17.10 4.51 -109.90
N THR M 47 -17.25 3.61 -108.93
CA THR M 47 -16.95 2.20 -109.15
C THR M 47 -17.85 1.64 -110.26
N ALA M 48 -17.22 1.01 -111.25
CA ALA M 48 -17.95 0.46 -112.39
C ALA M 48 -17.57 -0.97 -112.73
N ALA M 49 -16.47 -1.50 -112.20
CA ALA M 49 -16.06 -2.86 -112.50
C ALA M 49 -15.18 -3.37 -111.36
N VAL M 50 -15.09 -4.69 -111.26
CA VAL M 50 -14.24 -5.35 -110.27
C VAL M 50 -13.25 -6.22 -111.02
N SER M 51 -11.96 -5.97 -110.79
CA SER M 51 -10.92 -6.70 -111.51
C SER M 51 -10.89 -8.15 -111.06
N THR M 52 -11.02 -9.07 -112.02
CA THR M 52 -10.87 -10.48 -111.75
C THR M 52 -9.44 -10.96 -111.94
N GLY M 53 -8.52 -10.06 -112.31
CA GLY M 53 -7.12 -10.37 -112.42
C GLY M 53 -6.74 -11.25 -113.59
N ARG M 54 -7.71 -11.73 -114.36
CA ARG M 54 -7.44 -12.66 -115.44
C ARG M 54 -7.26 -11.92 -116.77
N LEU M 55 -6.61 -12.59 -117.70
CA LEU M 55 -6.34 -12.02 -119.02
C LEU M 55 -7.25 -12.64 -120.06
N ILE M 56 -7.52 -11.88 -121.11
CA ILE M 56 -8.39 -12.31 -122.21
C ILE M 56 -7.62 -12.14 -123.50
N ASP M 57 -7.48 -13.23 -124.26
CA ASP M 57 -6.78 -13.15 -125.53
C ASP M 57 -7.53 -12.19 -126.47
N VAL M 58 -6.76 -11.33 -127.13
CA VAL M 58 -7.32 -10.30 -128.01
C VAL M 58 -6.38 -10.13 -129.20
N LYS M 59 -6.93 -9.67 -130.32
CA LYS M 59 -6.16 -9.49 -131.53
C LYS M 59 -5.05 -8.48 -131.31
N ALA M 60 -3.85 -8.83 -131.74
CA ALA M 60 -2.71 -7.95 -131.56
C ALA M 60 -2.84 -6.71 -132.44
N PRO M 61 -2.29 -5.58 -132.00
CA PRO M 61 -2.33 -4.38 -132.87
C PRO M 61 -1.47 -4.51 -134.10
N THR M 62 -0.25 -5.04 -133.95
CA THR M 62 0.64 -5.30 -135.08
C THR M 62 1.42 -6.57 -134.78
N ASN M 63 2.25 -6.98 -135.73
CA ASN M 63 3.07 -8.17 -135.55
C ASN M 63 4.17 -7.91 -134.52
N GLY M 64 4.45 -8.93 -133.71
CA GLY M 64 5.43 -8.82 -132.66
C GLY M 64 4.90 -8.36 -131.32
N VAL M 65 3.60 -8.12 -131.20
CA VAL M 65 2.96 -7.65 -129.98
C VAL M 65 2.00 -8.72 -129.48
N ILE M 66 2.04 -8.98 -128.17
CA ILE M 66 1.13 -9.91 -127.51
C ILE M 66 0.16 -9.09 -126.69
N ALA M 67 -1.10 -9.03 -127.12
CA ALA M 67 -2.11 -8.18 -126.52
C ALA M 67 -3.12 -9.02 -125.73
N HIS M 68 -3.51 -8.51 -124.57
CA HIS M 68 -4.50 -9.15 -123.71
C HIS M 68 -5.37 -8.08 -123.08
N LEU M 69 -6.68 -8.36 -123.01
CA LEU M 69 -7.60 -7.48 -122.29
C LEU M 69 -7.71 -7.90 -120.84
N ARG M 70 -7.73 -6.91 -119.95
CA ARG M 70 -7.83 -7.16 -118.52
C ARG M 70 -9.28 -7.48 -118.19
N ALA M 71 -9.54 -8.71 -117.74
CA ALA M 71 -10.90 -9.13 -117.45
C ALA M 71 -11.40 -8.47 -116.16
N SER M 72 -12.68 -8.12 -116.16
CA SER M 72 -13.29 -7.47 -115.00
C SER M 72 -14.79 -7.73 -115.04
N LYS M 73 -15.36 -8.01 -113.88
CA LYS M 73 -16.81 -8.18 -113.76
C LYS M 73 -17.46 -6.83 -113.56
N PRO M 74 -18.40 -6.43 -114.40
CA PRO M 74 -19.02 -5.11 -114.25
C PRO M 74 -20.04 -5.08 -113.12
N LEU M 75 -20.23 -3.88 -112.58
CA LEU M 75 -21.25 -3.66 -111.56
C LEU M 75 -22.59 -3.35 -112.20
N VAL M 76 -23.65 -3.79 -111.55
CA VAL M 76 -25.02 -3.56 -112.01
C VAL M 76 -25.71 -2.66 -111.00
N ARG M 77 -26.48 -1.70 -111.50
CA ARG M 77 -27.24 -0.79 -110.66
C ARG M 77 -28.68 -1.27 -110.59
N LEU M 78 -29.13 -1.62 -109.40
CA LEU M 78 -30.51 -2.05 -109.17
C LEU M 78 -31.28 -0.87 -108.59
N ARG M 79 -32.43 -0.57 -109.19
CA ARG M 79 -33.21 0.60 -108.83
C ARG M 79 -34.68 0.19 -108.75
N VAL M 80 -35.23 0.20 -107.54
CA VAL M 80 -36.60 -0.24 -107.32
C VAL M 80 -37.46 0.97 -106.97
N PRO M 81 -38.21 1.52 -107.91
CA PRO M 81 -39.04 2.70 -107.62
C PRO M 81 -40.28 2.35 -106.80
N PHE M 82 -40.75 3.33 -106.05
CA PHE M 82 -42.00 3.21 -105.30
C PHE M 82 -42.61 4.59 -105.14
N THR M 83 -43.92 4.62 -104.88
CA THR M 83 -44.68 5.86 -104.78
C THR M 83 -45.30 5.97 -103.40
N LEU M 84 -45.16 7.14 -102.79
CA LEU M 84 -45.70 7.42 -101.46
C LEU M 84 -46.73 8.53 -101.54
N SER M 85 -47.71 8.47 -100.65
CA SER M 85 -48.73 9.51 -100.56
C SER M 85 -48.22 10.70 -99.78
N ARG M 86 -48.37 11.89 -100.36
CA ARG M 86 -47.93 13.11 -99.67
C ARG M 86 -48.76 13.38 -98.43
N ASN M 87 -50.00 12.89 -98.37
CA ASN M 87 -50.77 13.02 -97.14
C ASN M 87 -50.14 12.22 -96.01
N GLU M 88 -49.68 11.00 -96.30
CA GLU M 88 -48.99 10.21 -95.29
C GLU M 88 -47.67 10.86 -94.88
N ILE M 89 -47.00 11.53 -95.82
CA ILE M 89 -45.73 12.19 -95.50
C ILE M 89 -45.97 13.39 -94.59
N ASP M 90 -46.95 14.23 -94.93
CA ASP M 90 -47.23 15.41 -94.12
C ASP M 90 -47.83 15.05 -92.77
N ASP M 91 -48.40 13.84 -92.64
CA ASP M 91 -48.96 13.42 -91.36
C ASP M 91 -47.87 13.17 -90.33
N VAL M 92 -46.66 12.82 -90.77
CA VAL M 92 -45.58 12.46 -89.85
C VAL M 92 -45.22 13.64 -88.96
N GLU M 93 -45.04 14.82 -89.56
CA GLU M 93 -44.68 16.00 -88.78
C GLU M 93 -45.79 16.40 -87.82
N ARG M 94 -47.04 16.10 -88.17
CA ARG M 94 -48.18 16.39 -87.31
C ARG M 94 -48.37 15.38 -86.20
N GLY M 95 -47.51 14.37 -86.10
CA GLY M 95 -47.55 13.40 -85.04
C GLY M 95 -48.08 12.03 -85.39
N SER M 96 -48.12 11.67 -86.67
CA SER M 96 -48.64 10.37 -87.10
C SER M 96 -47.53 9.33 -87.08
N LYS M 97 -47.80 8.20 -86.44
CA LYS M 97 -46.87 7.07 -86.42
C LYS M 97 -47.36 5.89 -87.26
N ASP M 98 -48.53 6.00 -87.88
CA ASP M 98 -49.09 4.93 -88.70
C ASP M 98 -49.12 5.30 -90.18
N SER M 99 -48.17 6.12 -90.63
CA SER M 99 -48.14 6.52 -92.02
C SER M 99 -47.84 5.30 -92.90
N ASP M 100 -48.45 5.27 -94.08
CA ASP M 100 -48.38 4.10 -94.95
C ASP M 100 -47.03 4.07 -95.67
N TRP M 101 -46.09 3.32 -95.12
CA TRP M 101 -44.81 3.07 -95.78
C TRP M 101 -44.74 1.66 -96.37
N GLU M 102 -45.89 1.04 -96.65
CA GLU M 102 -45.88 -0.26 -97.30
C GLU M 102 -45.16 -0.25 -98.64
N PRO M 103 -45.30 0.79 -99.50
CA PRO M 103 -44.44 0.84 -100.69
C PRO M 103 -42.96 0.83 -100.36
N VAL M 104 -42.56 1.42 -99.23
CA VAL M 104 -41.17 1.35 -98.81
C VAL M 104 -40.80 -0.08 -98.44
N LYS M 105 -41.68 -0.76 -97.68
CA LYS M 105 -41.40 -2.14 -97.28
C LYS M 105 -41.42 -3.08 -98.47
N GLU M 106 -42.33 -2.84 -99.43
CA GLU M 106 -42.41 -3.70 -100.61
C GLU M 106 -41.18 -3.51 -101.51
N ALA M 107 -40.71 -2.29 -101.64
CA ALA M 107 -39.49 -2.05 -102.43
C ALA M 107 -38.28 -2.66 -101.76
N ALA M 108 -38.23 -2.60 -100.42
CA ALA M 108 -37.12 -3.22 -99.70
C ALA M 108 -37.15 -4.74 -99.86
N LYS M 109 -38.34 -5.33 -99.78
CA LYS M 109 -38.45 -6.78 -99.98
C LYS M 109 -38.06 -7.17 -101.39
N LYS M 110 -38.39 -6.33 -102.37
CA LYS M 110 -38.05 -6.65 -103.76
C LYS M 110 -36.55 -6.55 -103.99
N LEU M 111 -35.92 -5.47 -103.52
CA LEU M 111 -34.49 -5.30 -103.70
C LEU M 111 -33.70 -6.37 -102.94
N ALA M 112 -34.15 -6.70 -101.72
CA ALA M 112 -33.47 -7.75 -100.97
C ALA M 112 -33.59 -9.10 -101.67
N PHE M 113 -34.77 -9.40 -102.22
CA PHE M 113 -34.96 -10.67 -102.91
C PHE M 113 -34.12 -10.73 -104.18
N VAL M 114 -34.02 -9.62 -104.90
CA VAL M 114 -33.20 -9.58 -106.11
C VAL M 114 -31.74 -9.82 -105.77
N GLU M 115 -31.28 -9.25 -104.65
CA GLU M 115 -29.87 -9.38 -104.30
C GLU M 115 -29.53 -10.80 -103.88
N ASP M 116 -30.33 -11.40 -102.99
CA ASP M 116 -30.03 -12.75 -102.53
C ASP M 116 -30.20 -13.78 -103.64
N ARG M 117 -31.16 -13.57 -104.54
CA ARG M 117 -31.28 -14.45 -105.69
C ARG M 117 -30.10 -14.32 -106.63
N THR M 118 -29.62 -13.09 -106.84
CA THR M 118 -28.43 -12.88 -107.66
C THR M 118 -27.22 -13.60 -107.07
N ILE M 119 -27.10 -13.59 -105.74
CA ILE M 119 -25.96 -14.22 -105.11
C ILE M 119 -26.04 -15.74 -105.23
N PHE M 120 -27.22 -16.31 -104.98
CA PHE M 120 -27.36 -17.76 -104.87
C PHE M 120 -27.83 -18.42 -106.16
N GLU M 121 -28.74 -17.80 -106.90
CA GLU M 121 -29.26 -18.41 -108.12
C GLU M 121 -28.64 -17.84 -109.40
N GLY M 122 -28.21 -16.60 -109.38
CA GLY M 122 -27.49 -16.01 -110.49
C GLY M 122 -28.26 -14.88 -111.15
N TYR M 123 -27.55 -14.19 -112.04
CA TYR M 123 -28.11 -13.08 -112.81
C TYR M 123 -27.31 -13.00 -114.11
N SER M 124 -27.72 -13.80 -115.10
CA SER M 124 -26.95 -13.94 -116.33
C SER M 124 -26.84 -12.62 -117.08
N ALA M 125 -27.86 -11.77 -116.98
CA ALA M 125 -27.83 -10.49 -117.68
C ALA M 125 -26.71 -9.58 -117.18
N ALA M 126 -26.27 -9.78 -115.94
CA ALA M 126 -25.18 -9.01 -115.36
C ALA M 126 -23.90 -9.83 -115.23
N SER M 127 -23.83 -10.97 -115.93
CA SER M 127 -22.66 -11.86 -115.93
C SER M 127 -22.33 -12.35 -114.52
N ILE M 128 -23.35 -12.54 -113.69
CA ILE M 128 -23.17 -12.97 -112.30
C ILE M 128 -23.71 -14.39 -112.18
N GLU M 129 -22.81 -15.36 -112.07
CA GLU M 129 -23.23 -16.74 -111.88
C GLU M 129 -23.63 -16.96 -110.42
N GLY M 130 -24.65 -17.79 -110.22
CA GLY M 130 -25.10 -18.07 -108.88
C GLY M 130 -24.19 -19.02 -108.14
N ILE M 131 -24.35 -19.05 -106.81
CA ILE M 131 -23.60 -19.99 -105.99
C ILE M 131 -23.99 -21.42 -106.34
N ARG M 132 -25.27 -21.64 -106.63
CA ARG M 132 -25.75 -22.98 -106.96
C ARG M 132 -25.11 -23.49 -108.24
N SER M 133 -24.96 -22.63 -109.25
CA SER M 133 -24.40 -23.05 -110.52
C SER M 133 -22.90 -23.30 -110.41
N ALA M 134 -22.20 -22.54 -109.58
CA ALA M 134 -20.75 -22.66 -109.46
C ALA M 134 -20.33 -23.72 -108.44
N SER M 135 -21.26 -24.25 -107.66
CA SER M 135 -20.92 -25.21 -106.62
C SER M 135 -20.47 -26.52 -107.27
N SER M 136 -19.17 -26.83 -107.17
CA SER M 136 -18.64 -28.06 -107.72
C SER M 136 -19.03 -29.29 -106.89
N ASN M 137 -19.55 -29.09 -105.68
CA ASN M 137 -19.93 -30.21 -104.84
C ASN M 137 -21.25 -30.82 -105.32
N PRO M 138 -21.45 -32.12 -105.14
CA PRO M 138 -22.68 -32.77 -105.58
C PRO M 138 -23.90 -32.23 -104.85
N ALA M 139 -24.87 -31.72 -105.62
CA ALA M 139 -26.10 -31.21 -105.04
C ALA M 139 -26.94 -32.33 -104.45
N LEU M 140 -27.77 -31.97 -103.48
CA LEU M 140 -28.58 -32.93 -102.74
C LEU M 140 -30.06 -32.58 -102.89
N THR M 141 -30.91 -33.57 -102.62
CA THR M 141 -32.35 -33.41 -102.70
C THR M 141 -32.95 -33.43 -101.29
N LEU M 142 -33.79 -32.44 -101.00
CA LEU M 142 -34.46 -32.41 -99.71
C LEU M 142 -35.42 -33.58 -99.59
N PRO M 143 -35.43 -34.30 -98.47
CA PRO M 143 -36.30 -35.47 -98.35
C PRO M 143 -37.76 -35.08 -98.23
N GLU M 144 -38.63 -36.04 -98.54
CA GLU M 144 -40.06 -35.81 -98.37
C GLU M 144 -40.44 -35.81 -96.90
N ASP M 145 -39.79 -36.65 -96.10
CA ASP M 145 -39.97 -36.67 -94.65
C ASP M 145 -39.09 -35.59 -94.03
N PRO M 146 -39.67 -34.55 -93.43
CA PRO M 146 -38.85 -33.50 -92.82
C PRO M 146 -37.99 -33.99 -91.67
N ARG M 147 -38.33 -35.14 -91.07
CA ARG M 147 -37.52 -35.72 -90.00
C ARG M 147 -36.20 -36.29 -90.52
N GLU M 148 -36.01 -36.36 -91.83
CA GLU M 148 -34.76 -36.79 -92.44
C GLU M 148 -33.90 -35.61 -92.89
N ILE M 149 -34.30 -34.38 -92.57
CA ILE M 149 -33.47 -33.22 -92.91
C ILE M 149 -32.09 -33.30 -92.28
N PRO M 150 -31.93 -33.69 -91.01
CA PRO M 150 -30.56 -33.85 -90.48
C PRO M 150 -29.70 -34.81 -91.27
N ASP M 151 -30.31 -35.81 -91.92
CA ASP M 151 -29.53 -36.75 -92.73
C ASP M 151 -28.91 -36.06 -93.93
N VAL M 152 -29.70 -35.26 -94.64
CA VAL M 152 -29.20 -34.64 -95.87
C VAL M 152 -28.23 -33.51 -95.55
N ILE M 153 -28.42 -32.82 -94.44
CA ILE M 153 -27.49 -31.77 -94.03
C ILE M 153 -26.15 -32.37 -93.65
N SER M 154 -26.16 -33.52 -92.98
CA SER M 154 -24.90 -34.17 -92.63
C SER M 154 -24.11 -34.58 -93.86
N GLN M 155 -24.81 -35.01 -94.92
CA GLN M 155 -24.13 -35.32 -96.17
C GLN M 155 -23.52 -34.06 -96.80
N ALA M 156 -24.21 -32.93 -96.66
CA ALA M 156 -23.69 -31.68 -97.20
C ALA M 156 -22.47 -31.21 -96.42
N LEU M 157 -22.52 -31.30 -95.08
CA LEU M 157 -21.38 -30.92 -94.27
C LEU M 157 -20.17 -31.80 -94.58
N SER M 158 -20.39 -33.11 -94.74
CA SER M 158 -19.28 -34.01 -95.05
C SER M 158 -18.69 -33.72 -96.42
N GLU M 159 -19.51 -33.29 -97.38
CA GLU M 159 -18.98 -32.90 -98.69
C GLU M 159 -18.05 -31.71 -98.58
N LEU M 160 -18.39 -30.73 -97.74
CA LEU M 160 -17.50 -29.60 -97.52
C LEU M 160 -16.21 -30.03 -96.85
N ARG M 161 -16.31 -30.91 -95.84
CA ARG M 161 -15.11 -31.37 -95.15
C ARG M 161 -14.21 -32.18 -96.06
N LEU M 162 -14.80 -32.99 -96.95
CA LEU M 162 -14.02 -33.81 -97.87
C LEU M 162 -13.42 -33.00 -99.01
N ALA M 163 -13.83 -31.74 -99.17
CA ALA M 163 -13.28 -30.86 -100.21
C ALA M 163 -12.20 -29.94 -99.67
N GLY M 164 -11.71 -30.18 -98.46
CA GLY M 164 -10.69 -29.33 -97.88
C GLY M 164 -11.18 -27.99 -97.41
N VAL M 165 -12.49 -27.78 -97.35
CA VAL M 165 -13.07 -26.51 -96.94
C VAL M 165 -13.23 -26.52 -95.42
N ASP M 166 -12.78 -25.44 -94.78
CA ASP M 166 -12.79 -25.32 -93.34
C ASP M 166 -13.76 -24.20 -92.95
N GLY M 167 -13.54 -23.58 -91.79
CA GLY M 167 -14.32 -22.44 -91.38
C GLY M 167 -15.66 -22.82 -90.79
N PRO M 168 -16.27 -21.91 -90.04
CA PRO M 168 -17.63 -22.14 -89.53
C PRO M 168 -18.62 -22.37 -90.65
N TYR M 169 -19.29 -23.52 -90.60
CA TYR M 169 -20.28 -23.87 -91.61
C TYR M 169 -21.64 -23.32 -91.22
N SER M 170 -22.34 -22.72 -92.18
CA SER M 170 -23.65 -22.16 -91.96
C SER M 170 -24.62 -22.75 -92.97
N VAL M 171 -25.91 -22.73 -92.61
CA VAL M 171 -26.96 -23.33 -93.42
C VAL M 171 -28.03 -22.27 -93.67
N LEU M 172 -28.30 -21.98 -94.93
CA LEU M 172 -29.34 -21.03 -95.32
C LEU M 172 -30.55 -21.82 -95.82
N LEU M 173 -31.71 -21.56 -95.22
CA LEU M 173 -32.94 -22.27 -95.54
C LEU M 173 -33.93 -21.31 -96.19
N SER M 174 -34.65 -21.83 -97.19
CA SER M 174 -35.72 -21.04 -97.80
C SER M 174 -36.86 -20.85 -96.81
N ALA M 175 -37.83 -20.01 -97.20
CA ALA M 175 -38.94 -19.71 -96.30
C ALA M 175 -39.72 -20.97 -95.94
N ASP M 176 -39.95 -21.85 -96.91
CA ASP M 176 -40.69 -23.08 -96.63
C ASP M 176 -39.86 -24.05 -95.80
N VAL M 177 -38.58 -24.23 -96.16
CA VAL M 177 -37.74 -25.19 -95.46
C VAL M 177 -37.45 -24.71 -94.03
N TYR M 178 -37.26 -23.40 -93.85
CA TYR M 178 -37.02 -22.87 -92.51
C TYR M 178 -38.21 -23.12 -91.61
N THR M 179 -39.42 -22.88 -92.12
CA THR M 179 -40.62 -23.13 -91.33
C THR M 179 -40.75 -24.61 -91.00
N LYS M 180 -40.37 -25.48 -91.94
CA LYS M 180 -40.44 -26.92 -91.71
C LYS M 180 -39.49 -27.34 -90.60
N VAL M 181 -38.25 -26.85 -90.64
CA VAL M 181 -37.27 -27.19 -89.60
C VAL M 181 -37.73 -26.67 -88.24
N SER M 182 -38.40 -25.53 -88.22
CA SER M 182 -38.83 -24.96 -86.94
C SER M 182 -39.97 -25.74 -86.32
N GLU M 183 -40.84 -26.35 -87.13
CA GLU M 183 -42.01 -27.05 -86.61
C GLU M 183 -41.83 -28.55 -86.51
N THR M 184 -40.96 -29.14 -87.32
CA THR M 184 -40.83 -30.59 -87.37
C THR M 184 -40.19 -31.13 -86.09
N SER M 185 -40.75 -32.22 -85.58
CA SER M 185 -40.21 -32.89 -84.40
C SER M 185 -40.20 -34.39 -84.67
N ASP M 186 -39.02 -35.00 -84.58
CA ASP M 186 -38.88 -36.44 -84.75
C ASP M 186 -39.10 -37.10 -83.39
N HIS M 187 -40.23 -37.79 -83.24
CA HIS M 187 -40.62 -38.39 -81.96
C HIS M 187 -40.60 -37.34 -80.85
N GLY M 188 -41.12 -36.15 -81.16
CA GLY M 188 -41.15 -35.06 -80.21
C GLY M 188 -39.90 -34.23 -80.12
N TYR M 189 -38.74 -34.79 -80.47
CA TYR M 189 -37.49 -34.05 -80.42
C TYR M 189 -37.42 -33.10 -81.62
N PRO M 190 -37.34 -31.79 -81.40
CA PRO M 190 -37.32 -30.85 -82.53
C PRO M 190 -36.09 -31.04 -83.39
N ILE M 191 -36.30 -31.13 -84.71
CA ILE M 191 -35.19 -31.36 -85.62
C ILE M 191 -34.28 -30.14 -85.72
N ARG M 192 -34.76 -28.96 -85.32
CA ARG M 192 -33.88 -27.80 -85.33
C ARG M 192 -32.81 -27.90 -84.24
N GLU M 193 -33.14 -28.49 -83.09
CA GLU M 193 -32.12 -28.74 -82.09
C GLU M 193 -31.05 -29.69 -82.61
N HIS M 194 -31.48 -30.70 -83.37
CA HIS M 194 -30.52 -31.60 -84.00
C HIS M 194 -29.62 -30.84 -84.98
N LEU M 195 -30.19 -29.94 -85.77
CA LEU M 195 -29.39 -29.20 -86.73
C LEU M 195 -28.46 -28.21 -86.05
N ASN M 196 -28.91 -27.56 -84.97
CA ASN M 196 -28.07 -26.59 -84.27
C ASN M 196 -26.82 -27.23 -83.69
N ARG M 197 -26.89 -28.51 -83.33
CA ARG M 197 -25.72 -29.21 -82.82
C ARG M 197 -24.78 -29.69 -83.92
N LEU M 198 -25.21 -29.63 -85.18
CA LEU M 198 -24.35 -30.00 -86.31
C LEU M 198 -23.67 -28.82 -86.97
N VAL M 199 -24.23 -27.62 -86.87
CA VAL M 199 -23.67 -26.44 -87.52
C VAL M 199 -22.99 -25.58 -86.46
N ASP M 200 -21.69 -25.37 -86.64
CA ASP M 200 -20.95 -24.44 -85.78
C ASP M 200 -21.25 -22.99 -86.13
N GLY M 201 -21.79 -22.73 -87.32
CA GLY M 201 -22.18 -21.40 -87.72
C GLY M 201 -23.62 -21.11 -87.36
N ASP M 202 -24.40 -20.64 -88.33
CA ASP M 202 -25.78 -20.24 -88.10
C ASP M 202 -26.71 -20.92 -89.09
N ILE M 203 -27.98 -21.02 -88.70
CA ILE M 203 -29.05 -21.46 -89.57
C ILE M 203 -29.82 -20.22 -89.98
N ILE M 204 -29.67 -19.81 -91.23
CA ILE M 204 -30.08 -18.48 -91.69
C ILE M 204 -31.44 -18.56 -92.35
N TRP M 205 -32.32 -17.62 -92.00
CA TRP M 205 -33.61 -17.46 -92.65
C TRP M 205 -33.39 -16.73 -93.98
N ALA M 206 -33.55 -17.45 -95.08
CA ALA M 206 -33.30 -16.92 -96.43
C ALA M 206 -34.58 -17.04 -97.25
N PRO M 207 -35.50 -16.09 -97.10
CA PRO M 207 -36.80 -16.23 -97.78
C PRO M 207 -36.73 -16.02 -99.29
N ALA M 208 -35.70 -15.34 -99.80
CA ALA M 208 -35.63 -15.05 -101.22
C ALA M 208 -35.23 -16.28 -102.03
N ILE M 209 -34.44 -17.18 -101.45
CA ILE M 209 -33.96 -18.35 -102.17
C ILE M 209 -34.98 -19.46 -102.04
N ASP M 210 -34.81 -20.53 -102.81
CA ASP M 210 -35.61 -21.74 -102.69
C ASP M 210 -34.68 -22.93 -102.46
N GLY M 211 -35.14 -23.86 -101.65
CA GLY M 211 -34.31 -25.00 -101.28
C GLY M 211 -33.44 -24.66 -100.08
N ALA M 212 -32.15 -24.99 -100.17
CA ALA M 212 -31.24 -24.74 -99.06
C ALA M 212 -29.81 -24.71 -99.59
N PHE M 213 -28.93 -24.12 -98.79
CA PHE M 213 -27.50 -24.05 -99.09
C PHE M 213 -26.71 -24.34 -97.83
N VAL M 214 -25.63 -25.10 -97.98
CA VAL M 214 -24.70 -25.36 -96.89
C VAL M 214 -23.32 -24.90 -97.35
N LEU M 215 -22.82 -23.83 -96.73
CA LEU M 215 -21.57 -23.22 -97.14
C LEU M 215 -20.75 -22.87 -95.91
N THR M 216 -19.53 -22.39 -96.15
CA THR M 216 -18.62 -21.98 -95.10
C THR M 216 -18.60 -20.47 -94.97
N THR M 217 -18.35 -19.99 -93.75
CA THR M 217 -18.22 -18.56 -93.48
C THR M 217 -16.79 -18.20 -93.08
N ARG M 218 -15.81 -18.97 -93.57
CA ARG M 218 -14.41 -18.68 -93.27
C ARG M 218 -13.94 -17.40 -93.96
N GLY M 219 -14.56 -17.03 -95.07
CA GLY M 219 -14.15 -15.82 -95.75
C GLY M 219 -13.29 -16.10 -96.97
N GLY M 220 -13.39 -15.22 -97.96
CA GLY M 220 -12.62 -15.35 -99.18
C GLY M 220 -13.23 -16.22 -100.25
N ASP M 221 -14.47 -16.67 -100.06
CA ASP M 221 -15.16 -17.52 -101.03
C ASP M 221 -16.29 -16.82 -101.75
N PHE M 222 -17.06 -15.99 -101.06
CA PHE M 222 -18.20 -15.28 -101.64
C PHE M 222 -18.01 -13.79 -101.41
N ASP M 223 -17.95 -13.03 -102.49
CA ASP M 223 -17.58 -11.61 -102.45
C ASP M 223 -18.72 -10.78 -103.03
N LEU M 224 -19.38 -10.01 -102.18
CA LEU M 224 -20.39 -9.04 -102.59
C LEU M 224 -19.73 -7.67 -102.67
N GLN M 225 -19.30 -7.29 -103.87
CA GLN M 225 -18.60 -6.02 -104.07
C GLN M 225 -19.61 -4.89 -104.15
N LEU M 226 -19.61 -4.02 -103.14
CA LEU M 226 -20.50 -2.87 -103.12
C LEU M 226 -19.82 -1.65 -103.71
N GLY M 227 -20.46 -1.02 -104.69
CA GLY M 227 -20.04 0.28 -105.15
C GLY M 227 -20.85 1.36 -104.47
N THR M 228 -22.17 1.13 -104.40
CA THR M 228 -23.08 2.01 -103.68
C THR M 228 -24.06 1.12 -102.91
N ASP M 229 -24.07 1.26 -101.59
CA ASP M 229 -24.98 0.49 -100.76
C ASP M 229 -26.42 0.98 -100.96
N VAL M 230 -27.35 0.29 -100.30
CA VAL M 230 -28.76 0.62 -100.46
C VAL M 230 -29.01 2.04 -100.02
N ALA M 231 -29.68 2.83 -100.86
CA ALA M 231 -29.97 4.21 -100.56
C ALA M 231 -31.34 4.57 -101.11
N ILE M 232 -31.89 5.66 -100.57
CA ILE M 232 -33.19 6.16 -100.98
C ILE M 232 -32.97 7.44 -101.78
N GLY M 233 -33.47 7.47 -103.01
CA GLY M 233 -33.34 8.62 -103.87
C GLY M 233 -34.69 9.15 -104.31
N TYR M 234 -34.66 10.33 -104.92
CA TYR M 234 -35.85 11.03 -105.36
C TYR M 234 -35.89 11.07 -106.88
N ALA M 235 -37.07 10.77 -107.45
CA ALA M 235 -37.26 10.77 -108.89
C ALA M 235 -38.17 11.92 -109.32
N SER M 236 -39.43 11.90 -108.92
CA SER M 236 -40.39 12.93 -109.30
C SER M 236 -41.46 13.03 -108.22
N HIS M 237 -42.34 14.01 -108.37
CA HIS M 237 -43.41 14.22 -107.41
C HIS M 237 -44.52 15.03 -108.04
N ASP M 238 -45.73 14.85 -107.51
CA ASP M 238 -46.88 15.65 -107.91
C ASP M 238 -47.43 16.36 -106.67
N THR M 239 -48.69 16.83 -106.72
CA THR M 239 -49.30 17.46 -105.57
C THR M 239 -49.90 16.45 -104.61
N ASP M 240 -49.92 15.17 -104.98
CA ASP M 240 -50.55 14.13 -104.17
C ASP M 240 -49.58 12.99 -103.86
N THR M 241 -48.61 12.76 -104.75
CA THR M 241 -47.71 11.63 -104.62
C THR M 241 -46.27 12.06 -104.85
N VAL M 242 -45.36 11.25 -104.33
CA VAL M 242 -43.92 11.41 -104.53
C VAL M 242 -43.35 10.09 -105.02
N ARG M 243 -42.53 10.15 -106.07
CA ARG M 243 -41.88 8.96 -106.63
C ARG M 243 -40.45 8.90 -106.12
N LEU M 244 -40.19 7.96 -105.22
CA LEU M 244 -38.85 7.68 -104.72
C LEU M 244 -38.39 6.34 -105.27
N TYR M 245 -37.19 5.92 -104.84
CA TYR M 245 -36.64 4.66 -105.34
C TYR M 245 -35.56 4.17 -104.40
N LEU M 246 -35.39 2.85 -104.37
CA LEU M 246 -34.28 2.21 -103.68
C LEU M 246 -33.20 1.87 -104.71
N GLN M 247 -31.99 2.34 -104.47
CA GLN M 247 -30.92 2.19 -105.44
C GLN M 247 -29.73 1.47 -104.80
N GLU M 248 -29.03 0.69 -105.61
CA GLU M 248 -27.91 -0.10 -105.15
C GLU M 248 -27.06 -0.47 -106.37
N THR M 249 -25.74 -0.35 -106.23
CA THR M 249 -24.81 -0.70 -107.30
C THR M 249 -23.80 -1.70 -106.76
N LEU M 250 -23.82 -2.91 -107.31
CA LEU M 250 -23.00 -3.98 -106.76
C LEU M 250 -22.74 -5.03 -107.83
N THR M 251 -21.92 -6.02 -107.47
CA THR M 251 -21.74 -7.24 -108.23
C THR M 251 -21.34 -8.34 -107.26
N PHE M 252 -21.47 -9.58 -107.70
CA PHE M 252 -21.11 -10.73 -106.89
C PHE M 252 -20.06 -11.57 -107.60
N LEU M 253 -19.15 -12.14 -106.82
CA LEU M 253 -18.09 -13.00 -107.34
C LEU M 253 -17.96 -14.22 -106.44
N CYS M 254 -17.86 -15.40 -107.05
CA CYS M 254 -17.70 -16.66 -106.34
C CYS M 254 -16.32 -17.21 -106.65
N TYR M 255 -15.44 -17.22 -105.65
CA TYR M 255 -14.04 -17.59 -105.85
C TYR M 255 -13.76 -19.06 -105.59
N THR M 256 -14.57 -19.73 -104.77
CA THR M 256 -14.33 -21.12 -104.38
C THR M 256 -15.54 -21.95 -104.76
N ALA M 257 -15.36 -22.89 -105.68
CA ALA M 257 -16.48 -23.70 -106.14
C ALA M 257 -16.91 -24.72 -105.09
N GLU M 258 -15.96 -25.35 -104.41
CA GLU M 258 -16.27 -26.38 -103.44
C GLU M 258 -16.70 -25.83 -102.08
N ALA M 259 -16.84 -24.51 -101.94
CA ALA M 259 -17.18 -23.92 -100.65
C ALA M 259 -18.67 -23.92 -100.37
N SER M 260 -19.48 -24.52 -101.23
CA SER M 260 -20.93 -24.51 -101.03
C SER M 260 -21.52 -25.81 -101.52
N VAL M 261 -22.68 -26.16 -100.95
CA VAL M 261 -23.45 -27.34 -101.34
C VAL M 261 -24.89 -26.89 -101.51
N ALA M 262 -25.44 -27.08 -102.71
CA ALA M 262 -26.79 -26.65 -103.01
C ALA M 262 -27.79 -27.78 -102.74
N LEU M 263 -28.99 -27.39 -102.33
CA LEU M 263 -30.06 -28.34 -102.02
C LEU M 263 -31.35 -27.86 -102.67
N SER M 264 -32.13 -28.82 -103.18
CA SER M 264 -33.38 -28.53 -103.88
C SER M 264 -34.41 -29.59 -103.53
N HIS M 265 -35.63 -29.38 -104.00
CA HIS M 265 -36.72 -30.32 -103.79
C HIS M 265 -36.77 -31.35 -104.91
N LYS M 266 -37.50 -32.44 -104.65
CA LYS M 266 -37.65 -33.52 -105.62
C LYS M 266 -38.59 -33.13 -106.75
N MET N 1 -55.62 18.41 -51.79
CA MET N 1 -55.74 17.06 -52.30
C MET N 1 -55.84 17.05 -53.81
N ASN N 2 -56.04 15.86 -54.37
CA ASN N 2 -56.30 15.68 -55.80
C ASN N 2 -57.68 15.07 -55.97
N ASN N 3 -58.00 14.67 -57.20
CA ASN N 3 -59.31 14.09 -57.48
C ASN N 3 -59.54 12.75 -56.77
N LEU N 4 -58.47 12.12 -56.26
CA LEU N 4 -58.65 10.87 -55.54
C LEU N 4 -59.23 11.07 -54.15
N TYR N 5 -58.95 12.21 -53.53
CA TYR N 5 -59.46 12.53 -52.19
C TYR N 5 -59.09 11.43 -51.19
N ARG N 6 -57.85 10.94 -51.29
CA ARG N 6 -57.39 9.87 -50.42
C ARG N 6 -57.35 10.30 -48.96
N ASP N 7 -57.11 11.59 -48.70
CA ASP N 7 -57.00 12.07 -47.33
C ASP N 7 -58.32 11.98 -46.56
N LEU N 8 -59.45 11.90 -47.27
CA LEU N 8 -60.75 11.84 -46.63
C LEU N 8 -61.20 10.42 -46.30
N ALA N 9 -60.47 9.41 -46.74
CA ALA N 9 -60.88 8.04 -46.51
C ALA N 9 -60.48 7.58 -45.11
N PRO N 10 -61.38 6.96 -44.35
CA PRO N 10 -61.00 6.40 -43.03
C PRO N 10 -60.20 5.12 -43.18
N VAL N 11 -58.97 5.26 -43.67
CA VAL N 11 -58.06 4.15 -43.89
C VAL N 11 -56.72 4.51 -43.27
N THR N 12 -56.22 3.63 -42.39
CA THR N 12 -54.94 3.88 -41.73
C THR N 12 -53.79 3.81 -42.73
N GLU N 13 -52.69 4.48 -42.38
CA GLU N 13 -51.48 4.41 -43.19
C GLU N 13 -51.00 2.97 -43.36
N ALA N 14 -51.11 2.16 -42.31
CA ALA N 14 -50.72 0.76 -42.43
C ALA N 14 -51.62 0.00 -43.40
N ALA N 15 -52.93 0.24 -43.32
CA ALA N 15 -53.85 -0.40 -44.26
C ALA N 15 -53.62 0.08 -45.68
N TRP N 16 -53.36 1.38 -45.85
CA TRP N 16 -53.05 1.92 -47.17
C TRP N 16 -51.87 1.21 -47.80
N ALA N 17 -50.85 0.91 -46.99
CA ALA N 17 -49.65 0.24 -47.52
C ALA N 17 -49.98 -1.16 -48.00
N GLU N 18 -50.73 -1.93 -47.20
CA GLU N 18 -51.05 -3.29 -47.60
C GLU N 18 -52.05 -3.32 -48.75
N ILE N 19 -53.01 -2.39 -48.76
CA ILE N 19 -53.99 -2.33 -49.85
C ILE N 19 -53.27 -2.04 -51.17
N GLU N 20 -52.35 -1.08 -51.16
CA GLU N 20 -51.63 -0.74 -52.38
C GLU N 20 -50.71 -1.86 -52.82
N LEU N 21 -50.06 -2.53 -51.86
CA LEU N 21 -49.20 -3.66 -52.20
C LEU N 21 -50.01 -4.77 -52.86
N GLU N 22 -51.17 -5.10 -52.30
CA GLU N 22 -51.99 -6.17 -52.86
C GLU N 22 -52.51 -5.80 -54.24
N ALA N 23 -53.01 -4.57 -54.39
CA ALA N 23 -53.53 -4.12 -55.68
C ALA N 23 -52.43 -4.11 -56.74
N ALA N 24 -51.21 -3.71 -56.34
CA ALA N 24 -50.12 -3.61 -57.31
C ALA N 24 -49.71 -4.98 -57.84
N ARG N 25 -49.46 -5.93 -56.94
CA ARG N 25 -48.96 -7.23 -57.40
C ARG N 25 -50.05 -8.05 -58.06
N THR N 26 -51.32 -7.86 -57.66
CA THR N 26 -52.39 -8.57 -58.33
C THR N 26 -52.59 -8.06 -59.76
N PHE N 27 -52.57 -6.74 -59.94
CA PHE N 27 -52.64 -6.17 -61.28
C PHE N 27 -51.46 -6.62 -62.12
N LYS N 28 -50.25 -6.65 -61.54
CA LYS N 28 -49.07 -7.03 -62.30
C LYS N 28 -49.12 -8.49 -62.72
N ARG N 29 -49.78 -9.34 -61.94
CA ARG N 29 -49.81 -10.76 -62.28
C ARG N 29 -50.73 -11.02 -63.47
N HIS N 30 -51.88 -10.32 -63.52
CA HIS N 30 -52.86 -10.55 -64.58
C HIS N 30 -52.56 -9.75 -65.84
N ILE N 31 -51.75 -8.71 -65.77
CA ILE N 31 -51.49 -7.88 -66.94
C ILE N 31 -50.42 -8.55 -67.80
N ALA N 32 -50.59 -8.45 -69.12
CA ALA N 32 -49.66 -9.08 -70.05
C ALA N 32 -49.39 -8.28 -71.32
N GLY N 33 -49.83 -7.04 -71.41
CA GLY N 33 -49.65 -6.27 -72.63
C GLY N 33 -48.55 -5.24 -72.43
N ARG N 34 -48.48 -4.75 -71.20
CA ARG N 34 -47.46 -3.81 -70.76
C ARG N 34 -46.08 -4.47 -70.84
N ARG N 35 -46.05 -5.77 -71.16
CA ARG N 35 -44.83 -6.54 -71.32
C ARG N 35 -44.44 -6.73 -72.78
N VAL N 36 -45.31 -6.34 -73.71
CA VAL N 36 -45.03 -6.39 -75.15
C VAL N 36 -45.28 -5.08 -75.85
N VAL N 37 -46.13 -4.19 -75.31
CA VAL N 37 -46.44 -2.92 -75.95
C VAL N 37 -45.58 -1.83 -75.34
N ASP N 38 -45.52 -0.68 -76.00
CA ASP N 38 -44.78 0.48 -75.49
C ASP N 38 -45.72 1.29 -74.60
N VAL N 39 -45.51 1.23 -73.29
CA VAL N 39 -46.32 1.98 -72.34
C VAL N 39 -45.61 3.30 -72.04
N SER N 40 -46.30 4.40 -72.29
CA SER N 40 -45.68 5.72 -72.15
C SER N 40 -45.72 6.17 -70.69
N ASP N 41 -45.00 7.26 -70.41
CA ASP N 41 -45.05 7.87 -69.09
C ASP N 41 -46.35 8.64 -68.91
N PRO N 42 -46.92 8.65 -67.71
CA PRO N 42 -48.19 9.36 -67.48
C PRO N 42 -48.06 10.83 -67.82
N GLY N 43 -48.89 11.28 -68.76
CA GLY N 43 -48.87 12.66 -69.21
C GLY N 43 -49.53 13.65 -68.27
N GLY N 44 -50.21 13.15 -67.23
CA GLY N 44 -50.89 13.99 -66.27
C GLY N 44 -52.39 13.92 -66.41
N PRO N 45 -53.10 14.38 -65.38
CA PRO N 45 -54.57 14.33 -65.43
C PRO N 45 -55.18 15.25 -66.48
N VAL N 46 -54.41 16.22 -67.01
CA VAL N 46 -54.94 17.09 -68.04
C VAL N 46 -54.97 16.42 -69.40
N THR N 47 -54.19 15.35 -69.60
CA THR N 47 -54.15 14.67 -70.88
C THR N 47 -55.53 14.13 -71.25
N ALA N 48 -55.99 14.47 -72.45
CA ALA N 48 -57.31 14.07 -72.91
C ALA N 48 -57.34 13.46 -74.30
N ALA N 49 -56.27 13.59 -75.09
CA ALA N 49 -56.27 13.04 -76.43
C ALA N 49 -54.84 12.79 -76.87
N VAL N 50 -54.69 11.92 -77.86
CA VAL N 50 -53.39 11.59 -78.45
C VAL N 50 -53.47 11.95 -79.92
N SER N 51 -52.56 12.82 -80.36
CA SER N 51 -52.57 13.28 -81.75
C SER N 51 -52.20 12.14 -82.68
N THR N 52 -53.09 11.85 -83.62
CA THR N 52 -52.82 10.89 -84.67
C THR N 52 -52.22 11.53 -85.92
N GLY N 53 -52.02 12.86 -85.90
CA GLY N 53 -51.38 13.54 -87.00
C GLY N 53 -52.18 13.64 -88.28
N ARG N 54 -53.37 13.07 -88.32
CA ARG N 54 -54.14 12.97 -89.56
C ARG N 54 -55.09 14.16 -89.67
N LEU N 55 -55.50 14.45 -90.91
CA LEU N 55 -56.41 15.54 -91.21
C LEU N 55 -57.77 14.98 -91.59
N ILE N 56 -58.82 15.75 -91.32
CA ILE N 56 -60.19 15.36 -91.60
C ILE N 56 -60.85 16.48 -92.40
N ASP N 57 -61.37 16.12 -93.59
CA ASP N 57 -62.06 17.11 -94.41
C ASP N 57 -63.28 17.64 -93.66
N VAL N 58 -63.46 18.96 -93.68
CA VAL N 58 -64.53 19.63 -92.97
C VAL N 58 -65.01 20.80 -93.82
N LYS N 59 -66.27 21.20 -93.61
CA LYS N 59 -66.86 22.28 -94.38
C LYS N 59 -66.09 23.59 -94.19
N ALA N 60 -65.75 24.23 -95.30
CA ALA N 60 -64.97 25.46 -95.25
C ALA N 60 -65.81 26.60 -94.66
N PRO N 61 -65.16 27.55 -93.97
CA PRO N 61 -65.93 28.70 -93.45
C PRO N 61 -66.42 29.63 -94.54
N THR N 62 -65.58 29.95 -95.52
CA THR N 62 -65.96 30.79 -96.65
C THR N 62 -65.22 30.28 -97.88
N ASN N 63 -65.49 30.89 -99.02
CA ASN N 63 -64.82 30.50 -100.25
C ASN N 63 -63.36 30.95 -100.22
N GLY N 64 -62.48 30.09 -100.75
CA GLY N 64 -61.06 30.37 -100.73
C GLY N 64 -60.31 29.85 -99.53
N VAL N 65 -61.00 29.20 -98.59
CA VAL N 65 -60.39 28.67 -97.37
C VAL N 65 -60.51 27.15 -97.40
N ILE N 66 -59.41 26.46 -97.07
CA ILE N 66 -59.37 25.01 -96.98
C ILE N 66 -59.26 24.63 -95.51
N ALA N 67 -60.32 24.05 -94.97
CA ALA N 67 -60.41 23.75 -93.55
C ALA N 67 -60.28 22.25 -93.31
N HIS N 68 -59.53 21.88 -92.27
CA HIS N 68 -59.34 20.49 -91.87
C HIS N 68 -59.31 20.41 -90.35
N LEU N 69 -59.94 19.37 -89.81
CA LEU N 69 -59.88 19.10 -88.38
C LEU N 69 -58.70 18.18 -88.07
N ARG N 70 -57.99 18.50 -86.98
CA ARG N 70 -56.83 17.72 -86.57
C ARG N 70 -57.31 16.48 -85.83
N ALA N 71 -57.06 15.31 -86.41
CA ALA N 71 -57.54 14.07 -85.83
C ALA N 71 -56.74 13.70 -84.58
N SER N 72 -57.43 13.15 -83.59
CA SER N 72 -56.82 12.75 -82.33
C SER N 72 -57.66 11.67 -81.70
N LYS N 73 -57.00 10.69 -81.07
CA LYS N 73 -57.74 9.64 -80.40
C LYS N 73 -57.95 9.98 -78.94
N PRO N 74 -59.17 9.99 -78.43
CA PRO N 74 -59.42 10.43 -77.05
C PRO N 74 -59.04 9.37 -76.03
N LEU N 75 -58.74 9.85 -74.82
CA LEU N 75 -58.43 8.97 -73.71
C LEU N 75 -59.70 8.57 -72.97
N VAL N 76 -59.71 7.34 -72.46
CA VAL N 76 -60.84 6.81 -71.70
C VAL N 76 -60.38 6.58 -70.27
N ARG N 77 -61.22 6.95 -69.32
CA ARG N 77 -60.95 6.77 -67.90
C ARG N 77 -61.67 5.52 -67.41
N LEU N 78 -60.91 4.54 -66.94
CA LEU N 78 -61.46 3.30 -66.40
C LEU N 78 -61.46 3.37 -64.88
N ARG N 79 -62.59 3.05 -64.28
CA ARG N 79 -62.81 3.21 -62.84
C ARG N 79 -63.52 1.97 -62.31
N VAL N 80 -62.80 1.19 -61.50
CA VAL N 80 -63.34 -0.06 -60.97
C VAL N 80 -63.58 0.10 -59.47
N PRO N 81 -64.81 0.37 -59.05
CA PRO N 81 -65.08 0.54 -57.62
C PRO N 81 -65.11 -0.79 -56.88
N PHE N 82 -64.80 -0.71 -55.58
CA PHE N 82 -64.90 -1.86 -54.71
C PHE N 82 -65.16 -1.35 -53.29
N THR N 83 -65.68 -2.24 -52.45
CA THR N 83 -66.06 -1.89 -51.09
C THR N 83 -65.28 -2.77 -50.11
N LEU N 84 -64.70 -2.14 -49.09
CA LEU N 84 -63.92 -2.82 -48.08
C LEU N 84 -64.59 -2.68 -46.72
N SER N 85 -64.40 -3.68 -45.88
CA SER N 85 -64.92 -3.64 -44.51
C SER N 85 -64.00 -2.83 -43.63
N ARG N 86 -64.58 -1.87 -42.90
CA ARG N 86 -63.78 -1.05 -41.99
C ARG N 86 -63.20 -1.87 -40.84
N ASN N 87 -63.85 -2.99 -40.49
CA ASN N 87 -63.26 -3.88 -39.50
C ASN N 87 -61.96 -4.48 -40.01
N GLU N 88 -61.95 -4.93 -41.27
CA GLU N 88 -60.74 -5.45 -41.86
C GLU N 88 -59.68 -4.37 -42.00
N ILE N 89 -60.10 -3.12 -42.24
CA ILE N 89 -59.15 -2.02 -42.35
C ILE N 89 -58.55 -1.70 -40.99
N ASP N 90 -59.39 -1.61 -39.95
CA ASP N 90 -58.91 -1.30 -38.61
C ASP N 90 -58.11 -2.45 -38.00
N ASP N 91 -58.28 -3.68 -38.51
CA ASP N 91 -57.52 -4.81 -37.98
C ASP N 91 -56.04 -4.71 -38.33
N VAL N 92 -55.70 -4.00 -39.41
CA VAL N 92 -54.31 -3.94 -39.87
C VAL N 92 -53.42 -3.33 -38.79
N GLU N 93 -53.85 -2.19 -38.23
CA GLU N 93 -53.05 -1.52 -37.21
C GLU N 93 -52.90 -2.37 -35.96
N ARG N 94 -53.88 -3.22 -35.65
CA ARG N 94 -53.80 -4.08 -34.47
C ARG N 94 -52.93 -5.30 -34.69
N GLY N 95 -52.35 -5.47 -35.87
CA GLY N 95 -51.45 -6.58 -36.15
C GLY N 95 -52.01 -7.68 -37.01
N SER N 96 -53.09 -7.44 -37.76
CA SER N 96 -53.70 -8.46 -38.59
C SER N 96 -53.00 -8.51 -39.95
N LYS N 97 -52.62 -9.70 -40.37
CA LYS N 97 -52.02 -9.92 -41.68
C LYS N 97 -52.96 -10.65 -42.63
N ASP N 98 -54.16 -11.03 -42.18
CA ASP N 98 -55.13 -11.75 -42.99
C ASP N 98 -56.38 -10.91 -43.28
N SER N 99 -56.24 -9.59 -43.37
CA SER N 99 -57.39 -8.75 -43.65
C SER N 99 -57.93 -9.04 -45.05
N ASP N 100 -59.25 -8.98 -45.19
CA ASP N 100 -59.93 -9.38 -46.42
C ASP N 100 -59.82 -8.28 -47.47
N TRP N 101 -58.83 -8.41 -48.36
CA TRP N 101 -58.69 -7.54 -49.52
C TRP N 101 -59.11 -8.23 -50.81
N GLU N 102 -59.98 -9.23 -50.72
CA GLU N 102 -60.51 -9.86 -51.92
C GLU N 102 -61.19 -8.85 -52.84
N PRO N 103 -61.97 -7.88 -52.36
CA PRO N 103 -62.44 -6.81 -53.26
C PRO N 103 -61.31 -6.05 -53.93
N VAL N 104 -60.18 -5.87 -53.24
CA VAL N 104 -59.03 -5.21 -53.84
C VAL N 104 -58.46 -6.07 -54.98
N LYS N 105 -58.32 -7.37 -54.73
CA LYS N 105 -57.76 -8.26 -55.74
C LYS N 105 -58.71 -8.42 -56.93
N GLU N 106 -60.02 -8.45 -56.66
CA GLU N 106 -61.00 -8.58 -57.73
C GLU N 106 -61.03 -7.34 -58.61
N ALA N 107 -60.89 -6.15 -58.00
CA ALA N 107 -60.86 -4.93 -58.79
C ALA N 107 -59.61 -4.87 -59.65
N ALA N 108 -58.48 -5.33 -59.13
CA ALA N 108 -57.25 -5.37 -59.91
C ALA N 108 -57.37 -6.35 -61.07
N LYS N 109 -57.98 -7.51 -60.82
CA LYS N 109 -58.18 -8.50 -61.89
C LYS N 109 -59.09 -7.94 -62.99
N LYS N 110 -60.12 -7.19 -62.60
CA LYS N 110 -61.03 -6.63 -63.59
C LYS N 110 -60.37 -5.54 -64.41
N LEU N 111 -59.66 -4.63 -63.75
CA LEU N 111 -59.00 -3.55 -64.48
C LEU N 111 -57.89 -4.09 -65.38
N ALA N 112 -57.15 -5.08 -64.92
CA ALA N 112 -56.11 -5.68 -65.76
C ALA N 112 -56.72 -6.38 -66.97
N PHE N 113 -57.84 -7.10 -66.77
CA PHE N 113 -58.48 -7.77 -67.89
C PHE N 113 -59.09 -6.78 -68.87
N VAL N 114 -59.68 -5.70 -68.36
CA VAL N 114 -60.23 -4.67 -69.24
C VAL N 114 -59.14 -4.06 -70.10
N GLU N 115 -57.97 -3.82 -69.52
CA GLU N 115 -56.88 -3.21 -70.27
C GLU N 115 -56.35 -4.15 -71.34
N ASP N 116 -56.12 -5.42 -70.98
CA ASP N 116 -55.56 -6.36 -71.95
C ASP N 116 -56.55 -6.64 -73.07
N ARG N 117 -57.83 -6.80 -72.74
CA ARG N 117 -58.84 -7.01 -73.78
C ARG N 117 -59.03 -5.76 -74.65
N THR N 118 -58.78 -4.58 -74.08
CA THR N 118 -58.82 -3.36 -74.89
C THR N 118 -57.63 -3.32 -75.85
N ILE N 119 -56.46 -3.76 -75.40
CA ILE N 119 -55.27 -3.72 -76.24
C ILE N 119 -55.38 -4.75 -77.35
N PHE N 120 -55.80 -5.97 -77.01
CA PHE N 120 -55.74 -7.10 -77.95
C PHE N 120 -57.06 -7.35 -78.67
N GLU N 121 -58.20 -7.19 -77.99
CA GLU N 121 -59.48 -7.47 -78.61
C GLU N 121 -60.22 -6.21 -79.04
N GLY N 122 -60.00 -5.08 -78.37
CA GLY N 122 -60.55 -3.81 -78.79
C GLY N 122 -61.55 -3.26 -77.79
N TYR N 123 -61.92 -2.00 -78.04
CA TYR N 123 -62.91 -1.28 -77.24
C TYR N 123 -63.54 -0.24 -78.17
N SER N 124 -64.58 -0.69 -78.89
CA SER N 124 -65.17 0.16 -79.93
C SER N 124 -65.82 1.42 -79.35
N ALA N 125 -66.33 1.33 -78.12
CA ALA N 125 -66.98 2.49 -77.52
C ALA N 125 -65.99 3.64 -77.29
N ALA N 126 -64.70 3.34 -77.15
CA ALA N 126 -63.68 4.35 -76.95
C ALA N 126 -62.83 4.56 -78.20
N SER N 127 -63.31 4.10 -79.35
CA SER N 127 -62.61 4.23 -80.63
C SER N 127 -61.24 3.56 -80.59
N ILE N 128 -61.13 2.46 -79.85
CA ILE N 128 -59.87 1.73 -79.69
C ILE N 128 -60.03 0.38 -80.40
N GLU N 129 -59.38 0.26 -81.55
CA GLU N 129 -59.38 -1.01 -82.28
C GLU N 129 -58.39 -1.97 -81.65
N GLY N 130 -58.75 -3.25 -81.63
CA GLY N 130 -57.87 -4.24 -81.05
C GLY N 130 -56.75 -4.65 -82.00
N ILE N 131 -55.73 -5.27 -81.41
CA ILE N 131 -54.62 -5.79 -82.22
C ILE N 131 -55.12 -6.87 -83.15
N ARG N 132 -56.05 -7.70 -82.67
CA ARG N 132 -56.57 -8.79 -83.49
C ARG N 132 -57.29 -8.25 -84.72
N SER N 133 -58.06 -7.17 -84.56
CA SER N 133 -58.81 -6.63 -85.69
C SER N 133 -57.89 -5.91 -86.68
N ALA N 134 -56.82 -5.29 -86.19
CA ALA N 134 -55.91 -4.54 -87.04
C ALA N 134 -54.82 -5.40 -87.67
N SER N 135 -54.68 -6.66 -87.24
CA SER N 135 -53.60 -7.52 -87.73
C SER N 135 -53.85 -7.85 -89.20
N SER N 136 -53.04 -7.29 -90.09
CA SER N 136 -53.15 -7.58 -91.51
C SER N 136 -52.63 -8.97 -91.88
N ASN N 137 -51.90 -9.63 -90.99
CA ASN N 137 -51.36 -10.95 -91.28
C ASN N 137 -52.46 -12.00 -91.18
N PRO N 138 -52.35 -13.09 -91.95
CA PRO N 138 -53.39 -14.14 -91.91
C PRO N 138 -53.49 -14.78 -90.54
N ALA N 139 -54.69 -14.73 -89.97
CA ALA N 139 -54.95 -15.35 -88.69
C ALA N 139 -54.87 -16.87 -88.80
N LEU N 140 -54.54 -17.52 -87.69
CA LEU N 140 -54.36 -18.95 -87.65
C LEU N 140 -55.29 -19.58 -86.63
N THR N 141 -55.51 -20.89 -86.77
CA THR N 141 -56.36 -21.64 -85.86
C THR N 141 -55.50 -22.56 -85.01
N LEU N 142 -55.72 -22.51 -83.70
CA LEU N 142 -55.01 -23.40 -82.80
C LEU N 142 -55.46 -24.85 -83.06
N PRO N 143 -54.54 -25.80 -83.15
CA PRO N 143 -54.94 -27.17 -83.46
C PRO N 143 -55.62 -27.83 -82.29
N GLU N 144 -56.38 -28.89 -82.59
CA GLU N 144 -57.01 -29.68 -81.53
C GLU N 144 -55.97 -30.49 -80.78
N ASP N 145 -54.96 -31.00 -81.49
CA ASP N 145 -53.85 -31.70 -80.88
C ASP N 145 -52.84 -30.67 -80.38
N PRO N 146 -52.67 -30.55 -79.05
CA PRO N 146 -51.71 -29.56 -78.53
C PRO N 146 -50.27 -29.84 -78.92
N ARG N 147 -49.96 -31.08 -79.32
CA ARG N 147 -48.61 -31.40 -79.78
C ARG N 147 -48.29 -30.78 -81.14
N GLU N 148 -49.27 -30.20 -81.82
CA GLU N 148 -49.06 -29.48 -83.06
C GLU N 148 -49.04 -27.97 -82.87
N ILE N 149 -49.06 -27.50 -81.62
CA ILE N 149 -48.96 -26.06 -81.35
C ILE N 149 -47.66 -25.47 -81.89
N PRO N 150 -46.50 -26.10 -81.76
CA PRO N 150 -45.29 -25.53 -82.38
C PRO N 150 -45.43 -25.28 -83.88
N ASP N 151 -46.29 -26.03 -84.57
CA ASP N 151 -46.48 -25.82 -86.00
C ASP N 151 -47.11 -24.46 -86.28
N VAL N 152 -48.16 -24.10 -85.53
CA VAL N 152 -48.84 -22.83 -85.78
C VAL N 152 -47.97 -21.66 -85.31
N ILE N 153 -47.15 -21.86 -84.28
CA ILE N 153 -46.25 -20.81 -83.84
C ILE N 153 -45.18 -20.57 -84.91
N SER N 154 -44.70 -21.64 -85.54
CA SER N 154 -43.74 -21.48 -86.63
C SER N 154 -44.35 -20.72 -87.80
N GLN N 155 -45.60 -21.03 -88.14
CA GLN N 155 -46.28 -20.31 -89.22
C GLN N 155 -46.48 -18.85 -88.86
N ALA N 156 -46.85 -18.56 -87.60
CA ALA N 156 -47.03 -17.18 -87.18
C ALA N 156 -45.72 -16.41 -87.23
N LEU N 157 -44.63 -17.02 -86.77
CA LEU N 157 -43.33 -16.38 -86.82
C LEU N 157 -42.91 -16.08 -88.27
N SER N 158 -43.13 -17.05 -89.16
CA SER N 158 -42.77 -16.84 -90.57
C SER N 158 -43.62 -15.74 -91.22
N GLU N 159 -44.89 -15.61 -90.80
CA GLU N 159 -45.70 -14.52 -91.32
C GLU N 159 -45.11 -13.17 -90.93
N LEU N 160 -44.63 -13.04 -89.69
CA LEU N 160 -43.96 -11.82 -89.28
C LEU N 160 -42.67 -11.61 -90.06
N ARG N 161 -41.89 -12.67 -90.23
CA ARG N 161 -40.62 -12.56 -90.94
C ARG N 161 -40.83 -12.22 -92.41
N LEU N 162 -41.86 -12.78 -93.03
CA LEU N 162 -42.13 -12.53 -94.44
C LEU N 162 -42.72 -11.14 -94.69
N ALA N 163 -43.14 -10.44 -93.64
CA ALA N 163 -43.69 -9.09 -93.77
C ALA N 163 -42.65 -8.01 -93.49
N GLY N 164 -41.37 -8.37 -93.40
CA GLY N 164 -40.33 -7.41 -93.10
C GLY N 164 -40.28 -6.97 -91.66
N VAL N 165 -41.02 -7.63 -90.77
CA VAL N 165 -41.05 -7.26 -89.35
C VAL N 165 -39.92 -8.00 -88.64
N ASP N 166 -39.15 -7.27 -87.84
CA ASP N 166 -37.98 -7.76 -87.15
C ASP N 166 -38.23 -7.73 -85.64
N GLY N 167 -37.17 -7.60 -84.85
CA GLY N 167 -37.29 -7.43 -83.42
C GLY N 167 -37.52 -8.74 -82.69
N PRO N 168 -37.24 -8.76 -81.39
CA PRO N 168 -37.53 -9.95 -80.59
C PRO N 168 -39.01 -10.29 -80.65
N TYR N 169 -39.30 -11.51 -81.11
CA TYR N 169 -40.67 -11.99 -81.20
C TYR N 169 -41.09 -12.61 -79.88
N SER N 170 -42.32 -12.29 -79.45
CA SER N 170 -42.87 -12.83 -78.23
C SER N 170 -44.21 -13.50 -78.54
N VAL N 171 -44.59 -14.43 -77.68
CA VAL N 171 -45.82 -15.21 -77.86
C VAL N 171 -46.66 -15.03 -76.61
N LEU N 172 -47.87 -14.51 -76.78
CA LEU N 172 -48.82 -14.35 -75.69
C LEU N 172 -49.88 -15.43 -75.80
N LEU N 173 -50.04 -16.22 -74.74
CA LEU N 173 -50.99 -17.33 -74.71
C LEU N 173 -52.09 -17.03 -73.72
N SER N 174 -53.32 -17.44 -74.07
CA SER N 174 -54.42 -17.32 -73.13
C SER N 174 -54.22 -18.28 -71.96
N ALA N 175 -55.07 -18.14 -70.95
CA ALA N 175 -54.94 -18.97 -69.75
C ALA N 175 -55.07 -20.45 -70.09
N ASP N 176 -56.02 -20.80 -70.97
CA ASP N 176 -56.21 -22.20 -71.34
C ASP N 176 -55.07 -22.71 -72.21
N VAL N 177 -54.65 -21.91 -73.19
CA VAL N 177 -53.59 -22.34 -74.09
C VAL N 177 -52.25 -22.41 -73.35
N TYR N 178 -52.01 -21.47 -72.43
CA TYR N 178 -50.76 -21.49 -71.66
C TYR N 178 -50.68 -22.75 -70.81
N THR N 179 -51.78 -23.12 -70.13
CA THR N 179 -51.78 -24.33 -69.34
C THR N 179 -51.59 -25.57 -70.22
N LYS N 180 -52.18 -25.56 -71.41
CA LYS N 180 -52.02 -26.69 -72.32
C LYS N 180 -50.58 -26.83 -72.77
N VAL N 181 -49.93 -25.72 -73.13
CA VAL N 181 -48.54 -25.76 -73.56
C VAL N 181 -47.64 -26.23 -72.43
N SER N 182 -47.97 -25.88 -71.19
CA SER N 182 -47.13 -26.26 -70.06
C SER N 182 -47.21 -27.75 -69.76
N GLU N 183 -48.35 -28.39 -70.02
CA GLU N 183 -48.56 -29.79 -69.68
C GLU N 183 -48.34 -30.73 -70.85
N THR N 184 -48.51 -30.27 -72.08
CA THR N 184 -48.44 -31.14 -73.23
C THR N 184 -47.01 -31.60 -73.49
N SER N 185 -46.84 -32.89 -73.77
CA SER N 185 -45.55 -33.45 -74.10
C SER N 185 -45.72 -34.40 -75.28
N ASP N 186 -45.00 -34.11 -76.37
CA ASP N 186 -45.02 -34.95 -77.56
C ASP N 186 -43.95 -36.03 -77.40
N HIS N 187 -44.39 -37.28 -77.20
CA HIS N 187 -43.49 -38.40 -76.94
C HIS N 187 -42.58 -38.10 -75.75
N GLY N 188 -43.15 -37.52 -74.70
CA GLY N 188 -42.42 -37.18 -73.51
C GLY N 188 -41.70 -35.84 -73.55
N TYR N 189 -41.38 -35.34 -74.74
CA TYR N 189 -40.70 -34.05 -74.87
C TYR N 189 -41.70 -32.92 -74.63
N PRO N 190 -41.49 -32.07 -73.61
CA PRO N 190 -42.44 -30.98 -73.35
C PRO N 190 -42.46 -29.99 -74.50
N ILE N 191 -43.66 -29.66 -74.97
CA ILE N 191 -43.77 -28.76 -76.12
C ILE N 191 -43.41 -27.33 -75.75
N ARG N 192 -43.42 -26.97 -74.46
CA ARG N 192 -43.00 -25.63 -74.09
C ARG N 192 -41.50 -25.46 -74.29
N GLU N 193 -40.73 -26.52 -74.07
CA GLU N 193 -39.31 -26.48 -74.39
C GLU N 193 -39.09 -26.30 -75.89
N HIS N 194 -39.95 -26.94 -76.70
CA HIS N 194 -39.89 -26.74 -78.14
C HIS N 194 -40.15 -25.28 -78.52
N LEU N 195 -41.14 -24.66 -77.86
CA LEU N 195 -41.48 -23.28 -78.17
C LEU N 195 -40.37 -22.32 -77.75
N ASN N 196 -39.72 -22.60 -76.62
CA ASN N 196 -38.64 -21.73 -76.15
C ASN N 196 -37.48 -21.67 -77.13
N ARG N 197 -37.25 -22.74 -77.89
CA ARG N 197 -36.23 -22.69 -78.92
C ARG N 197 -36.70 -21.97 -80.17
N LEU N 198 -37.99 -21.66 -80.28
CA LEU N 198 -38.53 -20.92 -81.41
C LEU N 198 -38.70 -19.43 -81.13
N VAL N 199 -38.87 -19.06 -79.87
CA VAL N 199 -39.11 -17.68 -79.45
C VAL N 199 -37.83 -17.12 -78.84
N ASP N 200 -37.28 -16.08 -79.48
CA ASP N 200 -36.17 -15.34 -78.91
C ASP N 200 -36.63 -14.39 -77.81
N GLY N 201 -37.91 -14.07 -77.76
CA GLY N 201 -38.47 -13.24 -76.71
C GLY N 201 -38.98 -14.07 -75.55
N ASP N 202 -40.22 -13.83 -75.13
CA ASP N 202 -40.80 -14.50 -73.98
C ASP N 202 -42.13 -15.13 -74.34
N ILE N 203 -42.53 -16.11 -73.55
CA ILE N 203 -43.86 -16.72 -73.62
C ILE N 203 -44.65 -16.16 -72.45
N ILE N 204 -45.60 -15.28 -72.75
CA ILE N 204 -46.26 -14.46 -71.74
C ILE N 204 -47.59 -15.08 -71.36
N TRP N 205 -47.86 -15.13 -70.05
CA TRP N 205 -49.15 -15.57 -69.51
C TRP N 205 -50.15 -14.44 -69.65
N ALA N 206 -51.12 -14.59 -70.57
CA ALA N 206 -52.10 -13.56 -70.88
C ALA N 206 -53.50 -14.11 -70.61
N PRO N 207 -53.95 -14.11 -69.35
CA PRO N 207 -55.25 -14.73 -69.05
C PRO N 207 -56.45 -13.96 -69.56
N ALA N 208 -56.30 -12.65 -69.82
CA ALA N 208 -57.45 -11.85 -70.22
C ALA N 208 -57.85 -12.08 -71.68
N ILE N 209 -56.89 -12.43 -72.54
CA ILE N 209 -57.18 -12.60 -73.96
C ILE N 209 -57.68 -14.02 -74.24
N ASP N 210 -58.19 -14.22 -75.45
CA ASP N 210 -58.62 -15.53 -75.92
C ASP N 210 -57.73 -15.94 -77.09
N GLY N 211 -57.42 -17.22 -77.18
CA GLY N 211 -56.57 -17.70 -78.25
C GLY N 211 -55.12 -17.42 -77.95
N ALA N 212 -54.42 -16.85 -78.92
CA ALA N 212 -53.00 -16.55 -78.76
C ALA N 212 -52.60 -15.46 -79.75
N PHE N 213 -51.47 -14.82 -79.45
CA PHE N 213 -50.91 -13.79 -80.30
C PHE N 213 -49.41 -13.98 -80.42
N VAL N 214 -48.88 -13.77 -81.62
CA VAL N 214 -47.44 -13.79 -81.89
C VAL N 214 -47.10 -12.44 -82.49
N LEU N 215 -46.34 -11.63 -81.76
CA LEU N 215 -46.02 -10.28 -82.18
C LEU N 215 -44.54 -10.00 -81.93
N THR N 216 -44.10 -8.81 -82.35
CA THR N 216 -42.74 -8.36 -82.15
C THR N 216 -42.69 -7.34 -81.02
N THR N 217 -41.56 -7.31 -80.32
CA THR N 217 -41.31 -6.32 -79.28
C THR N 217 -40.21 -5.35 -79.67
N ARG N 218 -40.05 -5.10 -80.97
CA ARG N 218 -39.05 -4.14 -81.43
C ARG N 218 -39.39 -2.71 -81.04
N GLY N 219 -40.66 -2.40 -80.84
CA GLY N 219 -41.02 -1.06 -80.43
C GLY N 219 -41.56 -0.23 -81.59
N GLY N 220 -42.45 0.70 -81.25
CA GLY N 220 -43.02 1.59 -82.23
C GLY N 220 -44.24 1.05 -82.94
N ASP N 221 -44.73 -0.11 -82.55
CA ASP N 221 -45.88 -0.74 -83.17
C ASP N 221 -47.13 -0.69 -82.31
N PHE N 222 -46.99 -0.87 -81.00
CA PHE N 222 -48.10 -0.88 -80.07
C PHE N 222 -47.83 0.17 -79.00
N ASP N 223 -48.74 1.14 -78.87
CA ASP N 223 -48.52 2.31 -78.02
C ASP N 223 -49.65 2.37 -76.99
N LEU N 224 -49.30 2.14 -75.72
CA LEU N 224 -50.23 2.31 -74.61
C LEU N 224 -49.97 3.68 -74.00
N GLN N 225 -50.73 4.68 -74.44
CA GLN N 225 -50.54 6.05 -73.97
C GLN N 225 -51.24 6.24 -72.63
N LEU N 226 -50.45 6.43 -71.58
CA LEU N 226 -50.98 6.64 -70.23
C LEU N 226 -51.12 8.12 -69.94
N GLY N 227 -52.31 8.53 -69.52
CA GLY N 227 -52.51 9.86 -68.97
C GLY N 227 -52.42 9.80 -67.47
N THR N 228 -53.08 8.80 -66.88
CA THR N 228 -53.01 8.53 -65.44
C THR N 228 -52.88 7.04 -65.24
N ASP N 229 -51.79 6.62 -64.62
CA ASP N 229 -51.57 5.21 -64.34
C ASP N 229 -52.54 4.72 -63.26
N VAL N 230 -52.50 3.41 -63.01
CA VAL N 230 -53.43 2.80 -62.07
C VAL N 230 -53.20 3.38 -60.68
N ALA N 231 -54.28 3.83 -60.04
CA ALA N 231 -54.21 4.43 -58.72
C ALA N 231 -55.46 4.05 -57.94
N ILE N 232 -55.37 4.19 -56.62
CA ILE N 232 -56.47 3.91 -55.71
C ILE N 232 -57.01 5.23 -55.19
N GLY N 233 -58.32 5.45 -55.39
CA GLY N 233 -58.98 6.65 -54.94
C GLY N 233 -60.11 6.32 -53.96
N TYR N 234 -60.63 7.37 -53.33
CA TYR N 234 -61.69 7.26 -52.35
C TYR N 234 -62.97 7.88 -52.89
N ALA N 235 -64.09 7.18 -52.70
CA ALA N 235 -65.39 7.65 -53.17
C ALA N 235 -66.27 8.04 -52.00
N SER N 236 -66.69 7.09 -51.18
CA SER N 236 -67.55 7.38 -50.04
C SER N 236 -67.34 6.31 -48.98
N HIS N 237 -67.94 6.52 -47.82
CA HIS N 237 -67.82 5.58 -46.72
C HIS N 237 -68.93 5.84 -45.72
N ASP N 238 -69.28 4.80 -44.97
CA ASP N 238 -70.19 4.92 -43.84
C ASP N 238 -69.50 4.42 -42.57
N THR N 239 -70.28 4.02 -41.57
CA THR N 239 -69.69 3.54 -40.33
C THR N 239 -69.21 2.09 -40.40
N ASP N 240 -69.47 1.39 -41.49
CA ASP N 240 -69.10 -0.02 -41.57
C ASP N 240 -68.21 -0.35 -42.77
N THR N 241 -68.34 0.40 -43.86
CA THR N 241 -67.63 0.09 -45.09
C THR N 241 -67.05 1.37 -45.69
N VAL N 242 -66.05 1.17 -46.55
CA VAL N 242 -65.42 2.25 -47.30
C VAL N 242 -65.46 1.87 -48.78
N ARG N 243 -65.90 2.82 -49.62
CA ARG N 243 -65.97 2.61 -51.06
C ARG N 243 -64.77 3.26 -51.73
N LEU N 244 -63.85 2.43 -52.20
CA LEU N 244 -62.68 2.88 -52.95
C LEU N 244 -62.82 2.47 -54.41
N TYR N 245 -61.79 2.76 -55.20
CA TYR N 245 -61.84 2.46 -56.62
C TYR N 245 -60.42 2.46 -57.19
N LEU N 246 -60.23 1.67 -58.25
CA LEU N 246 -59.03 1.73 -59.08
C LEU N 246 -59.32 2.55 -60.32
N GLN N 247 -58.50 3.56 -60.57
CA GLN N 247 -58.72 4.49 -61.67
C GLN N 247 -57.51 4.49 -62.59
N GLU N 248 -57.77 4.70 -63.88
CA GLU N 248 -56.75 4.69 -64.90
C GLU N 248 -57.28 5.42 -66.12
N THR N 249 -56.44 6.25 -66.73
CA THR N 249 -56.79 6.99 -67.93
C THR N 249 -55.76 6.69 -69.00
N LEU N 250 -56.19 6.07 -70.10
CA LEU N 250 -55.24 5.58 -71.09
C LEU N 250 -55.94 5.47 -72.44
N THR N 251 -55.15 5.13 -73.46
CA THR N 251 -55.64 4.76 -74.77
C THR N 251 -54.63 3.82 -75.39
N PHE N 252 -55.05 3.09 -76.43
CA PHE N 252 -54.17 2.20 -77.15
C PHE N 252 -54.17 2.59 -78.62
N LEU N 253 -53.01 2.46 -79.26
CA LEU N 253 -52.86 2.76 -80.68
C LEU N 253 -51.98 1.69 -81.31
N CYS N 254 -52.41 1.22 -82.48
CA CYS N 254 -51.68 0.20 -83.24
C CYS N 254 -51.17 0.84 -84.51
N TYR N 255 -49.85 1.03 -84.60
CA TYR N 255 -49.24 1.74 -85.72
C TYR N 255 -48.78 0.82 -86.85
N THR N 256 -48.52 -0.44 -86.56
CA THR N 256 -48.00 -1.39 -87.54
C THR N 256 -48.93 -2.59 -87.61
N ALA N 257 -49.58 -2.77 -88.76
CA ALA N 257 -50.53 -3.87 -88.92
C ALA N 257 -49.83 -5.21 -89.02
N GLU N 258 -48.69 -5.27 -89.71
CA GLU N 258 -47.99 -6.52 -89.93
C GLU N 258 -47.17 -6.97 -88.74
N ALA N 259 -47.22 -6.25 -87.62
CA ALA N 259 -46.41 -6.57 -86.45
C ALA N 259 -47.02 -7.62 -85.54
N SER N 260 -48.17 -8.21 -85.91
CA SER N 260 -48.82 -9.17 -85.04
C SER N 260 -49.49 -10.26 -85.87
N VAL N 261 -49.66 -11.42 -85.25
CA VAL N 261 -50.37 -12.56 -85.85
C VAL N 261 -51.34 -13.09 -84.78
N ALA N 262 -52.63 -13.08 -85.10
CA ALA N 262 -53.65 -13.52 -84.16
C ALA N 262 -53.98 -14.99 -84.36
N LEU N 263 -54.29 -15.66 -83.25
CA LEU N 263 -54.65 -17.08 -83.26
C LEU N 263 -55.90 -17.28 -82.42
N SER N 264 -56.77 -18.19 -82.86
CA SER N 264 -58.02 -18.48 -82.18
C SER N 264 -58.31 -19.97 -82.28
N HIS N 265 -59.31 -20.40 -81.52
CA HIS N 265 -59.73 -21.81 -81.49
C HIS N 265 -60.67 -22.16 -82.63
N LYS N 266 -61.58 -21.25 -82.98
CA LYS N 266 -62.60 -21.48 -84.01
C LYS N 266 -63.43 -22.73 -83.71
N MET O 1 -28.48 -21.26 -15.03
CA MET O 1 -28.93 -22.07 -16.16
C MET O 1 -30.26 -21.56 -16.69
N ASN O 2 -30.81 -22.27 -17.67
CA ASN O 2 -32.13 -21.99 -18.20
C ASN O 2 -33.01 -23.21 -17.97
N ASN O 3 -34.22 -23.19 -18.55
CA ASN O 3 -35.14 -24.30 -18.39
C ASN O 3 -34.64 -25.60 -18.99
N LEU O 4 -33.61 -25.55 -19.84
CA LEU O 4 -33.07 -26.78 -20.42
C LEU O 4 -32.23 -27.55 -19.42
N TYR O 5 -31.59 -26.86 -18.47
CA TYR O 5 -30.74 -27.48 -17.45
C TYR O 5 -29.68 -28.36 -18.08
N ARG O 6 -29.08 -27.86 -19.16
CA ARG O 6 -28.06 -28.63 -19.89
C ARG O 6 -26.83 -28.88 -19.04
N ASP O 7 -26.49 -27.96 -18.13
CA ASP O 7 -25.29 -28.09 -17.31
C ASP O 7 -25.37 -29.25 -16.33
N LEU O 8 -26.58 -29.73 -16.02
CA LEU O 8 -26.75 -30.82 -15.08
C LEU O 8 -26.66 -32.20 -15.74
N ALA O 9 -26.62 -32.25 -17.07
CA ALA O 9 -26.61 -33.53 -17.78
C ALA O 9 -25.20 -34.10 -17.81
N PRO O 10 -25.02 -35.39 -17.49
CA PRO O 10 -23.70 -36.02 -17.61
C PRO O 10 -23.34 -36.32 -19.06
N VAL O 11 -23.08 -35.26 -19.82
CA VAL O 11 -22.74 -35.35 -21.24
C VAL O 11 -21.47 -34.56 -21.48
N THR O 12 -20.48 -35.21 -22.09
CA THR O 12 -19.20 -34.55 -22.38
C THR O 12 -19.38 -33.44 -23.41
N GLU O 13 -18.47 -32.47 -23.38
CA GLU O 13 -18.47 -31.42 -24.39
C GLU O 13 -18.35 -32.01 -25.79
N ALA O 14 -17.52 -33.04 -25.95
CA ALA O 14 -17.41 -33.72 -27.24
C ALA O 14 -18.71 -34.42 -27.61
N ALA O 15 -19.34 -35.09 -26.64
CA ALA O 15 -20.60 -35.77 -26.90
C ALA O 15 -21.70 -34.76 -27.25
N TRP O 16 -21.74 -33.63 -26.55
CA TRP O 16 -22.71 -32.58 -26.88
C TRP O 16 -22.58 -32.14 -28.33
N ALA O 17 -21.34 -32.05 -28.82
CA ALA O 17 -21.11 -31.61 -30.19
C ALA O 17 -21.70 -32.60 -31.20
N GLU O 18 -21.46 -33.90 -31.00
CA GLU O 18 -22.00 -34.89 -31.92
C GLU O 18 -23.51 -34.99 -31.81
N ILE O 19 -24.04 -34.92 -30.58
CA ILE O 19 -25.49 -35.00 -30.40
C ILE O 19 -26.17 -33.82 -31.07
N GLU O 20 -25.62 -32.62 -30.89
CA GLU O 20 -26.23 -31.43 -31.50
C GLU O 20 -26.07 -31.45 -33.02
N LEU O 21 -24.90 -31.87 -33.51
CA LEU O 21 -24.69 -31.93 -34.95
C LEU O 21 -25.65 -32.92 -35.61
N GLU O 22 -25.80 -34.10 -35.01
CA GLU O 22 -26.67 -35.13 -35.59
C GLU O 22 -28.13 -34.69 -35.57
N ALA O 23 -28.58 -34.14 -34.43
CA ALA O 23 -29.97 -33.69 -34.34
C ALA O 23 -30.26 -32.58 -35.33
N ALA O 24 -29.29 -31.69 -35.56
CA ALA O 24 -29.51 -30.56 -36.46
C ALA O 24 -29.68 -31.02 -37.90
N ARG O 25 -28.74 -31.84 -38.40
CA ARG O 25 -28.79 -32.24 -39.80
C ARG O 25 -29.90 -33.24 -40.07
N THR O 26 -30.25 -34.07 -39.08
CA THR O 26 -31.36 -35.01 -39.26
C THR O 26 -32.69 -34.27 -39.35
N PHE O 27 -32.89 -33.28 -38.49
CA PHE O 27 -34.09 -32.46 -38.56
C PHE O 27 -34.19 -31.73 -39.90
N LYS O 28 -33.07 -31.23 -40.40
CA LYS O 28 -33.07 -30.49 -41.66
C LYS O 28 -33.39 -31.38 -42.86
N ARG O 29 -33.04 -32.67 -42.78
CA ARG O 29 -33.28 -33.55 -43.92
C ARG O 29 -34.76 -33.85 -44.07
N HIS O 30 -35.47 -34.02 -42.96
CA HIS O 30 -36.90 -34.36 -42.98
C HIS O 30 -37.80 -33.13 -43.07
N ILE O 31 -37.28 -31.94 -42.76
CA ILE O 31 -38.09 -30.73 -42.71
C ILE O 31 -38.24 -30.17 -44.12
N ALA O 32 -39.39 -29.52 -44.38
CA ALA O 32 -39.65 -28.97 -45.71
C ALA O 32 -40.34 -27.61 -45.69
N GLY O 33 -41.29 -27.42 -44.77
CA GLY O 33 -42.05 -26.19 -44.74
C GLY O 33 -41.18 -24.97 -44.51
N ARG O 34 -40.12 -25.12 -43.72
CA ARG O 34 -39.19 -24.03 -43.41
C ARG O 34 -38.45 -23.55 -44.65
N ARG O 35 -38.67 -24.20 -45.78
CA ARG O 35 -38.11 -23.82 -47.06
C ARG O 35 -39.10 -23.06 -47.94
N VAL O 36 -40.36 -22.98 -47.52
CA VAL O 36 -41.38 -22.24 -48.26
C VAL O 36 -42.15 -21.26 -47.39
N VAL O 37 -42.17 -21.45 -46.07
CA VAL O 37 -42.91 -20.58 -45.16
C VAL O 37 -41.93 -19.54 -44.62
N ASP O 38 -42.49 -18.48 -44.04
CA ASP O 38 -41.70 -17.42 -43.43
C ASP O 38 -41.45 -17.77 -41.97
N VAL O 39 -40.22 -18.14 -41.64
CA VAL O 39 -39.85 -18.51 -40.27
C VAL O 39 -39.29 -17.28 -39.58
N SER O 40 -39.90 -16.88 -38.48
CA SER O 40 -39.53 -15.67 -37.77
C SER O 40 -38.33 -15.93 -36.85
N ASP O 41 -37.77 -14.84 -36.32
CA ASP O 41 -36.73 -14.97 -35.31
C ASP O 41 -37.36 -15.39 -33.99
N PRO O 42 -36.67 -16.20 -33.20
CA PRO O 42 -37.22 -16.63 -31.90
C PRO O 42 -37.50 -15.44 -31.00
N GLY O 43 -38.77 -15.31 -30.61
CA GLY O 43 -39.19 -14.21 -29.75
C GLY O 43 -38.79 -14.33 -28.30
N GLY O 44 -38.29 -15.50 -27.90
CA GLY O 44 -37.87 -15.73 -26.53
C GLY O 44 -38.80 -16.67 -25.79
N PRO O 45 -38.34 -17.20 -24.65
CA PRO O 45 -39.18 -18.11 -23.88
C PRO O 45 -40.41 -17.46 -23.27
N VAL O 46 -40.46 -16.13 -23.22
CA VAL O 46 -41.63 -15.45 -22.68
C VAL O 46 -42.78 -15.43 -23.68
N THR O 47 -42.49 -15.64 -24.97
CA THR O 47 -43.54 -15.59 -26.00
C THR O 47 -44.60 -16.64 -25.74
N ALA O 48 -45.87 -16.20 -25.71
CA ALA O 48 -46.99 -17.09 -25.45
C ALA O 48 -48.14 -16.94 -26.43
N ALA O 49 -48.19 -15.88 -27.23
CA ALA O 49 -49.28 -15.70 -28.17
C ALA O 49 -48.83 -14.79 -29.30
N VAL O 50 -49.53 -14.88 -30.42
CA VAL O 50 -49.29 -14.05 -31.59
C VAL O 50 -50.56 -13.28 -31.90
N SER O 51 -50.46 -11.96 -31.95
CA SER O 51 -51.62 -11.11 -32.17
C SER O 51 -52.15 -11.29 -33.59
N THR O 52 -53.43 -11.65 -33.70
CA THR O 52 -54.10 -11.71 -34.99
C THR O 52 -54.78 -10.40 -35.36
N GLY O 53 -54.70 -9.38 -34.50
CA GLY O 53 -55.23 -8.07 -34.80
C GLY O 53 -56.74 -7.94 -34.82
N ARG O 54 -57.47 -9.03 -34.65
CA ARG O 54 -58.92 -9.03 -34.77
C ARG O 54 -59.54 -8.88 -33.38
N LEU O 55 -60.79 -8.42 -33.37
CA LEU O 55 -61.53 -8.19 -32.14
C LEU O 55 -62.58 -9.27 -31.92
N ILE O 56 -62.90 -9.52 -30.65
CA ILE O 56 -63.88 -10.52 -30.27
C ILE O 56 -64.91 -9.85 -29.37
N ASP O 57 -66.17 -9.88 -29.79
CA ASP O 57 -67.24 -9.31 -28.98
C ASP O 57 -67.36 -10.05 -27.65
N VAL O 58 -67.52 -9.28 -26.57
CA VAL O 58 -67.63 -9.82 -25.23
C VAL O 58 -68.62 -8.95 -24.46
N LYS O 59 -69.21 -9.52 -23.41
CA LYS O 59 -70.22 -8.82 -22.63
C LYS O 59 -69.61 -7.56 -22.00
N ALA O 60 -70.30 -6.44 -22.18
CA ALA O 60 -69.79 -5.17 -21.67
C ALA O 60 -69.86 -5.14 -20.14
N PRO O 61 -68.95 -4.41 -19.49
CA PRO O 61 -69.04 -4.31 -18.02
C PRO O 61 -70.24 -3.53 -17.54
N THR O 62 -70.57 -2.42 -18.19
CA THR O 62 -71.76 -1.65 -17.88
C THR O 62 -72.30 -1.05 -19.17
N ASN O 63 -73.45 -0.40 -19.08
CA ASN O 63 -74.05 0.24 -20.23
C ASN O 63 -73.24 1.47 -20.65
N GLY O 64 -73.14 1.68 -21.95
CA GLY O 64 -72.37 2.77 -22.50
C GLY O 64 -70.93 2.44 -22.81
N VAL O 65 -70.49 1.21 -22.55
CA VAL O 65 -69.14 0.76 -22.82
C VAL O 65 -69.21 -0.35 -23.87
N ILE O 66 -68.32 -0.26 -24.86
CA ILE O 66 -68.21 -1.26 -25.92
C ILE O 66 -66.93 -2.03 -25.69
N ALA O 67 -67.04 -3.29 -25.29
CA ALA O 67 -65.90 -4.11 -24.90
C ALA O 67 -65.62 -5.17 -25.97
N HIS O 68 -64.33 -5.36 -26.26
CA HIS O 68 -63.88 -6.37 -27.20
C HIS O 68 -62.60 -7.01 -26.66
N LEU O 69 -62.50 -8.33 -26.82
CA LEU O 69 -61.29 -9.05 -26.47
C LEU O 69 -60.36 -9.12 -27.66
N ARG O 70 -59.07 -8.94 -27.40
CA ARG O 70 -58.06 -8.96 -28.46
C ARG O 70 -57.73 -10.41 -28.83
N ALA O 71 -57.98 -10.77 -30.08
CA ALA O 71 -57.73 -12.14 -30.51
C ALA O 71 -56.25 -12.38 -30.70
N SER O 72 -55.82 -13.60 -30.37
CA SER O 72 -54.41 -13.97 -30.50
C SER O 72 -54.31 -15.48 -30.65
N LYS O 73 -53.36 -15.92 -31.48
CA LYS O 73 -53.13 -17.34 -31.69
C LYS O 73 -52.11 -17.84 -30.66
N PRO O 74 -52.44 -18.83 -29.85
CA PRO O 74 -51.49 -19.28 -28.82
C PRO O 74 -50.38 -20.14 -29.39
N LEU O 75 -49.24 -20.11 -28.70
CA LEU O 75 -48.11 -20.94 -29.05
C LEU O 75 -48.20 -22.29 -28.34
N VAL O 76 -47.73 -23.33 -29.03
CA VAL O 76 -47.70 -24.69 -28.49
C VAL O 76 -46.24 -25.11 -28.33
N ARG O 77 -45.94 -25.75 -27.21
CA ARG O 77 -44.60 -26.26 -26.94
C ARG O 77 -44.55 -27.75 -27.24
N LEU O 78 -43.75 -28.13 -28.21
CA LEU O 78 -43.57 -29.53 -28.58
C LEU O 78 -42.28 -30.04 -27.96
N ARG O 79 -42.36 -31.18 -27.28
CA ARG O 79 -41.22 -31.71 -26.51
C ARG O 79 -41.15 -33.21 -26.78
N VAL O 80 -40.09 -33.63 -27.47
CA VAL O 80 -39.93 -35.03 -27.87
C VAL O 80 -38.79 -35.66 -27.06
N PRO O 81 -39.11 -36.43 -26.03
CA PRO O 81 -38.04 -37.02 -25.21
C PRO O 81 -37.35 -38.18 -25.93
N PHE O 82 -36.09 -38.40 -25.54
CA PHE O 82 -35.32 -39.54 -26.01
C PHE O 82 -34.30 -39.91 -24.95
N THR O 83 -33.83 -41.15 -25.01
CA THR O 83 -32.90 -41.70 -24.03
C THR O 83 -31.64 -42.17 -24.72
N LEU O 84 -30.48 -41.78 -24.17
CA LEU O 84 -29.18 -42.16 -24.71
C LEU O 84 -28.43 -43.00 -23.69
N SER O 85 -27.60 -43.91 -24.20
CA SER O 85 -26.77 -44.74 -23.34
C SER O 85 -25.52 -43.98 -22.91
N ARG O 86 -25.26 -43.99 -21.60
CA ARG O 86 -24.08 -43.28 -21.09
C ARG O 86 -22.79 -43.92 -21.57
N ASN O 87 -22.81 -45.20 -21.93
CA ASN O 87 -21.63 -45.81 -22.55
C ASN O 87 -21.34 -45.18 -23.90
N GLU O 88 -22.39 -44.96 -24.71
CA GLU O 88 -22.20 -44.29 -25.99
C GLU O 88 -21.74 -42.84 -25.82
N ILE O 89 -22.17 -42.19 -24.74
CA ILE O 89 -21.76 -40.81 -24.49
C ILE O 89 -20.28 -40.77 -24.09
N ASP O 90 -19.88 -41.64 -23.17
CA ASP O 90 -18.49 -41.66 -22.72
C ASP O 90 -17.53 -42.18 -23.79
N ASP O 91 -18.05 -42.91 -24.79
CA ASP O 91 -17.19 -43.40 -25.85
C ASP O 91 -16.68 -42.27 -26.74
N VAL O 92 -17.43 -41.16 -26.82
CA VAL O 92 -17.06 -40.06 -27.71
C VAL O 92 -15.71 -39.48 -27.32
N GLU O 93 -15.51 -39.21 -26.03
CA GLU O 93 -14.25 -38.63 -25.58
C GLU O 93 -13.07 -39.57 -25.81
N ARG O 94 -13.32 -40.88 -25.79
CA ARG O 94 -12.27 -41.86 -26.02
C ARG O 94 -11.94 -42.07 -27.49
N GLY O 95 -12.62 -41.35 -28.39
CA GLY O 95 -12.32 -41.42 -29.81
C GLY O 95 -13.29 -42.22 -30.66
N SER O 96 -14.50 -42.48 -30.16
CA SER O 96 -15.48 -43.26 -30.91
C SER O 96 -16.28 -42.35 -31.81
N LYS O 97 -16.38 -42.73 -33.09
CA LYS O 97 -17.20 -42.02 -34.06
C LYS O 97 -18.45 -42.80 -34.45
N ASP O 98 -18.64 -43.99 -33.89
CA ASP O 98 -19.80 -44.83 -34.17
C ASP O 98 -20.75 -44.92 -32.99
N SER O 99 -20.81 -43.86 -32.17
CA SER O 99 -21.70 -43.87 -31.02
C SER O 99 -23.15 -43.88 -31.46
N ASP O 100 -23.99 -44.58 -30.70
CA ASP O 100 -25.39 -44.80 -31.07
C ASP O 100 -26.18 -43.54 -30.78
N TRP O 101 -26.39 -42.71 -31.81
CA TRP O 101 -27.26 -41.55 -31.72
C TRP O 101 -28.61 -41.78 -32.38
N GLU O 102 -29.00 -43.04 -32.56
CA GLU O 102 -30.30 -43.34 -33.18
C GLU O 102 -31.47 -42.75 -32.41
N PRO O 103 -31.54 -42.79 -31.08
CA PRO O 103 -32.61 -42.06 -30.38
C PRO O 103 -32.63 -40.58 -30.70
N VAL O 104 -31.47 -39.98 -30.92
CA VAL O 104 -31.42 -38.56 -31.30
C VAL O 104 -32.05 -38.37 -32.67
N LYS O 105 -31.70 -39.22 -33.63
CA LYS O 105 -32.23 -39.06 -34.99
C LYS O 105 -33.73 -39.33 -35.05
N GLU O 106 -34.22 -40.30 -34.27
CA GLU O 106 -35.64 -40.59 -34.27
C GLU O 106 -36.43 -39.43 -33.66
N ALA O 107 -35.89 -38.79 -32.62
CA ALA O 107 -36.57 -37.63 -32.06
C ALA O 107 -36.59 -36.47 -33.04
N ALA O 108 -35.52 -36.29 -33.82
CA ALA O 108 -35.50 -35.26 -34.84
C ALA O 108 -36.51 -35.56 -35.94
N LYS O 109 -36.59 -36.82 -36.36
CA LYS O 109 -37.56 -37.20 -37.39
C LYS O 109 -38.98 -37.00 -36.90
N LYS O 110 -39.25 -37.29 -35.63
CA LYS O 110 -40.60 -37.12 -35.10
C LYS O 110 -40.95 -35.66 -34.96
N LEU O 111 -40.04 -34.85 -34.42
CA LEU O 111 -40.32 -33.42 -34.26
C LEU O 111 -40.45 -32.74 -35.61
N ALA O 112 -39.62 -33.11 -36.59
CA ALA O 112 -39.74 -32.54 -37.92
C ALA O 112 -41.07 -32.91 -38.56
N PHE O 113 -41.50 -34.15 -38.38
CA PHE O 113 -42.76 -34.59 -38.96
C PHE O 113 -43.95 -33.89 -38.30
N VAL O 114 -43.90 -33.72 -36.97
CA VAL O 114 -44.98 -33.04 -36.28
C VAL O 114 -45.12 -31.60 -36.75
N GLU O 115 -43.99 -30.93 -36.98
CA GLU O 115 -44.03 -29.53 -37.39
C GLU O 115 -44.60 -29.39 -38.80
N ASP O 116 -44.10 -30.21 -39.74
CA ASP O 116 -44.58 -30.09 -41.13
C ASP O 116 -46.03 -30.51 -41.25
N ARG O 117 -46.44 -31.56 -40.52
CA ARG O 117 -47.85 -31.93 -40.52
C ARG O 117 -48.72 -30.85 -39.88
N THR O 118 -48.19 -30.16 -38.86
CA THR O 118 -48.92 -29.05 -38.27
C THR O 118 -49.09 -27.91 -39.25
N ILE O 119 -48.05 -27.64 -40.05
CA ILE O 119 -48.10 -26.53 -41.00
C ILE O 119 -49.08 -26.83 -42.13
N PHE O 120 -49.03 -28.04 -42.67
CA PHE O 120 -49.76 -28.38 -43.88
C PHE O 120 -51.10 -29.07 -43.61
N GLU O 121 -51.17 -29.95 -42.62
CA GLU O 121 -52.40 -30.68 -42.34
C GLU O 121 -53.19 -30.12 -41.16
N GLY O 122 -52.52 -29.48 -40.21
CA GLY O 122 -53.18 -28.81 -39.11
C GLY O 122 -52.91 -29.46 -37.77
N TYR O 123 -53.35 -28.75 -36.73
CA TYR O 123 -53.22 -29.20 -35.34
C TYR O 123 -54.38 -28.55 -34.58
N SER O 124 -55.53 -29.22 -34.60
CA SER O 124 -56.75 -28.64 -34.06
C SER O 124 -56.64 -28.40 -32.56
N ALA O 125 -55.87 -29.24 -31.85
CA ALA O 125 -55.72 -29.07 -30.42
C ALA O 125 -55.00 -27.77 -30.07
N ALA O 126 -54.18 -27.25 -30.97
CA ALA O 126 -53.46 -26.01 -30.76
C ALA O 126 -54.04 -24.86 -31.58
N SER O 127 -55.27 -25.02 -32.10
CA SER O 127 -55.94 -24.00 -32.89
C SER O 127 -55.13 -23.59 -34.12
N ILE O 128 -54.41 -24.55 -34.71
CA ILE O 128 -53.57 -24.30 -35.87
C ILE O 128 -54.21 -24.98 -37.08
N GLU O 129 -54.78 -24.18 -37.97
CA GLU O 129 -55.37 -24.73 -39.18
C GLU O 129 -54.27 -25.00 -40.21
N GLY O 130 -54.37 -26.15 -40.87
CA GLY O 130 -53.38 -26.51 -41.86
C GLY O 130 -53.52 -25.71 -43.14
N ILE O 131 -52.45 -25.74 -43.95
CA ILE O 131 -52.49 -25.07 -45.24
C ILE O 131 -53.52 -25.74 -46.14
N ARG O 132 -53.60 -27.08 -46.06
CA ARG O 132 -54.55 -27.81 -46.91
C ARG O 132 -55.99 -27.42 -46.57
N SER O 133 -56.30 -27.26 -45.28
CA SER O 133 -57.66 -26.93 -44.88
C SER O 133 -58.02 -25.50 -45.22
N ALA O 134 -57.07 -24.58 -45.17
CA ALA O 134 -57.34 -23.17 -45.42
C ALA O 134 -57.23 -22.79 -46.89
N SER O 135 -56.75 -23.69 -47.75
CA SER O 135 -56.55 -23.39 -49.16
C SER O 135 -57.89 -23.18 -49.86
N SER O 136 -58.19 -21.94 -50.22
CA SER O 136 -59.42 -21.64 -50.94
C SER O 136 -59.38 -22.08 -52.40
N ASN O 137 -58.21 -22.41 -52.93
CA ASN O 137 -58.10 -22.85 -54.32
C ASN O 137 -58.60 -24.29 -54.47
N PRO O 138 -59.14 -24.63 -55.63
CA PRO O 138 -59.67 -25.99 -55.83
C PRO O 138 -58.58 -27.05 -55.71
N ALA O 139 -58.80 -28.00 -54.79
CA ALA O 139 -57.86 -29.10 -54.61
C ALA O 139 -57.91 -30.03 -55.81
N LEU O 140 -56.78 -30.70 -56.07
CA LEU O 140 -56.64 -31.57 -57.22
C LEU O 140 -56.24 -32.99 -56.77
N THR O 141 -56.45 -33.94 -57.68
CA THR O 141 -56.10 -35.34 -57.43
C THR O 141 -54.89 -35.74 -58.26
N LEU O 142 -53.92 -36.36 -57.61
CA LEU O 142 -52.75 -36.85 -58.33
C LEU O 142 -53.15 -37.99 -59.26
N PRO O 143 -52.65 -38.00 -60.49
CA PRO O 143 -53.07 -39.03 -61.44
C PRO O 143 -52.48 -40.39 -61.09
N GLU O 144 -53.15 -41.44 -61.60
CA GLU O 144 -52.65 -42.79 -61.41
C GLU O 144 -51.44 -43.05 -62.29
N ASP O 145 -51.42 -42.50 -63.49
CA ASP O 145 -50.26 -42.58 -64.37
C ASP O 145 -49.30 -41.47 -63.96
N PRO O 146 -48.13 -41.81 -63.42
CA PRO O 146 -47.20 -40.77 -62.98
C PRO O 146 -46.70 -39.89 -64.12
N ARG O 147 -46.83 -40.34 -65.36
CA ARG O 147 -46.40 -39.53 -66.50
C ARG O 147 -47.32 -38.34 -66.74
N GLU O 148 -48.46 -38.28 -66.04
CA GLU O 148 -49.39 -37.16 -66.13
C GLU O 148 -49.26 -36.20 -64.95
N ILE O 149 -48.24 -36.37 -64.11
CA ILE O 149 -48.04 -35.43 -63.00
C ILE O 149 -47.82 -34.01 -63.49
N PRO O 150 -47.03 -33.75 -64.55
CA PRO O 150 -46.95 -32.36 -65.06
C PRO O 150 -48.29 -31.76 -65.42
N ASP O 151 -49.28 -32.57 -65.79
CA ASP O 151 -50.59 -32.03 -66.12
C ASP O 151 -51.27 -31.42 -64.90
N VAL O 152 -51.24 -32.14 -63.78
CA VAL O 152 -51.93 -31.65 -62.58
C VAL O 152 -51.15 -30.50 -61.95
N ILE O 153 -49.82 -30.50 -62.07
CA ILE O 153 -49.03 -29.40 -61.54
C ILE O 153 -49.27 -28.12 -62.34
N SER O 154 -49.38 -28.24 -63.67
CA SER O 154 -49.64 -27.06 -64.49
C SER O 154 -50.98 -26.43 -64.14
N GLN O 155 -51.98 -27.25 -63.83
CA GLN O 155 -53.27 -26.70 -63.42
C GLN O 155 -53.20 -26.07 -62.04
N ALA O 156 -52.33 -26.59 -61.17
CA ALA O 156 -52.15 -25.97 -59.85
C ALA O 156 -51.50 -24.59 -59.98
N LEU O 157 -50.46 -24.47 -60.83
CA LEU O 157 -49.86 -23.17 -61.07
C LEU O 157 -50.87 -22.20 -61.67
N SER O 158 -51.70 -22.67 -62.60
CA SER O 158 -52.69 -21.80 -63.21
C SER O 158 -53.72 -21.31 -62.19
N GLU O 159 -54.05 -22.15 -61.21
CA GLU O 159 -54.94 -21.71 -60.13
C GLU O 159 -54.30 -20.57 -59.34
N LEU O 160 -53.01 -20.69 -59.05
CA LEU O 160 -52.31 -19.61 -58.34
C LEU O 160 -52.23 -18.36 -59.19
N ARG O 161 -51.91 -18.50 -60.48
CA ARG O 161 -51.81 -17.34 -61.35
C ARG O 161 -53.17 -16.67 -61.54
N LEU O 162 -54.23 -17.46 -61.63
CA LEU O 162 -55.57 -16.91 -61.80
C LEU O 162 -56.13 -16.30 -60.53
N ALA O 163 -55.47 -16.53 -59.39
CA ALA O 163 -55.91 -15.96 -58.11
C ALA O 163 -55.14 -14.69 -57.74
N GLY O 164 -54.40 -14.12 -58.67
CA GLY O 164 -53.62 -12.93 -58.39
C GLY O 164 -52.39 -13.15 -57.56
N VAL O 165 -52.01 -14.41 -57.34
CA VAL O 165 -50.84 -14.75 -56.53
C VAL O 165 -49.61 -14.76 -57.42
N ASP O 166 -48.54 -14.11 -56.96
CA ASP O 166 -47.31 -13.95 -57.70
C ASP O 166 -46.20 -14.72 -56.97
N GLY O 167 -44.95 -14.30 -57.16
CA GLY O 167 -43.83 -14.85 -56.43
C GLY O 167 -43.36 -16.16 -57.01
N PRO O 168 -42.12 -16.55 -56.68
CA PRO O 168 -41.62 -17.87 -57.12
C PRO O 168 -42.50 -18.99 -56.57
N TYR O 169 -43.03 -19.81 -57.48
CA TYR O 169 -43.87 -20.93 -57.11
C TYR O 169 -43.00 -22.14 -56.82
N SER O 170 -43.33 -22.87 -55.75
CA SER O 170 -42.61 -24.06 -55.36
C SER O 170 -43.60 -25.22 -55.20
N VAL O 171 -43.09 -26.44 -55.34
CA VAL O 171 -43.89 -27.65 -55.30
C VAL O 171 -43.30 -28.56 -54.24
N LEU O 172 -44.11 -28.92 -53.24
CA LEU O 172 -43.71 -29.84 -52.19
C LEU O 172 -44.34 -31.20 -52.46
N LEU O 173 -43.51 -32.24 -52.55
CA LEU O 173 -43.95 -33.59 -52.86
C LEU O 173 -43.75 -34.50 -51.65
N SER O 174 -44.70 -35.41 -51.43
CA SER O 174 -44.56 -36.41 -50.39
C SER O 174 -43.45 -37.39 -50.75
N ALA O 175 -43.11 -38.26 -49.80
CA ALA O 175 -42.02 -39.20 -50.01
C ALA O 175 -42.29 -40.12 -51.19
N ASP O 176 -43.52 -40.61 -51.32
CA ASP O 176 -43.85 -41.50 -52.43
C ASP O 176 -43.91 -40.77 -53.76
N VAL O 177 -44.52 -39.57 -53.76
CA VAL O 177 -44.65 -38.81 -55.01
C VAL O 177 -43.29 -38.31 -55.47
N TYR O 178 -42.42 -37.90 -54.52
CA TYR O 178 -41.09 -37.43 -54.89
C TYR O 178 -40.29 -38.54 -55.54
N THR O 179 -40.32 -39.74 -54.97
CA THR O 179 -39.61 -40.87 -55.58
C THR O 179 -40.20 -41.20 -56.94
N LYS O 180 -41.52 -41.10 -57.07
CA LYS O 180 -42.16 -41.38 -58.35
C LYS O 180 -41.72 -40.39 -59.42
N VAL O 181 -41.69 -39.10 -59.07
CA VAL O 181 -41.26 -38.08 -60.03
C VAL O 181 -39.80 -38.28 -60.42
N SER O 182 -38.97 -38.75 -59.49
CA SER O 182 -37.55 -38.93 -59.79
C SER O 182 -37.32 -40.12 -60.71
N GLU O 183 -38.16 -41.15 -60.64
CA GLU O 183 -37.96 -42.37 -61.41
C GLU O 183 -38.78 -42.42 -62.69
N THR O 184 -39.92 -41.72 -62.75
CA THR O 184 -40.81 -41.82 -63.89
C THR O 184 -40.22 -41.12 -65.10
N SER O 185 -40.33 -41.77 -66.27
CA SER O 185 -39.85 -41.21 -67.52
C SER O 185 -40.92 -41.43 -68.59
N ASP O 186 -41.39 -40.35 -69.19
CA ASP O 186 -42.37 -40.41 -70.27
C ASP O 186 -41.63 -40.59 -71.59
N HIS O 187 -41.71 -41.79 -72.16
CA HIS O 187 -40.96 -42.14 -73.37
C HIS O 187 -39.48 -41.84 -73.17
N GLY O 188 -38.96 -42.20 -72.00
CA GLY O 188 -37.57 -41.97 -71.66
C GLY O 188 -37.26 -40.60 -71.11
N TYR O 189 -38.09 -39.60 -71.41
CA TYR O 189 -37.85 -38.25 -70.91
C TYR O 189 -38.24 -38.16 -69.43
N PRO O 190 -37.30 -37.86 -68.53
CA PRO O 190 -37.64 -37.80 -67.10
C PRO O 190 -38.62 -36.67 -66.82
N ILE O 191 -39.68 -37.00 -66.06
CA ILE O 191 -40.69 -36.00 -65.76
C ILE O 191 -40.16 -34.94 -64.80
N ARG O 192 -39.04 -35.24 -64.12
CA ARG O 192 -38.42 -34.23 -63.26
C ARG O 192 -37.83 -33.10 -64.08
N GLU O 193 -37.29 -33.42 -65.27
CA GLU O 193 -36.82 -32.37 -66.17
C GLU O 193 -37.99 -31.52 -66.67
N HIS O 194 -39.13 -32.15 -66.92
CA HIS O 194 -40.33 -31.40 -67.31
C HIS O 194 -40.78 -30.46 -66.19
N LEU O 195 -40.78 -30.96 -64.95
CA LEU O 195 -41.23 -30.15 -63.82
C LEU O 195 -40.27 -29.01 -63.52
N ASN O 196 -38.97 -29.26 -63.62
CA ASN O 196 -37.99 -28.21 -63.33
C ASN O 196 -38.14 -27.03 -64.28
N ARG O 197 -38.58 -27.27 -65.51
CA ARG O 197 -38.87 -26.19 -66.44
C ARG O 197 -40.22 -25.55 -66.20
N LEU O 198 -41.07 -26.15 -65.37
CA LEU O 198 -42.36 -25.58 -65.04
C LEU O 198 -42.36 -24.80 -63.73
N VAL O 199 -41.45 -25.14 -62.83
CA VAL O 199 -41.33 -24.52 -61.51
C VAL O 199 -40.13 -23.59 -61.53
N ASP O 200 -40.38 -22.29 -61.32
CA ASP O 200 -39.29 -21.34 -61.16
C ASP O 200 -38.67 -21.41 -59.77
N GLY O 201 -39.38 -21.98 -58.80
CA GLY O 201 -38.85 -22.16 -57.47
C GLY O 201 -38.15 -23.49 -57.31
N ASP O 202 -38.50 -24.24 -56.27
CA ASP O 202 -37.86 -25.52 -55.99
C ASP O 202 -38.91 -26.61 -55.84
N ILE O 203 -38.47 -27.84 -56.06
CA ILE O 203 -39.26 -29.03 -55.79
C ILE O 203 -38.71 -29.65 -54.50
N ILE O 204 -39.47 -29.52 -53.42
CA ILE O 204 -38.96 -29.81 -52.08
C ILE O 204 -39.37 -31.21 -51.66
N TRP O 205 -38.43 -31.94 -51.08
CA TRP O 205 -38.68 -33.25 -50.50
C TRP O 205 -39.37 -33.08 -49.16
N ALA O 206 -40.66 -33.45 -49.09
CA ALA O 206 -41.50 -33.26 -47.91
C ALA O 206 -42.01 -34.63 -47.45
N PRO O 207 -41.19 -35.36 -46.69
CA PRO O 207 -41.59 -36.73 -46.30
C PRO O 207 -42.69 -36.77 -45.25
N ALA O 208 -42.88 -35.70 -44.48
CA ALA O 208 -43.87 -35.73 -43.42
C ALA O 208 -45.30 -35.63 -43.93
N ILE O 209 -45.50 -34.93 -45.04
CA ILE O 209 -46.84 -34.74 -45.59
C ILE O 209 -47.18 -35.90 -46.51
N ASP O 210 -48.44 -35.98 -46.92
CA ASP O 210 -48.89 -36.93 -47.92
C ASP O 210 -49.61 -36.18 -49.03
N GLY O 211 -49.35 -36.60 -50.28
CA GLY O 211 -49.89 -35.90 -51.43
C GLY O 211 -48.89 -34.87 -51.95
N ALA O 212 -49.38 -33.66 -52.21
CA ALA O 212 -48.51 -32.62 -52.73
C ALA O 212 -49.14 -31.26 -52.46
N PHE O 213 -48.31 -30.22 -52.52
CA PHE O 213 -48.75 -28.85 -52.35
C PHE O 213 -48.05 -27.98 -53.39
N VAL O 214 -48.79 -27.03 -53.96
CA VAL O 214 -48.24 -26.03 -54.87
C VAL O 214 -48.56 -24.67 -54.28
N LEU O 215 -47.54 -23.95 -53.84
CA LEU O 215 -47.73 -22.67 -53.17
C LEU O 215 -46.70 -21.68 -53.70
N THR O 216 -46.82 -20.43 -53.23
CA THR O 216 -45.92 -19.36 -53.58
C THR O 216 -44.93 -19.09 -52.46
N THR O 217 -43.73 -18.66 -52.82
CA THR O 217 -42.70 -18.28 -51.87
C THR O 217 -42.41 -16.78 -51.92
N ARG O 218 -43.43 -15.98 -52.27
CA ARG O 218 -43.25 -14.53 -52.31
C ARG O 218 -43.08 -13.95 -50.91
N GLY O 219 -43.61 -14.61 -49.90
CA GLY O 219 -43.50 -14.14 -48.53
C GLY O 219 -44.77 -13.46 -48.07
N GLY O 220 -45.03 -13.56 -46.76
CA GLY O 220 -46.20 -12.94 -46.19
C GLY O 220 -47.48 -13.75 -46.22
N ASP O 221 -47.41 -15.00 -46.66
CA ASP O 221 -48.59 -15.86 -46.76
C ASP O 221 -48.61 -16.95 -45.70
N PHE O 222 -47.45 -17.55 -45.39
CA PHE O 222 -47.35 -18.62 -44.41
C PHE O 222 -46.33 -18.20 -43.36
N ASP O 223 -46.77 -18.13 -42.11
CA ASP O 223 -45.98 -17.56 -41.02
C ASP O 223 -45.78 -18.61 -39.94
N LEU O 224 -44.54 -19.07 -39.78
CA LEU O 224 -44.15 -19.97 -38.69
C LEU O 224 -43.55 -19.12 -37.58
N GLN O 225 -44.36 -18.77 -36.59
CA GLN O 225 -43.94 -17.91 -35.50
C GLN O 225 -43.18 -18.74 -34.47
N LEU O 226 -41.87 -18.50 -34.37
CA LEU O 226 -41.04 -19.20 -33.40
C LEU O 226 -40.92 -18.39 -32.12
N GLY O 227 -41.22 -19.03 -30.99
CA GLY O 227 -40.93 -18.45 -29.69
C GLY O 227 -39.61 -19.00 -29.20
N THR O 228 -39.44 -20.32 -29.32
CA THR O 228 -38.19 -21.00 -29.01
C THR O 228 -37.92 -22.01 -30.12
N ASP O 229 -36.80 -21.84 -30.81
CA ASP O 229 -36.43 -22.77 -31.87
C ASP O 229 -36.03 -24.11 -31.27
N VAL O 230 -35.77 -25.08 -32.16
CA VAL O 230 -35.47 -26.44 -31.71
C VAL O 230 -34.19 -26.43 -30.89
N ALA O 231 -34.25 -27.05 -29.71
CA ALA O 231 -33.12 -27.12 -28.80
C ALA O 231 -33.13 -28.46 -28.07
N ILE O 232 -31.98 -28.81 -27.49
CA ILE O 232 -31.82 -30.05 -26.74
C ILE O 232 -31.75 -29.69 -25.26
N GLY O 233 -32.64 -30.30 -24.47
CA GLY O 233 -32.68 -30.08 -23.04
C GLY O 233 -32.46 -31.37 -22.26
N TYR O 234 -32.25 -31.21 -20.96
CA TYR O 234 -31.99 -32.33 -20.06
C TYR O 234 -33.14 -32.52 -19.09
N ALA O 235 -33.54 -33.78 -18.91
CA ALA O 235 -34.63 -34.13 -18.00
C ALA O 235 -34.11 -34.87 -16.78
N SER O 236 -33.60 -36.09 -16.94
CA SER O 236 -33.09 -36.87 -15.83
C SER O 236 -32.04 -37.84 -16.34
N HIS O 237 -31.38 -38.52 -15.40
CA HIS O 237 -30.36 -39.50 -15.75
C HIS O 237 -30.10 -40.41 -14.57
N ASP O 238 -29.62 -41.63 -14.89
CA ASP O 238 -29.15 -42.55 -13.87
C ASP O 238 -27.72 -42.96 -14.15
N THR O 239 -27.29 -44.11 -13.62
CA THR O 239 -25.92 -44.58 -13.85
C THR O 239 -25.74 -45.23 -15.21
N ASP O 240 -26.80 -45.43 -15.98
CA ASP O 240 -26.72 -46.12 -17.25
C ASP O 240 -27.25 -45.33 -18.44
N THR O 241 -28.22 -44.45 -18.22
CA THR O 241 -28.85 -43.72 -19.31
C THR O 241 -29.02 -42.25 -18.94
N VAL O 242 -29.19 -41.42 -19.96
CA VAL O 242 -29.49 -40.01 -19.80
C VAL O 242 -30.75 -39.72 -20.62
N ARG O 243 -31.72 -39.04 -20.00
CA ARG O 243 -32.96 -38.69 -20.67
C ARG O 243 -32.90 -37.23 -21.09
N LEU O 244 -32.76 -37.02 -22.40
CA LEU O 244 -32.78 -35.69 -23.01
C LEU O 244 -34.07 -35.52 -23.79
N TYR O 245 -34.21 -34.38 -24.46
CA TYR O 245 -35.43 -34.11 -25.20
C TYR O 245 -35.17 -33.02 -26.24
N LEU O 246 -35.94 -33.07 -27.31
CA LEU O 246 -35.98 -31.99 -28.30
C LEU O 246 -37.20 -31.13 -28.01
N GLN O 247 -36.98 -29.83 -27.84
CA GLN O 247 -38.05 -28.92 -27.45
C GLN O 247 -38.15 -27.79 -28.47
N GLU O 248 -39.38 -27.31 -28.65
CA GLU O 248 -39.68 -26.26 -29.61
C GLU O 248 -41.00 -25.62 -29.22
N THR O 249 -41.06 -24.30 -29.28
CA THR O 249 -42.27 -23.54 -28.96
C THR O 249 -42.60 -22.65 -30.15
N LEU O 250 -43.75 -22.90 -30.78
CA LEU O 250 -44.09 -22.21 -32.02
C LEU O 250 -45.59 -22.23 -32.22
N THR O 251 -46.03 -21.55 -33.28
CA THR O 251 -47.38 -21.63 -33.81
C THR O 251 -47.31 -21.30 -35.29
N PHE O 252 -48.37 -21.66 -36.01
CA PHE O 252 -48.45 -21.40 -37.45
C PHE O 252 -49.70 -20.58 -37.77
N LEU O 253 -49.57 -19.69 -38.74
CA LEU O 253 -50.68 -18.87 -39.20
C LEU O 253 -50.67 -18.79 -40.72
N CYS O 254 -51.85 -18.93 -41.32
CA CYS O 254 -52.02 -18.86 -42.77
C CYS O 254 -52.84 -17.62 -43.10
N TYR O 255 -52.19 -16.65 -43.74
CA TYR O 255 -52.81 -15.35 -43.99
C TYR O 255 -53.48 -15.25 -45.36
N THR O 256 -53.05 -16.04 -46.34
CA THR O 256 -53.58 -15.97 -47.69
C THR O 256 -54.08 -17.35 -48.09
N ALA O 257 -55.40 -17.46 -48.29
CA ALA O 257 -56.00 -18.75 -48.61
C ALA O 257 -55.68 -19.17 -50.03
N GLU O 258 -55.69 -18.24 -50.98
CA GLU O 258 -55.50 -18.56 -52.38
C GLU O 258 -54.03 -18.76 -52.76
N ALA O 259 -53.11 -18.71 -51.78
CA ALA O 259 -51.69 -18.83 -52.06
C ALA O 259 -51.20 -20.27 -52.15
N SER O 260 -52.08 -21.25 -52.07
CA SER O 260 -51.67 -22.66 -52.07
C SER O 260 -52.70 -23.51 -52.79
N VAL O 261 -52.25 -24.64 -53.32
CA VAL O 261 -53.09 -25.63 -53.98
C VAL O 261 -52.71 -27.01 -53.45
N ALA O 262 -53.67 -27.70 -52.85
CA ALA O 262 -53.44 -29.01 -52.27
C ALA O 262 -53.74 -30.12 -53.27
N LEU O 263 -52.99 -31.22 -53.16
CA LEU O 263 -53.13 -32.38 -54.03
C LEU O 263 -53.13 -33.65 -53.19
N SER O 264 -53.93 -34.63 -53.61
CA SER O 264 -54.05 -35.90 -52.89
C SER O 264 -54.16 -37.04 -53.89
N HIS O 265 -54.20 -38.27 -53.37
CA HIS O 265 -54.28 -39.48 -54.19
C HIS O 265 -55.70 -39.98 -54.42
N LYS O 266 -56.57 -39.87 -53.42
CA LYS O 266 -57.94 -40.38 -53.48
C LYS O 266 -57.98 -41.87 -53.83
N MET P 1 18.38 -45.28 -45.18
CA MET P 1 17.22 -45.72 -45.94
C MET P 1 16.06 -46.05 -45.02
N ASN P 2 14.95 -46.51 -45.60
CA ASN P 2 13.79 -46.96 -44.86
C ASN P 2 13.52 -48.44 -45.16
N ASN P 3 12.38 -48.94 -44.69
CA ASN P 3 12.02 -50.33 -44.91
C ASN P 3 11.82 -50.67 -46.38
N LEU P 4 11.69 -49.66 -47.25
CA LEU P 4 11.54 -49.92 -48.67
C LEU P 4 12.85 -50.31 -49.32
N TYR P 5 13.98 -49.82 -48.80
CA TYR P 5 15.31 -50.14 -49.34
C TYR P 5 15.40 -49.84 -50.83
N ARG P 6 14.81 -48.71 -51.23
CA ARG P 6 14.78 -48.33 -52.63
C ARG P 6 16.18 -48.04 -53.16
N ASP P 7 17.07 -47.55 -52.31
CA ASP P 7 18.43 -47.21 -52.74
C ASP P 7 19.23 -48.43 -53.14
N LEU P 8 18.83 -49.62 -52.71
CA LEU P 8 19.55 -50.85 -53.02
C LEU P 8 19.11 -51.47 -54.34
N ALA P 9 18.06 -50.96 -54.96
CA ALA P 9 17.54 -51.52 -56.20
C ALA P 9 18.33 -51.00 -57.39
N PRO P 10 18.75 -51.86 -58.32
CA PRO P 10 19.42 -51.38 -59.54
C PRO P 10 18.42 -50.79 -60.53
N VAL P 11 17.89 -49.62 -60.17
CA VAL P 11 16.88 -48.92 -60.96
C VAL P 11 17.34 -47.49 -61.18
N THR P 12 17.38 -47.07 -62.44
CA THR P 12 17.81 -45.73 -62.79
C THR P 12 16.82 -44.69 -62.27
N GLU P 13 17.32 -43.47 -62.05
CA GLU P 13 16.45 -42.36 -61.68
C GLU P 13 15.37 -42.16 -62.73
N ALA P 14 15.72 -42.27 -64.01
CA ALA P 14 14.73 -42.15 -65.07
C ALA P 14 13.72 -43.28 -65.01
N ALA P 15 14.19 -44.51 -64.76
CA ALA P 15 13.28 -45.64 -64.65
C ALA P 15 12.35 -45.50 -63.45
N TRP P 16 12.87 -45.01 -62.32
CA TRP P 16 12.03 -44.80 -61.14
C TRP P 16 10.88 -43.86 -61.46
N ALA P 17 11.12 -42.83 -62.27
CA ALA P 17 10.07 -41.87 -62.59
C ALA P 17 8.94 -42.54 -63.37
N GLU P 18 9.29 -43.34 -64.38
CA GLU P 18 8.26 -44.00 -65.18
C GLU P 18 7.54 -45.07 -64.36
N ILE P 19 8.27 -45.80 -63.52
CA ILE P 19 7.64 -46.82 -62.68
C ILE P 19 6.65 -46.18 -61.71
N GLU P 20 7.05 -45.08 -61.08
CA GLU P 20 6.18 -44.41 -60.13
C GLU P 20 5.00 -43.75 -60.84
N LEU P 21 5.25 -43.14 -62.00
CA LEU P 21 4.16 -42.52 -62.76
C LEU P 21 3.14 -43.56 -63.18
N GLU P 22 3.61 -44.70 -63.69
CA GLU P 22 2.70 -45.74 -64.16
C GLU P 22 1.87 -46.32 -63.01
N ALA P 23 2.53 -46.63 -61.89
CA ALA P 23 1.82 -47.15 -60.74
C ALA P 23 0.82 -46.14 -60.20
N ALA P 24 1.17 -44.85 -60.24
CA ALA P 24 0.33 -43.81 -59.67
C ALA P 24 -0.99 -43.68 -60.44
N ARG P 25 -0.90 -43.50 -61.76
CA ARG P 25 -2.11 -43.25 -62.55
C ARG P 25 -2.94 -44.50 -62.74
N THR P 26 -2.31 -45.68 -62.76
CA THR P 26 -3.07 -46.92 -62.87
C THR P 26 -3.87 -47.19 -61.61
N PHE P 27 -3.26 -46.99 -60.44
CA PHE P 27 -3.99 -47.15 -59.19
C PHE P 27 -5.16 -46.18 -59.09
N LYS P 28 -4.97 -44.94 -59.56
CA LYS P 28 -6.02 -43.95 -59.43
C LYS P 28 -7.24 -44.27 -60.30
N ARG P 29 -7.03 -44.93 -61.44
CA ARG P 29 -8.17 -45.26 -62.30
C ARG P 29 -8.99 -46.42 -61.73
N HIS P 30 -8.33 -47.43 -61.15
CA HIS P 30 -9.07 -48.59 -60.66
C HIS P 30 -9.68 -48.35 -59.29
N ILE P 31 -9.20 -47.35 -58.56
CA ILE P 31 -9.69 -47.06 -57.22
C ILE P 31 -10.94 -46.22 -57.31
N ALA P 32 -11.85 -46.41 -56.35
CA ALA P 32 -13.11 -45.66 -56.31
C ALA P 32 -13.53 -45.24 -54.92
N GLY P 33 -13.07 -45.91 -53.87
CA GLY P 33 -13.48 -45.54 -52.53
C GLY P 33 -12.87 -44.22 -52.09
N ARG P 34 -11.63 -43.96 -52.50
CA ARG P 34 -10.97 -42.70 -52.16
C ARG P 34 -11.67 -41.48 -52.76
N ARG P 35 -12.70 -41.67 -53.58
CA ARG P 35 -13.50 -40.56 -54.09
C ARG P 35 -14.81 -40.40 -53.36
N VAL P 36 -15.15 -41.31 -52.45
CA VAL P 36 -16.38 -41.19 -51.66
C VAL P 36 -16.14 -41.32 -50.17
N VAL P 37 -15.06 -41.96 -49.71
CA VAL P 37 -14.80 -42.15 -48.31
C VAL P 37 -13.82 -41.08 -47.83
N ASP P 38 -13.69 -40.96 -46.51
CA ASP P 38 -12.76 -40.01 -45.90
C ASP P 38 -11.39 -40.69 -45.78
N VAL P 39 -10.45 -40.26 -46.61
CA VAL P 39 -9.10 -40.81 -46.59
C VAL P 39 -8.24 -39.93 -45.69
N SER P 40 -7.65 -40.54 -44.66
CA SER P 40 -6.89 -39.78 -43.69
C SER P 40 -5.47 -39.52 -44.19
N ASP P 41 -4.78 -38.63 -43.48
CA ASP P 41 -3.37 -38.40 -43.76
C ASP P 41 -2.53 -39.54 -43.19
N PRO P 42 -1.45 -39.91 -43.88
CA PRO P 42 -0.61 -41.02 -43.40
C PRO P 42 -0.07 -40.77 -42.00
N GLY P 43 -0.42 -41.66 -41.08
CA GLY P 43 0.01 -41.53 -39.69
C GLY P 43 1.44 -41.93 -39.43
N GLY P 44 2.12 -42.54 -40.40
CA GLY P 44 3.49 -42.93 -40.23
C GLY P 44 3.63 -44.44 -40.12
N PRO P 45 4.86 -44.95 -40.29
CA PRO P 45 5.07 -46.39 -40.19
C PRO P 45 4.85 -46.94 -38.79
N VAL P 46 4.83 -46.09 -37.77
CA VAL P 46 4.58 -46.57 -36.41
C VAL P 46 3.10 -46.86 -36.17
N THR P 47 2.21 -46.27 -36.97
CA THR P 47 0.78 -46.49 -36.77
C THR P 47 0.43 -47.96 -36.93
N ALA P 48 -0.23 -48.51 -35.92
CA ALA P 48 -0.59 -49.92 -35.91
C ALA P 48 -2.04 -50.21 -35.57
N ALA P 49 -2.78 -49.24 -35.04
CA ALA P 49 -4.18 -49.47 -34.67
C ALA P 49 -4.91 -48.15 -34.69
N VAL P 50 -6.23 -48.24 -34.80
CA VAL P 50 -7.12 -47.09 -34.79
C VAL P 50 -8.08 -47.26 -33.63
N SER P 51 -8.10 -46.28 -32.72
CA SER P 51 -8.93 -46.36 -31.53
C SER P 51 -10.41 -46.26 -31.89
N THR P 52 -11.18 -47.26 -31.49
CA THR P 52 -12.64 -47.22 -31.63
C THR P 52 -13.32 -46.62 -30.40
N GLY P 53 -12.56 -46.23 -29.39
CA GLY P 53 -13.08 -45.55 -28.22
C GLY P 53 -13.93 -46.39 -27.28
N ARG P 54 -14.19 -47.65 -27.61
CA ARG P 54 -15.09 -48.47 -26.84
C ARG P 54 -14.30 -49.31 -25.83
N LEU P 55 -15.01 -49.76 -24.79
CA LEU P 55 -14.42 -50.53 -23.71
C LEU P 55 -14.81 -52.00 -23.83
N ILE P 56 -13.94 -52.87 -23.31
CA ILE P 56 -14.15 -54.32 -23.34
C ILE P 56 -13.99 -54.84 -21.92
N ASP P 57 -15.04 -55.49 -21.41
CA ASP P 57 -14.96 -56.08 -20.08
C ASP P 57 -13.87 -57.14 -20.03
N VAL P 58 -13.08 -57.11 -18.96
CA VAL P 58 -11.97 -58.04 -18.80
C VAL P 58 -11.83 -58.34 -17.30
N LYS P 59 -11.22 -59.49 -16.99
CA LYS P 59 -11.10 -59.92 -15.60
C LYS P 59 -10.29 -58.91 -14.80
N ALA P 60 -10.82 -58.53 -13.64
CA ALA P 60 -10.16 -57.55 -12.79
C ALA P 60 -8.88 -58.12 -12.19
N PRO P 61 -7.88 -57.27 -11.93
CA PRO P 61 -6.66 -57.78 -11.30
C PRO P 61 -6.88 -58.22 -9.86
N THR P 62 -7.62 -57.44 -9.08
CA THR P 62 -7.95 -57.79 -7.71
C THR P 62 -9.35 -57.26 -7.40
N ASN P 63 -9.82 -57.54 -6.20
CA ASN P 63 -11.13 -57.06 -5.78
C ASN P 63 -11.10 -55.55 -5.58
N GLY P 64 -12.19 -54.89 -5.99
CA GLY P 64 -12.28 -53.44 -5.89
C GLY P 64 -11.80 -52.69 -7.10
N VAL P 65 -11.35 -53.38 -8.15
CA VAL P 65 -10.86 -52.75 -9.37
C VAL P 65 -11.78 -53.12 -10.51
N ILE P 66 -12.12 -52.13 -11.34
CA ILE P 66 -12.95 -52.32 -12.53
C ILE P 66 -12.04 -52.15 -13.73
N ALA P 67 -11.78 -53.25 -14.44
CA ALA P 67 -10.82 -53.25 -15.54
C ALA P 67 -11.53 -53.35 -16.87
N HIS P 68 -11.05 -52.59 -17.85
CA HIS P 68 -11.57 -52.58 -19.21
C HIS P 68 -10.40 -52.48 -20.18
N LEU P 69 -10.47 -53.24 -21.27
CA LEU P 69 -9.48 -53.13 -22.33
C LEU P 69 -9.94 -52.10 -23.36
N ARG P 70 -9.01 -51.30 -23.85
CA ARG P 70 -9.32 -50.30 -24.85
C ARG P 70 -9.37 -50.94 -26.23
N ALA P 71 -10.54 -50.92 -26.85
CA ALA P 71 -10.72 -51.54 -28.16
C ALA P 71 -10.11 -50.67 -29.24
N SER P 72 -9.52 -51.33 -30.24
CA SER P 72 -8.87 -50.61 -31.34
C SER P 72 -8.85 -51.52 -32.57
N LYS P 73 -9.14 -50.93 -33.72
CA LYS P 73 -9.12 -51.66 -34.98
C LYS P 73 -7.70 -51.76 -35.50
N PRO P 74 -7.19 -52.95 -35.77
CA PRO P 74 -5.81 -53.08 -36.22
C PRO P 74 -5.65 -52.74 -37.70
N LEU P 75 -4.45 -52.29 -38.03
CA LEU P 75 -4.08 -52.01 -39.42
C LEU P 75 -3.51 -53.25 -40.09
N VAL P 76 -3.77 -53.38 -41.38
CA VAL P 76 -3.27 -54.48 -42.19
C VAL P 76 -2.31 -53.91 -43.23
N ARG P 77 -1.19 -54.61 -43.45
CA ARG P 77 -0.19 -54.21 -44.43
C ARG P 77 -0.38 -55.04 -45.69
N LEU P 78 -0.68 -54.38 -46.80
CA LEU P 78 -0.86 -55.04 -48.09
C LEU P 78 0.39 -54.87 -48.93
N ARG P 79 0.88 -55.97 -49.50
CA ARG P 79 2.12 -56.00 -50.27
C ARG P 79 1.88 -56.80 -51.55
N VAL P 80 1.94 -56.11 -52.69
CA VAL P 80 1.70 -56.76 -53.98
C VAL P 80 3.03 -56.82 -54.74
N PRO P 81 3.72 -57.96 -54.73
CA PRO P 81 5.00 -58.05 -55.43
C PRO P 81 4.85 -58.13 -56.93
N PHE P 82 5.88 -57.66 -57.64
CA PHE P 82 5.95 -57.79 -59.08
C PHE P 82 7.41 -57.84 -59.49
N THR P 83 7.66 -58.36 -60.68
CA THR P 83 9.01 -58.56 -61.18
C THR P 83 9.17 -57.80 -62.49
N LEU P 84 10.28 -57.05 -62.60
CA LEU P 84 10.57 -56.25 -63.77
C LEU P 84 11.84 -56.77 -64.45
N SER P 85 11.88 -56.60 -65.77
CA SER P 85 13.07 -56.97 -66.53
C SER P 85 14.10 -55.87 -66.44
N ARG P 86 15.34 -56.23 -66.08
CA ARG P 86 16.40 -55.24 -65.99
C ARG P 86 16.75 -54.65 -67.35
N ASN P 87 16.48 -55.39 -68.44
CA ASN P 87 16.66 -54.83 -69.77
C ASN P 87 15.68 -53.69 -70.02
N GLU P 88 14.42 -53.86 -69.63
CA GLU P 88 13.44 -52.79 -69.77
C GLU P 88 13.78 -51.59 -68.90
N ILE P 89 14.38 -51.83 -67.73
CA ILE P 89 14.76 -50.74 -66.84
C ILE P 89 15.93 -49.96 -67.43
N ASP P 90 16.95 -50.66 -67.90
CA ASP P 90 18.12 -49.98 -68.48
C ASP P 90 17.80 -49.33 -69.82
N ASP P 91 16.73 -49.77 -70.49
CA ASP P 91 16.36 -49.15 -71.76
C ASP P 91 15.84 -47.73 -71.55
N VAL P 92 15.32 -47.42 -70.35
CA VAL P 92 14.72 -46.12 -70.11
C VAL P 92 15.77 -45.01 -70.27
N GLU P 93 16.94 -45.19 -69.67
CA GLU P 93 17.99 -44.18 -69.76
C GLU P 93 18.48 -44.02 -71.19
N ARG P 94 18.40 -45.08 -71.99
CA ARG P 94 18.83 -45.03 -73.38
C ARG P 94 17.80 -44.39 -74.30
N GLY P 95 16.66 -43.97 -73.77
CA GLY P 95 15.66 -43.29 -74.56
C GLY P 95 14.42 -44.09 -74.91
N SER P 96 14.15 -45.20 -74.22
CA SER P 96 13.01 -46.04 -74.52
C SER P 96 11.78 -45.52 -73.79
N LYS P 97 10.69 -45.35 -74.53
CA LYS P 97 9.41 -44.95 -73.98
C LYS P 97 8.40 -46.09 -73.96
N ASP P 98 8.79 -47.26 -74.47
CA ASP P 98 7.92 -48.43 -74.56
C ASP P 98 8.35 -49.55 -73.61
N SER P 99 8.95 -49.20 -72.47
CA SER P 99 9.38 -50.21 -71.51
C SER P 99 8.19 -50.94 -70.92
N ASP P 100 8.38 -52.22 -70.65
CA ASP P 100 7.31 -53.11 -70.21
C ASP P 100 7.03 -52.85 -68.73
N TRP P 101 6.02 -52.04 -68.45
CA TRP P 101 5.56 -51.80 -67.09
C TRP P 101 4.27 -52.56 -66.79
N GLU P 102 3.96 -53.59 -67.56
CA GLU P 102 2.75 -54.37 -67.30
C GLU P 102 2.74 -55.02 -65.91
N PRO P 103 3.84 -55.61 -65.41
CA PRO P 103 3.82 -56.06 -64.01
C PRO P 103 3.54 -54.93 -63.03
N VAL P 104 3.99 -53.71 -63.33
CA VAL P 104 3.67 -52.57 -62.48
C VAL P 104 2.18 -52.27 -62.51
N LYS P 105 1.60 -52.27 -63.70
CA LYS P 105 0.17 -51.97 -63.83
C LYS P 105 -0.68 -53.07 -63.23
N GLU P 106 -0.25 -54.33 -63.37
CA GLU P 106 -1.01 -55.44 -62.80
C GLU P 106 -0.99 -55.38 -61.28
N ALA P 107 0.15 -54.99 -60.69
CA ALA P 107 0.22 -54.85 -59.25
C ALA P 107 -0.66 -53.69 -58.76
N ALA P 108 -0.73 -52.61 -59.53
CA ALA P 108 -1.59 -51.50 -59.16
C ALA P 108 -3.07 -51.89 -59.20
N LYS P 109 -3.47 -52.62 -60.24
CA LYS P 109 -4.85 -53.09 -60.33
C LYS P 109 -5.19 -54.03 -59.18
N LYS P 110 -4.24 -54.89 -58.79
CA LYS P 110 -4.49 -55.84 -57.72
C LYS P 110 -4.63 -55.12 -56.39
N LEU P 111 -3.72 -54.20 -56.09
CA LEU P 111 -3.79 -53.46 -54.83
C LEU P 111 -5.03 -52.58 -54.77
N ALA P 112 -5.38 -51.95 -55.91
CA ALA P 112 -6.58 -51.12 -55.94
C ALA P 112 -7.84 -51.95 -55.73
N PHE P 113 -7.89 -53.14 -56.34
CA PHE P 113 -9.06 -54.00 -56.16
C PHE P 113 -9.15 -54.51 -54.73
N VAL P 114 -8.01 -54.86 -54.13
CA VAL P 114 -8.01 -55.33 -52.75
C VAL P 114 -8.53 -54.25 -51.82
N GLU P 115 -8.14 -52.99 -52.07
CA GLU P 115 -8.56 -51.91 -51.20
C GLU P 115 -10.05 -51.64 -51.33
N ASP P 116 -10.57 -51.55 -52.56
CA ASP P 116 -11.99 -51.26 -52.75
C ASP P 116 -12.85 -52.43 -52.28
N ARG P 117 -12.44 -53.66 -52.57
CA ARG P 117 -13.15 -54.83 -52.06
C ARG P 117 -13.16 -54.86 -50.54
N THR P 118 -12.09 -54.37 -49.91
CA THR P 118 -12.05 -54.33 -48.45
C THR P 118 -13.00 -53.28 -47.90
N ILE P 119 -13.11 -52.13 -48.58
CA ILE P 119 -13.97 -51.06 -48.10
C ILE P 119 -15.44 -51.44 -48.24
N PHE P 120 -15.83 -52.00 -49.39
CA PHE P 120 -17.23 -52.21 -49.71
C PHE P 120 -17.72 -53.62 -49.41
N GLU P 121 -16.89 -54.64 -49.63
CA GLU P 121 -17.33 -56.02 -49.39
C GLU P 121 -16.80 -56.59 -48.08
N GLY P 122 -15.66 -56.13 -47.61
CA GLY P 122 -15.15 -56.51 -46.31
C GLY P 122 -13.86 -57.31 -46.40
N TYR P 123 -13.27 -57.52 -45.22
CA TYR P 123 -12.04 -58.28 -45.06
C TYR P 123 -12.06 -58.85 -43.64
N SER P 124 -12.72 -60.01 -43.49
CA SER P 124 -12.96 -60.55 -42.16
C SER P 124 -11.67 -60.89 -41.43
N ALA P 125 -10.62 -61.27 -42.18
CA ALA P 125 -9.35 -61.61 -41.54
C ALA P 125 -8.71 -60.41 -40.87
N ALA P 126 -9.03 -59.19 -41.33
CA ALA P 126 -8.48 -57.96 -40.77
C ALA P 126 -9.50 -57.20 -39.94
N SER P 127 -10.58 -57.87 -39.51
CA SER P 127 -11.63 -57.26 -38.70
C SER P 127 -12.28 -56.06 -39.40
N ILE P 128 -12.41 -56.14 -40.73
CA ILE P 128 -13.00 -55.08 -41.54
C ILE P 128 -14.31 -55.63 -42.08
N GLU P 129 -15.42 -55.08 -41.61
CA GLU P 129 -16.74 -55.59 -42.00
C GLU P 129 -17.11 -55.19 -43.43
N GLY P 130 -17.01 -53.91 -43.74
CA GLY P 130 -17.35 -53.43 -45.07
C GLY P 130 -18.66 -52.64 -45.08
N ILE P 131 -18.82 -51.84 -46.11
CA ILE P 131 -20.03 -51.02 -46.25
C ILE P 131 -21.26 -51.89 -46.51
N ARG P 132 -21.13 -52.93 -47.34
CA ARG P 132 -22.29 -53.74 -47.68
C ARG P 132 -22.83 -54.49 -46.47
N SER P 133 -21.95 -55.04 -45.64
CA SER P 133 -22.41 -55.81 -44.48
C SER P 133 -22.97 -54.91 -43.39
N ALA P 134 -22.44 -53.70 -43.24
CA ALA P 134 -22.87 -52.79 -42.19
C ALA P 134 -24.08 -51.94 -42.57
N SER P 135 -24.49 -51.96 -43.84
CA SER P 135 -25.58 -51.10 -44.29
C SER P 135 -26.89 -51.53 -43.66
N SER P 136 -27.41 -50.72 -42.73
CA SER P 136 -28.69 -51.02 -42.10
C SER P 136 -29.88 -50.74 -43.01
N ASN P 137 -29.69 -50.02 -44.11
CA ASN P 137 -30.79 -49.73 -45.02
C ASN P 137 -31.13 -50.95 -45.87
N PRO P 138 -32.39 -51.09 -46.27
CA PRO P 138 -32.79 -52.27 -47.06
C PRO P 138 -32.06 -52.31 -48.39
N ALA P 139 -31.34 -53.42 -48.63
CA ALA P 139 -30.64 -53.60 -49.88
C ALA P 139 -31.62 -53.81 -51.02
N LEU P 140 -31.20 -53.43 -52.22
CA LEU P 140 -32.05 -53.51 -53.40
C LEU P 140 -31.38 -54.38 -54.46
N THR P 141 -32.19 -54.85 -55.41
CA THR P 141 -31.72 -55.69 -56.50
C THR P 141 -31.77 -54.89 -57.80
N LEU P 142 -30.67 -54.94 -58.55
CA LEU P 142 -30.63 -54.25 -59.84
C LEU P 142 -31.62 -54.90 -60.80
N PRO P 143 -32.39 -54.10 -61.54
CA PRO P 143 -33.42 -54.68 -62.41
C PRO P 143 -32.81 -55.38 -63.62
N GLU P 144 -33.60 -56.27 -64.22
CA GLU P 144 -33.16 -56.95 -65.43
C GLU P 144 -33.19 -56.01 -66.63
N ASP P 145 -34.17 -55.12 -66.68
CA ASP P 145 -34.24 -54.10 -67.73
C ASP P 145 -33.37 -52.93 -67.33
N PRO P 146 -32.27 -52.66 -68.04
CA PRO P 146 -31.40 -51.54 -67.66
C PRO P 146 -32.07 -50.18 -67.75
N ARG P 147 -33.15 -50.05 -68.50
CA ARG P 147 -33.88 -48.79 -68.56
C ARG P 147 -34.64 -48.48 -67.27
N GLU P 148 -34.72 -49.44 -66.34
CA GLU P 148 -35.34 -49.24 -65.05
C GLU P 148 -34.32 -48.96 -63.95
N ILE P 149 -33.05 -48.76 -64.31
CA ILE P 149 -32.04 -48.42 -63.31
C ILE P 149 -32.37 -47.13 -62.57
N PRO P 150 -32.85 -46.06 -63.22
CA PRO P 150 -33.24 -44.86 -62.44
C PRO P 150 -34.27 -45.15 -61.35
N ASP P 151 -35.11 -46.17 -61.51
CA ASP P 151 -36.08 -46.51 -60.47
C ASP P 151 -35.39 -46.97 -59.20
N VAL P 152 -34.40 -47.86 -59.35
CA VAL P 152 -33.74 -48.42 -58.16
C VAL P 152 -32.85 -47.36 -57.51
N ILE P 153 -32.29 -46.44 -58.30
CA ILE P 153 -31.50 -45.36 -57.73
C ILE P 153 -32.39 -44.41 -56.94
N SER P 154 -33.59 -44.13 -57.46
CA SER P 154 -34.53 -43.26 -56.75
C SER P 154 -34.95 -43.87 -55.42
N GLN P 155 -35.23 -45.18 -55.40
CA GLN P 155 -35.60 -45.83 -54.15
C GLN P 155 -34.41 -45.90 -53.20
N ALA P 156 -33.20 -46.05 -53.72
CA ALA P 156 -32.01 -46.03 -52.87
C ALA P 156 -31.79 -44.65 -52.27
N LEU P 157 -31.94 -43.60 -53.08
CA LEU P 157 -31.81 -42.24 -52.58
C LEU P 157 -32.85 -41.94 -51.51
N SER P 158 -34.09 -42.37 -51.73
CA SER P 158 -35.15 -42.13 -50.75
C SER P 158 -34.88 -42.85 -49.44
N GLU P 159 -34.26 -44.03 -49.49
CA GLU P 159 -33.90 -44.72 -48.26
C GLU P 159 -32.90 -43.91 -47.45
N LEU P 160 -31.93 -43.29 -48.12
CA LEU P 160 -30.98 -42.43 -47.42
C LEU P 160 -31.67 -41.19 -46.84
N ARG P 161 -32.53 -40.55 -47.63
CA ARG P 161 -33.21 -39.35 -47.15
C ARG P 161 -34.15 -39.67 -46.00
N LEU P 162 -34.83 -40.81 -46.04
CA LEU P 162 -35.75 -41.18 -44.98
C LEU P 162 -35.04 -41.62 -43.71
N ALA P 163 -33.74 -41.85 -43.77
CA ALA P 163 -32.95 -42.23 -42.61
C ALA P 163 -32.23 -41.05 -41.98
N GLY P 164 -32.59 -39.83 -42.36
CA GLY P 164 -31.94 -38.64 -41.84
C GLY P 164 -30.56 -38.39 -42.40
N VAL P 165 -30.16 -39.12 -43.45
CA VAL P 165 -28.84 -38.95 -44.04
C VAL P 165 -28.91 -37.86 -45.10
N ASP P 166 -27.98 -36.92 -45.03
CA ASP P 166 -27.92 -35.76 -45.91
C ASP P 166 -26.67 -35.80 -46.76
N GLY P 167 -26.18 -34.63 -47.18
CA GLY P 167 -24.92 -34.54 -47.87
C GLY P 167 -25.03 -34.88 -49.33
N PRO P 168 -24.03 -34.50 -50.12
CA PRO P 168 -24.00 -34.89 -51.53
C PRO P 168 -24.03 -36.41 -51.68
N TYR P 169 -25.04 -36.89 -52.40
CA TYR P 169 -25.18 -38.32 -52.64
C TYR P 169 -24.41 -38.70 -53.89
N SER P 170 -23.70 -39.82 -53.81
CA SER P 170 -22.92 -40.34 -54.93
C SER P 170 -23.34 -41.78 -55.20
N VAL P 171 -23.13 -42.22 -56.43
CA VAL P 171 -23.54 -43.54 -56.88
C VAL P 171 -22.31 -44.23 -57.47
N LEU P 172 -21.94 -45.37 -56.90
CA LEU P 172 -20.82 -46.17 -57.38
C LEU P 172 -21.37 -47.37 -58.14
N LEU P 173 -20.95 -47.52 -59.39
CA LEU P 173 -21.41 -48.60 -60.26
C LEU P 173 -20.27 -49.55 -60.55
N SER P 174 -20.58 -50.85 -60.60
CA SER P 174 -19.58 -51.83 -60.98
C SER P 174 -19.19 -51.65 -62.44
N ALA P 175 -18.15 -52.37 -62.85
CA ALA P 175 -17.64 -52.23 -64.22
C ALA P 175 -18.69 -52.58 -65.25
N ASP P 176 -19.45 -53.66 -65.01
CA ASP P 176 -20.48 -54.05 -65.96
C ASP P 176 -21.67 -53.11 -65.93
N VAL P 177 -22.11 -52.73 -64.72
CA VAL P 177 -23.27 -51.86 -64.61
C VAL P 177 -22.97 -50.46 -65.14
N TYR P 178 -21.74 -49.97 -64.92
CA TYR P 178 -21.38 -48.66 -65.44
C TYR P 178 -21.45 -48.64 -66.96
N THR P 179 -20.93 -49.69 -67.61
CA THR P 179 -21.01 -49.76 -69.07
C THR P 179 -22.45 -49.85 -69.53
N LYS P 180 -23.30 -50.56 -68.78
CA LYS P 180 -24.71 -50.66 -69.14
C LYS P 180 -25.39 -49.29 -69.06
N VAL P 181 -25.14 -48.54 -67.98
CA VAL P 181 -25.74 -47.22 -67.84
C VAL P 181 -25.24 -46.28 -68.92
N SER P 182 -23.98 -46.44 -69.36
CA SER P 182 -23.43 -45.55 -70.36
C SER P 182 -24.04 -45.79 -71.75
N GLU P 183 -24.42 -47.03 -72.05
CA GLU P 183 -24.92 -47.37 -73.38
C GLU P 183 -26.43 -47.41 -73.46
N THR P 184 -27.12 -47.67 -72.36
CA THR P 184 -28.56 -47.84 -72.39
C THR P 184 -29.27 -46.52 -72.65
N SER P 185 -30.26 -46.55 -73.54
CA SER P 185 -31.07 -45.39 -73.85
C SER P 185 -32.53 -45.81 -73.91
N ASP P 186 -33.35 -45.20 -73.06
CA ASP P 186 -34.79 -45.46 -73.03
C ASP P 186 -35.47 -44.52 -74.03
N HIS P 187 -35.95 -45.11 -75.14
CA HIS P 187 -36.55 -44.33 -76.23
C HIS P 187 -35.60 -43.25 -76.72
N GLY P 188 -34.32 -43.61 -76.84
CA GLY P 188 -33.30 -42.69 -77.30
C GLY P 188 -32.70 -41.80 -76.23
N TYR P 189 -33.42 -41.56 -75.14
CA TYR P 189 -32.89 -40.74 -74.05
C TYR P 189 -31.89 -41.55 -73.23
N PRO P 190 -30.63 -41.14 -73.16
CA PRO P 190 -29.64 -41.91 -72.39
C PRO P 190 -29.99 -41.91 -70.91
N ILE P 191 -30.00 -43.10 -70.30
CA ILE P 191 -30.38 -43.21 -68.91
C ILE P 191 -29.33 -42.61 -67.98
N ARG P 192 -28.10 -42.42 -68.47
CA ARG P 192 -27.08 -41.80 -67.63
C ARG P 192 -27.39 -40.32 -67.40
N GLU P 193 -27.95 -39.65 -68.41
CA GLU P 193 -28.40 -38.28 -68.21
C GLU P 193 -29.53 -38.21 -67.19
N HIS P 194 -30.42 -39.21 -67.20
CA HIS P 194 -31.45 -39.29 -66.18
C HIS P 194 -30.83 -39.43 -64.80
N LEU P 195 -29.79 -40.26 -64.68
CA LEU P 195 -29.14 -40.44 -63.38
C LEU P 195 -28.40 -39.19 -62.95
N ASN P 196 -27.80 -38.46 -63.90
CA ASN P 196 -27.09 -37.24 -63.56
C ASN P 196 -28.01 -36.20 -62.94
N ARG P 197 -29.29 -36.19 -63.30
CA ARG P 197 -30.25 -35.31 -62.65
C ARG P 197 -30.73 -35.79 -61.29
N LEU P 198 -30.46 -37.04 -60.93
CA LEU P 198 -30.85 -37.56 -59.62
C LEU P 198 -29.70 -37.49 -58.61
N VAL P 199 -28.47 -37.48 -59.08
CA VAL P 199 -27.29 -37.49 -58.22
C VAL P 199 -26.72 -36.08 -58.16
N ASP P 200 -26.72 -35.49 -56.96
CA ASP P 200 -26.06 -34.22 -56.75
C ASP P 200 -24.55 -34.37 -56.65
N GLY P 201 -24.07 -35.58 -56.38
CA GLY P 201 -22.65 -35.86 -56.37
C GLY P 201 -22.17 -36.35 -57.73
N ASP P 202 -21.47 -37.48 -57.74
CA ASP P 202 -20.89 -38.03 -58.95
C ASP P 202 -21.30 -39.48 -59.12
N ILE P 203 -21.22 -39.95 -60.36
CA ILE P 203 -21.42 -41.36 -60.69
C ILE P 203 -20.04 -41.95 -60.90
N ILE P 204 -19.61 -42.79 -59.97
CA ILE P 204 -18.22 -43.21 -59.87
C ILE P 204 -18.04 -44.56 -60.55
N TRP P 205 -16.99 -44.66 -61.36
CA TRP P 205 -16.60 -45.93 -61.99
C TRP P 205 -15.87 -46.77 -60.96
N ALA P 206 -16.50 -47.86 -60.52
CA ALA P 206 -15.97 -48.72 -59.46
C ALA P 206 -15.81 -50.14 -60.01
N PRO P 207 -14.72 -50.42 -60.73
CA PRO P 207 -14.59 -51.75 -61.36
C PRO P 207 -14.31 -52.87 -60.38
N ALA P 208 -13.78 -52.56 -59.19
CA ALA P 208 -13.42 -53.62 -58.25
C ALA P 208 -14.64 -54.24 -57.58
N ILE P 209 -15.70 -53.45 -57.38
CA ILE P 209 -16.89 -53.95 -56.71
C ILE P 209 -17.82 -54.58 -57.74
N ASP P 210 -18.81 -55.32 -57.26
CA ASP P 210 -19.87 -55.87 -58.10
C ASP P 210 -21.21 -55.37 -57.59
N GLY P 211 -22.09 -55.04 -58.51
CA GLY P 211 -23.38 -54.45 -58.15
C GLY P 211 -23.29 -52.94 -58.15
N ALA P 212 -23.81 -52.31 -57.10
CA ALA P 212 -23.79 -50.85 -57.01
C ALA P 212 -23.96 -50.44 -55.57
N PHE P 213 -23.58 -49.19 -55.29
CA PHE P 213 -23.73 -48.59 -53.97
C PHE P 213 -24.22 -47.16 -54.14
N VAL P 214 -25.15 -46.75 -53.26
CA VAL P 214 -25.62 -45.38 -53.18
C VAL P 214 -25.37 -44.92 -51.76
N LEU P 215 -24.44 -43.97 -51.60
CA LEU P 215 -24.02 -43.52 -50.29
C LEU P 215 -23.92 -42.01 -50.29
N THR P 216 -23.63 -41.45 -49.12
CA THR P 216 -23.45 -40.01 -48.94
C THR P 216 -21.96 -39.68 -48.84
N THR P 217 -21.61 -38.50 -49.32
CA THR P 217 -20.25 -37.97 -49.21
C THR P 217 -20.21 -36.75 -48.28
N ARG P 218 -21.13 -36.72 -47.30
CA ARG P 218 -21.16 -35.62 -46.35
C ARG P 218 -19.92 -35.62 -45.44
N GLY P 219 -19.33 -36.78 -45.23
CA GLY P 219 -18.15 -36.89 -44.38
C GLY P 219 -18.49 -37.42 -43.00
N GLY P 220 -17.53 -38.13 -42.42
CA GLY P 220 -17.69 -38.67 -41.09
C GLY P 220 -18.37 -40.02 -41.00
N ASP P 221 -18.66 -40.66 -42.13
CA ASP P 221 -19.32 -41.95 -42.14
C ASP P 221 -18.41 -43.10 -42.54
N PHE P 222 -17.51 -42.89 -43.50
CA PHE P 222 -16.60 -43.92 -43.98
C PHE P 222 -15.18 -43.42 -43.86
N ASP P 223 -14.36 -44.13 -43.09
CA ASP P 223 -13.03 -43.69 -42.70
C ASP P 223 -11.99 -44.69 -43.18
N LEU P 224 -11.18 -44.28 -44.15
CA LEU P 224 -10.04 -45.06 -44.61
C LEU P 224 -8.80 -44.52 -43.90
N GLN P 225 -8.42 -45.16 -42.80
CA GLN P 225 -7.30 -44.72 -41.98
C GLN P 225 -5.99 -45.20 -42.60
N LEU P 226 -5.20 -44.25 -43.09
CA LEU P 226 -3.91 -44.55 -43.71
C LEU P 226 -2.80 -44.44 -42.67
N GLY P 227 -2.02 -45.51 -42.53
CA GLY P 227 -0.78 -45.44 -41.77
C GLY P 227 0.38 -45.20 -42.70
N THR P 228 0.40 -45.95 -43.81
CA THR P 228 1.37 -45.78 -44.88
C THR P 228 0.64 -45.85 -46.20
N ASP P 229 0.72 -44.77 -46.98
CA ASP P 229 0.09 -44.74 -48.29
C ASP P 229 0.81 -45.68 -49.25
N VAL P 230 0.24 -45.83 -50.45
CA VAL P 230 0.81 -46.77 -51.42
C VAL P 230 2.20 -46.30 -51.82
N ALA P 231 3.16 -47.21 -51.76
CA ALA P 231 4.55 -46.91 -52.08
C ALA P 231 5.19 -48.11 -52.76
N ILE P 232 6.31 -47.86 -53.44
CA ILE P 232 7.05 -48.89 -54.15
C ILE P 232 8.34 -49.18 -53.37
N GLY P 233 8.52 -50.44 -52.99
CA GLY P 233 9.70 -50.86 -52.26
C GLY P 233 10.49 -51.91 -53.04
N TYR P 234 11.70 -52.18 -52.55
CA TYR P 234 12.61 -53.12 -53.18
C TYR P 234 12.82 -54.35 -52.30
N ALA P 235 12.78 -55.53 -52.93
CA ALA P 235 12.96 -56.79 -52.22
C ALA P 235 14.28 -57.44 -52.58
N SER P 236 14.45 -57.89 -53.82
CA SER P 236 15.67 -58.55 -54.25
C SER P 236 15.83 -58.36 -55.75
N HIS P 237 17.00 -58.80 -56.25
CA HIS P 237 17.29 -58.69 -57.68
C HIS P 237 18.44 -59.63 -58.02
N ASP P 238 18.48 -60.05 -59.29
CA ASP P 238 19.60 -60.79 -59.82
C ASP P 238 20.17 -60.07 -61.04
N THR P 239 20.85 -60.79 -61.93
CA THR P 239 21.42 -60.16 -63.12
C THR P 239 20.40 -59.94 -64.22
N ASP P 240 19.17 -60.41 -64.08
CA ASP P 240 18.17 -60.27 -65.14
C ASP P 240 16.88 -59.60 -64.70
N THR P 241 16.49 -59.71 -63.43
CA THR P 241 15.21 -59.18 -62.97
C THR P 241 15.38 -58.49 -61.63
N VAL P 242 14.41 -57.62 -61.33
CA VAL P 242 14.32 -56.94 -60.03
C VAL P 242 12.94 -57.20 -59.46
N ARG P 243 12.88 -57.58 -58.19
CA ARG P 243 11.61 -57.85 -57.51
C ARG P 243 11.26 -56.63 -56.66
N LEU P 244 10.25 -55.89 -57.09
CA LEU P 244 9.71 -54.75 -56.36
C LEU P 244 8.33 -55.11 -55.84
N TYR P 245 7.69 -54.15 -55.18
CA TYR P 245 6.37 -54.40 -54.60
C TYR P 245 5.67 -53.08 -54.32
N LEU P 246 4.34 -53.12 -54.35
CA LEU P 246 3.51 -52.04 -53.88
C LEU P 246 3.03 -52.36 -52.47
N GLN P 247 3.27 -51.44 -51.55
CA GLN P 247 2.97 -51.65 -50.14
C GLN P 247 2.02 -50.57 -49.65
N GLU P 248 1.18 -50.94 -48.70
CA GLU P 248 0.18 -50.04 -48.15
C GLU P 248 -0.26 -50.59 -46.80
N THR P 249 -0.40 -49.70 -45.82
CA THR P 249 -0.83 -50.09 -44.48
C THR P 249 -2.03 -49.22 -44.11
N LEU P 250 -3.18 -49.86 -43.93
CA LEU P 250 -4.43 -49.12 -43.72
C LEU P 250 -5.44 -50.01 -43.01
N THR P 251 -6.57 -49.40 -42.67
CA THR P 251 -7.76 -50.10 -42.20
C THR P 251 -8.96 -49.24 -42.57
N PHE P 252 -10.15 -49.86 -42.54
CA PHE P 252 -11.37 -49.16 -42.85
C PHE P 252 -12.36 -49.27 -41.69
N LEU P 253 -13.12 -48.20 -41.48
CA LEU P 253 -14.14 -48.16 -40.44
C LEU P 253 -15.40 -47.52 -41.00
N CYS P 254 -16.55 -48.12 -40.70
CA CYS P 254 -17.84 -47.61 -41.14
C CYS P 254 -18.61 -47.18 -39.90
N TYR P 255 -18.80 -45.87 -39.76
CA TYR P 255 -19.40 -45.30 -38.56
C TYR P 255 -20.91 -45.13 -38.63
N THR P 256 -21.48 -45.02 -39.82
CA THR P 256 -22.91 -44.77 -39.99
C THR P 256 -23.49 -45.89 -40.84
N ALA P 257 -24.37 -46.70 -40.24
CA ALA P 257 -24.95 -47.83 -40.96
C ALA P 257 -25.96 -47.36 -42.01
N GLU P 258 -26.78 -46.37 -41.68
CA GLU P 258 -27.81 -45.89 -42.58
C GLU P 258 -27.29 -44.96 -43.67
N ALA P 259 -25.98 -44.73 -43.73
CA ALA P 259 -25.42 -43.80 -44.71
C ALA P 259 -25.19 -44.43 -46.07
N SER P 260 -25.57 -45.69 -46.28
CA SER P 260 -25.32 -46.36 -47.54
C SER P 260 -26.48 -47.29 -47.86
N VAL P 261 -26.65 -47.57 -49.15
CA VAL P 261 -27.64 -48.51 -49.65
C VAL P 261 -26.94 -49.41 -50.66
N ALA P 262 -26.95 -50.71 -50.39
CA ALA P 262 -26.27 -51.67 -51.25
C ALA P 262 -27.22 -52.22 -52.31
N LEU P 263 -26.66 -52.51 -53.49
CA LEU P 263 -27.41 -53.05 -54.61
C LEU P 263 -26.66 -54.23 -55.20
N SER P 264 -27.40 -55.25 -55.62
CA SER P 264 -26.82 -56.47 -56.16
C SER P 264 -27.70 -56.98 -57.30
N HIS P 265 -27.27 -58.08 -57.91
CA HIS P 265 -28.03 -58.72 -58.98
C HIS P 265 -28.88 -59.85 -58.42
N LYS P 266 -29.79 -60.34 -59.24
CA LYS P 266 -30.69 -61.42 -58.85
C LYS P 266 -29.95 -62.74 -58.76
N MET Q 1 19.88 -20.48 -100.60
CA MET Q 1 18.63 -21.20 -100.53
C MET Q 1 18.79 -22.47 -99.70
N ASN Q 2 17.72 -23.25 -99.60
CA ASN Q 2 17.74 -24.56 -98.95
C ASN Q 2 17.35 -25.62 -99.97
N ASN Q 3 17.14 -26.85 -99.49
CA ASN Q 3 16.77 -27.94 -100.40
C ASN Q 3 15.43 -27.72 -101.08
N LEU Q 4 14.61 -26.79 -100.59
CA LEU Q 4 13.34 -26.49 -101.25
C LEU Q 4 13.54 -25.67 -102.51
N TYR Q 5 14.58 -24.83 -102.55
CA TYR Q 5 14.91 -24.00 -103.71
C TYR Q 5 13.71 -23.14 -104.13
N ARG Q 6 13.02 -22.57 -103.14
CA ARG Q 6 11.84 -21.78 -103.43
C ARG Q 6 12.18 -20.51 -104.20
N ASP Q 7 13.38 -19.96 -103.98
CA ASP Q 7 13.76 -18.72 -104.64
C ASP Q 7 13.92 -18.89 -106.15
N LEU Q 8 14.10 -20.11 -106.64
CA LEU Q 8 14.23 -20.35 -108.06
C LEU Q 8 12.89 -20.54 -108.76
N ALA Q 9 11.80 -20.62 -108.00
CA ALA Q 9 10.48 -20.86 -108.58
C ALA Q 9 9.89 -19.55 -109.09
N PRO Q 10 9.35 -19.53 -110.31
CA PRO Q 10 8.66 -18.32 -110.81
C PRO Q 10 7.28 -18.14 -110.20
N VAL Q 11 7.26 -17.81 -108.91
CA VAL Q 11 6.02 -17.64 -108.16
C VAL Q 11 6.07 -16.29 -107.45
N THR Q 12 5.03 -15.48 -107.65
CA THR Q 12 4.96 -14.17 -107.03
C THR Q 12 4.86 -14.28 -105.51
N GLU Q 13 5.30 -13.23 -104.82
CA GLU Q 13 5.15 -13.17 -103.38
C GLU Q 13 3.68 -13.30 -102.98
N ALA Q 14 2.79 -12.64 -103.72
CA ALA Q 14 1.36 -12.78 -103.43
C ALA Q 14 0.88 -14.19 -103.70
N ALA Q 15 1.33 -14.80 -104.80
CA ALA Q 15 0.94 -16.16 -105.11
C ALA Q 15 1.47 -17.14 -104.07
N TRP Q 16 2.72 -16.93 -103.62
CA TRP Q 16 3.26 -17.79 -102.56
C TRP Q 16 2.40 -17.74 -101.31
N ALA Q 17 1.90 -16.56 -100.96
CA ALA Q 17 1.05 -16.43 -99.78
C ALA Q 17 -0.25 -17.18 -99.95
N GLU Q 18 -0.88 -17.04 -101.12
CA GLU Q 18 -2.16 -17.70 -101.37
C GLU Q 18 -2.00 -19.21 -101.45
N ILE Q 19 -0.91 -19.68 -102.06
CA ILE Q 19 -0.65 -21.12 -102.16
C ILE Q 19 -0.42 -21.71 -100.77
N GLU Q 20 0.35 -21.03 -99.93
CA GLU Q 20 0.63 -21.54 -98.59
C GLU Q 20 -0.63 -21.55 -97.73
N LEU Q 21 -1.46 -20.51 -97.84
CA LEU Q 21 -2.71 -20.50 -97.08
C LEU Q 21 -3.60 -21.67 -97.45
N GLU Q 22 -3.74 -21.93 -98.76
CA GLU Q 22 -4.61 -23.01 -99.20
C GLU Q 22 -4.08 -24.37 -98.76
N ALA Q 23 -2.77 -24.59 -98.92
CA ALA Q 23 -2.19 -25.86 -98.51
C ALA Q 23 -2.32 -26.09 -97.00
N ALA Q 24 -2.16 -25.02 -96.21
CA ALA Q 24 -2.17 -25.17 -94.75
C ALA Q 24 -3.54 -25.59 -94.24
N ARG Q 25 -4.59 -24.87 -94.62
CA ARG Q 25 -5.91 -25.15 -94.07
C ARG Q 25 -6.52 -26.42 -94.64
N THR Q 26 -6.18 -26.77 -95.89
CA THR Q 26 -6.68 -28.01 -96.46
C THR Q 26 -6.07 -29.21 -95.76
N PHE Q 27 -4.75 -29.17 -95.50
CA PHE Q 27 -4.10 -30.24 -94.75
C PHE Q 27 -4.71 -30.36 -93.36
N LYS Q 28 -4.98 -29.23 -92.72
CA LYS Q 28 -5.51 -29.25 -91.35
C LYS Q 28 -6.93 -29.82 -91.30
N ARG Q 29 -7.70 -29.66 -92.38
CA ARG Q 29 -9.08 -30.13 -92.34
C ARG Q 29 -9.15 -31.65 -92.44
N HIS Q 30 -8.30 -32.25 -93.29
CA HIS Q 30 -8.33 -33.69 -93.50
C HIS Q 30 -7.52 -34.47 -92.47
N ILE Q 31 -6.62 -33.80 -91.75
CA ILE Q 31 -5.75 -34.46 -90.79
C ILE Q 31 -6.50 -34.64 -89.47
N ALA Q 32 -6.23 -35.74 -88.78
CA ALA Q 32 -6.89 -36.04 -87.52
C ALA Q 32 -5.99 -36.65 -86.46
N GLY Q 33 -4.82 -37.19 -86.84
CA GLY Q 33 -3.95 -37.79 -85.85
C GLY Q 33 -3.22 -36.76 -85.03
N ARG Q 34 -2.88 -35.63 -85.63
CA ARG Q 34 -2.18 -34.52 -84.98
C ARG Q 34 -3.03 -33.90 -83.87
N ARG Q 35 -4.27 -34.38 -83.71
CA ARG Q 35 -5.16 -33.92 -82.66
C ARG Q 35 -5.23 -34.88 -81.47
N VAL Q 36 -4.64 -36.06 -81.60
CA VAL Q 36 -4.65 -37.04 -80.51
C VAL Q 36 -3.27 -37.56 -80.15
N VAL Q 37 -2.29 -37.49 -81.05
CA VAL Q 37 -0.96 -37.99 -80.78
C VAL Q 37 -0.08 -36.84 -80.33
N ASP Q 38 1.06 -37.17 -79.74
CA ASP Q 38 2.03 -36.18 -79.31
C ASP Q 38 2.97 -35.91 -80.48
N VAL Q 39 2.80 -34.76 -81.12
CA VAL Q 39 3.63 -34.36 -82.25
C VAL Q 39 4.74 -33.46 -81.74
N SER Q 40 5.98 -33.86 -82.01
CA SER Q 40 7.15 -33.15 -81.51
C SER Q 40 7.46 -31.94 -82.37
N ASP Q 41 8.39 -31.12 -81.87
CA ASP Q 41 8.89 -29.99 -82.65
C ASP Q 41 9.82 -30.49 -83.74
N PRO Q 42 9.82 -29.84 -84.91
CA PRO Q 42 10.69 -30.27 -86.01
C PRO Q 42 12.16 -30.26 -85.60
N GLY Q 43 12.78 -31.44 -85.68
CA GLY Q 43 14.17 -31.59 -85.31
C GLY Q 43 15.17 -31.09 -86.32
N GLY Q 44 14.73 -30.75 -87.52
CA GLY Q 44 15.62 -30.25 -88.55
C GLY Q 44 15.86 -31.27 -89.66
N PRO Q 45 16.40 -30.80 -90.78
CA PRO Q 45 16.65 -31.73 -91.90
C PRO Q 45 17.71 -32.77 -91.61
N VAL Q 46 18.53 -32.58 -90.58
CA VAL Q 46 19.54 -33.57 -90.24
C VAL Q 46 18.95 -34.77 -89.53
N THR Q 47 17.77 -34.64 -88.93
CA THR Q 47 17.15 -35.75 -88.21
C THR Q 47 16.90 -36.92 -89.15
N ALA Q 48 17.39 -38.10 -88.78
CA ALA Q 48 17.26 -39.28 -89.62
C ALA Q 48 16.74 -40.51 -88.88
N ALA Q 49 16.72 -40.50 -87.55
CA ALA Q 49 16.25 -41.65 -86.78
C ALA Q 49 15.79 -41.18 -85.42
N VAL Q 50 14.96 -42.01 -84.79
CA VAL Q 50 14.45 -41.75 -83.44
C VAL Q 50 14.90 -42.92 -82.56
N SER Q 51 15.61 -42.60 -81.50
CA SER Q 51 16.16 -43.64 -80.63
C SER Q 51 15.04 -44.35 -79.88
N THR Q 52 14.96 -45.67 -80.05
CA THR Q 52 14.04 -46.50 -79.29
C THR Q 52 14.66 -47.01 -78.00
N GLY Q 53 15.92 -46.66 -77.72
CA GLY Q 53 16.57 -47.01 -76.48
C GLY Q 53 16.90 -48.47 -76.30
N ARG Q 54 16.51 -49.33 -77.24
CA ARG Q 54 16.69 -50.76 -77.07
C ARG Q 54 17.99 -51.22 -77.73
N LEU Q 55 18.48 -52.37 -77.27
CA LEU Q 55 19.73 -52.95 -77.75
C LEU Q 55 19.45 -54.14 -78.66
N ILE Q 56 20.38 -54.39 -79.58
CA ILE Q 56 20.26 -55.48 -80.53
C ILE Q 56 21.53 -56.32 -80.45
N ASP Q 57 21.36 -57.62 -80.17
CA ASP Q 57 22.51 -58.52 -80.12
C ASP Q 57 23.21 -58.55 -81.47
N VAL Q 58 24.54 -58.47 -81.43
CA VAL Q 58 25.34 -58.47 -82.65
C VAL Q 58 26.65 -59.20 -82.37
N LYS Q 59 27.28 -59.69 -83.43
CA LYS Q 59 28.53 -60.45 -83.29
C LYS Q 59 29.62 -59.58 -82.68
N ALA Q 60 30.29 -60.12 -81.66
CA ALA Q 60 31.35 -59.40 -80.98
C ALA Q 60 32.57 -59.24 -81.87
N PRO Q 61 33.34 -58.15 -81.69
CA PRO Q 61 34.58 -58.01 -82.48
C PRO Q 61 35.63 -59.03 -82.10
N THR Q 62 35.83 -59.27 -80.81
CA THR Q 62 36.75 -60.29 -80.34
C THR Q 62 36.18 -60.91 -79.07
N ASN Q 63 36.88 -61.91 -78.54
CA ASN Q 63 36.44 -62.56 -77.31
C ASN Q 63 36.62 -61.63 -76.12
N GLY Q 64 35.67 -61.69 -75.19
CA GLY Q 64 35.69 -60.83 -74.02
C GLY Q 64 34.97 -59.51 -74.19
N VAL Q 65 34.37 -59.26 -75.35
CA VAL Q 65 33.65 -58.03 -75.63
C VAL Q 65 32.18 -58.37 -75.87
N ILE Q 66 31.29 -57.60 -75.28
CA ILE Q 66 29.85 -57.76 -75.44
C ILE Q 66 29.36 -56.60 -76.28
N ALA Q 67 28.95 -56.89 -77.51
CA ALA Q 67 28.56 -55.85 -78.47
C ALA Q 67 27.06 -55.84 -78.67
N HIS Q 68 26.49 -54.64 -78.75
CA HIS Q 68 25.07 -54.44 -78.99
C HIS Q 68 24.89 -53.24 -79.91
N LEU Q 69 23.95 -53.36 -80.84
CA LEU Q 69 23.60 -52.25 -81.71
C LEU Q 69 22.48 -51.43 -81.07
N ARG Q 70 22.55 -50.11 -81.23
CA ARG Q 70 21.55 -49.21 -80.68
C ARG Q 70 20.38 -49.14 -81.66
N ALA Q 71 19.21 -49.63 -81.24
CA ALA Q 71 18.05 -49.65 -82.11
C ALA Q 71 17.48 -48.25 -82.26
N SER Q 72 17.00 -47.94 -83.47
CA SER Q 72 16.44 -46.63 -83.77
C SER Q 72 15.47 -46.77 -84.94
N LYS Q 73 14.31 -46.14 -84.81
CA LYS Q 73 13.31 -46.18 -85.86
C LYS Q 73 13.58 -45.08 -86.89
N PRO Q 74 13.72 -45.43 -88.17
CA PRO Q 74 14.10 -44.43 -89.17
C PRO Q 74 12.94 -43.51 -89.56
N LEU Q 75 13.31 -42.31 -89.99
CA LEU Q 75 12.35 -41.34 -90.51
C LEU Q 75 12.14 -41.56 -92.00
N VAL Q 76 10.90 -41.31 -92.44
CA VAL Q 76 10.54 -41.43 -93.85
C VAL Q 76 10.18 -40.04 -94.37
N ARG Q 77 10.64 -39.72 -95.57
CA ARG Q 77 10.34 -38.45 -96.21
C ARG Q 77 9.20 -38.65 -97.21
N LEU Q 78 8.09 -37.99 -96.97
CA LEU Q 78 6.93 -38.04 -97.86
C LEU Q 78 6.92 -36.80 -98.73
N ARG Q 79 6.80 -36.99 -100.04
CA ARG Q 79 6.91 -35.89 -100.99
C ARG Q 79 5.82 -36.05 -102.03
N VAL Q 80 4.85 -35.15 -102.02
CA VAL Q 80 3.69 -35.21 -102.92
C VAL Q 80 3.78 -34.11 -103.96
N PRO Q 81 4.22 -34.41 -105.18
CA PRO Q 81 4.35 -33.35 -106.19
C PRO Q 81 2.99 -32.93 -106.75
N PHE Q 82 2.94 -31.69 -107.23
CA PHE Q 82 1.79 -31.16 -107.92
C PHE Q 82 2.26 -30.09 -108.90
N THR Q 83 1.42 -29.83 -109.89
CA THR Q 83 1.74 -28.89 -110.96
C THR Q 83 0.71 -27.77 -111.00
N LEU Q 84 1.19 -26.53 -111.07
CA LEU Q 84 0.33 -25.35 -111.12
C LEU Q 84 0.49 -24.63 -112.45
N SER Q 85 -0.58 -23.99 -112.89
CA SER Q 85 -0.56 -23.21 -114.11
C SER Q 85 0.04 -21.84 -113.85
N ARG Q 86 1.03 -21.45 -114.66
CA ARG Q 86 1.65 -20.15 -114.49
C ARG Q 86 0.69 -19.00 -114.78
N ASN Q 87 -0.35 -19.24 -115.59
CA ASN Q 87 -1.38 -18.22 -115.77
C ASN Q 87 -2.13 -17.97 -114.48
N GLU Q 88 -2.48 -19.04 -113.76
CA GLU Q 88 -3.14 -18.90 -112.47
C GLU Q 88 -2.22 -18.24 -111.44
N ILE Q 89 -0.91 -18.49 -111.53
CA ILE Q 89 0.03 -17.88 -110.59
C ILE Q 89 0.16 -16.39 -110.86
N ASP Q 90 0.33 -16.02 -112.12
CA ASP Q 90 0.47 -14.61 -112.48
C ASP Q 90 -0.83 -13.83 -112.30
N ASP Q 91 -1.96 -14.52 -112.24
CA ASP Q 91 -3.24 -13.84 -112.04
C ASP Q 91 -3.35 -13.24 -110.64
N VAL Q 92 -2.62 -13.78 -109.67
CA VAL Q 92 -2.74 -13.34 -108.29
C VAL Q 92 -2.33 -11.88 -108.16
N GLU Q 93 -1.20 -11.51 -108.74
CA GLU Q 93 -0.72 -10.13 -108.65
C GLU Q 93 -1.68 -9.16 -109.33
N ARG Q 94 -2.40 -9.62 -110.35
CA ARG Q 94 -3.36 -8.76 -111.04
C ARG Q 94 -4.68 -8.63 -110.30
N GLY Q 95 -4.84 -9.30 -109.16
CA GLY Q 95 -6.04 -9.19 -108.36
C GLY Q 95 -6.99 -10.36 -108.42
N SER Q 96 -6.54 -11.53 -108.87
CA SER Q 96 -7.41 -12.68 -108.99
C SER Q 96 -7.45 -13.44 -107.67
N LYS Q 97 -8.66 -13.73 -107.20
CA LYS Q 97 -8.85 -14.50 -105.98
C LYS Q 97 -9.41 -15.89 -106.24
N ASP Q 98 -9.66 -16.24 -107.50
CA ASP Q 98 -10.18 -17.55 -107.87
C ASP Q 98 -9.16 -18.36 -108.68
N SER Q 99 -7.87 -18.15 -108.44
CA SER Q 99 -6.84 -18.88 -109.16
C SER Q 99 -6.90 -20.36 -108.78
N ASP Q 100 -6.62 -21.22 -109.76
CA ASP Q 100 -6.80 -22.66 -109.62
C ASP Q 100 -5.65 -23.26 -108.81
N TRP Q 101 -5.85 -23.43 -107.51
CA TRP Q 101 -4.93 -24.15 -106.65
C TRP Q 101 -5.45 -25.53 -106.27
N GLU Q 102 -6.34 -26.09 -107.08
CA GLU Q 102 -6.85 -27.44 -106.82
C GLU Q 102 -5.73 -28.49 -106.77
N PRO Q 103 -4.71 -28.47 -107.63
CA PRO Q 103 -3.58 -29.40 -107.42
C PRO Q 103 -2.95 -29.28 -106.05
N VAL Q 104 -2.91 -28.07 -105.48
CA VAL Q 104 -2.35 -27.90 -104.15
C VAL Q 104 -3.21 -28.62 -103.11
N LYS Q 105 -4.54 -28.48 -103.22
CA LYS Q 105 -5.45 -29.09 -102.25
C LYS Q 105 -5.42 -30.60 -102.36
N GLU Q 106 -5.30 -31.13 -103.58
CA GLU Q 106 -5.24 -32.58 -103.74
C GLU Q 106 -3.96 -33.14 -103.14
N ALA Q 107 -2.85 -32.43 -103.29
CA ALA Q 107 -1.60 -32.85 -102.67
C ALA Q 107 -1.70 -32.78 -101.16
N ALA Q 108 -2.39 -31.76 -100.62
CA ALA Q 108 -2.60 -31.68 -99.19
C ALA Q 108 -3.47 -32.81 -98.69
N LYS Q 109 -4.54 -33.14 -99.42
CA LYS Q 109 -5.39 -34.26 -99.04
C LYS Q 109 -4.63 -35.57 -99.13
N LYS Q 110 -3.76 -35.70 -100.14
CA LYS Q 110 -2.99 -36.93 -100.30
C LYS Q 110 -1.97 -37.09 -99.19
N LEU Q 111 -1.23 -36.02 -98.89
CA LEU Q 111 -0.23 -36.08 -97.82
C LEU Q 111 -0.87 -36.27 -96.46
N ALA Q 112 -2.02 -35.62 -96.22
CA ALA Q 112 -2.72 -35.81 -94.95
C ALA Q 112 -3.21 -37.23 -94.79
N PHE Q 113 -3.73 -37.83 -95.88
CA PHE Q 113 -4.22 -39.19 -95.80
C PHE Q 113 -3.08 -40.19 -95.57
N VAL Q 114 -1.93 -39.96 -96.22
CA VAL Q 114 -0.78 -40.84 -96.03
C VAL Q 114 -0.32 -40.79 -94.58
N GLU Q 115 -0.33 -39.60 -93.98
CA GLU Q 115 0.13 -39.47 -92.61
C GLU Q 115 -0.83 -40.16 -91.63
N ASP Q 116 -2.13 -39.92 -91.79
CA ASP Q 116 -3.10 -40.52 -90.87
C ASP Q 116 -3.17 -42.04 -91.04
N ARG Q 117 -3.03 -42.54 -92.26
CA ARG Q 117 -3.00 -43.99 -92.45
C ARG Q 117 -1.72 -44.60 -91.89
N THR Q 118 -0.61 -43.87 -91.97
CA THR Q 118 0.63 -44.35 -91.37
C THR Q 118 0.53 -44.42 -89.85
N ILE Q 119 -0.14 -43.43 -89.25
CA ILE Q 119 -0.26 -43.40 -87.79
C ILE Q 119 -1.17 -44.51 -87.31
N PHE Q 120 -2.32 -44.70 -87.96
CA PHE Q 120 -3.36 -45.59 -87.47
C PHE Q 120 -3.34 -46.97 -88.11
N GLU Q 121 -3.02 -47.07 -89.39
CA GLU Q 121 -3.02 -48.36 -90.06
C GLU Q 121 -1.62 -48.95 -90.26
N GLY Q 122 -0.60 -48.11 -90.35
CA GLY Q 122 0.77 -48.56 -90.41
C GLY Q 122 1.42 -48.24 -91.75
N TYR Q 123 2.72 -48.47 -91.78
CA TYR Q 123 3.53 -48.25 -92.99
C TYR Q 123 4.73 -49.20 -92.90
N SER Q 124 4.52 -50.43 -93.39
CA SER Q 124 5.52 -51.48 -93.23
C SER Q 124 6.83 -51.14 -93.95
N ALA Q 125 6.75 -50.40 -95.05
CA ALA Q 125 7.97 -50.04 -95.78
C ALA Q 125 8.87 -49.13 -94.95
N ALA Q 126 8.30 -48.37 -94.01
CA ALA Q 126 9.08 -47.49 -93.14
C ALA Q 126 9.20 -48.03 -91.72
N SER Q 127 8.91 -49.31 -91.52
CA SER Q 127 8.99 -49.95 -90.20
C SER Q 127 8.10 -49.25 -89.18
N ILE Q 128 6.95 -48.76 -89.63
CA ILE Q 128 6.01 -48.03 -88.77
C ILE Q 128 4.78 -48.90 -88.57
N GLU Q 129 4.64 -49.45 -87.35
CA GLU Q 129 3.47 -50.22 -87.00
C GLU Q 129 2.31 -49.29 -86.68
N GLY Q 130 1.12 -49.62 -87.18
CA GLY Q 130 -0.03 -48.80 -86.93
C GLY Q 130 -0.58 -48.95 -85.53
N ILE Q 131 -1.40 -47.98 -85.13
CA ILE Q 131 -2.06 -48.05 -83.83
C ILE Q 131 -3.01 -49.24 -83.79
N ARG Q 132 -3.70 -49.49 -84.90
CA ARG Q 132 -4.64 -50.60 -84.96
C ARG Q 132 -3.92 -51.93 -84.79
N SER Q 133 -2.76 -52.09 -85.41
CA SER Q 133 -2.03 -53.35 -85.32
C SER Q 133 -1.41 -53.54 -83.94
N ALA Q 134 -1.00 -52.45 -83.29
CA ALA Q 134 -0.35 -52.53 -81.99
C ALA Q 134 -1.34 -52.52 -80.83
N SER Q 135 -2.62 -52.27 -81.09
CA SER Q 135 -3.62 -52.18 -80.03
C SER Q 135 -3.82 -53.54 -79.38
N SER Q 136 -3.35 -53.69 -78.13
CA SER Q 136 -3.53 -54.93 -77.40
C SER Q 136 -4.96 -55.12 -76.90
N ASN Q 137 -5.79 -54.08 -76.92
CA ASN Q 137 -7.16 -54.23 -76.46
C ASN Q 137 -8.01 -54.94 -77.51
N PRO Q 138 -9.03 -55.68 -77.08
CA PRO Q 138 -9.88 -56.41 -78.04
C PRO Q 138 -10.60 -55.45 -78.98
N ALA Q 139 -10.39 -55.66 -80.28
CA ALA Q 139 -11.05 -54.84 -81.28
C ALA Q 139 -12.55 -55.11 -81.31
N LEU Q 140 -13.30 -54.11 -81.76
CA LEU Q 140 -14.76 -54.18 -81.78
C LEU Q 140 -15.27 -54.00 -83.20
N THR Q 141 -16.51 -54.43 -83.43
CA THR Q 141 -17.17 -54.29 -84.72
C THR Q 141 -18.27 -53.24 -84.62
N LEU Q 142 -18.28 -52.30 -85.56
CA LEU Q 142 -19.33 -51.30 -85.60
C LEU Q 142 -20.66 -51.97 -85.95
N PRO Q 143 -21.74 -51.67 -85.24
CA PRO Q 143 -23.01 -52.33 -85.52
C PRO Q 143 -23.61 -51.85 -86.83
N GLU Q 144 -24.51 -52.68 -87.37
CA GLU Q 144 -25.23 -52.30 -88.58
C GLU Q 144 -26.27 -51.23 -88.29
N ASP Q 145 -26.90 -51.30 -87.12
CA ASP Q 145 -27.82 -50.27 -86.68
C ASP Q 145 -27.02 -49.14 -86.05
N PRO Q 146 -26.99 -47.96 -86.67
CA PRO Q 146 -26.19 -46.85 -86.10
C PRO Q 146 -26.66 -46.40 -84.74
N ARG Q 147 -27.89 -46.72 -84.35
CA ARG Q 147 -28.37 -46.38 -83.02
C ARG Q 147 -27.68 -47.20 -81.93
N GLU Q 148 -26.90 -48.21 -82.30
CA GLU Q 148 -26.11 -48.99 -81.35
C GLU Q 148 -24.66 -48.55 -81.31
N ILE Q 149 -24.31 -47.44 -81.97
CA ILE Q 149 -22.95 -46.92 -81.90
C ILE Q 149 -22.56 -46.58 -80.47
N PRO Q 150 -23.40 -45.94 -79.65
CA PRO Q 150 -23.02 -45.75 -78.24
C PRO Q 150 -22.71 -47.04 -77.50
N ASP Q 151 -23.28 -48.16 -77.91
CA ASP Q 151 -23.02 -49.43 -77.23
C ASP Q 151 -21.57 -49.86 -77.40
N VAL Q 152 -21.06 -49.83 -78.64
CA VAL Q 152 -19.69 -50.28 -78.86
C VAL Q 152 -18.69 -49.27 -78.32
N ILE Q 153 -19.04 -47.98 -78.35
CA ILE Q 153 -18.16 -46.97 -77.78
C ILE Q 153 -18.08 -47.12 -76.26
N SER Q 154 -19.22 -47.41 -75.62
CA SER Q 154 -19.21 -47.62 -74.17
C SER Q 154 -18.35 -48.82 -73.80
N GLN Q 155 -18.35 -49.85 -74.65
CA GLN Q 155 -17.47 -50.99 -74.41
C GLN Q 155 -16.00 -50.63 -74.64
N ALA Q 156 -15.73 -49.73 -75.59
CA ALA Q 156 -14.36 -49.32 -75.84
C ALA Q 156 -13.79 -48.53 -74.67
N LEU Q 157 -14.58 -47.59 -74.12
CA LEU Q 157 -14.12 -46.84 -72.95
C LEU Q 157 -13.87 -47.77 -71.77
N SER Q 158 -14.76 -48.75 -71.56
CA SER Q 158 -14.57 -49.69 -70.45
C SER Q 158 -13.32 -50.52 -70.64
N GLU Q 159 -12.98 -50.86 -71.88
CA GLU Q 159 -11.73 -51.58 -72.14
C GLU Q 159 -10.53 -50.73 -71.75
N LEU Q 160 -10.56 -49.44 -72.07
CA LEU Q 160 -9.47 -48.55 -71.68
C LEU Q 160 -9.43 -48.38 -70.17
N ARG Q 161 -10.57 -48.19 -69.53
CA ARG Q 161 -10.60 -48.00 -68.08
C ARG Q 161 -10.14 -49.26 -67.35
N LEU Q 162 -10.50 -50.43 -67.86
CA LEU Q 162 -10.08 -51.68 -67.22
C LEU Q 162 -8.61 -52.00 -67.44
N ALA Q 163 -7.94 -51.27 -68.33
CA ALA Q 163 -6.51 -51.47 -68.59
C ALA Q 163 -5.65 -50.46 -67.85
N GLY Q 164 -6.23 -49.72 -66.91
CA GLY Q 164 -5.48 -48.72 -66.18
C GLY Q 164 -5.17 -47.47 -66.95
N VAL Q 165 -5.78 -47.29 -68.12
CA VAL Q 165 -5.53 -46.12 -68.96
C VAL Q 165 -6.47 -45.00 -68.54
N ASP Q 166 -5.90 -43.81 -68.34
CA ASP Q 166 -6.61 -42.64 -67.87
C ASP Q 166 -6.64 -41.58 -68.98
N GLY Q 167 -6.74 -40.31 -68.59
CA GLY Q 167 -6.66 -39.21 -69.53
C GLY Q 167 -7.96 -38.97 -70.26
N PRO Q 168 -8.13 -37.77 -70.82
CA PRO Q 168 -9.31 -37.49 -71.64
C PRO Q 168 -9.38 -38.45 -72.82
N TYR Q 169 -10.49 -39.17 -72.91
CA TYR Q 169 -10.69 -40.13 -73.99
C TYR Q 169 -11.29 -39.43 -75.20
N SER Q 170 -10.77 -39.75 -76.38
CA SER Q 170 -11.24 -39.17 -77.63
C SER Q 170 -11.63 -40.29 -78.58
N VAL Q 171 -12.53 -39.94 -79.50
CA VAL Q 171 -13.08 -40.90 -80.46
C VAL Q 171 -12.84 -40.35 -81.85
N LEU Q 172 -12.11 -41.11 -82.67
CA LEU Q 172 -11.86 -40.73 -84.06
C LEU Q 172 -12.77 -41.56 -84.96
N LEU Q 173 -13.59 -40.90 -85.77
CA LEU Q 173 -14.55 -41.55 -86.64
C LEU Q 173 -14.18 -41.34 -88.10
N SER Q 174 -14.39 -42.37 -88.91
CA SER Q 174 -14.20 -42.25 -90.34
C SER Q 174 -15.28 -41.34 -90.93
N ALA Q 175 -15.11 -41.01 -92.22
CA ALA Q 175 -16.05 -40.10 -92.87
C ALA Q 175 -17.46 -40.66 -92.87
N ASP Q 176 -17.59 -41.97 -93.12
CA ASP Q 176 -18.92 -42.58 -93.14
C ASP Q 176 -19.51 -42.67 -91.74
N VAL Q 177 -18.70 -43.08 -90.75
CA VAL Q 177 -19.21 -43.22 -89.40
C VAL Q 177 -19.52 -41.85 -88.80
N TYR Q 178 -18.70 -40.85 -89.09
CA TYR Q 178 -18.98 -39.51 -88.59
C TYR Q 178 -20.28 -38.97 -89.16
N THR Q 179 -20.49 -39.13 -90.46
CA THR Q 179 -21.73 -38.69 -91.07
C THR Q 179 -22.92 -39.49 -90.54
N LYS Q 180 -22.71 -40.78 -90.30
CA LYS Q 180 -23.77 -41.61 -89.74
C LYS Q 180 -24.14 -41.17 -88.32
N VAL Q 181 -23.13 -40.91 -87.49
CA VAL Q 181 -23.38 -40.46 -86.12
C VAL Q 181 -24.06 -39.10 -86.11
N SER Q 182 -23.73 -38.23 -87.08
CA SER Q 182 -24.33 -36.91 -87.10
C SER Q 182 -25.80 -36.95 -87.52
N GLU Q 183 -26.18 -37.92 -88.34
CA GLU Q 183 -27.54 -38.00 -88.88
C GLU Q 183 -28.44 -38.95 -88.10
N THR Q 184 -27.88 -39.96 -87.45
CA THR Q 184 -28.70 -40.97 -86.78
C THR Q 184 -29.35 -40.39 -85.53
N SER Q 185 -30.63 -40.70 -85.37
CA SER Q 185 -31.38 -40.28 -84.18
C SER Q 185 -32.22 -41.46 -83.70
N ASP Q 186 -31.99 -41.88 -82.46
CA ASP Q 186 -32.76 -42.95 -81.84
C ASP Q 186 -34.01 -42.35 -81.21
N HIS Q 187 -35.17 -42.62 -81.82
CA HIS Q 187 -36.44 -42.03 -81.38
C HIS Q 187 -36.34 -40.51 -81.34
N GLY Q 188 -35.70 -39.94 -82.36
CA GLY Q 188 -35.52 -38.50 -82.44
C GLY Q 188 -34.33 -37.96 -81.68
N TYR Q 189 -33.85 -38.65 -80.66
CA TYR Q 189 -32.70 -38.19 -79.89
C TYR Q 189 -31.43 -38.45 -80.69
N PRO Q 190 -30.66 -37.42 -81.06
CA PRO Q 190 -29.46 -37.65 -81.86
C PRO Q 190 -28.43 -38.46 -81.08
N ILE Q 191 -27.89 -39.49 -81.75
CA ILE Q 191 -26.92 -40.35 -81.08
C ILE Q 191 -25.61 -39.64 -80.83
N ARG Q 192 -25.35 -38.53 -81.54
CA ARG Q 192 -24.14 -37.76 -81.28
C ARG Q 192 -24.24 -37.07 -79.93
N GLU Q 193 -25.45 -36.66 -79.53
CA GLU Q 193 -25.66 -36.12 -78.20
C GLU Q 193 -25.35 -37.15 -77.14
N HIS Q 194 -25.72 -38.42 -77.38
CA HIS Q 194 -25.37 -39.48 -76.46
C HIS Q 194 -23.86 -39.67 -76.40
N LEU Q 195 -23.18 -39.62 -77.55
CA LEU Q 195 -21.74 -39.82 -77.57
C LEU Q 195 -21.00 -38.66 -76.90
N ASN Q 196 -21.45 -37.42 -77.13
CA ASN Q 196 -20.78 -36.27 -76.53
C ASN Q 196 -20.83 -36.32 -75.01
N ARG Q 197 -21.87 -36.93 -74.44
CA ARG Q 197 -21.96 -37.11 -73.00
C ARG Q 197 -21.13 -38.29 -72.51
N LEU Q 198 -20.61 -39.11 -73.43
CA LEU Q 198 -19.79 -40.26 -73.04
C LEU Q 198 -18.30 -39.99 -73.13
N VAL Q 199 -17.87 -39.06 -73.97
CA VAL Q 199 -16.46 -38.75 -74.18
C VAL Q 199 -16.14 -37.42 -73.50
N ASP Q 200 -15.20 -37.45 -72.55
CA ASP Q 200 -14.72 -36.21 -71.97
C ASP Q 200 -13.79 -35.45 -72.91
N GLY Q 201 -13.27 -36.13 -73.93
CA GLY Q 201 -12.44 -35.48 -74.93
C GLY Q 201 -13.22 -34.96 -76.11
N ASP Q 202 -12.79 -35.30 -77.32
CA ASP Q 202 -13.40 -34.80 -78.55
C ASP Q 202 -13.76 -35.96 -79.48
N ILE Q 203 -14.71 -35.68 -80.37
CA ILE Q 203 -15.08 -36.59 -81.45
C ILE Q 203 -14.48 -36.02 -82.73
N ILE Q 204 -13.43 -36.67 -83.24
CA ILE Q 204 -12.60 -36.09 -84.29
C ILE Q 204 -13.02 -36.65 -85.64
N TRP Q 205 -13.13 -35.77 -86.64
CA TRP Q 205 -13.38 -36.15 -88.02
C TRP Q 205 -12.09 -36.68 -88.63
N ALA Q 206 -12.05 -37.99 -88.89
CA ALA Q 206 -10.86 -38.67 -89.40
C ALA Q 206 -11.20 -39.33 -90.74
N PRO Q 207 -11.16 -38.57 -91.83
CA PRO Q 207 -11.59 -39.11 -93.13
C PRO Q 207 -10.61 -40.10 -93.74
N ALA Q 208 -9.34 -40.06 -93.35
CA ALA Q 208 -8.35 -40.93 -93.97
C ALA Q 208 -8.45 -42.37 -93.48
N ILE Q 209 -8.88 -42.57 -92.24
CA ILE Q 209 -8.97 -43.91 -91.66
C ILE Q 209 -10.32 -44.53 -92.00
N ASP Q 210 -10.43 -45.84 -91.80
CA ASP Q 210 -11.71 -46.53 -91.88
C ASP Q 210 -12.06 -47.10 -90.52
N GLY Q 211 -13.36 -47.13 -90.24
CA GLY Q 211 -13.81 -47.64 -88.95
C GLY Q 211 -13.80 -46.54 -87.92
N ALA Q 212 -13.25 -46.84 -86.74
CA ALA Q 212 -13.21 -45.88 -85.66
C ALA Q 212 -12.12 -46.29 -84.67
N PHE Q 213 -11.70 -45.31 -83.87
CA PHE Q 213 -10.70 -45.53 -82.83
C PHE Q 213 -11.12 -44.81 -81.55
N VAL Q 214 -10.90 -45.47 -80.42
CA VAL Q 214 -11.11 -44.88 -79.10
C VAL Q 214 -9.80 -44.97 -78.36
N LEU Q 215 -9.18 -43.82 -78.10
CA LEU Q 215 -7.86 -43.76 -77.48
C LEU Q 215 -7.85 -42.67 -76.42
N THR Q 216 -6.74 -42.58 -75.69
CA THR Q 216 -6.54 -41.57 -74.66
C THR Q 216 -5.63 -40.46 -75.17
N THR Q 217 -5.86 -39.25 -74.67
CA THR Q 217 -5.02 -38.10 -74.96
C THR Q 217 -4.23 -37.64 -73.74
N ARG Q 218 -3.94 -38.57 -72.83
CA ARG Q 218 -3.16 -38.23 -71.64
C ARG Q 218 -1.72 -37.88 -71.99
N GLY Q 219 -1.22 -38.40 -73.10
CA GLY Q 219 0.14 -38.09 -73.52
C GLY Q 219 1.11 -39.21 -73.20
N GLY Q 220 2.15 -39.33 -74.03
CA GLY Q 220 3.18 -40.32 -73.83
C GLY Q 220 2.88 -41.68 -74.42
N ASP Q 221 1.79 -41.82 -75.16
CA ASP Q 221 1.40 -43.10 -75.76
C ASP Q 221 1.58 -43.14 -77.27
N PHE Q 222 1.28 -42.04 -77.97
CA PHE Q 222 1.41 -41.96 -79.41
C PHE Q 222 2.28 -40.78 -79.75
N ASP Q 223 3.40 -41.04 -80.44
CA ASP Q 223 4.44 -40.05 -80.66
C ASP Q 223 4.66 -39.87 -82.16
N LEU Q 224 4.30 -38.70 -82.68
CA LEU Q 224 4.56 -38.33 -84.07
C LEU Q 224 5.82 -37.48 -84.09
N GLN Q 225 6.97 -38.12 -84.36
CA GLN Q 225 8.26 -37.44 -84.36
C GLN Q 225 8.45 -36.71 -85.69
N LEU Q 226 8.43 -35.38 -85.64
CA LEU Q 226 8.65 -34.56 -86.82
C LEU Q 226 10.12 -34.19 -86.93
N GLY Q 227 10.71 -34.47 -88.09
CA GLY Q 227 12.03 -33.94 -88.41
C GLY Q 227 11.90 -32.69 -89.24
N THR Q 228 11.02 -32.74 -90.24
CA THR Q 228 10.68 -31.60 -91.06
C THR Q 228 9.17 -31.59 -91.26
N ASP Q 229 8.53 -30.52 -90.81
CA ASP Q 229 7.09 -30.41 -90.99
C ASP Q 229 6.76 -30.19 -92.46
N VAL Q 230 5.46 -30.24 -92.79
CA VAL Q 230 5.05 -30.13 -94.18
C VAL Q 230 5.43 -28.76 -94.72
N ALA Q 231 6.05 -28.75 -95.90
CA ALA Q 231 6.51 -27.52 -96.54
C ALA Q 231 6.30 -27.63 -98.04
N ILE Q 232 6.33 -26.48 -98.70
CA ILE Q 232 6.16 -26.41 -100.15
C ILE Q 232 7.51 -26.13 -100.77
N GLY Q 233 7.94 -27.00 -101.69
CA GLY Q 233 9.21 -26.85 -102.37
C GLY Q 233 9.03 -26.73 -103.88
N TYR Q 234 10.12 -26.38 -104.54
CA TYR Q 234 10.15 -26.18 -105.99
C TYR Q 234 10.98 -27.26 -106.65
N ALA Q 235 10.46 -27.82 -107.74
CA ALA Q 235 11.13 -28.88 -108.49
C ALA Q 235 11.60 -28.36 -109.85
N SER Q 236 10.67 -28.04 -110.75
CA SER Q 236 11.01 -27.57 -112.08
C SER Q 236 9.88 -26.70 -112.60
N HIS Q 237 10.12 -26.08 -113.75
CA HIS Q 237 9.13 -25.22 -114.37
C HIS Q 237 9.45 -25.04 -115.84
N ASP Q 238 8.40 -24.75 -116.62
CA ASP Q 238 8.57 -24.38 -118.02
C ASP Q 238 7.91 -23.02 -118.26
N THR Q 239 7.55 -22.74 -119.50
CA THR Q 239 6.91 -21.48 -119.83
C THR Q 239 5.42 -21.46 -119.52
N ASP Q 240 4.83 -22.59 -119.13
CA ASP Q 240 3.40 -22.65 -118.90
C ASP Q 240 3.03 -23.15 -117.51
N THR Q 241 3.87 -24.00 -116.91
CA THR Q 241 3.55 -24.63 -115.64
C THR Q 241 4.74 -24.59 -114.70
N VAL Q 242 4.43 -24.75 -113.41
CA VAL Q 242 5.43 -24.86 -112.35
C VAL Q 242 5.16 -26.14 -111.58
N ARG Q 243 6.20 -26.94 -111.36
CA ARG Q 243 6.09 -28.18 -110.62
C ARG Q 243 6.59 -27.97 -109.19
N LEU Q 244 5.66 -27.95 -108.24
CA LEU Q 244 5.97 -27.85 -106.82
C LEU Q 244 5.67 -29.19 -106.15
N TYR Q 245 5.83 -29.22 -104.83
CA TYR Q 245 5.62 -30.46 -104.09
C TYR Q 245 5.39 -30.14 -102.63
N LEU Q 246 4.64 -31.01 -101.96
CA LEU Q 246 4.50 -30.98 -100.52
C LEU Q 246 5.43 -32.03 -99.92
N GLN Q 247 6.30 -31.61 -99.01
CA GLN Q 247 7.30 -32.49 -98.44
C GLN Q 247 7.16 -32.53 -96.93
N GLU Q 248 7.49 -33.68 -96.35
CA GLU Q 248 7.38 -33.90 -94.92
C GLU Q 248 8.27 -35.07 -94.54
N THR Q 249 9.00 -34.93 -93.44
CA THR Q 249 9.89 -35.98 -92.95
C THR Q 249 9.52 -36.28 -91.51
N LEU Q 250 9.06 -37.50 -91.26
CA LEU Q 250 8.53 -37.85 -89.95
C LEU Q 250 8.61 -39.36 -89.76
N THR Q 251 8.24 -39.80 -88.56
CA THR Q 251 8.01 -41.21 -88.25
C THR Q 251 7.01 -41.26 -87.11
N PHE Q 252 6.42 -42.43 -86.91
CA PHE Q 252 5.46 -42.62 -85.84
C PHE Q 252 5.91 -43.76 -84.92
N LEU Q 253 5.64 -43.61 -83.62
CA LEU Q 253 5.97 -44.62 -82.63
C LEU Q 253 4.80 -44.76 -81.67
N CYS Q 254 4.45 -46.01 -81.37
CA CYS Q 254 3.36 -46.32 -80.45
C CYS Q 254 3.96 -46.99 -79.21
N TYR Q 255 3.90 -46.29 -78.07
CA TYR Q 255 4.56 -46.75 -76.86
C TYR Q 255 3.64 -47.55 -75.94
N THR Q 256 2.33 -47.35 -76.03
CA THR Q 256 1.38 -48.01 -75.13
C THR Q 256 0.37 -48.78 -75.96
N ALA Q 257 0.39 -50.11 -75.83
CA ALA Q 257 -0.52 -50.95 -76.60
C ALA Q 257 -1.95 -50.85 -76.12
N GLU Q 258 -2.14 -50.78 -74.80
CA GLU Q 258 -3.47 -50.77 -74.20
C GLU Q 258 -4.14 -49.39 -74.24
N ALA Q 259 -3.51 -48.39 -74.86
CA ALA Q 259 -4.05 -47.04 -74.87
C ALA Q 259 -5.05 -46.80 -75.98
N SER Q 260 -5.42 -47.81 -76.75
CA SER Q 260 -6.33 -47.62 -77.88
C SER Q 260 -7.24 -48.83 -78.04
N VAL Q 261 -8.40 -48.60 -78.65
CA VAL Q 261 -9.35 -49.65 -78.99
C VAL Q 261 -9.79 -49.41 -80.43
N ALA Q 262 -9.53 -50.38 -81.30
CA ALA Q 262 -9.84 -50.25 -82.72
C ALA Q 262 -11.22 -50.83 -83.04
N LEU Q 263 -11.89 -50.21 -84.00
CA LEU Q 263 -13.21 -50.63 -84.46
C LEU Q 263 -13.21 -50.65 -85.98
N SER Q 264 -13.94 -51.60 -86.57
CA SER Q 264 -13.97 -51.78 -88.01
C SER Q 264 -15.39 -52.11 -88.43
N HIS Q 265 -15.54 -52.43 -89.72
CA HIS Q 265 -16.86 -52.59 -90.37
C HIS Q 265 -17.67 -51.31 -90.26
N MET R 1 59.47 1.47 31.48
CA MET R 1 59.20 0.04 31.55
C MET R 1 57.98 -0.26 32.40
N ASN R 2 57.68 -1.53 32.57
CA ASN R 2 56.62 -1.99 33.45
C ASN R 2 57.21 -2.85 34.56
N ASN R 3 56.35 -3.49 35.35
CA ASN R 3 56.82 -4.33 36.45
C ASN R 3 57.61 -5.53 35.96
N LEU R 4 57.56 -5.85 34.67
CA LEU R 4 58.34 -6.97 34.15
C LEU R 4 59.81 -6.62 34.00
N TYR R 5 60.12 -5.34 33.76
CA TYR R 5 61.50 -4.87 33.61
C TYR R 5 62.26 -5.68 32.55
N ARG R 6 61.57 -5.95 31.44
CA ARG R 6 62.14 -6.77 30.37
C ARG R 6 63.36 -6.11 29.72
N ASP R 7 63.38 -4.78 29.66
CA ASP R 7 64.49 -4.07 29.00
C ASP R 7 65.81 -4.24 29.74
N LEU R 8 65.77 -4.61 31.02
CA LEU R 8 66.99 -4.77 31.80
C LEU R 8 67.62 -6.15 31.67
N ALA R 9 66.93 -7.08 31.02
CA ALA R 9 67.43 -8.45 30.90
C ALA R 9 68.44 -8.54 29.76
N PRO R 10 69.59 -9.17 29.97
CA PRO R 10 70.56 -9.39 28.87
C PRO R 10 70.11 -10.49 27.92
N VAL R 11 69.05 -10.20 27.15
CA VAL R 11 68.47 -11.15 26.21
C VAL R 11 68.33 -10.46 24.85
N THR R 12 68.88 -11.09 23.82
CA THR R 12 68.80 -10.56 22.46
C THR R 12 67.36 -10.60 21.96
N GLU R 13 67.06 -9.71 21.00
CA GLU R 13 65.74 -9.74 20.36
C GLU R 13 65.47 -11.10 19.74
N ALA R 14 66.49 -11.70 19.12
CA ALA R 14 66.32 -13.04 18.53
C ALA R 14 66.01 -14.08 19.61
N ALA R 15 66.72 -14.01 20.74
CA ALA R 15 66.44 -14.94 21.82
C ALA R 15 65.06 -14.69 22.40
N TRP R 16 64.67 -13.42 22.54
CA TRP R 16 63.32 -13.08 23.02
C TRP R 16 62.26 -13.70 22.13
N ALA R 17 62.49 -13.72 20.81
CA ALA R 17 61.52 -14.27 19.88
C ALA R 17 61.33 -15.76 20.10
N GLU R 18 62.44 -16.50 20.24
CA GLU R 18 62.33 -17.94 20.45
C GLU R 18 61.77 -18.26 21.84
N ILE R 19 62.17 -17.50 22.85
CA ILE R 19 61.67 -17.73 24.21
C ILE R 19 60.17 -17.51 24.27
N GLU R 20 59.69 -16.42 23.67
CA GLU R 20 58.26 -16.14 23.70
C GLU R 20 57.48 -17.14 22.85
N LEU R 21 58.02 -17.52 21.69
CA LEU R 21 57.36 -18.51 20.86
C LEU R 21 57.25 -19.84 21.57
N GLU R 22 58.32 -20.28 22.23
CA GLU R 22 58.31 -21.57 22.91
C GLU R 22 57.35 -21.54 24.10
N ALA R 23 57.39 -20.47 24.90
CA ALA R 23 56.48 -20.38 26.04
C ALA R 23 55.03 -20.35 25.60
N ALA R 24 54.74 -19.69 24.47
CA ALA R 24 53.37 -19.56 24.01
C ALA R 24 52.80 -20.91 23.59
N ARG R 25 53.52 -21.64 22.72
CA ARG R 25 52.97 -22.88 22.20
C ARG R 25 52.97 -23.99 23.24
N THR R 26 53.91 -23.97 24.19
CA THR R 26 53.90 -24.97 25.25
C THR R 26 52.73 -24.77 26.20
N PHE R 27 52.44 -23.53 26.56
CA PHE R 27 51.29 -23.25 27.43
C PHE R 27 49.98 -23.70 26.77
N LYS R 28 49.84 -23.45 25.47
CA LYS R 28 48.61 -23.80 24.77
C LYS R 28 48.43 -25.31 24.68
N ARG R 29 49.52 -26.07 24.66
CA ARG R 29 49.39 -27.52 24.52
C ARG R 29 48.85 -28.15 25.79
N HIS R 30 49.28 -27.67 26.95
CA HIS R 30 48.87 -28.22 28.23
C HIS R 30 47.56 -27.63 28.76
N ILE R 31 47.15 -26.48 28.24
CA ILE R 31 45.97 -25.79 28.73
C ILE R 31 44.72 -26.40 28.11
N ALA R 32 43.64 -26.41 28.88
CA ALA R 32 42.37 -26.97 28.40
C ALA R 32 41.16 -26.18 28.82
N GLY R 33 41.23 -25.37 29.86
CA GLY R 33 40.08 -24.63 30.32
C GLY R 33 39.77 -23.46 29.41
N ARG R 34 40.81 -22.81 28.88
CA ARG R 34 40.64 -21.68 27.98
C ARG R 34 39.95 -22.05 26.67
N ARG R 35 39.67 -23.33 26.45
CA ARG R 35 38.91 -23.72 25.27
C ARG R 35 37.45 -24.02 25.56
N VAL R 36 37.07 -24.04 26.83
CA VAL R 36 35.67 -24.28 27.19
C VAL R 36 35.10 -23.22 28.11
N VAL R 37 35.92 -22.48 28.84
CA VAL R 37 35.44 -21.46 29.75
C VAL R 37 35.52 -20.11 29.05
N ASP R 38 34.85 -19.11 29.62
CA ASP R 38 34.87 -17.76 29.09
C ASP R 38 36.05 -17.01 29.69
N VAL R 39 37.09 -16.77 28.89
CA VAL R 39 38.27 -16.04 29.32
C VAL R 39 38.10 -14.58 28.91
N SER R 40 38.17 -13.68 29.88
CA SER R 40 37.91 -12.27 29.64
C SER R 40 39.14 -11.59 29.05
N ASP R 41 38.94 -10.34 28.62
CA ASP R 41 40.06 -9.52 28.19
C ASP R 41 40.84 -9.04 29.41
N PRO R 42 42.16 -8.92 29.30
CA PRO R 42 42.97 -8.47 30.45
C PRO R 42 42.55 -7.10 30.93
N GLY R 43 42.11 -7.01 32.18
CA GLY R 43 41.67 -5.75 32.75
C GLY R 43 42.78 -4.80 33.13
N GLY R 44 44.03 -5.26 33.12
CA GLY R 44 45.15 -4.42 33.47
C GLY R 44 45.76 -4.79 34.81
N PRO R 45 46.97 -4.29 35.07
CA PRO R 45 47.63 -4.60 36.35
C PRO R 45 46.94 -4.00 37.56
N VAL R 46 46.03 -3.04 37.36
CA VAL R 46 45.32 -2.45 38.49
C VAL R 46 44.20 -3.36 39.00
N THR R 47 43.73 -4.30 38.17
CA THR R 47 42.65 -5.18 38.59
C THR R 47 43.06 -6.00 39.80
N ALA R 48 42.23 -5.97 40.84
CA ALA R 48 42.53 -6.69 42.07
C ALA R 48 41.38 -7.53 42.60
N ALA R 49 40.16 -7.35 42.10
CA ALA R 49 39.02 -8.12 42.58
C ALA R 49 37.95 -8.11 41.49
N VAL R 50 37.05 -9.10 41.58
CA VAL R 50 35.92 -9.22 40.67
C VAL R 50 34.65 -9.19 41.52
N SER R 51 33.77 -8.24 41.21
CA SER R 51 32.56 -8.05 42.00
C SER R 51 31.61 -9.24 41.79
N THR R 52 31.23 -9.88 42.89
CA THR R 52 30.23 -10.93 42.87
C THR R 52 28.81 -10.38 43.08
N GLY R 53 28.67 -9.07 43.23
CA GLY R 53 27.36 -8.43 43.32
C GLY R 53 26.60 -8.67 44.60
N ARG R 54 27.11 -9.50 45.51
CA ARG R 54 26.38 -9.87 46.71
C ARG R 54 26.76 -8.96 47.88
N LEU R 55 25.89 -8.90 48.87
CA LEU R 55 26.08 -8.07 50.05
C LEU R 55 26.46 -8.93 51.25
N ILE R 56 27.20 -8.32 52.17
CA ILE R 56 27.68 -9.00 53.37
C ILE R 56 27.26 -8.20 54.58
N ASP R 57 26.52 -8.84 55.49
CA ASP R 57 26.10 -8.18 56.72
C ASP R 57 27.32 -7.78 57.53
N VAL R 58 27.30 -6.55 58.07
CA VAL R 58 28.42 -6.02 58.84
C VAL R 58 27.85 -5.14 59.93
N LYS R 59 28.63 -4.92 60.98
CA LYS R 59 28.17 -4.13 62.11
C LYS R 59 27.85 -2.71 61.66
N ALA R 60 26.69 -2.21 62.05
CA ALA R 60 26.25 -0.89 61.65
C ALA R 60 27.11 0.19 62.31
N PRO R 61 27.29 1.34 61.65
CA PRO R 61 28.06 2.43 62.30
C PRO R 61 27.33 3.01 63.49
N THR R 62 26.03 3.26 63.37
CA THR R 62 25.20 3.72 64.46
C THR R 62 23.81 3.12 64.29
N ASN R 63 22.94 3.37 65.26
CA ASN R 63 21.57 2.89 65.16
C ASN R 63 20.81 3.64 64.08
N GLY R 64 19.97 2.91 63.34
CA GLY R 64 19.23 3.49 62.25
C GLY R 64 19.91 3.39 60.91
N VAL R 65 21.12 2.83 60.84
CA VAL R 65 21.86 2.67 59.60
C VAL R 65 22.01 1.18 59.31
N ILE R 66 21.77 0.79 58.06
CA ILE R 66 21.89 -0.59 57.61
C ILE R 66 23.12 -0.65 56.71
N ALA R 67 24.18 -1.30 57.18
CA ALA R 67 25.46 -1.35 56.48
C ALA R 67 25.70 -2.74 55.91
N HIS R 68 26.24 -2.77 54.68
CA HIS R 68 26.60 -4.00 54.01
C HIS R 68 27.89 -3.79 53.24
N LEU R 69 28.78 -4.79 53.27
CA LEU R 69 29.99 -4.77 52.46
C LEU R 69 29.73 -5.42 51.11
N ARG R 70 30.29 -4.83 50.07
CA ARG R 70 30.17 -5.37 48.73
C ARG R 70 31.14 -6.53 48.56
N ALA R 71 30.61 -7.72 48.29
CA ALA R 71 31.45 -8.89 48.13
C ALA R 71 32.15 -8.88 46.78
N SER R 72 33.39 -9.38 46.77
CA SER R 72 34.18 -9.41 45.54
C SER R 72 35.22 -10.52 45.66
N LYS R 73 35.46 -11.22 44.55
CA LYS R 73 36.41 -12.31 44.53
C LYS R 73 37.79 -11.78 44.17
N PRO R 74 38.81 -11.98 44.99
CA PRO R 74 40.11 -11.37 44.72
C PRO R 74 40.89 -12.11 43.65
N LEU R 75 41.78 -11.36 42.99
CA LEU R 75 42.68 -11.93 42.01
C LEU R 75 43.97 -12.42 42.67
N VAL R 76 44.51 -13.50 42.12
CA VAL R 76 45.77 -14.07 42.58
C VAL R 76 46.81 -13.93 41.49
N ARG R 77 48.02 -13.57 41.87
CA ARG R 77 49.12 -13.44 40.92
C ARG R 77 49.99 -14.69 41.00
N LEU R 78 50.07 -15.43 39.89
CA LEU R 78 50.89 -16.63 39.80
C LEU R 78 52.18 -16.28 39.07
N ARG R 79 53.31 -16.67 39.65
CA ARG R 79 54.62 -16.29 39.14
C ARG R 79 55.52 -17.52 39.17
N VAL R 80 55.89 -18.01 37.99
CA VAL R 80 56.71 -19.22 37.87
C VAL R 80 58.10 -18.85 37.37
N PRO R 81 59.10 -18.74 38.25
CA PRO R 81 60.44 -18.39 37.81
C PRO R 81 61.16 -19.54 37.13
N PHE R 82 62.09 -19.18 36.25
CA PHE R 82 62.95 -20.15 35.59
C PHE R 82 64.28 -19.47 35.26
N THR R 83 65.30 -20.30 35.05
CA THR R 83 66.66 -19.82 34.82
C THR R 83 67.15 -20.30 33.46
N LEU R 84 67.74 -19.39 32.69
CA LEU R 84 68.27 -19.69 31.37
C LEU R 84 69.77 -19.48 31.35
N SER R 85 70.46 -20.27 30.52
CA SER R 85 71.89 -20.11 30.34
C SER R 85 72.16 -18.99 29.35
N ARG R 86 73.03 -18.05 29.74
CA ARG R 86 73.34 -16.93 28.84
C ARG R 86 74.07 -17.38 27.59
N ASN R 87 74.78 -18.51 27.65
CA ASN R 87 75.38 -19.07 26.45
C ASN R 87 74.31 -19.52 25.46
N GLU R 88 73.26 -20.18 25.96
CA GLU R 88 72.16 -20.57 25.09
C GLU R 88 71.45 -19.35 24.52
N ILE R 89 71.38 -18.26 25.29
CA ILE R 89 70.75 -17.05 24.81
C ILE R 89 71.59 -16.39 23.71
N ASP R 90 72.90 -16.27 23.96
CA ASP R 90 73.79 -15.66 22.99
C ASP R 90 73.99 -16.52 21.74
N ASP R 91 73.70 -17.82 21.84
CA ASP R 91 73.85 -18.70 20.68
C ASP R 91 72.81 -18.38 19.61
N VAL R 92 71.66 -17.83 20.00
CA VAL R 92 70.57 -17.60 19.05
C VAL R 92 71.02 -16.64 17.95
N GLU R 93 71.64 -15.52 18.34
CA GLU R 93 72.09 -14.54 17.35
C GLU R 93 73.16 -15.13 16.45
N ARG R 94 73.93 -16.09 16.96
CA ARG R 94 74.99 -16.72 16.17
C ARG R 94 74.45 -17.75 15.19
N GLY R 95 73.16 -17.99 15.18
CA GLY R 95 72.54 -18.92 14.25
C GLY R 95 72.14 -20.25 14.84
N SER R 96 72.04 -20.36 16.16
CA SER R 96 71.71 -21.61 16.83
C SER R 96 70.20 -21.77 16.94
N LYS R 97 69.70 -22.93 16.53
CA LYS R 97 68.29 -23.26 16.67
C LYS R 97 68.04 -24.35 17.71
N ASP R 98 69.09 -24.86 18.35
CA ASP R 98 68.96 -25.92 19.36
C ASP R 98 69.27 -25.40 20.76
N SER R 99 69.01 -24.12 21.01
CA SER R 99 69.26 -23.56 22.34
C SER R 99 68.31 -24.20 23.35
N ASP R 100 68.80 -24.40 24.57
CA ASP R 100 68.08 -25.12 25.61
C ASP R 100 67.02 -24.21 26.22
N TRP R 101 65.78 -24.35 25.76
CA TRP R 101 64.64 -23.65 26.34
C TRP R 101 63.80 -24.55 27.23
N GLU R 102 64.38 -25.65 27.72
CA GLU R 102 63.63 -26.54 28.60
C GLU R 102 63.14 -25.85 29.88
N PRO R 103 63.90 -25.00 30.56
CA PRO R 103 63.32 -24.23 31.66
C PRO R 103 62.12 -23.39 31.24
N VAL R 104 62.10 -22.89 30.01
CA VAL R 104 60.93 -22.16 29.52
C VAL R 104 59.73 -23.10 29.42
N LYS R 105 59.94 -24.29 28.84
CA LYS R 105 58.84 -25.22 28.66
C LYS R 105 58.35 -25.78 29.98
N GLU R 106 59.25 -25.99 30.94
CA GLU R 106 58.84 -26.49 32.25
C GLU R 106 58.02 -25.47 33.00
N ALA R 107 58.39 -24.18 32.91
CA ALA R 107 57.61 -23.14 33.56
C ALA R 107 56.23 -23.00 32.90
N ALA R 108 56.17 -23.14 31.58
CA ALA R 108 54.89 -23.08 30.88
C ALA R 108 53.99 -24.25 31.27
N LYS R 109 54.55 -25.45 31.38
CA LYS R 109 53.76 -26.61 31.78
C LYS R 109 53.23 -26.44 33.20
N LYS R 110 54.04 -25.87 34.10
CA LYS R 110 53.59 -25.69 35.47
C LYS R 110 52.50 -24.64 35.59
N LEU R 111 52.69 -23.50 34.92
CA LEU R 111 51.66 -22.45 34.98
C LEU R 111 50.37 -22.91 34.33
N ALA R 112 50.47 -23.66 33.23
CA ALA R 112 49.27 -24.19 32.59
C ALA R 112 48.57 -25.20 33.50
N PHE R 113 49.35 -26.04 34.17
CA PHE R 113 48.75 -27.02 35.08
C PHE R 113 48.13 -26.34 36.30
N VAL R 114 48.78 -25.30 36.83
CA VAL R 114 48.23 -24.57 37.96
C VAL R 114 46.91 -23.92 37.57
N GLU R 115 46.83 -23.37 36.36
CA GLU R 115 45.61 -22.70 35.92
C GLU R 115 44.47 -23.68 35.75
N ASP R 116 44.72 -24.79 35.05
CA ASP R 116 43.66 -25.76 34.79
C ASP R 116 43.19 -26.44 36.08
N ARG R 117 44.13 -26.76 36.97
CA ARG R 117 43.73 -27.35 38.25
C ARG R 117 42.99 -26.34 39.13
N THR R 118 43.32 -25.05 39.00
CA THR R 118 42.58 -24.03 39.73
C THR R 118 41.15 -23.92 39.22
N ILE R 119 40.97 -24.03 37.90
CA ILE R 119 39.64 -23.90 37.31
C ILE R 119 38.77 -25.10 37.69
N PHE R 120 39.33 -26.31 37.58
CA PHE R 120 38.55 -27.53 37.71
C PHE R 120 38.61 -28.15 39.10
N GLU R 121 39.76 -28.10 39.77
CA GLU R 121 39.89 -28.71 41.08
C GLU R 121 39.84 -27.71 42.23
N GLY R 122 40.22 -26.47 42.00
CA GLY R 122 40.06 -25.42 42.99
C GLY R 122 41.40 -24.89 43.48
N TYR R 123 41.30 -23.80 44.24
CA TYR R 123 42.45 -23.13 44.85
C TYR R 123 41.93 -22.42 46.10
N SER R 124 41.86 -23.16 47.21
CA SER R 124 41.21 -22.63 48.41
C SER R 124 41.93 -21.41 48.97
N ALA R 125 43.25 -21.33 48.77
CA ALA R 125 44.01 -20.20 49.30
C ALA R 125 43.61 -18.89 48.62
N ALA R 126 43.09 -18.96 47.39
CA ALA R 126 42.64 -17.78 46.65
C ALA R 126 41.12 -17.69 46.58
N SER R 127 40.41 -18.43 47.43
CA SER R 127 38.95 -18.43 47.47
C SER R 127 38.36 -18.83 46.13
N ILE R 128 39.02 -19.76 45.44
CA ILE R 128 38.61 -20.22 44.12
C ILE R 128 38.11 -21.66 44.26
N GLU R 129 36.79 -21.84 44.19
CA GLU R 129 36.23 -23.18 44.22
C GLU R 129 36.34 -23.82 42.84
N GLY R 130 36.68 -25.11 42.83
CA GLY R 130 36.80 -25.80 41.56
C GLY R 130 35.46 -26.11 40.93
N ILE R 131 35.50 -26.41 39.63
CA ILE R 131 34.28 -26.82 38.93
C ILE R 131 33.76 -28.13 39.49
N ARG R 132 34.67 -29.04 39.85
CA ARG R 132 34.26 -30.32 40.39
C ARG R 132 33.53 -30.15 41.72
N SER R 133 34.03 -29.25 42.58
CA SER R 133 33.41 -29.06 43.88
C SER R 133 32.08 -28.33 43.77
N ALA R 134 31.95 -27.41 42.81
CA ALA R 134 30.73 -26.63 42.66
C ALA R 134 29.69 -27.32 41.80
N SER R 135 30.03 -28.42 41.13
CA SER R 135 29.11 -29.10 40.23
C SER R 135 27.97 -29.72 41.03
N SER R 136 26.77 -29.16 40.89
CA SER R 136 25.59 -29.71 41.56
C SER R 136 25.09 -31.00 40.93
N ASN R 137 25.56 -31.33 39.73
CA ASN R 137 25.10 -32.56 39.09
C ASN R 137 25.78 -33.77 39.74
N PRO R 138 25.09 -34.92 39.75
CA PRO R 138 25.69 -36.13 40.36
C PRO R 138 26.94 -36.55 39.62
N ALA R 139 28.05 -36.64 40.35
CA ALA R 139 29.31 -37.08 39.78
C ALA R 139 29.24 -38.55 39.41
N LEU R 140 30.04 -38.95 38.43
CA LEU R 140 30.04 -40.31 37.91
C LEU R 140 31.42 -40.93 38.04
N THR R 141 31.47 -42.25 37.98
CA THR R 141 32.71 -43.01 38.09
C THR R 141 33.08 -43.60 36.75
N LEU R 142 34.32 -43.41 36.34
CA LEU R 142 34.81 -43.99 35.10
C LEU R 142 34.86 -45.51 35.24
N PRO R 143 34.38 -46.27 34.26
CA PRO R 143 34.37 -47.73 34.39
C PRO R 143 35.76 -48.30 34.29
N GLU R 144 35.91 -49.52 34.80
CA GLU R 144 37.19 -50.22 34.69
C GLU R 144 37.43 -50.68 33.25
N ASP R 145 36.37 -51.10 32.57
CA ASP R 145 36.45 -51.46 31.15
C ASP R 145 36.34 -50.18 30.33
N PRO R 146 37.40 -49.79 29.61
CA PRO R 146 37.33 -48.56 28.81
C PRO R 146 36.28 -48.60 27.72
N ARG R 147 35.83 -49.78 27.30
CA ARG R 147 34.77 -49.86 26.30
C ARG R 147 33.41 -49.43 26.84
N GLU R 148 33.29 -49.18 28.14
CA GLU R 148 32.07 -48.66 28.74
C GLU R 148 32.12 -47.16 28.98
N ILE R 149 33.16 -46.48 28.47
CA ILE R 149 33.22 -45.02 28.60
C ILE R 149 32.04 -44.33 27.91
N PRO R 150 31.62 -44.73 26.71
CA PRO R 150 30.42 -44.08 26.13
C PRO R 150 29.19 -44.15 27.02
N ASP R 151 29.07 -45.17 27.86
CA ASP R 151 27.92 -45.25 28.76
C ASP R 151 27.94 -44.13 29.79
N VAL R 152 29.09 -43.90 30.41
CA VAL R 152 29.16 -42.87 31.46
C VAL R 152 29.08 -41.47 30.85
N ILE R 153 29.61 -41.29 29.64
CA ILE R 153 29.51 -40.00 28.98
C ILE R 153 28.07 -39.71 28.57
N SER R 154 27.33 -40.73 28.12
CA SER R 154 25.95 -40.53 27.72
C SER R 154 25.08 -40.07 28.88
N GLN R 155 25.19 -40.73 30.03
CA GLN R 155 24.39 -40.31 31.17
C GLN R 155 24.88 -39.00 31.75
N ALA R 156 26.17 -38.68 31.57
CA ALA R 156 26.65 -37.34 31.92
C ALA R 156 25.99 -36.28 31.04
N LEU R 157 25.91 -36.54 29.73
CA LEU R 157 25.23 -35.63 28.84
C LEU R 157 23.76 -35.47 29.19
N SER R 158 23.09 -36.59 29.53
CA SER R 158 21.69 -36.53 29.90
C SER R 158 21.48 -35.74 31.19
N GLU R 159 22.45 -35.79 32.11
CA GLU R 159 22.34 -34.98 33.32
C GLU R 159 22.31 -33.50 32.99
N LEU R 160 23.15 -33.07 32.03
CA LEU R 160 23.12 -31.67 31.61
C LEU R 160 21.82 -31.34 30.90
N ARG R 161 21.35 -32.22 30.02
CA ARG R 161 20.11 -31.95 29.29
C ARG R 161 18.91 -31.92 30.22
N LEU R 162 18.88 -32.79 31.24
CA LEU R 162 17.77 -32.81 32.17
C LEU R 162 17.80 -31.64 33.15
N ALA R 163 18.90 -30.89 33.20
CA ALA R 163 19.02 -29.73 34.07
C ALA R 163 18.75 -28.42 33.35
N GLY R 164 18.19 -28.47 32.14
CA GLY R 164 17.95 -27.26 31.39
C GLY R 164 19.18 -26.61 30.80
N VAL R 165 20.31 -27.31 30.80
CA VAL R 165 21.56 -26.77 30.27
C VAL R 165 21.63 -27.06 28.78
N ASP R 166 21.96 -26.04 28.00
CA ASP R 166 21.98 -26.11 26.54
C ASP R 166 23.42 -25.95 26.04
N GLY R 167 23.57 -25.45 24.81
CA GLY R 167 24.86 -25.12 24.27
C GLY R 167 25.61 -26.34 23.78
N PRO R 168 26.61 -26.13 22.93
CA PRO R 168 27.46 -27.25 22.50
C PRO R 168 28.15 -27.87 23.71
N TYR R 169 27.93 -29.16 23.89
CA TYR R 169 28.54 -29.88 25.00
C TYR R 169 29.91 -30.36 24.60
N SER R 170 30.88 -30.20 25.50
CA SER R 170 32.25 -30.64 25.28
C SER R 170 32.68 -31.54 26.43
N VAL R 171 33.66 -32.39 26.15
CA VAL R 171 34.15 -33.38 27.09
C VAL R 171 35.65 -33.16 27.25
N LEU R 172 36.10 -32.90 28.49
CA LEU R 172 37.52 -32.75 28.79
C LEU R 172 38.02 -34.03 29.46
N LEU R 173 39.04 -34.64 28.87
CA LEU R 173 39.61 -35.88 29.38
C LEU R 173 41.02 -35.66 29.89
N SER R 174 41.35 -36.35 30.98
CA SER R 174 42.71 -36.32 31.50
C SER R 174 43.66 -37.04 30.52
N ALA R 175 44.96 -36.93 30.82
CA ALA R 175 45.96 -37.52 29.94
C ALA R 175 45.77 -39.04 29.82
N ASP R 176 45.47 -39.70 30.93
CA ASP R 176 45.29 -41.15 30.91
C ASP R 176 44.00 -41.54 30.20
N VAL R 177 42.90 -40.84 30.50
CA VAL R 177 41.63 -41.18 29.89
C VAL R 177 41.64 -40.88 28.40
N TYR R 178 42.29 -39.78 28.00
CA TYR R 178 42.37 -39.44 26.59
C TYR R 178 43.14 -40.51 25.83
N THR R 179 44.26 -40.97 26.38
CA THR R 179 45.03 -42.03 25.73
C THR R 179 44.22 -43.33 25.66
N LYS R 180 43.45 -43.63 26.71
CA LYS R 180 42.63 -44.82 26.71
C LYS R 180 41.55 -44.75 25.64
N VAL R 181 40.87 -43.61 25.53
CA VAL R 181 39.82 -43.45 24.52
C VAL R 181 40.41 -43.55 23.12
N SER R 182 41.64 -43.08 22.92
CA SER R 182 42.24 -43.12 21.59
C SER R 182 42.61 -44.53 21.18
N GLU R 183 42.99 -45.38 22.13
CA GLU R 183 43.45 -46.74 21.82
C GLU R 183 42.37 -47.79 21.95
N THR R 184 41.36 -47.56 22.80
CA THR R 184 40.36 -48.58 23.05
C THR R 184 39.45 -48.76 21.83
N SER R 185 39.19 -50.02 21.48
CA SER R 185 38.28 -50.35 20.38
C SER R 185 37.40 -51.50 20.82
N ASP R 186 36.08 -51.28 20.79
CA ASP R 186 35.12 -52.32 21.13
C ASP R 186 34.83 -53.13 19.87
N HIS R 187 35.32 -54.37 19.83
CA HIS R 187 35.21 -55.23 18.66
C HIS R 187 35.77 -54.54 17.43
N GLY R 188 36.92 -53.88 17.59
CA GLY R 188 37.57 -53.18 16.50
C GLY R 188 37.06 -51.79 16.23
N TYR R 189 35.83 -51.47 16.61
CA TYR R 189 35.28 -50.14 16.39
C TYR R 189 35.88 -49.17 17.40
N PRO R 190 36.59 -48.13 16.96
CA PRO R 190 37.21 -47.20 17.92
C PRO R 190 36.15 -46.48 18.73
N ILE R 191 36.33 -46.48 20.06
CA ILE R 191 35.34 -45.85 20.93
C ILE R 191 35.38 -44.34 20.84
N ARG R 192 36.47 -43.75 20.34
CA ARG R 192 36.50 -42.30 20.20
C ARG R 192 35.56 -41.85 19.08
N GLU R 193 35.42 -42.66 18.03
CA GLU R 193 34.44 -42.36 16.99
C GLU R 193 33.02 -42.39 17.56
N HIS R 194 32.76 -43.31 18.49
CA HIS R 194 31.48 -43.31 19.18
C HIS R 194 31.28 -42.02 19.97
N LEU R 195 32.34 -41.57 20.66
CA LEU R 195 32.23 -40.37 21.46
C LEU R 195 32.10 -39.12 20.59
N ASN R 196 32.81 -39.08 19.46
CA ASN R 196 32.73 -37.91 18.58
C ASN R 196 31.33 -37.73 18.03
N ARG R 197 30.57 -38.82 17.85
CA ARG R 197 29.18 -38.72 17.44
C ARG R 197 28.25 -38.39 18.60
N LEU R 198 28.74 -38.45 19.84
CA LEU R 198 27.94 -38.11 21.01
C LEU R 198 28.16 -36.68 21.47
N VAL R 199 29.32 -36.11 21.17
CA VAL R 199 29.71 -34.76 21.58
C VAL R 199 29.59 -33.84 20.37
N ASP R 200 28.70 -32.84 20.48
CA ASP R 200 28.63 -31.81 19.45
C ASP R 200 29.78 -30.82 19.55
N GLY R 201 30.43 -30.75 20.70
CA GLY R 201 31.59 -29.89 20.87
C GLY R 201 32.88 -30.63 20.56
N ASP R 202 33.85 -30.56 21.47
CA ASP R 202 35.15 -31.17 21.26
C ASP R 202 35.51 -32.06 22.45
N ILE R 203 36.41 -33.00 22.20
CA ILE R 203 37.01 -33.83 23.23
C ILE R 203 38.42 -33.30 23.46
N ILE R 204 38.64 -32.62 24.59
CA ILE R 204 39.83 -31.82 24.83
C ILE R 204 40.85 -32.61 25.64
N TRP R 205 42.11 -32.53 25.23
CA TRP R 205 43.23 -33.10 25.97
C TRP R 205 43.56 -32.20 27.15
N ALA R 206 43.27 -32.69 28.37
CA ALA R 206 43.43 -31.91 29.60
C ALA R 206 44.39 -32.65 30.53
N PRO R 207 45.70 -32.49 30.34
CA PRO R 207 46.66 -33.27 31.15
C PRO R 207 46.73 -32.82 32.60
N ALA R 208 46.32 -31.59 32.91
CA ALA R 208 46.44 -31.09 34.28
C ALA R 208 45.37 -31.68 35.20
N ILE R 209 44.20 -32.00 34.67
CA ILE R 209 43.11 -32.51 35.48
C ILE R 209 43.25 -34.02 35.62
N ASP R 210 42.59 -34.58 36.62
CA ASP R 210 42.47 -36.01 36.82
C ASP R 210 41.01 -36.41 36.66
N GLY R 211 40.77 -37.47 35.89
CA GLY R 211 39.42 -37.90 35.63
C GLY R 211 38.88 -37.32 34.33
N ALA R 212 37.67 -36.78 34.37
CA ALA R 212 37.05 -36.21 33.18
C ALA R 212 35.95 -35.26 33.60
N PHE R 213 35.58 -34.38 32.67
CA PHE R 213 34.50 -33.42 32.88
C PHE R 213 33.64 -33.33 31.63
N VAL R 214 32.34 -33.22 31.83
CA VAL R 214 31.38 -33.00 30.75
C VAL R 214 30.64 -31.72 31.06
N LEU R 215 30.86 -30.68 30.25
CA LEU R 215 30.29 -29.37 30.50
C LEU R 215 29.75 -28.80 29.20
N THR R 216 29.11 -27.64 29.30
CA THR R 216 28.57 -26.92 28.16
C THR R 216 29.48 -25.75 27.80
N THR R 217 29.51 -25.42 26.51
CA THR R 217 30.26 -24.27 26.02
C THR R 217 29.33 -23.17 25.50
N ARG R 218 28.12 -23.09 26.08
CA ARG R 218 27.18 -22.05 25.66
C ARG R 218 27.66 -20.66 26.06
N GLY R 219 28.44 -20.56 27.12
CA GLY R 219 28.93 -19.28 27.58
C GLY R 219 28.14 -18.77 28.77
N GLY R 220 28.82 -18.01 29.63
CA GLY R 220 28.21 -17.41 30.79
C GLY R 220 28.16 -18.27 32.02
N ASP R 221 28.78 -19.44 32.01
CA ASP R 221 28.79 -20.35 33.15
C ASP R 221 30.15 -20.42 33.84
N PHE R 222 31.24 -20.40 33.08
CA PHE R 222 32.59 -20.49 33.62
C PHE R 222 33.37 -19.28 33.16
N ASP R 223 33.85 -18.48 34.12
CA ASP R 223 34.43 -17.17 33.84
C ASP R 223 35.85 -17.14 34.37
N LEU R 224 36.82 -17.09 33.47
CA LEU R 224 38.23 -16.90 33.80
C LEU R 224 38.56 -15.42 33.64
N GLN R 225 38.51 -14.67 34.75
CA GLN R 225 38.73 -13.23 34.73
C GLN R 225 40.22 -12.95 34.71
N LEU R 226 40.72 -12.43 33.60
CA LEU R 226 42.14 -12.11 33.45
C LEU R 226 42.37 -10.64 33.82
N GLY R 227 43.32 -10.40 34.72
CA GLY R 227 43.81 -9.07 34.96
C GLY R 227 45.07 -8.82 34.15
N THR R 228 45.97 -9.80 34.18
CA THR R 228 47.19 -9.79 33.37
C THR R 228 47.39 -11.17 32.80
N ASP R 229 47.42 -11.27 31.46
CA ASP R 229 47.64 -12.55 30.82
C ASP R 229 49.08 -13.00 31.03
N VAL R 230 49.37 -14.24 30.62
CA VAL R 230 50.70 -14.80 30.84
C VAL R 230 51.74 -13.99 30.06
N ALA R 231 52.80 -13.58 30.75
CA ALA R 231 53.86 -12.79 30.16
C ALA R 231 55.19 -13.23 30.76
N ILE R 232 56.28 -12.85 30.08
CA ILE R 232 57.62 -13.19 30.51
C ILE R 232 58.26 -11.93 31.08
N GLY R 233 58.70 -12.00 32.34
CA GLY R 233 59.34 -10.89 33.00
C GLY R 233 60.76 -11.25 33.44
N TYR R 234 61.49 -10.22 33.86
CA TYR R 234 62.88 -10.35 34.25
C TYR R 234 63.03 -10.11 35.75
N ALA R 235 63.81 -10.96 36.40
CA ALA R 235 64.06 -10.87 37.84
C ALA R 235 65.50 -10.44 38.11
N SER R 236 66.47 -11.29 37.81
CA SER R 236 67.87 -10.97 38.06
C SER R 236 68.73 -11.76 37.08
N HIS R 237 70.03 -11.45 37.08
CA HIS R 237 70.97 -12.15 36.21
C HIS R 237 72.38 -11.92 36.73
N ASP R 238 73.26 -12.86 36.41
CA ASP R 238 74.69 -12.69 36.65
C ASP R 238 75.44 -12.83 35.33
N THR R 239 76.72 -13.19 35.40
CA THR R 239 77.52 -13.34 34.19
C THR R 239 77.29 -14.67 33.49
N ASP R 240 76.49 -15.58 34.08
CA ASP R 240 76.29 -16.90 33.50
C ASP R 240 74.83 -17.26 33.25
N THR R 241 73.89 -16.73 34.04
CA THR R 241 72.50 -17.11 33.91
C THR R 241 71.61 -15.87 33.98
N VAL R 242 70.38 -16.04 33.49
CA VAL R 242 69.34 -15.01 33.58
C VAL R 242 68.13 -15.64 34.24
N ARG R 243 67.57 -14.96 35.22
CA ARG R 243 66.39 -15.43 35.94
C ARG R 243 65.15 -14.70 35.40
N LEU R 244 64.34 -15.42 34.64
CA LEU R 244 63.07 -14.90 34.14
C LEU R 244 61.92 -15.59 34.86
N TYR R 245 60.70 -15.27 34.46
CA TYR R 245 59.53 -15.84 35.12
C TYR R 245 58.32 -15.70 34.21
N LEU R 246 57.38 -16.63 34.38
CA LEU R 246 56.07 -16.53 33.77
C LEU R 246 55.10 -16.00 34.82
N GLN R 247 54.41 -14.91 34.50
CA GLN R 247 53.53 -14.25 35.46
C GLN R 247 52.12 -14.16 34.89
N GLU R 248 51.14 -14.22 35.78
CA GLU R 248 49.74 -14.21 35.38
C GLU R 248 48.90 -13.80 36.59
N THR R 249 47.91 -12.93 36.36
CA THR R 249 47.01 -12.48 37.42
C THR R 249 45.58 -12.75 36.96
N LEU R 250 44.88 -13.62 37.68
CA LEU R 250 43.57 -14.05 37.24
C LEU R 250 42.76 -14.56 38.43
N THR R 251 41.50 -14.90 38.15
CA THR R 251 40.63 -15.64 39.05
C THR R 251 39.62 -16.40 38.21
N PHE R 252 38.99 -17.38 38.82
CA PHE R 252 37.95 -18.16 38.16
C PHE R 252 36.67 -18.08 38.96
N LEU R 253 35.54 -18.05 38.24
CA LEU R 253 34.23 -17.99 38.87
C LEU R 253 33.30 -18.96 38.16
N CYS R 254 32.53 -19.72 38.93
CA CYS R 254 31.57 -20.68 38.40
C CYS R 254 30.17 -20.19 38.75
N TYR R 255 29.42 -19.78 37.73
CA TYR R 255 28.12 -19.16 37.94
C TYR R 255 26.96 -20.15 37.88
N THR R 256 27.13 -21.28 37.18
CA THR R 256 26.06 -22.27 37.01
C THR R 256 26.57 -23.61 37.53
N ALA R 257 25.95 -24.10 38.60
CA ALA R 257 26.39 -25.36 39.20
C ALA R 257 26.02 -26.56 38.33
N GLU R 258 24.83 -26.53 37.75
CA GLU R 258 24.34 -27.66 36.97
C GLU R 258 24.92 -27.72 35.56
N ALA R 259 25.84 -26.83 35.22
CA ALA R 259 26.40 -26.77 33.88
C ALA R 259 27.57 -27.73 33.67
N SER R 260 27.90 -28.56 34.65
CA SER R 260 29.05 -29.45 34.54
C SER R 260 28.75 -30.78 35.22
N VAL R 261 29.43 -31.82 34.76
CA VAL R 261 29.35 -33.16 35.34
C VAL R 261 30.77 -33.67 35.53
N ALA R 262 31.15 -33.97 36.77
CA ALA R 262 32.49 -34.42 37.08
C ALA R 262 32.57 -35.94 37.06
N LEU R 263 33.73 -36.45 36.66
CA LEU R 263 33.98 -37.88 36.59
C LEU R 263 35.33 -38.19 37.22
N SER R 264 35.41 -39.31 37.93
CA SER R 264 36.64 -39.71 38.61
C SER R 264 36.78 -41.23 38.52
N HIS R 265 37.92 -41.72 38.99
CA HIS R 265 38.21 -43.15 38.97
C HIS R 265 37.74 -43.84 40.25
N LYS R 266 38.09 -43.29 41.41
CA LYS R 266 37.69 -43.84 42.71
C LYS R 266 38.06 -45.33 42.85
N MET S 1 80.36 -25.33 -18.85
CA MET S 1 79.68 -26.37 -18.10
C MET S 1 79.86 -26.19 -16.61
N ASN S 2 79.33 -27.13 -15.83
CA ASN S 2 79.52 -27.17 -14.39
C ASN S 2 80.24 -28.45 -14.03
N ASN S 3 80.35 -28.73 -12.72
CA ASN S 3 81.05 -29.92 -12.27
C ASN S 3 80.36 -31.21 -12.69
N LEU S 4 79.09 -31.14 -13.12
CA LEU S 4 78.41 -32.34 -13.59
C LEU S 4 78.88 -32.76 -14.98
N TYR S 5 79.32 -31.80 -15.79
CA TYR S 5 79.81 -32.07 -17.14
C TYR S 5 78.77 -32.83 -17.97
N ARG S 6 77.51 -32.41 -17.85
CA ARG S 6 76.43 -33.08 -18.57
C ARG S 6 76.57 -32.92 -20.07
N ASP S 7 77.16 -31.81 -20.52
CA ASP S 7 77.29 -31.56 -21.95
C ASP S 7 78.24 -32.53 -22.63
N LEU S 8 79.13 -33.19 -21.87
CA LEU S 8 80.08 -34.13 -22.43
C LEU S 8 79.53 -35.54 -22.54
N ALA S 9 78.35 -35.80 -21.98
CA ALA S 9 77.79 -37.15 -22.00
C ALA S 9 77.11 -37.42 -23.34
N PRO S 10 77.36 -38.56 -23.97
CA PRO S 10 76.65 -38.92 -25.22
C PRO S 10 75.22 -39.39 -24.93
N VAL S 11 74.38 -38.44 -24.54
CA VAL S 11 72.99 -38.70 -24.20
C VAL S 11 72.11 -37.72 -24.96
N THR S 12 71.12 -38.26 -25.68
CA THR S 12 70.21 -37.44 -26.47
C THR S 12 69.36 -36.56 -25.55
N GLU S 13 68.88 -35.44 -26.11
CA GLU S 13 67.95 -34.59 -25.38
C GLU S 13 66.71 -35.37 -24.95
N ALA S 14 66.19 -36.23 -25.83
CA ALA S 14 65.05 -37.07 -25.48
C ALA S 14 65.41 -38.05 -24.38
N ALA S 15 66.58 -38.68 -24.47
CA ALA S 15 67.00 -39.63 -23.45
C ALA S 15 67.19 -38.92 -22.11
N TRP S 16 67.76 -37.72 -22.11
CA TRP S 16 67.91 -36.96 -20.88
C TRP S 16 66.56 -36.73 -20.22
N ALA S 17 65.52 -36.47 -21.02
CA ALA S 17 64.19 -36.22 -20.46
C ALA S 17 63.65 -37.46 -19.77
N GLU S 18 63.79 -38.63 -20.42
CA GLU S 18 63.28 -39.87 -19.83
C GLU S 18 64.09 -40.26 -18.60
N ILE S 19 65.41 -40.07 -18.65
CA ILE S 19 66.25 -40.39 -17.49
C ILE S 19 65.89 -39.51 -16.31
N GLU S 20 65.71 -38.21 -16.56
CA GLU S 20 65.38 -37.27 -15.50
C GLU S 20 63.98 -37.53 -14.95
N LEU S 21 63.02 -37.84 -15.82
CA LEU S 21 61.67 -38.14 -15.36
C LEU S 21 61.66 -39.39 -14.47
N GLU S 22 62.36 -40.44 -14.89
CA GLU S 22 62.36 -41.68 -14.12
C GLU S 22 63.07 -41.48 -12.78
N ALA S 23 64.23 -40.81 -12.81
CA ALA S 23 64.96 -40.56 -11.56
C ALA S 23 64.15 -39.70 -10.61
N ALA S 24 63.39 -38.74 -11.14
CA ALA S 24 62.64 -37.83 -10.28
C ALA S 24 61.52 -38.56 -9.54
N ARG S 25 60.69 -39.30 -10.26
CA ARG S 25 59.54 -39.95 -9.64
C ARG S 25 59.95 -41.14 -8.79
N THR S 26 61.06 -41.81 -9.15
CA THR S 26 61.53 -42.94 -8.34
C THR S 26 62.05 -42.48 -7.00
N PHE S 27 62.85 -41.40 -6.97
CA PHE S 27 63.34 -40.87 -5.70
C PHE S 27 62.18 -40.45 -4.82
N LYS S 28 61.15 -39.85 -5.42
CA LYS S 28 60.00 -39.33 -4.69
C LYS S 28 59.18 -40.42 -4.03
N ARG S 29 59.16 -41.62 -4.61
CA ARG S 29 58.39 -42.72 -4.06
C ARG S 29 59.04 -43.28 -2.81
N HIS S 30 60.36 -43.42 -2.83
CA HIS S 30 61.08 -44.00 -1.71
C HIS S 30 61.39 -42.99 -0.64
N ILE S 31 61.34 -41.71 -0.97
CA ILE S 31 61.75 -40.68 -0.03
C ILE S 31 60.57 -40.40 0.89
N ALA S 32 60.87 -40.37 2.18
CA ALA S 32 59.93 -40.09 3.26
C ALA S 32 60.73 -39.41 4.35
N GLY S 33 60.45 -38.14 4.60
CA GLY S 33 61.21 -37.38 5.56
C GLY S 33 61.33 -35.97 5.03
N ARG S 34 61.54 -35.90 3.71
CA ARG S 34 61.36 -34.63 3.01
C ARG S 34 59.90 -34.23 3.03
N ARG S 35 59.02 -35.09 3.55
CA ARG S 35 57.62 -34.76 3.71
C ARG S 35 57.27 -34.42 5.14
N VAL S 36 58.20 -34.56 6.08
CA VAL S 36 57.96 -34.19 7.46
C VAL S 36 59.00 -33.23 8.02
N VAL S 37 60.20 -33.16 7.46
CA VAL S 37 61.23 -32.27 7.96
C VAL S 37 61.22 -31.01 7.11
N ASP S 38 61.92 -29.98 7.58
CA ASP S 38 62.03 -28.72 6.86
C ASP S 38 63.20 -28.81 5.89
N VAL S 39 62.90 -28.89 4.60
CA VAL S 39 63.92 -28.97 3.56
C VAL S 39 64.19 -27.55 3.07
N SER S 40 65.44 -27.12 3.18
CA SER S 40 65.81 -25.76 2.84
C SER S 40 66.03 -25.62 1.34
N ASP S 41 66.19 -24.38 0.91
CA ASP S 41 66.54 -24.12 -0.48
C ASP S 41 68.01 -24.44 -0.70
N PRO S 42 68.38 -24.96 -1.87
CA PRO S 42 69.79 -25.28 -2.14
C PRO S 42 70.67 -24.05 -2.00
N GLY S 43 71.64 -24.13 -1.10
CA GLY S 43 72.53 -23.00 -0.85
C GLY S 43 73.57 -22.75 -1.90
N GLY S 44 73.74 -23.67 -2.86
CA GLY S 44 74.71 -23.50 -3.92
C GLY S 44 75.88 -24.44 -3.78
N PRO S 45 76.67 -24.59 -4.85
CA PRO S 45 77.83 -25.49 -4.78
C PRO S 45 78.90 -25.03 -3.83
N VAL S 46 78.89 -23.76 -3.40
CA VAL S 46 79.88 -23.28 -2.45
C VAL S 46 79.55 -23.70 -1.02
N THR S 47 78.30 -24.04 -0.73
CA THR S 47 77.91 -24.38 0.63
C THR S 47 78.71 -25.58 1.15
N ALA S 48 79.35 -25.41 2.31
CA ALA S 48 80.18 -26.45 2.89
C ALA S 48 79.91 -26.72 4.36
N ALA S 49 79.19 -25.84 5.06
CA ALA S 49 78.93 -26.05 6.48
C ALA S 49 77.67 -25.29 6.86
N VAL S 50 77.08 -25.68 7.98
CA VAL S 50 75.92 -25.02 8.56
C VAL S 50 76.27 -24.61 9.98
N SER S 51 76.17 -23.32 10.27
CA SER S 51 76.54 -22.81 11.60
C SER S 51 75.55 -23.30 12.64
N THR S 52 76.06 -23.94 13.68
CA THR S 52 75.28 -24.32 14.84
C THR S 52 75.27 -23.21 15.89
N GLY S 53 75.93 -22.09 15.62
CA GLY S 53 75.89 -20.94 16.49
C GLY S 53 76.63 -21.09 17.80
N ARG S 54 77.21 -22.25 18.07
CA ARG S 54 77.84 -22.52 19.35
C ARG S 54 79.33 -22.21 19.30
N LEU S 55 79.92 -22.00 20.47
CA LEU S 55 81.33 -21.68 20.59
C LEU S 55 82.09 -22.88 21.13
N ILE S 56 83.37 -22.98 20.77
CA ILE S 56 84.24 -24.07 21.18
C ILE S 56 85.49 -23.47 21.81
N ASP S 57 85.76 -23.84 23.06
CA ASP S 57 86.96 -23.36 23.74
C ASP S 57 88.20 -23.81 22.98
N VAL S 58 89.15 -22.89 22.81
CA VAL S 58 90.37 -23.16 22.08
C VAL S 58 91.50 -22.37 22.73
N LYS S 59 92.73 -22.81 22.52
CA LYS S 59 93.89 -22.18 23.15
C LYS S 59 94.00 -20.73 22.70
N ALA S 60 94.19 -19.84 23.67
CA ALA S 60 94.28 -18.41 23.38
C ALA S 60 95.57 -18.09 22.64
N PRO S 61 95.57 -17.06 21.79
CA PRO S 61 96.82 -16.67 21.11
C PRO S 61 97.85 -16.11 22.06
N THR S 62 97.44 -15.23 22.96
CA THR S 62 98.30 -14.67 24.00
C THR S 62 97.45 -14.46 25.25
N ASN S 63 98.10 -14.02 26.32
CA ASN S 63 97.37 -13.75 27.55
C ASN S 63 96.52 -12.50 27.38
N GLY S 64 95.32 -12.52 27.96
CA GLY S 64 94.39 -11.42 27.83
C GLY S 64 93.43 -11.53 26.67
N VAL S 65 93.51 -12.60 25.88
CA VAL S 65 92.63 -12.82 24.74
C VAL S 65 91.82 -14.07 25.03
N ILE S 66 90.51 -14.01 24.77
CA ILE S 66 89.61 -15.12 24.94
C ILE S 66 89.18 -15.59 23.56
N ALA S 67 89.66 -16.77 23.17
CA ALA S 67 89.46 -17.28 21.82
C ALA S 67 88.44 -18.42 21.81
N HIS S 68 87.57 -18.41 20.80
CA HIS S 68 86.57 -19.46 20.61
C HIS S 68 86.45 -19.77 19.13
N LEU S 69 86.34 -21.05 18.79
CA LEU S 69 86.10 -21.47 17.43
C LEU S 69 84.60 -21.55 17.17
N ARG S 70 84.15 -21.01 16.03
CA ARG S 70 82.74 -21.06 15.69
C ARG S 70 82.38 -22.47 15.24
N ALA S 71 81.36 -23.04 15.87
CA ALA S 71 80.95 -24.41 15.59
C ALA S 71 80.06 -24.47 14.34
N SER S 72 80.21 -25.56 13.59
CA SER S 72 79.44 -25.75 12.37
C SER S 72 79.31 -27.25 12.10
N LYS S 73 78.29 -27.59 11.33
CA LYS S 73 78.02 -28.96 10.93
CA LYS S 73 78.03 -28.97 10.94
C LYS S 73 78.37 -29.12 9.47
N PRO S 74 79.37 -29.94 9.11
CA PRO S 74 79.79 -30.02 7.71
C PRO S 74 78.77 -30.71 6.83
N LEU S 75 78.81 -30.36 5.55
CA LEU S 75 77.96 -31.00 4.55
C LEU S 75 78.67 -32.22 3.97
N VAL S 76 77.87 -33.23 3.64
CA VAL S 76 78.37 -34.47 3.05
C VAL S 76 77.82 -34.56 1.63
N ARG S 77 78.68 -34.99 0.70
CA ARG S 77 78.29 -35.19 -0.69
C ARG S 77 78.03 -36.67 -0.93
N LEU S 78 76.80 -37.00 -1.30
CA LEU S 78 76.43 -38.37 -1.61
C LEU S 78 76.40 -38.52 -3.12
N ARG S 79 77.07 -39.55 -3.64
CA ARG S 79 77.23 -39.73 -5.07
C ARG S 79 77.01 -41.21 -5.39
N VAL S 80 75.93 -41.53 -6.08
CA VAL S 80 75.58 -42.91 -6.41
C VAL S 80 75.77 -43.14 -7.90
N PRO S 81 76.87 -43.75 -8.32
CA PRO S 81 77.09 -43.96 -9.76
C PRO S 81 76.23 -45.06 -10.31
N PHE S 82 75.94 -44.96 -11.61
CA PHE S 82 75.24 -46.01 -12.34
C PHE S 82 75.66 -45.96 -13.80
N THR S 83 75.47 -47.08 -14.49
CA THR S 83 75.90 -47.24 -15.87
C THR S 83 74.70 -47.57 -16.75
N LEU S 84 74.59 -46.89 -17.87
CA LEU S 84 73.51 -47.10 -18.82
C LEU S 84 74.05 -47.61 -20.15
N SER S 85 73.24 -48.40 -20.84
CA SER S 85 73.59 -48.91 -22.16
C SER S 85 73.34 -47.84 -23.22
N ARG S 86 74.34 -47.59 -24.05
CA ARG S 86 74.18 -46.60 -25.11
C ARG S 86 73.15 -47.03 -26.14
N ASN S 87 72.92 -48.34 -26.29
CA ASN S 87 71.84 -48.79 -27.16
C ASN S 87 70.48 -48.39 -26.61
N GLU S 88 70.28 -48.55 -25.30
CA GLU S 88 69.04 -48.11 -24.69
C GLU S 88 68.88 -46.59 -24.74
N ILE S 89 69.99 -45.85 -24.68
CA ILE S 89 69.94 -44.40 -24.74
C ILE S 89 69.53 -43.95 -26.15
N ASP S 90 70.18 -44.52 -27.17
CA ASP S 90 69.87 -44.15 -28.55
C ASP S 90 68.49 -44.62 -28.98
N ASP S 91 67.91 -45.60 -28.27
CA ASP S 91 66.58 -46.08 -28.63
C ASP S 91 65.51 -45.03 -28.37
N VAL S 92 65.76 -44.10 -27.43
CA VAL S 92 64.75 -43.11 -27.06
C VAL S 92 64.37 -42.25 -28.26
N GLU S 93 65.38 -41.74 -28.97
CA GLU S 93 65.12 -40.89 -30.13
C GLU S 93 64.41 -41.65 -31.24
N ARG S 94 64.64 -42.96 -31.33
CA ARG S 94 63.98 -43.77 -32.36
C ARG S 94 62.55 -44.15 -31.99
N GLY S 95 62.06 -43.74 -30.82
CA GLY S 95 60.70 -44.01 -30.43
C GLY S 95 60.51 -45.11 -29.40
N SER S 96 61.55 -45.49 -28.67
CA SER S 96 61.45 -46.56 -27.69
C SER S 96 60.98 -46.01 -26.35
N LYS S 97 59.95 -46.65 -25.80
CA LYS S 97 59.43 -46.31 -24.48
C LYS S 97 59.74 -47.39 -23.45
N ASP S 98 60.43 -48.45 -23.85
CA ASP S 98 60.80 -49.55 -22.96
C ASP S 98 62.31 -49.58 -22.72
N SER S 99 62.95 -48.41 -22.77
CA SER S 99 64.38 -48.34 -22.54
C SER S 99 64.71 -48.72 -21.10
N ASP S 100 65.85 -49.39 -20.93
CA ASP S 100 66.23 -49.92 -19.63
C ASP S 100 66.77 -48.80 -18.76
N TRP S 101 65.92 -48.25 -17.89
CA TRP S 101 66.34 -47.27 -16.91
C TRP S 101 66.46 -47.88 -15.52
N GLU S 102 66.61 -49.19 -15.43
CA GLU S 102 66.77 -49.85 -14.14
C GLU S 102 67.98 -49.36 -13.36
N PRO S 103 69.17 -49.15 -13.97
CA PRO S 103 70.26 -48.51 -13.20
C PRO S 103 69.89 -47.16 -12.64
N VAL S 104 69.07 -46.39 -13.35
CA VAL S 104 68.63 -45.09 -12.85
C VAL S 104 67.75 -45.27 -11.62
N LYS S 105 66.80 -46.21 -11.68
CA LYS S 105 65.89 -46.41 -10.56
C LYS S 105 66.61 -46.97 -9.34
N GLU S 106 67.59 -47.86 -9.56
CA GLU S 106 68.33 -48.42 -8.43
C GLU S 106 69.18 -47.34 -7.77
N ALA S 107 69.77 -46.44 -8.56
CA ALA S 107 70.53 -45.34 -7.97
C ALA S 107 69.62 -44.39 -7.21
N ALA S 108 68.42 -44.14 -7.73
CA ALA S 108 67.47 -43.29 -7.01
C ALA S 108 67.02 -43.93 -5.71
N LYS S 109 66.74 -45.24 -5.74
CA LYS S 109 66.36 -45.95 -4.52
C LYS S 109 67.50 -45.96 -3.51
N LYS S 110 68.73 -46.11 -3.99
CA LYS S 110 69.87 -46.15 -3.07
C LYS S 110 70.12 -44.79 -2.44
N LEU S 111 70.10 -43.72 -3.25
CA LEU S 111 70.32 -42.38 -2.70
C LEU S 111 69.19 -41.97 -1.76
N ALA S 112 67.95 -42.32 -2.11
CA ALA S 112 66.83 -42.00 -1.23
C ALA S 112 66.94 -42.73 0.10
N PHE S 113 67.36 -44.00 0.07
CA PHE S 113 67.50 -44.76 1.31
C PHE S 113 68.64 -44.22 2.17
N VAL S 114 69.75 -43.83 1.54
CA VAL S 114 70.87 -43.27 2.29
C VAL S 114 70.45 -41.98 2.99
N GLU S 115 69.66 -41.15 2.30
CA GLU S 115 69.24 -39.88 2.88
C GLU S 115 68.30 -40.10 4.06
N ASP S 116 67.30 -40.98 3.88
CA ASP S 116 66.33 -41.20 4.94
C ASP S 116 66.96 -41.87 6.15
N ARG S 117 67.84 -42.85 5.91
CA ARG S 117 68.53 -43.50 7.02
CA ARG S 117 68.54 -43.51 7.01
C ARG S 117 69.51 -42.56 7.70
N THR S 118 70.04 -41.57 6.97
CA THR S 118 70.88 -40.56 7.59
C THR S 118 70.07 -39.65 8.51
N ILE S 119 68.84 -39.32 8.08
CA ILE S 119 68.00 -38.43 8.86
C ILE S 119 67.52 -39.13 10.13
N PHE S 120 67.07 -40.38 10.02
CA PHE S 120 66.42 -41.07 11.11
C PHE S 120 67.35 -41.97 11.93
N GLU S 121 68.29 -42.65 11.28
CA GLU S 121 69.19 -43.55 12.00
C GLU S 121 70.56 -42.96 12.25
N GLY S 122 71.03 -42.06 11.40
CA GLY S 122 72.27 -41.35 11.61
C GLY S 122 73.32 -41.69 10.57
N TYR S 123 74.40 -40.91 10.63
CA TYR S 123 75.56 -41.08 9.75
C TYR S 123 76.77 -40.53 10.52
N SER S 124 77.37 -41.41 11.33
CA SER S 124 78.42 -40.97 12.24
C SER S 124 79.63 -40.44 11.50
N ALA S 125 79.91 -40.95 10.30
CA ALA S 125 81.05 -40.47 9.53
C ALA S 125 80.89 -39.02 9.12
N ALA S 126 79.65 -38.54 9.01
CA ALA S 126 79.37 -37.15 8.66
C ALA S 126 78.88 -36.35 9.85
N SER S 127 79.07 -36.87 11.07
CA SER S 127 78.67 -36.20 12.30
C SER S 127 77.17 -35.89 12.33
N ILE S 128 76.36 -36.76 11.75
CA ILE S 128 74.91 -36.56 11.66
C ILE S 128 74.23 -37.55 12.58
N GLU S 129 73.72 -37.06 13.72
CA GLU S 129 72.98 -37.90 14.65
C GLU S 129 71.56 -38.09 14.14
N GLY S 130 71.11 -39.33 14.08
CA GLY S 130 69.77 -39.60 13.61
C GLY S 130 68.70 -39.06 14.55
N ILE S 131 67.48 -38.99 14.04
CA ILE S 131 66.35 -38.56 14.87
C ILE S 131 66.14 -39.56 16.00
N ARG S 132 66.33 -40.85 15.71
CA ARG S 132 66.12 -41.89 16.71
C ARG S 132 67.08 -41.73 17.88
N SER S 133 68.34 -41.39 17.59
CA SER S 133 69.34 -41.27 18.65
C SER S 133 69.12 -40.02 19.49
N ALA S 134 68.65 -38.93 18.88
CA ALA S 134 68.47 -37.68 19.60
C ALA S 134 67.12 -37.55 20.30
N SER S 135 66.19 -38.46 20.05
CA SER S 135 64.85 -38.37 20.62
C SER S 135 64.90 -38.59 22.13
N SER S 136 64.64 -37.52 22.89
CA SER S 136 64.61 -37.61 24.35
C SER S 136 63.36 -38.30 24.89
N ASN S 137 62.34 -38.51 24.06
CA ASN S 137 61.12 -39.16 24.52
C ASN S 137 61.35 -40.67 24.66
N PRO S 138 60.62 -41.31 25.59
CA PRO S 138 60.78 -42.75 25.79
C PRO S 138 60.42 -43.53 24.54
N ALA S 139 61.37 -44.32 24.06
CA ALA S 139 61.13 -45.16 22.89
C ALA S 139 60.11 -46.25 23.20
N LEU S 140 59.39 -46.68 22.18
CA LEU S 140 58.33 -47.66 22.34
C LEU S 140 58.60 -48.89 21.49
N THR S 141 57.93 -49.99 21.85
CA THR S 141 58.05 -51.26 21.17
C THR S 141 56.78 -51.55 20.38
N LEU S 142 56.95 -51.90 19.11
CA LEU S 142 55.80 -52.29 18.30
C LEU S 142 55.23 -53.60 18.83
N PRO S 143 53.91 -53.72 18.99
CA PRO S 143 53.35 -54.95 19.55
C PRO S 143 53.45 -56.11 18.56
N GLU S 144 53.40 -57.32 19.11
CA GLU S 144 53.40 -58.50 18.25
C GLU S 144 52.08 -58.65 17.53
N ASP S 145 50.98 -58.33 18.20
CA ASP S 145 49.66 -58.32 17.58
C ASP S 145 49.47 -56.99 16.87
N PRO S 146 49.38 -56.98 15.53
CA PRO S 146 49.22 -55.71 14.82
C PRO S 146 47.95 -54.97 15.15
N ARG S 147 46.94 -55.66 15.72
CA ARG S 147 45.72 -54.99 16.15
C ARG S 147 45.95 -54.10 17.36
N GLU S 148 47.13 -54.16 17.99
CA GLU S 148 47.48 -53.30 19.11
C GLU S 148 48.34 -52.12 18.67
N ILE S 149 48.54 -51.94 17.36
CA ILE S 149 49.30 -50.79 16.88
C ILE S 149 48.65 -49.46 17.27
N PRO S 150 47.33 -49.28 17.19
CA PRO S 150 46.74 -48.03 17.67
C PRO S 150 47.08 -47.72 19.12
N ASP S 151 47.35 -48.75 19.93
CA ASP S 151 47.71 -48.53 21.33
C ASP S 151 49.06 -47.83 21.45
N VAL S 152 50.06 -48.31 20.71
CA VAL S 152 51.41 -47.75 20.84
C VAL S 152 51.50 -46.38 20.18
N ILE S 153 50.74 -46.15 19.10
CA ILE S 153 50.74 -44.83 18.46
C ILE S 153 50.10 -43.81 19.38
N SER S 154 49.04 -44.19 20.09
CA SER S 154 48.38 -43.28 21.02
C SER S 154 49.33 -42.87 22.14
N GLN S 155 50.08 -43.83 22.68
CA GLN S 155 51.04 -43.50 23.74
C GLN S 155 52.12 -42.55 23.24
N ALA S 156 52.57 -42.73 21.99
CA ALA S 156 53.58 -41.84 21.43
C ALA S 156 53.04 -40.43 21.26
N LEU S 157 51.81 -40.31 20.75
CA LEU S 157 51.19 -39.00 20.60
C LEU S 157 51.06 -38.30 21.95
N SER S 158 50.67 -39.05 22.99
CA SER S 158 50.57 -38.46 24.32
C SER S 158 51.94 -38.04 24.85
N GLU S 159 52.99 -38.79 24.51
CA GLU S 159 54.34 -38.39 24.90
C GLU S 159 54.72 -37.07 24.25
N LEU S 160 54.35 -36.88 22.98
CA LEU S 160 54.61 -35.60 22.32
C LEU S 160 53.79 -34.49 22.96
N ARG S 161 52.52 -34.75 23.25
CA ARG S 161 51.67 -33.73 23.88
C ARG S 161 52.14 -33.41 25.29
N LEU S 162 52.61 -34.42 26.04
CA LEU S 162 53.07 -34.18 27.40
C LEU S 162 54.42 -33.49 27.45
N ALA S 163 55.12 -33.37 26.32
CA ALA S 163 56.38 -32.67 26.24
C ALA S 163 56.22 -31.24 25.74
N GLY S 164 54.98 -30.75 25.67
CA GLY S 164 54.72 -29.41 25.16
C GLY S 164 54.85 -29.26 23.66
N VAL S 165 54.97 -30.36 22.93
CA VAL S 165 55.12 -30.32 21.48
C VAL S 165 53.74 -30.29 20.83
N ASP S 166 53.56 -29.38 19.89
CA ASP S 166 52.30 -29.13 19.21
C ASP S 166 52.44 -29.51 17.73
N GLY S 167 51.65 -28.88 16.87
CA GLY S 167 51.78 -29.05 15.45
C GLY S 167 51.10 -30.31 14.96
N PRO S 168 50.81 -30.37 13.65
CA PRO S 168 50.25 -31.59 13.07
C PRO S 168 51.20 -32.77 13.29
N TYR S 169 50.69 -33.81 13.93
CA TYR S 169 51.48 -35.00 14.20
C TYR S 169 51.39 -35.95 13.02
N SER S 170 52.54 -36.51 12.63
CA SER S 170 52.61 -37.44 11.52
C SER S 170 53.29 -38.72 11.99
N VAL S 171 52.98 -39.82 11.29
CA VAL S 171 53.48 -41.14 11.64
C VAL S 171 54.18 -41.72 10.42
N LEU S 172 55.46 -42.04 10.56
CA LEU S 172 56.22 -42.67 9.49
C LEU S 172 56.37 -44.15 9.81
N LEU S 173 55.93 -45.00 8.89
CA LEU S 173 55.96 -46.44 9.07
C LEU S 173 56.95 -47.07 8.09
N SER S 174 57.68 -48.08 8.56
CA SER S 174 58.55 -48.84 7.68
C SER S 174 57.72 -49.64 6.69
N ALA S 175 58.42 -50.24 5.71
CA ALA S 175 57.73 -51.00 4.68
C ALA S 175 56.94 -52.16 5.29
N ASP S 176 57.51 -52.82 6.30
CA ASP S 176 56.81 -53.94 6.92
C ASP S 176 55.64 -53.46 7.77
N VAL S 177 55.84 -52.39 8.55
CA VAL S 177 54.78 -51.90 9.41
C VAL S 177 53.65 -51.29 8.60
N TYR S 178 54.00 -50.58 7.52
CA TYR S 178 52.97 -49.97 6.68
C TYR S 178 52.07 -51.03 6.05
N THR S 179 52.67 -52.10 5.52
CA THR S 179 51.88 -53.17 4.93
C THR S 179 51.01 -53.84 5.97
N LYS S 180 51.53 -54.00 7.20
CA LYS S 180 50.73 -54.61 8.27
C LYS S 180 49.55 -53.72 8.63
N VAL S 181 49.77 -52.42 8.76
CA VAL S 181 48.67 -51.51 9.09
C VAL S 181 47.62 -51.49 7.99
N SER S 182 48.05 -51.64 6.74
CA SER S 182 47.09 -51.61 5.62
C SER S 182 46.23 -52.88 5.58
N GLU S 183 46.77 -54.01 6.01
CA GLU S 183 46.05 -55.28 5.92
C GLU S 183 45.36 -55.69 7.21
N THR S 184 45.85 -55.26 8.37
CA THR S 184 45.31 -55.72 9.64
C THR S 184 43.94 -55.12 9.89
N SER S 185 43.01 -55.96 10.35
CA SER S 185 41.66 -55.52 10.70
C SER S 185 41.26 -56.17 12.01
N ASP S 186 40.92 -55.34 13.00
CA ASP S 186 40.47 -55.81 14.31
C ASP S 186 38.96 -56.06 14.22
N HIS S 187 38.55 -57.32 14.25
CA HIS S 187 37.15 -57.70 14.08
C HIS S 187 36.56 -57.10 12.82
N GLY S 188 37.34 -57.13 11.74
CA GLY S 188 36.91 -56.59 10.47
C GLY S 188 37.14 -55.10 10.29
N TYR S 189 37.22 -54.33 11.37
CA TYR S 189 37.45 -52.90 11.26
C TYR S 189 38.92 -52.65 10.95
N PRO S 190 39.24 -52.03 9.81
CA PRO S 190 40.66 -51.81 9.47
C PRO S 190 41.33 -50.86 10.46
N ILE S 191 42.49 -51.29 10.96
CA ILE S 191 43.19 -50.48 11.95
C ILE S 191 43.77 -49.20 11.35
N ARG S 192 43.91 -49.14 10.03
CA ARG S 192 44.42 -47.91 9.43
C ARG S 192 43.39 -46.79 9.53
N GLU S 193 42.10 -47.12 9.46
CA GLU S 193 41.06 -46.13 9.71
C GLU S 193 41.12 -45.62 11.15
N HIS S 194 41.43 -46.52 12.10
CA HIS S 194 41.63 -46.10 13.47
C HIS S 194 42.79 -45.13 13.59
N LEU S 195 43.89 -45.40 12.90
CA LEU S 195 45.05 -44.52 12.97
C LEU S 195 44.77 -43.17 12.31
N ASN S 196 44.05 -43.18 11.19
CA ASN S 196 43.75 -41.92 10.50
C ASN S 196 42.92 -40.98 11.34
N ARG S 197 42.07 -41.51 12.23
CA ARG S 197 41.32 -40.68 13.14
C ARG S 197 42.12 -40.20 14.35
N LEU S 198 43.30 -40.78 14.58
CA LEU S 198 44.16 -40.34 15.67
C LEU S 198 45.24 -39.37 15.22
N VAL S 199 45.62 -39.41 13.94
CA VAL S 199 46.69 -38.59 13.40
C VAL S 199 46.07 -37.45 12.59
N ASP S 200 46.32 -36.21 13.02
CA ASP S 200 45.88 -35.05 12.25
C ASP S 200 46.77 -34.79 11.04
N GLY S 201 47.98 -35.34 11.03
CA GLY S 201 48.87 -35.19 9.90
C GLY S 201 48.71 -36.32 8.89
N ASP S 202 49.82 -36.96 8.52
CA ASP S 202 49.81 -38.00 7.51
C ASP S 202 50.47 -39.26 8.05
N ILE S 203 50.11 -40.39 7.44
CA ILE S 203 50.77 -41.67 7.67
C ILE S 203 51.66 -41.92 6.46
N ILE S 204 52.96 -41.77 6.65
CA ILE S 204 53.89 -41.69 5.53
C ILE S 204 54.54 -43.06 5.29
N TRP S 205 54.61 -43.45 4.03
CA TRP S 205 55.30 -44.67 3.62
C TRP S 205 56.80 -44.43 3.62
N ALA S 206 57.51 -45.05 4.57
CA ALA S 206 58.95 -44.84 4.78
C ALA S 206 59.67 -46.18 4.64
N PRO S 207 59.95 -46.63 3.42
CA PRO S 207 60.56 -47.96 3.25
C PRO S 207 62.01 -48.05 3.68
N ALA S 208 62.73 -46.92 3.75
CA ALA S 208 64.15 -46.97 4.09
C ALA S 208 64.39 -47.21 5.57
N ILE S 209 63.49 -46.76 6.43
CA ILE S 209 63.66 -46.90 7.87
C ILE S 209 63.15 -48.25 8.33
N ASP S 210 63.48 -48.62 9.57
CA ASP S 210 62.96 -49.81 10.21
C ASP S 210 62.26 -49.39 11.50
N GLY S 211 61.13 -50.02 11.79
CA GLY S 211 60.32 -49.65 12.93
C GLY S 211 59.32 -48.58 12.54
N ALA S 212 59.22 -47.53 13.36
CA ALA S 212 58.28 -46.45 13.10
C ALA S 212 58.70 -45.21 13.86
N PHE S 213 58.18 -44.07 13.42
CA PHE S 213 58.42 -42.79 14.05
C PHE S 213 57.12 -42.01 14.14
N VAL S 214 56.92 -41.34 15.26
CA VAL S 214 55.80 -40.43 15.47
C VAL S 214 56.40 -39.08 15.83
N LEU S 215 56.26 -38.11 14.93
CA LEU S 215 56.88 -36.80 15.12
C LEU S 215 55.88 -35.71 14.77
N THR S 216 56.30 -34.47 15.00
CA THR S 216 55.50 -33.29 14.69
C THR S 216 56.01 -32.63 13.41
N THR S 217 55.07 -32.01 12.68
CA THR S 217 55.39 -31.25 11.48
C THR S 217 55.13 -29.76 11.66
N ARG S 218 55.27 -29.27 12.90
CA ARG S 218 55.03 -27.85 13.16
C ARG S 218 56.10 -26.98 12.51
N GLY S 219 57.29 -27.51 12.30
CA GLY S 219 58.37 -26.77 11.68
C GLY S 219 59.38 -26.29 12.71
N GLY S 220 60.63 -26.20 12.29
CA GLY S 220 61.69 -25.72 13.15
C GLY S 220 62.34 -26.76 14.02
N ASP S 221 61.99 -28.04 13.86
CA ASP S 221 62.55 -29.11 14.66
C ASP S 221 63.54 -29.98 13.91
N PHE S 222 63.25 -30.28 12.64
CA PHE S 222 64.11 -31.13 11.81
C PHE S 222 64.48 -30.35 10.55
N ASP S 223 65.78 -30.17 10.35
CA ASP S 223 66.30 -29.28 9.31
C ASP S 223 67.18 -30.08 8.35
N LEU S 224 66.71 -30.25 7.12
CA LEU S 224 67.50 -30.87 6.06
C LEU S 224 68.12 -29.74 5.23
N GLN S 225 69.35 -29.39 5.55
CA GLN S 225 70.04 -28.29 4.88
C GLN S 225 70.62 -28.78 3.56
N LEU S 226 70.06 -28.31 2.44
CA LEU S 226 70.52 -28.69 1.12
C LEU S 226 71.55 -27.68 0.61
N GLY S 227 72.70 -28.18 0.19
CA GLY S 227 73.65 -27.36 -0.53
C GLY S 227 73.47 -27.57 -2.02
N THR S 228 73.34 -28.82 -2.43
CA THR S 228 73.03 -29.18 -3.81
C THR S 228 72.00 -30.30 -3.78
N ASP S 229 70.84 -30.04 -4.38
CA ASP S 229 69.80 -31.05 -4.44
C ASP S 229 70.23 -32.17 -5.41
N VAL S 230 69.43 -33.24 -5.45
CA VAL S 230 69.80 -34.40 -6.25
C VAL S 230 69.85 -34.00 -7.73
N ALA S 231 70.94 -34.38 -8.38
CA ALA S 231 71.18 -34.05 -9.78
C ALA S 231 71.86 -35.24 -10.47
N ILE S 232 71.80 -35.25 -11.80
CA ILE S 232 72.40 -36.30 -12.61
C ILE S 232 73.63 -35.72 -13.28
N GLY S 233 74.79 -36.35 -13.05
CA GLY S 233 76.04 -35.92 -13.62
C GLY S 233 76.65 -37.00 -14.50
N TYR S 234 77.69 -36.59 -15.24
CA TYR S 234 78.39 -37.45 -16.18
C TYR S 234 79.80 -37.72 -15.69
N ALA S 235 80.22 -38.98 -15.75
CA ALA S 235 81.56 -39.39 -15.32
C ALA S 235 82.41 -39.80 -16.52
N SER S 236 82.08 -40.90 -17.18
CA SER S 236 82.84 -41.38 -18.32
C SER S 236 81.92 -42.19 -19.23
N HIS S 237 82.45 -42.57 -20.39
CA HIS S 237 81.68 -43.36 -21.34
C HIS S 237 82.63 -44.02 -22.33
N ASP S 238 82.18 -45.13 -22.91
CA ASP S 238 82.89 -45.78 -24.01
C ASP S 238 81.97 -45.89 -25.21
N THR S 239 82.26 -46.84 -26.10
CA THR S 239 81.41 -47.03 -27.27
C THR S 239 80.16 -47.83 -26.98
N ASP S 240 80.00 -48.36 -25.76
CA ASP S 240 78.86 -49.20 -25.46
C ASP S 240 78.06 -48.71 -24.25
N THR S 241 78.71 -48.04 -23.30
CA THR S 241 78.05 -47.65 -22.07
C THR S 241 78.41 -46.22 -21.70
N VAL S 242 77.56 -45.63 -20.85
CA VAL S 242 77.79 -44.32 -20.26
C VAL S 242 77.65 -44.48 -18.75
N ARG S 243 78.63 -43.97 -18.00
CA ARG S 243 78.63 -44.06 -16.55
C ARG S 243 78.22 -42.70 -15.99
N LEU S 244 77.00 -42.64 -15.46
CA LEU S 244 76.45 -41.45 -14.82
C LEU S 244 76.41 -41.64 -13.31
N TYR S 245 75.85 -40.65 -12.61
CA TYR S 245 75.77 -40.73 -11.16
C TYR S 245 74.69 -39.79 -10.66
N LEU S 246 74.11 -40.15 -9.52
CA LEU S 246 73.21 -39.28 -8.77
C LEU S 246 73.99 -38.63 -7.63
N GLN S 247 73.96 -37.31 -7.57
CA GLN S 247 74.75 -36.57 -6.60
C GLN S 247 73.87 -35.66 -5.76
N GLU S 248 74.29 -35.45 -4.51
CA GLU S 248 73.56 -34.65 -3.56
C GLU S 248 74.51 -34.21 -2.45
N THR S 249 74.40 -32.94 -2.04
CA THR S 249 75.21 -32.39 -0.97
C THR S 249 74.28 -31.80 0.08
N LEU S 250 74.30 -32.36 1.28
CA LEU S 250 73.30 -31.99 2.28
C LEU S 250 73.84 -32.31 3.67
N THR S 251 73.05 -31.93 4.67
CA THR S 251 73.25 -32.34 6.06
C THR S 251 71.89 -32.32 6.73
N PHE S 252 71.80 -32.99 7.87
CA PHE S 252 70.60 -33.00 8.68
C PHE S 252 70.92 -32.49 10.07
N LEU S 253 69.98 -31.76 10.65
CA LEU S 253 70.14 -31.23 12.00
C LEU S 253 68.82 -31.41 12.74
N CYS S 254 68.92 -31.87 13.99
CA CYS S 254 67.76 -32.09 14.85
C CYS S 254 67.84 -31.10 16.00
N TYR S 255 66.93 -30.12 16.01
CA TYR S 255 66.97 -29.04 16.99
C TYR S 255 66.13 -29.30 18.23
N THR S 256 65.10 -30.15 18.13
CA THR S 256 64.20 -30.41 19.24
C THR S 256 64.20 -31.91 19.52
N ALA S 257 64.70 -32.29 20.70
CA ALA S 257 64.80 -33.70 21.05
C ALA S 257 63.44 -34.31 21.34
N GLU S 258 62.57 -33.57 22.03
CA GLU S 258 61.27 -34.08 22.44
C GLU S 258 60.24 -34.06 21.31
N ALA S 259 60.62 -33.68 20.09
CA ALA S 259 59.68 -33.56 18.99
C ALA S 259 59.43 -34.87 18.27
N SER S 260 59.99 -35.99 18.72
CA SER S 260 59.85 -37.26 18.03
C SER S 260 59.78 -38.40 19.05
N VAL S 261 59.16 -39.50 18.62
CA VAL S 261 59.06 -40.72 19.41
C VAL S 261 59.43 -41.89 18.50
N ALA S 262 60.45 -42.65 18.90
CA ALA S 262 60.93 -43.77 18.09
C ALA S 262 60.26 -45.08 18.50
N LEU S 263 60.07 -45.96 17.51
CA LEU S 263 59.45 -47.26 17.69
C LEU S 263 60.28 -48.32 17.00
N SER S 264 60.33 -49.52 17.59
CA SER S 264 61.16 -50.61 17.07
C SER S 264 60.43 -51.94 17.14
N HIS S 265 60.99 -52.93 16.45
CA HIS S 265 60.36 -54.24 16.31
CA HIS S 265 60.39 -54.26 16.28
C HIS S 265 60.88 -55.22 17.36
N LYS S 266 60.70 -54.83 18.62
CA LYS S 266 61.07 -55.68 19.76
C LYS S 266 62.50 -56.18 19.65
N LEU S 267 62.71 -57.48 19.88
CA LEU S 267 64.02 -58.08 19.75
C LEU S 267 64.43 -58.18 18.29
N MET T 1 32.16 -45.03 -50.39
CA MET T 1 32.10 -45.74 -49.12
C MET T 1 33.49 -46.06 -48.60
N ASN T 2 33.55 -46.77 -47.48
CA ASN T 2 34.79 -47.25 -46.90
C ASN T 2 34.76 -48.79 -46.87
N ASN T 3 35.76 -49.38 -46.21
CA ASN T 3 35.84 -50.84 -46.14
C ASN T 3 34.66 -51.45 -45.39
N LEU T 4 33.89 -50.67 -44.65
CA LEU T 4 32.74 -51.21 -43.94
C LEU T 4 31.57 -51.46 -44.88
N TYR T 5 31.45 -50.67 -45.96
CA TYR T 5 30.38 -50.82 -46.95
C TYR T 5 29.00 -50.81 -46.28
N ARG T 6 28.83 -49.89 -45.33
CA ARG T 6 27.58 -49.81 -44.58
C ARG T 6 26.41 -49.43 -45.47
N ASP T 7 26.65 -48.66 -46.52
CA ASP T 7 25.56 -48.20 -47.38
C ASP T 7 24.92 -49.35 -48.15
N LEU T 8 25.61 -50.48 -48.30
CA LEU T 8 25.10 -51.62 -49.03
C LEU T 8 24.25 -52.54 -48.17
N ALA T 9 24.22 -52.33 -46.86
CA ALA T 9 23.48 -53.21 -45.96
C ALA T 9 22.01 -52.84 -45.96
N PRO T 10 21.10 -53.81 -46.08
CA PRO T 10 19.67 -53.48 -45.97
C PRO T 10 19.26 -53.24 -44.52
N VAL T 11 19.74 -52.13 -43.98
CA VAL T 11 19.50 -51.75 -42.59
C VAL T 11 19.01 -50.31 -42.58
N THR T 12 17.84 -50.08 -41.99
CA THR T 12 17.27 -48.75 -41.90
C THR T 12 18.10 -47.85 -41.00
N GLU T 13 17.96 -46.54 -41.22
CA GLU T 13 18.63 -45.56 -40.36
C GLU T 13 18.23 -45.76 -38.89
N ALA T 14 16.96 -46.08 -38.63
CA ALA T 14 16.53 -46.32 -37.26
C ALA T 14 17.20 -47.56 -36.68
N ALA T 15 17.28 -48.63 -37.47
CA ALA T 15 17.94 -49.85 -36.99
C ALA T 15 19.44 -49.62 -36.76
N TRP T 16 20.09 -48.88 -37.65
CA TRP T 16 21.51 -48.57 -37.46
C TRP T 16 21.75 -47.87 -36.13
N ALA T 17 20.85 -46.97 -35.75
CA ALA T 17 21.02 -46.23 -34.50
C ALA T 17 20.94 -47.17 -33.30
N GLU T 18 19.95 -48.07 -33.28
CA GLU T 18 19.82 -48.99 -32.17
C GLU T 18 20.96 -50.00 -32.15
N ILE T 19 21.40 -50.47 -33.32
CA ILE T 19 22.50 -51.41 -33.38
C ILE T 19 23.79 -50.79 -32.84
N GLU T 20 24.05 -49.54 -33.23
CA GLU T 20 25.27 -48.88 -32.77
C GLU T 20 25.21 -48.58 -31.28
N LEU T 21 24.05 -48.14 -30.78
CA LEU T 21 23.92 -47.87 -29.35
C LEU T 21 24.13 -49.13 -28.53
N GLU T 22 23.53 -50.25 -28.96
CA GLU T 22 23.65 -51.49 -28.20
C GLU T 22 25.09 -51.99 -28.18
N ALA T 23 25.75 -51.98 -29.34
CA ALA T 23 27.14 -52.44 -29.41
C ALA T 23 28.06 -51.57 -28.55
N ALA T 24 27.82 -50.26 -28.53
CA ALA T 24 28.70 -49.36 -27.79
C ALA T 24 28.62 -49.60 -26.29
N ARG T 25 27.41 -49.61 -25.74
CA ARG T 25 27.24 -49.76 -24.30
C ARG T 25 27.53 -51.19 -23.83
N THR T 26 27.30 -52.18 -24.68
CA THR T 26 27.66 -53.54 -24.31
C THR T 26 29.17 -53.73 -24.27
N PHE T 27 29.88 -53.21 -25.28
CA PHE T 27 31.34 -53.28 -25.27
C PHE T 27 31.91 -52.52 -24.09
N LYS T 28 31.35 -51.36 -23.77
CA LYS T 28 31.89 -50.56 -22.67
C LYS T 28 31.70 -51.26 -21.33
N ARG T 29 30.65 -52.06 -21.19
CA ARG T 29 30.40 -52.70 -19.91
C ARG T 29 31.38 -53.84 -19.66
N HIS T 30 31.70 -54.62 -20.70
CA HIS T 30 32.59 -55.77 -20.55
C HIS T 30 34.06 -55.41 -20.60
N ILE T 31 34.42 -54.27 -21.17
CA ILE T 31 35.82 -53.90 -21.32
C ILE T 31 36.33 -53.29 -20.01
N ALA T 32 37.59 -53.58 -19.68
CA ALA T 32 38.16 -53.02 -18.46
C ALA T 32 39.62 -52.62 -18.57
N GLY T 33 40.21 -52.65 -19.76
CA GLY T 33 41.61 -52.30 -19.87
C GLY T 33 41.78 -50.85 -20.22
N ARG T 34 40.85 -50.31 -21.00
CA ARG T 34 40.82 -48.90 -21.39
C ARG T 34 40.57 -47.95 -20.23
N ARG T 35 40.33 -48.47 -19.03
CA ARG T 35 40.22 -47.61 -17.86
C ARG T 35 41.51 -47.56 -17.03
N VAL T 36 42.51 -48.37 -17.39
CA VAL T 36 43.79 -48.33 -16.71
C VAL T 36 44.97 -48.16 -17.65
N VAL T 37 44.84 -48.49 -18.93
CA VAL T 37 45.95 -48.38 -19.87
C VAL T 37 45.79 -47.08 -20.66
N ASP T 38 46.87 -46.68 -21.34
CA ASP T 38 46.85 -45.51 -22.20
C ASP T 38 46.43 -45.94 -23.60
N VAL T 39 45.20 -45.62 -23.98
CA VAL T 39 44.68 -45.94 -25.30
C VAL T 39 44.85 -44.71 -26.20
N SER T 40 45.54 -44.89 -27.32
CA SER T 40 45.86 -43.78 -28.21
C SER T 40 44.67 -43.42 -29.09
N ASP T 41 44.80 -42.29 -29.79
CA ASP T 41 43.81 -41.90 -30.77
C ASP T 41 43.95 -42.78 -32.02
N PRO T 42 42.83 -43.10 -32.68
CA PRO T 42 42.90 -43.96 -33.87
C PRO T 42 43.79 -43.35 -34.95
N GLY T 43 44.84 -44.08 -35.32
CA GLY T 43 45.79 -43.61 -36.31
C GLY T 43 45.31 -43.70 -37.74
N GLY T 44 44.18 -44.36 -37.98
CA GLY T 44 43.64 -44.49 -39.31
C GLY T 44 43.78 -45.90 -39.84
N PRO T 45 43.03 -46.21 -40.90
CA PRO T 45 43.12 -47.56 -41.48
C PRO T 45 44.47 -47.87 -42.10
N VAL T 46 45.29 -46.85 -42.37
CA VAL T 46 46.61 -47.09 -42.94
C VAL T 46 47.59 -47.58 -41.89
N THR T 47 47.30 -47.36 -40.60
CA THR T 47 48.22 -47.78 -39.54
C THR T 47 48.42 -49.29 -39.59
N ALA T 48 49.69 -49.71 -39.64
CA ALA T 48 50.02 -51.12 -39.72
C ALA T 48 51.08 -51.58 -38.74
N ALA T 49 51.81 -50.66 -38.11
CA ALA T 49 52.85 -51.05 -37.16
C ALA T 49 53.10 -49.91 -36.18
N VAL T 50 53.67 -50.26 -35.04
CA VAL T 50 54.05 -49.29 -34.01
C VAL T 50 55.54 -49.43 -33.77
N SER T 51 56.26 -48.33 -33.95
CA SER T 51 57.71 -48.35 -33.83
C SER T 51 58.13 -48.56 -32.38
N THR T 52 58.92 -49.61 -32.13
CA THR T 52 59.51 -49.84 -30.82
C THR T 52 60.89 -49.19 -30.67
N GLY T 53 61.37 -48.53 -31.72
CA GLY T 53 62.62 -47.79 -31.64
C GLY T 53 63.87 -48.63 -31.56
N ARG T 54 63.76 -49.95 -31.50
CA ARG T 54 64.91 -50.81 -31.31
C ARG T 54 65.45 -51.29 -32.66
N LEU T 55 66.71 -51.71 -32.64
CA LEU T 55 67.40 -52.17 -33.84
C LEU T 55 67.55 -53.69 -33.81
N ILE T 56 67.61 -54.28 -35.01
CA ILE T 56 67.72 -55.71 -35.17
C ILE T 56 68.91 -55.99 -36.09
N ASP T 57 69.87 -56.77 -35.59
CA ASP T 57 71.02 -57.13 -36.40
C ASP T 57 70.58 -57.91 -37.64
N VAL T 58 71.14 -57.55 -38.79
CA VAL T 58 70.78 -58.17 -40.05
C VAL T 58 72.03 -58.25 -40.92
N LYS T 59 72.01 -59.16 -41.89
CA LYS T 59 73.17 -59.37 -42.75
C LYS T 59 73.51 -58.10 -43.51
N ALA T 60 74.78 -57.71 -43.48
CA ALA T 60 75.21 -56.49 -44.14
C ALA T 60 75.12 -56.64 -45.66
N PRO T 61 74.87 -55.54 -46.38
CA PRO T 61 74.84 -55.64 -47.84
C PRO T 61 76.21 -55.90 -48.45
N THR T 62 77.24 -55.19 -47.97
CA THR T 62 78.61 -55.39 -48.39
C THR T 62 79.51 -55.17 -47.17
N ASN T 63 80.80 -55.39 -47.35
CA ASN T 63 81.75 -55.13 -46.27
C ASN T 63 81.90 -53.64 -46.05
N GLY T 64 82.01 -53.24 -44.79
CA GLY T 64 82.12 -51.84 -44.44
C GLY T 64 80.81 -51.15 -44.14
N VAL T 65 79.69 -51.85 -44.23
CA VAL T 65 78.36 -51.30 -43.95
C VAL T 65 77.79 -51.99 -42.73
N ILE T 66 77.19 -51.21 -41.83
CA ILE T 66 76.54 -51.73 -40.64
C ILE T 66 75.04 -51.56 -40.82
N ALA T 67 74.33 -52.67 -41.01
CA ALA T 67 72.91 -52.66 -41.33
C ALA T 67 72.10 -53.13 -40.13
N HIS T 68 70.97 -52.47 -39.89
CA HIS T 68 70.05 -52.84 -38.83
C HIS T 68 68.61 -52.66 -39.31
N LEU T 69 67.75 -53.60 -38.95
CA LEU T 69 66.33 -53.48 -39.26
C LEU T 69 65.62 -52.76 -38.12
N ARG T 70 64.71 -51.86 -38.49
CA ARG T 70 63.96 -51.09 -37.51
C ARG T 70 62.83 -51.95 -36.94
N ALA T 71 62.94 -52.29 -35.66
CA ALA T 71 61.94 -53.13 -35.01
C ALA T 71 60.61 -52.39 -34.88
N SER T 72 59.53 -53.14 -35.02
CA SER T 72 58.19 -52.58 -34.94
C SER T 72 57.22 -53.66 -34.50
N LYS T 73 56.17 -53.24 -33.80
CA LYS T 73 55.14 -54.17 -33.36
C LYS T 73 53.97 -54.14 -34.32
N PRO T 74 53.54 -55.28 -34.86
CA PRO T 74 52.49 -55.26 -35.88
C PRO T 74 51.10 -55.12 -35.26
N LEU T 75 50.20 -54.54 -36.05
CA LEU T 75 48.80 -54.41 -35.66
C LEU T 75 48.00 -55.63 -36.13
N VAL T 76 47.00 -56.00 -35.34
CA VAL T 76 46.13 -57.13 -35.63
C VAL T 76 44.72 -56.61 -35.90
N ARG T 77 44.06 -57.18 -36.90
CA ARG T 77 42.69 -56.83 -37.25
C ARG T 77 41.76 -57.87 -36.63
N LEU T 78 40.91 -57.44 -35.72
CA LEU T 78 39.94 -58.32 -35.07
C LEU T 78 38.57 -58.10 -35.68
N ARG T 79 37.91 -59.20 -36.06
CA ARG T 79 36.62 -59.16 -36.74
C ARG T 79 35.71 -60.20 -36.11
N VAL T 80 34.65 -59.75 -35.45
CA VAL T 80 33.70 -60.64 -34.80
C VAL T 80 32.39 -60.58 -35.59
N PRO T 81 32.13 -61.54 -36.47
CA PRO T 81 30.89 -61.48 -37.26
C PRO T 81 29.67 -61.85 -36.45
N PHE T 82 28.52 -61.32 -36.88
CA PHE T 82 27.25 -61.70 -36.30
C PHE T 82 26.16 -61.55 -37.36
N THR T 83 25.05 -62.24 -37.14
CA THR T 83 23.95 -62.28 -38.09
C THR T 83 22.67 -61.78 -37.41
N LEU T 84 21.96 -60.88 -38.08
CA LEU T 84 20.71 -60.31 -37.57
C LEU T 84 19.54 -60.71 -38.47
N SER T 85 18.37 -60.82 -37.85
CA SER T 85 17.15 -61.12 -38.59
C SER T 85 16.60 -59.85 -39.23
N ARG T 86 16.32 -59.93 -40.53
CA ARG T 86 15.78 -58.77 -41.22
C ARG T 86 14.38 -58.40 -40.73
N ASN T 87 13.63 -59.35 -40.17
CA ASN T 87 12.36 -58.99 -39.53
C ASN T 87 12.60 -58.11 -38.31
N GLU T 88 13.60 -58.46 -37.50
CA GLU T 88 13.93 -57.62 -36.34
C GLU T 88 14.45 -56.26 -36.78
N ILE T 89 15.13 -56.19 -37.91
CA ILE T 89 15.64 -54.90 -38.40
C ILE T 89 14.49 -54.03 -38.89
N ASP T 90 13.60 -54.60 -39.70
CA ASP T 90 12.48 -53.84 -40.22
C ASP T 90 11.45 -53.48 -39.16
N ASP T 91 11.44 -54.20 -38.03
CA ASP T 91 10.50 -53.87 -36.96
C ASP T 91 10.83 -52.54 -36.31
N VAL T 92 12.09 -52.12 -36.36
CA VAL T 92 12.49 -50.88 -35.68
C VAL T 92 11.76 -49.68 -36.27
N GLU T 93 11.71 -49.59 -37.59
CA GLU T 93 11.03 -48.48 -38.24
C GLU T 93 9.53 -48.51 -37.98
N ARG T 94 8.95 -49.69 -37.76
CA ARG T 94 7.53 -49.80 -37.47
C ARG T 94 7.19 -49.49 -36.02
N GLY T 95 8.18 -49.16 -35.20
CA GLY T 95 7.97 -48.79 -33.82
C GLY T 95 8.32 -49.83 -32.77
N SER T 96 9.11 -50.84 -33.11
CA SER T 96 9.46 -51.90 -32.17
C SER T 96 10.71 -51.50 -31.38
N LYS T 97 10.62 -51.64 -30.05
CA LYS T 97 11.74 -51.39 -29.16
C LYS T 97 12.30 -52.68 -28.57
N ASP T 98 11.74 -53.84 -28.92
CA ASP T 98 12.18 -55.12 -28.41
C ASP T 98 12.85 -55.97 -29.49
N SER T 99 13.52 -55.32 -30.45
CA SER T 99 14.19 -56.06 -31.51
C SER T 99 15.34 -56.86 -30.94
N ASP T 100 15.57 -58.05 -31.52
CA ASP T 100 16.56 -58.99 -31.01
C ASP T 100 17.95 -58.53 -31.42
N TRP T 101 18.64 -57.83 -30.51
CA TRP T 101 20.01 -57.43 -30.72
C TRP T 101 21.00 -58.31 -29.96
N GLU T 102 20.58 -59.51 -29.58
CA GLU T 102 21.49 -60.42 -28.88
C GLU T 102 22.72 -60.77 -29.72
N PRO T 103 22.64 -61.03 -31.02
CA PRO T 103 23.87 -61.21 -31.81
C PRO T 103 24.80 -60.02 -31.74
N VAL T 104 24.25 -58.80 -31.63
CA VAL T 104 25.09 -57.61 -31.48
C VAL T 104 25.81 -57.66 -30.14
N LYS T 105 25.09 -58.01 -29.07
CA LYS T 105 25.69 -58.03 -27.74
C LYS T 105 26.73 -59.14 -27.61
N GLU T 106 26.49 -60.28 -28.27
CA GLU T 106 27.46 -61.37 -28.21
C GLU T 106 28.76 -61.00 -28.91
N ALA T 107 28.65 -60.28 -30.03
CA ALA T 107 29.86 -59.83 -30.72
C ALA T 107 30.60 -58.79 -29.89
N ALA T 108 29.88 -57.91 -29.20
CA ALA T 108 30.52 -56.94 -28.33
C ALA T 108 31.17 -57.61 -27.14
N LYS T 109 30.50 -58.59 -26.54
CA LYS T 109 31.09 -59.31 -25.41
C LYS T 109 32.33 -60.08 -25.84
N LYS T 110 32.29 -60.68 -27.04
CA LYS T 110 33.43 -61.46 -27.50
C LYS T 110 34.61 -60.56 -27.83
N LEU T 111 34.36 -59.47 -28.56
CA LEU T 111 35.45 -58.56 -28.92
C LEU T 111 36.06 -57.89 -27.70
N ALA T 112 35.21 -57.53 -26.72
CA ALA T 112 35.72 -56.93 -25.50
C ALA T 112 36.55 -57.93 -24.71
N PHE T 113 36.12 -59.18 -24.65
CA PHE T 113 36.88 -60.19 -23.92
C PHE T 113 38.20 -60.49 -24.62
N VAL T 114 38.20 -60.53 -25.95
CA VAL T 114 39.44 -60.76 -26.69
C VAL T 114 40.44 -59.63 -26.42
N GLU T 115 39.94 -58.39 -26.36
CA GLU T 115 40.84 -57.24 -26.16
C GLU T 115 41.45 -57.26 -24.77
N ASP T 116 40.63 -57.47 -23.74
CA ASP T 116 41.16 -57.46 -22.36
C ASP T 116 42.10 -58.63 -22.12
N ARG T 117 41.77 -59.82 -22.64
CA ARG T 117 42.67 -60.95 -22.46
C ARG T 117 43.95 -60.79 -23.28
N THR T 118 43.89 -60.06 -24.39
CA THR T 118 45.11 -59.75 -25.14
C THR T 118 46.00 -58.81 -24.33
N ILE T 119 45.40 -57.84 -23.64
CA ILE T 119 46.18 -56.88 -22.87
C ILE T 119 46.80 -57.54 -21.64
N PHE T 120 46.03 -58.34 -20.92
CA PHE T 120 46.47 -58.89 -19.64
C PHE T 120 47.07 -60.28 -19.73
N GLU T 121 46.53 -61.14 -20.58
CA GLU T 121 47.05 -62.50 -20.69
C GLU T 121 47.94 -62.71 -21.90
N GLY T 122 47.74 -61.95 -22.96
CA GLY T 122 48.63 -61.98 -24.11
C GLY T 122 47.96 -62.53 -25.35
N TYR T 123 48.67 -62.40 -26.47
CA TYR T 123 48.24 -62.91 -27.78
C TYR T 123 49.54 -63.17 -28.56
N SER T 124 50.11 -64.36 -28.35
CA SER T 124 51.42 -64.67 -28.91
C SER T 124 51.39 -64.68 -30.44
N ALA T 125 50.25 -65.04 -31.03
CA ALA T 125 50.15 -65.07 -32.48
C ALA T 125 50.31 -63.67 -33.07
N ALA T 126 49.99 -62.64 -32.29
CA ALA T 126 50.14 -61.26 -32.72
C ALA T 126 51.35 -60.58 -32.06
N SER T 127 52.25 -61.38 -31.49
CA SER T 127 53.46 -60.88 -30.82
C SER T 127 53.12 -59.91 -29.69
N ILE T 128 52.01 -60.17 -29.00
CA ILE T 128 51.55 -59.31 -27.91
C ILE T 128 51.72 -60.06 -26.60
N GLU T 129 52.72 -59.64 -25.81
CA GLU T 129 52.94 -60.24 -24.50
C GLU T 129 51.96 -59.63 -23.51
N GLY T 130 51.34 -60.47 -22.69
CA GLY T 130 50.39 -59.99 -21.72
C GLY T 130 51.08 -59.26 -20.57
N ILE T 131 50.27 -58.49 -19.84
CA ILE T 131 50.78 -57.80 -18.66
C ILE T 131 51.22 -58.81 -17.61
N ARG T 132 50.48 -59.90 -17.48
CA ARG T 132 50.82 -60.93 -16.50
C ARG T 132 52.17 -61.56 -16.80
N SER T 133 52.46 -61.81 -18.08
CA SER T 133 53.72 -62.42 -18.45
C SER T 133 54.90 -61.46 -18.30
N ALA T 134 54.66 -60.16 -18.53
CA ALA T 134 55.72 -59.17 -18.47
C ALA T 134 55.93 -58.62 -17.05
N SER T 135 55.07 -58.95 -16.10
CA SER T 135 55.18 -58.40 -14.76
C SER T 135 56.42 -58.96 -14.08
N SER T 136 57.42 -58.10 -13.88
CA SER T 136 58.63 -58.51 -13.18
C SER T 136 58.41 -58.63 -11.68
N ASN T 137 57.30 -58.11 -11.15
CA ASN T 137 57.03 -58.19 -9.73
C ASN T 137 56.53 -59.59 -9.35
N PRO T 138 56.81 -60.04 -8.13
CA PRO T 138 56.39 -61.38 -7.72
C PRO T 138 54.87 -61.52 -7.71
N ALA T 139 54.37 -62.50 -8.47
CA ALA T 139 52.94 -62.74 -8.50
C ALA T 139 52.46 -63.30 -7.16
N LEU T 140 51.19 -63.06 -6.86
CA LEU T 140 50.60 -63.45 -5.59
C LEU T 140 49.41 -64.38 -5.84
N THR T 141 49.04 -65.10 -4.79
CA THR T 141 47.92 -66.04 -4.83
C THR T 141 46.76 -65.48 -4.01
N LEU T 142 45.57 -65.49 -4.60
CA LEU T 142 44.39 -65.06 -3.87
C LEU T 142 44.10 -66.04 -2.75
N PRO T 143 43.80 -65.57 -1.54
CA PRO T 143 43.58 -66.49 -0.42
C PRO T 143 42.28 -67.25 -0.56
N GLU T 144 42.20 -68.37 0.16
CA GLU T 144 40.97 -69.16 0.17
C GLU T 144 39.87 -68.44 0.95
N ASP T 145 40.24 -67.78 2.04
CA ASP T 145 39.31 -66.96 2.81
C ASP T 145 39.21 -65.59 2.16
N PRO T 146 38.05 -65.23 1.60
CA PRO T 146 37.93 -63.91 0.95
C PRO T 146 38.13 -62.76 1.91
N ARG T 147 38.00 -63.00 3.21
CA ARG T 147 38.25 -61.97 4.22
C ARG T 147 39.73 -61.63 4.35
N GLU T 148 40.61 -62.39 3.70
CA GLU T 148 42.04 -62.09 3.67
C GLU T 148 42.47 -61.43 2.36
N ILE T 149 41.51 -61.07 1.50
CA ILE T 149 41.85 -60.37 0.25
C ILE T 149 42.55 -59.05 0.52
N PRO T 150 42.13 -58.21 1.48
CA PRO T 150 42.91 -57.00 1.75
C PRO T 150 44.38 -57.26 2.05
N ASP T 151 44.72 -58.41 2.61
CA ASP T 151 46.12 -58.72 2.87
C ASP T 151 46.92 -58.85 1.58
N VAL T 152 46.37 -59.60 0.61
CA VAL T 152 47.12 -59.82 -0.63
C VAL T 152 47.15 -58.56 -1.48
N ILE T 153 46.11 -57.72 -1.40
CA ILE T 153 46.12 -56.44 -2.11
C ILE T 153 47.17 -55.52 -1.50
N SER T 154 47.30 -55.53 -0.18
CA SER T 154 48.33 -54.73 0.47
C SER T 154 49.72 -55.17 0.05
N GLN T 155 49.95 -56.48 -0.04
CA GLN T 155 51.25 -56.97 -0.51
C GLN T 155 51.51 -56.56 -1.94
N ALA T 156 50.48 -56.60 -2.79
CA ALA T 156 50.64 -56.17 -4.18
C ALA T 156 50.97 -54.69 -4.28
N LEU T 157 50.27 -53.86 -3.50
CA LEU T 157 50.56 -52.43 -3.49
C LEU T 157 51.98 -52.16 -3.03
N SER T 158 52.42 -52.85 -1.98
CA SER T 158 53.78 -52.64 -1.48
C SER T 158 54.83 -53.06 -2.50
N GLU T 159 54.55 -54.11 -3.28
CA GLU T 159 55.48 -54.51 -4.33
C GLU T 159 55.68 -53.39 -5.34
N LEU T 160 54.60 -52.69 -5.69
CA LEU T 160 54.72 -51.54 -6.58
C LEU T 160 55.51 -50.41 -5.93
N ARG T 161 55.27 -50.14 -4.64
CA ARG T 161 55.97 -49.06 -3.97
C ARG T 161 57.47 -49.32 -3.86
N LEU T 162 57.87 -50.58 -3.61
CA LEU T 162 59.30 -50.88 -3.54
C LEU T 162 59.97 -50.89 -4.91
N ALA T 163 59.20 -50.85 -5.99
CA ALA T 163 59.76 -50.84 -7.33
C ALA T 163 59.88 -49.44 -7.91
N GLY T 164 59.69 -48.40 -7.10
CA GLY T 164 59.77 -47.05 -7.59
C GLY T 164 58.58 -46.61 -8.42
N VAL T 165 57.51 -47.38 -8.45
CA VAL T 165 56.33 -47.07 -9.23
C VAL T 165 55.41 -46.18 -8.41
N ASP T 166 54.95 -45.09 -9.02
CA ASP T 166 54.12 -44.09 -8.39
C ASP T 166 52.73 -44.10 -9.05
N GLY T 167 52.04 -42.98 -9.02
CA GLY T 167 50.79 -42.83 -9.73
C GLY T 167 49.62 -43.44 -8.97
N PRO T 168 48.40 -43.04 -9.31
CA PRO T 168 47.22 -43.67 -8.70
C PRO T 168 47.20 -45.17 -8.99
N TYR T 169 47.16 -45.96 -7.93
CA TYR T 169 47.13 -47.41 -8.06
C TYR T 169 45.70 -47.89 -8.21
N SER T 170 45.47 -48.79 -9.16
CA SER T 170 44.15 -49.35 -9.40
C SER T 170 44.24 -50.87 -9.38
N VAL T 171 43.11 -51.51 -9.08
CA VAL T 171 43.03 -52.95 -8.96
C VAL T 171 41.91 -53.44 -9.86
N LEU T 172 42.24 -54.35 -10.78
CA LEU T 172 41.26 -54.97 -11.66
C LEU T 172 40.95 -56.37 -11.17
N LEU T 173 39.67 -56.64 -10.94
CA LEU T 173 39.21 -57.91 -10.39
C LEU T 173 38.44 -58.68 -11.46
N SER T 174 38.62 -59.99 -11.48
CA SER T 174 37.83 -60.84 -12.37
C SER T 174 36.37 -60.85 -11.93
N ALA T 175 35.53 -61.45 -12.77
CA ALA T 175 34.10 -61.47 -12.47
C ALA T 175 33.81 -62.19 -11.16
N ASP T 176 34.51 -63.30 -10.90
CA ASP T 176 34.28 -64.03 -9.67
C ASP T 176 34.86 -63.29 -8.46
N VAL T 177 36.07 -62.75 -8.60
CA VAL T 177 36.71 -62.07 -7.47
C VAL T 177 35.98 -60.79 -7.13
N TYR T 178 35.48 -60.07 -8.16
CA TYR T 178 34.74 -58.85 -7.90
C TYR T 178 33.46 -59.14 -7.12
N THR T 179 32.73 -60.19 -7.51
CA THR T 179 31.50 -60.54 -6.80
C THR T 179 31.80 -60.97 -5.37
N LYS T 180 32.90 -61.70 -5.17
CA LYS T 180 33.26 -62.12 -3.81
C LYS T 180 33.62 -60.92 -2.94
N VAL T 181 34.40 -59.99 -3.47
CA VAL T 181 34.78 -58.80 -2.71
C VAL T 181 33.53 -57.96 -2.38
N SER T 182 32.55 -57.95 -3.28
CA SER T 182 31.36 -57.14 -3.04
C SER T 182 30.48 -57.73 -1.94
N GLU T 183 30.48 -59.06 -1.80
CA GLU T 183 29.60 -59.73 -0.83
C GLU T 183 30.30 -60.06 0.48
N THR T 184 31.62 -60.23 0.47
CA THR T 184 32.33 -60.67 1.67
C THR T 184 32.39 -59.56 2.70
N SER T 185 32.12 -59.91 3.96
CA SER T 185 32.21 -58.98 5.08
C SER T 185 32.92 -59.68 6.22
N ASP T 186 34.02 -59.10 6.69
CA ASP T 186 34.77 -59.63 7.82
C ASP T 186 34.14 -59.07 9.09
N HIS T 187 33.45 -59.93 9.84
CA HIS T 187 32.72 -59.53 11.04
C HIS T 187 31.74 -58.39 10.73
N GLY T 188 31.05 -58.51 9.60
CA GLY T 188 30.09 -57.52 9.17
C GLY T 188 30.67 -56.35 8.41
N TYR T 189 31.94 -56.03 8.59
CA TYR T 189 32.56 -54.93 7.88
C TYR T 189 32.87 -55.37 6.45
N PRO T 190 32.28 -54.72 5.43
CA PRO T 190 32.54 -55.15 4.06
C PRO T 190 34.00 -54.95 3.66
N ILE T 191 34.59 -56.00 3.09
CA ILE T 191 35.99 -55.93 2.71
C ILE T 191 36.21 -54.99 1.52
N ARG T 192 35.16 -54.68 0.76
CA ARG T 192 35.32 -53.73 -0.33
C ARG T 192 35.53 -52.32 0.19
N GLU T 193 34.88 -51.98 1.31
CA GLU T 193 35.15 -50.71 1.97
C GLU T 193 36.60 -50.64 2.46
N HIS T 194 37.12 -51.76 2.95
CA HIS T 194 38.53 -51.82 3.33
C HIS T 194 39.42 -51.58 2.12
N LEU T 195 39.07 -52.18 0.97
CA LEU T 195 39.90 -52.03 -0.21
C LEU T 195 39.87 -50.60 -0.75
N ASN T 196 38.70 -49.94 -0.69
CA ASN T 196 38.61 -48.57 -1.17
C ASN T 196 39.51 -47.63 -0.41
N ARG T 197 39.77 -47.92 0.88
CA ARG T 197 40.70 -47.11 1.66
C ARG T 197 42.15 -47.46 1.37
N LEU T 198 42.41 -48.57 0.68
CA LEU T 198 43.77 -48.93 0.29
C LEU T 198 44.10 -48.53 -1.14
N VAL T 199 43.10 -48.38 -1.99
CA VAL T 199 43.28 -48.06 -3.40
C VAL T 199 42.92 -46.59 -3.60
N ASP T 200 43.90 -45.79 -4.02
CA ASP T 200 43.62 -44.41 -4.39
C ASP T 200 42.95 -44.29 -5.76
N GLY T 201 43.05 -45.34 -6.58
CA GLY T 201 42.39 -45.36 -7.88
C GLY T 201 41.01 -45.97 -7.79
N ASP T 202 40.73 -46.94 -8.67
CA ASP T 202 39.43 -47.56 -8.75
C ASP T 202 39.56 -49.08 -8.67
N ILE T 203 38.46 -49.71 -8.28
CA ILE T 203 38.32 -51.16 -8.30
C ILE T 203 37.46 -51.49 -9.52
N ILE T 204 38.09 -52.05 -10.55
CA ILE T 204 37.49 -52.16 -11.87
C ILE T 204 36.90 -53.55 -12.05
N TRP T 205 35.68 -53.60 -12.59
CA TRP T 205 35.04 -54.85 -12.96
C TRP T 205 35.64 -55.34 -14.28
N ALA T 206 36.41 -56.42 -14.21
CA ALA T 206 37.13 -56.97 -15.37
C ALA T 206 36.67 -58.41 -15.60
N PRO T 207 35.54 -58.60 -16.26
CA PRO T 207 35.00 -59.96 -16.42
C PRO T 207 35.79 -60.83 -17.38
N ALA T 208 36.57 -60.22 -18.28
CA ALA T 208 37.29 -61.00 -19.28
C ALA T 208 38.51 -61.71 -18.72
N ILE T 209 39.14 -61.13 -17.70
CA ILE T 209 40.36 -61.72 -17.13
C ILE T 209 39.97 -62.72 -16.05
N ASP T 210 40.96 -63.47 -15.56
CA ASP T 210 40.81 -64.34 -14.41
C ASP T 210 41.86 -63.96 -13.38
N GLY T 211 41.49 -64.07 -12.11
CA GLY T 211 42.37 -63.62 -11.04
C GLY T 211 42.20 -62.14 -10.78
N ALA T 212 43.33 -61.43 -10.67
CA ALA T 212 43.28 -59.99 -10.39
C ALA T 212 44.60 -59.37 -10.79
N PHE T 213 44.57 -58.04 -10.96
CA PHE T 213 45.76 -57.26 -11.28
C PHE T 213 45.77 -56.00 -10.44
N VAL T 214 46.95 -55.63 -9.95
CA VAL T 214 47.16 -54.37 -9.23
C VAL T 214 48.25 -53.61 -9.97
N LEU T 215 47.87 -52.50 -10.60
CA LEU T 215 48.79 -51.74 -11.44
C LEU T 215 48.62 -50.25 -11.15
N THR T 216 49.47 -49.45 -11.79
CA THR T 216 49.44 -48.00 -11.66
C THR T 216 48.80 -47.37 -12.90
N THR T 217 48.16 -46.22 -12.68
CA THR T 217 47.56 -45.44 -13.76
C THR T 217 48.28 -44.10 -13.95
N ARG T 218 49.59 -44.07 -13.64
CA ARG T 218 50.35 -42.83 -13.82
C ARG T 218 50.50 -42.47 -15.29
N GLY T 219 50.46 -43.46 -16.18
CA GLY T 219 50.61 -43.21 -17.59
C GLY T 219 51.99 -43.55 -18.09
N GLY T 220 52.07 -43.96 -19.36
CA GLY T 220 53.33 -44.27 -19.98
C GLY T 220 53.83 -45.69 -19.77
N ASP T 221 53.03 -46.55 -19.14
CA ASP T 221 53.42 -47.94 -18.90
C ASP T 221 52.67 -48.94 -19.75
N PHE T 222 51.38 -48.73 -20.00
CA PHE T 222 50.57 -49.63 -20.80
C PHE T 222 49.96 -48.84 -21.95
N ASP T 223 50.25 -49.26 -23.17
CA ASP T 223 49.91 -48.50 -24.38
C ASP T 223 49.04 -49.36 -25.29
N LEU T 224 47.77 -48.97 -25.43
CA LEU T 224 46.85 -49.61 -26.37
C LEU T 224 46.81 -48.75 -27.65
N GLN T 225 47.61 -49.13 -28.64
CA GLN T 225 47.71 -48.38 -29.88
C GLN T 225 46.55 -48.74 -30.80
N LEU T 226 45.64 -47.79 -31.00
CA LEU T 226 44.48 -48.01 -31.88
C LEU T 226 44.79 -47.52 -33.29
N GLY T 227 44.56 -48.39 -34.27
CA GLY T 227 44.57 -47.97 -35.65
C GLY T 227 43.17 -47.67 -36.14
N THR T 228 42.24 -48.57 -35.82
CA THR T 228 40.82 -48.38 -36.10
C THR T 228 40.04 -48.83 -34.88
N ASP T 229 39.27 -47.91 -34.31
CA ASP T 229 38.46 -48.20 -33.13
C ASP T 229 37.29 -49.10 -33.52
N VAL T 230 36.52 -49.51 -32.51
CA VAL T 230 35.42 -50.45 -32.74
C VAL T 230 34.41 -49.84 -33.70
N ALA T 231 34.07 -50.61 -34.74
CA ALA T 231 33.12 -50.15 -35.75
C ALA T 231 32.29 -51.34 -36.23
N ILE T 232 31.14 -51.02 -36.82
CA ILE T 232 30.23 -52.02 -37.36
C ILE T 232 30.29 -51.94 -38.89
N GLY T 233 30.60 -53.08 -39.52
CA GLY T 233 30.67 -53.17 -40.97
C GLY T 233 29.67 -54.17 -41.52
N TYR T 234 29.52 -54.15 -42.84
CA TYR T 234 28.60 -55.02 -43.54
C TYR T 234 29.36 -56.02 -44.39
N ALA T 235 28.94 -57.28 -44.33
CA ALA T 235 29.58 -58.36 -45.09
C ALA T 235 28.66 -58.85 -46.20
N SER T 236 27.54 -59.48 -45.86
CA SER T 236 26.62 -60.02 -46.85
C SER T 236 25.22 -60.05 -46.26
N HIS T 237 24.25 -60.37 -47.11
CA HIS T 237 22.86 -60.46 -46.68
C HIS T 237 22.06 -61.25 -47.70
N ASP T 238 20.96 -61.83 -47.23
CA ASP T 238 19.99 -62.45 -48.12
C ASP T 238 18.62 -61.80 -47.90
N THR T 239 17.55 -62.51 -48.25
CA THR T 239 16.22 -61.96 -48.05
C THR T 239 15.71 -62.12 -46.63
N ASP T 240 16.45 -62.80 -45.76
CA ASP T 240 16.02 -63.07 -44.40
C ASP T 240 16.98 -62.60 -43.32
N THR T 241 18.28 -62.58 -43.60
CA THR T 241 19.28 -62.24 -42.60
C THR T 241 20.31 -61.28 -43.18
N VAL T 242 20.99 -60.57 -42.29
CA VAL T 242 22.09 -59.68 -42.64
C VAL T 242 23.30 -60.08 -41.82
N ARG T 243 24.45 -60.21 -42.48
CA ARG T 243 25.70 -60.58 -41.82
C ARG T 243 26.54 -59.32 -41.63
N LEU T 244 26.64 -58.86 -40.38
CA LEU T 244 27.48 -57.73 -39.99
C LEU T 244 28.66 -58.25 -39.18
N TYR T 245 29.48 -57.32 -38.69
CA TYR T 245 30.65 -57.70 -37.92
C TYR T 245 31.11 -56.51 -37.08
N LEU T 246 31.76 -56.82 -35.96
CA LEU T 246 32.46 -55.83 -35.15
C LEU T 246 33.94 -55.90 -35.49
N GLN T 247 34.51 -54.75 -35.85
CA GLN T 247 35.89 -54.70 -36.32
C GLN T 247 36.72 -53.74 -35.48
N GLU T 248 38.01 -54.08 -35.34
CA GLU T 248 38.93 -53.28 -34.54
C GLU T 248 40.35 -53.65 -34.95
N THR T 249 41.21 -52.64 -35.07
CA THR T 249 42.61 -52.83 -35.42
C THR T 249 43.47 -52.14 -34.37
N LEU T 250 44.26 -52.92 -33.64
CA LEU T 250 44.99 -52.39 -32.50
C LEU T 250 46.20 -53.27 -32.19
N THR T 251 46.98 -52.82 -31.22
CA THR T 251 48.03 -53.62 -30.60
C THR T 251 48.23 -53.12 -29.17
N PHE T 252 48.87 -53.93 -28.35
CA PHE T 252 49.18 -53.56 -26.98
C PHE T 252 50.68 -53.66 -26.75
N LEU T 253 51.21 -52.73 -25.96
CA LEU T 253 52.63 -52.71 -25.61
C LEU T 253 52.77 -52.41 -24.13
N CYS T 254 53.64 -53.15 -23.47
CA CYS T 254 53.92 -52.98 -22.04
C CYS T 254 55.35 -52.48 -21.90
N TYR T 255 55.50 -51.23 -21.45
CA TYR T 255 56.80 -50.59 -21.39
C TYR T 255 57.49 -50.73 -20.04
N THR T 256 56.73 -50.94 -18.97
CA THR T 256 57.27 -51.02 -17.61
C THR T 256 56.86 -52.35 -16.99
N ALA T 257 57.85 -53.20 -16.72
CA ALA T 257 57.56 -54.51 -16.17
C ALA T 257 57.11 -54.43 -14.71
N GLU T 258 57.75 -53.56 -13.93
CA GLU T 258 57.47 -53.45 -12.51
C GLU T 258 56.23 -52.63 -12.21
N ALA T 259 55.49 -52.17 -13.22
CA ALA T 259 54.34 -51.32 -12.99
C ALA T 259 53.06 -52.10 -12.70
N SER T 260 53.14 -53.43 -12.59
CA SER T 260 51.95 -54.25 -12.38
C SER T 260 52.29 -55.43 -11.48
N VAL T 261 51.27 -55.93 -10.78
CA VAL T 261 51.39 -57.11 -9.94
C VAL T 261 50.21 -58.03 -10.26
N ALA T 262 50.52 -59.26 -10.68
CA ALA T 262 49.49 -60.22 -11.07
C ALA T 262 49.10 -61.10 -9.89
N LEU T 263 47.83 -61.50 -9.87
CA LEU T 263 47.28 -62.35 -8.83
C LEU T 263 46.47 -63.46 -9.47
N SER T 264 46.51 -64.66 -8.87
CA SER T 264 45.83 -65.82 -9.41
C SER T 264 45.22 -66.62 -8.27
N HIS T 265 44.30 -67.52 -8.64
CA HIS T 265 43.59 -68.33 -7.66
C HIS T 265 44.48 -69.44 -7.13
N LYS T 266 44.09 -69.98 -5.98
CA LYS T 266 44.84 -71.05 -5.33
C LYS T 266 44.67 -72.36 -6.08
N GLY U 323 -53.94 55.78 -12.28
CA GLY U 323 -54.04 55.84 -10.82
C GLY U 323 -54.19 54.48 -10.17
N SER U 324 -54.21 53.44 -10.99
CA SER U 324 -54.36 52.07 -10.52
C SER U 324 -53.13 51.60 -9.75
N LEU U 325 -53.38 51.04 -8.56
CA LEU U 325 -52.34 50.53 -7.66
C LEU U 325 -52.28 49.00 -7.62
N SER U 326 -52.96 48.33 -8.56
CA SER U 326 -52.97 46.86 -8.62
C SER U 326 -53.52 46.30 -7.31
N ILE U 327 -54.72 46.77 -6.99
CA ILE U 327 -55.32 46.50 -5.69
C ILE U 327 -55.92 45.10 -5.67
N GLY U 328 -55.98 44.53 -4.46
CA GLY U 328 -56.44 43.18 -4.24
C GLY U 328 -55.30 42.17 -4.35
N SER U 329 -55.63 40.91 -4.05
CA SER U 329 -54.62 39.87 -4.13
C SER U 329 -54.28 39.54 -5.58
N LEU U 330 -55.29 39.57 -6.46
CA LEU U 330 -55.15 39.25 -7.87
C LEU U 330 -54.67 37.81 -8.06
N LYS U 331 -54.60 37.37 -9.31
CA LYS U 331 -54.23 35.99 -9.65
C LYS U 331 -55.26 35.06 -8.99
N GLY U 332 -54.86 33.85 -8.61
CA GLY U 332 -55.76 32.93 -7.95
C GLY U 332 -55.49 31.46 -8.24
N LEU V 325 -56.85 11.66 -22.12
CA LEU V 325 -55.74 11.60 -23.06
C LEU V 325 -54.39 11.52 -22.35
N SER V 326 -53.62 10.47 -22.66
CA SER V 326 -52.26 10.30 -22.16
C SER V 326 -52.22 10.27 -20.63
N ILE V 327 -53.21 9.63 -20.03
CA ILE V 327 -53.33 9.53 -18.58
C ILE V 327 -52.72 8.20 -18.17
N GLY V 328 -51.49 8.25 -17.65
CA GLY V 328 -50.77 7.05 -17.32
C GLY V 328 -50.56 6.81 -15.84
N SER V 329 -49.37 6.32 -15.48
CA SER V 329 -49.08 6.00 -14.09
C SER V 329 -49.07 7.25 -13.22
N LEU V 330 -49.59 7.12 -12.00
CA LEU V 330 -49.70 8.24 -11.08
C LEU V 330 -49.00 7.92 -9.76
N GLY W 323 69.48 52.77 34.68
CA GLY W 323 68.99 54.14 34.60
C GLY W 323 70.02 55.09 34.00
N SER W 324 69.92 56.36 34.38
CA SER W 324 70.88 57.36 33.90
C SER W 324 70.97 58.44 34.98
N LEU W 325 72.02 58.35 35.79
CA LEU W 325 72.29 59.28 36.88
C LEU W 325 71.09 59.45 37.82
N SER W 326 70.01 60.09 37.35
CA SER W 326 68.77 60.27 38.10
C SER W 326 67.80 61.10 37.26
N ILE W 327 66.53 61.07 37.68
CA ILE W 327 65.43 61.71 36.96
C ILE W 327 64.42 62.23 37.97
N GLY W 328 64.02 63.49 37.80
CA GLY W 328 63.02 64.10 38.65
C GLY W 328 61.62 63.55 38.40
N SER W 329 60.67 64.10 39.18
CA SER W 329 59.25 63.74 39.10
C SER W 329 59.04 62.25 39.42
N LEU W 330 59.47 61.87 40.63
CA LEU W 330 59.40 60.49 41.09
C LEU W 330 58.06 60.15 41.74
N LYS W 331 57.03 60.93 41.49
CA LYS W 331 55.70 60.71 42.07
C LYS W 331 54.71 61.74 41.54
N THR X 319 60.44 10.89 33.39
CA THR X 319 60.35 9.44 33.60
C THR X 319 61.33 8.70 32.69
N LEU X 320 62.34 8.07 33.31
CA LEU X 320 63.40 7.35 32.59
C LEU X 320 64.14 8.25 31.60
N ALA X 321 64.30 9.52 31.95
CA ALA X 321 65.04 10.46 31.11
C ALA X 321 65.53 11.61 31.99
N ALA X 322 66.62 12.24 31.53
CA ALA X 322 67.27 13.39 32.17
C ALA X 322 66.89 13.56 33.63
N GLY X 323 65.69 14.06 33.91
CA GLY X 323 65.15 14.05 35.25
C GLY X 323 65.17 15.35 36.00
N SER X 324 65.57 16.45 35.37
CA SER X 324 65.55 17.76 36.03
C SER X 324 64.12 18.11 36.43
N LEU X 325 63.84 18.10 37.73
CA LEU X 325 62.50 18.42 38.22
C LEU X 325 62.06 19.83 37.84
N SER X 326 62.97 20.65 37.32
CA SER X 326 62.64 21.99 36.80
C SER X 326 62.03 22.87 37.88
N ILE X 327 62.65 22.85 39.06
CA ILE X 327 62.19 23.71 40.16
C ILE X 327 62.44 25.17 39.80
N GLY X 328 63.70 25.55 39.64
CA GLY X 328 64.07 26.89 39.21
C GLY X 328 63.65 27.94 40.22
N SER X 329 63.44 29.15 39.72
CA SER X 329 62.98 30.24 40.57
C SER X 329 61.52 30.03 40.95
N LEU X 330 61.25 30.06 42.25
CA LEU X 330 59.90 29.82 42.76
C LEU X 330 59.15 31.11 43.01
N LEU Y 325 2.22 -44.18 -56.15
CA LEU Y 325 3.02 -43.44 -55.16
C LEU Y 325 2.13 -42.56 -54.29
N SER Y 326 2.40 -41.26 -54.27
CA SER Y 326 1.62 -40.30 -53.49
C SER Y 326 0.19 -40.24 -54.02
N ILE Y 327 -0.58 -41.31 -53.84
CA ILE Y 327 -1.98 -41.37 -54.22
C ILE Y 327 -2.82 -41.18 -52.97
N GLY Y 328 -3.37 -39.98 -52.79
CA GLY Y 328 -4.12 -39.68 -51.59
C GLY Y 328 -5.60 -39.52 -51.83
N SER Y 329 -6.23 -38.65 -51.05
CA SER Y 329 -7.66 -38.41 -51.20
C SER Y 329 -7.98 -37.80 -52.56
N LEU Y 330 -9.04 -38.31 -53.19
CA LEU Y 330 -9.51 -37.81 -54.47
C LEU Y 330 -10.86 -37.14 -54.35
N LYS Y 331 -11.45 -37.16 -53.15
CA LYS Y 331 -12.72 -36.53 -52.80
C LYS Y 331 -13.10 -37.00 -51.40
N GLY Y 332 -14.33 -36.74 -50.97
CA GLY Y 332 -14.78 -37.21 -49.66
C GLY Y 332 -15.74 -36.28 -48.96
N LEU Z 325 1.18 -20.57 -93.12
CA LEU Z 325 2.38 -21.39 -93.19
C LEU Z 325 2.06 -22.76 -93.78
N SER Z 326 2.15 -23.80 -92.95
CA SER Z 326 1.88 -25.16 -93.41
C SER Z 326 1.71 -26.14 -92.26
N ILE Z 327 0.63 -25.99 -91.49
CA ILE Z 327 0.18 -26.95 -90.49
C ILE Z 327 1.17 -27.18 -89.35
N GLY Z 328 0.76 -28.01 -88.39
CA GLY Z 328 1.54 -28.29 -87.20
C GLY Z 328 0.71 -29.01 -86.15
N SER Z 329 1.05 -28.77 -84.89
CA SER Z 329 0.32 -29.38 -83.78
C SER Z 329 -1.11 -28.84 -83.70
N LEU Z 330 -2.08 -29.74 -83.55
CA LEU Z 330 -3.47 -29.32 -83.40
C LEU Z 330 -4.08 -29.71 -82.05
N LYS Z 331 -3.35 -30.46 -81.22
CA LYS Z 331 -3.79 -30.88 -79.89
C LYS Z 331 -2.81 -31.88 -79.31
N GLY Z 332 -3.24 -32.68 -78.34
CA GLY Z 332 -2.40 -33.70 -77.76
C GLY Z 332 -2.73 -34.02 -76.31
N GLY AA 323 54.80 -7.84 25.57
CA GLY AA 323 54.60 -8.39 26.90
C GLY AA 323 53.85 -9.71 26.90
N SER AA 324 52.53 -9.63 26.72
CA SER AA 324 51.70 -10.82 26.70
C SER AA 324 51.99 -11.68 25.47
N LEU AA 325 51.77 -12.98 25.61
CA LEU AA 325 51.92 -13.91 24.50
C LEU AA 325 50.68 -13.98 23.62
N SER AA 326 49.67 -13.15 23.90
CA SER AA 326 48.43 -13.11 23.12
C SER AA 326 47.74 -14.46 23.10
N ILE AA 327 47.59 -15.05 24.28
CA ILE AA 327 46.95 -16.37 24.43
C ILE AA 327 45.44 -16.18 24.41
N GLY AA 328 44.83 -16.10 25.60
CA GLY AA 328 43.40 -15.88 25.67
C GLY AA 328 42.61 -17.12 25.28
N SER AA 329 41.52 -16.89 24.55
CA SER AA 329 40.66 -17.98 24.12
C SER AA 329 41.38 -18.86 23.11
N LEU AA 330 41.41 -20.16 23.37
CA LEU AA 330 42.11 -21.10 22.51
C LEU AA 330 41.16 -22.17 21.98
N GLY BA 323 71.92 -29.08 -13.15
CA GLY BA 323 70.85 -29.95 -13.58
C GLY BA 323 70.16 -30.69 -12.45
N SER BA 324 69.35 -29.95 -11.71
CA SER BA 324 68.64 -30.48 -10.54
C SER BA 324 67.21 -30.82 -10.94
N LEU BA 325 66.84 -32.09 -10.82
CA LEU BA 325 65.52 -32.52 -11.27
C LEU BA 325 64.38 -31.88 -10.47
N SER BA 326 64.71 -30.98 -9.54
CA SER BA 326 63.78 -30.28 -8.67
C SER BA 326 63.09 -31.28 -7.75
N ILE BA 327 63.86 -32.09 -7.03
CA ILE BA 327 63.31 -33.09 -6.13
C ILE BA 327 63.51 -32.59 -4.72
N GLY BA 328 62.77 -31.56 -4.33
CA GLY BA 328 62.90 -30.97 -3.02
C GLY BA 328 61.63 -31.14 -2.20
N SER BA 329 61.71 -30.63 -0.97
CA SER BA 329 60.63 -30.55 0.01
C SER BA 329 59.26 -30.99 -0.52
N LEU BA 330 58.77 -32.13 -0.03
CA LEU BA 330 57.46 -32.63 -0.42
C LEU BA 330 56.38 -32.26 0.58
N LYS BA 331 56.76 -31.58 1.67
CA LYS BA 331 55.90 -31.08 2.74
C LYS BA 331 56.79 -30.47 3.81
N GLY BA 332 56.25 -30.26 5.00
CA GLY BA 332 57.05 -29.76 6.11
C GLY BA 332 56.25 -29.38 7.34
N SER CA 324 33.99 -46.10 -35.36
CA SER CA 324 32.95 -45.13 -35.70
C SER CA 324 32.00 -44.94 -34.52
N LEU CA 325 31.81 -46.00 -33.73
CA LEU CA 325 31.00 -45.90 -32.53
C LEU CA 325 31.68 -45.13 -31.41
N SER CA 326 32.95 -44.75 -31.60
CA SER CA 326 33.74 -44.00 -30.63
C SER CA 326 33.65 -44.65 -29.24
N ILE CA 327 34.14 -45.89 -29.17
CA ILE CA 327 34.30 -46.61 -27.92
C ILE CA 327 35.80 -46.58 -27.64
N GLY CA 328 36.21 -45.76 -26.69
CA GLY CA 328 37.62 -45.48 -26.47
C GLY CA 328 37.98 -45.37 -25.01
N SER CA 329 38.82 -44.39 -24.67
CA SER CA 329 39.24 -44.25 -23.28
C SER CA 329 38.03 -44.02 -22.38
N LEU CA 330 37.98 -44.78 -21.29
CA LEU CA 330 36.90 -44.69 -20.31
C LEU CA 330 37.39 -44.21 -18.95
N LYS CA 331 38.70 -43.98 -18.80
CA LYS CA 331 39.29 -43.49 -17.55
C LYS CA 331 38.91 -44.37 -16.35
#